data_8OX2
#
_entry.id   8OX2
#
_cell.length_a   1.000
_cell.length_b   1.000
_cell.length_c   1.000
_cell.angle_alpha   90.00
_cell.angle_beta   90.00
_cell.angle_gamma   90.00
#
_symmetry.space_group_name_H-M   'P 1'
#
_entity_poly.entity_id   1
_entity_poly.type   'polypeptide(L)'
_entity_poly.pdbx_seq_one_letter_code
;GSEHLVTTATFSIGSTGLVVYDYQQLLIAYKPAPGTCCYIMKIAPESIPSLEALTRKVHNFQMECSLQAKPAVPTSKLGQ
AEGRDAGSAPSGGDPAFLGMAVSTLCGEVPLYYI
;
_entity_poly.pdbx_strand_id   A,B,C
#
# COMPACT_ATOMS: atom_id res chain seq x y z
N GLY A 1 -3.76 -13.13 19.38
CA GLY A 1 -5.14 -13.15 18.92
C GLY A 1 -5.36 -12.24 17.73
N SER A 2 -6.54 -12.34 17.12
CA SER A 2 -6.87 -11.53 15.96
C SER A 2 -8.38 -11.39 15.81
N GLU A 3 -8.81 -10.62 14.82
CA GLU A 3 -10.23 -10.41 14.57
C GLU A 3 -10.51 -10.33 13.07
N HIS A 4 -11.74 -9.96 12.72
CA HIS A 4 -12.15 -9.85 11.33
C HIS A 4 -12.28 -8.38 10.92
N LEU A 5 -11.15 -7.68 10.86
CA LEU A 5 -11.15 -6.28 10.47
C LEU A 5 -9.83 -5.91 9.79
N VAL A 6 -9.78 -6.08 8.47
CA VAL A 6 -8.59 -5.77 7.70
C VAL A 6 -8.93 -4.96 6.46
N THR A 7 -10.01 -4.17 6.55
CA THR A 7 -10.45 -3.34 5.44
C THR A 7 -9.88 -1.93 5.54
N THR A 8 -8.67 -1.75 5.01
CA THR A 8 -8.02 -0.44 5.04
C THR A 8 -6.99 -0.32 3.92
N ALA A 9 -6.61 0.92 3.62
CA ALA A 9 -5.64 1.18 2.56
C ALA A 9 -4.31 1.67 3.15
N THR A 10 -3.21 1.22 2.56
CA THR A 10 -1.88 1.62 3.02
C THR A 10 -1.31 2.74 2.15
N PHE A 11 -0.75 3.75 2.79
CA PHE A 11 -0.16 4.88 2.09
C PHE A 11 1.21 5.23 2.66
N SER A 12 1.90 6.17 2.00
CA SER A 12 3.22 6.59 2.44
C SER A 12 3.26 8.10 2.63
N ILE A 13 4.11 8.54 3.55
CA ILE A 13 4.25 9.97 3.83
C ILE A 13 5.60 10.50 3.33
N GLY A 14 5.54 11.57 2.54
CA GLY A 14 6.76 12.16 2.01
C GLY A 14 7.63 11.14 1.30
N SER A 15 8.84 10.96 1.79
CA SER A 15 9.78 10.01 1.19
C SER A 15 10.64 9.34 2.26
N THR A 16 10.04 9.08 3.41
CA THR A 16 10.74 8.44 4.52
C THR A 16 9.89 7.37 5.18
N GLY A 17 8.80 7.81 5.82
CA GLY A 17 7.92 6.88 6.50
C GLY A 17 6.64 6.63 5.71
N LEU A 18 5.78 5.77 6.25
CA LEU A 18 4.51 5.45 5.59
C LEU A 18 3.43 5.13 6.62
N VAL A 19 2.18 5.41 6.25
CA VAL A 19 1.05 5.16 7.15
C VAL A 19 -0.15 4.64 6.37
N VAL A 20 -0.97 3.82 7.03
CA VAL A 20 -2.16 3.27 6.39
C VAL A 20 -3.43 3.92 6.94
N TYR A 21 -4.30 4.36 6.05
CA TYR A 21 -5.54 4.99 6.44
C TYR A 21 -6.70 3.99 6.44
N ASP A 22 -7.38 3.86 7.57
CA ASP A 22 -8.50 2.95 7.70
C ASP A 22 -9.80 3.61 7.24
N TYR A 23 -10.22 3.29 6.02
CA TYR A 23 -11.44 3.85 5.46
C TYR A 23 -12.68 3.17 6.03
N GLN A 24 -12.85 3.27 7.35
CA GLN A 24 -13.98 2.66 8.02
C GLN A 24 -13.98 2.98 9.51
N GLN A 25 -13.08 2.34 10.24
CA GLN A 25 -12.98 2.55 11.68
C GLN A 25 -12.30 3.89 11.98
N LEU A 26 -11.74 4.51 10.95
CA LEU A 26 -11.07 5.79 11.09
C LEU A 26 -9.83 5.66 11.97
N LEU A 27 -8.83 4.95 11.45
CA LEU A 27 -7.58 4.75 12.18
C LEU A 27 -6.38 4.86 11.25
N ILE A 28 -5.22 5.20 11.83
CA ILE A 28 -4.00 5.33 11.05
C ILE A 28 -2.81 4.71 11.78
N ALA A 29 -1.89 4.14 11.01
CA ALA A 29 -0.70 3.51 11.59
C ALA A 29 0.54 4.36 11.34
N TYR A 30 1.16 4.81 12.43
CA TYR A 30 2.35 5.64 12.33
C TYR A 30 3.44 5.14 13.29
N LYS A 31 4.65 4.97 12.75
CA LYS A 31 5.78 4.50 13.55
C LYS A 31 7.10 4.80 12.86
N PRO A 32 8.15 5.05 13.65
CA PRO A 32 9.48 5.36 13.14
C PRO A 32 10.14 4.14 12.48
N ALA A 33 10.80 3.33 13.29
CA ALA A 33 11.47 2.13 12.80
C ALA A 33 10.53 0.93 12.80
N PRO A 34 10.88 -0.10 12.01
CA PRO A 34 10.08 -1.32 11.92
C PRO A 34 10.14 -2.16 13.19
N GLY A 35 8.98 -2.36 13.82
CA GLY A 35 8.92 -3.13 15.04
C GLY A 35 9.18 -2.29 16.28
N THR A 36 8.86 -1.00 16.19
CA THR A 36 9.05 -0.10 17.32
C THR A 36 7.74 0.54 17.75
N CYS A 37 7.82 1.56 18.59
CA CYS A 37 6.64 2.26 19.08
C CYS A 37 5.73 2.66 17.93
N CYS A 38 4.42 2.63 18.17
CA CYS A 38 3.45 2.99 17.16
C CYS A 38 2.46 4.03 17.69
N TYR A 39 1.70 4.64 16.79
CA TYR A 39 0.72 5.65 17.17
C TYR A 39 -0.51 5.57 16.27
N ILE A 40 -1.69 5.63 16.90
CA ILE A 40 -2.94 5.58 16.15
C ILE A 40 -3.79 6.82 16.42
N MET A 41 -4.40 7.35 15.36
CA MET A 41 -5.23 8.53 15.48
C MET A 41 -6.53 8.35 14.71
N LYS A 42 -7.47 9.28 14.90
CA LYS A 42 -8.76 9.23 14.21
C LYS A 42 -8.77 10.17 13.01
N ILE A 43 -9.62 9.87 12.04
CA ILE A 43 -9.73 10.69 10.84
C ILE A 43 -11.18 11.10 10.59
N ALA A 44 -11.36 12.06 9.68
CA ALA A 44 -12.70 12.54 9.34
C ALA A 44 -13.11 12.10 7.94
N PRO A 45 -14.33 11.54 7.83
CA PRO A 45 -14.86 11.07 6.55
C PRO A 45 -15.19 12.22 5.59
N GLU A 46 -15.51 13.37 6.16
CA GLU A 46 -15.85 14.55 5.36
C GLU A 46 -14.61 15.10 4.67
N SER A 47 -13.44 14.84 5.24
CA SER A 47 -12.18 15.31 4.67
C SER A 47 -11.01 14.50 5.21
N ILE A 48 -10.86 13.28 4.68
CA ILE A 48 -9.77 12.41 5.09
C ILE A 48 -8.41 13.07 4.88
N PRO A 49 -7.69 13.31 5.99
CA PRO A 49 -6.36 13.95 5.94
C PRO A 49 -5.31 13.03 5.33
N SER A 50 -5.25 12.99 4.00
CA SER A 50 -4.29 12.16 3.29
C SER A 50 -2.86 12.45 3.76
N LEU A 51 -1.91 11.72 3.21
CA LEU A 51 -0.51 11.91 3.57
C LEU A 51 -0.13 13.38 3.61
N GLU A 52 -0.79 14.17 2.78
CA GLU A 52 -0.53 15.62 2.72
C GLU A 52 -0.62 16.24 4.11
N ALA A 53 -1.70 15.92 4.82
CA ALA A 53 -1.90 16.45 6.17
C ALA A 53 -1.01 15.73 7.18
N LEU A 54 -0.91 14.41 7.03
CA LEU A 54 -0.09 13.61 7.94
C LEU A 54 1.33 14.13 8.01
N THR A 55 1.96 14.27 6.85
CA THR A 55 3.33 14.77 6.77
C THR A 55 3.45 16.15 7.41
N ARG A 56 2.37 16.92 7.37
CA ARG A 56 2.35 18.25 7.95
C ARG A 56 2.63 18.20 9.44
N LYS A 57 1.83 17.42 10.17
CA LYS A 57 1.98 17.27 11.61
C LYS A 57 3.14 16.34 11.93
N VAL A 58 3.38 15.38 11.05
CA VAL A 58 4.47 14.42 11.25
C VAL A 58 5.83 15.10 11.14
N HIS A 59 5.92 16.10 10.27
CA HIS A 59 7.16 16.83 10.08
C HIS A 59 7.65 17.44 11.39
N ASN A 60 6.69 17.82 12.24
CA ASN A 60 7.02 18.42 13.53
C ASN A 60 7.71 17.42 14.44
N PHE A 61 7.45 16.13 14.20
CA PHE A 61 8.04 15.06 15.00
C PHE A 61 7.86 15.34 16.49
N GLN A 62 6.72 14.93 17.03
CA GLN A 62 6.43 15.13 18.45
C GLN A 62 6.18 13.81 19.15
N MET A 63 6.96 12.79 18.79
CA MET A 63 6.82 11.47 19.39
C MET A 63 8.17 10.79 19.53
N GLU A 64 8.60 10.11 18.46
CA GLU A 64 9.88 9.41 18.47
C GLU A 64 10.06 8.60 19.76
N CYS A 65 9.15 7.65 19.98
CA CYS A 65 9.20 6.81 21.16
C CYS A 65 9.37 7.66 22.42
N SER A 66 8.78 8.84 22.41
CA SER A 66 8.87 9.76 23.55
C SER A 66 7.50 10.34 23.88
N LEU A 67 6.75 10.70 22.84
CA LEU A 67 5.42 11.27 23.02
C LEU A 67 5.50 12.63 23.72
N GLN A 68 5.38 13.70 22.93
CA GLN A 68 5.45 15.05 23.48
C GLN A 68 4.31 15.29 24.48
N ALA A 69 4.03 16.56 24.74
CA ALA A 69 2.97 16.92 25.67
C ALA A 69 1.62 17.01 24.96
N LYS A 70 1.45 16.21 23.91
CA LYS A 70 0.22 16.18 23.15
C LYS A 70 -0.93 15.61 23.98
N PRO A 71 -0.78 14.35 24.41
CA PRO A 71 -1.78 13.66 25.23
C PRO A 71 -1.88 14.24 26.63
N ALA A 72 -2.59 13.53 27.51
CA ALA A 72 -2.76 13.96 28.89
C ALA A 72 -1.54 13.62 29.73
N VAL A 73 -0.56 12.97 29.11
CA VAL A 73 0.66 12.58 29.79
C VAL A 73 1.88 13.28 29.21
N PRO A 74 2.20 14.46 29.76
CA PRO A 74 3.35 15.26 29.30
C PRO A 74 4.67 14.61 29.66
N THR A 75 4.67 13.78 30.70
CA THR A 75 5.88 13.10 31.14
C THR A 75 6.92 14.10 31.65
N SER A 76 6.51 14.92 32.62
CA SER A 76 7.40 15.92 33.20
C SER A 76 6.68 16.72 34.29
N LYS A 77 6.92 16.35 35.53
CA LYS A 77 6.31 17.02 36.67
C LYS A 77 4.79 16.91 36.62
N LEU A 78 4.29 15.69 36.79
CA LEU A 78 2.85 15.44 36.77
C LEU A 78 2.41 14.65 37.99
N GLY A 79 1.13 14.73 38.31
CA GLY A 79 0.60 14.01 39.45
C GLY A 79 0.87 12.52 39.39
N GLN A 80 0.41 11.78 40.39
CA GLN A 80 0.61 10.34 40.43
C GLN A 80 0.04 9.67 39.18
N ALA A 81 -1.28 9.58 39.12
CA ALA A 81 -1.96 8.97 37.99
C ALA A 81 -1.57 9.66 36.68
N GLU A 82 -1.08 8.89 35.72
CA GLU A 82 -0.68 9.45 34.44
C GLU A 82 -1.65 9.02 33.33
N GLY A 83 -1.28 9.28 32.08
CA GLY A 83 -2.13 8.92 30.97
C GLY A 83 -1.71 7.62 30.32
N ARG A 84 -1.90 7.53 29.01
CA ARG A 84 -1.55 6.32 28.27
C ARG A 84 -2.44 5.15 28.66
N ASP A 85 -2.22 4.62 29.86
CA ASP A 85 -3.01 3.50 30.36
C ASP A 85 -3.98 3.95 31.43
N ALA A 86 -4.01 5.26 31.69
CA ALA A 86 -4.90 5.83 32.68
C ALA A 86 -5.36 7.23 32.29
N GLY A 87 -5.29 7.52 30.99
CA GLY A 87 -5.70 8.82 30.50
C GLY A 87 -6.10 8.79 29.03
N SER A 88 -5.28 8.13 28.21
CA SER A 88 -5.54 8.04 26.79
C SER A 88 -5.88 6.60 26.39
N ALA A 89 -6.64 5.92 27.26
CA ALA A 89 -7.04 4.54 27.00
C ALA A 89 -8.01 4.05 28.06
N PRO A 90 -9.30 4.40 27.89
CA PRO A 90 -10.35 4.00 28.83
C PRO A 90 -10.64 2.50 28.75
N SER A 91 -9.85 1.71 29.47
CA SER A 91 -10.02 0.26 29.50
C SER A 91 -9.80 -0.33 28.12
N GLY A 92 -10.19 -1.58 27.94
CA GLY A 92 -10.03 -2.25 26.66
C GLY A 92 -10.71 -1.50 25.52
N GLY A 93 -11.63 -0.62 25.88
CA GLY A 93 -12.33 0.15 24.86
C GLY A 93 -11.41 1.04 24.06
N ASP A 94 -10.18 1.22 24.55
CA ASP A 94 -9.20 2.05 23.87
C ASP A 94 -9.03 1.61 22.41
N PRO A 95 -8.82 2.58 21.52
CA PRO A 95 -8.65 2.32 20.08
C PRO A 95 -7.32 1.64 19.78
N ALA A 96 -6.96 0.67 20.63
CA ALA A 96 -5.72 -0.07 20.45
C ALA A 96 -5.99 -1.48 19.93
N PHE A 97 -7.20 -1.97 20.16
CA PHE A 97 -7.58 -3.30 19.72
C PHE A 97 -8.84 -3.26 18.86
N LEU A 98 -8.81 -2.39 17.84
CA LEU A 98 -9.95 -2.24 16.93
C LEU A 98 -9.50 -2.35 15.48
N GLY A 99 -8.41 -3.07 15.25
CA GLY A 99 -7.90 -3.23 13.90
C GLY A 99 -6.73 -4.19 13.84
N MET A 100 -6.84 -5.21 12.99
CA MET A 100 -5.79 -6.20 12.84
C MET A 100 -4.62 -5.63 12.04
N ALA A 101 -4.93 -4.90 10.97
CA ALA A 101 -3.91 -4.29 10.13
C ALA A 101 -2.90 -3.50 10.96
N VAL A 102 -3.40 -2.55 11.72
CA VAL A 102 -2.55 -1.72 12.57
C VAL A 102 -1.71 -2.58 13.51
N SER A 103 -2.27 -3.70 13.94
CA SER A 103 -1.57 -4.61 14.84
C SER A 103 -0.40 -5.29 14.12
N THR A 104 -0.49 -5.36 12.80
CA THR A 104 0.56 -5.99 12.01
C THR A 104 1.74 -5.04 11.81
N LEU A 105 1.47 -3.87 11.26
CA LEU A 105 2.52 -2.87 11.02
C LEU A 105 3.17 -2.46 12.32
N CYS A 106 2.35 -2.09 13.31
CA CYS A 106 2.86 -1.68 14.62
C CYS A 106 3.50 -2.84 15.35
N GLY A 107 3.06 -4.05 15.03
CA GLY A 107 3.60 -5.23 15.68
C GLY A 107 3.03 -5.46 17.06
N GLU A 108 1.71 -5.26 17.19
CA GLU A 108 1.05 -5.44 18.48
C GLU A 108 1.78 -4.68 19.58
N VAL A 109 2.36 -3.54 19.22
CA VAL A 109 3.09 -2.72 20.18
C VAL A 109 2.17 -1.69 20.83
N PRO A 110 2.53 -1.27 22.06
CA PRO A 110 1.76 -0.29 22.81
C PRO A 110 1.82 1.11 22.20
N LEU A 111 0.76 1.49 21.50
CA LEU A 111 0.70 2.80 20.85
C LEU A 111 -0.07 3.79 21.71
N TYR A 112 0.24 5.07 21.56
CA TYR A 112 -0.42 6.11 22.33
C TYR A 112 -0.94 7.22 21.41
N TYR A 113 -2.14 7.71 21.71
CA TYR A 113 -2.75 8.77 20.90
C TYR A 113 -1.82 9.97 20.80
N ILE A 114 -1.69 10.52 19.59
CA ILE A 114 -0.85 11.67 19.35
C ILE A 114 -1.68 12.91 19.07
N GLY B 1 -5.69 -13.92 -18.35
CA GLY B 1 -6.91 -14.18 -17.59
C GLY B 1 -6.89 -13.53 -16.22
N SER B 2 -8.03 -13.54 -15.55
CA SER B 2 -8.13 -12.95 -14.22
C SER B 2 -9.29 -13.56 -13.44
N GLU B 3 -9.45 -13.15 -12.18
CA GLU B 3 -10.51 -13.66 -11.34
C GLU B 3 -11.06 -12.56 -10.43
N HIS B 4 -11.90 -12.96 -9.48
CA HIS B 4 -12.50 -12.01 -8.54
C HIS B 4 -11.88 -12.17 -7.15
N LEU B 5 -10.61 -11.80 -7.02
CA LEU B 5 -9.91 -11.90 -5.75
C LEU B 5 -8.83 -10.83 -5.64
N VAL B 6 -9.21 -9.66 -5.13
CA VAL B 6 -8.28 -8.56 -4.98
C VAL B 6 -8.41 -7.91 -3.59
N THR B 7 -8.75 -8.73 -2.60
CA THR B 7 -8.92 -8.26 -1.24
C THR B 7 -7.65 -8.51 -0.41
N THR B 8 -6.73 -7.57 -0.45
CA THR B 8 -5.47 -7.69 0.29
C THR B 8 -4.85 -6.32 0.56
N ALA B 9 -3.95 -6.26 1.52
CA ALA B 9 -3.28 -5.02 1.87
C ALA B 9 -1.81 -5.04 1.46
N THR B 10 -1.32 -3.91 0.94
CA THR B 10 0.06 -3.81 0.51
C THR B 10 0.94 -3.17 1.58
N PHE B 11 2.10 -3.77 1.82
CA PHE B 11 3.02 -3.25 2.83
C PHE B 11 4.45 -3.23 2.29
N SER B 12 5.36 -2.64 3.07
CA SER B 12 6.76 -2.55 2.67
C SER B 12 7.66 -3.18 3.73
N ILE B 13 8.86 -3.58 3.30
CA ILE B 13 9.82 -4.19 4.21
C ILE B 13 11.05 -3.32 4.37
N GLY B 14 11.41 -3.03 5.62
CA GLY B 14 12.57 -2.21 5.90
C GLY B 14 12.56 -0.91 5.12
N SER B 15 13.59 -0.69 4.31
CA SER B 15 13.70 0.52 3.50
C SER B 15 14.30 0.21 2.14
N THR B 16 13.97 -0.96 1.59
CA THR B 16 14.47 -1.37 0.29
C THR B 16 13.36 -1.96 -0.57
N GLY B 17 12.87 -3.14 -0.17
CA GLY B 17 11.81 -3.79 -0.92
C GLY B 17 10.46 -3.65 -0.24
N LEU B 18 9.44 -4.25 -0.85
CA LEU B 18 8.09 -4.19 -0.30
C LEU B 18 7.32 -5.47 -0.60
N VAL B 19 6.44 -5.86 0.32
CA VAL B 19 5.64 -7.07 0.14
C VAL B 19 4.21 -6.85 0.62
N VAL B 20 3.25 -7.45 -0.09
CA VAL B 20 1.84 -7.32 0.27
C VAL B 20 1.36 -8.56 1.01
N TYR B 21 0.49 -8.35 1.99
CA TYR B 21 -0.06 -9.45 2.77
C TYR B 21 -1.55 -9.64 2.49
N ASP B 22 -1.92 -10.86 2.11
CA ASP B 22 -3.31 -11.18 1.81
C ASP B 22 -4.07 -11.55 3.08
N TYR B 23 -4.93 -10.63 3.54
CA TYR B 23 -5.72 -10.86 4.73
C TYR B 23 -6.98 -11.66 4.42
N GLN B 24 -6.79 -12.86 3.89
CA GLN B 24 -7.92 -13.73 3.53
C GLN B 24 -7.42 -15.07 3.02
N GLN B 25 -6.87 -15.08 1.81
CA GLN B 25 -6.35 -16.31 1.21
C GLN B 25 -5.03 -16.72 1.85
N LEU B 26 -4.48 -15.82 2.65
CA LEU B 26 -3.21 -16.09 3.32
C LEU B 26 -2.07 -16.25 2.31
N LEU B 27 -1.72 -15.14 1.65
CA LEU B 27 -0.66 -15.15 0.67
C LEU B 27 0.20 -13.88 0.77
N ILE B 28 1.42 -13.96 0.26
CA ILE B 28 2.33 -12.82 0.30
C ILE B 28 3.13 -12.71 -1.00
N ALA B 29 3.44 -11.48 -1.39
CA ALA B 29 4.21 -11.23 -2.61
C ALA B 29 5.57 -10.64 -2.29
N TYR B 30 6.62 -11.34 -2.70
CA TYR B 30 7.99 -10.88 -2.46
C TYR B 30 8.84 -11.03 -3.72
N LYS B 31 9.56 -9.96 -4.07
CA LYS B 31 10.42 -9.97 -5.25
C LYS B 31 11.45 -8.85 -5.17
N PRO B 32 12.62 -9.08 -5.79
CA PRO B 32 13.71 -8.10 -5.80
C PRO B 32 13.38 -6.88 -6.66
N ALA B 33 13.68 -6.98 -7.95
CA ALA B 33 13.42 -5.89 -8.89
C ALA B 33 12.02 -6.01 -9.49
N PRO B 34 11.53 -4.90 -10.05
CA PRO B 34 10.20 -4.85 -10.67
C PRO B 34 10.13 -5.65 -11.96
N GLY B 35 9.23 -6.64 -12.01
CA GLY B 35 9.08 -7.46 -13.19
C GLY B 35 10.06 -8.61 -13.22
N THR B 36 10.46 -9.06 -12.04
CA THR B 36 11.41 -10.18 -11.93
C THR B 36 10.79 -11.36 -11.20
N CYS B 37 11.62 -12.33 -10.84
CA CYS B 37 11.14 -13.52 -10.13
C CYS B 37 10.33 -13.14 -8.90
N CYS B 38 9.32 -13.94 -8.61
CA CYS B 38 8.45 -13.69 -7.46
C CYS B 38 8.33 -14.94 -6.58
N TYR B 39 7.83 -14.74 -5.37
CA TYR B 39 7.68 -15.84 -4.43
C TYR B 39 6.44 -15.65 -3.56
N ILE B 40 5.69 -16.73 -3.36
CA ILE B 40 4.47 -16.68 -2.55
C ILE B 40 4.55 -17.66 -1.38
N MET B 41 4.09 -17.21 -0.22
CA MET B 41 4.10 -18.04 0.99
C MET B 41 2.77 -17.95 1.73
N LYS B 42 2.61 -18.78 2.75
CA LYS B 42 1.39 -18.79 3.55
C LYS B 42 1.59 -18.06 4.87
N ILE B 43 0.50 -17.55 5.43
CA ILE B 43 0.56 -16.83 6.70
C ILE B 43 -0.47 -17.36 7.68
N ALA B 44 -0.27 -17.06 8.96
CA ALA B 44 -1.18 -17.51 10.00
C ALA B 44 -2.02 -16.34 10.53
N PRO B 45 -3.34 -16.58 10.65
CA PRO B 45 -4.28 -15.56 11.14
C PRO B 45 -4.10 -15.28 12.62
N GLU B 46 -3.59 -16.27 13.35
CA GLU B 46 -3.37 -16.13 14.79
C GLU B 46 -2.21 -15.18 15.07
N SER B 47 -1.31 -15.06 14.11
CA SER B 47 -0.15 -14.19 14.25
C SER B 47 0.45 -13.85 12.89
N ILE B 48 -0.20 -12.95 12.17
CA ILE B 48 0.27 -12.54 10.85
C ILE B 48 1.67 -11.93 10.93
N PRO B 49 2.65 -12.60 10.29
CA PRO B 49 4.03 -12.15 10.27
C PRO B 49 4.22 -10.89 9.44
N SER B 50 3.89 -9.74 10.02
CA SER B 50 4.02 -8.47 9.33
C SER B 50 5.45 -8.26 8.83
N LEU B 51 5.68 -7.13 8.16
CA LEU B 51 7.00 -6.82 7.64
C LEU B 51 8.07 -7.07 8.68
N GLU B 52 7.71 -6.89 9.95
CA GLU B 52 8.66 -7.10 11.05
C GLU B 52 9.35 -8.45 10.92
N ALA B 53 8.55 -9.50 10.77
CA ALA B 53 9.08 -10.85 10.64
C ALA B 53 9.62 -11.10 9.23
N LEU B 54 8.92 -10.58 8.23
CA LEU B 54 9.33 -10.73 6.84
C LEU B 54 10.76 -10.28 6.64
N THR B 55 11.04 -9.04 7.03
CA THR B 55 12.38 -8.47 6.89
C THR B 55 13.42 -9.37 7.55
N ARG B 56 13.01 -10.09 8.59
CA ARG B 56 13.91 -10.98 9.31
C ARG B 56 14.41 -12.09 8.40
N LYS B 57 13.47 -12.80 7.77
CA LYS B 57 13.81 -13.90 6.87
C LYS B 57 14.32 -13.37 5.53
N VAL B 58 13.82 -12.20 5.14
CA VAL B 58 14.22 -11.58 3.89
C VAL B 58 15.67 -11.15 3.93
N HIS B 59 16.12 -10.72 5.10
CA HIS B 59 17.50 -10.27 5.28
C HIS B 59 18.49 -11.39 4.92
N ASN B 60 18.08 -12.62 5.18
CA ASN B 60 18.93 -13.77 4.88
C ASN B 60 19.12 -13.94 3.37
N PHE B 61 18.18 -13.42 2.60
CA PHE B 61 18.24 -13.51 1.15
C PHE B 61 18.58 -14.93 0.71
N GLN B 62 17.55 -15.76 0.57
CA GLN B 62 17.74 -17.15 0.16
C GLN B 62 16.99 -17.43 -1.15
N MET B 63 17.01 -16.45 -2.05
CA MET B 63 16.34 -16.60 -3.34
C MET B 63 17.11 -15.87 -4.43
N GLU B 64 16.84 -14.58 -4.58
CA GLU B 64 17.51 -13.77 -5.60
C GLU B 64 17.52 -14.49 -6.95
N CYS B 65 16.32 -14.81 -7.44
CA CYS B 65 16.19 -15.50 -8.72
C CYS B 65 17.10 -16.73 -8.77
N SER B 66 17.28 -17.38 -7.63
CA SER B 66 18.13 -18.55 -7.54
C SER B 66 17.42 -19.67 -6.78
N LEU B 67 16.72 -19.30 -5.73
CA LEU B 67 15.99 -20.28 -4.90
C LEU B 67 16.96 -21.21 -4.18
N GLN B 68 17.23 -20.91 -2.92
CA GLN B 68 18.14 -21.73 -2.12
C GLN B 68 17.62 -23.15 -1.98
N ALA B 69 18.13 -23.86 -0.98
CA ALA B 69 17.72 -25.24 -0.74
C ALA B 69 16.51 -25.29 0.20
N LYS B 70 15.73 -24.22 0.19
CA LYS B 70 14.54 -24.13 1.03
C LYS B 70 13.50 -25.17 0.61
N PRO B 71 13.04 -25.09 -0.65
CA PRO B 71 12.04 -26.02 -1.19
C PRO B 71 12.62 -27.43 -1.38
N ALA B 72 11.86 -28.26 -2.09
CA ALA B 72 12.30 -29.64 -2.36
C ALA B 72 13.29 -29.68 -3.51
N VAL B 73 13.58 -28.51 -4.09
CA VAL B 73 14.51 -28.43 -5.20
C VAL B 73 15.75 -27.60 -4.82
N PRO B 74 16.79 -28.29 -4.34
CA PRO B 74 18.04 -27.65 -3.93
C PRO B 74 18.83 -27.10 -5.11
N THR B 75 18.61 -27.70 -6.28
CA THR B 75 19.30 -27.28 -7.50
C THR B 75 20.80 -27.53 -7.39
N SER B 76 21.17 -28.78 -7.11
CA SER B 76 22.57 -29.16 -6.98
C SER B 76 22.70 -30.65 -6.67
N LYS B 77 22.99 -31.44 -7.69
CA LYS B 77 23.15 -32.88 -7.53
C LYS B 77 21.86 -33.51 -7.01
N LEU B 78 20.84 -33.54 -7.85
CA LEU B 78 19.55 -34.12 -7.48
C LEU B 78 19.06 -35.08 -8.54
N GLY B 79 18.14 -35.97 -8.16
CA GLY B 79 17.61 -36.94 -9.09
C GLY B 79 16.96 -36.28 -10.30
N GLN B 80 16.42 -37.10 -11.20
CA GLN B 80 15.78 -36.59 -12.40
C GLN B 80 14.66 -35.61 -12.06
N ALA B 81 13.53 -36.15 -11.59
CA ALA B 81 12.39 -35.33 -11.22
C ALA B 81 12.78 -34.30 -10.16
N GLU B 82 12.52 -33.03 -10.46
CA GLU B 82 12.84 -31.94 -9.54
C GLU B 82 11.57 -31.35 -8.93
N GLY B 83 11.72 -30.22 -8.24
CA GLY B 83 10.58 -29.56 -7.63
C GLY B 83 10.04 -28.43 -8.47
N ARG B 84 9.53 -27.40 -7.81
CA ARG B 84 8.98 -26.25 -8.52
C ARG B 84 7.71 -26.62 -9.27
N ASP B 85 7.87 -27.34 -10.38
CA ASP B 85 6.73 -27.77 -11.18
C ASP B 85 6.46 -29.26 -10.99
N ALA B 86 7.22 -29.88 -10.09
CA ALA B 86 7.04 -31.31 -9.81
C ALA B 86 7.35 -31.62 -8.35
N GLY B 87 7.28 -30.59 -7.50
CA GLY B 87 7.55 -30.78 -6.09
C GLY B 87 6.87 -29.73 -5.23
N SER B 88 6.97 -28.47 -5.64
CA SER B 88 6.37 -27.37 -4.89
C SER B 88 5.21 -26.76 -5.67
N ALA B 89 4.45 -27.61 -6.35
CA ALA B 89 3.30 -27.15 -7.14
C ALA B 89 2.51 -28.34 -7.69
N PRO B 90 1.62 -28.89 -6.86
CA PRO B 90 0.79 -30.04 -7.25
C PRO B 90 -0.26 -29.66 -8.28
N SER B 91 0.13 -29.66 -9.54
CA SER B 91 -0.79 -29.30 -10.63
C SER B 91 -1.28 -27.88 -10.48
N GLY B 92 -2.32 -27.53 -11.24
CA GLY B 92 -2.87 -26.19 -11.18
C GLY B 92 -3.30 -25.79 -9.78
N GLY B 93 -3.48 -26.80 -8.92
CA GLY B 93 -3.89 -26.53 -7.55
C GLY B 93 -2.88 -25.69 -6.80
N ASP B 94 -1.67 -25.59 -7.34
CA ASP B 94 -0.61 -24.83 -6.70
C ASP B 94 -1.08 -23.41 -6.39
N PRO B 95 -0.62 -22.87 -5.25
CA PRO B 95 -0.98 -21.52 -4.81
C PRO B 95 -0.35 -20.44 -5.69
N ALA B 96 -0.36 -20.67 -6.99
CA ALA B 96 0.20 -19.71 -7.94
C ALA B 96 -0.90 -18.96 -8.68
N PHE B 97 -2.09 -19.55 -8.71
CA PHE B 97 -3.23 -18.94 -9.40
C PHE B 97 -4.43 -18.82 -8.46
N LEU B 98 -4.22 -18.18 -7.32
CA LEU B 98 -5.28 -18.00 -6.34
C LEU B 98 -5.35 -16.56 -5.86
N GLY B 99 -4.92 -15.64 -6.72
CA GLY B 99 -4.94 -14.23 -6.37
C GLY B 99 -4.52 -13.34 -7.52
N MET B 100 -5.34 -12.34 -7.84
CA MET B 100 -5.04 -11.42 -8.93
C MET B 100 -3.96 -10.43 -8.51
N ALA B 101 -4.03 -9.94 -7.28
CA ALA B 101 -3.06 -8.99 -6.76
C ALA B 101 -1.64 -9.49 -6.98
N VAL B 102 -1.35 -10.68 -6.47
CA VAL B 102 -0.03 -11.28 -6.61
C VAL B 102 0.38 -11.39 -8.07
N SER B 103 -0.61 -11.59 -8.94
CA SER B 103 -0.36 -11.71 -10.37
C SER B 103 0.09 -10.38 -10.96
N THR B 104 -0.30 -9.29 -10.32
CA THR B 104 0.06 -7.95 -10.77
C THR B 104 1.48 -7.60 -10.37
N LEU B 105 1.76 -7.70 -9.08
CA LEU B 105 3.09 -7.39 -8.56
C LEU B 105 4.14 -8.34 -9.13
N CYS B 106 3.86 -9.64 -9.04
CA CYS B 106 4.77 -10.65 -9.56
C CYS B 106 4.84 -10.61 -11.07
N GLY B 107 3.76 -10.13 -11.69
CA GLY B 107 3.71 -10.05 -13.14
C GLY B 107 3.39 -11.37 -13.79
N GLU B 108 2.46 -12.11 -13.20
CA GLU B 108 2.07 -13.42 -13.72
C GLU B 108 3.29 -14.28 -14.00
N VAL B 109 4.30 -14.16 -13.15
CA VAL B 109 5.52 -14.93 -13.30
C VAL B 109 5.48 -16.21 -12.47
N PRO B 110 6.22 -17.23 -12.91
CA PRO B 110 6.28 -18.53 -12.23
C PRO B 110 7.03 -18.44 -10.89
N LEU B 111 6.27 -18.20 -9.83
CA LEU B 111 6.85 -18.09 -8.49
C LEU B 111 6.87 -19.45 -7.80
N TYR B 112 7.84 -19.63 -6.91
CA TYR B 112 7.98 -20.88 -6.18
C TYR B 112 8.02 -20.64 -4.67
N TYR B 113 7.45 -21.57 -3.91
CA TYR B 113 7.42 -21.44 -2.47
C TYR B 113 8.82 -21.28 -1.90
N ILE B 114 8.95 -20.44 -0.88
CA ILE B 114 10.24 -20.20 -0.23
C ILE B 114 10.26 -20.72 1.19
N GLY C 1 -16.55 16.96 0.56
CA GLY C 1 -17.49 15.86 0.45
C GLY C 1 -16.78 14.53 0.24
N SER C 2 -17.54 13.44 0.33
CA SER C 2 -16.99 12.10 0.16
C SER C 2 -18.08 11.12 -0.27
N GLU C 3 -17.67 9.88 -0.52
CA GLU C 3 -18.61 8.84 -0.93
C GLU C 3 -18.23 7.50 -0.32
N HIS C 4 -18.91 6.43 -0.76
CA HIS C 4 -18.65 5.09 -0.26
C HIS C 4 -17.92 4.26 -1.30
N LEU C 5 -16.67 4.61 -1.57
CA LEU C 5 -15.86 3.89 -2.55
C LEU C 5 -14.39 3.97 -2.20
N VAL C 6 -13.93 3.03 -1.39
CA VAL C 6 -12.53 2.98 -0.97
C VAL C 6 -11.96 1.58 -1.11
N THR C 7 -12.45 0.84 -2.09
CA THR C 7 -11.98 -0.52 -2.34
C THR C 7 -10.92 -0.56 -3.43
N THR C 8 -9.66 -0.39 -3.03
CA THR C 8 -8.55 -0.41 -3.97
C THR C 8 -7.25 -0.74 -3.27
N ALA C 9 -6.25 -1.15 -4.05
CA ALA C 9 -4.94 -1.51 -3.51
C ALA C 9 -3.88 -0.48 -3.90
N THR C 10 -2.99 -0.17 -2.97
CA THR C 10 -1.93 0.81 -3.22
C THR C 10 -0.62 0.10 -3.59
N PHE C 11 0.01 0.59 -4.65
CA PHE C 11 1.27 0.02 -5.10
C PHE C 11 2.30 1.11 -5.37
N SER C 12 3.54 0.70 -5.64
CA SER C 12 4.62 1.64 -5.92
C SER C 12 5.24 1.37 -7.27
N ILE C 13 5.89 2.39 -7.84
CA ILE C 13 6.53 2.26 -9.14
C ILE C 13 8.05 2.43 -9.01
N GLY C 14 8.79 1.45 -9.55
CA GLY C 14 10.24 1.52 -9.49
C GLY C 14 10.75 1.77 -8.08
N SER C 15 11.50 2.85 -7.92
CA SER C 15 12.06 3.20 -6.61
C SER C 15 12.05 4.71 -6.40
N THR C 16 11.01 5.37 -6.92
CA THR C 16 10.87 6.81 -6.79
C THR C 16 9.44 7.20 -6.40
N GLY C 17 8.50 6.99 -7.32
CA GLY C 17 7.12 7.33 -7.06
C GLY C 17 6.28 6.10 -6.75
N LEU C 18 4.98 6.32 -6.53
CA LEU C 18 4.07 5.23 -6.23
C LEU C 18 2.68 5.52 -6.79
N VAL C 19 1.99 4.47 -7.21
CA VAL C 19 0.64 4.61 -7.75
C VAL C 19 -0.27 3.48 -7.26
N VAL C 20 -1.53 3.83 -7.00
CA VAL C 20 -2.50 2.84 -6.52
C VAL C 20 -3.40 2.38 -7.66
N TYR C 21 -3.72 1.09 -7.64
CA TYR C 21 -4.58 0.50 -8.67
C TYR C 21 -5.95 0.13 -8.11
N ASP C 22 -7.00 0.64 -8.74
CA ASP C 22 -8.36 0.36 -8.30
C ASP C 22 -8.88 -0.92 -8.92
N TYR C 23 -8.96 -1.98 -8.12
CA TYR C 23 -9.44 -3.27 -8.59
C TYR C 23 -10.96 -3.34 -8.57
N GLN C 24 -11.59 -2.45 -9.33
CA GLN C 24 -13.05 -2.41 -9.40
C GLN C 24 -13.51 -1.35 -10.39
N GLN C 25 -13.37 -0.08 -10.01
CA GLN C 25 -13.77 1.02 -10.86
C GLN C 25 -12.78 1.23 -12.00
N LEU C 26 -11.65 0.54 -11.92
CA LEU C 26 -10.61 0.64 -12.94
C LEU C 26 -10.03 2.05 -12.99
N LEU C 27 -9.31 2.42 -11.93
CA LEU C 27 -8.70 3.74 -11.85
C LEU C 27 -7.31 3.66 -11.24
N ILE C 28 -6.48 4.67 -11.52
CA ILE C 28 -5.12 4.71 -11.00
C ILE C 28 -4.74 6.12 -10.58
N ALA C 29 -3.90 6.22 -9.55
CA ALA C 29 -3.45 7.51 -9.05
C ALA C 29 -1.95 7.70 -9.27
N TYR C 30 -1.59 8.73 -10.02
CA TYR C 30 -0.20 9.02 -10.31
C TYR C 30 0.11 10.51 -10.14
N LYS C 31 1.18 10.80 -9.41
CA LYS C 31 1.58 12.19 -9.17
C LYS C 31 3.04 12.26 -8.73
N PRO C 32 3.70 13.38 -9.06
CA PRO C 32 5.11 13.61 -8.72
C PRO C 32 5.31 13.80 -7.22
N ALA C 33 5.19 15.05 -6.77
CA ALA C 33 5.35 15.37 -5.36
C ALA C 33 4.02 15.26 -4.61
N PRO C 34 4.10 15.17 -3.28
CA PRO C 34 2.91 15.06 -2.42
C PRO C 34 2.12 16.36 -2.37
N GLY C 35 0.84 16.29 -2.76
CA GLY C 35 0.00 17.46 -2.76
C GLY C 35 0.14 18.29 -4.03
N THR C 36 0.49 17.63 -5.12
CA THR C 36 0.67 18.30 -6.40
C THR C 36 -0.30 17.76 -7.44
N CYS C 37 -0.08 18.14 -8.70
CA CYS C 37 -0.93 17.69 -9.80
C CYS C 37 -1.09 16.18 -9.79
N CYS C 38 -2.28 15.71 -10.18
CA CYS C 38 -2.55 14.28 -10.22
C CYS C 38 -3.12 13.86 -11.57
N TYR C 39 -3.11 12.56 -11.83
CA TYR C 39 -3.62 12.04 -13.10
C TYR C 39 -4.30 10.68 -12.90
N ILE C 40 -5.44 10.51 -13.55
CA ILE C 40 -6.18 9.26 -13.44
C ILE C 40 -6.38 8.61 -14.80
N MET C 41 -6.23 7.29 -14.86
CA MET C 41 -6.39 6.55 -16.10
C MET C 41 -7.22 5.30 -15.89
N LYS C 42 -7.56 4.63 -16.98
CA LYS C 42 -8.36 3.40 -16.92
C LYS C 42 -7.48 2.17 -17.07
N ILE C 43 -7.94 1.05 -16.54
CA ILE C 43 -7.20 -0.21 -16.62
C ILE C 43 -8.08 -1.34 -17.14
N ALA C 44 -7.44 -2.41 -17.59
CA ALA C 44 -8.17 -3.56 -18.11
C ALA C 44 -8.08 -4.75 -17.14
N PRO C 45 -9.23 -5.37 -16.85
CA PRO C 45 -9.32 -6.51 -15.95
C PRO C 45 -8.67 -7.77 -16.53
N GLU C 46 -8.64 -7.85 -17.86
CA GLU C 46 -8.06 -8.99 -18.55
C GLU C 46 -6.54 -9.00 -18.39
N SER C 47 -5.96 -7.81 -18.16
CA SER C 47 -4.52 -7.69 -17.99
C SER C 47 -4.17 -6.37 -17.30
N ILE C 48 -4.38 -6.33 -16.00
CA ILE C 48 -4.08 -5.13 -15.22
C ILE C 48 -2.61 -4.74 -15.34
N PRO C 49 -2.35 -3.56 -15.92
CA PRO C 49 -0.99 -3.05 -16.10
C PRO C 49 -0.33 -2.66 -14.77
N SER C 50 0.21 -3.65 -14.07
CA SER C 50 0.86 -3.42 -12.79
C SER C 50 1.95 -2.37 -12.93
N LEU C 51 2.61 -2.05 -11.81
CA LEU C 51 3.68 -1.07 -11.81
C LEU C 51 4.66 -1.32 -12.96
N GLU C 52 4.80 -2.58 -13.36
CA GLU C 52 5.68 -2.94 -14.44
C GLU C 52 5.42 -2.09 -15.68
N ALA C 53 4.15 -2.03 -16.08
CA ALA C 53 3.76 -1.24 -17.25
C ALA C 53 3.73 0.25 -16.93
N LEU C 54 3.25 0.57 -15.73
CA LEU C 54 3.16 1.97 -15.30
C LEU C 54 4.52 2.65 -15.40
N THR C 55 5.53 2.05 -14.77
CA THR C 55 6.88 2.61 -14.79
C THR C 55 7.38 2.79 -16.22
N ARG C 56 6.90 1.94 -17.12
CA ARG C 56 7.29 2.02 -18.52
C ARG C 56 6.88 3.34 -19.15
N LYS C 57 5.59 3.66 -19.02
CA LYS C 57 5.06 4.90 -19.57
C LYS C 57 5.43 6.09 -18.70
N VAL C 58 5.58 5.85 -17.39
CA VAL C 58 5.95 6.89 -16.45
C VAL C 58 7.38 7.36 -16.68
N HIS C 59 8.24 6.43 -17.10
CA HIS C 59 9.64 6.76 -17.36
C HIS C 59 9.76 7.86 -18.40
N ASN C 60 8.84 7.86 -19.36
CA ASN C 60 8.85 8.87 -20.42
C ASN C 60 8.52 10.25 -19.87
N PHE C 61 7.83 10.29 -18.73
CA PHE C 61 7.45 11.54 -18.10
C PHE C 61 6.84 12.50 -19.12
N GLN C 62 5.53 12.39 -19.32
CA GLN C 62 4.83 13.24 -20.27
C GLN C 62 3.77 14.07 -19.56
N MET C 63 4.09 14.54 -18.35
CA MET C 63 3.16 15.35 -17.57
C MET C 63 3.91 16.40 -16.76
N GLU C 64 4.36 16.01 -15.57
CA GLU C 64 5.10 16.92 -14.71
C GLU C 64 4.38 18.27 -14.60
N CYS C 65 3.13 18.23 -14.15
CA CYS C 65 2.34 19.44 -14.01
C CYS C 65 2.37 20.28 -15.29
N SER C 66 2.44 19.59 -16.43
CA SER C 66 2.48 20.27 -17.73
C SER C 66 1.50 19.64 -18.70
N LEU C 67 1.40 18.32 -18.66
CA LEU C 67 0.49 17.60 -19.54
C LEU C 67 0.92 17.73 -20.99
N GLN C 68 1.62 16.70 -21.50
CA GLN C 68 2.09 16.70 -22.88
C GLN C 68 0.92 16.76 -23.85
N ALA C 69 1.18 16.40 -25.10
CA ALA C 69 0.15 16.41 -26.14
C ALA C 69 -0.62 15.09 -26.16
N LYS C 70 -0.67 14.42 -25.02
CA LYS C 70 -1.37 13.14 -24.90
C LYS C 70 -2.87 13.33 -25.11
N PRO C 71 -3.49 14.14 -24.26
CA PRO C 71 -4.93 14.42 -24.32
C PRO C 71 -5.30 15.27 -25.53
N ALA C 72 -6.53 15.78 -25.55
CA ALA C 72 -6.99 16.62 -26.65
C ALA C 72 -6.50 18.06 -26.48
N VAL C 73 -5.76 18.31 -25.41
CA VAL C 73 -5.23 19.65 -25.15
C VAL C 73 -3.71 19.64 -25.17
N PRO C 74 -3.14 19.92 -26.35
CA PRO C 74 -1.68 19.96 -26.53
C PRO C 74 -1.04 21.15 -25.83
N THR C 75 -1.82 22.21 -25.63
CA THR C 75 -1.33 23.41 -24.97
C THR C 75 -0.25 24.10 -25.80
N SER C 76 -0.57 24.39 -27.06
CA SER C 76 0.37 25.05 -27.95
C SER C 76 -0.26 25.29 -29.32
N LYS C 77 -0.71 26.51 -29.54
CA LYS C 77 -1.34 26.88 -30.82
C LYS C 77 -2.59 26.04 -31.07
N LEU C 78 -3.62 26.29 -30.27
CA LEU C 78 -4.88 25.55 -30.42
C LEU C 78 -6.07 26.51 -30.46
N GLY C 79 -7.19 26.03 -30.99
CA GLY C 79 -8.38 26.86 -31.08
C GLY C 79 -8.82 27.38 -29.72
N GLN C 80 -9.92 28.11 -29.71
CA GLN C 80 -10.45 28.68 -28.47
C GLN C 80 -10.73 27.58 -27.45
N ALA C 81 -11.81 26.83 -27.66
CA ALA C 81 -12.19 25.75 -26.76
C ALA C 81 -11.05 24.73 -26.62
N GLU C 82 -10.64 24.48 -25.39
CA GLU C 82 -9.56 23.53 -25.12
C GLU C 82 -10.10 22.26 -24.46
N GLY C 83 -9.19 21.42 -23.97
CA GLY C 83 -9.60 20.19 -23.32
C GLY C 83 -9.61 20.31 -21.81
N ARG C 84 -9.30 19.22 -21.13
CA ARG C 84 -9.27 19.21 -19.67
C ARG C 84 -10.68 19.37 -19.11
N ASP C 85 -11.21 20.58 -19.20
CA ASP C 85 -12.56 20.87 -18.69
C ASP C 85 -13.55 21.02 -19.85
N ALA C 86 -13.06 20.81 -21.06
CA ALA C 86 -13.90 20.92 -22.25
C ALA C 86 -13.47 19.93 -23.32
N GLY C 87 -12.77 18.88 -22.91
CA GLY C 87 -12.31 17.88 -23.86
C GLY C 87 -12.08 16.53 -23.19
N SER C 88 -11.41 16.54 -22.05
CA SER C 88 -11.11 15.31 -21.32
C SER C 88 -11.89 15.25 -20.02
N ALA C 89 -13.13 15.73 -20.06
CA ALA C 89 -13.98 15.73 -18.87
C ALA C 89 -15.39 16.18 -19.21
N PRO C 90 -16.21 15.26 -19.72
CA PRO C 90 -17.60 15.55 -20.10
C PRO C 90 -18.49 15.81 -18.88
N SER C 91 -18.47 17.04 -18.40
CA SER C 91 -19.27 17.42 -17.24
C SER C 91 -18.85 16.63 -16.01
N GLY C 92 -19.67 16.68 -14.97
CA GLY C 92 -19.37 15.97 -13.74
C GLY C 92 -19.16 14.48 -13.98
N GLY C 93 -19.64 13.99 -15.11
CA GLY C 93 -19.49 12.58 -15.42
C GLY C 93 -18.05 12.16 -15.54
N ASP C 94 -17.15 13.14 -15.66
CA ASP C 94 -15.72 12.86 -15.78
C ASP C 94 -15.25 11.95 -14.64
N PRO C 95 -14.31 11.05 -14.97
CA PRO C 95 -13.75 10.11 -14.00
C PRO C 95 -12.87 10.80 -12.96
N ALA C 96 -13.33 11.94 -12.48
CA ALA C 96 -12.59 12.70 -11.48
C ALA C 96 -13.24 12.59 -10.11
N PHE C 97 -14.53 12.25 -10.10
CA PHE C 97 -15.27 12.11 -8.85
C PHE C 97 -15.95 10.74 -8.77
N LEU C 98 -15.15 9.70 -8.91
CA LEU C 98 -15.66 8.32 -8.85
C LEU C 98 -14.81 7.46 -7.94
N GLY C 99 -14.17 8.10 -6.96
CA GLY C 99 -13.32 7.38 -6.03
C GLY C 99 -12.77 8.26 -4.93
N MET C 100 -12.98 7.85 -3.68
CA MET C 100 -12.48 8.63 -2.54
C MET C 100 -10.98 8.48 -2.38
N ALA C 101 -10.49 7.25 -2.58
CA ALA C 101 -9.05 6.98 -2.46
C ALA C 101 -8.24 7.96 -3.30
N VAL C 102 -8.54 8.02 -4.59
CA VAL C 102 -7.83 8.91 -5.50
C VAL C 102 -7.92 10.36 -5.02
N SER C 103 -9.03 10.70 -4.38
CA SER C 103 -9.25 12.05 -3.88
C SER C 103 -8.29 12.36 -2.73
N THR C 104 -7.85 11.31 -2.03
CA THR C 104 -6.94 11.48 -0.91
C THR C 104 -5.51 11.68 -1.39
N LEU C 105 -5.02 10.75 -2.20
CA LEU C 105 -3.67 10.83 -2.73
C LEU C 105 -3.49 12.07 -3.60
N CYS C 106 -4.41 12.26 -4.54
CA CYS C 106 -4.36 13.41 -5.43
C CYS C 106 -4.65 14.70 -4.67
N GLY C 107 -5.39 14.58 -3.58
CA GLY C 107 -5.72 15.75 -2.78
C GLY C 107 -6.86 16.55 -3.36
N GLU C 108 -7.87 15.85 -3.88
CA GLU C 108 -9.02 16.52 -4.48
C GLU C 108 -8.59 17.57 -5.49
N VAL C 109 -7.50 17.28 -6.20
CA VAL C 109 -6.98 18.20 -7.20
C VAL C 109 -7.52 17.88 -8.59
N PRO C 110 -7.59 18.89 -9.46
CA PRO C 110 -8.08 18.74 -10.83
C PRO C 110 -7.12 17.93 -11.70
N LEU C 111 -7.32 16.62 -11.73
CA LEU C 111 -6.48 15.74 -12.53
C LEU C 111 -7.03 15.59 -13.94
N TYR C 112 -6.13 15.34 -14.90
CA TYR C 112 -6.53 15.18 -16.29
C TYR C 112 -6.01 13.86 -16.85
N TYR C 113 -6.79 13.25 -17.73
CA TYR C 113 -6.40 11.98 -18.34
C TYR C 113 -5.05 12.10 -19.04
N ILE C 114 -4.25 11.04 -18.93
CA ILE C 114 -2.92 11.03 -19.55
C ILE C 114 -2.86 9.99 -20.66
N GLY A 1 -5.20 -11.72 15.44
CA GLY A 1 -5.29 -11.08 16.74
C GLY A 1 -6.70 -11.02 17.27
N SER A 2 -7.01 -9.96 18.01
CA SER A 2 -8.34 -9.79 18.59
C SER A 2 -9.21 -8.91 17.70
N GLU A 3 -9.03 -9.04 16.39
CA GLU A 3 -9.79 -8.26 15.43
C GLU A 3 -9.95 -9.02 14.10
N HIS A 4 -10.59 -8.38 13.14
CA HIS A 4 -10.81 -8.98 11.82
C HIS A 4 -11.48 -8.00 10.87
N LEU A 5 -10.93 -6.79 10.81
CA LEU A 5 -11.47 -5.76 9.92
C LEU A 5 -10.78 -5.77 8.57
N VAL A 6 -9.46 -5.60 8.58
CA VAL A 6 -8.68 -5.59 7.36
C VAL A 6 -9.36 -4.77 6.27
N THR A 7 -8.93 -4.97 5.03
CA THR A 7 -9.50 -4.25 3.90
C THR A 7 -9.22 -2.76 4.00
N THR A 8 -7.95 -2.40 4.14
CA THR A 8 -7.55 -1.00 4.25
C THR A 8 -6.52 -0.64 3.18
N ALA A 9 -6.22 0.65 3.06
CA ALA A 9 -5.26 1.13 2.08
C ALA A 9 -3.98 1.62 2.76
N THR A 10 -2.87 1.53 2.04
CA THR A 10 -1.59 1.98 2.57
C THR A 10 -0.98 3.08 1.71
N PHE A 11 -0.75 4.23 2.31
CA PHE A 11 -0.18 5.36 1.60
C PHE A 11 1.11 5.85 2.28
N SER A 12 2.15 6.04 1.49
CA SER A 12 3.43 6.50 2.01
C SER A 12 3.39 7.99 2.35
N ILE A 13 4.29 8.42 3.23
CA ILE A 13 4.35 9.81 3.64
C ILE A 13 5.77 10.36 3.51
N GLY A 14 5.91 11.67 3.70
CA GLY A 14 7.21 12.29 3.60
C GLY A 14 7.94 11.92 2.32
N SER A 15 8.99 11.11 2.46
CA SER A 15 9.77 10.68 1.30
C SER A 15 9.87 9.15 1.26
N THR A 16 10.00 8.53 2.43
CA THR A 16 10.10 7.08 2.52
C THR A 16 9.34 6.55 3.73
N GLY A 17 8.16 7.12 3.96
CA GLY A 17 7.35 6.68 5.09
C GLY A 17 6.19 5.80 4.67
N LEU A 18 5.39 5.37 5.64
CA LEU A 18 4.24 4.52 5.36
C LEU A 18 3.11 4.79 6.34
N VAL A 19 1.90 4.95 5.81
CA VAL A 19 0.73 5.21 6.65
C VAL A 19 -0.54 4.68 5.98
N VAL A 20 -1.21 3.75 6.67
CA VAL A 20 -2.43 3.16 6.15
C VAL A 20 -3.66 3.86 6.74
N TYR A 21 -4.74 3.88 5.96
CA TYR A 21 -5.98 4.52 6.39
C TYR A 21 -7.12 3.50 6.45
N ASP A 22 -7.49 3.11 7.66
CA ASP A 22 -8.58 2.15 7.85
C ASP A 22 -9.89 2.70 7.31
N TYR A 23 -10.21 2.37 6.07
CA TYR A 23 -11.44 2.83 5.44
C TYR A 23 -12.65 2.07 5.98
N GLN A 24 -12.93 2.24 7.26
CA GLN A 24 -14.07 1.56 7.89
C GLN A 24 -14.20 1.99 9.35
N GLN A 25 -13.21 1.64 10.16
CA GLN A 25 -13.23 1.98 11.58
C GLN A 25 -12.59 3.34 11.82
N LEU A 26 -12.10 3.96 10.75
CA LEU A 26 -11.47 5.27 10.83
C LEU A 26 -10.23 5.21 11.73
N LEU A 27 -9.18 4.56 11.25
CA LEU A 27 -7.93 4.44 12.01
C LEU A 27 -6.73 4.72 11.13
N ILE A 28 -5.68 5.26 11.72
CA ILE A 28 -4.45 5.57 10.99
C ILE A 28 -3.25 4.87 11.60
N ALA A 29 -2.41 4.30 10.75
CA ALA A 29 -1.21 3.61 11.21
C ALA A 29 0.04 4.43 10.95
N TYR A 30 0.73 4.80 12.02
CA TYR A 30 1.95 5.59 11.91
C TYR A 30 3.04 5.06 12.83
N LYS A 31 4.20 4.76 12.25
CA LYS A 31 5.32 4.23 13.02
C LYS A 31 6.63 4.43 12.26
N PRO A 32 7.73 4.60 13.01
CA PRO A 32 9.07 4.79 12.43
C PRO A 32 9.59 3.52 11.76
N ALA A 33 10.25 2.69 12.55
CA ALA A 33 10.81 1.43 12.04
C ALA A 33 9.81 0.29 12.18
N PRO A 34 10.02 -0.77 11.39
CA PRO A 34 9.15 -1.95 11.39
C PRO A 34 9.28 -2.75 12.69
N GLY A 35 8.17 -2.87 13.42
CA GLY A 35 8.17 -3.62 14.65
C GLY A 35 8.53 -2.75 15.85
N THR A 36 8.24 -1.45 15.75
CA THR A 36 8.53 -0.51 16.82
C THR A 36 7.26 0.19 17.28
N CYS A 37 7.44 1.21 18.13
CA CYS A 37 6.31 1.97 18.65
C CYS A 37 5.38 2.41 17.53
N CYS A 38 4.08 2.35 17.78
CA CYS A 38 3.09 2.73 16.78
C CYS A 38 2.12 3.77 17.35
N TYR A 39 1.34 4.39 16.47
CA TYR A 39 0.37 5.40 16.89
C TYR A 39 -0.90 5.32 16.05
N ILE A 40 -2.04 5.40 16.71
CA ILE A 40 -3.32 5.34 16.03
C ILE A 40 -4.02 6.70 16.05
N MET A 41 -4.63 7.06 14.92
CA MET A 41 -5.34 8.33 14.81
C MET A 41 -6.75 8.12 14.29
N LYS A 42 -7.68 8.95 14.75
CA LYS A 42 -9.07 8.86 14.33
C LYS A 42 -9.38 9.87 13.24
N ILE A 43 -10.02 9.40 12.16
CA ILE A 43 -10.37 10.27 11.05
C ILE A 43 -11.88 10.39 10.89
N ALA A 44 -12.32 11.39 10.14
CA ALA A 44 -13.74 11.60 9.91
C ALA A 44 -14.10 11.43 8.44
N PRO A 45 -15.28 10.86 8.18
CA PRO A 45 -15.76 10.63 6.81
C PRO A 45 -16.12 11.93 6.09
N GLU A 46 -16.45 12.96 6.86
CA GLU A 46 -16.80 14.26 6.30
C GLU A 46 -15.55 15.02 5.87
N SER A 47 -14.43 14.71 6.51
CA SER A 47 -13.17 15.38 6.21
C SER A 47 -11.99 14.43 6.42
N ILE A 48 -11.80 13.51 5.48
CA ILE A 48 -10.70 12.56 5.56
C ILE A 48 -9.36 13.23 5.35
N PRO A 49 -8.54 13.26 6.42
CA PRO A 49 -7.21 13.88 6.38
C PRO A 49 -6.23 13.08 5.52
N SER A 50 -6.32 13.26 4.21
CA SER A 50 -5.44 12.55 3.28
C SER A 50 -3.98 12.76 3.66
N LEU A 51 -3.09 12.10 2.92
CA LEU A 51 -1.66 12.22 3.17
C LEU A 51 -1.24 13.67 3.37
N GLU A 52 -1.93 14.57 2.67
CA GLU A 52 -1.64 16.00 2.78
C GLU A 52 -1.63 16.44 4.23
N ALA A 53 -2.62 15.99 4.99
CA ALA A 53 -2.73 16.34 6.40
C ALA A 53 -1.72 15.56 7.24
N LEU A 54 -1.59 14.27 6.95
CA LEU A 54 -0.66 13.41 7.68
C LEU A 54 0.75 13.98 7.65
N THR A 55 1.25 14.24 6.45
CA THR A 55 2.59 14.80 6.29
C THR A 55 2.72 16.14 6.97
N ARG A 56 1.60 16.87 7.05
CA ARG A 56 1.58 18.18 7.69
C ARG A 56 1.96 18.08 9.17
N LYS A 57 1.24 17.24 9.90
CA LYS A 57 1.50 17.04 11.32
C LYS A 57 2.72 16.15 11.54
N VAL A 58 2.95 15.24 10.59
CA VAL A 58 4.10 14.34 10.69
C VAL A 58 5.40 15.07 10.43
N HIS A 59 5.34 16.15 9.65
CA HIS A 59 6.51 16.94 9.34
C HIS A 59 7.20 17.43 10.62
N ASN A 60 6.39 17.75 11.62
CA ASN A 60 6.92 18.23 12.89
C ASN A 60 7.69 17.13 13.62
N PHE A 61 7.39 15.88 13.29
CA PHE A 61 8.04 14.74 13.91
C PHE A 61 7.85 14.75 15.42
N GLN A 62 6.68 15.20 15.86
CA GLN A 62 6.38 15.26 17.28
C GLN A 62 6.51 13.89 17.93
N MET A 63 6.21 12.85 17.16
CA MET A 63 6.29 11.48 17.66
C MET A 63 7.75 11.07 17.88
N GLU A 64 8.36 10.52 16.83
CA GLU A 64 9.76 10.08 16.90
C GLU A 64 9.99 9.24 18.15
N CYS A 65 9.00 8.43 18.51
CA CYS A 65 9.10 7.57 19.68
C CYS A 65 9.54 8.36 20.90
N SER A 66 9.16 9.64 20.94
CA SER A 66 9.52 10.51 22.05
C SER A 66 8.29 11.20 22.62
N LEU A 67 7.29 11.42 21.78
CA LEU A 67 6.05 12.07 22.20
C LEU A 67 6.34 13.15 23.23
N GLN A 68 6.75 14.32 22.77
CA GLN A 68 7.06 15.43 23.65
C GLN A 68 5.87 16.38 23.76
N ALA A 69 5.19 16.36 24.91
CA ALA A 69 4.04 17.21 25.13
C ALA A 69 2.96 16.97 24.09
N LYS A 70 3.03 15.81 23.43
CA LYS A 70 2.05 15.47 22.40
C LYS A 70 0.71 15.08 23.02
N PRO A 71 0.71 14.02 23.82
CA PRO A 71 -0.50 13.53 24.50
C PRO A 71 -0.97 14.47 25.60
N ALA A 72 -1.94 14.02 26.39
CA ALA A 72 -2.48 14.82 27.47
C ALA A 72 -1.51 14.88 28.65
N VAL A 73 -0.49 14.04 28.61
CA VAL A 73 0.51 13.98 29.67
C VAL A 73 1.83 14.59 29.21
N PRO A 74 2.00 15.89 29.47
CA PRO A 74 3.21 16.62 29.09
C PRO A 74 4.42 16.20 29.92
N THR A 75 4.17 15.66 31.11
CA THR A 75 5.23 15.21 32.00
C THR A 75 6.09 16.38 32.47
N SER A 76 5.43 17.53 32.68
CA SER A 76 6.14 18.73 33.14
C SER A 76 6.15 18.81 34.66
N LYS A 77 5.03 18.43 35.27
CA LYS A 77 4.91 18.45 36.73
C LYS A 77 4.25 17.18 37.24
N LEU A 78 4.54 16.06 36.59
CA LEU A 78 3.98 14.78 36.98
C LEU A 78 4.81 14.13 38.09
N GLY A 79 4.37 12.96 38.55
CA GLY A 79 5.08 12.27 39.61
C GLY A 79 5.44 10.85 39.22
N GLN A 80 4.72 9.88 39.78
CA GLN A 80 4.98 8.47 39.49
C GLN A 80 4.08 7.98 38.37
N ALA A 81 2.80 8.38 38.41
CA ALA A 81 1.84 7.98 37.40
C ALA A 81 1.80 8.98 36.25
N GLU A 82 1.63 8.48 35.03
CA GLU A 82 1.59 9.33 33.85
C GLU A 82 0.34 9.03 33.02
N GLY A 83 0.31 9.56 31.80
CA GLY A 83 -0.83 9.35 30.92
C GLY A 83 -0.55 8.30 29.86
N ARG A 84 -1.13 8.49 28.68
CA ARG A 84 -0.95 7.57 27.58
C ARG A 84 -1.61 6.22 27.87
N ASP A 85 -0.99 5.44 28.75
CA ASP A 85 -1.52 4.14 29.13
C ASP A 85 -2.31 4.23 30.43
N ALA A 86 -2.44 5.44 30.95
CA ALA A 86 -3.18 5.66 32.20
C ALA A 86 -4.18 6.80 32.06
N GLY A 87 -3.82 7.79 31.25
CA GLY A 87 -4.70 8.93 31.04
C GLY A 87 -5.35 8.91 29.67
N SER A 88 -4.62 8.40 28.67
CA SER A 88 -5.14 8.34 27.31
C SER A 88 -5.34 6.89 26.88
N ALA A 89 -5.86 6.07 27.79
CA ALA A 89 -6.10 4.66 27.50
C ALA A 89 -6.84 3.99 28.66
N PRO A 90 -8.17 4.14 28.68
CA PRO A 90 -9.02 3.56 29.72
C PRO A 90 -9.09 2.03 29.62
N SER A 91 -8.14 1.35 30.25
CA SER A 91 -8.10 -0.10 30.23
C SER A 91 -8.03 -0.62 28.79
N GLY A 92 -8.26 -1.92 28.63
CA GLY A 92 -8.21 -2.52 27.31
C GLY A 92 -9.15 -1.83 26.33
N GLY A 93 -10.13 -1.10 26.86
CA GLY A 93 -11.08 -0.41 26.01
C GLY A 93 -10.41 0.60 25.11
N ASP A 94 -9.18 0.96 25.43
CA ASP A 94 -8.43 1.93 24.63
C ASP A 94 -8.40 1.53 23.16
N PRO A 95 -8.45 2.53 22.28
CA PRO A 95 -8.43 2.30 20.83
C PRO A 95 -7.08 1.80 20.34
N ALA A 96 -6.49 0.86 21.08
CA ALA A 96 -5.20 0.30 20.71
C ALA A 96 -5.33 -1.17 20.32
N PHE A 97 -6.42 -1.79 20.74
CA PHE A 97 -6.67 -3.20 20.43
C PHE A 97 -7.73 -3.35 19.36
N LEU A 98 -7.77 -2.39 18.43
CA LEU A 98 -8.74 -2.40 17.35
C LEU A 98 -8.05 -2.50 15.99
N GLY A 99 -8.78 -2.98 14.99
CA GLY A 99 -8.21 -3.11 13.66
C GLY A 99 -7.12 -4.15 13.59
N MET A 100 -7.31 -5.16 12.74
CA MET A 100 -6.33 -6.22 12.58
C MET A 100 -5.12 -5.74 11.78
N ALA A 101 -5.38 -4.96 10.74
CA ALA A 101 -4.31 -4.43 9.90
C ALA A 101 -3.25 -3.73 10.74
N VAL A 102 -3.67 -2.71 11.48
CA VAL A 102 -2.77 -1.95 12.34
C VAL A 102 -1.97 -2.87 13.25
N SER A 103 -2.59 -3.99 13.63
CA SER A 103 -1.93 -4.96 14.51
C SER A 103 -0.69 -5.55 13.84
N THR A 104 -0.72 -5.61 12.52
CA THR A 104 0.40 -6.15 11.75
C THR A 104 1.53 -5.13 11.62
N LEU A 105 1.18 -3.95 11.09
CA LEU A 105 2.16 -2.88 10.91
C LEU A 105 2.74 -2.44 12.25
N CYS A 106 1.90 -2.41 13.27
CA CYS A 106 2.32 -2.00 14.61
C CYS A 106 2.81 -3.21 15.41
N GLY A 107 2.93 -4.35 14.75
CA GLY A 107 3.39 -5.56 15.41
C GLY A 107 2.73 -5.76 16.77
N GLU A 108 1.48 -5.33 16.88
CA GLU A 108 0.75 -5.46 18.13
C GLU A 108 1.48 -4.77 19.27
N VAL A 109 1.97 -3.57 19.01
CA VAL A 109 2.70 -2.81 20.02
C VAL A 109 1.79 -1.79 20.70
N PRO A 110 2.16 -1.40 21.93
CA PRO A 110 1.38 -0.43 22.70
C PRO A 110 1.47 0.97 22.13
N LEU A 111 0.43 1.38 21.40
CA LEU A 111 0.39 2.71 20.80
C LEU A 111 -0.35 3.70 21.69
N TYR A 112 -0.01 4.97 21.55
CA TYR A 112 -0.65 6.01 22.35
C TYR A 112 -1.19 7.12 21.46
N TYR A 113 -2.37 7.63 21.82
CA TYR A 113 -3.00 8.70 21.05
C TYR A 113 -2.07 9.90 20.90
N ILE A 114 -1.92 10.36 19.67
CA ILE A 114 -1.05 11.49 19.38
C ILE A 114 -1.87 12.78 19.23
N GLY B 1 -6.99 -11.70 -14.81
CA GLY B 1 -6.38 -13.02 -14.91
C GLY B 1 -7.34 -14.13 -14.58
N SER B 2 -6.82 -15.21 -14.00
CA SER B 2 -7.65 -16.35 -13.63
C SER B 2 -8.06 -16.27 -12.17
N GLU B 3 -8.32 -15.06 -11.70
CA GLU B 3 -8.74 -14.84 -10.32
C GLU B 3 -9.60 -13.59 -10.19
N HIS B 4 -9.99 -13.27 -8.96
CA HIS B 4 -10.82 -12.10 -8.70
C HIS B 4 -11.04 -11.91 -7.20
N LEU B 5 -9.95 -11.97 -6.44
CA LEU B 5 -10.03 -11.81 -4.99
C LEU B 5 -9.80 -10.36 -4.59
N VAL B 6 -8.64 -9.82 -4.98
CA VAL B 6 -8.30 -8.44 -4.68
C VAL B 6 -8.66 -8.09 -3.24
N THR B 7 -8.70 -6.80 -2.94
CA THR B 7 -9.04 -6.33 -1.59
C THR B 7 -7.98 -6.76 -0.59
N THR B 8 -6.74 -6.32 -0.82
CA THR B 8 -5.63 -6.65 0.07
C THR B 8 -4.85 -5.40 0.47
N ALA B 9 -3.96 -5.56 1.44
CA ALA B 9 -3.14 -4.45 1.91
C ALA B 9 -1.69 -4.60 1.49
N THR B 10 -1.01 -3.48 1.27
CA THR B 10 0.39 -3.50 0.86
C THR B 10 1.27 -2.84 1.90
N PHE B 11 2.19 -3.62 2.47
CA PHE B 11 3.10 -3.11 3.49
C PHE B 11 4.55 -3.23 3.03
N SER B 12 5.32 -2.17 3.25
CA SER B 12 6.73 -2.15 2.86
C SER B 12 7.59 -2.88 3.88
N ILE B 13 8.75 -3.37 3.43
CA ILE B 13 9.66 -4.09 4.30
C ILE B 13 11.06 -3.50 4.23
N GLY B 14 11.94 -3.96 5.12
CA GLY B 14 13.30 -3.47 5.15
C GLY B 14 13.37 -1.96 5.20
N SER B 15 13.82 -1.35 4.11
CA SER B 15 13.94 0.10 4.04
C SER B 15 13.15 0.65 2.86
N THR B 16 13.14 -0.10 1.76
CA THR B 16 12.43 0.31 0.56
C THR B 16 11.83 -0.88 -0.16
N GLY B 17 11.26 -1.81 0.60
CA GLY B 17 10.66 -2.99 0.01
C GLY B 17 9.14 -2.90 -0.08
N LEU B 18 8.52 -3.93 -0.62
CA LEU B 18 7.06 -3.96 -0.77
C LEU B 18 6.53 -5.38 -0.65
N VAL B 19 5.50 -5.56 0.15
CA VAL B 19 4.89 -6.87 0.34
C VAL B 19 3.40 -6.76 0.67
N VAL B 20 2.57 -7.42 -0.12
CA VAL B 20 1.13 -7.39 0.09
C VAL B 20 0.68 -8.55 0.97
N TYR B 21 -0.39 -8.33 1.73
CA TYR B 21 -0.93 -9.35 2.62
C TYR B 21 -2.40 -9.62 2.33
N ASP B 22 -2.65 -10.67 1.55
CA ASP B 22 -4.01 -11.04 1.19
C ASP B 22 -4.86 -11.32 2.44
N TYR B 23 -5.60 -10.32 2.88
CA TYR B 23 -6.43 -10.46 4.06
C TYR B 23 -7.73 -11.21 3.73
N GLN B 24 -7.58 -12.45 3.25
CA GLN B 24 -8.73 -13.27 2.89
C GLN B 24 -8.29 -14.68 2.51
N GLN B 25 -7.60 -14.79 1.37
CA GLN B 25 -7.14 -16.08 0.89
C GLN B 25 -5.84 -16.48 1.60
N LEU B 26 -5.32 -15.58 2.43
CA LEU B 26 -4.08 -15.84 3.15
C LEU B 26 -2.91 -16.05 2.20
N LEU B 27 -2.51 -14.99 1.52
CA LEU B 27 -1.41 -15.05 0.57
C LEU B 27 -0.50 -13.83 0.71
N ILE B 28 0.76 -13.99 0.32
CA ILE B 28 1.73 -12.91 0.40
C ILE B 28 2.49 -12.75 -0.92
N ALA B 29 2.87 -11.52 -1.24
CA ALA B 29 3.60 -11.24 -2.46
C ALA B 29 4.94 -10.58 -2.15
N TYR B 30 6.02 -11.23 -2.59
CA TYR B 30 7.36 -10.71 -2.36
C TYR B 30 8.21 -10.82 -3.62
N LYS B 31 8.86 -9.72 -3.99
CA LYS B 31 9.70 -9.68 -5.18
C LYS B 31 10.68 -8.51 -5.12
N PRO B 32 11.84 -8.68 -5.77
CA PRO B 32 12.88 -7.64 -5.81
C PRO B 32 12.46 -6.44 -6.65
N ALA B 33 12.73 -6.51 -7.95
CA ALA B 33 12.38 -5.43 -8.87
C ALA B 33 10.99 -5.63 -9.45
N PRO B 34 10.40 -4.54 -9.98
CA PRO B 34 9.06 -4.57 -10.57
C PRO B 34 9.03 -5.35 -11.88
N GLY B 35 8.20 -6.38 -11.93
CA GLY B 35 8.08 -7.19 -13.14
C GLY B 35 9.12 -8.28 -13.19
N THR B 36 9.58 -8.73 -12.03
CA THR B 36 10.58 -9.78 -11.95
C THR B 36 10.08 -10.98 -11.15
N CYS B 37 10.97 -11.92 -10.87
CA CYS B 37 10.62 -13.11 -10.12
C CYS B 37 9.83 -12.74 -8.85
N CYS B 38 8.85 -13.58 -8.52
CA CYS B 38 8.02 -13.33 -7.34
C CYS B 38 7.97 -14.57 -6.45
N TYR B 39 7.47 -14.41 -5.23
CA TYR B 39 7.36 -15.51 -4.30
C TYR B 39 6.11 -15.39 -3.44
N ILE B 40 5.40 -16.50 -3.26
CA ILE B 40 4.18 -16.52 -2.46
C ILE B 40 4.39 -17.27 -1.16
N MET B 41 3.84 -16.72 -0.08
CA MET B 41 3.96 -17.34 1.23
C MET B 41 2.59 -17.55 1.87
N LYS B 42 2.47 -18.58 2.70
CA LYS B 42 1.21 -18.88 3.37
C LYS B 42 1.21 -18.34 4.79
N ILE B 43 0.11 -17.67 5.16
CA ILE B 43 -0.02 -17.09 6.49
C ILE B 43 -1.18 -17.72 7.25
N ALA B 44 -1.17 -17.59 8.57
CA ALA B 44 -2.21 -18.14 9.40
C ALA B 44 -2.97 -17.04 10.15
N PRO B 45 -4.28 -17.24 10.34
CA PRO B 45 -5.14 -16.27 11.03
C PRO B 45 -4.84 -16.19 12.52
N GLU B 46 -4.34 -17.29 13.07
CA GLU B 46 -4.01 -17.35 14.49
C GLU B 46 -2.66 -16.67 14.77
N SER B 47 -1.82 -16.63 13.75
CA SER B 47 -0.50 -16.01 13.88
C SER B 47 -0.07 -15.34 12.57
N ILE B 48 -0.66 -14.18 12.30
CA ILE B 48 -0.33 -13.45 11.07
C ILE B 48 1.08 -12.88 11.13
N PRO B 49 1.95 -13.39 10.25
CA PRO B 49 3.35 -12.97 10.17
C PRO B 49 3.49 -11.55 9.62
N SER B 50 3.17 -10.56 10.46
CA SER B 50 3.25 -9.16 10.05
C SER B 50 4.63 -8.83 9.50
N LEU B 51 4.80 -7.61 9.03
CA LEU B 51 6.08 -7.17 8.47
C LEU B 51 7.22 -7.49 9.43
N GLU B 52 6.92 -7.50 10.73
CA GLU B 52 7.93 -7.78 11.75
C GLU B 52 8.65 -9.09 11.43
N ALA B 53 7.88 -10.13 11.11
CA ALA B 53 8.46 -11.44 10.79
C ALA B 53 9.02 -11.45 9.37
N LEU B 54 8.31 -10.80 8.46
CA LEU B 54 8.75 -10.74 7.07
C LEU B 54 10.17 -10.21 6.96
N THR B 55 10.41 -9.04 7.54
CA THR B 55 11.73 -8.41 7.51
C THR B 55 12.77 -9.33 8.14
N ARG B 56 12.34 -10.15 9.09
CA ARG B 56 13.24 -11.08 9.77
C ARG B 56 13.84 -12.08 8.79
N LYS B 57 12.97 -12.77 8.06
CA LYS B 57 13.41 -13.76 7.08
C LYS B 57 13.93 -13.08 5.81
N VAL B 58 13.39 -11.90 5.51
CA VAL B 58 13.80 -11.15 4.33
C VAL B 58 15.23 -10.66 4.47
N HIS B 59 15.64 -10.39 5.70
CA HIS B 59 16.99 -9.91 5.97
C HIS B 59 18.03 -10.90 5.46
N ASN B 60 17.71 -12.18 5.52
CA ASN B 60 18.61 -13.23 5.06
C ASN B 60 18.81 -13.15 3.55
N PHE B 61 17.84 -12.56 2.87
CA PHE B 61 17.90 -12.42 1.42
C PHE B 61 18.09 -13.79 0.75
N GLN B 62 17.48 -14.81 1.34
CA GLN B 62 17.59 -16.16 0.80
C GLN B 62 17.08 -16.22 -0.63
N MET B 63 16.09 -15.39 -0.93
CA MET B 63 15.52 -15.35 -2.27
C MET B 63 16.51 -14.76 -3.27
N GLU B 64 16.48 -13.44 -3.42
CA GLU B 64 17.37 -12.75 -4.35
C GLU B 64 17.38 -13.44 -5.71
N CYS B 65 16.22 -13.94 -6.12
CA CYS B 65 16.09 -14.63 -7.41
C CYS B 65 17.16 -15.70 -7.56
N SER B 66 17.57 -16.28 -6.44
CA SER B 66 18.60 -17.32 -6.46
C SER B 66 18.11 -18.57 -5.71
N LEU B 67 17.24 -18.37 -4.74
CA LEU B 67 16.71 -19.47 -3.95
C LEU B 67 17.76 -20.55 -3.74
N GLN B 68 18.64 -20.33 -2.77
CA GLN B 68 19.71 -21.28 -2.47
C GLN B 68 19.30 -22.19 -1.31
N ALA B 69 19.00 -23.45 -1.63
CA ALA B 69 18.60 -24.42 -0.62
C ALA B 69 17.36 -23.95 0.13
N LYS B 70 16.63 -23.02 -0.47
CA LYS B 70 15.41 -22.48 0.14
C LYS B 70 14.27 -23.50 0.06
N PRO B 71 13.88 -23.84 -1.18
CA PRO B 71 12.80 -24.80 -1.42
C PRO B 71 13.19 -26.23 -1.03
N ALA B 72 12.35 -27.19 -1.41
CA ALA B 72 12.60 -28.59 -1.10
C ALA B 72 13.69 -29.15 -2.00
N VAL B 73 14.05 -28.39 -3.03
CA VAL B 73 15.09 -28.82 -3.98
C VAL B 73 16.37 -28.03 -3.77
N PRO B 74 17.29 -28.60 -2.97
CA PRO B 74 18.58 -27.96 -2.67
C PRO B 74 19.51 -27.94 -3.88
N THR B 75 19.29 -28.88 -4.80
CA THR B 75 20.11 -28.97 -6.00
C THR B 75 21.55 -29.31 -5.67
N SER B 76 21.74 -30.15 -4.64
CA SER B 76 23.07 -30.55 -4.21
C SER B 76 23.50 -31.84 -4.92
N LYS B 77 22.56 -32.75 -5.10
CA LYS B 77 22.85 -34.02 -5.76
C LYS B 77 21.75 -34.37 -6.76
N LEU B 78 21.22 -33.34 -7.43
CA LEU B 78 20.15 -33.54 -8.41
C LEU B 78 20.74 -33.87 -9.78
N GLY B 79 19.87 -34.11 -10.76
CA GLY B 79 20.32 -34.43 -12.10
C GLY B 79 19.72 -33.51 -13.14
N GLN B 80 18.75 -34.03 -13.89
CA GLN B 80 18.10 -33.25 -14.93
C GLN B 80 16.83 -32.59 -14.40
N ALA B 81 16.06 -33.33 -13.62
CA ALA B 81 14.82 -32.83 -13.05
C ALA B 81 15.07 -32.17 -11.70
N GLU B 82 14.35 -31.09 -11.42
CA GLU B 82 14.51 -30.37 -10.17
C GLU B 82 13.14 -30.16 -9.49
N GLY B 83 13.12 -29.31 -8.48
CA GLY B 83 11.89 -29.04 -7.76
C GLY B 83 11.28 -27.70 -8.15
N ARG B 84 10.64 -27.04 -7.19
CA ARG B 84 10.02 -25.75 -7.44
C ARG B 84 8.81 -25.89 -8.36
N ASP B 85 9.09 -26.11 -9.65
CA ASP B 85 8.02 -26.26 -10.64
C ASP B 85 7.75 -27.74 -10.91
N ALA B 86 8.44 -28.61 -10.19
CA ALA B 86 8.27 -30.05 -10.34
C ALA B 86 8.06 -30.73 -8.99
N GLY B 87 8.72 -30.20 -7.96
CA GLY B 87 8.59 -30.76 -6.63
C GLY B 87 7.73 -29.92 -5.71
N SER B 88 7.79 -28.60 -5.90
CA SER B 88 7.03 -27.67 -5.08
C SER B 88 5.96 -26.97 -5.91
N ALA B 89 5.33 -27.72 -6.81
CA ALA B 89 4.29 -27.16 -7.66
C ALA B 89 3.63 -28.25 -8.51
N PRO B 90 2.64 -28.94 -7.92
CA PRO B 90 1.92 -30.02 -8.59
C PRO B 90 1.02 -29.50 -9.70
N SER B 91 1.58 -29.36 -10.90
CA SER B 91 0.83 -28.87 -12.05
C SER B 91 0.23 -27.49 -11.77
N GLY B 92 -0.69 -27.07 -12.62
CA GLY B 92 -1.32 -25.78 -12.44
C GLY B 92 -1.96 -25.62 -11.08
N GLY B 93 -2.22 -26.75 -10.42
CA GLY B 93 -2.83 -26.71 -9.11
C GLY B 93 -1.99 -25.97 -8.08
N ASP B 94 -0.72 -25.75 -8.42
CA ASP B 94 0.19 -25.05 -7.52
C ASP B 94 -0.39 -23.71 -7.10
N PRO B 95 -0.13 -23.32 -5.84
CA PRO B 95 -0.62 -22.04 -5.29
C PRO B 95 0.07 -20.83 -5.92
N ALA B 96 0.24 -20.87 -7.24
CA ALA B 96 0.88 -19.78 -7.96
C ALA B 96 -0.12 -19.07 -8.86
N PHE B 97 -1.25 -19.71 -9.12
CA PHE B 97 -2.28 -19.14 -9.97
C PHE B 97 -3.49 -18.69 -9.14
N LEU B 98 -3.22 -18.22 -7.93
CA LEU B 98 -4.27 -17.75 -7.04
C LEU B 98 -4.10 -16.27 -6.70
N GLY B 99 -5.20 -15.62 -6.35
CA GLY B 99 -5.15 -14.20 -6.01
C GLY B 99 -4.82 -13.34 -7.21
N MET B 100 -5.69 -12.38 -7.50
CA MET B 100 -5.50 -11.48 -8.63
C MET B 100 -4.43 -10.43 -8.32
N ALA B 101 -4.47 -9.92 -7.10
CA ALA B 101 -3.50 -8.91 -6.66
C ALA B 101 -2.07 -9.37 -6.93
N VAL B 102 -1.72 -10.52 -6.37
CA VAL B 102 -0.37 -11.07 -6.55
C VAL B 102 -0.02 -11.18 -8.03
N SER B 103 -1.03 -11.38 -8.86
CA SER B 103 -0.82 -11.51 -10.30
C SER B 103 -0.27 -10.21 -10.89
N THR B 104 -0.63 -9.09 -10.27
CA THR B 104 -0.17 -7.79 -10.72
C THR B 104 1.24 -7.51 -10.24
N LEU B 105 1.46 -7.67 -8.93
CA LEU B 105 2.77 -7.43 -8.34
C LEU B 105 3.79 -8.43 -8.86
N CYS B 106 3.35 -9.67 -9.06
CA CYS B 106 4.23 -10.73 -9.54
C CYS B 106 4.20 -10.79 -11.07
N GLY B 107 3.58 -9.79 -11.69
CA GLY B 107 3.49 -9.76 -13.13
C GLY B 107 3.12 -11.10 -13.73
N GLU B 108 2.32 -11.87 -13.00
CA GLU B 108 1.90 -13.19 -13.46
C GLU B 108 3.10 -14.07 -13.78
N VAL B 109 4.07 -14.08 -12.88
CA VAL B 109 5.28 -14.88 -13.07
C VAL B 109 5.23 -16.15 -12.24
N PRO B 110 5.96 -17.18 -12.69
CA PRO B 110 6.01 -18.48 -12.00
C PRO B 110 6.77 -18.39 -10.68
N LEU B 111 6.03 -18.19 -9.59
CA LEU B 111 6.64 -18.10 -8.26
C LEU B 111 6.75 -19.48 -7.62
N TYR B 112 7.74 -19.64 -6.75
CA TYR B 112 7.95 -20.91 -6.07
C TYR B 112 7.93 -20.72 -4.55
N TYR B 113 7.37 -21.70 -3.84
CA TYR B 113 7.27 -21.64 -2.39
C TYR B 113 8.65 -21.44 -1.77
N ILE B 114 8.74 -20.48 -0.84
CA ILE B 114 10.00 -20.19 -0.17
C ILE B 114 10.03 -20.80 1.22
N GLY C 1 -15.56 12.75 0.94
CA GLY C 1 -15.83 13.51 -0.27
C GLY C 1 -17.14 13.11 -0.91
N SER C 2 -17.18 13.20 -2.24
CA SER C 2 -18.39 12.85 -2.99
C SER C 2 -18.32 11.41 -3.48
N GLU C 3 -17.74 10.53 -2.67
CA GLU C 3 -17.62 9.12 -3.03
C GLU C 3 -17.57 8.25 -1.77
N HIS C 4 -17.42 6.94 -1.98
CA HIS C 4 -17.36 6.00 -0.86
C HIS C 4 -17.07 4.59 -1.38
N LEU C 5 -16.07 4.46 -2.23
CA LEU C 5 -15.69 3.17 -2.78
C LEU C 5 -14.61 2.50 -1.95
N VAL C 6 -13.48 3.19 -1.79
CA VAL C 6 -12.37 2.66 -1.01
C VAL C 6 -12.13 1.19 -1.30
N THR C 7 -11.38 0.53 -0.43
CA THR C 7 -11.08 -0.89 -0.60
C THR C 7 -10.23 -1.13 -1.84
N THR C 8 -9.06 -0.51 -1.88
CA THR C 8 -8.15 -0.65 -3.01
C THR C 8 -6.74 -1.00 -2.55
N ALA C 9 -5.87 -1.34 -3.50
CA ALA C 9 -4.50 -1.70 -3.19
C ALA C 9 -3.53 -0.63 -3.67
N THR C 10 -2.40 -0.49 -2.97
CA THR C 10 -1.40 0.50 -3.33
C THR C 10 -0.07 -0.17 -3.68
N PHE C 11 0.39 0.05 -4.91
CA PHE C 11 1.64 -0.53 -5.38
C PHE C 11 2.62 0.56 -5.80
N SER C 12 3.87 0.41 -5.39
CA SER C 12 4.90 1.38 -5.73
C SER C 12 5.42 1.17 -7.15
N ILE C 13 5.97 2.21 -7.74
CA ILE C 13 6.50 2.13 -9.10
C ILE C 13 7.93 2.67 -9.16
N GLY C 14 8.58 2.49 -10.30
CA GLY C 14 9.94 2.95 -10.48
C GLY C 14 10.86 2.48 -9.36
N SER C 15 11.27 3.41 -8.50
CA SER C 15 12.16 3.08 -7.39
C SER C 15 11.54 3.53 -6.07
N THR C 16 10.86 4.66 -6.08
CA THR C 16 10.23 5.19 -4.88
C THR C 16 8.92 5.89 -5.21
N GLY C 17 8.12 5.27 -6.08
CA GLY C 17 6.85 5.84 -6.47
C GLY C 17 5.68 5.17 -5.77
N LEU C 18 4.47 5.65 -6.06
CA LEU C 18 3.26 5.09 -5.46
C LEU C 18 2.09 5.19 -6.42
N VAL C 19 1.34 4.08 -6.55
CA VAL C 19 0.18 4.04 -7.43
C VAL C 19 -0.85 3.05 -6.93
N VAL C 20 -2.07 3.52 -6.73
CA VAL C 20 -3.16 2.67 -6.25
C VAL C 20 -3.95 2.08 -7.42
N TYR C 21 -4.51 0.90 -7.21
CA TYR C 21 -5.29 0.23 -8.24
C TYR C 21 -6.69 -0.11 -7.73
N ASP C 22 -7.65 0.76 -8.05
CA ASP C 22 -9.02 0.55 -7.62
C ASP C 22 -9.56 -0.79 -8.14
N TYR C 23 -9.54 -1.80 -7.28
CA TYR C 23 -10.02 -3.13 -7.64
C TYR C 23 -11.54 -3.20 -7.58
N GLN C 24 -12.20 -2.35 -8.34
CA GLN C 24 -13.65 -2.32 -8.37
C GLN C 24 -14.16 -1.39 -9.47
N GLN C 25 -13.94 -0.09 -9.29
CA GLN C 25 -14.37 0.91 -10.26
C GLN C 25 -13.38 1.02 -11.41
N LEU C 26 -12.26 0.30 -11.29
CA LEU C 26 -11.23 0.32 -12.31
C LEU C 26 -10.63 1.71 -12.47
N LEU C 27 -9.91 2.15 -11.44
CA LEU C 27 -9.28 3.47 -11.45
C LEU C 27 -7.85 3.40 -10.94
N ILE C 28 -7.02 4.35 -11.35
CA ILE C 28 -5.63 4.40 -10.93
C ILE C 28 -5.26 5.80 -10.43
N ALA C 29 -4.35 5.84 -9.47
CA ALA C 29 -3.89 7.12 -8.91
C ALA C 29 -2.39 7.28 -9.08
N TYR C 30 -1.99 8.35 -9.78
CA TYR C 30 -0.58 8.62 -10.02
C TYR C 30 -0.26 10.09 -9.80
N LYS C 31 0.76 10.36 -9.00
CA LYS C 31 1.17 11.73 -8.72
C LYS C 31 2.61 11.77 -8.22
N PRO C 32 3.30 12.90 -8.48
CA PRO C 32 4.69 13.09 -8.05
C PRO C 32 4.82 13.25 -6.54
N ALA C 33 4.69 14.48 -6.07
CA ALA C 33 4.79 14.77 -4.64
C ALA C 33 3.43 14.68 -3.96
N PRO C 34 3.44 14.53 -2.63
CA PRO C 34 2.21 14.43 -1.84
C PRO C 34 1.45 15.75 -1.79
N GLY C 35 0.19 15.72 -2.23
CA GLY C 35 -0.63 16.91 -2.23
C GLY C 35 -0.41 17.77 -3.45
N THR C 36 -0.01 17.14 -4.56
CA THR C 36 0.23 17.85 -5.80
C THR C 36 -0.65 17.31 -6.93
N CYS C 37 -0.38 17.76 -8.15
CA CYS C 37 -1.15 17.33 -9.31
C CYS C 37 -1.27 15.81 -9.34
N CYS C 38 -2.44 15.33 -9.76
CA CYS C 38 -2.68 13.89 -9.84
C CYS C 38 -3.20 13.50 -11.22
N TYR C 39 -3.20 12.20 -11.51
CA TYR C 39 -3.66 11.70 -12.79
C TYR C 39 -4.40 10.37 -12.62
N ILE C 40 -5.53 10.24 -13.32
CA ILE C 40 -6.32 9.02 -13.25
C ILE C 40 -6.25 8.24 -14.56
N MET C 41 -6.13 6.92 -14.46
CA MET C 41 -6.07 6.06 -15.63
C MET C 41 -7.13 4.97 -15.57
N LYS C 42 -7.59 4.54 -16.73
CA LYS C 42 -8.60 3.50 -16.81
C LYS C 42 -7.96 2.13 -17.11
N ILE C 43 -8.37 1.12 -16.35
CA ILE C 43 -7.84 -0.22 -16.52
C ILE C 43 -8.94 -1.19 -16.95
N ALA C 44 -8.53 -2.33 -17.51
CA ALA C 44 -9.47 -3.35 -17.96
C ALA C 44 -9.30 -4.64 -17.18
N PRO C 45 -10.42 -5.33 -16.90
CA PRO C 45 -10.41 -6.59 -16.16
C PRO C 45 -9.78 -7.73 -16.96
N GLU C 46 -9.86 -7.63 -18.29
CA GLU C 46 -9.30 -8.65 -19.16
C GLU C 46 -7.79 -8.50 -19.28
N SER C 47 -7.30 -7.28 -19.06
CA SER C 47 -5.87 -7.01 -19.14
C SER C 47 -5.47 -5.92 -18.14
N ILE C 48 -5.38 -6.30 -16.88
CA ILE C 48 -5.01 -5.36 -15.83
C ILE C 48 -3.55 -4.94 -15.96
N PRO C 49 -3.33 -3.65 -16.27
CA PRO C 49 -2.00 -3.09 -16.43
C PRO C 49 -1.24 -3.00 -15.11
N SER C 50 -0.71 -4.13 -14.66
CA SER C 50 0.03 -4.18 -13.40
C SER C 50 1.17 -3.16 -13.40
N LEU C 51 1.89 -3.08 -12.29
CA LEU C 51 2.99 -2.16 -12.16
C LEU C 51 3.93 -2.25 -13.36
N GLU C 52 4.05 -3.45 -13.92
CA GLU C 52 4.90 -3.68 -15.07
C GLU C 52 4.61 -2.68 -16.18
N ALA C 53 3.32 -2.47 -16.46
CA ALA C 53 2.90 -1.54 -17.50
C ALA C 53 3.03 -0.10 -17.02
N LEU C 54 2.64 0.14 -15.77
CA LEU C 54 2.70 1.48 -15.19
C LEU C 54 4.11 2.04 -15.29
N THR C 55 5.09 1.29 -14.78
CA THR C 55 6.48 1.73 -14.81
C THR C 55 6.95 1.94 -16.25
N ARG C 56 6.37 1.19 -17.18
CA ARG C 56 6.74 1.31 -18.59
C ARG C 56 6.42 2.71 -19.12
N LYS C 57 5.18 3.14 -18.95
CA LYS C 57 4.75 4.45 -19.42
C LYS C 57 5.25 5.54 -18.48
N VAL C 58 5.41 5.20 -17.20
CA VAL C 58 5.89 6.16 -16.20
C VAL C 58 7.35 6.50 -16.43
N HIS C 59 8.10 5.57 -17.00
CA HIS C 59 9.52 5.77 -17.28
C HIS C 59 9.71 6.99 -18.18
N ASN C 60 8.78 7.19 -19.10
CA ASN C 60 8.85 8.31 -20.04
C ASN C 60 8.69 9.63 -19.31
N PHE C 61 8.05 9.58 -18.15
CA PHE C 61 7.82 10.78 -17.34
C PHE C 61 7.05 11.83 -18.15
N GLN C 62 6.15 11.37 -19.01
CA GLN C 62 5.35 12.27 -19.83
C GLN C 62 4.58 13.26 -18.97
N MET C 63 4.16 12.82 -17.79
CA MET C 63 3.42 13.67 -16.87
C MET C 63 4.31 14.77 -16.30
N GLU C 64 4.97 14.46 -15.18
CA GLU C 64 5.85 15.44 -14.54
C GLU C 64 5.17 16.78 -14.39
N CYS C 65 3.86 16.76 -14.13
CA CYS C 65 3.09 17.98 -13.96
C CYS C 65 3.32 18.93 -15.14
N SER C 66 3.58 18.37 -16.31
CA SER C 66 3.83 19.17 -17.50
C SER C 66 2.92 18.72 -18.65
N LEU C 67 2.56 17.44 -18.64
CA LEU C 67 1.70 16.88 -19.69
C LEU C 67 2.01 17.51 -21.03
N GLN C 68 3.06 17.03 -21.68
CA GLN C 68 3.46 17.55 -22.99
C GLN C 68 2.90 16.67 -24.10
N ALA C 69 1.91 17.18 -24.81
CA ALA C 69 1.29 16.46 -25.91
C ALA C 69 0.73 15.12 -25.43
N LYS C 70 0.51 15.00 -24.13
CA LYS C 70 -0.02 13.78 -23.54
C LYS C 70 -1.51 13.63 -23.85
N PRO C 71 -2.31 14.59 -23.34
CA PRO C 71 -3.75 14.60 -23.55
C PRO C 71 -4.14 14.89 -25.00
N ALA C 72 -5.43 15.10 -25.23
CA ALA C 72 -5.93 15.39 -26.57
C ALA C 72 -5.58 16.81 -26.98
N VAL C 73 -5.12 17.61 -26.03
CA VAL C 73 -4.75 19.00 -26.30
C VAL C 73 -3.23 19.17 -26.28
N PRO C 74 -2.62 19.08 -27.48
CA PRO C 74 -1.17 19.24 -27.63
C PRO C 74 -0.70 20.66 -27.38
N THR C 75 -1.61 21.62 -27.57
CA THR C 75 -1.29 23.03 -27.37
C THR C 75 -0.25 23.51 -28.37
N SER C 76 -0.33 23.00 -29.60
CA SER C 76 0.62 23.37 -30.65
C SER C 76 0.09 24.55 -31.45
N LYS C 77 -1.21 24.55 -31.71
CA LYS C 77 -1.85 25.63 -32.47
C LYS C 77 -3.14 26.07 -31.80
N LEU C 78 -3.16 26.06 -30.48
CA LEU C 78 -4.34 26.47 -29.72
C LEU C 78 -4.37 27.98 -29.53
N GLY C 79 -5.44 28.46 -28.89
CA GLY C 79 -5.56 29.89 -28.66
C GLY C 79 -5.78 30.22 -27.19
N GLN C 80 -7.02 30.56 -26.83
CA GLN C 80 -7.35 30.90 -25.45
C GLN C 80 -7.87 29.67 -24.71
N ALA C 81 -8.73 28.90 -25.38
CA ALA C 81 -9.29 27.69 -24.77
C ALA C 81 -8.42 26.48 -25.04
N GLU C 82 -8.34 25.59 -24.06
CA GLU C 82 -7.53 24.37 -24.19
C GLU C 82 -8.34 23.14 -23.83
N GLY C 83 -7.66 22.01 -23.68
CA GLY C 83 -8.34 20.77 -23.34
C GLY C 83 -8.18 20.41 -21.88
N ARG C 84 -8.09 19.11 -21.59
CA ARG C 84 -7.94 18.63 -20.23
C ARG C 84 -9.19 18.91 -19.41
N ASP C 85 -9.40 20.16 -19.04
CA ASP C 85 -10.57 20.55 -18.25
C ASP C 85 -11.67 21.10 -19.16
N ALA C 86 -11.42 21.08 -20.46
CA ALA C 86 -12.39 21.58 -21.43
C ALA C 86 -12.62 20.57 -22.55
N GLY C 87 -11.56 19.84 -22.91
CA GLY C 87 -11.67 18.85 -23.97
C GLY C 87 -11.66 17.44 -23.43
N SER C 88 -10.93 17.21 -22.35
CA SER C 88 -10.85 15.89 -21.74
C SER C 88 -11.50 15.88 -20.37
N ALA C 89 -12.63 16.57 -20.25
CA ALA C 89 -13.35 16.64 -18.99
C ALA C 89 -14.68 17.37 -19.17
N PRO C 90 -15.72 16.62 -19.61
CA PRO C 90 -17.05 17.17 -19.82
C PRO C 90 -17.76 17.53 -18.51
N SER C 91 -17.50 18.75 -18.03
CA SER C 91 -18.11 19.21 -16.79
C SER C 91 -17.76 18.28 -15.63
N GLY C 92 -18.47 18.44 -14.52
CA GLY C 92 -18.22 17.60 -13.36
C GLY C 92 -18.32 16.12 -13.68
N GLY C 93 -18.99 15.80 -14.78
CA GLY C 93 -19.15 14.41 -15.17
C GLY C 93 -17.82 13.73 -15.42
N ASP C 94 -16.76 14.52 -15.59
CA ASP C 94 -15.43 13.98 -15.83
C ASP C 94 -15.05 12.96 -14.76
N PRO C 95 -14.32 11.91 -15.19
CA PRO C 95 -13.88 10.85 -14.29
C PRO C 95 -12.82 11.32 -13.30
N ALA C 96 -13.02 12.51 -12.75
CA ALA C 96 -12.09 13.08 -11.79
C ALA C 96 -12.71 13.16 -10.40
N PHE C 97 -14.03 13.04 -10.33
CA PHE C 97 -14.75 13.11 -9.07
C PHE C 97 -15.26 11.73 -8.66
N LEU C 98 -14.50 10.69 -8.99
CA LEU C 98 -14.88 9.33 -8.67
C LEU C 98 -13.85 8.68 -7.75
N GLY C 99 -14.28 7.68 -6.98
CA GLY C 99 -13.37 6.99 -6.07
C GLY C 99 -12.92 7.88 -4.94
N MET C 100 -13.17 7.43 -3.71
CA MET C 100 -12.79 8.20 -2.52
C MET C 100 -11.28 8.10 -2.28
N ALA C 101 -10.73 6.90 -2.46
CA ALA C 101 -9.31 6.67 -2.26
C ALA C 101 -8.48 7.67 -3.05
N VAL C 102 -8.70 7.72 -4.36
CA VAL C 102 -7.97 8.63 -5.23
C VAL C 102 -8.09 10.07 -4.73
N SER C 103 -9.22 10.37 -4.11
CA SER C 103 -9.46 11.72 -3.59
C SER C 103 -8.44 12.08 -2.52
N THR C 104 -7.96 11.08 -1.80
CA THR C 104 -6.98 11.29 -0.75
C THR C 104 -5.57 11.44 -1.32
N LEU C 105 -5.18 10.47 -2.15
CA LEU C 105 -3.87 10.50 -2.78
C LEU C 105 -3.72 11.68 -3.72
N CYS C 106 -4.81 12.04 -4.38
CA CYS C 106 -4.82 13.16 -5.31
C CYS C 106 -5.22 14.45 -4.60
N GLY C 107 -5.30 14.39 -3.28
CA GLY C 107 -5.68 15.56 -2.50
C GLY C 107 -6.86 16.31 -3.11
N GLU C 108 -7.76 15.56 -3.73
CA GLU C 108 -8.94 16.15 -4.36
C GLU C 108 -8.54 17.23 -5.36
N VAL C 109 -7.54 16.93 -6.19
CA VAL C 109 -7.07 17.88 -7.18
C VAL C 109 -7.62 17.55 -8.57
N PRO C 110 -7.72 18.57 -9.43
CA PRO C 110 -8.22 18.40 -10.80
C PRO C 110 -7.26 17.63 -11.69
N LEU C 111 -7.48 16.32 -11.77
CA LEU C 111 -6.63 15.45 -12.59
C LEU C 111 -7.13 15.38 -14.03
N TYR C 112 -6.23 15.17 -14.97
CA TYR C 112 -6.57 15.09 -16.38
C TYR C 112 -6.14 13.75 -16.97
N TYR C 113 -6.97 13.20 -17.85
CA TYR C 113 -6.67 11.92 -18.49
C TYR C 113 -5.31 11.97 -19.18
N ILE C 114 -4.48 10.96 -18.91
CA ILE C 114 -3.16 10.88 -19.51
C ILE C 114 -3.14 9.90 -20.67
N GLY A 1 -10.84 -10.01 18.11
CA GLY A 1 -11.04 -11.21 17.30
C GLY A 1 -10.82 -10.94 15.82
N SER A 2 -9.87 -10.07 15.51
CA SER A 2 -9.57 -9.73 14.12
C SER A 2 -8.37 -10.53 13.62
N GLU A 3 -8.51 -11.13 12.45
CA GLU A 3 -7.44 -11.92 11.86
C GLU A 3 -7.63 -12.05 10.35
N HIS A 4 -8.86 -12.29 9.93
CA HIS A 4 -9.18 -12.43 8.51
C HIS A 4 -9.92 -11.21 8.00
N LEU A 5 -9.52 -10.03 8.48
CA LEU A 5 -10.15 -8.78 8.06
C LEU A 5 -9.19 -7.61 8.23
N VAL A 6 -9.26 -6.66 7.30
CA VAL A 6 -8.40 -5.48 7.34
C VAL A 6 -9.09 -4.28 6.73
N THR A 7 -9.13 -4.24 5.41
CA THR A 7 -9.77 -3.14 4.69
C THR A 7 -9.10 -1.80 5.03
N THR A 8 -7.99 -1.52 4.35
CA THR A 8 -7.26 -0.28 4.58
C THR A 8 -6.26 -0.02 3.45
N ALA A 9 -5.77 1.21 3.37
CA ALA A 9 -4.81 1.59 2.35
C ALA A 9 -3.47 1.97 2.96
N THR A 10 -2.40 1.83 2.19
CA THR A 10 -1.07 2.15 2.66
C THR A 10 -0.42 3.23 1.79
N PHE A 11 0.32 4.13 2.42
CA PHE A 11 0.99 5.21 1.70
C PHE A 11 2.32 5.57 2.37
N SER A 12 3.35 5.74 1.56
CA SER A 12 4.68 6.08 2.06
C SER A 12 4.80 7.59 2.31
N ILE A 13 5.53 7.95 3.36
CA ILE A 13 5.72 9.36 3.70
C ILE A 13 7.14 9.81 3.35
N GLY A 14 7.39 11.12 3.51
CA GLY A 14 8.69 11.65 3.21
C GLY A 14 9.81 10.90 3.89
N SER A 15 11.05 11.25 3.57
CA SER A 15 12.21 10.59 4.17
C SER A 15 12.32 9.15 3.71
N THR A 16 11.55 8.27 4.35
CA THR A 16 11.56 6.86 4.00
C THR A 16 10.61 6.07 4.90
N GLY A 17 9.53 6.72 5.33
CA GLY A 17 8.56 6.07 6.19
C GLY A 17 7.29 5.70 5.45
N LEU A 18 6.36 5.04 6.14
CA LEU A 18 5.11 4.63 5.53
C LEU A 18 3.99 4.57 6.59
N VAL A 19 2.76 4.77 6.15
CA VAL A 19 1.62 4.74 7.05
C VAL A 19 0.37 4.24 6.33
N VAL A 20 -0.51 3.56 7.07
CA VAL A 20 -1.74 3.03 6.50
C VAL A 20 -2.96 3.75 7.08
N TYR A 21 -3.91 4.08 6.21
CA TYR A 21 -5.13 4.76 6.64
C TYR A 21 -6.32 3.80 6.64
N ASP A 22 -6.82 3.48 7.83
CA ASP A 22 -7.95 2.58 7.96
C ASP A 22 -9.26 3.28 7.55
N TYR A 23 -9.67 3.07 6.30
CA TYR A 23 -10.89 3.67 5.79
C TYR A 23 -12.12 2.96 6.33
N GLN A 24 -12.30 3.00 7.64
CA GLN A 24 -13.44 2.35 8.29
C GLN A 24 -13.42 2.59 9.79
N GLN A 25 -12.41 2.04 10.45
CA GLN A 25 -12.27 2.19 11.90
C GLN A 25 -11.56 3.48 12.26
N LEU A 26 -11.02 4.15 11.24
CA LEU A 26 -10.30 5.42 11.45
C LEU A 26 -9.06 5.20 12.29
N LEU A 27 -8.07 4.52 11.73
CA LEU A 27 -6.83 4.25 12.43
C LEU A 27 -5.63 4.41 11.50
N ILE A 28 -4.53 4.94 12.04
CA ILE A 28 -3.32 5.15 11.25
C ILE A 28 -2.15 4.38 11.84
N ALA A 29 -1.26 3.90 10.97
CA ALA A 29 -0.10 3.15 11.39
C ALA A 29 1.18 3.98 11.24
N TYR A 30 1.84 4.26 12.36
CA TYR A 30 3.07 5.03 12.34
C TYR A 30 4.13 4.40 13.24
N LYS A 31 5.32 4.19 12.68
CA LYS A 31 6.41 3.59 13.44
C LYS A 31 7.74 3.78 12.72
N PRO A 32 8.82 3.93 13.49
CA PRO A 32 10.18 4.12 12.94
C PRO A 32 10.70 2.86 12.26
N ALA A 33 11.32 1.99 13.04
CA ALA A 33 11.88 0.75 12.52
C ALA A 33 10.84 -0.37 12.55
N PRO A 34 11.11 -1.45 11.81
CA PRO A 34 10.22 -2.61 11.74
C PRO A 34 10.20 -3.40 13.04
N GLY A 35 9.16 -3.16 13.85
CA GLY A 35 9.04 -3.86 15.11
C GLY A 35 9.67 -3.10 16.27
N THR A 36 9.68 -1.77 16.15
CA THR A 36 10.28 -0.93 17.19
C THR A 36 9.34 0.23 17.54
N CYS A 37 8.43 -0.02 18.47
CA CYS A 37 7.48 1.00 18.91
C CYS A 37 6.52 1.37 17.78
N CYS A 38 5.26 1.60 18.12
CA CYS A 38 4.25 1.96 17.14
C CYS A 38 3.33 3.05 17.68
N TYR A 39 2.56 3.66 16.79
CA TYR A 39 1.63 4.72 17.18
C TYR A 39 0.37 4.67 16.33
N ILE A 40 -0.78 4.87 16.99
CA ILE A 40 -2.06 4.85 16.30
C ILE A 40 -2.80 6.17 16.48
N MET A 41 -3.43 6.64 15.41
CA MET A 41 -4.18 7.89 15.44
C MET A 41 -5.51 7.75 14.72
N LYS A 42 -6.43 8.69 14.97
CA LYS A 42 -7.74 8.67 14.34
C LYS A 42 -7.79 9.64 13.17
N ILE A 43 -8.69 9.37 12.22
CA ILE A 43 -8.84 10.22 11.05
C ILE A 43 -10.28 10.71 10.91
N ALA A 44 -10.49 11.64 9.99
CA ALA A 44 -11.82 12.19 9.75
C ALA A 44 -12.36 11.76 8.40
N PRO A 45 -13.61 11.27 8.37
CA PRO A 45 -14.26 10.81 7.15
C PRO A 45 -14.59 11.97 6.21
N GLU A 46 -14.80 13.15 6.78
CA GLU A 46 -15.13 14.34 5.97
C GLU A 46 -13.87 14.92 5.34
N SER A 47 -12.72 14.66 5.95
CA SER A 47 -11.45 15.17 5.45
C SER A 47 -10.29 14.28 5.91
N ILE A 48 -10.12 13.15 5.23
CA ILE A 48 -9.05 12.22 5.57
C ILE A 48 -7.69 12.89 5.46
N PRO A 49 -6.97 12.96 6.59
CA PRO A 49 -5.64 13.57 6.64
C PRO A 49 -4.59 12.74 5.92
N SER A 50 -4.60 12.80 4.59
CA SER A 50 -3.65 12.05 3.78
C SER A 50 -2.22 12.38 4.18
N LEU A 51 -1.26 11.76 3.50
CA LEU A 51 0.15 11.98 3.79
C LEU A 51 0.45 13.47 3.95
N GLU A 52 -0.29 14.29 3.20
CA GLU A 52 -0.10 15.75 3.27
C GLU A 52 -0.17 16.23 4.70
N ALA A 53 -1.23 15.85 5.41
CA ALA A 53 -1.41 16.25 6.80
C ALA A 53 -0.50 15.45 7.73
N LEU A 54 -0.32 14.17 7.42
CA LEU A 54 0.52 13.31 8.23
C LEU A 54 1.92 13.89 8.38
N THR A 55 2.55 14.22 7.25
CA THR A 55 3.88 14.80 7.26
C THR A 55 3.93 16.10 8.05
N ARG A 56 2.80 16.81 8.07
CA ARG A 56 2.71 18.07 8.79
C ARG A 56 2.98 17.86 10.28
N LYS A 57 2.20 16.97 10.89
CA LYS A 57 2.35 16.68 12.32
C LYS A 57 3.56 15.77 12.56
N VAL A 58 3.86 14.92 11.59
CA VAL A 58 4.99 13.99 11.69
C VAL A 58 6.31 14.76 11.78
N HIS A 59 6.37 15.89 11.08
CA HIS A 59 7.58 16.71 11.08
C HIS A 59 7.94 17.15 12.48
N ASN A 60 6.92 17.39 13.31
CA ASN A 60 7.12 17.83 14.69
C ASN A 60 7.79 16.73 15.51
N PHE A 61 7.62 15.48 15.07
CA PHE A 61 8.20 14.34 15.76
C PHE A 61 7.84 14.36 17.24
N GLN A 62 6.64 14.84 17.54
CA GLN A 62 6.17 14.91 18.92
C GLN A 62 5.66 13.55 19.40
N MET A 63 6.53 12.56 19.37
CA MET A 63 6.17 11.21 19.80
C MET A 63 7.35 10.54 20.51
N GLU A 64 8.25 9.97 19.73
CA GLU A 64 9.42 9.29 20.28
C GLU A 64 9.01 8.36 21.42
N CYS A 65 8.20 7.37 21.11
CA CYS A 65 7.73 6.42 22.11
C CYS A 65 7.17 7.14 23.33
N SER A 66 6.59 8.31 23.10
CA SER A 66 6.02 9.11 24.18
C SER A 66 4.99 10.09 23.64
N LEU A 67 4.51 10.97 24.51
CA LEU A 67 3.52 11.97 24.12
C LEU A 67 3.92 13.35 24.62
N GLN A 68 4.34 14.21 23.70
CA GLN A 68 4.75 15.57 24.05
C GLN A 68 3.69 16.24 24.93
N ALA A 69 2.61 16.70 24.30
CA ALA A 69 1.54 17.37 25.02
C ALA A 69 0.24 17.35 24.21
N LYS A 70 0.11 16.35 23.34
CA LYS A 70 -1.09 16.22 22.52
C LYS A 70 -2.30 15.85 23.35
N PRO A 71 -2.22 14.69 24.02
CA PRO A 71 -3.31 14.20 24.87
C PRO A 71 -3.48 15.03 26.14
N ALA A 72 -4.22 14.49 27.10
CA ALA A 72 -4.45 15.18 28.37
C ALA A 72 -3.27 15.02 29.30
N VAL A 73 -2.33 14.17 28.93
CA VAL A 73 -1.14 13.92 29.75
C VAL A 73 0.10 14.52 29.09
N PRO A 74 0.41 15.77 29.46
CA PRO A 74 1.58 16.48 28.93
C PRO A 74 2.89 15.91 29.44
N THR A 75 2.83 15.21 30.57
CA THR A 75 4.02 14.61 31.16
C THR A 75 5.01 15.67 31.61
N SER A 76 4.69 16.34 32.70
CA SER A 76 5.56 17.39 33.24
C SER A 76 5.29 17.61 34.73
N LYS A 77 4.01 17.65 35.09
CA LYS A 77 3.61 17.85 36.48
C LYS A 77 2.31 17.12 36.79
N LEU A 78 2.33 15.80 36.61
CA LEU A 78 1.15 14.98 36.88
C LEU A 78 0.96 14.77 38.38
N GLY A 79 -0.12 14.07 38.74
CA GLY A 79 -0.39 13.80 40.14
C GLY A 79 -0.98 12.43 40.36
N GLN A 80 -2.17 12.39 40.96
CA GLN A 80 -2.85 11.13 41.23
C GLN A 80 -3.47 10.56 39.96
N ALA A 81 -4.57 11.15 39.53
CA ALA A 81 -5.26 10.70 38.33
C ALA A 81 -4.67 11.36 37.08
N GLU A 82 -4.16 10.54 36.17
CA GLU A 82 -3.57 11.05 34.94
C GLU A 82 -4.28 10.48 33.72
N GLY A 83 -3.70 10.70 32.55
CA GLY A 83 -4.29 10.21 31.31
C GLY A 83 -3.71 8.87 30.88
N ARG A 84 -3.62 8.67 29.57
CA ARG A 84 -3.08 7.44 29.02
C ARG A 84 -4.00 6.25 29.33
N ASP A 85 -3.99 5.81 30.57
CA ASP A 85 -4.82 4.69 31.00
C ASP A 85 -6.01 5.18 31.83
N ALA A 86 -6.14 6.49 31.96
CA ALA A 86 -7.22 7.09 32.72
C ALA A 86 -7.65 8.42 32.13
N GLY A 87 -7.35 8.62 30.85
CA GLY A 87 -7.71 9.86 30.18
C GLY A 87 -7.78 9.71 28.67
N SER A 88 -6.85 8.95 28.12
CA SER A 88 -6.80 8.73 26.67
C SER A 88 -6.95 7.25 26.34
N ALA A 89 -7.84 6.57 27.06
CA ALA A 89 -8.09 5.15 26.85
C ALA A 89 -9.25 4.66 27.71
N PRO A 90 -10.48 4.97 27.27
CA PRO A 90 -11.70 4.57 27.98
C PRO A 90 -11.93 3.07 27.91
N SER A 91 -11.24 2.31 28.75
CA SER A 91 -11.38 0.86 28.77
C SER A 91 -10.92 0.25 27.46
N GLY A 92 -11.33 -1.00 27.21
CA GLY A 92 -10.94 -1.68 25.99
C GLY A 92 -11.30 -0.88 24.75
N GLY A 93 -12.21 0.07 24.90
CA GLY A 93 -12.62 0.90 23.78
C GLY A 93 -11.46 1.66 23.16
N ASP A 94 -10.36 1.75 23.90
CA ASP A 94 -9.17 2.47 23.43
C ASP A 94 -8.76 1.97 22.05
N PRO A 95 -8.36 2.90 21.17
CA PRO A 95 -7.93 2.58 19.81
C PRO A 95 -6.59 1.83 19.78
N ALA A 96 -6.09 1.47 20.96
CA ALA A 96 -4.83 0.76 21.07
C ALA A 96 -4.76 -0.39 20.08
N PHE A 97 -5.90 -1.05 19.87
CA PHE A 97 -5.97 -2.18 18.95
C PHE A 97 -7.40 -2.38 18.44
N LEU A 98 -7.62 -2.02 17.17
CA LEU A 98 -8.94 -2.16 16.57
C LEU A 98 -8.85 -2.84 15.20
N GLY A 99 -7.84 -2.46 14.43
CA GLY A 99 -7.65 -3.04 13.12
C GLY A 99 -6.54 -4.08 13.10
N MET A 100 -6.69 -5.08 12.23
CA MET A 100 -5.70 -6.14 12.11
C MET A 100 -4.45 -5.64 11.37
N ALA A 101 -4.66 -4.78 10.38
CA ALA A 101 -3.56 -4.23 9.60
C ALA A 101 -2.50 -3.61 10.51
N VAL A 102 -2.91 -2.65 11.32
CA VAL A 102 -1.99 -1.99 12.24
C VAL A 102 -1.28 -3.00 13.13
N SER A 103 -2.02 -4.00 13.60
CA SER A 103 -1.47 -5.03 14.46
C SER A 103 -0.31 -5.75 13.77
N THR A 104 -0.34 -5.75 12.45
CA THR A 104 0.70 -6.41 11.66
C THR A 104 1.96 -5.55 11.57
N LEU A 105 1.79 -4.33 11.06
CA LEU A 105 2.91 -3.40 10.93
C LEU A 105 3.60 -3.18 12.27
N CYS A 106 2.82 -2.86 13.29
CA CYS A 106 3.35 -2.62 14.62
C CYS A 106 3.92 -3.91 15.22
N GLY A 107 3.40 -5.04 14.75
CA GLY A 107 3.86 -6.32 15.25
C GLY A 107 3.47 -6.57 16.70
N GLU A 108 2.19 -6.34 17.01
CA GLU A 108 1.68 -6.53 18.36
C GLU A 108 2.58 -5.84 19.38
N VAL A 109 2.66 -4.51 19.29
CA VAL A 109 3.49 -3.74 20.21
C VAL A 109 2.69 -2.61 20.85
N PRO A 110 3.13 -2.17 22.03
CA PRO A 110 2.47 -1.09 22.78
C PRO A 110 2.63 0.26 22.10
N LEU A 111 1.51 0.94 21.87
CA LEU A 111 1.52 2.25 21.23
C LEU A 111 0.82 3.29 22.10
N TYR A 112 1.21 4.55 21.94
CA TYR A 112 0.62 5.64 22.71
C TYR A 112 0.17 6.78 21.79
N TYR A 113 -1.04 7.28 22.04
CA TYR A 113 -1.58 8.37 21.24
C TYR A 113 -0.62 9.55 21.18
N ILE A 114 0.08 9.69 20.05
CA ILE A 114 1.03 10.78 19.88
C ILE A 114 0.31 12.11 19.68
N GLY B 1 -9.96 -17.07 -12.56
CA GLY B 1 -10.95 -16.12 -13.03
C GLY B 1 -10.98 -14.86 -12.18
N SER B 2 -9.81 -14.44 -11.70
CA SER B 2 -9.71 -13.25 -10.88
C SER B 2 -9.27 -12.04 -11.71
N GLU B 3 -10.00 -10.94 -11.56
CA GLU B 3 -9.68 -9.72 -12.30
C GLU B 3 -10.25 -8.49 -11.59
N HIS B 4 -11.47 -8.61 -11.10
CA HIS B 4 -12.12 -7.51 -10.40
C HIS B 4 -12.18 -7.78 -8.89
N LEU B 5 -11.12 -8.38 -8.38
CA LEU B 5 -11.05 -8.69 -6.94
C LEU B 5 -9.59 -8.79 -6.48
N VAL B 6 -9.34 -8.32 -5.26
CA VAL B 6 -8.00 -8.34 -4.70
C VAL B 6 -8.04 -8.53 -3.19
N THR B 7 -8.37 -7.46 -2.47
CA THR B 7 -8.45 -7.51 -1.02
C THR B 7 -7.10 -7.87 -0.41
N THR B 8 -6.21 -6.88 -0.30
CA THR B 8 -4.89 -7.08 0.26
C THR B 8 -4.22 -5.76 0.59
N ALA B 9 -3.24 -5.81 1.50
CA ALA B 9 -2.51 -4.60 1.90
C ALA B 9 -1.07 -4.64 1.40
N THR B 10 -0.51 -3.46 1.16
CA THR B 10 0.87 -3.36 0.67
C THR B 10 1.75 -2.64 1.68
N PHE B 11 2.89 -3.26 2.00
CA PHE B 11 3.83 -2.70 2.96
C PHE B 11 5.25 -2.74 2.42
N SER B 12 5.99 -1.66 2.63
CA SER B 12 7.37 -1.57 2.17
C SER B 12 8.33 -2.20 3.17
N ILE B 13 9.45 -2.70 2.67
CA ILE B 13 10.45 -3.34 3.53
C ILE B 13 11.74 -2.51 3.57
N GLY B 14 12.66 -2.92 4.43
CA GLY B 14 13.92 -2.20 4.55
C GLY B 14 14.62 -2.01 3.22
N SER B 15 15.73 -1.28 3.23
CA SER B 15 16.47 -1.02 2.01
C SER B 15 15.68 -0.15 1.04
N THR B 16 14.77 -0.78 0.29
CA THR B 16 13.94 -0.07 -0.67
C THR B 16 13.02 -1.02 -1.41
N GLY B 17 12.59 -2.08 -0.72
CA GLY B 17 11.70 -3.05 -1.34
C GLY B 17 10.27 -2.90 -0.88
N LEU B 18 9.36 -3.65 -1.49
CA LEU B 18 7.95 -3.59 -1.14
C LEU B 18 7.30 -4.97 -1.28
N VAL B 19 6.37 -5.26 -0.38
CA VAL B 19 5.67 -6.55 -0.41
C VAL B 19 4.24 -6.40 0.09
N VAL B 20 3.33 -7.18 -0.50
CA VAL B 20 1.93 -7.14 -0.12
C VAL B 20 1.52 -8.40 0.62
N TYR B 21 0.56 -8.27 1.53
CA TYR B 21 0.07 -9.40 2.31
C TYR B 21 -1.42 -9.63 2.07
N ASP B 22 -1.73 -10.74 1.40
CA ASP B 22 -3.12 -11.09 1.11
C ASP B 22 -3.85 -11.52 2.38
N TYR B 23 -4.59 -10.59 2.96
CA TYR B 23 -5.33 -10.87 4.18
C TYR B 23 -6.61 -11.65 3.87
N GLN B 24 -6.45 -12.83 3.29
CA GLN B 24 -7.58 -13.67 2.93
C GLN B 24 -7.11 -14.99 2.33
N GLN B 25 -6.48 -14.91 1.15
CA GLN B 25 -5.99 -16.10 0.47
C GLN B 25 -4.65 -16.53 1.03
N LEU B 26 -4.06 -15.69 1.89
CA LEU B 26 -2.77 -15.98 2.49
C LEU B 26 -1.68 -16.07 1.44
N LEU B 27 -1.36 -14.93 0.84
CA LEU B 27 -0.32 -14.88 -0.19
C LEU B 27 0.52 -13.62 -0.05
N ILE B 28 1.78 -13.72 -0.46
CA ILE B 28 2.70 -12.58 -0.37
C ILE B 28 3.39 -12.33 -1.71
N ALA B 29 3.67 -11.06 -2.00
CA ALA B 29 4.34 -10.70 -3.25
C ALA B 29 5.75 -10.17 -2.98
N TYR B 30 6.74 -10.84 -3.53
CA TYR B 30 8.14 -10.45 -3.35
C TYR B 30 8.89 -10.52 -4.68
N LYS B 31 9.55 -9.43 -5.04
CA LYS B 31 10.32 -9.37 -6.27
C LYS B 31 11.31 -8.20 -6.25
N PRO B 32 12.45 -8.39 -6.92
CA PRO B 32 13.50 -7.37 -6.99
C PRO B 32 13.08 -6.16 -7.83
N ALA B 33 13.31 -6.25 -9.13
CA ALA B 33 12.95 -5.17 -10.04
C ALA B 33 11.52 -5.32 -10.54
N PRO B 34 10.96 -4.23 -11.10
CA PRO B 34 9.60 -4.22 -11.64
C PRO B 34 9.46 -5.06 -12.90
N GLY B 35 8.94 -6.27 -12.76
CA GLY B 35 8.77 -7.15 -13.90
C GLY B 35 9.96 -8.06 -14.11
N THR B 36 10.65 -8.40 -13.02
CA THR B 36 11.82 -9.26 -13.10
C THR B 36 11.76 -10.36 -12.04
N CYS B 37 11.12 -11.47 -12.37
CA CYS B 37 10.99 -12.59 -11.44
C CYS B 37 10.15 -12.19 -10.24
N CYS B 38 9.43 -13.17 -9.67
CA CYS B 38 8.59 -12.93 -8.51
C CYS B 38 8.59 -14.14 -7.57
N TYR B 39 8.06 -13.95 -6.38
CA TYR B 39 8.00 -15.02 -5.39
C TYR B 39 6.72 -14.95 -4.57
N ILE B 40 6.12 -16.09 -4.30
CA ILE B 40 4.88 -16.16 -3.53
C ILE B 40 5.06 -17.04 -2.29
N MET B 41 4.50 -16.59 -1.17
CA MET B 41 4.58 -17.33 0.08
C MET B 41 3.25 -17.30 0.82
N LYS B 42 3.11 -18.18 1.81
CA LYS B 42 1.89 -18.25 2.60
C LYS B 42 2.07 -17.55 3.96
N ILE B 43 0.97 -17.11 4.54
CA ILE B 43 1.02 -16.43 5.82
C ILE B 43 0.07 -17.09 6.83
N ALA B 44 0.24 -16.76 8.11
CA ALA B 44 -0.59 -17.32 9.16
C ALA B 44 -1.56 -16.27 9.70
N PRO B 45 -2.85 -16.64 9.82
CA PRO B 45 -3.89 -15.75 10.33
C PRO B 45 -3.73 -15.47 11.82
N GLU B 46 -3.14 -16.41 12.53
CA GLU B 46 -2.92 -16.26 13.97
C GLU B 46 -1.73 -15.35 14.26
N SER B 47 -0.82 -15.27 13.30
CA SER B 47 0.36 -14.43 13.45
C SER B 47 0.92 -14.03 12.09
N ILE B 48 0.28 -13.04 11.47
CA ILE B 48 0.71 -12.55 10.16
C ILE B 48 2.15 -12.04 10.21
N PRO B 49 3.03 -12.70 9.43
CA PRO B 49 4.45 -12.34 9.36
C PRO B 49 4.67 -10.99 8.66
N SER B 50 4.37 -9.91 9.36
CA SER B 50 4.52 -8.57 8.80
C SER B 50 5.96 -8.34 8.34
N LEU B 51 6.22 -7.16 7.81
CA LEU B 51 7.57 -6.80 7.35
C LEU B 51 8.62 -7.19 8.37
N GLU B 52 8.25 -7.16 9.65
CA GLU B 52 9.16 -7.50 10.72
C GLU B 52 9.81 -8.86 10.47
N ALA B 53 8.98 -9.87 10.23
CA ALA B 53 9.47 -11.22 9.97
C ALA B 53 9.97 -11.35 8.54
N LEU B 54 9.29 -10.67 7.61
CA LEU B 54 9.67 -10.72 6.21
C LEU B 54 11.14 -10.34 6.02
N THR B 55 11.52 -9.18 6.53
CA THR B 55 12.88 -8.69 6.42
C THR B 55 13.86 -9.71 6.99
N ARG B 56 13.41 -10.48 7.98
CA ARG B 56 14.24 -11.49 8.61
C ARG B 56 14.66 -12.55 7.61
N LYS B 57 13.69 -13.14 6.94
CA LYS B 57 13.95 -14.18 5.95
C LYS B 57 14.47 -13.58 4.65
N VAL B 58 14.04 -12.36 4.35
CA VAL B 58 14.47 -11.67 3.15
C VAL B 58 15.98 -11.43 3.16
N HIS B 59 16.52 -11.20 4.35
CA HIS B 59 17.95 -10.95 4.50
C HIS B 59 18.76 -12.15 4.01
N ASN B 60 18.21 -13.34 4.20
CA ASN B 60 18.88 -14.57 3.78
C ASN B 60 19.01 -14.63 2.27
N PHE B 61 18.12 -13.94 1.57
CA PHE B 61 18.14 -13.91 0.12
C PHE B 61 18.19 -15.32 -0.45
N GLN B 62 17.54 -16.26 0.24
CA GLN B 62 17.52 -17.64 -0.20
C GLN B 62 16.48 -17.87 -1.29
N MET B 63 16.61 -17.12 -2.38
CA MET B 63 15.68 -17.23 -3.50
C MET B 63 16.40 -17.08 -4.83
N GLU B 64 16.64 -15.83 -5.23
CA GLU B 64 17.33 -15.54 -6.48
C GLU B 64 16.75 -16.38 -7.62
N CYS B 65 15.46 -16.21 -7.88
CA CYS B 65 14.80 -16.96 -8.94
C CYS B 65 15.05 -18.45 -8.80
N SER B 66 15.19 -18.91 -7.56
CA SER B 66 15.44 -20.32 -7.29
C SER B 66 15.02 -20.69 -5.87
N LEU B 67 15.43 -21.87 -5.43
CA LEU B 67 15.10 -22.34 -4.09
C LEU B 67 16.31 -22.96 -3.41
N GLN B 68 16.88 -22.24 -2.45
CA GLN B 68 18.05 -22.71 -1.73
C GLN B 68 17.82 -24.11 -1.17
N ALA B 69 17.06 -24.20 -0.09
CA ALA B 69 16.76 -25.47 0.54
C ALA B 69 15.50 -25.38 1.40
N LYS B 70 14.65 -24.41 1.10
CA LYS B 70 13.42 -24.22 1.85
C LYS B 70 12.43 -25.34 1.57
N PRO B 71 12.03 -25.49 0.29
CA PRO B 71 11.09 -26.53 -0.13
C PRO B 71 11.70 -27.93 -0.05
N ALA B 72 11.00 -28.90 -0.63
CA ALA B 72 11.47 -30.29 -0.63
C ALA B 72 12.55 -30.49 -1.68
N VAL B 73 12.80 -29.46 -2.48
CA VAL B 73 13.82 -29.53 -3.53
C VAL B 73 15.00 -28.62 -3.21
N PRO B 74 16.02 -29.20 -2.55
CA PRO B 74 17.23 -28.46 -2.18
C PRO B 74 18.08 -28.09 -3.39
N THR B 75 17.93 -28.84 -4.47
CA THR B 75 18.69 -28.59 -5.69
C THR B 75 20.17 -28.83 -5.48
N SER B 76 20.56 -30.10 -5.37
CA SER B 76 21.95 -30.47 -5.16
C SER B 76 22.22 -31.89 -5.64
N LYS B 77 21.31 -32.81 -5.29
CA LYS B 77 21.45 -34.21 -5.68
C LYS B 77 20.09 -34.83 -5.90
N LEU B 78 19.33 -34.29 -6.85
CA LEU B 78 18.00 -34.80 -7.17
C LEU B 78 18.09 -36.07 -8.01
N GLY B 79 16.94 -36.66 -8.32
CA GLY B 79 16.92 -37.87 -9.11
C GLY B 79 15.74 -37.92 -10.07
N GLN B 80 14.92 -38.94 -9.94
CA GLN B 80 13.75 -39.10 -10.81
C GLN B 80 12.63 -38.14 -10.39
N ALA B 81 11.97 -38.46 -9.28
CA ALA B 81 10.88 -37.62 -8.78
C ALA B 81 11.42 -36.50 -7.89
N GLU B 82 11.15 -35.26 -8.29
CA GLU B 82 11.61 -34.11 -7.53
C GLU B 82 10.43 -33.25 -7.06
N GLY B 83 10.73 -32.07 -6.54
CA GLY B 83 9.68 -31.19 -6.06
C GLY B 83 9.30 -30.14 -7.08
N ARG B 84 8.94 -28.96 -6.60
CA ARG B 84 8.55 -27.86 -7.49
C ARG B 84 7.22 -28.19 -8.18
N ASP B 85 7.27 -29.08 -9.16
CA ASP B 85 6.08 -29.47 -9.90
C ASP B 85 5.61 -30.85 -9.48
N ALA B 86 6.29 -31.43 -8.49
CA ALA B 86 5.94 -32.75 -8.00
C ALA B 86 6.23 -32.87 -6.50
N GLY B 87 6.27 -31.74 -5.82
CA GLY B 87 6.54 -31.73 -4.40
C GLY B 87 6.05 -30.47 -3.71
N SER B 88 6.22 -29.34 -4.37
CA SER B 88 5.79 -28.05 -3.82
C SER B 88 4.74 -27.40 -4.71
N ALA B 89 3.84 -28.22 -5.25
CA ALA B 89 2.79 -27.71 -6.14
C ALA B 89 1.81 -28.83 -6.50
N PRO B 90 0.88 -29.13 -5.59
CA PRO B 90 -0.12 -30.18 -5.80
C PRO B 90 -1.15 -29.78 -6.85
N SER B 91 -0.78 -29.94 -8.12
CA SER B 91 -1.67 -29.60 -9.22
C SER B 91 -1.97 -28.11 -9.23
N GLY B 92 -3.03 -27.73 -9.96
CA GLY B 92 -3.41 -26.32 -10.04
C GLY B 92 -3.61 -25.71 -8.67
N GLY B 93 -3.81 -26.55 -7.65
CA GLY B 93 -4.01 -26.05 -6.31
C GLY B 93 -2.84 -25.23 -5.81
N ASP B 94 -1.70 -25.36 -6.48
CA ASP B 94 -0.49 -24.62 -6.10
C ASP B 94 -0.79 -23.13 -5.98
N PRO B 95 -0.22 -22.49 -4.95
CA PRO B 95 -0.40 -21.06 -4.69
C PRO B 95 0.29 -20.20 -5.74
N ALA B 96 0.82 -20.84 -6.78
CA ALA B 96 1.50 -20.12 -7.85
C ALA B 96 0.70 -18.89 -8.29
N PHE B 97 -0.62 -19.03 -8.29
CA PHE B 97 -1.50 -17.93 -8.69
C PHE B 97 -2.88 -18.08 -8.08
N LEU B 98 -3.17 -17.26 -7.08
CA LEU B 98 -4.47 -17.30 -6.40
C LEU B 98 -5.09 -15.91 -6.32
N GLY B 99 -4.26 -14.92 -6.02
CA GLY B 99 -4.74 -13.55 -5.91
C GLY B 99 -4.42 -12.72 -7.14
N MET B 100 -5.27 -11.75 -7.44
CA MET B 100 -5.06 -10.88 -8.60
C MET B 100 -3.96 -9.87 -8.33
N ALA B 101 -3.88 -9.39 -7.09
CA ALA B 101 -2.87 -8.42 -6.71
C ALA B 101 -1.47 -8.91 -7.09
N VAL B 102 -1.10 -10.07 -6.59
CA VAL B 102 0.22 -10.65 -6.87
C VAL B 102 0.45 -10.76 -8.37
N SER B 103 -0.62 -11.08 -9.11
CA SER B 103 -0.53 -11.22 -10.55
C SER B 103 -0.12 -9.91 -11.22
N THR B 104 -0.45 -8.80 -10.56
CA THR B 104 -0.12 -7.49 -11.08
C THR B 104 1.33 -7.13 -10.78
N LEU B 105 1.71 -7.18 -9.52
CA LEU B 105 3.07 -6.87 -9.11
C LEU B 105 4.08 -7.73 -9.85
N CYS B 106 3.86 -9.05 -9.82
CA CYS B 106 4.74 -9.98 -10.50
C CYS B 106 4.65 -9.83 -12.02
N GLY B 107 3.50 -9.33 -12.48
CA GLY B 107 3.29 -9.14 -13.90
C GLY B 107 3.18 -10.47 -14.65
N GLU B 108 2.38 -11.38 -14.12
CA GLU B 108 2.19 -12.69 -14.74
C GLU B 108 3.52 -13.34 -15.04
N VAL B 109 4.26 -13.69 -14.00
CA VAL B 109 5.57 -14.32 -14.16
C VAL B 109 5.68 -15.57 -13.30
N PRO B 110 6.52 -16.52 -13.73
CA PRO B 110 6.74 -17.78 -13.01
C PRO B 110 7.49 -17.58 -11.71
N LEU B 111 6.90 -18.05 -10.61
CA LEU B 111 7.52 -17.92 -9.29
C LEU B 111 7.57 -19.27 -8.58
N TYR B 112 8.56 -19.44 -7.71
CA TYR B 112 8.72 -20.68 -6.97
C TYR B 112 8.80 -20.41 -5.47
N TYR B 113 8.21 -21.30 -4.68
CA TYR B 113 8.21 -21.15 -3.23
C TYR B 113 9.64 -21.01 -2.71
N ILE B 114 10.01 -19.78 -2.34
CA ILE B 114 11.34 -19.51 -1.82
C ILE B 114 11.48 -20.03 -0.39
N GLY C 1 -20.34 11.12 -3.16
CA GLY C 1 -20.72 10.76 -1.80
C GLY C 1 -19.85 9.67 -1.22
N SER C 2 -18.57 9.67 -1.60
CA SER C 2 -17.63 8.66 -1.11
C SER C 2 -16.82 9.20 0.07
N GLU C 3 -16.75 8.41 1.13
CA GLU C 3 -16.00 8.80 2.33
C GLU C 3 -15.61 7.58 3.15
N HIS C 4 -16.54 6.64 3.28
CA HIS C 4 -16.29 5.43 4.04
C HIS C 4 -16.13 4.22 3.12
N LEU C 5 -15.48 4.45 1.97
CA LEU C 5 -15.26 3.39 1.00
C LEU C 5 -14.02 3.69 0.15
N VAL C 6 -13.28 2.64 -0.20
CA VAL C 6 -12.08 2.79 -1.01
C VAL C 6 -11.85 1.56 -1.88
N THR C 7 -11.36 0.49 -1.28
CA THR C 7 -11.09 -0.75 -1.99
C THR C 7 -10.08 -0.53 -3.11
N THR C 8 -8.80 -0.52 -2.76
CA THR C 8 -7.74 -0.31 -3.73
C THR C 8 -6.38 -0.69 -3.15
N ALA C 9 -5.42 -0.96 -4.03
CA ALA C 9 -4.08 -1.33 -3.60
C ALA C 9 -3.07 -0.23 -3.93
N THR C 10 -2.01 -0.14 -3.14
CA THR C 10 -0.98 0.86 -3.35
C THR C 10 0.37 0.21 -3.64
N PHE C 11 1.06 0.72 -4.67
CA PHE C 11 2.36 0.19 -5.04
C PHE C 11 3.33 1.32 -5.38
N SER C 12 4.57 1.19 -4.93
CA SER C 12 5.59 2.19 -5.18
C SER C 12 6.25 1.97 -6.54
N ILE C 13 6.74 3.05 -7.14
CA ILE C 13 7.40 2.98 -8.44
C ILE C 13 8.88 3.30 -8.32
N GLY C 14 9.61 3.13 -9.42
CA GLY C 14 11.04 3.41 -9.42
C GLY C 14 11.35 4.79 -8.88
N SER C 15 12.64 5.08 -8.73
CA SER C 15 13.08 6.37 -8.21
C SER C 15 12.67 6.54 -6.74
N THR C 16 11.43 6.93 -6.52
CA THR C 16 10.91 7.12 -5.17
C THR C 16 9.46 7.60 -5.19
N GLY C 17 8.71 7.13 -6.19
CA GLY C 17 7.32 7.53 -6.31
C GLY C 17 6.37 6.43 -5.85
N LEU C 18 5.09 6.74 -5.80
CA LEU C 18 4.08 5.78 -5.38
C LEU C 18 2.77 5.99 -6.13
N VAL C 19 2.08 4.90 -6.43
CA VAL C 19 0.81 4.97 -7.16
C VAL C 19 -0.13 3.86 -6.71
N VAL C 20 -1.42 4.16 -6.68
CA VAL C 20 -2.44 3.19 -6.28
C VAL C 20 -3.27 2.74 -7.47
N TYR C 21 -3.75 1.50 -7.40
CA TYR C 21 -4.57 0.95 -8.48
C TYR C 21 -5.94 0.55 -7.96
N ASP C 22 -6.97 1.29 -8.39
CA ASP C 22 -8.33 1.01 -7.98
C ASP C 22 -8.87 -0.25 -8.65
N TYR C 23 -8.81 -1.37 -7.94
CA TYR C 23 -9.28 -2.64 -8.47
C TYR C 23 -10.80 -2.72 -8.42
N GLN C 24 -11.45 -1.80 -9.14
CA GLN C 24 -12.90 -1.77 -9.18
C GLN C 24 -13.39 -0.64 -10.08
N GLN C 25 -13.12 0.60 -9.68
CA GLN C 25 -13.54 1.76 -10.46
C GLN C 25 -12.56 2.03 -11.60
N LEU C 26 -11.43 1.34 -11.57
CA LEU C 26 -10.40 1.50 -12.60
C LEU C 26 -9.83 2.92 -12.57
N LEU C 27 -9.10 3.22 -11.50
CA LEU C 27 -8.49 4.54 -11.36
C LEU C 27 -7.09 4.43 -10.77
N ILE C 28 -6.23 5.37 -11.13
CA ILE C 28 -4.85 5.38 -10.64
C ILE C 28 -4.48 6.74 -10.05
N ALA C 29 -3.63 6.73 -9.04
CA ALA C 29 -3.19 7.96 -8.39
C ALA C 29 -1.71 8.22 -8.65
N TYR C 30 -1.43 9.35 -9.29
CA TYR C 30 -0.05 9.71 -9.60
C TYR C 30 0.20 11.19 -9.31
N LYS C 31 1.24 11.46 -8.52
CA LYS C 31 1.59 12.83 -8.16
C LYS C 31 3.02 12.91 -7.64
N PRO C 32 3.68 14.05 -7.89
CA PRO C 32 5.07 14.28 -7.46
C PRO C 32 5.19 14.42 -5.95
N ALA C 33 5.00 15.65 -5.46
CA ALA C 33 5.10 15.91 -4.03
C ALA C 33 3.74 15.72 -3.35
N PRO C 34 3.76 15.60 -2.02
CA PRO C 34 2.55 15.41 -1.22
C PRO C 34 1.67 16.66 -1.18
N GLY C 35 0.62 16.67 -2.01
CA GLY C 35 -0.27 17.81 -2.06
C GLY C 35 0.13 18.81 -3.12
N THR C 36 0.77 18.33 -4.18
CA THR C 36 1.20 19.20 -5.27
C THR C 36 0.81 18.61 -6.63
N CYS C 37 -0.40 18.93 -7.07
CA CYS C 37 -0.89 18.43 -8.36
C CYS C 37 -1.05 16.92 -8.32
N CYS C 38 -2.02 16.41 -9.09
CA CYS C 38 -2.28 14.98 -9.15
C CYS C 38 -2.72 14.57 -10.56
N TYR C 39 -2.76 13.27 -10.80
CA TYR C 39 -3.16 12.75 -12.11
C TYR C 39 -3.94 11.45 -11.95
N ILE C 40 -4.99 11.30 -12.75
CA ILE C 40 -5.83 10.10 -12.71
C ILE C 40 -5.87 9.42 -14.07
N MET C 41 -5.81 8.09 -14.05
CA MET C 41 -5.85 7.31 -15.29
C MET C 41 -6.71 6.06 -15.12
N LYS C 42 -7.08 5.44 -16.23
CA LYS C 42 -7.90 4.24 -16.21
C LYS C 42 -7.04 3.00 -16.42
N ILE C 43 -7.53 1.86 -15.93
CA ILE C 43 -6.82 0.60 -16.07
C ILE C 43 -7.70 -0.47 -16.71
N ALA C 44 -7.07 -1.57 -17.14
CA ALA C 44 -7.80 -2.65 -17.77
C ALA C 44 -7.85 -3.88 -16.86
N PRO C 45 -9.05 -4.45 -16.71
CA PRO C 45 -9.26 -5.63 -15.86
C PRO C 45 -8.62 -6.89 -16.45
N GLU C 46 -8.50 -6.92 -17.77
CA GLU C 46 -7.91 -8.06 -18.46
C GLU C 46 -6.39 -8.03 -18.36
N SER C 47 -5.84 -6.84 -18.17
CA SER C 47 -4.39 -6.68 -18.05
C SER C 47 -4.05 -5.41 -17.27
N ILE C 48 -4.15 -5.48 -15.96
CA ILE C 48 -3.85 -4.34 -15.10
C ILE C 48 -2.42 -3.88 -15.29
N PRO C 49 -2.25 -2.62 -15.73
CA PRO C 49 -0.93 -2.02 -15.96
C PRO C 49 -0.18 -1.77 -14.67
N SER C 50 0.38 -2.83 -14.09
CA SER C 50 1.13 -2.72 -12.84
C SER C 50 2.25 -1.70 -12.97
N LEU C 51 2.99 -1.50 -11.89
CA LEU C 51 4.10 -0.56 -11.87
C LEU C 51 4.98 -0.74 -13.11
N GLU C 52 5.07 -1.97 -13.60
CA GLU C 52 5.88 -2.28 -14.77
C GLU C 52 5.53 -1.35 -15.92
N ALA C 53 4.24 -1.28 -16.25
CA ALA C 53 3.77 -0.42 -17.33
C ALA C 53 3.75 1.04 -16.91
N LEU C 54 3.39 1.28 -15.66
CA LEU C 54 3.33 2.65 -15.13
C LEU C 54 4.65 3.37 -15.33
N THR C 55 5.73 2.75 -14.84
CA THR C 55 7.06 3.34 -14.96
C THR C 55 7.41 3.61 -16.42
N ARG C 56 6.87 2.79 -17.31
CA ARG C 56 7.13 2.94 -18.74
C ARG C 56 6.63 4.30 -19.24
N LYS C 57 5.35 4.57 -18.98
CA LYS C 57 4.76 5.83 -19.40
C LYS C 57 5.20 6.98 -18.51
N VAL C 58 5.47 6.67 -17.24
CA VAL C 58 5.91 7.68 -16.28
C VAL C 58 7.26 8.27 -16.68
N HIS C 59 8.10 7.42 -17.27
CA HIS C 59 9.43 7.87 -17.70
C HIS C 59 9.33 9.01 -18.69
N ASN C 60 8.30 8.99 -19.53
CA ASN C 60 8.08 10.03 -20.52
C ASN C 60 7.76 11.36 -19.86
N PHE C 61 7.24 11.29 -18.64
CA PHE C 61 6.89 12.49 -17.89
C PHE C 61 6.01 13.42 -18.72
N GLN C 62 5.15 12.83 -19.55
CA GLN C 62 4.25 13.60 -20.41
C GLN C 62 3.04 14.09 -19.63
N MET C 63 3.30 14.83 -18.56
CA MET C 63 2.22 15.37 -17.73
C MET C 63 2.56 16.76 -17.22
N GLU C 64 3.34 16.83 -16.14
CA GLU C 64 3.74 18.10 -15.56
C GLU C 64 2.55 19.04 -15.44
N CYS C 65 1.54 18.62 -14.67
CA CYS C 65 0.34 19.42 -14.48
C CYS C 65 -0.24 19.87 -15.81
N SER C 66 -0.08 19.04 -16.83
CA SER C 66 -0.58 19.36 -18.16
C SER C 66 -0.78 18.09 -18.99
N LEU C 67 -1.00 18.26 -20.29
CA LEU C 67 -1.20 17.14 -21.19
C LEU C 67 -0.41 17.31 -22.48
N GLN C 68 0.68 16.56 -22.61
CA GLN C 68 1.53 16.64 -23.79
C GLN C 68 0.70 16.50 -25.07
N ALA C 69 0.31 15.26 -25.38
CA ALA C 69 -0.50 14.99 -26.56
C ALA C 69 -1.23 13.66 -26.44
N LYS C 70 -1.45 13.23 -25.20
CA LYS C 70 -2.15 11.98 -24.94
C LYS C 70 -3.63 12.09 -25.29
N PRO C 71 -4.32 13.02 -24.62
CA PRO C 71 -5.75 13.25 -24.85
C PRO C 71 -6.03 13.89 -26.20
N ALA C 72 -7.26 14.34 -26.40
CA ALA C 72 -7.65 14.97 -27.65
C ALA C 72 -7.16 16.42 -27.70
N VAL C 73 -6.58 16.89 -26.62
CA VAL C 73 -6.06 18.24 -26.54
C VAL C 73 -4.54 18.25 -26.45
N PRO C 74 -3.88 18.36 -27.62
CA PRO C 74 -2.42 18.38 -27.70
C PRO C 74 -1.82 19.67 -27.15
N THR C 75 -2.63 20.73 -27.14
CA THR C 75 -2.18 22.02 -26.63
C THR C 75 -1.07 22.60 -27.51
N SER C 76 -1.43 23.08 -28.69
CA SER C 76 -0.47 23.65 -29.61
C SER C 76 -1.16 24.60 -30.61
N LYS C 77 -2.30 24.15 -31.13
CA LYS C 77 -3.05 24.96 -32.08
C LYS C 77 -4.56 24.72 -31.93
N LEU C 78 -5.09 25.00 -30.75
CA LEU C 78 -6.51 24.80 -30.47
C LEU C 78 -7.33 25.93 -31.07
N GLY C 79 -8.64 25.85 -30.93
CA GLY C 79 -9.53 26.86 -31.46
C GLY C 79 -10.71 27.14 -30.56
N GLN C 80 -11.92 26.96 -31.10
CA GLN C 80 -13.13 27.19 -30.33
C GLN C 80 -13.39 26.05 -29.36
N ALA C 81 -13.84 24.91 -29.89
CA ALA C 81 -14.12 23.75 -29.06
C ALA C 81 -12.86 22.91 -28.85
N GLU C 82 -12.48 22.74 -27.58
CA GLU C 82 -11.29 21.96 -27.24
C GLU C 82 -11.65 20.77 -26.37
N GLY C 83 -10.63 20.11 -25.83
CA GLY C 83 -10.87 18.96 -24.97
C GLY C 83 -10.84 19.32 -23.50
N ARG C 84 -10.36 18.39 -22.67
CA ARG C 84 -10.29 18.62 -21.24
C ARG C 84 -11.69 18.69 -20.62
N ASP C 85 -12.37 19.80 -20.85
CA ASP C 85 -13.72 19.99 -20.32
C ASP C 85 -14.76 19.85 -21.43
N ALA C 86 -14.30 19.51 -22.63
CA ALA C 86 -15.19 19.33 -23.77
C ALA C 86 -14.68 18.26 -24.72
N GLY C 87 -13.84 17.36 -24.19
CA GLY C 87 -13.30 16.29 -25.00
C GLY C 87 -12.83 15.11 -24.17
N SER C 88 -12.23 15.40 -23.02
CA SER C 88 -11.75 14.36 -22.13
C SER C 88 -12.43 14.43 -20.77
N ALA C 89 -13.73 14.71 -20.78
CA ALA C 89 -14.49 14.81 -19.55
C ALA C 89 -15.98 15.02 -19.85
N PRO C 90 -16.67 13.92 -20.18
CA PRO C 90 -18.11 13.95 -20.50
C PRO C 90 -18.96 14.24 -19.27
N SER C 91 -19.05 15.51 -18.90
CA SER C 91 -19.83 15.92 -17.73
C SER C 91 -19.25 15.32 -16.46
N GLY C 92 -20.06 15.33 -15.39
CA GLY C 92 -19.60 14.79 -14.13
C GLY C 92 -19.09 13.37 -14.25
N GLY C 93 -19.47 12.69 -15.32
CA GLY C 93 -19.03 11.33 -15.54
C GLY C 93 -17.52 11.20 -15.59
N ASP C 94 -16.85 12.32 -15.80
CA ASP C 94 -15.39 12.34 -15.89
C ASP C 94 -14.77 11.65 -14.67
N PRO C 95 -13.71 10.86 -14.91
CA PRO C 95 -13.02 10.12 -13.85
C PRO C 95 -12.25 11.06 -12.93
N ALA C 96 -12.42 12.36 -13.11
CA ALA C 96 -11.74 13.34 -12.29
C ALA C 96 -11.81 12.98 -10.81
N PHE C 97 -12.94 12.42 -10.40
CA PHE C 97 -13.14 12.01 -9.02
C PHE C 97 -14.19 10.91 -8.91
N LEU C 98 -13.74 9.70 -8.64
CA LEU C 98 -14.64 8.55 -8.51
C LEU C 98 -14.35 7.78 -7.23
N GLY C 99 -13.07 7.59 -6.92
CA GLY C 99 -12.69 6.87 -5.73
C GLY C 99 -12.26 7.80 -4.61
N MET C 100 -12.46 7.36 -3.37
CA MET C 100 -12.09 8.16 -2.20
C MET C 100 -10.58 8.12 -1.98
N ALA C 101 -9.97 6.98 -2.26
CA ALA C 101 -8.53 6.83 -2.11
C ALA C 101 -7.77 7.92 -2.83
N VAL C 102 -8.01 8.02 -4.14
CA VAL C 102 -7.34 9.04 -4.96
C VAL C 102 -7.58 10.44 -4.39
N SER C 103 -8.78 10.67 -3.87
CA SER C 103 -9.13 11.96 -3.30
C SER C 103 -8.23 12.30 -2.11
N THR C 104 -7.73 11.26 -1.44
CA THR C 104 -6.86 11.44 -0.29
C THR C 104 -5.44 11.76 -0.72
N LEU C 105 -4.86 10.89 -1.54
CA LEU C 105 -3.49 11.08 -2.02
C LEU C 105 -3.34 12.44 -2.71
N CYS C 106 -4.23 12.70 -3.67
CA CYS C 106 -4.22 13.96 -4.41
C CYS C 106 -4.58 15.13 -3.50
N GLY C 107 -5.33 14.84 -2.44
CA GLY C 107 -5.73 15.88 -1.51
C GLY C 107 -6.73 16.84 -2.11
N GLU C 108 -7.75 16.31 -2.77
CA GLU C 108 -8.78 17.13 -3.40
C GLU C 108 -8.14 18.21 -4.28
N VAL C 109 -7.48 17.78 -5.34
CA VAL C 109 -6.84 18.70 -6.27
C VAL C 109 -7.23 18.41 -7.71
N PRO C 110 -7.19 19.44 -8.56
CA PRO C 110 -7.53 19.32 -9.97
C PRO C 110 -6.50 18.52 -10.75
N LEU C 111 -6.96 17.47 -11.43
CA LEU C 111 -6.08 16.62 -12.22
C LEU C 111 -6.59 16.47 -13.65
N TYR C 112 -5.68 16.26 -14.59
CA TYR C 112 -6.04 16.09 -15.98
C TYR C 112 -5.48 14.80 -16.55
N TYR C 113 -6.26 14.14 -17.40
CA TYR C 113 -5.83 12.89 -18.02
C TYR C 113 -4.49 13.05 -18.72
N ILE C 114 -3.43 12.55 -18.09
CA ILE C 114 -2.09 12.63 -18.66
C ILE C 114 -1.93 11.65 -19.82
N GLY A 1 -6.57 -7.56 20.07
CA GLY A 1 -7.91 -8.12 20.02
C GLY A 1 -8.72 -7.57 18.86
N SER A 2 -8.21 -7.76 17.65
CA SER A 2 -8.88 -7.27 16.45
C SER A 2 -10.16 -8.07 16.19
N GLU A 3 -10.85 -7.72 15.10
CA GLU A 3 -12.09 -8.40 14.75
C GLU A 3 -12.10 -8.78 13.27
N HIS A 4 -12.28 -7.78 12.41
CA HIS A 4 -12.31 -8.02 10.97
C HIS A 4 -12.14 -6.71 10.20
N LEU A 5 -10.91 -6.19 10.20
CA LEU A 5 -10.61 -4.94 9.51
C LEU A 5 -9.25 -5.01 8.82
N VAL A 6 -9.23 -5.53 7.60
CA VAL A 6 -8.00 -5.64 6.83
C VAL A 6 -8.06 -4.82 5.55
N THR A 7 -9.26 -4.71 4.99
CA THR A 7 -9.46 -3.95 3.75
C THR A 7 -9.14 -2.49 3.96
N THR A 8 -7.89 -2.11 3.67
CA THR A 8 -7.45 -0.73 3.83
C THR A 8 -6.33 -0.40 2.85
N ALA A 9 -5.98 0.88 2.76
CA ALA A 9 -4.92 1.33 1.88
C ALA A 9 -3.69 1.77 2.66
N THR A 10 -2.56 1.89 1.98
CA THR A 10 -1.31 2.30 2.61
C THR A 10 -0.56 3.30 1.75
N PHE A 11 -0.17 4.43 2.35
CA PHE A 11 0.56 5.46 1.64
C PHE A 11 1.87 5.80 2.34
N SER A 12 2.94 5.90 1.57
CA SER A 12 4.25 6.21 2.13
C SER A 12 4.34 7.68 2.54
N ILE A 13 4.94 7.94 3.69
CA ILE A 13 5.09 9.30 4.19
C ILE A 13 6.52 9.80 4.00
N GLY A 14 6.68 11.11 4.01
CA GLY A 14 8.00 11.70 3.85
C GLY A 14 8.93 11.37 5.00
N SER A 15 9.63 10.25 4.88
CA SER A 15 10.56 9.80 5.91
C SER A 15 11.24 8.50 5.52
N THR A 16 10.46 7.42 5.48
CA THR A 16 10.98 6.11 5.12
C THR A 16 9.89 5.04 5.19
N GLY A 17 8.93 5.23 6.10
CA GLY A 17 7.85 4.29 6.25
C GLY A 17 6.57 4.77 5.62
N LEU A 18 5.49 4.02 5.83
CA LEU A 18 4.19 4.38 5.28
C LEU A 18 3.09 4.25 6.33
N VAL A 19 1.96 4.90 6.08
CA VAL A 19 0.82 4.85 7.01
C VAL A 19 -0.45 4.39 6.30
N VAL A 20 -1.18 3.48 6.93
CA VAL A 20 -2.42 2.97 6.36
C VAL A 20 -3.63 3.70 6.93
N TYR A 21 -4.68 3.80 6.13
CA TYR A 21 -5.90 4.48 6.56
C TYR A 21 -7.10 3.53 6.51
N ASP A 22 -7.41 2.91 7.65
CA ASP A 22 -8.53 1.99 7.73
C ASP A 22 -9.86 2.70 7.47
N TYR A 23 -10.31 2.66 6.23
CA TYR A 23 -11.56 3.30 5.86
C TYR A 23 -12.76 2.50 6.35
N GLN A 24 -12.88 2.35 7.67
CA GLN A 24 -13.97 1.61 8.26
C GLN A 24 -14.06 1.87 9.76
N GLN A 25 -13.03 1.44 10.49
CA GLN A 25 -13.00 1.62 11.93
C GLN A 25 -12.26 2.90 12.30
N LEU A 26 -11.75 3.59 11.28
CA LEU A 26 -11.02 4.84 11.50
C LEU A 26 -9.74 4.59 12.30
N LEU A 27 -8.79 3.90 11.69
CA LEU A 27 -7.52 3.59 12.35
C LEU A 27 -6.34 3.82 11.39
N ILE A 28 -5.17 4.10 11.96
CA ILE A 28 -3.98 4.33 11.17
C ILE A 28 -2.77 3.62 11.79
N ALA A 29 -1.85 3.17 10.93
CA ALA A 29 -0.65 2.49 11.38
C ALA A 29 0.60 3.32 11.12
N TYR A 30 1.29 3.69 12.19
CA TYR A 30 2.50 4.50 12.08
C TYR A 30 3.61 3.94 12.96
N LYS A 31 4.73 3.59 12.35
CA LYS A 31 5.87 3.05 13.08
C LYS A 31 7.15 3.14 12.25
N PRO A 32 8.29 3.31 12.94
CA PRO A 32 9.59 3.42 12.27
C PRO A 32 10.04 2.09 11.67
N ALA A 33 10.70 1.27 12.48
CA ALA A 33 11.18 -0.03 12.02
C ALA A 33 10.12 -1.11 12.22
N PRO A 34 10.30 -2.24 11.53
CA PRO A 34 9.37 -3.37 11.61
C PRO A 34 9.42 -4.07 12.96
N GLY A 35 8.45 -3.75 13.82
CA GLY A 35 8.39 -4.36 15.14
C GLY A 35 9.12 -3.54 16.18
N THR A 36 9.17 -2.23 15.97
CA THR A 36 9.84 -1.33 16.89
C THR A 36 8.94 -0.15 17.27
N CYS A 37 8.03 -0.38 18.21
CA CYS A 37 7.11 0.66 18.66
C CYS A 37 6.14 1.05 17.54
N CYS A 38 4.86 1.16 17.89
CA CYS A 38 3.83 1.52 16.92
C CYS A 38 2.89 2.58 17.50
N TYR A 39 2.17 3.24 16.61
CA TYR A 39 1.23 4.28 17.03
C TYR A 39 -0.04 4.25 16.18
N ILE A 40 -1.19 4.33 16.83
CA ILE A 40 -2.47 4.31 16.14
C ILE A 40 -3.30 5.55 16.48
N MET A 41 -3.93 6.12 15.45
CA MET A 41 -4.76 7.30 15.64
C MET A 41 -6.09 7.16 14.90
N LYS A 42 -7.02 8.07 15.18
CA LYS A 42 -8.32 8.05 14.54
C LYS A 42 -8.40 9.09 13.43
N ILE A 43 -9.29 8.86 12.48
CA ILE A 43 -9.46 9.79 11.35
C ILE A 43 -10.89 10.31 11.29
N ALA A 44 -11.07 11.47 10.66
CA ALA A 44 -12.39 12.08 10.54
C ALA A 44 -13.04 11.67 9.22
N PRO A 45 -14.32 11.25 9.30
CA PRO A 45 -15.08 10.83 8.13
C PRO A 45 -15.44 12.00 7.21
N GLU A 46 -15.55 13.19 7.79
CA GLU A 46 -15.87 14.38 7.03
C GLU A 46 -14.62 15.00 6.42
N SER A 47 -13.47 14.74 7.04
CA SER A 47 -12.21 15.28 6.57
C SER A 47 -11.06 14.29 6.84
N ILE A 48 -10.97 13.26 6.01
CA ILE A 48 -9.92 12.26 6.16
C ILE A 48 -8.54 12.88 6.02
N PRO A 49 -7.78 12.88 7.12
CA PRO A 49 -6.42 13.45 7.15
C PRO A 49 -5.43 12.60 6.35
N SER A 50 -5.48 12.74 5.03
CA SER A 50 -4.58 11.98 4.16
C SER A 50 -3.12 12.20 4.55
N LEU A 51 -2.22 11.53 3.83
CA LEU A 51 -0.79 11.67 4.10
C LEU A 51 -0.39 13.13 4.28
N GLU A 52 -1.13 14.01 3.60
CA GLU A 52 -0.85 15.44 3.68
C GLU A 52 -0.79 15.91 5.13
N ALA A 53 -1.78 15.49 5.92
CA ALA A 53 -1.85 15.86 7.32
C ALA A 53 -0.85 15.05 8.16
N LEU A 54 -0.84 13.74 7.94
CA LEU A 54 0.05 12.86 8.66
C LEU A 54 1.50 13.33 8.55
N THR A 55 1.97 13.48 7.31
CA THR A 55 3.34 13.93 7.07
C THR A 55 3.59 15.28 7.71
N ARG A 56 2.54 16.09 7.82
CA ARG A 56 2.65 17.41 8.42
C ARG A 56 3.10 17.33 9.87
N LYS A 57 2.35 16.56 10.66
CA LYS A 57 2.67 16.39 12.08
C LYS A 57 3.84 15.42 12.26
N VAL A 58 3.98 14.49 11.32
CA VAL A 58 5.05 13.50 11.38
C VAL A 58 6.41 14.15 11.09
N HIS A 59 6.38 15.28 10.38
CA HIS A 59 7.60 16.00 10.04
C HIS A 59 8.40 16.33 11.31
N ASN A 60 7.69 16.61 12.40
CA ASN A 60 8.33 16.95 13.66
C ASN A 60 8.73 15.69 14.42
N PHE A 61 8.11 14.57 14.06
CA PHE A 61 8.40 13.30 14.71
C PHE A 61 7.87 13.29 16.15
N GLN A 62 8.63 13.91 17.05
CA GLN A 62 8.23 13.97 18.45
C GLN A 62 7.80 12.59 18.96
N MET A 63 8.39 11.54 18.39
CA MET A 63 8.07 10.18 18.79
C MET A 63 9.33 9.34 18.93
N GLU A 64 9.74 8.70 17.83
CA GLU A 64 10.93 7.86 17.84
C GLU A 64 10.97 6.98 19.08
N CYS A 65 10.03 6.04 19.16
CA CYS A 65 9.96 5.13 20.29
C CYS A 65 9.93 5.89 21.61
N SER A 66 9.39 7.10 21.57
CA SER A 66 9.30 7.95 22.75
C SER A 66 8.02 8.78 22.74
N LEU A 67 7.99 9.82 23.57
CA LEU A 67 6.83 10.70 23.66
C LEU A 67 7.15 11.95 24.46
N GLN A 68 7.28 13.07 23.76
CA GLN A 68 7.58 14.34 24.40
C GLN A 68 6.55 15.39 24.05
N ALA A 69 5.69 15.72 25.01
CA ALA A 69 4.65 16.72 24.81
C ALA A 69 3.86 16.43 23.54
N LYS A 70 3.82 15.15 23.15
CA LYS A 70 3.10 14.74 21.95
C LYS A 70 1.59 14.70 22.20
N PRO A 71 1.17 13.85 23.15
CA PRO A 71 -0.24 13.69 23.51
C PRO A 71 -0.79 14.92 24.23
N ALA A 72 -1.96 14.77 24.85
CA ALA A 72 -2.59 15.86 25.58
C ALA A 72 -1.99 16.01 26.97
N VAL A 73 -1.02 15.15 27.30
CA VAL A 73 -0.36 15.18 28.59
C VAL A 73 1.12 15.52 28.45
N PRO A 74 1.44 16.83 28.51
CA PRO A 74 2.81 17.30 28.39
C PRO A 74 3.67 16.93 29.60
N THR A 75 3.01 16.52 30.68
CA THR A 75 3.70 16.15 31.90
C THR A 75 4.41 17.34 32.53
N SER A 76 3.79 18.51 32.43
CA SER A 76 4.36 19.73 32.98
C SER A 76 3.73 20.06 34.33
N LYS A 77 4.42 19.69 35.41
CA LYS A 77 3.93 19.95 36.76
C LYS A 77 2.62 19.23 37.00
N LEU A 78 2.48 18.04 36.43
CA LEU A 78 1.27 17.24 36.59
C LEU A 78 1.07 16.84 38.06
N GLY A 79 -0.04 16.17 38.34
CA GLY A 79 -0.33 15.73 39.68
C GLY A 79 0.26 14.37 40.00
N GLN A 80 -0.53 13.32 39.79
CA GLN A 80 -0.08 11.96 40.05
C GLN A 80 -0.02 11.15 38.76
N ALA A 81 -1.20 10.77 38.25
CA ALA A 81 -1.28 9.99 37.03
C ALA A 81 -1.04 10.87 35.80
N GLU A 82 -0.89 10.23 34.65
CA GLU A 82 -0.66 10.95 33.40
C GLU A 82 -1.70 10.59 32.35
N GLY A 83 -1.46 11.02 31.11
CA GLY A 83 -2.40 10.73 30.04
C GLY A 83 -1.92 9.62 29.14
N ARG A 84 -2.25 9.71 27.85
CA ARG A 84 -1.86 8.70 26.88
C ARG A 84 -2.61 7.38 27.13
N ASP A 85 -2.20 6.67 28.18
CA ASP A 85 -2.84 5.40 28.52
C ASP A 85 -3.86 5.60 29.63
N ALA A 86 -4.06 6.85 30.04
CA ALA A 86 -5.02 7.16 31.10
C ALA A 86 -5.94 8.31 30.68
N GLY A 87 -5.40 9.23 29.90
CA GLY A 87 -6.18 10.37 29.44
C GLY A 87 -6.58 10.25 27.98
N SER A 88 -5.72 9.64 27.18
CA SER A 88 -5.98 9.47 25.76
C SER A 88 -6.07 7.99 25.40
N ALA A 89 -6.82 7.23 26.20
CA ALA A 89 -6.99 5.80 25.96
C ALA A 89 -7.89 5.17 27.02
N PRO A 90 -9.14 4.91 26.65
CA PRO A 90 -10.12 4.31 27.54
C PRO A 90 -9.81 2.85 27.86
N SER A 91 -10.73 2.18 28.55
CA SER A 91 -10.55 0.78 28.92
C SER A 91 -11.29 -0.13 27.95
N GLY A 92 -10.55 -1.00 27.27
CA GLY A 92 -11.15 -1.92 26.33
C GLY A 92 -11.56 -1.24 25.04
N GLY A 93 -12.44 -0.24 25.14
CA GLY A 93 -12.89 0.47 23.97
C GLY A 93 -11.76 1.16 23.23
N ASP A 94 -10.62 1.30 23.90
CA ASP A 94 -9.45 1.94 23.30
C ASP A 94 -9.10 1.29 21.96
N PRO A 95 -8.73 2.14 20.99
CA PRO A 95 -8.37 1.67 19.64
C PRO A 95 -7.05 0.91 19.62
N ALA A 96 -6.55 0.58 20.81
CA ALA A 96 -5.29 -0.14 20.94
C ALA A 96 -5.24 -1.31 19.98
N PHE A 97 -6.37 -1.98 19.80
CA PHE A 97 -6.46 -3.13 18.91
C PHE A 97 -7.90 -3.35 18.43
N LEU A 98 -8.14 -3.05 17.16
CA LEU A 98 -9.47 -3.21 16.58
C LEU A 98 -9.39 -3.90 15.22
N GLY A 99 -8.39 -3.54 14.43
CA GLY A 99 -8.21 -4.14 13.12
C GLY A 99 -7.04 -5.10 13.07
N MET A 100 -7.12 -6.08 12.17
CA MET A 100 -6.05 -7.06 12.03
C MET A 100 -4.84 -6.46 11.32
N ALA A 101 -5.11 -5.66 10.28
CA ALA A 101 -4.04 -5.02 9.53
C ALA A 101 -3.07 -4.29 10.44
N VAL A 102 -3.60 -3.36 11.24
CA VAL A 102 -2.79 -2.58 12.16
C VAL A 102 -1.99 -3.50 13.09
N SER A 103 -2.64 -4.57 13.54
CA SER A 103 -1.99 -5.52 14.45
C SER A 103 -0.83 -6.22 13.75
N THR A 104 -0.87 -6.27 12.43
CA THR A 104 0.18 -6.91 11.64
C THR A 104 1.41 -6.00 11.53
N LEU A 105 1.20 -4.79 11.02
CA LEU A 105 2.28 -3.83 10.86
C LEU A 105 2.98 -3.57 12.19
N CYS A 106 2.18 -3.26 13.21
CA CYS A 106 2.72 -2.98 14.54
C CYS A 106 3.32 -4.24 15.16
N GLY A 107 2.81 -5.40 14.74
CA GLY A 107 3.30 -6.66 15.27
C GLY A 107 2.77 -6.96 16.65
N GLU A 108 1.48 -6.70 16.86
CA GLU A 108 0.85 -6.94 18.15
C GLU A 108 1.65 -6.28 19.27
N VAL A 109 2.22 -5.12 18.98
CA VAL A 109 3.01 -4.39 19.97
C VAL A 109 2.19 -3.29 20.63
N PRO A 110 2.58 -2.90 21.85
CA PRO A 110 1.90 -1.85 22.60
C PRO A 110 2.09 -0.47 21.99
N LEU A 111 0.99 0.14 21.56
CA LEU A 111 1.04 1.47 20.95
C LEU A 111 0.29 2.49 21.81
N TYR A 112 0.68 3.75 21.69
CA TYR A 112 0.04 4.82 22.45
C TYR A 112 -0.38 5.95 21.53
N TYR A 113 -1.58 6.50 21.79
CA TYR A 113 -2.11 7.59 21.00
C TYR A 113 -1.10 8.74 20.91
N ILE A 114 -0.90 9.25 19.70
CA ILE A 114 0.03 10.35 19.48
C ILE A 114 -0.72 11.67 19.26
N GLY B 1 -4.76 -17.18 -13.54
CA GLY B 1 -6.14 -17.59 -13.44
C GLY B 1 -6.74 -17.25 -12.09
N SER B 2 -6.73 -15.96 -11.75
CA SER B 2 -7.27 -15.50 -10.48
C SER B 2 -8.79 -15.63 -10.45
N GLU B 3 -9.40 -15.17 -9.37
CA GLU B 3 -10.86 -15.24 -9.22
C GLU B 3 -11.42 -13.89 -8.78
N HIS B 4 -11.22 -13.55 -7.51
CA HIS B 4 -11.70 -12.30 -6.97
C HIS B 4 -11.02 -11.98 -5.63
N LEU B 5 -9.76 -11.58 -5.70
CA LEU B 5 -9.00 -11.25 -4.49
C LEU B 5 -8.10 -10.05 -4.73
N VAL B 6 -8.64 -8.85 -4.53
CA VAL B 6 -7.89 -7.62 -4.72
C VAL B 6 -7.79 -6.82 -3.43
N THR B 7 -8.83 -6.92 -2.60
CA THR B 7 -8.87 -6.21 -1.33
C THR B 7 -7.74 -6.67 -0.41
N THR B 8 -6.62 -5.96 -0.45
CA THR B 8 -5.48 -6.30 0.38
C THR B 8 -4.62 -5.07 0.67
N ALA B 9 -3.66 -5.21 1.58
CA ALA B 9 -2.78 -4.12 1.94
C ALA B 9 -1.36 -4.35 1.42
N THR B 10 -0.55 -3.30 1.41
CA THR B 10 0.82 -3.39 0.93
C THR B 10 1.78 -2.66 1.87
N PHE B 11 2.81 -3.36 2.33
CA PHE B 11 3.79 -2.79 3.23
C PHE B 11 5.19 -2.87 2.64
N SER B 12 5.94 -1.78 2.74
CA SER B 12 7.31 -1.74 2.22
C SER B 12 8.27 -2.49 3.12
N ILE B 13 9.21 -3.19 2.51
CA ILE B 13 10.20 -3.96 3.27
C ILE B 13 11.57 -3.28 3.23
N GLY B 14 12.44 -3.66 4.16
CA GLY B 14 13.76 -3.08 4.22
C GLY B 14 14.62 -3.48 3.03
N SER B 15 14.50 -2.73 1.93
CA SER B 15 15.26 -3.02 0.72
C SER B 15 14.99 -1.97 -0.34
N THR B 16 13.79 -1.98 -0.89
CA THR B 16 13.40 -1.03 -1.93
C THR B 16 11.98 -1.27 -2.40
N GLY B 17 11.55 -2.53 -2.38
CA GLY B 17 10.21 -2.87 -2.81
C GLY B 17 9.27 -3.08 -1.64
N LEU B 18 8.04 -3.50 -1.94
CA LEU B 18 7.05 -3.75 -0.91
C LEU B 18 6.35 -5.09 -1.13
N VAL B 19 5.74 -5.60 -0.07
CA VAL B 19 5.04 -6.89 -0.14
C VAL B 19 3.60 -6.75 0.34
N VAL B 20 2.67 -7.37 -0.38
CA VAL B 20 1.27 -7.32 -0.02
C VAL B 20 0.85 -8.58 0.73
N TYR B 21 -0.14 -8.43 1.62
CA TYR B 21 -0.63 -9.55 2.41
C TYR B 21 -2.13 -9.75 2.20
N ASP B 22 -2.47 -10.66 1.28
CA ASP B 22 -3.87 -10.94 0.98
C ASP B 22 -4.58 -11.51 2.21
N TYR B 23 -5.27 -10.64 2.93
CA TYR B 23 -5.99 -11.04 4.13
C TYR B 23 -7.30 -11.74 3.78
N GLN B 24 -7.20 -12.84 3.04
CA GLN B 24 -8.36 -13.60 2.62
C GLN B 24 -7.96 -14.98 2.10
N GLN B 25 -7.31 -15.00 0.95
CA GLN B 25 -6.87 -16.26 0.35
C GLN B 25 -5.48 -16.64 0.84
N LEU B 26 -4.91 -15.81 1.70
CA LEU B 26 -3.59 -16.06 2.25
C LEU B 26 -2.53 -16.08 1.15
N LEU B 27 -2.31 -14.92 0.53
CA LEU B 27 -1.33 -14.80 -0.54
C LEU B 27 -0.42 -13.59 -0.33
N ILE B 28 0.80 -13.67 -0.84
CA ILE B 28 1.75 -12.58 -0.71
C ILE B 28 2.50 -12.34 -2.02
N ALA B 29 2.85 -11.08 -2.27
CA ALA B 29 3.57 -10.72 -3.49
C ALA B 29 4.92 -10.08 -3.14
N TYR B 30 6.00 -10.72 -3.60
CA TYR B 30 7.34 -10.22 -3.35
C TYR B 30 8.20 -10.32 -4.60
N LYS B 31 8.73 -9.17 -5.04
CA LYS B 31 9.57 -9.13 -6.23
C LYS B 31 10.42 -7.86 -6.24
N PRO B 32 11.60 -7.94 -6.88
CA PRO B 32 12.53 -6.81 -6.98
C PRO B 32 11.99 -5.71 -7.89
N ALA B 33 12.26 -5.83 -9.19
CA ALA B 33 11.81 -4.86 -10.16
C ALA B 33 10.42 -5.20 -10.69
N PRO B 34 9.75 -4.20 -11.29
CA PRO B 34 8.41 -4.38 -11.85
C PRO B 34 8.40 -5.27 -13.08
N GLY B 35 8.01 -6.53 -12.90
CA GLY B 35 7.98 -7.46 -14.01
C GLY B 35 9.26 -8.24 -14.17
N THR B 36 9.97 -8.44 -13.06
CA THR B 36 11.24 -9.16 -13.07
C THR B 36 11.26 -10.25 -12.01
N CYS B 37 10.63 -11.38 -12.32
CA CYS B 37 10.57 -12.50 -11.39
C CYS B 37 9.75 -12.15 -10.16
N CYS B 38 8.87 -13.07 -9.76
CA CYS B 38 8.02 -12.86 -8.60
C CYS B 38 7.98 -14.11 -7.72
N TYR B 39 7.48 -13.94 -6.49
CA TYR B 39 7.40 -15.05 -5.55
C TYR B 39 6.15 -14.93 -4.68
N ILE B 40 5.45 -16.05 -4.50
CA ILE B 40 4.24 -16.07 -3.70
C ILE B 40 4.34 -17.09 -2.57
N MET B 41 3.87 -16.71 -1.39
CA MET B 41 3.91 -17.60 -0.23
C MET B 41 2.58 -17.57 0.52
N LYS B 42 2.44 -18.47 1.49
CA LYS B 42 1.21 -18.55 2.28
C LYS B 42 1.42 -17.93 3.65
N ILE B 43 0.32 -17.48 4.27
CA ILE B 43 0.38 -16.86 5.59
C ILE B 43 -0.53 -17.59 6.58
N ALA B 44 -0.13 -17.58 7.85
CA ALA B 44 -0.92 -18.24 8.89
C ALA B 44 -1.93 -17.28 9.50
N PRO B 45 -3.19 -17.74 9.64
CA PRO B 45 -4.27 -16.94 10.20
C PRO B 45 -4.09 -16.69 11.70
N GLU B 46 -3.42 -17.62 12.37
CA GLU B 46 -3.17 -17.51 13.80
C GLU B 46 -1.94 -16.65 14.09
N SER B 47 -1.03 -16.60 13.11
CA SER B 47 0.19 -15.82 13.25
C SER B 47 0.62 -15.23 11.91
N ILE B 48 -0.05 -14.16 11.51
CA ILE B 48 0.27 -13.50 10.25
C ILE B 48 1.68 -12.94 10.26
N PRO B 49 2.55 -13.52 9.40
CA PRO B 49 3.95 -13.09 9.29
C PRO B 49 4.09 -11.71 8.65
N SER B 50 3.79 -10.68 9.42
CA SER B 50 3.87 -9.31 8.93
C SER B 50 5.27 -9.01 8.40
N LEU B 51 5.46 -7.80 7.90
CA LEU B 51 6.75 -7.38 7.36
C LEU B 51 7.88 -7.74 8.31
N GLU B 52 7.56 -7.80 9.60
CA GLU B 52 8.56 -8.14 10.61
C GLU B 52 9.30 -9.43 10.25
N ALA B 53 8.54 -10.46 9.90
CA ALA B 53 9.12 -11.74 9.52
C ALA B 53 9.65 -11.70 8.09
N LEU B 54 8.84 -11.18 7.18
CA LEU B 54 9.23 -11.09 5.78
C LEU B 54 10.59 -10.41 5.62
N THR B 55 10.70 -9.20 6.16
CA THR B 55 11.94 -8.44 6.10
C THR B 55 13.10 -9.23 6.69
N ARG B 56 12.79 -10.08 7.67
CA ARG B 56 13.81 -10.90 8.33
C ARG B 56 14.47 -11.84 7.33
N LYS B 57 13.66 -12.62 6.62
CA LYS B 57 14.16 -13.58 5.64
C LYS B 57 14.59 -12.85 4.36
N VAL B 58 13.93 -11.74 4.07
CA VAL B 58 14.24 -10.96 2.88
C VAL B 58 15.66 -10.39 2.95
N HIS B 59 16.14 -10.17 4.16
CA HIS B 59 17.49 -9.63 4.36
C HIS B 59 18.53 -10.53 3.71
N ASN B 60 18.29 -11.84 3.74
CA ASN B 60 19.21 -12.80 3.16
C ASN B 60 19.02 -12.89 1.65
N PHE B 61 17.83 -12.51 1.18
CA PHE B 61 17.51 -12.55 -0.23
C PHE B 61 17.41 -13.99 -0.73
N GLN B 62 18.57 -14.60 -0.99
CA GLN B 62 18.62 -15.97 -1.47
C GLN B 62 17.65 -16.18 -2.62
N MET B 63 17.43 -15.13 -3.39
CA MET B 63 16.51 -15.20 -4.54
C MET B 63 17.09 -14.44 -5.73
N GLU B 64 16.79 -13.15 -5.81
CA GLU B 64 17.27 -12.33 -6.91
C GLU B 64 17.14 -13.05 -8.24
N CYS B 65 15.89 -13.28 -8.66
CA CYS B 65 15.62 -13.96 -9.92
C CYS B 65 16.32 -15.32 -9.96
N SER B 66 16.51 -15.92 -8.79
CA SER B 66 17.17 -17.21 -8.69
C SER B 66 16.60 -18.03 -7.54
N LEU B 67 17.32 -19.06 -7.14
CA LEU B 67 16.88 -19.93 -6.05
C LEU B 67 18.01 -20.86 -5.59
N GLN B 68 18.58 -20.57 -4.43
CA GLN B 68 19.67 -21.38 -3.90
C GLN B 68 19.33 -21.86 -2.49
N ALA B 69 19.04 -23.17 -2.38
CA ALA B 69 18.71 -23.76 -1.10
C ALA B 69 17.62 -22.96 -0.39
N LYS B 70 16.80 -22.26 -1.16
CA LYS B 70 15.73 -21.45 -0.61
C LYS B 70 14.56 -22.32 -0.18
N PRO B 71 13.96 -23.04 -1.15
CA PRO B 71 12.82 -23.93 -0.90
C PRO B 71 13.22 -25.17 -0.09
N ALA B 72 12.35 -26.16 -0.07
CA ALA B 72 12.60 -27.39 0.66
C ALA B 72 13.49 -28.33 -0.15
N VAL B 73 13.92 -27.87 -1.33
CA VAL B 73 14.78 -28.68 -2.19
C VAL B 73 16.12 -27.99 -2.40
N PRO B 74 17.10 -28.34 -1.55
CA PRO B 74 18.45 -27.78 -1.63
C PRO B 74 19.21 -28.27 -2.86
N THR B 75 18.72 -29.35 -3.47
CA THR B 75 19.36 -29.91 -4.65
C THR B 75 20.74 -30.47 -4.33
N SER B 76 20.88 -31.03 -3.13
CA SER B 76 22.15 -31.60 -2.70
C SER B 76 22.18 -33.10 -2.92
N LYS B 77 22.80 -33.52 -4.02
CA LYS B 77 22.89 -34.93 -4.35
C LYS B 77 21.50 -35.56 -4.53
N LEU B 78 20.59 -34.78 -5.08
CA LEU B 78 19.23 -35.25 -5.31
C LEU B 78 19.20 -36.40 -6.32
N GLY B 79 18.01 -36.93 -6.56
CA GLY B 79 17.89 -38.03 -7.51
C GLY B 79 17.69 -37.55 -8.94
N GLN B 80 16.44 -37.41 -9.35
CA GLN B 80 16.13 -36.96 -10.70
C GLN B 80 15.38 -35.63 -10.67
N ALA B 81 14.11 -35.68 -10.28
CA ALA B 81 13.28 -34.48 -10.20
C ALA B 81 13.66 -33.63 -8.98
N GLU B 82 13.12 -32.41 -8.94
CA GLU B 82 13.41 -31.51 -7.84
C GLU B 82 12.11 -31.03 -7.18
N GLY B 83 12.23 -30.02 -6.32
CA GLY B 83 11.06 -29.49 -5.63
C GLY B 83 10.60 -28.17 -6.23
N ARG B 84 10.10 -27.28 -5.39
CA ARG B 84 9.62 -25.97 -5.83
C ARG B 84 8.35 -26.13 -6.67
N ASP B 85 8.51 -26.58 -7.91
CA ASP B 85 7.38 -26.77 -8.81
C ASP B 85 6.94 -28.23 -8.83
N ALA B 86 7.58 -29.05 -8.00
CA ALA B 86 7.25 -30.46 -7.92
C ALA B 86 7.06 -30.90 -6.47
N GLY B 87 7.82 -30.28 -5.57
CA GLY B 87 7.72 -30.62 -4.17
C GLY B 87 6.99 -29.56 -3.36
N SER B 88 7.15 -28.30 -3.75
CA SER B 88 6.51 -27.19 -3.06
C SER B 88 5.53 -26.47 -3.98
N ALA B 89 4.70 -27.25 -4.67
CA ALA B 89 3.71 -26.69 -5.58
C ALA B 89 2.89 -27.79 -6.24
N PRO B 90 1.64 -27.96 -5.78
CA PRO B 90 0.73 -28.97 -6.31
C PRO B 90 0.26 -28.65 -7.73
N SER B 91 -0.68 -29.44 -8.23
CA SER B 91 -1.22 -29.23 -9.57
C SER B 91 -2.55 -28.49 -9.53
N GLY B 92 -2.58 -27.31 -10.15
CA GLY B 92 -3.80 -26.52 -10.16
C GLY B 92 -4.07 -25.84 -8.84
N GLY B 93 -4.20 -26.63 -7.78
CA GLY B 93 -4.46 -26.08 -6.47
C GLY B 93 -3.35 -25.16 -6.00
N ASP B 94 -2.19 -25.25 -6.65
CA ASP B 94 -1.05 -24.42 -6.28
C ASP B 94 -1.43 -22.95 -6.27
N PRO B 95 -0.92 -22.22 -5.26
CA PRO B 95 -1.20 -20.79 -5.11
C PRO B 95 -0.53 -19.95 -6.19
N ALA B 96 -0.03 -20.61 -7.22
CA ALA B 96 0.64 -19.93 -8.32
C ALA B 96 -0.18 -18.73 -8.80
N PHE B 97 -1.50 -18.88 -8.80
CA PHE B 97 -2.39 -17.81 -9.24
C PHE B 97 -3.78 -17.99 -8.63
N LEU B 98 -4.13 -17.13 -7.68
CA LEU B 98 -5.43 -17.18 -7.03
C LEU B 98 -6.06 -15.81 -6.96
N GLY B 99 -5.25 -14.79 -6.65
CA GLY B 99 -5.76 -13.44 -6.56
C GLY B 99 -5.33 -12.57 -7.73
N MET B 100 -6.11 -11.55 -8.02
CA MET B 100 -5.80 -10.65 -9.13
C MET B 100 -4.66 -9.71 -8.76
N ALA B 101 -4.69 -9.21 -7.53
CA ALA B 101 -3.65 -8.30 -7.05
C ALA B 101 -2.26 -8.88 -7.27
N VAL B 102 -2.03 -10.07 -6.74
CA VAL B 102 -0.74 -10.74 -6.89
C VAL B 102 -0.36 -10.88 -8.36
N SER B 103 -1.35 -11.15 -9.20
CA SER B 103 -1.12 -11.32 -10.63
C SER B 103 -0.72 -9.99 -11.27
N THR B 104 -1.11 -8.89 -10.64
CA THR B 104 -0.78 -7.57 -11.14
C THR B 104 0.66 -7.20 -10.84
N LEU B 105 1.03 -7.26 -9.57
CA LEU B 105 2.39 -6.93 -9.14
C LEU B 105 3.41 -7.79 -9.87
N CYS B 106 3.19 -9.12 -9.85
CA CYS B 106 4.08 -10.05 -10.51
C CYS B 106 4.01 -9.91 -12.03
N GLY B 107 2.87 -9.42 -12.51
CA GLY B 107 2.69 -9.24 -13.94
C GLY B 107 2.39 -10.54 -14.65
N GLU B 108 1.55 -11.37 -14.05
CA GLU B 108 1.18 -12.65 -14.64
C GLU B 108 2.43 -13.45 -15.02
N VAL B 109 3.44 -13.39 -14.17
CA VAL B 109 4.69 -14.11 -14.42
C VAL B 109 4.77 -15.39 -13.58
N PRO B 110 5.52 -16.37 -14.08
CA PRO B 110 5.70 -17.65 -13.39
C PRO B 110 6.54 -17.52 -12.12
N LEU B 111 5.90 -17.71 -10.98
CA LEU B 111 6.57 -17.61 -9.69
C LEU B 111 6.54 -18.95 -8.95
N TYR B 112 7.54 -19.18 -8.12
CA TYR B 112 7.62 -20.43 -7.35
C TYR B 112 7.77 -20.14 -5.86
N TYR B 113 7.26 -21.05 -5.04
CA TYR B 113 7.34 -20.89 -3.58
C TYR B 113 8.77 -20.66 -3.13
N ILE B 114 8.95 -19.82 -2.12
CA ILE B 114 10.27 -19.51 -1.59
C ILE B 114 10.45 -20.08 -0.19
N GLY C 1 -16.60 14.27 -5.13
CA GLY C 1 -17.90 13.65 -4.96
C GLY C 1 -17.82 12.14 -5.03
N SER C 2 -17.03 11.54 -4.16
CA SER C 2 -16.88 10.09 -4.14
C SER C 2 -18.16 9.42 -3.67
N GLU C 3 -18.12 8.09 -3.57
CA GLU C 3 -19.29 7.32 -3.14
C GLU C 3 -18.89 6.29 -2.09
N HIS C 4 -18.24 5.22 -2.53
CA HIS C 4 -17.81 4.16 -1.63
C HIS C 4 -16.76 3.26 -2.30
N LEU C 5 -15.55 3.78 -2.45
CA LEU C 5 -14.47 3.03 -3.07
C LEU C 5 -13.14 3.30 -2.36
N VAL C 6 -12.87 2.50 -1.33
CA VAL C 6 -11.63 2.65 -0.57
C VAL C 6 -10.80 1.37 -0.63
N THR C 7 -11.48 0.22 -0.71
CA THR C 7 -10.81 -1.06 -0.76
C THR C 7 -9.94 -1.18 -2.01
N THR C 8 -8.67 -0.85 -1.87
CA THR C 8 -7.73 -0.92 -2.99
C THR C 8 -6.30 -1.13 -2.50
N ALA C 9 -5.40 -1.40 -3.43
CA ALA C 9 -4.00 -1.63 -3.10
C ALA C 9 -3.12 -0.48 -3.58
N THR C 10 -1.89 -0.42 -3.08
CA THR C 10 -0.96 0.64 -3.46
C THR C 10 0.43 0.08 -3.72
N PHE C 11 0.98 0.39 -4.88
CA PHE C 11 2.31 -0.09 -5.25
C PHE C 11 3.24 1.08 -5.56
N SER C 12 4.46 1.01 -5.06
CA SER C 12 5.44 2.06 -5.28
C SER C 12 6.03 1.98 -6.69
N ILE C 13 6.23 3.13 -7.31
CA ILE C 13 6.78 3.20 -8.65
C ILE C 13 8.24 3.67 -8.64
N GLY C 14 8.95 3.40 -9.72
CA GLY C 14 10.34 3.81 -9.81
C GLY C 14 10.50 5.31 -9.85
N SER C 15 10.56 5.93 -8.68
CA SER C 15 10.71 7.38 -8.59
C SER C 15 10.82 7.82 -7.13
N THR C 16 9.71 7.72 -6.40
CA THR C 16 9.68 8.10 -5.00
C THR C 16 8.29 7.90 -4.41
N GLY C 17 7.27 8.08 -5.24
CA GLY C 17 5.90 7.91 -4.78
C GLY C 17 5.32 6.56 -5.17
N LEU C 18 4.03 6.37 -4.88
CA LEU C 18 3.36 5.13 -5.20
C LEU C 18 2.01 5.39 -5.87
N VAL C 19 1.49 4.40 -6.57
CA VAL C 19 0.20 4.52 -7.25
C VAL C 19 -0.75 3.41 -6.84
N VAL C 20 -2.00 3.78 -6.59
CA VAL C 20 -3.01 2.81 -6.18
C VAL C 20 -3.86 2.37 -7.38
N TYR C 21 -4.35 1.13 -7.31
CA TYR C 21 -5.18 0.59 -8.40
C TYR C 21 -6.53 0.13 -7.87
N ASP C 22 -7.53 1.01 -7.99
CA ASP C 22 -8.87 0.70 -7.53
C ASP C 22 -9.45 -0.48 -8.30
N TYR C 23 -9.36 -1.67 -7.71
CA TYR C 23 -9.87 -2.88 -8.34
C TYR C 23 -11.39 -2.96 -8.20
N GLN C 24 -12.08 -1.96 -8.74
CA GLN C 24 -13.54 -1.93 -8.68
C GLN C 24 -14.09 -0.89 -9.65
N GLN C 25 -13.86 0.39 -9.35
CA GLN C 25 -14.34 1.48 -10.20
C GLN C 25 -13.32 1.82 -11.28
N LEU C 26 -12.19 1.10 -11.27
CA LEU C 26 -11.14 1.33 -12.24
C LEU C 26 -10.57 2.74 -12.12
N LEU C 27 -9.92 3.01 -11.00
CA LEU C 27 -9.32 4.32 -10.76
C LEU C 27 -7.89 4.19 -10.26
N ILE C 28 -7.08 5.21 -10.54
CA ILE C 28 -5.68 5.20 -10.12
C ILE C 28 -5.27 6.57 -9.57
N ALA C 29 -4.36 6.55 -8.60
CA ALA C 29 -3.88 7.79 -7.99
C ALA C 29 -2.38 7.95 -8.19
N TYR C 30 -1.97 9.00 -8.87
CA TYR C 30 -0.56 9.27 -9.12
C TYR C 30 -0.24 10.74 -8.91
N LYS C 31 0.72 11.01 -8.02
CA LYS C 31 1.13 12.37 -7.72
C LYS C 31 2.50 12.39 -7.07
N PRO C 32 3.25 13.49 -7.27
CA PRO C 32 4.59 13.67 -6.71
C PRO C 32 4.56 13.85 -5.19
N ALA C 33 4.40 15.09 -4.75
CA ALA C 33 4.36 15.39 -3.33
C ALA C 33 2.93 15.30 -2.79
N PRO C 34 2.80 15.22 -1.46
CA PRO C 34 1.51 15.11 -0.79
C PRO C 34 0.71 16.41 -0.87
N GLY C 35 -0.26 16.44 -1.79
CA GLY C 35 -1.07 17.63 -1.94
C GLY C 35 -0.51 18.60 -2.98
N THR C 36 0.21 18.05 -3.95
CA THR C 36 0.81 18.87 -5.00
C THR C 36 0.48 18.32 -6.38
N CYS C 37 -0.72 18.64 -6.86
CA CYS C 37 -1.15 18.18 -8.17
C CYS C 37 -1.33 16.65 -8.19
N CYS C 38 -2.45 16.20 -8.75
CA CYS C 38 -2.74 14.77 -8.83
C CYS C 38 -3.22 14.39 -10.22
N TYR C 39 -3.22 13.10 -10.51
CA TYR C 39 -3.67 12.60 -11.81
C TYR C 39 -4.39 11.26 -11.66
N ILE C 40 -5.53 11.15 -12.34
CA ILE C 40 -6.32 9.92 -12.30
C ILE C 40 -6.52 9.33 -13.69
N MET C 41 -6.41 8.02 -13.79
CA MET C 41 -6.58 7.34 -15.08
C MET C 41 -7.45 6.09 -14.92
N LYS C 42 -7.83 5.50 -16.04
CA LYS C 42 -8.66 4.30 -16.02
C LYS C 42 -7.83 3.05 -16.31
N ILE C 43 -8.31 1.90 -15.85
CA ILE C 43 -7.61 0.64 -16.05
C ILE C 43 -8.51 -0.37 -16.75
N ALA C 44 -7.89 -1.26 -17.53
CA ALA C 44 -8.64 -2.29 -18.25
C ALA C 44 -8.76 -3.56 -17.41
N PRO C 45 -9.99 -4.10 -17.35
CA PRO C 45 -10.28 -5.32 -16.60
C PRO C 45 -9.66 -6.56 -17.22
N GLU C 46 -9.47 -6.52 -18.54
CA GLU C 46 -8.89 -7.64 -19.26
C GLU C 46 -7.37 -7.58 -19.23
N SER C 47 -6.83 -6.37 -19.04
CA SER C 47 -5.39 -6.18 -18.99
C SER C 47 -5.04 -5.05 -18.03
N ILE C 48 -5.07 -5.35 -16.73
CA ILE C 48 -4.75 -4.36 -15.71
C ILE C 48 -3.31 -3.90 -15.83
N PRO C 49 -3.12 -2.62 -16.18
CA PRO C 49 -1.79 -2.02 -16.33
C PRO C 49 -1.07 -1.87 -15.00
N SER C 50 -0.52 -2.96 -14.49
CA SER C 50 0.19 -2.95 -13.23
C SER C 50 1.30 -1.91 -13.23
N LEU C 51 2.00 -1.77 -12.11
CA LEU C 51 3.09 -0.80 -11.99
C LEU C 51 4.03 -0.91 -13.19
N GLU C 52 4.12 -2.10 -13.78
CA GLU C 52 4.99 -2.31 -14.93
C GLU C 52 4.72 -1.27 -16.02
N ALA C 53 3.43 -1.04 -16.31
CA ALA C 53 3.04 -0.09 -17.33
C ALA C 53 3.16 1.34 -16.80
N LEU C 54 2.61 1.58 -15.61
CA LEU C 54 2.65 2.90 -14.99
C LEU C 54 4.09 3.43 -14.93
N THR C 55 4.97 2.65 -14.32
CA THR C 55 6.37 3.04 -14.19
C THR C 55 6.99 3.30 -15.56
N ARG C 56 6.50 2.60 -16.58
CA ARG C 56 7.01 2.75 -17.93
C ARG C 56 6.78 4.18 -18.44
N LYS C 57 5.53 4.63 -18.37
CA LYS C 57 5.17 5.97 -18.83
C LYS C 57 5.61 7.02 -17.81
N VAL C 58 5.65 6.63 -16.54
CA VAL C 58 6.06 7.54 -15.47
C VAL C 58 7.52 7.94 -15.62
N HIS C 59 8.31 7.06 -16.24
CA HIS C 59 9.72 7.32 -16.45
C HIS C 59 9.93 8.63 -17.21
N ASN C 60 9.04 8.91 -18.15
CA ASN C 60 9.12 10.13 -18.94
C ASN C 60 8.54 11.32 -18.18
N PHE C 61 7.68 11.03 -17.22
CA PHE C 61 7.05 12.07 -16.42
C PHE C 61 6.07 12.89 -17.26
N GLN C 62 6.60 13.82 -18.05
CA GLN C 62 5.78 14.66 -18.90
C GLN C 62 4.60 15.25 -18.11
N MET C 63 4.81 15.46 -16.82
CA MET C 63 3.77 16.01 -15.97
C MET C 63 4.35 17.04 -15.00
N GLU C 64 4.79 16.57 -13.83
CA GLU C 64 5.37 17.45 -12.82
C GLU C 64 4.54 18.73 -12.68
N CYS C 65 3.32 18.57 -12.18
CA CYS C 65 2.43 19.72 -12.00
C CYS C 65 2.25 20.49 -13.30
N SER C 66 2.35 19.77 -14.42
CA SER C 66 2.20 20.38 -15.73
C SER C 66 1.56 19.42 -16.71
N LEU C 67 1.68 19.71 -18.00
CA LEU C 67 1.11 18.88 -19.04
C LEU C 67 1.60 19.29 -20.42
N GLN C 68 2.50 18.49 -20.99
CA GLN C 68 3.06 18.79 -22.31
C GLN C 68 2.86 17.61 -23.26
N ALA C 69 1.93 17.77 -24.20
CA ALA C 69 1.65 16.72 -25.17
C ALA C 69 1.39 15.39 -24.48
N LYS C 70 0.94 15.45 -23.23
CA LYS C 70 0.66 14.25 -22.46
C LYS C 70 -0.66 13.61 -22.91
N PRO C 71 -1.76 14.37 -22.75
CA PRO C 71 -3.09 13.90 -23.14
C PRO C 71 -3.26 13.79 -24.65
N ALA C 72 -4.50 13.67 -25.09
CA ALA C 72 -4.80 13.56 -26.52
C ALA C 72 -4.80 14.92 -27.19
N VAL C 73 -4.50 15.96 -26.40
CA VAL C 73 -4.46 17.32 -26.93
C VAL C 73 -3.06 17.91 -26.82
N PRO C 74 -2.26 17.76 -27.89
CA PRO C 74 -0.89 18.27 -27.94
C PRO C 74 -0.85 19.79 -28.00
N THR C 75 -1.97 20.40 -28.35
CA THR C 75 -2.07 21.85 -28.46
C THR C 75 -1.18 22.38 -29.59
N SER C 76 -1.10 21.61 -30.66
CA SER C 76 -0.29 22.00 -31.82
C SER C 76 -1.16 22.66 -32.89
N LYS C 77 -1.16 23.98 -32.91
CA LYS C 77 -1.94 24.73 -33.89
C LYS C 77 -3.43 24.42 -33.75
N LEU C 78 -3.88 24.24 -32.50
CA LEU C 78 -5.27 23.94 -32.23
C LEU C 78 -6.17 25.11 -32.63
N GLY C 79 -7.48 24.93 -32.46
CA GLY C 79 -8.42 25.98 -32.81
C GLY C 79 -8.65 26.95 -31.66
N GLN C 80 -9.68 26.68 -30.86
CA GLN C 80 -10.01 27.52 -29.73
C GLN C 80 -9.86 26.77 -28.41
N ALA C 81 -10.80 25.86 -28.15
CA ALA C 81 -10.76 25.07 -26.93
C ALA C 81 -9.71 23.97 -27.01
N GLU C 82 -9.45 23.32 -25.88
CA GLU C 82 -8.47 22.25 -25.83
C GLU C 82 -9.08 20.96 -25.27
N GLY C 83 -8.23 19.99 -24.96
CA GLY C 83 -8.70 18.73 -24.43
C GLY C 83 -8.50 18.62 -22.93
N ARG C 84 -8.20 17.42 -22.46
CA ARG C 84 -7.97 17.18 -21.03
C ARG C 84 -9.28 17.35 -20.25
N ASP C 85 -9.69 18.59 -20.06
CA ASP C 85 -10.92 18.88 -19.33
C ASP C 85 -12.08 19.13 -20.29
N ALA C 86 -11.82 18.98 -21.58
CA ALA C 86 -12.83 19.19 -22.60
C ALA C 86 -12.87 18.03 -23.58
N GLY C 87 -11.72 17.43 -23.83
CA GLY C 87 -11.64 16.31 -24.75
C GLY C 87 -11.45 14.98 -24.04
N SER C 88 -10.72 15.02 -22.92
CA SER C 88 -10.46 13.80 -22.16
C SER C 88 -11.08 13.91 -20.76
N ALA C 89 -12.33 14.33 -20.70
CA ALA C 89 -13.05 14.47 -19.44
C ALA C 89 -14.46 14.99 -19.65
N PRO C 90 -15.45 14.09 -19.54
CA PRO C 90 -16.86 14.44 -19.72
C PRO C 90 -17.39 15.30 -18.57
N SER C 91 -18.70 15.52 -18.58
CA SER C 91 -19.34 16.34 -17.54
C SER C 91 -19.98 15.45 -16.48
N GLY C 92 -19.50 15.60 -15.24
CA GLY C 92 -20.04 14.81 -14.14
C GLY C 92 -19.56 13.37 -14.18
N GLY C 93 -19.86 12.66 -15.26
CA GLY C 93 -19.45 11.28 -15.39
C GLY C 93 -17.94 11.12 -15.34
N ASP C 94 -17.22 12.22 -15.53
CA ASP C 94 -15.76 12.19 -15.50
C ASP C 94 -15.26 11.55 -14.20
N PRO C 95 -14.21 10.72 -14.32
CA PRO C 95 -13.60 10.03 -13.18
C PRO C 95 -12.88 10.98 -12.24
N ALA C 96 -13.08 12.28 -12.45
CA ALA C 96 -12.44 13.29 -11.62
C ALA C 96 -12.55 12.93 -10.14
N PHE C 97 -13.70 12.39 -9.75
CA PHE C 97 -13.93 12.01 -8.37
C PHE C 97 -15.00 10.92 -8.28
N LEU C 98 -14.57 9.71 -7.94
CA LEU C 98 -15.49 8.59 -7.81
C LEU C 98 -15.23 7.81 -6.53
N GLY C 99 -13.95 7.62 -6.20
CA GLY C 99 -13.59 6.90 -4.99
C GLY C 99 -13.05 7.81 -3.91
N MET C 100 -13.19 7.39 -2.66
CA MET C 100 -12.72 8.17 -1.52
C MET C 100 -11.21 8.11 -1.40
N ALA C 101 -10.65 6.92 -1.63
CA ALA C 101 -9.21 6.71 -1.55
C ALA C 101 -8.47 7.73 -2.42
N VAL C 102 -8.80 7.74 -3.71
CA VAL C 102 -8.17 8.66 -4.65
C VAL C 102 -8.29 10.10 -4.18
N SER C 103 -9.45 10.44 -3.62
CA SER C 103 -9.71 11.79 -3.12
C SER C 103 -8.81 12.11 -1.93
N THR C 104 -8.37 11.07 -1.24
CA THR C 104 -7.50 11.24 -0.08
C THR C 104 -6.07 11.55 -0.50
N LEU C 105 -5.50 10.67 -1.32
CA LEU C 105 -4.14 10.85 -1.80
C LEU C 105 -3.98 12.19 -2.50
N CYS C 106 -4.86 12.46 -3.46
CA CYS C 106 -4.82 13.71 -4.20
C CYS C 106 -5.17 14.90 -3.31
N GLY C 107 -5.94 14.64 -2.25
CA GLY C 107 -6.32 15.69 -1.33
C GLY C 107 -7.44 16.56 -1.89
N GLU C 108 -8.43 15.92 -2.50
CA GLU C 108 -9.56 16.65 -3.08
C GLU C 108 -9.07 17.78 -3.98
N VAL C 109 -8.03 17.50 -4.76
CA VAL C 109 -7.47 18.49 -5.67
C VAL C 109 -7.90 18.23 -7.10
N PRO C 110 -7.94 19.29 -7.92
CA PRO C 110 -8.34 19.19 -9.33
C PRO C 110 -7.30 18.46 -10.18
N LEU C 111 -7.64 17.27 -10.64
CA LEU C 111 -6.73 16.48 -11.46
C LEU C 111 -7.32 16.24 -12.85
N TYR C 112 -6.44 16.07 -13.83
CA TYR C 112 -6.87 15.85 -15.20
C TYR C 112 -6.24 14.58 -15.77
N TYR C 113 -6.95 13.93 -16.69
CA TYR C 113 -6.46 12.71 -17.31
C TYR C 113 -5.07 12.92 -17.92
N ILE C 114 -4.22 11.89 -17.81
CA ILE C 114 -2.87 11.97 -18.34
C ILE C 114 -2.71 11.05 -19.54
N GLY A 1 -5.26 -11.80 16.64
CA GLY A 1 -6.61 -12.09 17.07
C GLY A 1 -7.50 -12.51 15.91
N SER A 2 -7.99 -11.53 15.15
CA SER A 2 -8.86 -11.81 14.02
C SER A 2 -8.16 -12.71 13.01
N GLU A 3 -8.85 -12.97 11.89
CA GLU A 3 -8.29 -13.82 10.84
C GLU A 3 -8.29 -13.10 9.50
N HIS A 4 -9.47 -12.94 8.92
CA HIS A 4 -9.61 -12.27 7.62
C HIS A 4 -10.40 -10.97 7.78
N LEU A 5 -9.83 -10.01 8.47
CA LEU A 5 -10.48 -8.72 8.68
C LEU A 5 -9.45 -7.60 8.85
N VAL A 6 -9.47 -6.64 7.93
CA VAL A 6 -8.55 -5.52 7.98
C VAL A 6 -9.22 -4.23 7.51
N THR A 7 -9.39 -4.11 6.19
CA THR A 7 -10.01 -2.93 5.62
C THR A 7 -9.21 -1.67 5.93
N THR A 8 -8.18 -1.41 5.14
CA THR A 8 -7.33 -0.25 5.34
C THR A 8 -6.46 0.02 4.12
N ALA A 9 -5.85 1.20 4.07
CA ALA A 9 -4.99 1.57 2.95
C ALA A 9 -3.57 1.83 3.43
N THR A 10 -2.60 1.27 2.71
CA THR A 10 -1.19 1.44 3.06
C THR A 10 -0.58 2.60 2.30
N PHE A 11 0.09 3.49 3.03
CA PHE A 11 0.73 4.66 2.42
C PHE A 11 2.06 4.97 3.10
N SER A 12 2.79 5.92 2.54
CA SER A 12 4.08 6.31 3.10
C SER A 12 4.16 7.82 3.27
N ILE A 13 5.05 8.26 4.16
CA ILE A 13 5.24 9.69 4.43
C ILE A 13 6.58 10.18 3.90
N GLY A 14 6.54 11.27 3.14
CA GLY A 14 7.77 11.82 2.59
C GLY A 14 8.61 10.79 1.88
N SER A 15 9.90 10.75 2.19
CA SER A 15 10.81 9.80 1.57
C SER A 15 11.74 9.18 2.61
N THR A 16 11.21 8.95 3.81
CA THR A 16 11.99 8.37 4.89
C THR A 16 11.11 7.47 5.77
N GLY A 17 9.95 7.99 6.14
CA GLY A 17 9.04 7.23 6.99
C GLY A 17 7.88 6.64 6.20
N LEU A 18 7.00 5.93 6.91
CA LEU A 18 5.84 5.30 6.27
C LEU A 18 4.66 5.26 7.23
N VAL A 19 3.48 5.63 6.74
CA VAL A 19 2.27 5.62 7.55
C VAL A 19 1.08 5.15 6.74
N VAL A 20 0.34 4.18 7.28
CA VAL A 20 -0.83 3.64 6.62
C VAL A 20 -2.11 4.17 7.24
N TYR A 21 -3.06 4.55 6.40
CA TYR A 21 -4.34 5.09 6.87
C TYR A 21 -5.45 4.06 6.70
N ASP A 22 -6.50 4.19 7.51
CA ASP A 22 -7.63 3.28 7.46
C ASP A 22 -8.84 3.96 6.83
N TYR A 23 -9.56 3.22 5.97
CA TYR A 23 -10.74 3.76 5.31
C TYR A 23 -12.00 3.13 5.87
N GLN A 24 -12.00 2.85 7.17
CA GLN A 24 -13.15 2.25 7.83
C GLN A 24 -12.94 2.18 9.33
N GLN A 25 -11.73 1.79 9.74
CA GLN A 25 -11.40 1.68 11.16
C GLN A 25 -10.91 3.02 11.70
N LEU A 26 -10.49 3.91 10.81
CA LEU A 26 -10.00 5.23 11.21
C LEU A 26 -8.73 5.10 12.03
N LEU A 27 -8.05 3.97 11.91
CA LEU A 27 -6.81 3.72 12.64
C LEU A 27 -5.60 3.95 11.74
N ILE A 28 -4.61 4.66 12.28
CA ILE A 28 -3.39 4.95 11.53
C ILE A 28 -2.16 4.38 12.24
N ALA A 29 -1.18 3.95 11.44
CA ALA A 29 0.04 3.38 11.98
C ALA A 29 1.22 4.35 11.82
N TYR A 30 1.81 4.74 12.94
CA TYR A 30 2.94 5.66 12.92
C TYR A 30 4.09 5.12 13.74
N LYS A 31 5.21 4.84 13.07
CA LYS A 31 6.39 4.32 13.73
C LYS A 31 7.66 4.70 12.97
N PRO A 32 8.77 4.85 13.69
CA PRO A 32 10.07 5.22 13.10
C PRO A 32 10.66 4.09 12.27
N ALA A 33 11.40 3.20 12.92
CA ALA A 33 12.01 2.08 12.24
C ALA A 33 11.09 0.86 12.23
N PRO A 34 11.36 -0.09 11.31
CA PRO A 34 10.56 -1.31 11.18
C PRO A 34 10.77 -2.26 12.37
N GLY A 35 9.67 -2.58 13.05
CA GLY A 35 9.74 -3.47 14.20
C GLY A 35 10.06 -2.74 15.49
N THR A 36 9.69 -1.46 15.54
CA THR A 36 9.95 -0.65 16.73
C THR A 36 8.66 -0.05 17.27
N CYS A 37 8.79 0.86 18.23
CA CYS A 37 7.62 1.51 18.83
C CYS A 37 6.65 1.98 17.75
N CYS A 38 5.36 1.89 18.06
CA CYS A 38 4.33 2.31 17.12
C CYS A 38 3.36 3.30 17.77
N TYR A 39 2.49 3.88 16.97
CA TYR A 39 1.51 4.85 17.47
C TYR A 39 0.19 4.72 16.72
N ILE A 40 -0.91 4.83 17.46
CA ILE A 40 -2.24 4.73 16.87
C ILE A 40 -3.06 6.00 17.13
N MET A 41 -3.78 6.44 16.11
CA MET A 41 -4.61 7.64 16.24
C MET A 41 -5.90 7.49 15.43
N LYS A 42 -6.90 8.29 15.79
CA LYS A 42 -8.19 8.25 15.10
C LYS A 42 -8.30 9.36 14.08
N ILE A 43 -9.13 9.16 13.07
CA ILE A 43 -9.32 10.15 12.02
C ILE A 43 -10.80 10.33 11.70
N ALA A 44 -11.09 11.21 10.75
CA ALA A 44 -12.47 11.47 10.34
C ALA A 44 -12.69 11.10 8.88
N PRO A 45 -13.78 10.37 8.61
CA PRO A 45 -14.13 9.92 7.26
C PRO A 45 -14.57 11.08 6.36
N GLU A 46 -14.67 12.27 6.96
CA GLU A 46 -15.08 13.46 6.21
C GLU A 46 -13.87 14.14 5.58
N SER A 47 -12.70 13.93 6.17
CA SER A 47 -11.47 14.53 5.67
C SER A 47 -10.24 13.78 6.17
N ILE A 48 -9.85 12.74 5.43
CA ILE A 48 -8.69 11.94 5.81
C ILE A 48 -7.40 12.72 5.64
N PRO A 49 -6.66 12.88 6.75
CA PRO A 49 -5.38 13.61 6.75
C PRO A 49 -4.29 12.85 6.00
N SER A 50 -4.27 13.00 4.68
CA SER A 50 -3.27 12.33 3.85
C SER A 50 -1.86 12.67 4.32
N LEU A 51 -0.88 12.11 3.64
CA LEU A 51 0.52 12.34 3.98
C LEU A 51 0.78 13.84 4.22
N GLU A 52 0.07 14.67 3.48
CA GLU A 52 0.21 16.12 3.60
C GLU A 52 0.00 16.56 5.05
N ALA A 53 -1.05 16.05 5.67
CA ALA A 53 -1.36 16.39 7.05
C ALA A 53 -0.43 15.65 8.02
N LEU A 54 -0.27 14.35 7.80
CA LEU A 54 0.59 13.54 8.66
C LEU A 54 1.99 14.14 8.75
N THR A 55 2.61 14.37 7.60
CA THR A 55 3.94 14.94 7.55
C THR A 55 3.99 16.29 8.26
N ARG A 56 2.87 17.00 8.27
CA ARG A 56 2.78 18.29 8.90
C ARG A 56 2.98 18.18 10.41
N LYS A 57 2.17 17.33 11.05
CA LYS A 57 2.25 17.12 12.49
C LYS A 57 3.46 16.25 12.84
N VAL A 58 3.83 15.37 11.92
CA VAL A 58 4.97 14.48 12.13
C VAL A 58 6.28 15.23 12.00
N HIS A 59 6.29 16.28 11.17
CA HIS A 59 7.48 17.07 10.96
C HIS A 59 7.98 17.67 12.27
N ASN A 60 7.05 18.02 13.15
CA ASN A 60 7.39 18.60 14.44
C ASN A 60 8.13 17.60 15.32
N PHE A 61 7.93 16.31 15.03
CA PHE A 61 8.59 15.25 15.79
C PHE A 61 8.31 15.42 17.28
N GLN A 62 7.24 14.78 17.76
CA GLN A 62 6.88 14.86 19.17
C GLN A 62 6.59 13.47 19.73
N MET A 63 7.22 12.46 19.14
CA MET A 63 7.02 11.08 19.58
C MET A 63 8.36 10.36 19.72
N GLU A 64 8.85 9.81 18.60
CA GLU A 64 10.11 9.09 18.61
C GLU A 64 10.20 8.14 19.79
N CYS A 65 9.13 7.38 20.00
CA CYS A 65 9.08 6.41 21.10
C CYS A 65 9.29 7.11 22.44
N SER A 66 8.68 8.28 22.58
CA SER A 66 8.79 9.06 23.82
C SER A 66 7.46 9.68 24.19
N LEU A 67 6.81 10.30 23.20
CA LEU A 67 5.52 10.95 23.43
C LEU A 67 5.63 12.05 24.48
N GLN A 68 5.70 13.29 24.02
CA GLN A 68 5.81 14.44 24.93
C GLN A 68 4.75 15.48 24.61
N ALA A 69 3.82 15.67 25.54
CA ALA A 69 2.75 16.64 25.37
C ALA A 69 1.99 16.39 24.08
N LYS A 70 2.06 15.17 23.58
CA LYS A 70 1.38 14.79 22.34
C LYS A 70 -0.09 14.50 22.60
N PRO A 71 -0.37 13.46 23.41
CA PRO A 71 -1.73 13.07 23.76
C PRO A 71 -2.42 14.08 24.66
N ALA A 72 -3.52 13.66 25.29
CA ALA A 72 -4.27 14.53 26.17
C ALA A 72 -3.61 14.60 27.55
N VAL A 73 -2.47 13.94 27.69
CA VAL A 73 -1.74 13.93 28.96
C VAL A 73 -0.37 14.60 28.82
N PRO A 74 -0.34 15.91 29.07
CA PRO A 74 0.90 16.71 28.98
C PRO A 74 1.89 16.36 30.08
N THR A 75 1.37 15.87 31.21
CA THR A 75 2.21 15.49 32.33
C THR A 75 2.93 16.71 32.91
N SER A 76 2.18 17.77 33.14
CA SER A 76 2.75 19.00 33.68
C SER A 76 1.85 19.57 34.79
N LYS A 77 0.54 19.55 34.55
CA LYS A 77 -0.42 20.05 35.52
C LYS A 77 -1.39 18.95 35.95
N LEU A 78 -0.88 17.73 36.06
CA LEU A 78 -1.71 16.59 36.46
C LEU A 78 -1.84 16.52 37.97
N GLY A 79 -2.64 15.57 38.45
CA GLY A 79 -2.84 15.42 39.88
C GLY A 79 -2.31 14.09 40.40
N GLN A 80 -3.04 13.02 40.14
CA GLN A 80 -2.64 11.69 40.58
C GLN A 80 -2.44 10.75 39.40
N ALA A 81 -3.54 10.42 38.73
CA ALA A 81 -3.49 9.53 37.58
C ALA A 81 -3.10 10.30 36.32
N GLU A 82 -2.89 9.56 35.22
CA GLU A 82 -2.51 10.17 33.96
C GLU A 82 -3.45 9.73 32.84
N GLY A 83 -3.08 10.04 31.60
CA GLY A 83 -3.90 9.66 30.46
C GLY A 83 -3.42 8.37 29.82
N ARG A 84 -3.64 8.26 28.51
CA ARG A 84 -3.23 7.06 27.77
C ARG A 84 -4.07 5.87 28.19
N ASP A 85 -3.80 5.34 29.38
CA ASP A 85 -4.52 4.18 29.89
C ASP A 85 -5.55 4.61 30.94
N ALA A 86 -5.65 5.92 31.15
CA ALA A 86 -6.59 6.46 32.13
C ALA A 86 -7.17 7.79 31.65
N GLY A 87 -7.09 8.04 30.35
CA GLY A 87 -7.60 9.28 29.79
C GLY A 87 -7.90 9.16 28.31
N SER A 88 -7.05 8.45 27.58
CA SER A 88 -7.22 8.27 26.14
C SER A 88 -7.45 6.80 25.81
N ALA A 89 -8.18 6.11 26.68
CA ALA A 89 -8.47 4.69 26.47
C ALA A 89 -9.78 4.30 27.16
N PRO A 90 -10.91 4.62 26.53
CA PRO A 90 -12.24 4.31 27.07
C PRO A 90 -12.53 2.81 27.04
N SER A 91 -12.12 2.12 28.09
CA SER A 91 -12.33 0.68 28.19
C SER A 91 -11.86 -0.03 26.93
N GLY A 92 -12.30 -1.28 26.75
CA GLY A 92 -11.91 -2.04 25.57
C GLY A 92 -12.14 -1.28 24.28
N GLY A 93 -13.05 -0.31 24.32
CA GLY A 93 -13.35 0.47 23.14
C GLY A 93 -12.14 1.21 22.61
N ASP A 94 -11.11 1.31 23.43
CA ASP A 94 -9.88 1.99 23.04
C ASP A 94 -9.36 1.46 21.72
N PRO A 95 -8.76 2.35 20.90
CA PRO A 95 -8.21 1.98 19.60
C PRO A 95 -6.97 1.12 19.71
N ALA A 96 -7.01 0.13 20.62
CA ALA A 96 -5.88 -0.76 20.83
C ALA A 96 -6.26 -2.20 20.49
N PHE A 97 -7.56 -2.48 20.46
CA PHE A 97 -8.06 -3.81 20.16
C PHE A 97 -8.75 -3.84 18.80
N LEU A 98 -8.25 -3.03 17.87
CA LEU A 98 -8.83 -2.96 16.53
C LEU A 98 -7.74 -2.72 15.49
N GLY A 99 -8.07 -2.99 14.23
CA GLY A 99 -7.11 -2.79 13.16
C GLY A 99 -6.01 -3.84 13.16
N MET A 100 -6.15 -4.85 12.31
CA MET A 100 -5.16 -5.92 12.22
C MET A 100 -3.92 -5.45 11.46
N ALA A 101 -4.14 -4.63 10.44
CA ALA A 101 -3.04 -4.10 9.63
C ALA A 101 -1.96 -3.49 10.51
N VAL A 102 -2.34 -2.51 11.31
CA VAL A 102 -1.39 -1.84 12.20
C VAL A 102 -0.66 -2.84 13.07
N SER A 103 -1.38 -3.85 13.53
CA SER A 103 -0.79 -4.88 14.39
C SER A 103 0.38 -5.57 13.69
N THR A 104 0.34 -5.58 12.36
CA THR A 104 1.40 -6.20 11.57
C THR A 104 2.61 -5.26 11.44
N LEU A 105 2.38 -4.09 10.89
CA LEU A 105 3.44 -3.10 10.71
C LEU A 105 4.13 -2.80 12.04
N CYS A 106 3.32 -2.53 13.07
CA CYS A 106 3.85 -2.22 14.39
C CYS A 106 4.51 -3.45 15.01
N GLY A 107 4.07 -4.63 14.60
CA GLY A 107 4.63 -5.86 15.12
C GLY A 107 4.12 -6.19 16.51
N GLU A 108 2.83 -5.94 16.74
CA GLU A 108 2.23 -6.21 18.04
C GLU A 108 3.04 -5.55 19.16
N VAL A 109 3.61 -4.39 18.86
CA VAL A 109 4.39 -3.65 19.83
C VAL A 109 3.53 -2.67 20.63
N PRO A 110 3.98 -2.34 21.85
CA PRO A 110 3.25 -1.43 22.73
C PRO A 110 3.29 0.01 22.22
N LEU A 111 2.19 0.46 21.64
CA LEU A 111 2.10 1.82 21.11
C LEU A 111 1.50 2.77 22.14
N TYR A 112 1.85 4.04 22.03
CA TYR A 112 1.35 5.06 22.96
C TYR A 112 0.39 6.02 22.26
N TYR A 113 -0.86 6.06 22.73
CA TYR A 113 -1.87 6.92 22.15
C TYR A 113 -1.40 8.38 22.14
N ILE A 114 -1.63 9.05 21.03
CA ILE A 114 -1.23 10.45 20.88
C ILE A 114 -2.45 11.36 20.84
N GLY B 1 -6.79 -12.70 -15.54
CA GLY B 1 -7.93 -13.59 -15.41
C GLY B 1 -9.13 -12.90 -14.78
N SER B 2 -9.11 -12.79 -13.46
CA SER B 2 -10.21 -12.15 -12.73
C SER B 2 -10.41 -10.71 -13.20
N GLU B 3 -11.35 -10.00 -12.57
CA GLU B 3 -11.64 -8.62 -12.93
C GLU B 3 -11.56 -7.73 -11.70
N HIS B 4 -12.57 -7.83 -10.84
CA HIS B 4 -12.62 -7.03 -9.62
C HIS B 4 -12.52 -7.91 -8.38
N LEU B 5 -11.35 -8.51 -8.19
CA LEU B 5 -11.12 -9.39 -7.04
C LEU B 5 -9.64 -9.39 -6.65
N VAL B 6 -9.36 -8.95 -5.44
CA VAL B 6 -7.99 -8.91 -4.93
C VAL B 6 -7.93 -9.21 -3.45
N THR B 7 -8.31 -8.23 -2.64
CA THR B 7 -8.30 -8.39 -1.19
C THR B 7 -6.90 -8.66 -0.67
N THR B 8 -6.11 -7.60 -0.50
CA THR B 8 -4.75 -7.73 -0.01
C THR B 8 -4.19 -6.39 0.43
N ALA B 9 -3.09 -6.42 1.17
CA ALA B 9 -2.45 -5.20 1.65
C ALA B 9 -1.03 -5.06 1.11
N THR B 10 -0.71 -3.86 0.62
CA THR B 10 0.62 -3.60 0.08
C THR B 10 1.55 -3.02 1.14
N PHE B 11 2.75 -3.59 1.23
CA PHE B 11 3.73 -3.13 2.19
C PHE B 11 5.15 -3.19 1.62
N SER B 12 6.11 -2.65 2.36
CA SER B 12 7.50 -2.66 1.92
C SER B 12 8.41 -3.24 2.99
N ILE B 13 9.62 -3.62 2.60
CA ILE B 13 10.59 -4.20 3.52
C ILE B 13 11.81 -3.30 3.65
N GLY B 14 12.19 -3.00 4.90
CA GLY B 14 13.35 -2.16 5.14
C GLY B 14 13.27 -0.85 4.38
N SER B 15 14.30 -0.57 3.58
CA SER B 15 14.35 0.66 2.81
C SER B 15 15.00 0.42 1.45
N THR B 16 14.73 -0.75 0.87
CA THR B 16 15.29 -1.10 -0.43
C THR B 16 14.37 -2.04 -1.19
N GLY B 17 13.79 -3.01 -0.48
CA GLY B 17 12.89 -3.95 -1.10
C GLY B 17 11.44 -3.66 -0.80
N LEU B 18 10.54 -4.44 -1.40
CA LEU B 18 9.11 -4.25 -1.20
C LEU B 18 8.37 -5.59 -1.24
N VAL B 19 7.48 -5.80 -0.28
CA VAL B 19 6.71 -7.03 -0.22
C VAL B 19 5.28 -6.77 0.27
N VAL B 20 4.31 -7.24 -0.49
CA VAL B 20 2.91 -7.06 -0.14
C VAL B 20 2.32 -8.33 0.48
N TYR B 21 1.56 -8.17 1.55
CA TYR B 21 0.94 -9.30 2.23
C TYR B 21 -0.56 -9.34 1.95
N ASP B 22 -1.13 -10.54 2.02
CA ASP B 22 -2.56 -10.73 1.79
C ASP B 22 -3.30 -10.97 3.09
N TYR B 23 -4.49 -10.37 3.23
CA TYR B 23 -5.30 -10.52 4.43
C TYR B 23 -6.52 -11.38 4.15
N GLN B 24 -6.37 -12.36 3.27
CA GLN B 24 -7.48 -13.25 2.91
C GLN B 24 -7.00 -14.38 2.02
N GLN B 25 -6.16 -14.04 1.04
CA GLN B 25 -5.63 -15.04 0.11
C GLN B 25 -4.38 -15.71 0.69
N LEU B 26 -3.78 -15.07 1.69
CA LEU B 26 -2.59 -15.60 2.33
C LEU B 26 -1.43 -15.68 1.34
N LEU B 27 -1.51 -14.87 0.28
CA LEU B 27 -0.47 -14.86 -0.75
C LEU B 27 0.43 -13.63 -0.58
N ILE B 28 1.73 -13.84 -0.71
CA ILE B 28 2.71 -12.76 -0.58
C ILE B 28 3.53 -12.61 -1.86
N ALA B 29 3.92 -11.37 -2.15
CA ALA B 29 4.71 -11.08 -3.34
C ALA B 29 6.13 -10.66 -2.96
N TYR B 30 7.11 -11.42 -3.45
CA TYR B 30 8.51 -11.13 -3.16
C TYR B 30 9.34 -11.11 -4.44
N LYS B 31 9.95 -9.96 -4.72
CA LYS B 31 10.78 -9.81 -5.92
C LYS B 31 11.81 -8.71 -5.72
N PRO B 32 12.97 -8.86 -6.38
CA PRO B 32 14.06 -7.88 -6.30
C PRO B 32 13.72 -6.57 -7.01
N ALA B 33 13.98 -6.51 -8.31
CA ALA B 33 13.69 -5.31 -9.09
C ALA B 33 12.29 -5.36 -9.66
N PRO B 34 11.78 -4.19 -10.08
CA PRO B 34 10.44 -4.06 -10.65
C PRO B 34 10.33 -4.71 -12.04
N GLY B 35 9.41 -5.66 -12.17
CA GLY B 35 9.22 -6.33 -13.45
C GLY B 35 10.20 -7.47 -13.63
N THR B 36 10.63 -8.07 -12.52
CA THR B 36 11.58 -9.18 -12.57
C THR B 36 11.00 -10.41 -11.88
N CYS B 37 11.85 -11.42 -11.68
CA CYS B 37 11.43 -12.66 -11.04
C CYS B 37 10.62 -12.36 -9.77
N CYS B 38 9.63 -13.20 -9.50
CA CYS B 38 8.79 -13.02 -8.32
C CYS B 38 8.71 -14.33 -7.51
N TYR B 39 8.14 -14.24 -6.32
CA TYR B 39 8.01 -15.40 -5.45
C TYR B 39 6.70 -15.36 -4.67
N ILE B 40 6.04 -16.51 -4.55
CA ILE B 40 4.78 -16.60 -3.84
C ILE B 40 4.88 -17.60 -2.67
N MET B 41 4.30 -17.23 -1.55
CA MET B 41 4.31 -18.10 -0.36
C MET B 41 3.00 -17.99 0.40
N LYS B 42 2.77 -18.93 1.31
CA LYS B 42 1.55 -18.95 2.11
C LYS B 42 1.82 -18.40 3.51
N ILE B 43 0.77 -17.89 4.14
CA ILE B 43 0.88 -17.33 5.48
C ILE B 43 -0.25 -17.82 6.38
N ALA B 44 -0.22 -17.42 7.64
CA ALA B 44 -1.24 -17.79 8.60
C ALA B 44 -1.99 -16.58 9.12
N PRO B 45 -3.33 -16.65 9.12
CA PRO B 45 -4.19 -15.57 9.58
C PRO B 45 -4.11 -15.37 11.09
N GLU B 46 -3.39 -16.26 11.76
CA GLU B 46 -3.23 -16.19 13.21
C GLU B 46 -2.04 -15.30 13.59
N SER B 47 -1.08 -15.20 12.68
CA SER B 47 0.11 -14.39 12.92
C SER B 47 0.78 -14.01 11.60
N ILE B 48 0.35 -12.90 11.02
CA ILE B 48 0.92 -12.43 9.76
C ILE B 48 2.35 -11.94 9.95
N PRO B 49 3.30 -12.59 9.26
CA PRO B 49 4.72 -12.24 9.33
C PRO B 49 5.02 -10.90 8.66
N SER B 50 4.77 -9.81 9.39
CA SER B 50 5.00 -8.48 8.86
C SER B 50 6.45 -8.33 8.40
N LEU B 51 6.78 -7.15 7.89
CA LEU B 51 8.13 -6.87 7.40
C LEU B 51 9.17 -7.32 8.42
N GLU B 52 8.82 -7.24 9.70
CA GLU B 52 9.72 -7.63 10.76
C GLU B 52 10.28 -9.04 10.52
N ALA B 53 9.38 -9.98 10.25
CA ALA B 53 9.78 -11.36 10.00
C ALA B 53 10.32 -11.52 8.59
N LEU B 54 9.66 -10.88 7.63
CA LEU B 54 10.08 -10.95 6.23
C LEU B 54 11.55 -10.57 6.08
N THR B 55 11.90 -9.39 6.57
CA THR B 55 13.28 -8.90 6.49
C THR B 55 14.24 -9.91 7.10
N ARG B 56 13.76 -10.67 8.09
CA ARG B 56 14.59 -11.67 8.75
C ARG B 56 15.01 -12.77 7.78
N LYS B 57 14.02 -13.37 7.11
CA LYS B 57 14.28 -14.43 6.15
C LYS B 57 14.86 -13.87 4.86
N VAL B 58 14.49 -12.64 4.54
CA VAL B 58 14.98 -11.98 3.32
C VAL B 58 16.44 -11.59 3.47
N HIS B 59 16.83 -11.23 4.68
CA HIS B 59 18.21 -10.83 4.94
C HIS B 59 19.19 -11.95 4.59
N ASN B 60 18.75 -13.19 4.76
CA ASN B 60 19.58 -14.35 4.46
C ASN B 60 19.84 -14.45 2.97
N PHE B 61 18.95 -13.86 2.17
CA PHE B 61 19.09 -13.88 0.72
C PHE B 61 19.30 -15.30 0.22
N GLN B 62 18.20 -16.00 -0.08
CA GLN B 62 18.28 -17.37 -0.56
C GLN B 62 17.42 -17.54 -1.82
N MET B 63 17.24 -16.46 -2.56
CA MET B 63 16.44 -16.50 -3.78
C MET B 63 17.14 -15.76 -4.92
N GLU B 64 16.95 -14.45 -4.97
CA GLU B 64 17.58 -13.63 -6.01
C GLU B 64 17.39 -14.27 -7.39
N CYS B 65 16.17 -14.72 -7.67
CA CYS B 65 15.85 -15.35 -8.95
C CYS B 65 16.70 -16.60 -9.15
N SER B 66 16.91 -17.35 -8.07
CA SER B 66 17.70 -18.58 -8.14
C SER B 66 17.06 -19.68 -7.31
N LEU B 67 16.69 -19.35 -6.08
CA LEU B 67 16.06 -20.31 -5.18
C LEU B 67 17.00 -21.49 -4.91
N GLN B 68 17.64 -21.49 -3.75
CA GLN B 68 18.55 -22.56 -3.37
C GLN B 68 18.19 -23.13 -2.00
N ALA B 69 17.75 -24.39 -2.00
CA ALA B 69 17.37 -25.05 -0.76
C ALA B 69 16.32 -24.24 0.01
N LYS B 70 15.61 -23.39 -0.72
CA LYS B 70 14.56 -22.56 -0.12
C LYS B 70 13.29 -23.36 0.11
N PRO B 71 12.68 -23.84 -0.99
CA PRO B 71 11.46 -24.63 -0.93
C PRO B 71 11.68 -26.01 -0.34
N ALA B 72 10.71 -26.90 -0.54
CA ALA B 72 10.80 -28.27 -0.02
C ALA B 72 11.69 -29.13 -0.90
N VAL B 73 12.24 -28.52 -1.94
CA VAL B 73 13.12 -29.24 -2.87
C VAL B 73 14.54 -28.70 -2.80
N PRO B 74 15.37 -29.33 -1.95
CA PRO B 74 16.77 -28.94 -1.78
C PRO B 74 17.63 -29.25 -3.01
N THR B 75 17.22 -30.27 -3.75
CA THR B 75 17.94 -30.68 -4.95
C THR B 75 19.34 -31.20 -4.60
N SER B 76 19.40 -32.07 -3.60
CA SER B 76 20.68 -32.64 -3.17
C SER B 76 20.55 -34.14 -2.92
N LYS B 77 19.44 -34.54 -2.30
CA LYS B 77 19.19 -35.95 -2.01
C LYS B 77 17.91 -36.42 -2.68
N LEU B 78 17.65 -35.90 -3.87
CA LEU B 78 16.45 -36.27 -4.63
C LEU B 78 16.67 -37.57 -5.39
N GLY B 79 15.62 -38.07 -6.04
CA GLY B 79 15.73 -39.30 -6.81
C GLY B 79 15.52 -39.08 -8.28
N GLN B 80 14.25 -38.90 -8.68
CA GLN B 80 13.92 -38.69 -10.09
C GLN B 80 13.26 -37.32 -10.28
N ALA B 81 12.05 -37.17 -9.76
CA ALA B 81 11.32 -35.93 -9.87
C ALA B 81 11.76 -34.93 -8.81
N GLU B 82 11.26 -33.70 -8.92
CA GLU B 82 11.61 -32.65 -7.97
C GLU B 82 10.36 -32.00 -7.38
N GLY B 83 10.55 -30.89 -6.68
CA GLY B 83 9.43 -30.19 -6.08
C GLY B 83 8.92 -29.05 -6.95
N ARG B 84 8.41 -28.01 -6.30
CA ARG B 84 7.88 -26.86 -7.02
C ARG B 84 6.62 -27.22 -7.79
N ASP B 85 6.81 -27.93 -8.90
CA ASP B 85 5.69 -28.35 -9.73
C ASP B 85 5.33 -29.82 -9.49
N ALA B 86 6.04 -30.43 -8.54
CA ALA B 86 5.80 -31.83 -8.20
C ALA B 86 5.99 -32.08 -6.71
N GLY B 87 5.91 -31.01 -5.93
CA GLY B 87 6.06 -31.13 -4.49
C GLY B 87 5.46 -29.97 -3.74
N SER B 88 5.58 -28.76 -4.30
CA SER B 88 5.04 -27.57 -3.67
C SER B 88 3.95 -26.95 -4.53
N ALA B 89 3.17 -27.81 -5.18
CA ALA B 89 2.08 -27.34 -6.04
C ALA B 89 1.03 -28.42 -6.22
N PRO B 90 0.13 -28.55 -5.23
CA PRO B 90 -0.95 -29.54 -5.26
C PRO B 90 -2.01 -29.23 -6.31
N SER B 91 -1.77 -29.69 -7.54
CA SER B 91 -2.70 -29.45 -8.63
C SER B 91 -3.05 -27.97 -8.74
N GLY B 92 -4.13 -27.67 -9.46
CA GLY B 92 -4.55 -26.29 -9.62
C GLY B 92 -4.68 -25.57 -8.30
N GLY B 93 -4.87 -26.32 -7.23
CA GLY B 93 -5.01 -25.73 -5.91
C GLY B 93 -3.81 -24.90 -5.52
N ASP B 94 -2.69 -25.11 -6.20
CA ASP B 94 -1.46 -24.38 -5.92
C ASP B 94 -1.71 -22.87 -5.93
N PRO B 95 -1.01 -22.15 -5.04
CA PRO B 95 -1.15 -20.70 -4.93
C PRO B 95 -0.56 -19.96 -6.13
N ALA B 96 -0.85 -20.47 -7.32
CA ALA B 96 -0.37 -19.86 -8.55
C ALA B 96 -1.52 -19.38 -9.43
N PHE B 97 -2.74 -19.80 -9.08
CA PHE B 97 -3.92 -19.41 -9.83
C PHE B 97 -4.84 -18.54 -8.98
N LEU B 98 -4.25 -17.77 -8.07
CA LEU B 98 -5.02 -16.89 -7.20
C LEU B 98 -4.22 -15.63 -6.87
N GLY B 99 -4.92 -14.62 -6.36
CA GLY B 99 -4.26 -13.38 -5.99
C GLY B 99 -3.93 -12.53 -7.21
N MET B 100 -4.79 -11.54 -7.49
CA MET B 100 -4.58 -10.66 -8.64
C MET B 100 -3.47 -9.65 -8.34
N ALA B 101 -3.40 -9.20 -7.10
CA ALA B 101 -2.39 -8.23 -6.69
C ALA B 101 -0.99 -8.69 -7.11
N VAL B 102 -0.60 -9.87 -6.66
CA VAL B 102 0.71 -10.42 -6.99
C VAL B 102 0.92 -10.48 -8.49
N SER B 103 -0.16 -10.74 -9.22
CA SER B 103 -0.10 -10.83 -10.68
C SER B 103 0.39 -9.52 -11.29
N THR B 104 0.07 -8.41 -10.62
CA THR B 104 0.47 -7.10 -11.09
C THR B 104 1.92 -6.81 -10.74
N LEU B 105 2.25 -6.89 -9.45
CA LEU B 105 3.61 -6.64 -8.99
C LEU B 105 4.61 -7.58 -9.68
N CYS B 106 4.30 -8.86 -9.66
CA CYS B 106 5.15 -9.86 -10.27
C CYS B 106 5.13 -9.74 -11.79
N GLY B 107 4.04 -9.19 -12.33
CA GLY B 107 3.92 -9.02 -13.76
C GLY B 107 3.60 -10.32 -14.48
N GLU B 108 2.73 -11.12 -13.87
CA GLU B 108 2.35 -12.41 -14.45
C GLU B 108 3.57 -13.21 -14.87
N VAL B 109 4.63 -13.10 -14.08
CA VAL B 109 5.88 -13.82 -14.36
C VAL B 109 5.92 -15.14 -13.61
N PRO B 110 6.68 -16.10 -14.16
CA PRO B 110 6.84 -17.43 -13.56
C PRO B 110 7.65 -17.39 -12.27
N LEU B 111 6.94 -17.40 -11.14
CA LEU B 111 7.60 -17.37 -9.84
C LEU B 111 7.90 -18.78 -9.35
N TYR B 112 8.95 -18.91 -8.54
CA TYR B 112 9.35 -20.20 -8.00
C TYR B 112 8.94 -20.33 -6.54
N TYR B 113 8.08 -21.31 -6.25
CA TYR B 113 7.61 -21.54 -4.89
C TYR B 113 8.78 -21.75 -3.93
N ILE B 114 8.69 -21.14 -2.75
CA ILE B 114 9.73 -21.25 -1.75
C ILE B 114 9.26 -22.07 -0.55
N GLY C 1 -16.19 13.70 0.29
CA GLY C 1 -17.56 13.32 0.00
C GLY C 1 -17.98 12.06 0.73
N SER C 2 -17.60 10.91 0.18
CA SER C 2 -17.95 9.62 0.78
C SER C 2 -17.39 9.52 2.19
N GLU C 3 -17.59 8.36 2.82
CA GLU C 3 -17.11 8.14 4.18
C GLU C 3 -16.26 6.87 4.25
N HIS C 4 -16.91 5.72 4.14
CA HIS C 4 -16.22 4.44 4.19
C HIS C 4 -16.32 3.71 2.87
N LEU C 5 -15.69 4.26 1.84
CA LEU C 5 -15.70 3.66 0.51
C LEU C 5 -14.45 4.01 -0.27
N VAL C 6 -13.68 2.99 -0.64
CA VAL C 6 -12.44 3.19 -1.39
C VAL C 6 -12.22 2.07 -2.39
N THR C 7 -11.78 0.91 -1.89
CA THR C 7 -11.52 -0.24 -2.73
C THR C 7 -10.43 0.05 -3.75
N THR C 8 -9.18 -0.06 -3.31
CA THR C 8 -8.04 0.20 -4.19
C THR C 8 -6.75 -0.34 -3.58
N ALA C 9 -5.71 -0.45 -4.41
CA ALA C 9 -4.42 -0.94 -3.95
C ALA C 9 -3.34 0.13 -4.11
N THR C 10 -2.53 0.31 -3.07
CA THR C 10 -1.46 1.29 -3.09
C THR C 10 -0.15 0.67 -3.55
N PHE C 11 0.52 1.33 -4.49
CA PHE C 11 1.78 0.84 -5.01
C PHE C 11 2.73 2.00 -5.31
N SER C 12 3.97 1.66 -5.67
CA SER C 12 4.98 2.67 -5.98
C SER C 12 5.65 2.37 -7.31
N ILE C 13 6.30 3.38 -7.88
CA ILE C 13 6.99 3.22 -9.16
C ILE C 13 8.50 3.41 -8.99
N GLY C 14 9.27 2.46 -9.52
CA GLY C 14 10.72 2.54 -9.42
C GLY C 14 11.19 2.74 -8.00
N SER C 15 11.97 3.79 -7.79
CA SER C 15 12.50 4.10 -6.46
C SER C 15 12.56 5.59 -6.23
N THR C 16 11.57 6.31 -6.75
CA THR C 16 11.51 7.76 -6.61
C THR C 16 10.06 8.25 -6.60
N GLY C 17 9.24 7.68 -7.48
CA GLY C 17 7.85 8.07 -7.56
C GLY C 17 6.92 7.06 -6.92
N LEU C 18 5.64 7.39 -6.85
CA LEU C 18 4.65 6.49 -6.27
C LEU C 18 3.31 6.60 -7.00
N VAL C 19 2.72 5.45 -7.29
CA VAL C 19 1.44 5.40 -8.00
C VAL C 19 0.57 4.26 -7.48
N VAL C 20 -0.65 4.59 -7.07
CA VAL C 20 -1.58 3.59 -6.57
C VAL C 20 -2.61 3.20 -7.63
N TYR C 21 -2.87 1.90 -7.73
CA TYR C 21 -3.82 1.39 -8.71
C TYR C 21 -5.12 0.95 -8.03
N ASP C 22 -6.22 1.00 -8.77
CA ASP C 22 -7.52 0.61 -8.25
C ASP C 22 -7.94 -0.75 -8.79
N TYR C 23 -8.54 -1.57 -7.93
CA TYR C 23 -8.99 -2.90 -8.33
C TYR C 23 -10.51 -2.96 -8.38
N GLN C 24 -11.14 -1.87 -8.78
CA GLN C 24 -12.58 -1.80 -8.88
C GLN C 24 -13.04 -0.49 -9.51
N GLN C 25 -12.41 0.61 -9.08
CA GLN C 25 -12.75 1.93 -9.60
C GLN C 25 -11.97 2.22 -10.88
N LEU C 26 -10.91 1.46 -11.10
CA LEU C 26 -10.07 1.64 -12.29
C LEU C 26 -9.43 3.02 -12.30
N LEU C 27 -9.31 3.62 -11.12
CA LEU C 27 -8.71 4.95 -10.99
C LEU C 27 -7.28 4.85 -10.49
N ILE C 28 -6.39 5.63 -11.08
CA ILE C 28 -4.98 5.64 -10.68
C ILE C 28 -4.54 7.02 -10.24
N ALA C 29 -3.61 7.07 -9.29
CA ALA C 29 -3.11 8.34 -8.78
C ALA C 29 -1.64 8.54 -9.19
N TYR C 30 -1.39 9.63 -9.91
CA TYR C 30 -0.04 9.94 -10.37
C TYR C 30 0.33 11.38 -10.04
N LYS C 31 1.39 11.56 -9.26
CA LYS C 31 1.84 12.88 -8.87
C LYS C 31 3.33 12.86 -8.51
N PRO C 32 4.00 13.99 -8.75
CA PRO C 32 5.44 14.13 -8.46
C PRO C 32 5.73 14.15 -6.97
N ALA C 33 5.67 15.34 -6.37
CA ALA C 33 5.91 15.50 -4.94
C ALA C 33 4.63 15.35 -4.14
N PRO C 34 4.78 15.11 -2.83
CA PRO C 34 3.63 14.94 -1.93
C PRO C 34 2.87 16.24 -1.70
N GLY C 35 1.57 16.22 -2.00
CA GLY C 35 0.76 17.41 -1.83
C GLY C 35 0.86 18.36 -3.00
N THR C 36 1.14 17.82 -4.18
CA THR C 36 1.26 18.62 -5.38
C THR C 36 0.27 18.16 -6.46
N CYS C 37 0.45 18.67 -7.67
CA CYS C 37 -0.42 18.33 -8.78
C CYS C 37 -0.60 16.81 -8.88
N CYS C 38 -1.80 16.38 -9.27
CA CYS C 38 -2.09 14.96 -9.40
C CYS C 38 -2.67 14.65 -10.78
N TYR C 39 -2.80 13.36 -11.09
CA TYR C 39 -3.35 12.93 -12.37
C TYR C 39 -4.18 11.66 -12.21
N ILE C 40 -5.30 11.62 -12.91
CA ILE C 40 -6.20 10.47 -12.86
C ILE C 40 -6.39 9.86 -14.23
N MET C 41 -6.39 8.52 -14.29
CA MET C 41 -6.57 7.82 -15.55
C MET C 41 -7.38 6.54 -15.34
N LYS C 42 -7.88 5.97 -16.44
CA LYS C 42 -8.66 4.74 -16.38
C LYS C 42 -7.81 3.54 -16.75
N ILE C 43 -8.22 2.36 -16.26
CA ILE C 43 -7.49 1.13 -16.54
C ILE C 43 -8.45 0.01 -16.92
N ALA C 44 -7.90 -1.15 -17.25
CA ALA C 44 -8.70 -2.31 -17.63
C ALA C 44 -8.50 -3.46 -16.64
N PRO C 45 -9.62 -4.04 -16.17
CA PRO C 45 -9.58 -5.16 -15.22
C PRO C 45 -9.07 -6.44 -15.86
N GLU C 46 -8.83 -6.40 -17.16
CA GLU C 46 -8.33 -7.56 -17.89
C GLU C 46 -6.80 -7.61 -17.85
N SER C 47 -6.18 -6.45 -17.69
CA SER C 47 -4.73 -6.35 -17.65
C SER C 47 -4.29 -5.05 -16.97
N ILE C 48 -4.17 -5.10 -15.65
CA ILE C 48 -3.76 -3.93 -14.89
C ILE C 48 -2.29 -3.58 -15.15
N PRO C 49 -2.05 -2.37 -15.67
CA PRO C 49 -0.70 -1.88 -15.98
C PRO C 49 0.13 -1.62 -14.73
N SER C 50 0.71 -2.68 -14.18
CA SER C 50 1.53 -2.56 -12.97
C SER C 50 2.62 -1.53 -13.17
N LEU C 51 3.41 -1.31 -12.11
CA LEU C 51 4.50 -0.34 -12.17
C LEU C 51 5.33 -0.53 -13.43
N GLU C 52 5.44 -1.77 -13.89
CA GLU C 52 6.20 -2.08 -15.10
C GLU C 52 5.76 -1.18 -16.26
N ALA C 53 4.45 -1.12 -16.49
CA ALA C 53 3.90 -0.30 -17.56
C ALA C 53 3.91 1.18 -17.19
N LEU C 54 3.53 1.48 -15.95
CA LEU C 54 3.49 2.85 -15.48
C LEU C 54 4.84 3.53 -15.67
N THR C 55 5.89 2.92 -15.15
CA THR C 55 7.24 3.47 -15.28
C THR C 55 7.62 3.68 -16.74
N ARG C 56 7.04 2.86 -17.62
CA ARG C 56 7.32 2.97 -19.05
C ARG C 56 6.81 4.30 -19.59
N LYS C 57 5.55 4.60 -19.35
CA LYS C 57 4.94 5.84 -19.83
C LYS C 57 5.40 7.02 -18.98
N VAL C 58 5.70 6.76 -17.71
CA VAL C 58 6.16 7.81 -16.80
C VAL C 58 7.59 8.22 -17.11
N HIS C 59 8.38 7.26 -17.59
CA HIS C 59 9.77 7.54 -17.93
C HIS C 59 9.87 8.63 -18.98
N ASN C 60 8.91 8.66 -19.89
CA ASN C 60 8.89 9.67 -20.95
C ASN C 60 8.67 11.06 -20.38
N PHE C 61 8.08 11.13 -19.19
CA PHE C 61 7.81 12.40 -18.53
C PHE C 61 7.08 13.35 -19.47
N GLN C 62 5.75 13.30 -19.45
CA GLN C 62 4.94 14.15 -20.30
C GLN C 62 3.85 14.86 -19.48
N MET C 63 4.13 15.08 -18.21
CA MET C 63 3.18 15.74 -17.32
C MET C 63 3.87 16.80 -16.46
N GLU C 64 4.44 16.35 -15.34
CA GLU C 64 5.13 17.26 -14.43
C GLU C 64 4.30 18.51 -14.17
N CYS C 65 3.02 18.32 -13.91
CA CYS C 65 2.12 19.44 -13.64
C CYS C 65 2.04 20.37 -14.84
N SER C 66 2.06 19.80 -16.05
CA SER C 66 2.00 20.58 -17.27
C SER C 66 1.08 19.93 -18.29
N LEU C 67 1.26 18.64 -18.49
CA LEU C 67 0.45 17.88 -19.45
C LEU C 67 0.60 18.45 -20.86
N GLN C 68 1.39 17.77 -21.68
CA GLN C 68 1.62 18.20 -23.05
C GLN C 68 1.34 17.06 -24.03
N ALA C 69 0.30 17.23 -24.85
CA ALA C 69 -0.07 16.22 -25.83
C ALA C 69 -0.28 14.87 -25.17
N LYS C 70 -0.56 14.88 -23.87
CA LYS C 70 -0.77 13.65 -23.13
C LYS C 70 -2.19 13.11 -23.37
N PRO C 71 -3.19 13.89 -22.96
CA PRO C 71 -4.60 13.52 -23.12
C PRO C 71 -5.05 13.55 -24.57
N ALA C 72 -6.35 13.53 -24.79
CA ALA C 72 -6.91 13.56 -26.14
C ALA C 72 -6.88 14.97 -26.72
N VAL C 73 -6.35 15.91 -25.94
CA VAL C 73 -6.27 17.30 -26.38
C VAL C 73 -4.82 17.73 -26.56
N PRO C 74 -4.31 17.60 -27.79
CA PRO C 74 -2.93 17.97 -28.12
C PRO C 74 -2.71 19.48 -28.09
N THR C 75 -3.77 20.23 -28.35
CA THR C 75 -3.70 21.68 -28.35
C THR C 75 -2.78 22.19 -29.46
N SER C 76 -2.96 21.65 -30.66
CA SER C 76 -2.15 22.04 -31.81
C SER C 76 -3.01 22.22 -33.05
N LYS C 77 -3.96 21.32 -33.26
CA LYS C 77 -4.86 21.37 -34.40
C LYS C 77 -6.30 21.48 -33.95
N LEU C 78 -6.53 22.20 -32.86
CA LEU C 78 -7.87 22.40 -32.33
C LEU C 78 -8.60 23.53 -33.05
N GLY C 79 -9.87 23.74 -32.71
CA GLY C 79 -10.63 24.79 -33.32
C GLY C 79 -11.05 25.87 -32.34
N GLN C 80 -12.05 25.57 -31.52
CA GLN C 80 -12.54 26.53 -30.53
C GLN C 80 -12.37 25.97 -29.12
N ALA C 81 -13.13 24.93 -28.81
CA ALA C 81 -13.07 24.31 -27.49
C ALA C 81 -11.90 23.33 -27.40
N GLU C 82 -11.65 22.81 -26.19
CA GLU C 82 -10.56 21.86 -25.98
C GLU C 82 -11.07 20.61 -25.27
N GLY C 83 -10.14 19.77 -24.82
CA GLY C 83 -10.51 18.56 -24.13
C GLY C 83 -10.50 18.72 -22.62
N ARG C 84 -10.18 17.65 -21.91
CA ARG C 84 -10.14 17.67 -20.46
C ARG C 84 -11.53 17.85 -19.87
N ASP C 85 -12.06 19.07 -19.97
CA ASP C 85 -13.39 19.37 -19.46
C ASP C 85 -14.40 19.45 -20.59
N ALA C 86 -13.95 19.15 -21.81
CA ALA C 86 -14.82 19.18 -22.97
C ALA C 86 -14.44 18.08 -23.96
N GLY C 87 -13.73 17.07 -23.47
CA GLY C 87 -13.32 15.98 -24.33
C GLY C 87 -12.99 14.72 -23.55
N SER C 88 -12.37 14.90 -22.39
CA SER C 88 -11.99 13.77 -21.55
C SER C 88 -12.73 13.81 -20.22
N ALA C 89 -13.99 14.25 -20.27
CA ALA C 89 -14.81 14.34 -19.06
C ALA C 89 -16.29 14.33 -19.41
N PRO C 90 -16.84 13.14 -19.66
CA PRO C 90 -18.26 12.97 -20.01
C PRO C 90 -19.18 13.26 -18.83
N SER C 91 -19.54 14.53 -18.66
CA SER C 91 -20.42 14.94 -17.58
C SER C 91 -19.91 14.41 -16.24
N GLY C 92 -20.77 14.43 -15.23
CA GLY C 92 -20.39 13.95 -13.91
C GLY C 92 -19.77 12.57 -13.95
N GLY C 93 -20.09 11.83 -15.00
CA GLY C 93 -19.55 10.48 -15.14
C GLY C 93 -18.03 10.45 -15.15
N ASP C 94 -17.43 11.60 -15.40
CA ASP C 94 -15.98 11.72 -15.45
C ASP C 94 -15.35 11.15 -14.17
N PRO C 95 -14.18 10.52 -14.32
CA PRO C 95 -13.46 9.92 -13.20
C PRO C 95 -12.89 10.97 -12.25
N ALA C 96 -13.69 11.99 -11.94
CA ALA C 96 -13.27 13.05 -11.05
C ALA C 96 -14.13 13.11 -9.79
N PHE C 97 -15.24 12.38 -9.83
CA PHE C 97 -16.17 12.34 -8.69
C PHE C 97 -16.22 10.95 -8.09
N LEU C 98 -15.10 10.23 -8.15
CA LEU C 98 -15.02 8.88 -7.60
C LEU C 98 -13.61 8.58 -7.10
N GLY C 99 -13.49 7.53 -6.30
CA GLY C 99 -12.20 7.16 -5.77
C GLY C 99 -11.75 8.06 -4.63
N MET C 100 -11.96 7.60 -3.40
CA MET C 100 -11.57 8.39 -2.23
C MET C 100 -10.07 8.34 -2.01
N ALA C 101 -9.47 7.19 -2.31
CA ALA C 101 -8.02 7.02 -2.15
C ALA C 101 -7.26 8.15 -2.83
N VAL C 102 -7.49 8.30 -4.14
CA VAL C 102 -6.82 9.34 -4.91
C VAL C 102 -7.04 10.72 -4.30
N SER C 103 -8.22 10.92 -3.72
CA SER C 103 -8.57 12.18 -3.10
C SER C 103 -7.59 12.51 -1.96
N THR C 104 -7.09 11.47 -1.31
CA THR C 104 -6.15 11.65 -0.20
C THR C 104 -4.74 11.93 -0.71
N LEU C 105 -4.23 11.05 -1.55
CA LEU C 105 -2.89 11.21 -2.12
C LEU C 105 -2.78 12.52 -2.89
N CYS C 106 -3.73 12.75 -3.78
CA CYS C 106 -3.75 13.96 -4.59
C CYS C 106 -4.05 15.19 -3.72
N GLY C 107 -4.75 14.96 -2.61
CA GLY C 107 -5.10 16.05 -1.73
C GLY C 107 -6.24 16.90 -2.26
N GLU C 108 -7.23 16.24 -2.84
CA GLU C 108 -8.38 16.95 -3.40
C GLU C 108 -7.94 18.10 -4.29
N VAL C 109 -6.84 17.90 -5.01
CA VAL C 109 -6.30 18.91 -5.91
C VAL C 109 -6.81 18.72 -7.33
N PRO C 110 -6.87 19.82 -8.10
CA PRO C 110 -7.33 19.80 -9.48
C PRO C 110 -6.37 19.08 -10.41
N LEU C 111 -6.66 17.82 -10.70
CA LEU C 111 -5.80 17.02 -11.57
C LEU C 111 -6.22 17.18 -13.04
N TYR C 112 -5.26 17.02 -13.94
CA TYR C 112 -5.52 17.15 -15.37
C TYR C 112 -5.58 15.78 -16.03
N TYR C 113 -6.74 15.44 -16.60
CA TYR C 113 -6.91 14.16 -17.27
C TYR C 113 -5.86 13.96 -18.35
N ILE C 114 -5.32 12.75 -18.43
CA ILE C 114 -4.31 12.42 -19.42
C ILE C 114 -4.84 11.45 -20.46
N GLY A 1 -2.86 -6.28 18.93
CA GLY A 1 -3.91 -7.14 19.45
C GLY A 1 -5.20 -7.04 18.66
N SER A 2 -5.07 -6.84 17.35
CA SER A 2 -6.24 -6.72 16.48
C SER A 2 -6.81 -8.09 16.15
N GLU A 3 -8.10 -8.12 15.85
CA GLU A 3 -8.77 -9.37 15.52
C GLU A 3 -8.47 -9.80 14.08
N HIS A 4 -9.07 -9.11 13.12
CA HIS A 4 -8.87 -9.41 11.71
C HIS A 4 -9.67 -8.46 10.83
N LEU A 5 -9.12 -7.27 10.61
CA LEU A 5 -9.79 -6.26 9.78
C LEU A 5 -9.13 -6.18 8.40
N VAL A 6 -7.84 -5.91 8.40
CA VAL A 6 -7.08 -5.80 7.15
C VAL A 6 -7.87 -5.00 6.11
N THR A 7 -7.45 -5.10 4.85
CA THR A 7 -8.11 -4.39 3.76
C THR A 7 -7.96 -2.88 3.93
N THR A 8 -6.72 -2.41 3.97
CA THR A 8 -6.45 -0.98 4.13
C THR A 8 -5.46 -0.49 3.08
N ALA A 9 -5.26 0.82 3.02
CA ALA A 9 -4.34 1.41 2.07
C ALA A 9 -3.07 1.91 2.76
N THR A 10 -1.94 1.74 2.09
CA THR A 10 -0.66 2.18 2.65
C THR A 10 -0.07 3.33 1.84
N PHE A 11 0.10 4.47 2.49
CA PHE A 11 0.67 5.65 1.83
C PHE A 11 1.95 6.11 2.52
N SER A 12 2.77 6.86 1.80
CA SER A 12 4.02 7.35 2.34
C SER A 12 3.96 8.86 2.57
N ILE A 13 4.78 9.35 3.50
CA ILE A 13 4.81 10.77 3.81
C ILE A 13 6.08 11.43 3.27
N GLY A 14 5.92 12.57 2.62
CA GLY A 14 7.06 13.29 2.07
C GLY A 14 7.92 12.40 1.21
N SER A 15 9.18 12.21 1.62
CA SER A 15 10.12 11.38 0.87
C SER A 15 11.13 10.73 1.80
N THR A 16 10.68 10.37 3.00
CA THR A 16 11.54 9.75 3.99
C THR A 16 10.77 8.75 4.85
N GLY A 17 9.62 9.18 5.36
CA GLY A 17 8.80 8.31 6.18
C GLY A 17 7.59 7.77 5.44
N LEU A 18 6.78 6.98 6.13
CA LEU A 18 5.59 6.40 5.53
C LEU A 18 4.48 6.23 6.56
N VAL A 19 3.27 6.62 6.20
CA VAL A 19 2.13 6.51 7.09
C VAL A 19 0.89 6.01 6.35
N VAL A 20 0.31 4.91 6.82
CA VAL A 20 -0.87 4.34 6.21
C VAL A 20 -2.14 4.83 6.90
N TYR A 21 -3.23 4.91 6.13
CA TYR A 21 -4.51 5.37 6.66
C TYR A 21 -5.54 4.26 6.63
N ASP A 22 -5.97 3.82 7.81
CA ASP A 22 -6.96 2.76 7.92
C ASP A 22 -8.35 3.27 7.55
N TYR A 23 -8.72 3.09 6.28
CA TYR A 23 -10.02 3.53 5.80
C TYR A 23 -11.13 2.60 6.27
N GLN A 24 -11.36 2.58 7.58
CA GLN A 24 -12.39 1.73 8.16
C GLN A 24 -12.66 2.10 9.62
N GLN A 25 -11.62 1.96 10.45
CA GLN A 25 -11.74 2.28 11.87
C GLN A 25 -11.16 3.66 12.17
N LEU A 26 -10.84 4.40 11.10
CA LEU A 26 -10.27 5.73 11.26
C LEU A 26 -8.95 5.68 11.99
N LEU A 27 -8.23 4.58 11.82
CA LEU A 27 -6.93 4.41 12.47
C LEU A 27 -5.79 4.76 11.52
N ILE A 28 -4.64 5.11 12.09
CA ILE A 28 -3.47 5.47 11.29
C ILE A 28 -2.19 4.92 11.91
N ALA A 29 -1.27 4.47 11.05
CA ALA A 29 -0.01 3.92 11.51
C ALA A 29 1.14 4.89 11.25
N TYR A 30 1.82 5.29 12.32
CA TYR A 30 2.93 6.23 12.21
C TYR A 30 4.14 5.72 12.99
N LYS A 31 5.20 5.37 12.26
CA LYS A 31 6.42 4.88 12.88
C LYS A 31 7.60 4.98 11.92
N PRO A 32 8.80 5.16 12.47
CA PRO A 32 10.03 5.29 11.68
C PRO A 32 10.43 3.97 11.03
N ALA A 33 11.15 3.14 11.78
CA ALA A 33 11.59 1.84 11.27
C ALA A 33 10.55 0.76 11.55
N PRO A 34 10.67 -0.37 10.84
CA PRO A 34 9.74 -1.51 10.99
C PRO A 34 9.92 -2.21 12.33
N GLY A 35 8.84 -2.32 13.09
CA GLY A 35 8.89 -2.97 14.37
C GLY A 35 9.46 -2.08 15.46
N THR A 36 9.27 -0.77 15.31
CA THR A 36 9.76 0.19 16.28
C THR A 36 8.62 1.03 16.86
N CYS A 37 8.97 2.04 17.63
CA CYS A 37 7.98 2.92 18.25
C CYS A 37 6.91 3.34 17.23
N CYS A 38 5.66 3.01 17.52
CA CYS A 38 4.56 3.35 16.65
C CYS A 38 3.47 4.10 17.41
N TYR A 39 2.67 4.88 16.67
CA TYR A 39 1.60 5.65 17.27
C TYR A 39 0.34 5.60 16.40
N ILE A 40 -0.81 5.63 17.06
CA ILE A 40 -2.09 5.59 16.35
C ILE A 40 -2.95 6.80 16.70
N MET A 41 -3.60 7.36 15.68
CA MET A 41 -4.46 8.53 15.88
C MET A 41 -5.80 8.33 15.19
N LYS A 42 -6.83 9.02 15.69
CA LYS A 42 -8.16 8.93 15.11
C LYS A 42 -8.44 10.10 14.17
N ILE A 43 -9.12 9.81 13.06
CA ILE A 43 -9.45 10.83 12.08
C ILE A 43 -10.95 10.88 11.81
N ALA A 44 -11.36 11.76 10.92
CA ALA A 44 -12.76 11.90 10.56
C ALA A 44 -12.99 11.56 9.08
N PRO A 45 -14.13 10.92 8.79
CA PRO A 45 -14.49 10.53 7.42
C PRO A 45 -14.82 11.73 6.55
N GLU A 46 -15.29 12.80 7.17
CA GLU A 46 -15.66 14.01 6.45
C GLU A 46 -14.43 14.89 6.22
N SER A 47 -13.43 14.74 7.07
CA SER A 47 -12.20 15.52 6.96
C SER A 47 -10.97 14.64 7.18
N ILE A 48 -10.67 13.82 6.18
CA ILE A 48 -9.52 12.93 6.26
C ILE A 48 -8.21 13.67 5.97
N PRO A 49 -7.34 13.74 6.99
CA PRO A 49 -6.04 14.42 6.86
C PRO A 49 -5.08 13.67 5.94
N SER A 50 -5.19 13.94 4.64
CA SER A 50 -4.32 13.29 3.66
C SER A 50 -2.85 13.45 4.04
N LEU A 51 -1.98 12.82 3.26
CA LEU A 51 -0.54 12.90 3.51
C LEU A 51 -0.10 14.34 3.74
N GLU A 52 -0.78 15.27 3.07
CA GLU A 52 -0.46 16.69 3.21
C GLU A 52 -0.72 17.17 4.64
N ALA A 53 -1.83 16.73 5.21
CA ALA A 53 -2.19 17.12 6.57
C ALA A 53 -1.32 16.40 7.60
N LEU A 54 -1.05 15.13 7.34
CA LEU A 54 -0.21 14.34 8.25
C LEU A 54 1.13 15.01 8.50
N THR A 55 1.84 15.33 7.41
CA THR A 55 3.13 15.99 7.52
C THR A 55 3.02 17.34 8.23
N ARG A 56 1.86 17.98 8.09
CA ARG A 56 1.62 19.27 8.72
C ARG A 56 1.76 19.17 10.24
N LYS A 57 0.99 18.27 10.84
CA LYS A 57 1.02 18.07 12.28
C LYS A 57 2.23 17.24 12.69
N VAL A 58 2.66 16.36 11.80
CA VAL A 58 3.82 15.51 12.07
C VAL A 58 5.10 16.33 12.15
N HIS A 59 5.15 17.41 11.37
CA HIS A 59 6.33 18.28 11.36
C HIS A 59 6.60 18.84 12.75
N ASN A 60 5.53 19.07 13.51
CA ASN A 60 5.66 19.60 14.86
C ASN A 60 6.36 18.61 15.79
N PHE A 61 6.30 17.33 15.42
CA PHE A 61 6.92 16.27 16.21
C PHE A 61 6.44 16.32 17.66
N GLN A 62 5.13 16.22 17.83
CA GLN A 62 4.53 16.27 19.17
C GLN A 62 4.31 14.85 19.69
N MET A 63 5.26 13.95 19.41
CA MET A 63 5.15 12.57 19.86
C MET A 63 6.49 12.08 20.40
N GLU A 64 7.39 11.69 19.50
CA GLU A 64 8.70 11.20 19.88
C GLU A 64 8.60 10.18 21.01
N CYS A 65 7.97 9.05 20.71
CA CYS A 65 7.79 7.99 21.70
C CYS A 65 7.18 8.55 22.99
N SER A 66 6.35 9.57 22.84
CA SER A 66 5.69 10.19 23.99
C SER A 66 4.53 11.06 23.54
N LEU A 67 3.97 11.83 24.47
CA LEU A 67 2.85 12.71 24.17
C LEU A 67 2.93 13.99 25.01
N GLN A 68 3.22 15.10 24.36
CA GLN A 68 3.31 16.39 25.03
C GLN A 68 1.94 17.04 25.16
N ALA A 69 1.36 16.97 26.36
CA ALA A 69 0.05 17.56 26.61
C ALA A 69 -0.96 17.13 25.55
N LYS A 70 -0.72 15.97 24.95
CA LYS A 70 -1.60 15.44 23.92
C LYS A 70 -2.85 14.82 24.54
N PRO A 71 -2.64 13.78 25.37
CA PRO A 71 -3.73 13.07 26.04
C PRO A 71 -4.39 13.94 27.12
N ALA A 72 -5.22 13.30 27.94
CA ALA A 72 -5.92 14.01 29.02
C ALA A 72 -4.99 14.26 30.20
N VAL A 73 -3.77 13.73 30.12
CA VAL A 73 -2.79 13.89 31.18
C VAL A 73 -1.62 14.75 30.72
N PRO A 74 -1.74 16.07 30.95
CA PRO A 74 -0.69 17.03 30.56
C PRO A 74 0.56 16.90 31.41
N THR A 75 0.37 16.72 32.72
CA THR A 75 1.49 16.59 33.64
C THR A 75 1.00 16.53 35.09
N SER A 76 -0.04 17.30 35.39
CA SER A 76 -0.60 17.34 36.73
C SER A 76 -1.20 15.99 37.12
N LYS A 77 -1.26 15.72 38.42
CA LYS A 77 -1.82 14.46 38.91
C LYS A 77 -1.16 13.27 38.23
N LEU A 78 0.11 13.41 37.92
CA LEU A 78 0.86 12.33 37.26
C LEU A 78 1.55 11.45 38.28
N GLY A 79 0.77 10.64 38.99
CA GLY A 79 1.32 9.75 39.99
C GLY A 79 0.48 8.50 40.19
N GLN A 80 -0.54 8.62 41.04
CA GLN A 80 -1.43 7.50 41.32
C GLN A 80 -2.42 7.28 40.19
N ALA A 81 -3.21 8.32 39.90
CA ALA A 81 -4.19 8.25 38.83
C ALA A 81 -3.83 9.17 37.68
N GLU A 82 -3.07 8.66 36.72
CA GLU A 82 -2.66 9.45 35.57
C GLU A 82 -3.46 9.08 34.33
N GLY A 83 -3.03 9.56 33.17
CA GLY A 83 -3.72 9.27 31.93
C GLY A 83 -3.00 8.21 31.10
N ARG A 84 -3.09 8.33 29.79
CA ARG A 84 -2.45 7.37 28.89
C ARG A 84 -3.12 6.01 28.99
N ASP A 85 -2.84 5.30 30.07
CA ASP A 85 -3.41 3.98 30.29
C ASP A 85 -4.66 4.06 31.16
N ALA A 86 -5.05 5.28 31.52
CA ALA A 86 -6.23 5.50 32.34
C ALA A 86 -7.14 6.56 31.73
N GLY A 87 -6.53 7.55 31.09
CA GLY A 87 -7.30 8.63 30.48
C GLY A 87 -7.33 8.51 28.97
N SER A 88 -6.25 8.01 28.39
CA SER A 88 -6.16 7.86 26.94
C SER A 88 -6.14 6.38 26.55
N ALA A 89 -6.94 5.58 27.25
CA ALA A 89 -7.00 4.15 26.97
C ALA A 89 -8.04 3.47 27.87
N PRO A 90 -9.32 3.61 27.50
CA PRO A 90 -10.43 3.02 28.26
C PRO A 90 -10.46 1.50 28.14
N SER A 91 -9.72 0.83 29.02
CA SER A 91 -9.66 -0.63 29.01
C SER A 91 -9.37 -1.16 27.61
N GLY A 92 -9.67 -2.43 27.38
CA GLY A 92 -9.43 -3.04 26.09
C GLY A 92 -10.02 -2.22 24.96
N GLY A 93 -11.02 -1.40 25.27
CA GLY A 93 -11.65 -0.57 24.26
C GLY A 93 -10.67 0.35 23.56
N ASP A 94 -9.51 0.54 24.17
CA ASP A 94 -8.47 1.40 23.60
C ASP A 94 -8.16 1.00 22.16
N PRO A 95 -7.88 1.99 21.32
CA PRO A 95 -7.56 1.76 19.90
C PRO A 95 -6.20 1.10 19.72
N ALA A 96 -5.91 0.12 20.56
CA ALA A 96 -4.65 -0.60 20.50
C ALA A 96 -4.87 -2.06 20.11
N PHE A 97 -6.12 -2.50 20.15
CA PHE A 97 -6.46 -3.87 19.79
C PHE A 97 -7.35 -3.92 18.56
N LEU A 98 -7.15 -2.96 17.66
CA LEU A 98 -7.93 -2.88 16.43
C LEU A 98 -7.04 -2.59 15.22
N GLY A 99 -7.30 -3.29 14.12
CA GLY A 99 -6.51 -3.10 12.92
C GLY A 99 -5.32 -4.02 12.85
N MET A 100 -5.38 -5.00 11.95
CA MET A 100 -4.30 -5.96 11.79
C MET A 100 -3.11 -5.32 11.07
N ALA A 101 -3.41 -4.51 10.06
CA ALA A 101 -2.37 -3.83 9.29
C ALA A 101 -1.39 -3.10 10.21
N VAL A 102 -1.92 -2.18 11.01
CA VAL A 102 -1.10 -1.41 11.94
C VAL A 102 -0.32 -2.33 12.88
N SER A 103 -0.93 -3.46 13.24
CA SER A 103 -0.29 -4.41 14.13
C SER A 103 0.88 -5.10 13.45
N THR A 104 0.82 -5.19 12.13
CA THR A 104 1.87 -5.82 11.34
C THR A 104 3.04 -4.86 11.12
N LEU A 105 2.71 -3.61 10.80
CA LEU A 105 3.73 -2.59 10.57
C LEU A 105 4.34 -2.11 11.88
N CYS A 106 3.49 -1.76 12.83
CA CYS A 106 3.94 -1.28 14.13
C CYS A 106 4.62 -2.40 14.92
N GLY A 107 4.23 -3.65 14.61
CA GLY A 107 4.81 -4.79 15.29
C GLY A 107 4.17 -5.04 16.64
N GLU A 108 2.83 -5.00 16.68
CA GLU A 108 2.10 -5.23 17.92
C GLU A 108 2.71 -4.42 19.06
N VAL A 109 3.24 -3.24 18.73
CA VAL A 109 3.84 -2.38 19.73
C VAL A 109 2.82 -1.41 20.32
N PRO A 110 3.13 -0.88 21.51
CA PRO A 110 2.24 0.06 22.21
C PRO A 110 2.18 1.42 21.52
N LEU A 111 1.00 1.76 21.02
CA LEU A 111 0.81 3.04 20.33
C LEU A 111 0.35 4.12 21.31
N TYR A 112 0.69 5.36 21.01
CA TYR A 112 0.31 6.48 21.86
C TYR A 112 -0.37 7.58 21.04
N TYR A 113 -1.60 7.92 21.42
CA TYR A 113 -2.36 8.95 20.73
C TYR A 113 -1.53 10.24 20.61
N ILE A 114 -1.03 10.50 19.40
CA ILE A 114 -0.23 11.69 19.15
C ILE A 114 -1.13 12.92 18.96
N GLY B 1 -1.24 -14.92 -13.26
CA GLY B 1 -2.41 -15.55 -13.85
C GLY B 1 -3.58 -15.62 -12.89
N SER B 2 -3.71 -14.61 -12.04
CA SER B 2 -4.78 -14.56 -11.06
C SER B 2 -6.09 -14.14 -11.71
N GLU B 3 -7.21 -14.49 -11.08
CA GLU B 3 -8.53 -14.14 -11.60
C GLU B 3 -8.84 -12.67 -11.34
N HIS B 4 -9.17 -12.36 -10.09
CA HIS B 4 -9.50 -10.99 -9.71
C HIS B 4 -9.82 -10.89 -8.23
N LEU B 5 -8.78 -10.84 -7.41
CA LEU B 5 -8.95 -10.75 -5.96
C LEU B 5 -8.69 -9.33 -5.46
N VAL B 6 -7.50 -8.82 -5.74
CA VAL B 6 -7.14 -7.47 -5.33
C VAL B 6 -7.56 -7.20 -3.90
N THR B 7 -7.57 -5.93 -3.52
CA THR B 7 -7.95 -5.52 -2.17
C THR B 7 -6.97 -6.07 -1.13
N THR B 8 -5.72 -5.61 -1.23
CA THR B 8 -4.68 -6.05 -0.30
C THR B 8 -3.88 -4.87 0.22
N ALA B 9 -3.03 -5.12 1.21
CA ALA B 9 -2.20 -4.08 1.80
C ALA B 9 -0.74 -4.26 1.41
N THR B 10 -0.08 -3.15 1.10
CA THR B 10 1.34 -3.19 0.72
C THR B 10 2.22 -2.57 1.78
N PHE B 11 3.11 -3.36 2.35
CA PHE B 11 4.02 -2.88 3.39
C PHE B 11 5.47 -2.99 2.93
N SER B 12 6.33 -2.14 3.50
CA SER B 12 7.75 -2.15 3.15
C SER B 12 8.57 -2.84 4.23
N ILE B 13 9.75 -3.33 3.85
CA ILE B 13 10.63 -4.02 4.78
C ILE B 13 11.91 -3.23 5.00
N GLY B 14 12.33 -3.14 6.27
CA GLY B 14 13.54 -2.41 6.59
C GLY B 14 13.53 -0.99 6.06
N SER B 15 14.35 -0.73 5.04
CA SER B 15 14.43 0.59 4.45
C SER B 15 15.05 0.51 3.05
N THR B 16 14.74 -0.55 2.33
CA THR B 16 15.27 -0.75 0.98
C THR B 16 14.34 -1.63 0.16
N GLY B 17 13.82 -2.68 0.79
CA GLY B 17 12.92 -3.58 0.09
C GLY B 17 11.48 -3.37 0.47
N LEU B 18 10.58 -4.08 -0.22
CA LEU B 18 9.15 -3.96 0.06
C LEU B 18 8.45 -5.30 -0.15
N VAL B 19 7.59 -5.66 0.80
CA VAL B 19 6.85 -6.92 0.73
C VAL B 19 5.41 -6.73 1.18
N VAL B 20 4.47 -7.06 0.29
CA VAL B 20 3.04 -6.93 0.59
C VAL B 20 2.48 -8.22 1.16
N TYR B 21 1.47 -8.10 2.01
CA TYR B 21 0.84 -9.27 2.62
C TYR B 21 -0.62 -9.39 2.19
N ASP B 22 -0.90 -10.40 1.38
CA ASP B 22 -2.26 -10.64 0.89
C ASP B 22 -3.17 -11.10 2.02
N TYR B 23 -3.85 -10.16 2.66
CA TYR B 23 -4.75 -10.46 3.76
C TYR B 23 -6.05 -11.06 3.25
N GLN B 24 -5.96 -12.25 2.66
CA GLN B 24 -7.13 -12.93 2.12
C GLN B 24 -6.80 -14.36 1.72
N GLN B 25 -5.92 -14.51 0.74
CA GLN B 25 -5.52 -15.83 0.27
C GLN B 25 -4.23 -16.28 0.95
N LEU B 26 -3.82 -15.54 1.97
CA LEU B 26 -2.59 -15.86 2.71
C LEU B 26 -1.39 -15.86 1.78
N LEU B 27 -1.43 -15.00 0.76
CA LEU B 27 -0.33 -14.89 -0.20
C LEU B 27 0.60 -13.74 0.16
N ILE B 28 1.82 -13.79 -0.36
CA ILE B 28 2.79 -12.74 -0.10
C ILE B 28 3.68 -12.49 -1.32
N ALA B 29 4.03 -11.23 -1.54
CA ALA B 29 4.88 -10.88 -2.67
C ALA B 29 6.26 -10.41 -2.20
N TYR B 30 7.29 -11.10 -2.67
CA TYR B 30 8.66 -10.77 -2.29
C TYR B 30 9.56 -10.68 -3.52
N LYS B 31 10.00 -9.47 -3.84
CA LYS B 31 10.87 -9.25 -4.99
C LYS B 31 11.60 -7.92 -4.88
N PRO B 32 12.81 -7.84 -5.46
CA PRO B 32 13.64 -6.63 -5.43
C PRO B 32 13.05 -5.52 -6.29
N ALA B 33 13.38 -5.54 -7.58
CA ALA B 33 12.89 -4.53 -8.51
C ALA B 33 11.56 -4.97 -9.14
N PRO B 34 10.84 -4.00 -9.72
CA PRO B 34 9.55 -4.25 -10.35
C PRO B 34 9.69 -5.05 -11.64
N GLY B 35 8.99 -6.18 -11.72
CA GLY B 35 9.05 -7.02 -12.89
C GLY B 35 10.28 -7.91 -12.91
N THR B 36 10.78 -8.26 -11.73
CA THR B 36 11.96 -9.11 -11.61
C THR B 36 11.63 -10.38 -10.83
N CYS B 37 12.67 -11.13 -10.49
CA CYS B 37 12.51 -12.37 -9.74
C CYS B 37 11.61 -12.16 -8.53
N CYS B 38 10.49 -12.88 -8.49
CA CYS B 38 9.55 -12.78 -7.39
C CYS B 38 9.23 -14.16 -6.80
N TYR B 39 8.85 -14.17 -5.53
CA TYR B 39 8.52 -15.42 -4.86
C TYR B 39 7.29 -15.26 -3.97
N ILE B 40 6.54 -16.34 -3.80
CA ILE B 40 5.33 -16.32 -2.98
C ILE B 40 5.41 -17.36 -1.87
N MET B 41 4.96 -16.97 -0.69
CA MET B 41 4.97 -17.87 0.47
C MET B 41 3.61 -17.87 1.18
N LYS B 42 3.32 -18.95 1.89
CA LYS B 42 2.07 -19.08 2.61
C LYS B 42 2.25 -18.72 4.08
N ILE B 43 1.23 -18.08 4.66
CA ILE B 43 1.28 -17.68 6.07
C ILE B 43 0.05 -18.17 6.82
N ALA B 44 -0.02 -17.86 8.11
CA ALA B 44 -1.14 -18.26 8.93
C ALA B 44 -1.89 -17.06 9.47
N PRO B 45 -3.23 -17.19 9.57
CA PRO B 45 -4.09 -16.11 10.07
C PRO B 45 -3.90 -15.86 11.56
N GLU B 46 -3.53 -16.91 12.29
CA GLU B 46 -3.32 -16.81 13.74
C GLU B 46 -1.90 -16.33 14.05
N SER B 47 -0.99 -16.57 13.11
CA SER B 47 0.41 -16.18 13.29
C SER B 47 0.95 -15.52 12.03
N ILE B 48 0.51 -14.28 11.79
CA ILE B 48 0.95 -13.53 10.61
C ILE B 48 2.35 -12.94 10.82
N PRO B 49 3.30 -13.40 10.00
CA PRO B 49 4.69 -12.93 10.08
C PRO B 49 4.83 -11.48 9.62
N SER B 50 4.58 -10.54 10.54
CA SER B 50 4.68 -9.12 10.22
C SER B 50 6.01 -8.80 9.57
N LEU B 51 6.14 -7.58 9.07
CA LEU B 51 7.38 -7.15 8.41
C LEU B 51 8.59 -7.46 9.27
N GLU B 52 8.39 -7.45 10.59
CA GLU B 52 9.47 -7.74 11.53
C GLU B 52 9.94 -9.19 11.40
N ALA B 53 8.99 -10.09 11.20
CA ALA B 53 9.30 -11.51 11.07
C ALA B 53 9.85 -11.81 9.67
N LEU B 54 9.26 -11.17 8.66
CA LEU B 54 9.68 -11.37 7.29
C LEU B 54 11.18 -11.13 7.13
N THR B 55 11.63 -9.95 7.55
CA THR B 55 13.03 -9.59 7.47
C THR B 55 13.91 -10.59 8.20
N ARG B 56 13.35 -11.21 9.24
CA ARG B 56 14.08 -12.20 10.03
C ARG B 56 14.46 -13.40 9.17
N LYS B 57 13.48 -14.00 8.50
CA LYS B 57 13.72 -15.15 7.65
C LYS B 57 14.35 -14.73 6.32
N VAL B 58 14.02 -13.51 5.89
CA VAL B 58 14.55 -12.99 4.64
C VAL B 58 16.06 -12.78 4.72
N HIS B 59 16.53 -12.45 5.92
CA HIS B 59 17.96 -12.22 6.13
C HIS B 59 18.77 -13.46 5.77
N ASN B 60 18.18 -14.63 6.00
CA ASN B 60 18.85 -15.89 5.69
C ASN B 60 19.07 -16.05 4.20
N PHE B 61 18.25 -15.36 3.41
CA PHE B 61 18.36 -15.42 1.96
C PHE B 61 18.32 -16.86 1.47
N GLN B 62 17.24 -17.57 1.80
CA GLN B 62 17.09 -18.96 1.41
C GLN B 62 16.27 -19.07 0.13
N MET B 63 16.46 -18.12 -0.78
CA MET B 63 15.74 -18.11 -2.05
C MET B 63 16.68 -17.80 -3.20
N GLU B 64 17.00 -16.52 -3.39
CA GLU B 64 17.89 -16.10 -4.46
C GLU B 64 17.51 -16.76 -5.78
N CYS B 65 16.33 -16.43 -6.29
CA CYS B 65 15.83 -16.99 -7.54
C CYS B 65 15.92 -18.51 -7.51
N SER B 66 15.73 -19.09 -6.34
CA SER B 66 15.79 -20.55 -6.18
C SER B 66 15.24 -20.97 -4.82
N LEU B 67 15.41 -22.24 -4.48
CA LEU B 67 14.93 -22.77 -3.21
C LEU B 67 15.88 -23.83 -2.68
N GLN B 68 16.59 -23.49 -1.60
CA GLN B 68 17.53 -24.41 -0.98
C GLN B 68 16.83 -25.34 0.00
N ALA B 69 16.59 -26.57 -0.43
CA ALA B 69 15.91 -27.56 0.41
C ALA B 69 14.63 -27.00 1.01
N LYS B 70 14.06 -26.01 0.33
CA LYS B 70 12.82 -25.38 0.79
C LYS B 70 11.62 -26.27 0.50
N PRO B 71 11.39 -26.55 -0.79
CA PRO B 71 10.27 -27.40 -1.22
C PRO B 71 10.46 -28.86 -0.83
N ALA B 72 9.66 -29.73 -1.43
CA ALA B 72 9.74 -31.17 -1.15
C ALA B 72 10.88 -31.82 -1.93
N VAL B 73 11.60 -31.01 -2.71
CA VAL B 73 12.71 -31.50 -3.51
C VAL B 73 14.03 -30.88 -3.05
N PRO B 74 14.72 -31.56 -2.13
CA PRO B 74 16.00 -31.10 -1.59
C PRO B 74 17.12 -31.17 -2.62
N THR B 75 17.24 -32.32 -3.29
CA THR B 75 18.26 -32.52 -4.31
C THR B 75 18.20 -33.92 -4.88
N SER B 76 17.85 -34.89 -4.03
CA SER B 76 17.75 -36.29 -4.46
C SER B 76 16.63 -36.46 -5.48
N LYS B 77 16.77 -37.48 -6.32
CA LYS B 77 15.76 -37.77 -7.34
C LYS B 77 15.48 -36.53 -8.18
N LEU B 78 16.51 -35.72 -8.42
CA LEU B 78 16.37 -34.51 -9.21
C LEU B 78 16.69 -34.77 -10.68
N GLY B 79 15.79 -35.47 -11.37
CA GLY B 79 16.00 -35.77 -12.77
C GLY B 79 14.70 -35.91 -13.53
N GLN B 80 14.12 -37.10 -13.50
CA GLN B 80 12.87 -37.36 -14.20
C GLN B 80 11.68 -36.81 -13.41
N ALA B 81 11.53 -37.27 -12.17
CA ALA B 81 10.45 -36.82 -11.31
C ALA B 81 10.98 -36.00 -10.14
N GLU B 82 11.06 -34.69 -10.33
CA GLU B 82 11.54 -33.79 -9.29
C GLU B 82 10.40 -33.02 -8.65
N GLY B 83 10.73 -32.01 -7.86
CA GLY B 83 9.73 -31.22 -7.19
C GLY B 83 9.50 -29.88 -7.88
N ARG B 84 9.19 -28.86 -7.08
CA ARG B 84 8.94 -27.53 -7.62
C ARG B 84 7.65 -27.50 -8.45
N ASP B 85 7.73 -28.06 -9.65
CA ASP B 85 6.58 -28.09 -10.54
C ASP B 85 5.85 -29.43 -10.43
N ALA B 86 6.33 -30.28 -9.52
CA ALA B 86 5.71 -31.59 -9.31
C ALA B 86 5.45 -31.84 -7.83
N GLY B 87 6.33 -31.31 -6.98
CA GLY B 87 6.18 -31.49 -5.54
C GLY B 87 5.73 -30.23 -4.85
N SER B 88 6.17 -29.08 -5.37
CA SER B 88 5.81 -27.79 -4.79
C SER B 88 4.90 -27.00 -5.73
N ALA B 89 3.98 -27.71 -6.37
CA ALA B 89 3.04 -27.07 -7.29
C ALA B 89 2.04 -28.09 -7.85
N PRO B 90 1.01 -28.40 -7.06
CA PRO B 90 -0.03 -29.36 -7.45
C PRO B 90 -0.91 -28.83 -8.57
N SER B 91 -0.48 -29.03 -9.81
CA SER B 91 -1.24 -28.57 -10.97
C SER B 91 -1.61 -27.10 -10.83
N GLY B 92 -2.57 -26.66 -11.63
CA GLY B 92 -3.00 -25.27 -11.57
C GLY B 92 -3.34 -24.82 -10.17
N GLY B 93 -3.66 -25.78 -9.31
CA GLY B 93 -4.02 -25.47 -7.93
C GLY B 93 -2.90 -24.73 -7.20
N ASP B 94 -1.69 -24.81 -7.75
CA ASP B 94 -0.54 -24.15 -7.16
C ASP B 94 -0.82 -22.68 -6.89
N PRO B 95 -0.28 -22.15 -5.79
CA PRO B 95 -0.47 -20.75 -5.40
C PRO B 95 0.27 -19.79 -6.33
N ALA B 96 0.18 -20.04 -7.63
CA ALA B 96 0.84 -19.21 -8.62
C ALA B 96 -0.18 -18.51 -9.52
N PHE B 97 -1.43 -18.94 -9.42
CA PHE B 97 -2.51 -18.36 -10.22
C PHE B 97 -3.57 -17.73 -9.33
N LEU B 98 -3.13 -17.13 -8.23
CA LEU B 98 -4.04 -16.48 -7.29
C LEU B 98 -3.47 -15.16 -6.80
N GLY B 99 -4.33 -14.15 -6.70
CA GLY B 99 -3.89 -12.85 -6.25
C GLY B 99 -3.43 -11.96 -7.38
N MET B 100 -4.20 -10.93 -7.68
CA MET B 100 -3.86 -10.00 -8.76
C MET B 100 -2.73 -9.07 -8.33
N ALA B 101 -2.75 -8.67 -7.07
CA ALA B 101 -1.72 -7.78 -6.53
C ALA B 101 -0.32 -8.31 -6.83
N VAL B 102 -0.07 -9.55 -6.42
CA VAL B 102 1.22 -10.19 -6.63
C VAL B 102 1.56 -10.28 -8.12
N SER B 103 0.51 -10.41 -8.94
CA SER B 103 0.69 -10.52 -10.38
C SER B 103 1.17 -9.20 -10.96
N THR B 104 0.70 -8.09 -10.38
CA THR B 104 1.08 -6.76 -10.84
C THR B 104 2.47 -6.38 -10.33
N LEU B 105 2.77 -6.76 -9.09
CA LEU B 105 4.06 -6.46 -8.49
C LEU B 105 5.14 -7.38 -9.03
N CYS B 106 4.89 -8.68 -8.98
CA CYS B 106 5.84 -9.67 -9.46
C CYS B 106 5.92 -9.64 -10.99
N GLY B 107 4.84 -9.21 -11.63
CA GLY B 107 4.81 -9.15 -13.08
C GLY B 107 4.43 -10.47 -13.71
N GLU B 108 3.40 -11.11 -13.16
CA GLU B 108 2.94 -12.39 -13.68
C GLU B 108 4.10 -13.36 -13.87
N VAL B 109 5.10 -13.25 -12.99
CA VAL B 109 6.27 -14.11 -13.06
C VAL B 109 6.10 -15.35 -12.18
N PRO B 110 6.83 -16.42 -12.52
CA PRO B 110 6.77 -17.69 -11.78
C PRO B 110 7.39 -17.57 -10.39
N LEU B 111 6.55 -17.62 -9.36
CA LEU B 111 7.02 -17.53 -7.99
C LEU B 111 7.39 -18.90 -7.44
N TYR B 112 8.34 -18.93 -6.51
CA TYR B 112 8.78 -20.19 -5.91
C TYR B 112 8.67 -20.13 -4.39
N TYR B 113 8.06 -21.15 -3.80
CA TYR B 113 7.90 -21.21 -2.35
C TYR B 113 9.24 -21.07 -1.64
N ILE B 114 9.47 -19.90 -1.05
CA ILE B 114 10.72 -19.64 -0.33
C ILE B 114 10.67 -20.23 1.08
N GLY C 1 -12.52 15.07 -4.87
CA GLY C 1 -13.94 15.17 -4.63
C GLY C 1 -14.64 13.83 -4.62
N SER C 2 -13.93 12.80 -4.14
CA SER C 2 -14.48 11.46 -4.08
C SER C 2 -15.43 11.31 -2.90
N GLU C 3 -16.36 10.37 -3.01
CA GLU C 3 -17.34 10.12 -1.94
C GLU C 3 -16.71 9.31 -0.81
N HIS C 4 -16.52 8.02 -1.05
CA HIS C 4 -15.93 7.13 -0.04
C HIS C 4 -15.80 5.72 -0.59
N LEU C 5 -14.73 5.47 -1.35
CA LEU C 5 -14.50 4.15 -1.94
C LEU C 5 -13.39 3.43 -1.19
N VAL C 6 -12.22 4.05 -1.10
CA VAL C 6 -11.09 3.46 -0.40
C VAL C 6 -10.94 1.98 -0.73
N THR C 7 -10.16 1.27 0.07
CA THR C 7 -9.94 -0.16 -0.14
C THR C 7 -9.20 -0.41 -1.46
N THR C 8 -7.96 0.08 -1.54
CA THR C 8 -7.16 -0.09 -2.74
C THR C 8 -5.73 -0.50 -2.39
N ALA C 9 -4.96 -0.85 -3.41
CA ALA C 9 -3.57 -1.26 -3.20
C ALA C 9 -2.60 -0.20 -3.70
N THR C 10 -1.52 0.01 -2.96
CA THR C 10 -0.51 1.00 -3.34
C THR C 10 0.80 0.34 -3.72
N PHE C 11 1.22 0.55 -4.96
CA PHE C 11 2.46 -0.02 -5.47
C PHE C 11 3.43 1.07 -5.89
N SER C 12 4.71 0.71 -5.98
CA SER C 12 5.74 1.67 -6.37
C SER C 12 6.26 1.36 -7.77
N ILE C 13 6.86 2.36 -8.40
CA ILE C 13 7.40 2.20 -9.75
C ILE C 13 8.92 2.34 -9.75
N GLY C 14 9.60 1.43 -10.44
CA GLY C 14 11.04 1.47 -10.50
C GLY C 14 11.69 1.49 -9.14
N SER C 15 12.25 2.65 -8.77
CA SER C 15 12.91 2.79 -7.48
C SER C 15 13.03 4.27 -7.10
N THR C 16 12.03 5.06 -7.46
CA THR C 16 12.03 6.49 -7.17
C THR C 16 10.61 7.03 -7.07
N GLY C 17 9.75 6.57 -7.97
CA GLY C 17 8.37 7.03 -7.98
C GLY C 17 7.42 5.99 -7.41
N LEU C 18 6.16 6.38 -7.24
CA LEU C 18 5.15 5.48 -6.70
C LEU C 18 3.80 5.70 -7.37
N VAL C 19 3.14 4.61 -7.75
CA VAL C 19 1.85 4.69 -8.40
C VAL C 19 0.92 3.58 -7.92
N VAL C 20 -0.24 3.98 -7.40
CA VAL C 20 -1.22 3.02 -6.90
C VAL C 20 -2.25 2.68 -7.97
N TYR C 21 -2.79 1.46 -7.90
CA TYR C 21 -3.79 1.01 -8.86
C TYR C 21 -5.12 0.74 -8.17
N ASP C 22 -6.10 1.59 -8.45
CA ASP C 22 -7.43 1.45 -7.87
C ASP C 22 -8.15 0.24 -8.45
N TYR C 23 -8.02 -0.90 -7.76
CA TYR C 23 -8.67 -2.13 -8.21
C TYR C 23 -10.16 -2.12 -7.90
N GLN C 24 -10.88 -1.22 -8.58
CA GLN C 24 -12.32 -1.10 -8.38
C GLN C 24 -12.93 -0.19 -9.44
N GLN C 25 -12.54 1.08 -9.42
CA GLN C 25 -13.05 2.05 -10.38
C GLN C 25 -12.10 2.23 -11.55
N LEU C 26 -11.11 1.34 -11.64
CA LEU C 26 -10.13 1.39 -12.71
C LEU C 26 -9.38 2.72 -12.70
N LEU C 27 -9.20 3.28 -11.52
CA LEU C 27 -8.49 4.56 -11.37
C LEU C 27 -7.03 4.33 -11.00
N ILE C 28 -6.20 5.34 -11.26
CA ILE C 28 -4.78 5.25 -10.95
C ILE C 28 -4.24 6.60 -10.50
N ALA C 29 -3.32 6.57 -9.53
CA ALA C 29 -2.71 7.79 -9.02
C ALA C 29 -1.25 7.89 -9.43
N TYR C 30 -0.91 8.97 -10.14
CA TYR C 30 0.46 9.18 -10.59
C TYR C 30 0.93 10.60 -10.26
N LYS C 31 1.87 10.69 -9.33
CA LYS C 31 2.41 11.98 -8.92
C LYS C 31 3.77 11.81 -8.23
N PRO C 32 4.63 12.83 -8.35
CA PRO C 32 5.96 12.82 -7.75
C PRO C 32 5.91 12.94 -6.22
N ALA C 33 5.84 14.16 -5.73
CA ALA C 33 5.78 14.41 -4.29
C ALA C 33 4.34 14.45 -3.81
N PRO C 34 4.15 14.30 -2.49
CA PRO C 34 2.82 14.31 -1.87
C PRO C 34 2.19 15.70 -1.90
N GLY C 35 1.00 15.78 -2.49
CA GLY C 35 0.30 17.05 -2.58
C GLY C 35 0.79 17.90 -3.74
N THR C 36 1.27 17.25 -4.79
CA THR C 36 1.77 17.94 -5.96
C THR C 36 1.01 17.54 -7.21
N CYS C 37 1.52 17.96 -8.37
CA CYS C 37 0.88 17.64 -9.65
C CYS C 37 0.57 16.14 -9.73
N CYS C 38 -0.72 15.82 -9.89
CA CYS C 38 -1.15 14.43 -9.98
C CYS C 38 -2.02 14.22 -11.22
N TYR C 39 -2.03 12.99 -11.72
CA TYR C 39 -2.82 12.66 -12.90
C TYR C 39 -3.50 11.31 -12.73
N ILE C 40 -4.66 11.15 -13.36
CA ILE C 40 -5.42 9.90 -13.29
C ILE C 40 -5.66 9.32 -14.68
N MET C 41 -5.52 8.00 -14.79
CA MET C 41 -5.72 7.31 -16.06
C MET C 41 -6.63 6.10 -15.88
N LYS C 42 -7.29 5.70 -16.96
CA LYS C 42 -8.19 4.55 -16.93
C LYS C 42 -7.49 3.31 -17.46
N ILE C 43 -7.80 2.16 -16.85
CA ILE C 43 -7.20 0.89 -17.25
C ILE C 43 -8.27 -0.15 -17.55
N ALA C 44 -7.84 -1.34 -17.92
CA ALA C 44 -8.76 -2.43 -18.23
C ALA C 44 -8.58 -3.59 -17.27
N PRO C 45 -9.69 -4.24 -16.90
CA PRO C 45 -9.68 -5.39 -15.98
C PRO C 45 -9.06 -6.63 -16.60
N GLU C 46 -9.16 -6.74 -17.92
CA GLU C 46 -8.60 -7.88 -18.64
C GLU C 46 -7.13 -7.65 -18.95
N SER C 47 -6.73 -6.38 -19.03
CA SER C 47 -5.35 -6.03 -19.33
C SER C 47 -4.85 -4.94 -18.40
N ILE C 48 -4.60 -5.29 -17.15
CA ILE C 48 -4.12 -4.33 -16.16
C ILE C 48 -2.64 -4.06 -16.34
N PRO C 49 -2.31 -2.80 -16.68
CA PRO C 49 -0.92 -2.37 -16.89
C PRO C 49 -0.13 -2.33 -15.59
N SER C 50 0.42 -3.48 -15.20
CA SER C 50 1.20 -3.57 -13.97
C SER C 50 2.29 -2.51 -13.94
N LEU C 51 2.98 -2.42 -12.81
CA LEU C 51 4.05 -1.44 -12.65
C LEU C 51 5.01 -1.48 -13.83
N GLU C 52 5.17 -2.66 -14.41
CA GLU C 52 6.06 -2.83 -15.55
C GLU C 52 5.57 -2.04 -16.76
N ALA C 53 4.26 -2.07 -16.98
CA ALA C 53 3.66 -1.35 -18.09
C ALA C 53 3.62 0.15 -17.81
N LEU C 54 3.29 0.51 -16.58
CA LEU C 54 3.21 1.91 -16.18
C LEU C 54 4.51 2.64 -16.50
N THR C 55 5.62 2.11 -15.99
CA THR C 55 6.92 2.71 -16.22
C THR C 55 7.24 2.80 -17.70
N ARG C 56 6.69 1.85 -18.47
CA ARG C 56 6.92 1.82 -19.92
C ARG C 56 6.38 3.07 -20.58
N LYS C 57 5.10 3.36 -20.33
CA LYS C 57 4.46 4.53 -20.91
C LYS C 57 4.88 5.80 -20.18
N VAL C 58 5.18 5.66 -18.89
CA VAL C 58 5.60 6.79 -18.07
C VAL C 58 6.96 7.33 -18.53
N HIS C 59 7.79 6.44 -19.05
CA HIS C 59 9.12 6.82 -19.53
C HIS C 59 9.01 7.88 -20.63
N ASN C 60 7.96 7.80 -21.43
CA ASN C 60 7.74 8.75 -22.51
C ASN C 60 7.46 10.14 -21.97
N PHE C 61 6.98 10.21 -20.73
CA PHE C 61 6.66 11.47 -20.09
C PHE C 61 5.72 12.31 -20.96
N GLN C 62 4.56 11.74 -21.25
CA GLN C 62 3.56 12.42 -22.07
C GLN C 62 2.54 13.15 -21.21
N MET C 63 3.01 13.70 -20.09
CA MET C 63 2.14 14.42 -19.18
C MET C 63 2.78 15.73 -18.73
N GLU C 64 3.70 15.64 -17.77
CA GLU C 64 4.40 16.81 -17.26
C GLU C 64 3.41 17.94 -16.97
N CYS C 65 2.54 17.72 -15.99
CA CYS C 65 1.54 18.70 -15.62
C CYS C 65 0.77 19.19 -16.84
N SER C 66 0.58 18.30 -17.81
CA SER C 66 -0.14 18.64 -19.02
C SER C 66 -0.49 17.39 -19.82
N LEU C 67 -0.98 17.58 -21.04
CA LEU C 67 -1.35 16.46 -21.90
C LEU C 67 -1.04 16.77 -23.36
N GLN C 68 -0.04 16.09 -23.91
CA GLN C 68 0.36 16.29 -25.30
C GLN C 68 -0.48 15.42 -26.23
N ALA C 69 -1.45 16.04 -26.88
CA ALA C 69 -2.33 15.34 -27.81
C ALA C 69 -2.90 14.09 -27.17
N LYS C 70 -2.99 14.08 -25.84
CA LYS C 70 -3.52 12.95 -25.10
C LYS C 70 -5.05 12.91 -25.19
N PRO C 71 -5.69 13.96 -24.68
CA PRO C 71 -7.15 14.07 -24.69
C PRO C 71 -7.71 14.28 -26.09
N ALA C 72 -8.98 14.68 -26.17
CA ALA C 72 -9.63 14.92 -27.46
C ALA C 72 -9.25 16.29 -28.01
N VAL C 73 -8.42 17.01 -27.28
CA VAL C 73 -7.99 18.34 -27.70
C VAL C 73 -6.49 18.37 -27.94
N PRO C 74 -6.09 18.13 -29.21
CA PRO C 74 -4.68 18.13 -29.61
C PRO C 74 -4.07 19.53 -29.59
N THR C 75 -4.77 20.48 -30.19
CA THR C 75 -4.30 21.85 -30.24
C THR C 75 -5.26 22.74 -31.03
N SER C 76 -5.87 22.17 -32.06
CA SER C 76 -6.81 22.91 -32.90
C SER C 76 -8.05 23.31 -32.09
N LYS C 77 -8.71 24.38 -32.53
CA LYS C 77 -9.91 24.87 -31.85
C LYS C 77 -9.65 25.05 -30.36
N LEU C 78 -8.44 25.48 -30.02
CA LEU C 78 -8.07 25.70 -28.63
C LEU C 78 -8.30 27.15 -28.23
N GLY C 79 -9.57 27.53 -28.08
CA GLY C 79 -9.91 28.89 -27.70
C GLY C 79 -11.20 28.98 -26.93
N GLN C 80 -12.31 29.06 -27.64
CA GLN C 80 -13.63 29.14 -27.00
C GLN C 80 -14.08 27.78 -26.51
N ALA C 81 -14.15 26.82 -27.42
CA ALA C 81 -14.58 25.46 -27.07
C ALA C 81 -13.43 24.47 -27.22
N GLU C 82 -12.68 24.27 -26.14
CA GLU C 82 -11.55 23.35 -26.15
C GLU C 82 -11.89 22.05 -25.43
N GLY C 83 -10.88 21.23 -25.17
CA GLY C 83 -11.09 19.98 -24.49
C GLY C 83 -10.71 20.03 -23.02
N ARG C 84 -10.20 18.92 -22.50
CA ARG C 84 -9.78 18.84 -21.11
C ARG C 84 -11.00 18.94 -20.18
N ASP C 85 -11.53 20.14 -20.04
CA ASP C 85 -12.69 20.37 -19.18
C ASP C 85 -13.98 20.34 -19.99
N ALA C 86 -13.86 20.07 -21.29
CA ALA C 86 -15.02 20.01 -22.17
C ALA C 86 -15.01 18.73 -22.99
N GLY C 87 -13.81 18.27 -23.36
CA GLY C 87 -13.70 17.06 -24.15
C GLY C 87 -13.18 15.88 -23.33
N SER C 88 -12.33 16.17 -22.35
CA SER C 88 -11.77 15.13 -21.50
C SER C 88 -12.29 15.26 -20.08
N ALA C 89 -13.58 15.58 -19.94
CA ALA C 89 -14.19 15.73 -18.62
C ALA C 89 -15.67 16.05 -18.75
N PRO C 90 -16.49 15.01 -18.98
CA PRO C 90 -17.94 15.16 -19.13
C PRO C 90 -18.62 15.53 -17.82
N SER C 91 -18.68 16.82 -17.52
CA SER C 91 -19.31 17.31 -16.30
C SER C 91 -18.75 16.56 -15.09
N GLY C 92 -19.47 16.65 -13.97
CA GLY C 92 -19.04 15.99 -12.76
C GLY C 92 -18.73 14.52 -12.97
N GLY C 93 -19.32 13.95 -14.02
CA GLY C 93 -19.09 12.55 -14.33
C GLY C 93 -17.64 12.23 -14.55
N ASP C 94 -16.83 13.27 -14.81
CA ASP C 94 -15.40 13.09 -15.04
C ASP C 94 -14.76 12.28 -13.92
N PRO C 95 -13.77 11.45 -14.26
CA PRO C 95 -13.06 10.62 -13.30
C PRO C 95 -12.16 11.44 -12.38
N ALA C 96 -12.69 12.55 -11.89
CA ALA C 96 -11.94 13.43 -11.00
C ALA C 96 -12.58 13.50 -9.62
N PHE C 97 -13.80 12.97 -9.52
CA PHE C 97 -14.53 12.97 -8.26
C PHE C 97 -14.83 11.54 -7.80
N LEU C 98 -13.89 10.64 -8.05
CA LEU C 98 -14.05 9.25 -7.66
C LEU C 98 -12.75 8.69 -7.08
N GLY C 99 -12.87 7.91 -6.01
CA GLY C 99 -11.70 7.33 -5.38
C GLY C 99 -11.11 8.23 -4.31
N MET C 100 -11.23 7.82 -3.06
CA MET C 100 -10.70 8.59 -1.94
C MET C 100 -9.19 8.48 -1.87
N ALA C 101 -8.67 7.29 -2.16
CA ALA C 101 -7.23 7.05 -2.14
C ALA C 101 -6.49 8.09 -2.96
N VAL C 102 -6.86 8.21 -4.23
CA VAL C 102 -6.22 9.16 -5.13
C VAL C 102 -6.36 10.59 -4.59
N SER C 103 -7.45 10.85 -3.89
CA SER C 103 -7.70 12.17 -3.33
C SER C 103 -6.73 12.48 -2.20
N THR C 104 -6.35 11.44 -1.45
CA THR C 104 -5.42 11.60 -0.34
C THR C 104 -3.99 11.68 -0.84
N LEU C 105 -3.67 10.90 -1.86
CA LEU C 105 -2.33 10.89 -2.43
C LEU C 105 -2.09 12.11 -3.30
N CYS C 106 -3.01 12.36 -4.23
CA CYS C 106 -2.90 13.51 -5.12
C CYS C 106 -3.18 14.81 -4.38
N GLY C 107 -3.96 14.71 -3.31
CA GLY C 107 -4.29 15.89 -2.52
C GLY C 107 -5.48 16.65 -3.09
N GLU C 108 -6.52 15.92 -3.46
CA GLU C 108 -7.72 16.54 -4.02
C GLU C 108 -7.36 17.52 -5.13
N VAL C 109 -6.29 17.21 -5.86
CA VAL C 109 -5.84 18.07 -6.95
C VAL C 109 -6.46 17.64 -8.28
N PRO C 110 -6.54 18.59 -9.22
CA PRO C 110 -7.10 18.33 -10.55
C PRO C 110 -6.21 17.42 -11.39
N LEU C 111 -6.67 16.20 -11.62
CA LEU C 111 -5.91 15.23 -12.41
C LEU C 111 -6.24 15.36 -13.90
N TYR C 112 -5.29 15.02 -14.74
CA TYR C 112 -5.48 15.10 -16.19
C TYR C 112 -5.17 13.76 -16.86
N TYR C 113 -6.08 13.30 -17.70
CA TYR C 113 -5.90 12.04 -18.40
C TYR C 113 -4.58 12.01 -19.17
N ILE C 114 -3.61 11.27 -18.64
CA ILE C 114 -2.30 11.17 -19.28
C ILE C 114 -2.32 10.16 -20.42
N GLY A 1 -10.65 -18.17 7.46
CA GLY A 1 -11.76 -18.67 8.26
C GLY A 1 -12.44 -17.56 9.04
N SER A 2 -11.84 -17.19 10.16
CA SER A 2 -12.41 -16.14 11.02
C SER A 2 -11.42 -14.99 11.18
N GLU A 3 -10.69 -14.69 10.10
CA GLU A 3 -9.71 -13.61 10.12
C GLU A 3 -9.04 -13.46 8.76
N HIS A 4 -9.44 -12.45 8.01
CA HIS A 4 -8.88 -12.21 6.68
C HIS A 4 -9.49 -10.95 6.05
N LEU A 5 -9.55 -9.88 6.83
CA LEU A 5 -10.11 -8.62 6.35
C LEU A 5 -9.56 -7.44 7.14
N VAL A 6 -8.25 -7.24 7.05
CA VAL A 6 -7.59 -6.14 7.75
C VAL A 6 -8.32 -4.81 7.50
N THR A 7 -8.78 -4.63 6.27
CA THR A 7 -9.49 -3.41 5.90
C THR A 7 -8.68 -2.17 6.28
N THR A 8 -7.62 -1.90 5.51
CA THR A 8 -6.78 -0.74 5.78
C THR A 8 -5.94 -0.39 4.54
N ALA A 9 -5.54 0.87 4.44
CA ALA A 9 -4.75 1.34 3.31
C ALA A 9 -3.30 1.59 3.74
N THR A 10 -2.36 1.11 2.94
CA THR A 10 -0.94 1.28 3.23
C THR A 10 -0.38 2.50 2.51
N PHE A 11 0.40 3.30 3.24
CA PHE A 11 1.01 4.50 2.66
C PHE A 11 2.38 4.76 3.27
N SER A 12 3.08 5.76 2.74
CA SER A 12 4.40 6.11 3.23
C SER A 12 4.53 7.62 3.41
N ILE A 13 5.42 8.03 4.31
CA ILE A 13 5.64 9.44 4.59
C ILE A 13 7.00 9.90 4.07
N GLY A 14 7.00 10.98 3.29
CA GLY A 14 8.24 11.49 2.73
C GLY A 14 9.06 10.43 2.05
N SER A 15 10.37 10.43 2.31
CA SER A 15 11.27 9.46 1.70
C SER A 15 12.18 8.83 2.76
N THR A 16 11.63 8.64 3.95
CA THR A 16 12.39 8.05 5.06
C THR A 16 11.50 7.16 5.92
N GLY A 17 10.34 7.69 6.29
CA GLY A 17 9.41 6.92 7.12
C GLY A 17 8.25 6.37 6.33
N LEU A 18 7.36 5.65 7.01
CA LEU A 18 6.21 5.06 6.35
C LEU A 18 5.01 5.01 7.31
N VAL A 19 3.85 5.42 6.82
CA VAL A 19 2.64 5.42 7.63
C VAL A 19 1.44 4.94 6.81
N VAL A 20 0.69 4.01 7.38
CA VAL A 20 -0.50 3.47 6.71
C VAL A 20 -1.77 4.07 7.28
N TYR A 21 -2.71 4.39 6.38
CA TYR A 21 -3.98 4.98 6.79
C TYR A 21 -5.13 3.99 6.62
N ASP A 22 -5.98 3.89 7.63
CA ASP A 22 -7.11 2.98 7.60
C ASP A 22 -8.42 3.75 7.40
N TYR A 23 -9.15 3.42 6.35
CA TYR A 23 -10.42 4.08 6.05
C TYR A 23 -11.59 3.26 6.59
N GLN A 24 -11.36 2.56 7.69
CA GLN A 24 -12.40 1.74 8.30
C GLN A 24 -12.51 2.02 9.80
N GLN A 25 -11.44 1.70 10.53
CA GLN A 25 -11.42 1.93 11.98
C GLN A 25 -10.77 3.28 12.31
N LEU A 26 -10.42 4.03 11.27
CA LEU A 26 -9.80 5.33 11.45
C LEU A 26 -8.48 5.22 12.22
N LEU A 27 -7.82 4.07 12.07
CA LEU A 27 -6.56 3.83 12.75
C LEU A 27 -5.38 4.10 11.82
N ILE A 28 -4.25 4.49 12.40
CA ILE A 28 -3.06 4.79 11.62
C ILE A 28 -1.81 4.19 12.27
N ALA A 29 -0.87 3.74 11.44
CA ALA A 29 0.36 3.14 11.94
C ALA A 29 1.55 4.03 11.63
N TYR A 30 2.22 4.50 12.69
CA TYR A 30 3.38 5.37 12.54
C TYR A 30 4.50 4.95 13.49
N LYS A 31 5.63 4.54 12.92
CA LYS A 31 6.77 4.12 13.71
C LYS A 31 8.08 4.50 13.01
N PRO A 32 9.15 4.67 13.82
CA PRO A 32 10.46 5.04 13.31
C PRO A 32 11.13 3.90 12.53
N ALA A 33 11.81 3.02 13.24
CA ALA A 33 12.48 1.89 12.61
C ALA A 33 11.56 0.67 12.55
N PRO A 34 11.90 -0.27 11.66
CA PRO A 34 11.11 -1.50 11.47
C PRO A 34 11.22 -2.44 12.66
N GLY A 35 10.09 -2.72 13.31
CA GLY A 35 10.10 -3.61 14.46
C GLY A 35 10.34 -2.87 15.76
N THR A 36 9.98 -1.59 15.79
CA THR A 36 10.15 -0.77 16.98
C THR A 36 8.83 -0.18 17.46
N CYS A 37 8.90 0.72 18.42
CA CYS A 37 7.71 1.37 18.97
C CYS A 37 6.81 1.87 17.84
N CYS A 38 5.51 1.89 18.10
CA CYS A 38 4.54 2.35 17.11
C CYS A 38 3.64 3.43 17.69
N TYR A 39 2.78 4.01 16.84
CA TYR A 39 1.87 5.06 17.28
C TYR A 39 0.55 4.97 16.52
N ILE A 40 -0.55 5.04 17.27
CA ILE A 40 -1.88 4.97 16.68
C ILE A 40 -2.70 6.21 16.99
N MET A 41 -3.42 6.72 16.00
CA MET A 41 -4.25 7.91 16.18
C MET A 41 -5.55 7.78 15.40
N LYS A 42 -6.54 8.57 15.79
CA LYS A 42 -7.84 8.55 15.13
C LYS A 42 -7.97 9.71 14.14
N ILE A 43 -8.66 9.46 13.02
CA ILE A 43 -8.85 10.47 12.00
C ILE A 43 -10.31 10.60 11.62
N ALA A 44 -10.59 11.47 10.66
CA ALA A 44 -11.96 11.68 10.19
C ALA A 44 -12.15 11.12 8.79
N PRO A 45 -13.30 10.48 8.56
CA PRO A 45 -13.63 9.88 7.26
C PRO A 45 -13.91 10.93 6.19
N GLU A 46 -14.40 12.09 6.63
CA GLU A 46 -14.70 13.18 5.70
C GLU A 46 -13.47 14.03 5.44
N SER A 47 -12.54 14.03 6.40
CA SER A 47 -11.30 14.80 6.27
C SER A 47 -10.09 13.96 6.65
N ILE A 48 -9.71 13.04 5.76
CA ILE A 48 -8.57 12.17 6.00
C ILE A 48 -7.25 12.93 5.78
N PRO A 49 -6.49 13.10 6.86
CA PRO A 49 -5.19 13.80 6.81
C PRO A 49 -4.14 13.00 6.08
N SER A 50 -4.11 13.13 4.75
CA SER A 50 -3.15 12.41 3.93
C SER A 50 -1.72 12.69 4.40
N LEU A 51 -0.75 12.08 3.73
CA LEU A 51 0.66 12.27 4.07
C LEU A 51 0.97 13.74 4.32
N GLU A 52 0.29 14.61 3.58
CA GLU A 52 0.51 16.05 3.71
C GLU A 52 0.28 16.49 5.15
N ALA A 53 -0.80 16.01 5.75
CA ALA A 53 -1.12 16.36 7.14
C ALA A 53 -0.22 15.61 8.12
N LEU A 54 -0.07 14.32 7.91
CA LEU A 54 0.77 13.49 8.78
C LEU A 54 2.17 14.08 8.89
N THR A 55 2.81 14.29 7.75
CA THR A 55 4.16 14.85 7.72
C THR A 55 4.19 16.23 8.36
N ARG A 56 3.08 16.94 8.27
CA ARG A 56 2.98 18.29 8.84
C ARG A 56 3.17 18.25 10.35
N LYS A 57 2.36 17.43 11.02
CA LYS A 57 2.44 17.31 12.47
C LYS A 57 3.62 16.44 12.88
N VAL A 58 3.98 15.49 12.02
CA VAL A 58 5.10 14.59 12.29
C VAL A 58 6.42 15.35 12.29
N HIS A 59 6.49 16.41 11.49
CA HIS A 59 7.69 17.23 11.39
C HIS A 59 8.09 17.78 12.77
N ASN A 60 7.08 18.10 13.58
CA ASN A 60 7.32 18.64 14.91
C ASN A 60 7.98 17.59 15.81
N PHE A 61 7.79 16.32 15.46
CA PHE A 61 8.36 15.23 16.24
C PHE A 61 7.87 15.27 17.68
N GLN A 62 6.56 15.08 17.86
CA GLN A 62 5.96 15.09 19.19
C GLN A 62 5.83 13.68 19.75
N MET A 63 6.70 12.78 19.28
CA MET A 63 6.68 11.40 19.74
C MET A 63 8.10 10.82 19.76
N GLU A 64 8.57 10.37 18.60
CA GLU A 64 9.89 9.79 18.49
C GLU A 64 10.17 8.82 19.64
N CYS A 65 9.42 7.72 19.67
CA CYS A 65 9.56 6.72 20.72
C CYS A 65 9.51 7.36 22.10
N SER A 66 8.76 8.45 22.21
CA SER A 66 8.63 9.16 23.48
C SER A 66 7.20 9.67 23.66
N LEU A 67 7.02 10.57 24.63
CA LEU A 67 5.71 11.13 24.91
C LEU A 67 5.80 12.64 25.12
N GLN A 68 5.82 13.39 24.04
CA GLN A 68 5.90 14.85 24.11
C GLN A 68 4.54 15.46 24.41
N ALA A 69 4.46 16.20 25.51
CA ALA A 69 3.22 16.84 25.91
C ALA A 69 2.16 15.80 26.28
N LYS A 70 2.62 14.60 26.64
CA LYS A 70 1.71 13.53 27.03
C LYS A 70 0.77 13.17 25.87
N PRO A 71 0.09 12.03 26.00
CA PRO A 71 -0.85 11.56 24.98
C PRO A 71 -2.11 12.41 24.91
N ALA A 72 -2.43 13.08 26.01
CA ALA A 72 -3.60 13.94 26.07
C ALA A 72 -3.71 14.63 27.42
N VAL A 73 -3.30 13.94 28.47
CA VAL A 73 -3.35 14.47 29.82
C VAL A 73 -1.95 14.76 30.36
N PRO A 74 -1.44 15.97 30.09
CA PRO A 74 -0.11 16.38 30.53
C PRO A 74 -0.04 16.59 32.03
N THR A 75 -0.36 17.80 32.48
CA THR A 75 -0.33 18.13 33.90
C THR A 75 -0.99 19.48 34.16
N SER A 76 -1.97 19.83 33.32
CA SER A 76 -2.68 21.09 33.47
C SER A 76 -3.43 21.15 34.79
N LYS A 77 -4.55 20.41 34.86
CA LYS A 77 -5.37 20.37 36.06
C LYS A 77 -5.56 18.94 36.54
N LEU A 78 -4.46 18.22 36.69
CA LEU A 78 -4.51 16.83 37.15
C LEU A 78 -4.62 16.75 38.66
N GLY A 79 -4.96 15.57 39.17
CA GLY A 79 -5.11 15.39 40.60
C GLY A 79 -4.39 14.14 41.09
N GLN A 80 -5.18 13.16 41.55
CA GLN A 80 -4.62 11.91 42.06
C GLN A 80 -4.03 11.09 40.93
N ALA A 81 -4.89 10.47 40.12
CA ALA A 81 -4.46 9.65 39.01
C ALA A 81 -4.12 10.52 37.79
N GLU A 82 -3.51 9.90 36.79
CA GLU A 82 -3.12 10.61 35.57
C GLU A 82 -3.71 9.93 34.34
N GLY A 83 -3.40 10.48 33.17
CA GLY A 83 -3.90 9.91 31.92
C GLY A 83 -2.95 8.91 31.32
N ARG A 84 -2.89 8.87 30.00
CA ARG A 84 -2.02 7.95 29.29
C ARG A 84 -2.45 6.50 29.52
N ASP A 85 -2.17 5.99 30.72
CA ASP A 85 -2.53 4.63 31.07
C ASP A 85 -3.75 4.60 31.98
N ALA A 86 -4.32 5.78 32.24
CA ALA A 86 -5.49 5.90 33.09
C ALA A 86 -6.40 7.03 32.63
N GLY A 87 -6.27 7.41 31.36
CA GLY A 87 -7.08 8.47 30.81
C GLY A 87 -7.24 8.37 29.31
N SER A 88 -6.16 7.98 28.62
CA SER A 88 -6.20 7.85 27.18
C SER A 88 -6.41 6.39 26.76
N ALA A 89 -7.20 5.67 27.55
CA ALA A 89 -7.49 4.27 27.27
C ALA A 89 -8.70 3.79 28.05
N PRO A 90 -9.90 4.14 27.57
CA PRO A 90 -11.16 3.76 28.21
C PRO A 90 -11.43 2.26 28.08
N SER A 91 -10.90 1.48 29.02
CA SER A 91 -11.09 0.03 29.02
C SER A 91 -10.76 -0.55 27.65
N GLY A 92 -11.21 -1.78 27.41
CA GLY A 92 -10.95 -2.43 26.14
C GLY A 92 -11.34 -1.57 24.96
N GLY A 93 -12.24 -0.61 25.18
CA GLY A 93 -12.67 0.26 24.12
C GLY A 93 -11.53 1.06 23.52
N ASP A 94 -10.41 1.12 24.24
CA ASP A 94 -9.24 1.85 23.77
C ASP A 94 -8.85 1.43 22.36
N PRO A 95 -8.38 2.40 21.56
CA PRO A 95 -7.96 2.14 20.18
C PRO A 95 -6.69 1.32 20.10
N ALA A 96 -6.62 0.25 20.89
CA ALA A 96 -5.45 -0.61 20.91
C ALA A 96 -5.79 -2.00 20.36
N PHE A 97 -7.09 -2.28 20.22
CA PHE A 97 -7.54 -3.56 19.71
C PHE A 97 -8.59 -3.38 18.63
N LEU A 98 -8.22 -2.68 17.55
CA LEU A 98 -9.14 -2.43 16.45
C LEU A 98 -8.36 -2.23 15.15
N GLY A 99 -7.16 -2.79 15.08
CA GLY A 99 -6.35 -2.67 13.89
C GLY A 99 -5.56 -3.92 13.60
N MET A 100 -6.01 -4.68 12.60
CA MET A 100 -5.34 -5.92 12.22
C MET A 100 -4.06 -5.63 11.44
N ALA A 101 -4.16 -4.72 10.47
CA ALA A 101 -3.01 -4.35 9.66
C ALA A 101 -1.93 -3.69 10.50
N VAL A 102 -2.29 -2.60 11.16
CA VAL A 102 -1.34 -1.87 12.00
C VAL A 102 -0.67 -2.80 13.02
N SER A 103 -1.47 -3.68 13.61
CA SER A 103 -0.97 -4.62 14.60
C SER A 103 0.19 -5.44 14.02
N THR A 104 0.14 -5.68 12.71
CA THR A 104 1.18 -6.45 12.04
C THR A 104 2.42 -5.60 11.79
N LEU A 105 2.21 -4.41 11.24
CA LEU A 105 3.31 -3.49 10.94
C LEU A 105 4.07 -3.13 12.22
N CYS A 106 3.34 -2.77 13.26
CA CYS A 106 3.95 -2.40 14.53
C CYS A 106 4.60 -3.61 15.19
N GLY A 107 4.08 -4.80 14.88
CA GLY A 107 4.63 -6.02 15.45
C GLY A 107 4.16 -6.25 16.87
N GLU A 108 2.86 -6.04 17.10
CA GLU A 108 2.28 -6.24 18.43
C GLU A 108 3.11 -5.52 19.49
N VAL A 109 3.71 -4.40 19.10
CA VAL A 109 4.53 -3.62 20.02
C VAL A 109 3.70 -2.56 20.73
N PRO A 110 4.18 -2.12 21.91
CA PRO A 110 3.50 -1.10 22.71
C PRO A 110 3.54 0.28 22.06
N LEU A 111 2.46 0.66 21.40
CA LEU A 111 2.38 1.95 20.73
C LEU A 111 1.85 3.02 21.69
N TYR A 112 2.20 4.27 21.42
CA TYR A 112 1.76 5.38 22.25
C TYR A 112 0.76 6.26 21.50
N TYR A 113 -0.24 6.75 22.22
CA TYR A 113 -1.26 7.60 21.62
C TYR A 113 -0.83 9.07 21.65
N ILE A 114 -0.96 9.74 20.50
CA ILE A 114 -0.58 11.14 20.40
C ILE A 114 -1.82 12.03 20.37
N GLY B 1 -16.67 -5.48 -13.95
CA GLY B 1 -17.65 -6.50 -14.28
C GLY B 1 -17.45 -7.77 -13.48
N SER B 2 -16.52 -8.61 -13.94
CA SER B 2 -16.23 -9.87 -13.26
C SER B 2 -14.79 -9.92 -12.80
N GLU B 3 -14.27 -8.79 -12.33
CA GLU B 3 -12.89 -8.71 -11.86
C GLU B 3 -12.58 -7.31 -11.34
N HIS B 4 -12.53 -7.18 -10.02
CA HIS B 4 -12.24 -5.90 -9.39
C HIS B 4 -12.20 -6.04 -7.87
N LEU B 5 -11.47 -7.05 -7.39
CA LEU B 5 -11.35 -7.29 -5.96
C LEU B 5 -10.08 -8.06 -5.64
N VAL B 6 -8.93 -7.45 -5.94
CA VAL B 6 -7.64 -8.08 -5.69
C VAL B 6 -7.56 -8.61 -4.26
N THR B 7 -8.11 -7.86 -3.32
CA THR B 7 -8.10 -8.26 -1.92
C THR B 7 -6.69 -8.57 -1.44
N THR B 8 -5.88 -7.54 -1.28
CA THR B 8 -4.50 -7.70 -0.83
C THR B 8 -3.94 -6.40 -0.28
N ALA B 9 -2.95 -6.51 0.60
CA ALA B 9 -2.33 -5.33 1.20
C ALA B 9 -0.92 -5.12 0.66
N THR B 10 -0.61 -3.90 0.28
CA THR B 10 0.72 -3.57 -0.25
C THR B 10 1.65 -3.07 0.85
N PHE B 11 2.88 -3.56 0.85
CA PHE B 11 3.87 -3.17 1.84
C PHE B 11 5.27 -3.14 1.24
N SER B 12 6.23 -2.66 2.02
CA SER B 12 7.61 -2.58 1.56
C SER B 12 8.57 -3.13 2.60
N ILE B 13 9.75 -3.53 2.16
CA ILE B 13 10.76 -4.08 3.06
C ILE B 13 11.99 -3.18 3.14
N GLY B 14 12.40 -2.86 4.36
CA GLY B 14 13.57 -2.00 4.54
C GLY B 14 13.47 -0.71 3.74
N SER B 15 14.53 -0.38 3.02
CA SER B 15 14.57 0.83 2.22
C SER B 15 15.18 0.56 0.85
N THR B 16 14.91 -0.62 0.30
CA THR B 16 15.43 -1.00 -1.01
C THR B 16 14.48 -1.94 -1.73
N GLY B 17 13.92 -2.89 -1.00
CA GLY B 17 12.99 -3.84 -1.60
C GLY B 17 11.55 -3.54 -1.23
N LEU B 18 10.63 -4.29 -1.82
CA LEU B 18 9.21 -4.10 -1.56
C LEU B 18 8.46 -5.44 -1.61
N VAL B 19 7.61 -5.67 -0.62
CA VAL B 19 6.83 -6.90 -0.55
C VAL B 19 5.41 -6.63 -0.05
N VAL B 20 4.43 -7.15 -0.78
CA VAL B 20 3.03 -6.97 -0.41
C VAL B 20 2.48 -8.20 0.28
N TYR B 21 1.67 -7.99 1.32
CA TYR B 21 1.08 -9.10 2.07
C TYR B 21 -0.42 -9.18 1.83
N ASP B 22 -0.92 -10.37 1.58
CA ASP B 22 -2.34 -10.58 1.34
C ASP B 22 -3.01 -11.24 2.54
N TYR B 23 -4.02 -10.58 3.10
CA TYR B 23 -4.73 -11.10 4.25
C TYR B 23 -6.00 -11.84 3.82
N GLN B 24 -5.95 -12.45 2.65
CA GLN B 24 -7.10 -13.18 2.12
C GLN B 24 -6.66 -14.55 1.58
N GLN B 25 -5.84 -14.54 0.54
CA GLN B 25 -5.36 -15.77 -0.07
C GLN B 25 -4.01 -16.18 0.53
N LEU B 26 -3.60 -15.49 1.59
CA LEU B 26 -2.33 -15.77 2.24
C LEU B 26 -1.18 -15.78 1.23
N LEU B 27 -1.29 -14.92 0.23
CA LEU B 27 -0.27 -14.82 -0.81
C LEU B 27 0.64 -13.61 -0.57
N ILE B 28 1.85 -13.67 -1.09
CA ILE B 28 2.81 -12.59 -0.93
C ILE B 28 3.65 -12.40 -2.19
N ALA B 29 4.00 -11.16 -2.50
CA ALA B 29 4.81 -10.85 -3.67
C ALA B 29 6.17 -10.32 -3.26
N TYR B 30 7.22 -11.01 -3.69
CA TYR B 30 8.59 -10.61 -3.38
C TYR B 30 9.49 -10.69 -4.60
N LYS B 31 10.07 -9.57 -4.99
CA LYS B 31 10.95 -9.52 -6.15
C LYS B 31 12.03 -8.45 -5.97
N PRO B 32 13.19 -8.66 -6.61
CA PRO B 32 14.31 -7.72 -6.55
C PRO B 32 14.03 -6.42 -7.28
N ALA B 33 14.30 -6.40 -8.58
CA ALA B 33 14.07 -5.21 -9.39
C ALA B 33 12.67 -5.21 -9.99
N PRO B 34 12.20 -4.03 -10.42
CA PRO B 34 10.88 -3.88 -11.02
C PRO B 34 10.77 -4.54 -12.39
N GLY B 35 9.85 -5.48 -12.52
CA GLY B 35 9.67 -6.17 -13.78
C GLY B 35 10.60 -7.35 -13.94
N THR B 36 10.99 -7.95 -12.81
CA THR B 36 11.89 -9.09 -12.82
C THR B 36 11.26 -10.30 -12.13
N CYS B 37 12.06 -11.33 -11.92
CA CYS B 37 11.58 -12.55 -11.27
C CYS B 37 10.83 -12.21 -9.97
N CYS B 38 9.86 -13.05 -9.63
CA CYS B 38 9.07 -12.83 -8.42
C CYS B 38 9.05 -14.10 -7.56
N TYR B 39 8.51 -13.97 -6.36
CA TYR B 39 8.43 -15.09 -5.43
C TYR B 39 7.15 -15.04 -4.61
N ILE B 40 6.51 -16.20 -4.44
CA ILE B 40 5.27 -16.28 -3.68
C ILE B 40 5.40 -17.26 -2.52
N MET B 41 4.85 -16.89 -1.37
CA MET B 41 4.91 -17.74 -0.19
C MET B 41 3.59 -17.67 0.59
N LYS B 42 3.35 -18.68 1.42
CA LYS B 42 2.14 -18.74 2.21
C LYS B 42 2.39 -18.27 3.63
N ILE B 43 1.40 -17.62 4.23
CA ILE B 43 1.52 -17.12 5.60
C ILE B 43 0.33 -17.55 6.45
N ALA B 44 0.34 -17.13 7.72
CA ALA B 44 -0.74 -17.47 8.64
C ALA B 44 -1.58 -16.25 8.97
N PRO B 45 -2.90 -16.45 9.04
CA PRO B 45 -3.85 -15.37 9.36
C PRO B 45 -3.74 -14.90 10.80
N GLU B 46 -3.36 -15.83 11.69
CA GLU B 46 -3.23 -15.52 13.10
C GLU B 46 -1.84 -14.99 13.41
N SER B 47 -0.87 -15.36 12.58
CA SER B 47 0.50 -14.91 12.76
C SER B 47 1.09 -14.41 11.45
N ILE B 48 0.67 -13.21 11.04
CA ILE B 48 1.16 -12.61 9.80
C ILE B 48 2.58 -12.07 9.97
N PRO B 49 3.53 -12.69 9.26
CA PRO B 49 4.94 -12.29 9.31
C PRO B 49 5.18 -10.93 8.65
N SER B 50 4.95 -9.86 9.41
CA SER B 50 5.13 -8.52 8.89
C SER B 50 6.55 -8.33 8.34
N LEU B 51 6.82 -7.14 7.82
CA LEU B 51 8.13 -6.84 7.25
C LEU B 51 9.24 -7.28 8.20
N GLU B 52 8.98 -7.18 9.49
CA GLU B 52 9.96 -7.57 10.50
C GLU B 52 10.43 -9.01 10.28
N ALA B 53 9.48 -9.90 10.04
CA ALA B 53 9.80 -11.31 9.80
C ALA B 53 10.34 -11.53 8.39
N LEU B 54 9.70 -10.89 7.41
CA LEU B 54 10.12 -11.02 6.02
C LEU B 54 11.60 -10.66 5.87
N THR B 55 11.97 -9.47 6.33
CA THR B 55 13.34 -9.00 6.25
C THR B 55 14.29 -9.96 6.96
N ARG B 56 13.77 -10.65 7.98
CA ARG B 56 14.58 -11.59 8.74
C ARG B 56 15.04 -12.75 7.87
N LYS B 57 14.08 -13.41 7.21
CA LYS B 57 14.38 -14.53 6.34
C LYS B 57 14.96 -14.05 5.01
N VAL B 58 14.56 -12.86 4.59
CA VAL B 58 15.05 -12.28 3.34
C VAL B 58 16.54 -11.98 3.41
N HIS B 59 17.00 -11.64 4.61
CA HIS B 59 18.42 -11.33 4.83
C HIS B 59 19.30 -12.51 4.42
N ASN B 60 18.79 -13.72 4.64
CA ASN B 60 19.53 -14.93 4.30
C ASN B 60 19.71 -15.06 2.80
N PHE B 61 18.82 -14.43 2.05
CA PHE B 61 18.87 -14.47 0.59
C PHE B 61 18.83 -15.91 0.09
N GLN B 62 17.71 -16.58 0.31
CA GLN B 62 17.55 -17.96 -0.12
C GLN B 62 16.82 -18.03 -1.46
N MET B 63 16.95 -16.98 -2.26
CA MET B 63 16.31 -16.92 -3.56
C MET B 63 17.14 -16.12 -4.55
N GLU B 64 17.01 -14.80 -4.49
CA GLU B 64 17.75 -13.91 -5.38
C GLU B 64 17.73 -14.44 -6.81
N CYS B 65 16.53 -14.46 -7.41
CA CYS B 65 16.36 -14.94 -8.77
C CYS B 65 17.00 -16.31 -8.95
N SER B 66 17.00 -17.09 -7.87
CA SER B 66 17.57 -18.44 -7.91
C SER B 66 16.75 -19.40 -7.06
N LEU B 67 17.32 -20.57 -6.78
CA LEU B 67 16.65 -21.58 -5.98
C LEU B 67 17.59 -22.17 -4.94
N GLN B 68 17.74 -21.48 -3.82
CA GLN B 68 18.61 -21.93 -2.74
C GLN B 68 17.92 -22.99 -1.89
N ALA B 69 18.54 -24.17 -1.81
CA ALA B 69 17.98 -25.27 -1.02
C ALA B 69 16.66 -25.75 -1.62
N LYS B 70 16.46 -25.48 -2.90
CA LYS B 70 15.24 -25.89 -3.59
C LYS B 70 14.01 -25.26 -2.93
N PRO B 71 12.87 -25.34 -3.64
CA PRO B 71 11.60 -24.78 -3.14
C PRO B 71 11.05 -25.57 -1.97
N ALA B 72 11.43 -26.83 -1.87
CA ALA B 72 10.97 -27.70 -0.79
C ALA B 72 11.65 -29.06 -0.85
N VAL B 73 11.81 -29.59 -2.06
CA VAL B 73 12.44 -30.89 -2.25
C VAL B 73 13.84 -30.74 -2.85
N PRO B 74 14.84 -30.63 -1.97
CA PRO B 74 16.24 -30.47 -2.38
C PRO B 74 16.79 -31.74 -3.01
N THR B 75 17.33 -32.62 -2.17
CA THR B 75 17.90 -33.88 -2.63
C THR B 75 18.17 -34.83 -1.47
N SER B 76 17.38 -34.71 -0.41
CA SER B 76 17.54 -35.55 0.77
C SER B 76 17.28 -37.01 0.43
N LYS B 77 16.00 -37.35 0.26
CA LYS B 77 15.62 -38.71 -0.06
C LYS B 77 14.78 -38.75 -1.34
N LEU B 78 15.32 -38.17 -2.40
CA LEU B 78 14.62 -38.13 -3.69
C LEU B 78 14.83 -39.43 -4.45
N GLY B 79 14.01 -39.66 -5.47
CA GLY B 79 14.12 -40.86 -6.27
C GLY B 79 14.03 -40.59 -7.75
N GLN B 80 12.93 -41.02 -8.37
CA GLN B 80 12.72 -40.82 -9.80
C GLN B 80 12.44 -39.35 -10.11
N ALA B 81 11.24 -38.90 -9.76
CA ALA B 81 10.83 -37.52 -10.00
C ALA B 81 11.35 -36.61 -8.88
N GLU B 82 11.23 -35.30 -9.10
CA GLU B 82 11.67 -34.33 -8.12
C GLU B 82 10.56 -33.32 -7.79
N GLY B 83 10.88 -32.36 -6.95
CA GLY B 83 9.91 -31.35 -6.57
C GLY B 83 9.94 -30.13 -7.47
N ARG B 84 9.64 -28.97 -6.90
CA ARG B 84 9.65 -27.72 -7.66
C ARG B 84 8.51 -27.72 -8.68
N ASP B 85 8.69 -28.49 -9.75
CA ASP B 85 7.68 -28.57 -10.81
C ASP B 85 6.93 -29.89 -10.74
N ALA B 86 7.24 -30.69 -9.72
CA ALA B 86 6.59 -31.98 -9.54
C ALA B 86 6.46 -32.33 -8.06
N GLY B 87 6.48 -31.31 -7.21
CA GLY B 87 6.36 -31.53 -5.78
C GLY B 87 5.84 -30.31 -5.05
N SER B 88 6.30 -29.13 -5.45
CA SER B 88 5.88 -27.89 -4.83
C SER B 88 4.81 -27.19 -5.67
N ALA B 89 3.94 -27.98 -6.28
CA ALA B 89 2.86 -27.44 -7.11
C ALA B 89 1.85 -28.52 -7.46
N PRO B 90 0.94 -28.81 -6.52
CA PRO B 90 -0.10 -29.82 -6.71
C PRO B 90 -1.15 -29.39 -7.73
N SER B 91 -0.88 -29.66 -9.00
CA SER B 91 -1.79 -29.29 -10.08
C SER B 91 -2.19 -27.82 -9.97
N GLY B 92 -3.26 -27.46 -10.68
CA GLY B 92 -3.72 -26.08 -10.65
C GLY B 92 -3.92 -25.56 -9.25
N GLY B 93 -4.09 -26.47 -8.30
CA GLY B 93 -4.28 -26.07 -6.91
C GLY B 93 -3.11 -25.28 -6.37
N ASP B 94 -1.97 -25.36 -7.05
CA ASP B 94 -0.78 -24.64 -6.64
C ASP B 94 -1.07 -23.16 -6.41
N PRO B 95 -0.41 -22.57 -5.41
CA PRO B 95 -0.60 -21.16 -5.07
C PRO B 95 0.00 -20.23 -6.13
N ALA B 96 -0.26 -20.54 -7.40
CA ALA B 96 0.25 -19.73 -8.49
C ALA B 96 -0.89 -19.05 -9.25
N PHE B 97 -2.12 -19.46 -8.95
CA PHE B 97 -3.30 -18.89 -9.59
C PHE B 97 -4.34 -18.50 -8.56
N LEU B 98 -3.96 -17.64 -7.62
CA LEU B 98 -4.88 -17.18 -6.58
C LEU B 98 -4.47 -15.81 -6.06
N GLY B 99 -3.81 -15.03 -6.92
CA GLY B 99 -3.38 -13.70 -6.53
C GLY B 99 -3.47 -12.71 -7.67
N MET B 100 -4.48 -11.84 -7.60
CA MET B 100 -4.67 -10.83 -8.64
C MET B 100 -3.65 -9.71 -8.51
N ALA B 101 -3.51 -9.18 -7.29
CA ALA B 101 -2.57 -8.11 -7.04
C ALA B 101 -1.14 -8.54 -7.30
N VAL B 102 -0.72 -9.62 -6.63
CA VAL B 102 0.64 -10.14 -6.80
C VAL B 102 0.93 -10.44 -8.27
N SER B 103 -0.08 -10.92 -8.98
CA SER B 103 0.06 -11.25 -10.40
C SER B 103 0.43 -10.01 -11.21
N THR B 104 -0.05 -8.85 -10.78
CA THR B 104 0.23 -7.60 -11.46
C THR B 104 1.62 -7.08 -11.11
N LEU B 105 1.98 -7.17 -9.83
CA LEU B 105 3.28 -6.71 -9.37
C LEU B 105 4.40 -7.52 -10.03
N CYS B 106 4.28 -8.84 -9.98
CA CYS B 106 5.28 -9.73 -10.57
C CYS B 106 5.27 -9.61 -12.09
N GLY B 107 4.13 -9.24 -12.64
CA GLY B 107 4.00 -9.11 -14.08
C GLY B 107 3.77 -10.43 -14.78
N GLU B 108 2.90 -11.25 -14.19
CA GLU B 108 2.60 -12.57 -14.74
C GLU B 108 3.87 -13.34 -15.07
N VAL B 109 4.91 -13.14 -14.25
CA VAL B 109 6.18 -13.81 -14.45
C VAL B 109 6.27 -15.09 -13.62
N PRO B 110 7.09 -16.04 -14.07
CA PRO B 110 7.27 -17.32 -13.39
C PRO B 110 8.03 -17.17 -12.07
N LEU B 111 7.28 -17.11 -10.98
CA LEU B 111 7.87 -16.96 -9.65
C LEU B 111 8.20 -18.32 -9.04
N TYR B 112 9.20 -18.36 -8.18
CA TYR B 112 9.61 -19.60 -7.53
C TYR B 112 9.09 -19.66 -6.10
N TYR B 113 8.73 -20.86 -5.67
CA TYR B 113 8.20 -21.05 -4.32
C TYR B 113 9.34 -21.31 -3.33
N ILE B 114 9.32 -20.60 -2.21
CA ILE B 114 10.34 -20.77 -1.18
C ILE B 114 9.79 -21.47 0.04
N GLY C 1 -19.72 5.48 9.01
CA GLY C 1 -21.14 5.67 8.76
C GLY C 1 -21.47 5.55 7.28
N SER C 2 -21.26 6.63 6.54
CA SER C 2 -21.55 6.65 5.11
C SER C 2 -20.29 6.95 4.30
N GLU C 3 -19.15 6.44 4.77
CA GLU C 3 -17.88 6.66 4.09
C GLU C 3 -16.75 5.93 4.81
N HIS C 4 -16.31 4.81 4.24
CA HIS C 4 -15.24 4.01 4.82
C HIS C 4 -14.93 2.81 3.93
N LEU C 5 -14.79 3.04 2.64
CA LEU C 5 -14.49 1.98 1.68
C LEU C 5 -13.82 2.54 0.43
N VAL C 6 -12.65 3.13 0.61
CA VAL C 6 -11.91 3.70 -0.51
C VAL C 6 -11.81 2.71 -1.67
N THR C 7 -11.59 1.44 -1.34
CA THR C 7 -11.48 0.40 -2.34
C THR C 7 -10.41 0.75 -3.37
N THR C 8 -9.15 0.66 -2.96
CA THR C 8 -8.03 0.97 -3.85
C THR C 8 -6.73 0.38 -3.33
N ALA C 9 -5.80 0.12 -4.23
CA ALA C 9 -4.50 -0.44 -3.86
C ALA C 9 -3.40 0.59 -3.98
N THR C 10 -2.55 0.66 -2.96
CA THR C 10 -1.45 1.62 -2.95
C THR C 10 -0.17 0.98 -3.48
N PHE C 11 0.55 1.72 -4.32
CA PHE C 11 1.80 1.23 -4.90
C PHE C 11 2.78 2.38 -5.12
N SER C 12 4.01 2.02 -5.51
CA SER C 12 5.04 3.02 -5.75
C SER C 12 5.76 2.74 -7.07
N ILE C 13 6.37 3.78 -7.63
CA ILE C 13 7.10 3.66 -8.89
C ILE C 13 8.59 3.89 -8.69
N GLY C 14 9.41 2.97 -9.20
CA GLY C 14 10.84 3.09 -9.07
C GLY C 14 11.28 3.33 -7.64
N SER C 15 12.15 4.32 -7.44
CA SER C 15 12.65 4.64 -6.11
C SER C 15 12.67 6.15 -5.89
N THR C 16 11.66 6.83 -6.44
CA THR C 16 11.56 8.28 -6.30
C THR C 16 10.09 8.73 -6.29
N GLY C 17 9.30 8.15 -7.19
CA GLY C 17 7.90 8.51 -7.26
C GLY C 17 7.00 7.44 -6.65
N LEU C 18 5.71 7.74 -6.58
CA LEU C 18 4.74 6.80 -6.01
C LEU C 18 3.40 6.91 -6.72
N VAL C 19 2.83 5.76 -7.07
CA VAL C 19 1.55 5.72 -7.75
C VAL C 19 0.69 4.57 -7.24
N VAL C 20 -0.56 4.87 -6.90
CA VAL C 20 -1.49 3.87 -6.39
C VAL C 20 -2.45 3.42 -7.49
N TYR C 21 -2.72 2.11 -7.52
CA TYR C 21 -3.63 1.56 -8.51
C TYR C 21 -4.93 1.08 -7.87
N ASP C 22 -6.04 1.43 -8.50
CA ASP C 22 -7.36 1.06 -7.98
C ASP C 22 -7.97 -0.05 -8.84
N TYR C 23 -8.27 -1.19 -8.21
CA TYR C 23 -8.85 -2.33 -8.90
C TYR C 23 -10.38 -2.33 -8.76
N GLN C 24 -10.95 -1.13 -8.68
CA GLN C 24 -12.40 -1.00 -8.55
C GLN C 24 -12.94 0.05 -9.50
N GLN C 25 -12.53 1.30 -9.32
CA GLN C 25 -12.97 2.39 -10.16
C GLN C 25 -11.97 2.64 -11.29
N LEU C 26 -11.01 1.74 -11.44
CA LEU C 26 -9.99 1.87 -12.47
C LEU C 26 -9.33 3.24 -12.42
N LEU C 27 -9.18 3.77 -11.20
CA LEU C 27 -8.55 5.07 -11.01
C LEU C 27 -7.11 4.91 -10.55
N ILE C 28 -6.30 5.94 -10.81
CA ILE C 28 -4.89 5.92 -10.41
C ILE C 28 -4.42 7.30 -9.98
N ALA C 29 -3.54 7.33 -8.99
CA ALA C 29 -3.00 8.59 -8.48
C ALA C 29 -1.51 8.73 -8.79
N TYR C 30 -1.16 9.77 -9.52
CA TYR C 30 0.23 10.01 -9.90
C TYR C 30 0.60 11.48 -9.71
N LYS C 31 1.59 11.72 -8.87
CA LYS C 31 2.05 13.08 -8.59
C LYS C 31 3.53 13.11 -8.27
N PRO C 32 4.19 14.24 -8.56
CA PRO C 32 5.62 14.42 -8.30
C PRO C 32 5.94 14.50 -6.82
N ALA C 33 5.86 15.71 -6.26
CA ALA C 33 6.13 15.92 -4.85
C ALA C 33 4.87 15.77 -4.02
N PRO C 34 5.04 15.56 -2.70
CA PRO C 34 3.93 15.40 -1.77
C PRO C 34 3.15 16.69 -1.56
N GLY C 35 1.87 16.67 -1.87
CA GLY C 35 1.03 17.85 -1.71
C GLY C 35 1.09 18.76 -2.91
N THR C 36 1.34 18.18 -4.08
CA THR C 36 1.42 18.95 -5.31
C THR C 36 0.43 18.45 -6.35
N CYS C 37 0.54 18.96 -7.57
CA CYS C 37 -0.36 18.55 -8.65
C CYS C 37 -0.46 17.03 -8.73
N CYS C 38 -1.61 16.54 -9.19
CA CYS C 38 -1.83 15.11 -9.31
C CYS C 38 -2.33 14.76 -10.71
N TYR C 39 -2.41 13.47 -11.00
CA TYR C 39 -2.87 13.00 -12.30
C TYR C 39 -3.67 11.71 -12.17
N ILE C 40 -4.78 11.63 -12.90
CA ILE C 40 -5.63 10.45 -12.86
C ILE C 40 -5.79 9.85 -14.26
N MET C 41 -5.75 8.52 -14.32
CA MET C 41 -5.90 7.82 -15.60
C MET C 41 -6.72 6.54 -15.43
N LYS C 42 -7.28 6.06 -16.52
CA LYS C 42 -8.10 4.85 -16.50
C LYS C 42 -7.29 3.63 -16.94
N ILE C 43 -7.57 2.48 -16.33
CA ILE C 43 -6.86 1.25 -16.66
C ILE C 43 -7.84 0.13 -16.97
N ALA C 44 -7.31 -1.05 -17.27
CA ALA C 44 -8.13 -2.21 -17.58
C ALA C 44 -8.04 -3.26 -16.48
N PRO C 45 -9.19 -3.86 -16.14
CA PRO C 45 -9.27 -4.90 -15.10
C PRO C 45 -8.59 -6.20 -15.51
N GLU C 46 -8.60 -6.47 -16.82
CA GLU C 46 -7.99 -7.69 -17.35
C GLU C 46 -6.50 -7.47 -17.63
N SER C 47 -6.13 -6.22 -17.87
CA SER C 47 -4.74 -5.87 -18.16
C SER C 47 -4.30 -4.65 -17.34
N ILE C 48 -4.07 -4.88 -16.04
CA ILE C 48 -3.65 -3.81 -15.15
C ILE C 48 -2.17 -3.46 -15.37
N PRO C 49 -1.93 -2.24 -15.86
CA PRO C 49 -0.57 -1.76 -16.12
C PRO C 49 0.22 -1.52 -14.84
N SER C 50 0.81 -2.58 -14.30
CA SER C 50 1.60 -2.48 -13.09
C SER C 50 2.68 -1.42 -13.21
N LEU C 51 3.44 -1.21 -12.13
CA LEU C 51 4.51 -0.22 -12.12
C LEU C 51 5.36 -0.33 -13.38
N GLU C 52 5.53 -1.55 -13.87
CA GLU C 52 6.33 -1.79 -15.07
C GLU C 52 5.83 -0.94 -16.23
N ALA C 53 4.51 -0.92 -16.41
CA ALA C 53 3.90 -0.14 -17.49
C ALA C 53 3.89 1.35 -17.15
N LEU C 54 3.52 1.67 -15.92
CA LEU C 54 3.46 3.06 -15.47
C LEU C 54 4.81 3.76 -15.69
N THR C 55 5.86 3.16 -15.14
CA THR C 55 7.21 3.72 -15.28
C THR C 55 7.60 3.84 -16.74
N ARG C 56 7.07 2.95 -17.58
CA ARG C 56 7.37 2.95 -19.00
C ARG C 56 6.89 4.25 -19.65
N LYS C 57 5.62 4.56 -19.47
CA LYS C 57 5.03 5.76 -20.04
C LYS C 57 5.44 7.00 -19.24
N VAL C 58 5.67 6.81 -17.95
CA VAL C 58 6.07 7.90 -17.08
C VAL C 58 7.46 8.43 -17.45
N HIS C 59 8.30 7.53 -17.97
CA HIS C 59 9.65 7.90 -18.37
C HIS C 59 9.63 9.02 -19.41
N ASN C 60 8.62 8.98 -20.29
CA ASN C 60 8.48 9.98 -21.34
C ASN C 60 8.17 11.35 -20.73
N PHE C 61 7.61 11.34 -19.53
CA PHE C 61 7.26 12.59 -18.85
C PHE C 61 6.31 13.42 -19.70
N GLN C 62 5.10 12.91 -19.91
CA GLN C 62 4.09 13.61 -20.70
C GLN C 62 3.16 14.41 -19.81
N MET C 63 3.65 14.82 -18.65
CA MET C 63 2.87 15.60 -17.70
C MET C 63 3.74 16.56 -16.92
N GLU C 64 4.38 16.06 -15.87
CA GLU C 64 5.24 16.88 -15.03
C GLU C 64 4.59 18.22 -14.72
N CYS C 65 3.49 18.17 -13.98
CA CYS C 65 2.77 19.37 -13.60
C CYS C 65 2.47 20.24 -14.83
N SER C 66 2.29 19.59 -15.97
CA SER C 66 2.01 20.28 -17.22
C SER C 66 1.02 19.50 -18.08
N LEU C 67 0.90 19.89 -19.34
CA LEU C 67 0.00 19.22 -20.27
C LEU C 67 0.69 18.96 -21.61
N GLN C 68 1.46 17.87 -21.67
CA GLN C 68 2.17 17.51 -22.89
C GLN C 68 1.24 16.80 -23.87
N ALA C 69 1.11 17.36 -25.07
CA ALA C 69 0.26 16.77 -26.10
C ALA C 69 -1.20 16.81 -25.68
N LYS C 70 -1.53 17.71 -24.76
CA LYS C 70 -2.90 17.85 -24.27
C LYS C 70 -3.38 16.55 -23.62
N PRO C 71 -4.51 16.64 -22.90
CA PRO C 71 -5.10 15.48 -22.23
C PRO C 71 -5.69 14.47 -23.21
N ALA C 72 -6.05 14.95 -24.39
CA ALA C 72 -6.62 14.10 -25.43
C ALA C 72 -6.84 14.88 -26.72
N VAL C 73 -7.30 16.12 -26.59
CA VAL C 73 -7.55 16.97 -27.75
C VAL C 73 -6.50 18.06 -27.88
N PRO C 74 -5.42 17.76 -28.61
CA PRO C 74 -4.32 18.70 -28.82
C PRO C 74 -4.71 19.86 -29.72
N THR C 75 -4.57 19.67 -31.03
CA THR C 75 -4.91 20.71 -31.99
C THR C 75 -4.92 20.15 -33.41
N SER C 76 -5.23 18.86 -33.54
CA SER C 76 -5.27 18.21 -34.84
C SER C 76 -6.37 18.81 -35.72
N LYS C 77 -7.61 18.47 -35.40
CA LYS C 77 -8.76 18.97 -36.16
C LYS C 77 -9.75 19.67 -35.24
N LEU C 78 -9.26 20.62 -34.46
CA LEU C 78 -10.11 21.36 -33.54
C LEU C 78 -10.83 22.50 -34.25
N GLY C 79 -11.87 23.04 -33.61
CA GLY C 79 -12.63 24.12 -34.19
C GLY C 79 -12.91 25.23 -33.20
N GLN C 80 -14.18 25.37 -32.83
CA GLN C 80 -14.59 26.40 -31.88
C GLN C 80 -14.11 26.07 -30.47
N ALA C 81 -14.74 25.09 -29.84
CA ALA C 81 -14.37 24.68 -28.49
C ALA C 81 -13.19 23.72 -28.52
N GLU C 82 -12.63 23.44 -27.35
CA GLU C 82 -11.49 22.53 -27.24
C GLU C 82 -11.75 21.45 -26.19
N GLY C 83 -10.77 20.60 -25.98
CA GLY C 83 -10.90 19.53 -25.00
C GLY C 83 -10.42 19.94 -23.62
N ARG C 84 -9.88 18.97 -22.88
CA ARG C 84 -9.37 19.24 -21.54
C ARG C 84 -10.53 19.58 -20.59
N ASP C 85 -11.06 20.77 -20.73
CA ASP C 85 -12.17 21.22 -19.89
C ASP C 85 -13.48 21.22 -20.66
N ALA C 86 -13.42 20.75 -21.90
CA ALA C 86 -14.62 20.69 -22.74
C ALA C 86 -14.55 19.49 -23.69
N GLY C 87 -13.77 18.49 -23.32
CA GLY C 87 -13.63 17.30 -24.15
C GLY C 87 -13.20 16.09 -23.36
N SER C 88 -12.30 16.29 -22.41
CA SER C 88 -11.81 15.19 -21.58
C SER C 88 -12.48 15.19 -20.22
N ALA C 89 -13.76 15.54 -20.20
CA ALA C 89 -14.52 15.59 -18.96
C ALA C 89 -16.02 15.73 -19.23
N PRO C 90 -16.67 14.62 -19.57
CA PRO C 90 -18.11 14.59 -19.87
C PRO C 90 -18.96 14.83 -18.62
N SER C 91 -19.20 16.10 -18.31
CA SER C 91 -20.01 16.45 -17.14
C SER C 91 -19.48 15.75 -15.90
N GLY C 92 -20.30 15.73 -14.85
CA GLY C 92 -19.91 15.09 -13.61
C GLY C 92 -19.42 13.67 -13.82
N GLY C 93 -19.83 13.06 -14.93
CA GLY C 93 -19.42 11.70 -15.22
C GLY C 93 -17.92 11.56 -15.32
N ASP C 94 -17.22 12.68 -15.48
CA ASP C 94 -15.77 12.67 -15.59
C ASP C 94 -15.14 11.91 -14.43
N PRO C 95 -14.04 11.19 -14.72
CA PRO C 95 -13.33 10.40 -13.71
C PRO C 95 -12.60 11.29 -12.70
N ALA C 96 -13.29 12.32 -12.21
CA ALA C 96 -12.71 13.23 -11.24
C ALA C 96 -13.42 13.12 -9.90
N PHE C 97 -14.55 12.42 -9.89
CA PHE C 97 -15.33 12.24 -8.67
C PHE C 97 -15.71 10.79 -8.47
N LEU C 98 -14.71 9.92 -8.40
CA LEU C 98 -14.94 8.49 -8.22
C LEU C 98 -13.74 7.82 -7.56
N GLY C 99 -12.99 8.59 -6.78
CA GLY C 99 -11.82 8.06 -6.11
C GLY C 99 -11.62 8.66 -4.73
N MET C 100 -11.92 7.89 -3.69
CA MET C 100 -11.76 8.36 -2.32
C MET C 100 -10.30 8.37 -1.92
N ALA C 101 -9.60 7.27 -2.17
CA ALA C 101 -8.19 7.17 -1.83
C ALA C 101 -7.36 8.19 -2.60
N VAL C 102 -7.45 8.14 -3.93
CA VAL C 102 -6.71 9.06 -4.78
C VAL C 102 -6.99 10.51 -4.39
N SER C 103 -8.24 10.78 -4.01
CA SER C 103 -8.63 12.12 -3.61
C SER C 103 -7.84 12.60 -2.40
N THR C 104 -7.49 11.66 -1.54
CA THR C 104 -6.72 11.98 -0.33
C THR C 104 -5.25 12.18 -0.65
N LEU C 105 -4.71 11.31 -1.49
CA LEU C 105 -3.30 11.39 -1.88
C LEU C 105 -3.02 12.69 -2.62
N CYS C 106 -3.85 13.00 -3.62
CA CYS C 106 -3.68 14.22 -4.40
C CYS C 106 -3.99 15.45 -3.56
N GLY C 107 -4.83 15.26 -2.54
CA GLY C 107 -5.20 16.38 -1.68
C GLY C 107 -6.27 17.26 -2.28
N GLU C 108 -7.28 16.62 -2.88
CA GLU C 108 -8.38 17.35 -3.50
C GLU C 108 -7.85 18.44 -4.43
N VAL C 109 -6.73 18.16 -5.09
CA VAL C 109 -6.13 19.11 -6.01
C VAL C 109 -6.55 18.84 -7.45
N PRO C 110 -6.53 19.89 -8.28
CA PRO C 110 -6.91 19.80 -9.70
C PRO C 110 -5.91 18.99 -10.51
N LEU C 111 -6.22 17.71 -10.72
CA LEU C 111 -5.34 16.84 -11.49
C LEU C 111 -5.68 16.89 -12.98
N TYR C 112 -4.68 16.65 -13.82
CA TYR C 112 -4.88 16.67 -15.26
C TYR C 112 -4.98 15.26 -15.82
N TYR C 113 -5.85 15.08 -16.81
CA TYR C 113 -6.04 13.77 -17.43
C TYR C 113 -5.04 13.54 -18.56
N ILE C 114 -4.41 12.38 -18.56
CA ILE C 114 -3.42 12.05 -19.58
C ILE C 114 -3.96 10.99 -20.54
N GLY A 1 -5.61 -12.12 17.16
CA GLY A 1 -6.66 -12.11 16.18
C GLY A 1 -7.14 -13.51 15.83
N SER A 2 -7.91 -13.61 14.74
CA SER A 2 -8.44 -14.90 14.31
C SER A 2 -9.26 -14.74 13.03
N GLU A 3 -9.97 -13.63 12.93
CA GLU A 3 -10.81 -13.36 11.76
C GLU A 3 -9.98 -12.78 10.62
N HIS A 4 -10.66 -12.30 9.60
CA HIS A 4 -9.98 -11.71 8.44
C HIS A 4 -10.72 -10.48 7.95
N LEU A 5 -10.34 -10.00 6.77
CA LEU A 5 -10.96 -8.81 6.18
C LEU A 5 -10.75 -7.60 7.06
N VAL A 6 -9.49 -7.19 7.21
CA VAL A 6 -9.14 -6.04 8.03
C VAL A 6 -9.98 -4.83 7.65
N THR A 7 -10.20 -4.65 6.34
CA THR A 7 -10.99 -3.53 5.84
C THR A 7 -10.29 -2.20 6.12
N THR A 8 -9.23 -1.93 5.37
CA THR A 8 -8.47 -0.69 5.53
C THR A 8 -7.62 -0.41 4.30
N ALA A 9 -7.22 0.85 4.14
CA ALA A 9 -6.40 1.26 3.01
C ALA A 9 -4.98 1.56 3.44
N THR A 10 -4.01 1.02 2.70
CA THR A 10 -2.60 1.23 3.02
C THR A 10 -1.98 2.28 2.11
N PHE A 11 -1.17 3.17 2.69
CA PHE A 11 -0.52 4.23 1.93
C PHE A 11 0.87 4.52 2.49
N SER A 12 1.67 5.25 1.72
CA SER A 12 3.02 5.60 2.13
C SER A 12 3.22 7.10 2.12
N ILE A 13 4.06 7.58 3.05
CA ILE A 13 4.34 9.01 3.15
C ILE A 13 5.78 9.26 3.55
N GLY A 14 6.23 10.50 3.40
CA GLY A 14 7.60 10.85 3.76
C GLY A 14 8.62 10.15 2.89
N SER A 15 8.21 9.74 1.70
CA SER A 15 9.09 9.06 0.77
C SER A 15 9.47 7.68 1.30
N THR A 16 10.38 7.65 2.26
CA THR A 16 10.84 6.40 2.86
C THR A 16 9.84 5.89 3.89
N GLY A 17 9.18 6.82 4.58
CA GLY A 17 8.21 6.44 5.59
C GLY A 17 6.96 5.83 4.97
N LEU A 18 6.02 5.44 5.83
CA LEU A 18 4.77 4.85 5.38
C LEU A 18 3.62 5.19 6.33
N VAL A 19 2.48 5.57 5.75
CA VAL A 19 1.31 5.93 6.54
C VAL A 19 0.03 5.38 5.91
N VAL A 20 -0.68 4.54 6.65
CA VAL A 20 -1.92 3.95 6.17
C VAL A 20 -3.13 4.71 6.68
N TYR A 21 -4.20 4.70 5.91
CA TYR A 21 -5.43 5.39 6.28
C TYR A 21 -6.62 4.43 6.30
N ASP A 22 -7.81 4.97 6.56
CA ASP A 22 -9.02 4.17 6.60
C ASP A 22 -10.25 5.03 6.38
N TYR A 23 -11.33 4.40 5.92
CA TYR A 23 -12.58 5.12 5.66
C TYR A 23 -13.69 4.62 6.56
N GLN A 24 -13.57 3.37 7.01
CA GLN A 24 -14.57 2.78 7.89
C GLN A 24 -14.16 2.92 9.35
N GLN A 25 -12.90 2.63 9.64
CA GLN A 25 -12.39 2.72 11.00
C GLN A 25 -11.80 4.11 11.27
N LEU A 26 -11.39 4.79 10.20
CA LEU A 26 -10.82 6.13 10.33
C LEU A 26 -9.54 6.10 11.16
N LEU A 27 -8.79 5.01 11.05
CA LEU A 27 -7.54 4.86 11.80
C LEU A 27 -6.34 5.23 10.94
N ILE A 28 -5.31 5.76 11.58
CA ILE A 28 -4.10 6.16 10.88
C ILE A 28 -2.86 5.50 11.48
N ALA A 29 -1.91 5.13 10.63
CA ALA A 29 -0.68 4.49 11.07
C ALA A 29 0.53 5.38 10.80
N TYR A 30 1.23 5.75 11.86
CA TYR A 30 2.41 6.60 11.73
C TYR A 30 3.55 6.08 12.61
N LYS A 31 4.60 5.59 11.96
CA LYS A 31 5.76 5.07 12.67
C LYS A 31 6.97 4.97 11.76
N PRO A 32 8.15 5.21 12.31
CA PRO A 32 9.42 5.16 11.56
C PRO A 32 9.79 3.74 11.15
N ALA A 33 10.53 3.05 12.02
CA ALA A 33 10.95 1.68 11.75
C ALA A 33 9.96 0.68 12.34
N PRO A 34 10.00 -0.56 11.83
CA PRO A 34 9.11 -1.63 12.28
C PRO A 34 9.45 -2.10 13.70
N GLY A 35 8.42 -2.22 14.53
CA GLY A 35 8.62 -2.65 15.90
C GLY A 35 9.38 -1.64 16.73
N THR A 36 9.23 -0.36 16.39
CA THR A 36 9.90 0.70 17.10
C THR A 36 8.91 1.63 17.78
N CYS A 37 7.75 1.81 17.16
CA CYS A 37 6.71 2.67 17.71
C CYS A 37 5.45 2.64 16.83
N CYS A 38 4.33 3.06 17.40
CA CYS A 38 3.06 3.07 16.67
C CYS A 38 2.25 4.31 17.03
N TYR A 39 1.41 4.75 16.10
CA TYR A 39 0.58 5.93 16.32
C TYR A 39 -0.78 5.76 15.65
N ILE A 40 -1.84 6.03 16.38
CA ILE A 40 -3.20 5.92 15.86
C ILE A 40 -3.94 7.25 15.95
N MET A 41 -4.69 7.57 14.89
CA MET A 41 -5.45 8.81 14.86
C MET A 41 -6.83 8.58 14.26
N LYS A 42 -7.81 9.34 14.73
CA LYS A 42 -9.18 9.22 14.25
C LYS A 42 -9.48 10.31 13.21
N ILE A 43 -9.72 9.89 11.98
CA ILE A 43 -10.03 10.81 10.90
C ILE A 43 -11.53 10.87 10.63
N ALA A 44 -11.93 11.66 9.64
CA ALA A 44 -13.32 11.81 9.28
C ALA A 44 -13.61 11.20 7.91
N PRO A 45 -14.81 10.63 7.75
CA PRO A 45 -15.23 10.01 6.49
C PRO A 45 -15.46 11.04 5.38
N GLU A 46 -16.05 12.17 5.75
CA GLU A 46 -16.32 13.23 4.79
C GLU A 46 -15.12 14.16 4.64
N SER A 47 -14.28 14.20 5.67
CA SER A 47 -13.10 15.05 5.66
C SER A 47 -11.83 14.23 5.88
N ILE A 48 -11.49 13.42 4.88
CA ILE A 48 -10.30 12.59 4.98
C ILE A 48 -9.03 13.40 4.77
N PRO A 49 -8.20 13.48 5.81
CA PRO A 49 -6.94 14.24 5.76
C PRO A 49 -5.90 13.56 4.87
N SER A 50 -5.96 13.85 3.58
CA SER A 50 -5.02 13.26 2.62
C SER A 50 -3.58 13.38 3.13
N LEU A 51 -2.70 12.57 2.56
CA LEU A 51 -1.29 12.57 2.95
C LEU A 51 -0.75 14.00 2.98
N GLU A 52 -1.25 14.84 2.08
CA GLU A 52 -0.81 16.23 2.01
C GLU A 52 -0.89 16.90 3.38
N ALA A 53 -1.93 16.58 4.13
CA ALA A 53 -2.12 17.15 5.46
C ALA A 53 -1.23 16.46 6.48
N LEU A 54 -1.05 15.16 6.33
CA LEU A 54 -0.22 14.39 7.24
C LEU A 54 1.17 14.99 7.35
N THR A 55 1.83 15.17 6.21
CA THR A 55 3.17 15.74 6.18
C THR A 55 3.18 17.15 6.79
N ARG A 56 2.06 17.85 6.65
CA ARG A 56 1.95 19.20 7.20
C ARG A 56 2.22 19.21 8.69
N LYS A 57 1.47 18.43 9.44
CA LYS A 57 1.63 18.35 10.89
C LYS A 57 2.80 17.43 11.25
N VAL A 58 3.04 16.43 10.42
CA VAL A 58 4.13 15.49 10.65
C VAL A 58 5.48 16.19 10.56
N HIS A 59 5.58 17.17 9.67
CA HIS A 59 6.82 17.91 9.49
C HIS A 59 7.23 18.62 10.78
N ASN A 60 6.23 19.03 11.56
CA ASN A 60 6.48 19.71 12.82
C ASN A 60 7.17 18.80 13.82
N PHE A 61 6.99 17.50 13.64
CA PHE A 61 7.59 16.51 14.52
C PHE A 61 7.33 16.86 15.99
N GLN A 62 6.20 16.42 16.51
CA GLN A 62 5.83 16.69 17.89
C GLN A 62 5.52 15.39 18.64
N MET A 63 6.28 14.34 18.32
CA MET A 63 6.10 13.04 18.96
C MET A 63 7.43 12.36 19.22
N GLU A 64 8.00 11.78 18.17
CA GLU A 64 9.29 11.09 18.28
C GLU A 64 9.28 10.12 19.46
N CYS A 65 8.17 9.41 19.64
CA CYS A 65 8.03 8.45 20.72
C CYS A 65 8.29 9.12 22.07
N SER A 66 7.84 10.37 22.19
CA SER A 66 8.02 11.11 23.44
C SER A 66 6.84 12.06 23.68
N LEU A 67 6.49 12.84 22.65
CA LEU A 67 5.39 13.77 22.76
C LEU A 67 5.63 14.78 23.87
N GLN A 68 6.03 16.00 23.49
CA GLN A 68 6.29 17.05 24.47
C GLN A 68 5.12 17.20 25.43
N ALA A 69 4.06 17.86 24.97
CA ALA A 69 2.87 18.07 25.80
C ALA A 69 1.60 18.01 24.95
N LYS A 70 1.64 17.22 23.88
CA LYS A 70 0.50 17.08 22.99
C LYS A 70 -0.63 16.34 23.69
N PRO A 71 -0.36 15.09 24.12
CA PRO A 71 -1.34 14.26 24.81
C PRO A 71 -1.67 14.77 26.21
N ALA A 72 -2.38 13.95 26.98
CA ALA A 72 -2.74 14.33 28.34
C ALA A 72 -1.57 14.14 29.30
N VAL A 73 -0.45 13.63 28.78
CA VAL A 73 0.73 13.41 29.58
C VAL A 73 1.88 14.31 29.14
N PRO A 74 1.96 15.50 29.75
CA PRO A 74 3.00 16.48 29.44
C PRO A 74 4.38 16.03 29.92
N THR A 75 4.45 15.50 31.13
CA THR A 75 5.70 15.03 31.70
C THR A 75 5.52 14.60 33.15
N SER A 76 4.78 15.40 33.91
CA SER A 76 4.53 15.11 35.32
C SER A 76 4.05 13.67 35.50
N LYS A 77 3.10 13.26 34.67
CA LYS A 77 2.55 11.91 34.73
C LYS A 77 3.56 10.90 34.19
N LEU A 78 4.41 11.34 33.27
CA LEU A 78 5.41 10.47 32.69
C LEU A 78 6.18 9.72 33.76
N GLY A 79 6.91 8.69 33.34
CA GLY A 79 7.68 7.90 34.29
C GLY A 79 7.08 6.53 34.53
N GLN A 80 6.95 6.16 35.80
CA GLN A 80 6.38 4.87 36.15
C GLN A 80 5.04 4.64 35.46
N ALA A 81 4.07 5.50 35.75
CA ALA A 81 2.76 5.41 35.15
C ALA A 81 2.46 6.60 34.26
N GLU A 82 2.70 6.45 32.97
CA GLU A 82 2.47 7.53 32.01
C GLU A 82 1.03 7.49 31.50
N GLY A 83 0.75 8.30 30.48
CA GLY A 83 -0.59 8.35 29.92
C GLY A 83 -0.67 7.67 28.57
N ARG A 84 -1.57 8.17 27.71
CA ARG A 84 -1.74 7.58 26.39
C ARG A 84 -2.38 6.20 26.48
N ASP A 85 -1.59 5.23 26.91
CA ASP A 85 -2.07 3.85 27.04
C ASP A 85 -2.44 3.55 28.49
N ALA A 86 -2.32 4.55 29.35
CA ALA A 86 -2.65 4.38 30.76
C ALA A 86 -3.57 5.49 31.25
N GLY A 87 -3.41 6.68 30.68
CA GLY A 87 -4.24 7.81 31.06
C GLY A 87 -5.30 8.13 30.03
N SER A 88 -4.97 7.91 28.76
CA SER A 88 -5.90 8.19 27.67
C SER A 88 -6.40 6.89 27.05
N ALA A 89 -6.83 5.96 27.88
CA ALA A 89 -7.33 4.67 27.41
C ALA A 89 -8.35 4.09 28.39
N PRO A 90 -9.61 4.49 28.23
CA PRO A 90 -10.71 4.03 29.09
C PRO A 90 -11.05 2.56 28.85
N SER A 91 -10.34 1.68 29.54
CA SER A 91 -10.57 0.25 29.39
C SER A 91 -10.29 -0.21 27.96
N GLY A 92 -10.69 -1.44 27.66
CA GLY A 92 -10.48 -1.98 26.32
C GLY A 92 -11.14 -1.13 25.25
N GLY A 93 -12.08 -0.29 25.66
CA GLY A 93 -12.78 0.56 24.71
C GLY A 93 -11.85 1.54 24.03
N ASP A 94 -10.64 1.69 24.57
CA ASP A 94 -9.66 2.61 24.00
C ASP A 94 -9.46 2.34 22.52
N PRO A 95 -9.22 3.41 21.74
CA PRO A 95 -9.01 3.31 20.30
C PRO A 95 -7.68 2.66 19.95
N ALA A 96 -7.38 1.56 20.63
CA ALA A 96 -6.12 0.85 20.39
C ALA A 96 -6.39 -0.54 19.79
N PHE A 97 -7.64 -1.00 19.91
CA PHE A 97 -8.02 -2.30 19.38
C PHE A 97 -9.20 -2.17 18.42
N LEU A 98 -9.01 -1.42 17.35
CA LEU A 98 -10.05 -1.21 16.35
C LEU A 98 -9.56 -1.60 14.95
N GLY A 99 -8.29 -1.34 14.69
CA GLY A 99 -7.72 -1.67 13.39
C GLY A 99 -7.08 -3.04 13.38
N MET A 100 -7.53 -3.89 12.46
CA MET A 100 -6.99 -5.24 12.35
C MET A 100 -5.61 -5.22 11.70
N ALA A 101 -5.44 -4.33 10.73
CA ALA A 101 -4.16 -4.21 10.02
C ALA A 101 -3.11 -3.52 10.91
N VAL A 102 -3.44 -2.32 11.36
CA VAL A 102 -2.52 -1.56 12.21
C VAL A 102 -2.05 -2.39 13.40
N SER A 103 -2.94 -3.23 13.92
CA SER A 103 -2.60 -4.08 15.05
C SER A 103 -1.36 -4.93 14.75
N THR A 104 -1.24 -5.35 13.50
CA THR A 104 -0.11 -6.18 13.09
C THR A 104 1.13 -5.32 12.83
N LEU A 105 0.95 -4.25 12.05
CA LEU A 105 2.05 -3.35 11.72
C LEU A 105 2.73 -2.84 12.99
N CYS A 106 1.92 -2.36 13.93
CA CYS A 106 2.44 -1.84 15.19
C CYS A 106 3.01 -2.97 16.04
N GLY A 107 2.54 -4.19 15.81
CA GLY A 107 3.02 -5.34 16.57
C GLY A 107 2.65 -5.25 18.04
N GLU A 108 1.41 -4.88 18.33
CA GLU A 108 0.94 -4.76 19.70
C GLU A 108 1.93 -3.96 20.54
N VAL A 109 2.16 -2.71 20.13
CA VAL A 109 3.08 -1.83 20.85
C VAL A 109 2.35 -0.62 21.41
N PRO A 110 2.91 -0.04 22.48
CA PRO A 110 2.33 1.14 23.14
C PRO A 110 2.44 2.39 22.29
N LEU A 111 1.33 2.79 21.68
CA LEU A 111 1.29 3.97 20.82
C LEU A 111 0.86 5.20 21.62
N TYR A 112 1.29 6.37 21.16
CA TYR A 112 0.96 7.62 21.84
C TYR A 112 0.23 8.56 20.89
N TYR A 113 -1.04 8.82 21.18
CA TYR A 113 -1.85 9.71 20.36
C TYR A 113 -1.18 11.08 20.20
N ILE A 114 -1.22 11.61 18.99
CA ILE A 114 -0.61 12.90 18.70
C ILE A 114 -1.67 13.94 18.34
N GLY B 1 -7.13 -13.16 -15.84
CA GLY B 1 -8.20 -12.83 -14.93
C GLY B 1 -9.44 -12.32 -15.64
N SER B 2 -10.36 -11.73 -14.89
CA SER B 2 -11.60 -11.21 -15.45
C SER B 2 -12.48 -10.58 -14.37
N GLU B 3 -12.45 -11.17 -13.18
CA GLU B 3 -13.24 -10.68 -12.06
C GLU B 3 -12.53 -9.51 -11.37
N HIS B 4 -13.06 -9.11 -10.21
CA HIS B 4 -12.47 -8.01 -9.46
C HIS B 4 -12.49 -8.32 -7.96
N LEU B 5 -12.21 -7.30 -7.15
CA LEU B 5 -12.19 -7.47 -5.70
C LEU B 5 -11.13 -8.47 -5.28
N VAL B 6 -9.86 -8.12 -5.52
CA VAL B 6 -8.75 -8.99 -5.16
C VAL B 6 -8.85 -9.44 -3.71
N THR B 7 -9.23 -8.52 -2.83
CA THR B 7 -9.37 -8.80 -1.42
C THR B 7 -8.02 -9.12 -0.79
N THR B 8 -7.19 -8.10 -0.63
CA THR B 8 -5.86 -8.25 -0.03
C THR B 8 -5.32 -6.93 0.47
N ALA B 9 -4.35 -7.00 1.37
CA ALA B 9 -3.73 -5.80 1.94
C ALA B 9 -2.31 -5.62 1.43
N THR B 10 -1.99 -4.40 1.01
CA THR B 10 -0.66 -4.09 0.49
C THR B 10 0.18 -3.37 1.53
N PHE B 11 1.46 -3.72 1.60
CA PHE B 11 2.37 -3.11 2.56
C PHE B 11 3.77 -3.00 1.98
N SER B 12 4.65 -2.31 2.69
CA SER B 12 6.02 -2.12 2.24
C SER B 12 7.02 -2.56 3.32
N ILE B 13 8.20 -2.98 2.88
CA ILE B 13 9.23 -3.42 3.81
C ILE B 13 10.63 -3.17 3.25
N GLY B 14 11.63 -3.19 4.12
CA GLY B 14 13.00 -2.96 3.69
C GLY B 14 13.21 -1.54 3.19
N SER B 15 12.41 -0.61 3.70
CA SER B 15 12.52 0.78 3.31
C SER B 15 12.10 0.98 1.85
N THR B 16 12.98 0.61 0.93
CA THR B 16 12.71 0.73 -0.49
C THR B 16 11.91 -0.46 -1.00
N GLY B 17 12.14 -1.62 -0.42
CA GLY B 17 11.43 -2.82 -0.83
C GLY B 17 9.93 -2.71 -0.59
N LEU B 18 9.20 -3.75 -0.98
CA LEU B 18 7.75 -3.77 -0.81
C LEU B 18 7.25 -5.19 -0.56
N VAL B 19 6.37 -5.34 0.42
CA VAL B 19 5.81 -6.64 0.76
C VAL B 19 4.35 -6.52 1.17
N VAL B 20 3.48 -7.22 0.45
CA VAL B 20 2.06 -7.19 0.73
C VAL B 20 1.63 -8.43 1.52
N TYR B 21 0.60 -8.27 2.34
CA TYR B 21 0.09 -9.37 3.16
C TYR B 21 -1.38 -9.64 2.85
N ASP B 22 -1.98 -10.55 3.61
CA ASP B 22 -3.38 -10.91 3.43
C ASP B 22 -3.96 -11.51 4.71
N TYR B 23 -5.27 -11.46 4.83
CA TYR B 23 -5.95 -12.01 6.01
C TYR B 23 -6.92 -13.12 5.61
N GLN B 24 -7.43 -13.04 4.38
CA GLN B 24 -8.36 -14.04 3.88
C GLN B 24 -7.64 -15.07 3.01
N GLN B 25 -6.75 -14.58 2.14
CA GLN B 25 -6.01 -15.46 1.25
C GLN B 25 -4.73 -15.96 1.93
N LEU B 26 -4.24 -15.20 2.90
CA LEU B 26 -3.03 -15.57 3.63
C LEU B 26 -1.84 -15.68 2.68
N LEU B 27 -1.82 -14.81 1.67
CA LEU B 27 -0.72 -14.81 0.69
C LEU B 27 0.21 -13.63 0.93
N ILE B 28 1.49 -13.84 0.67
CA ILE B 28 2.48 -12.78 0.85
C ILE B 28 3.29 -12.57 -0.43
N ALA B 29 3.71 -11.33 -0.66
CA ALA B 29 4.49 -11.00 -1.84
C ALA B 29 5.86 -10.43 -1.46
N TYR B 30 6.92 -11.10 -1.91
CA TYR B 30 8.28 -10.66 -1.61
C TYR B 30 9.16 -10.75 -2.85
N LYS B 31 9.58 -9.58 -3.34
CA LYS B 31 10.44 -9.52 -4.52
C LYS B 31 11.15 -8.17 -4.60
N PRO B 32 12.37 -8.18 -5.16
CA PRO B 32 13.18 -6.98 -5.31
C PRO B 32 12.60 -6.01 -6.35
N ALA B 33 13.02 -6.19 -7.60
CA ALA B 33 12.55 -5.34 -8.68
C ALA B 33 11.33 -5.96 -9.37
N PRO B 34 10.57 -5.12 -10.09
CA PRO B 34 9.37 -5.56 -10.81
C PRO B 34 9.70 -6.44 -12.00
N GLY B 35 8.99 -7.57 -12.11
CA GLY B 35 9.22 -8.48 -13.21
C GLY B 35 10.59 -9.14 -13.14
N THR B 36 11.09 -9.33 -11.93
CA THR B 36 12.40 -9.94 -11.73
C THR B 36 12.28 -11.25 -10.95
N CYS B 37 11.30 -11.31 -10.05
CA CYS B 37 11.08 -12.50 -9.24
C CYS B 37 9.83 -12.34 -8.38
N CYS B 38 9.35 -13.45 -7.83
CA CYS B 38 8.17 -13.45 -6.99
C CYS B 38 8.26 -14.53 -5.91
N TYR B 39 7.64 -14.26 -4.77
CA TYR B 39 7.64 -15.20 -3.65
C TYR B 39 6.31 -15.21 -2.93
N ILE B 40 5.79 -16.41 -2.65
CA ILE B 40 4.52 -16.56 -1.97
C ILE B 40 4.68 -17.36 -0.68
N MET B 41 3.99 -16.93 0.37
CA MET B 41 4.06 -17.61 1.66
C MET B 41 2.67 -17.67 2.31
N LYS B 42 2.44 -18.73 3.07
CA LYS B 42 1.16 -18.92 3.75
C LYS B 42 1.25 -18.48 5.20
N ILE B 43 0.50 -17.44 5.56
CA ILE B 43 0.50 -16.94 6.93
C ILE B 43 -0.73 -17.43 7.70
N ALA B 44 -0.84 -17.01 8.95
CA ALA B 44 -1.96 -17.40 9.79
C ALA B 44 -2.85 -16.21 10.11
N PRO B 45 -4.17 -16.46 10.24
CA PRO B 45 -5.15 -15.41 10.54
C PRO B 45 -5.01 -14.90 11.98
N GLU B 46 -4.75 -15.81 12.90
CA GLU B 46 -4.59 -15.45 14.31
C GLU B 46 -3.15 -15.06 14.62
N SER B 47 -2.23 -15.57 13.81
CA SER B 47 -0.81 -15.27 14.00
C SER B 47 -0.22 -14.64 12.74
N ILE B 48 -0.61 -13.40 12.47
CA ILE B 48 -0.11 -12.68 11.31
C ILE B 48 1.31 -12.19 11.52
N PRO B 49 2.25 -12.71 10.71
CA PRO B 49 3.67 -12.35 10.79
C PRO B 49 3.92 -10.91 10.33
N SER B 50 3.72 -9.96 11.24
CA SER B 50 3.93 -8.55 10.92
C SER B 50 5.26 -8.33 10.23
N LEU B 51 5.39 -7.21 9.52
CA LEU B 51 6.62 -6.90 8.81
C LEU B 51 7.83 -7.03 9.71
N GLU B 52 7.65 -6.73 11.00
CA GLU B 52 8.72 -6.82 11.97
C GLU B 52 9.40 -8.19 11.90
N ALA B 53 8.60 -9.24 11.74
CA ALA B 53 9.11 -10.59 11.66
C ALA B 53 9.67 -10.89 10.28
N LEU B 54 9.00 -10.37 9.26
CA LEU B 54 9.44 -10.58 7.87
C LEU B 54 10.90 -10.15 7.70
N THR B 55 11.20 -8.90 8.04
CA THR B 55 12.54 -8.37 7.92
C THR B 55 13.55 -9.24 8.68
N ARG B 56 13.07 -9.87 9.76
CA ARG B 56 13.92 -10.72 10.58
C ARG B 56 14.46 -11.90 9.76
N LYS B 57 13.55 -12.63 9.13
CA LYS B 57 13.93 -13.79 8.33
C LYS B 57 14.49 -13.34 6.98
N VAL B 58 14.00 -12.21 6.48
CA VAL B 58 14.46 -11.68 5.20
C VAL B 58 15.92 -11.25 5.28
N HIS B 59 16.33 -10.75 6.43
CA HIS B 59 17.71 -10.31 6.63
C HIS B 59 18.69 -11.46 6.40
N ASN B 60 18.25 -12.68 6.68
CA ASN B 60 19.09 -13.86 6.51
C ASN B 60 19.37 -14.09 5.02
N PHE B 61 18.47 -13.60 4.16
CA PHE B 61 18.63 -13.76 2.72
C PHE B 61 18.95 -15.21 2.37
N GLN B 62 17.91 -16.02 2.23
CA GLN B 62 18.08 -17.43 1.89
C GLN B 62 17.30 -17.79 0.62
N MET B 63 17.26 -16.85 -0.33
CA MET B 63 16.55 -17.07 -1.58
C MET B 63 17.32 -16.45 -2.74
N GLU B 64 17.22 -15.13 -2.88
CA GLU B 64 17.91 -14.42 -3.96
C GLU B 64 17.64 -15.09 -5.31
N CYS B 65 16.40 -15.51 -5.52
CA CYS B 65 16.01 -16.18 -6.76
C CYS B 65 16.89 -17.40 -7.02
N SER B 66 17.23 -18.11 -5.96
CA SER B 66 18.06 -19.30 -6.08
C SER B 66 17.69 -20.34 -5.02
N LEU B 67 17.61 -19.88 -3.77
CA LEU B 67 17.25 -20.77 -2.66
C LEU B 67 18.27 -21.90 -2.53
N GLN B 68 19.17 -21.77 -1.56
CA GLN B 68 20.19 -22.79 -1.32
C GLN B 68 19.56 -24.18 -1.23
N ALA B 69 18.95 -24.47 -0.09
CA ALA B 69 18.32 -25.76 0.13
C ALA B 69 17.08 -25.63 1.02
N LYS B 70 16.44 -24.46 0.95
CA LYS B 70 15.24 -24.21 1.75
C LYS B 70 14.10 -25.09 1.31
N PRO B 71 13.70 -24.95 0.03
CA PRO B 71 12.60 -25.73 -0.55
C PRO B 71 12.97 -27.20 -0.73
N ALA B 72 12.14 -27.93 -1.46
CA ALA B 72 12.37 -29.35 -1.71
C ALA B 72 13.39 -29.54 -2.81
N VAL B 73 13.90 -28.44 -3.37
CA VAL B 73 14.89 -28.49 -4.44
C VAL B 73 16.20 -27.87 -4.00
N PRO B 74 17.10 -28.71 -3.45
CA PRO B 74 18.42 -28.26 -2.97
C PRO B 74 19.33 -27.86 -4.13
N THR B 75 19.44 -28.73 -5.12
CA THR B 75 20.30 -28.47 -6.28
C THR B 75 20.26 -29.64 -7.26
N SER B 76 20.28 -30.86 -6.72
CA SER B 76 20.26 -32.06 -7.54
C SER B 76 19.15 -31.99 -8.57
N LYS B 77 17.98 -31.52 -8.14
CA LYS B 77 16.82 -31.41 -9.03
C LYS B 77 16.96 -30.21 -9.95
N LEU B 78 17.70 -29.20 -9.50
CA LEU B 78 17.92 -27.99 -10.28
C LEU B 78 18.35 -28.33 -11.71
N GLY B 79 18.28 -27.34 -12.59
CA GLY B 79 18.67 -27.57 -13.98
C GLY B 79 17.48 -27.59 -14.91
N GLN B 80 17.42 -28.61 -15.76
CA GLN B 80 16.32 -28.74 -16.73
C GLN B 80 14.97 -28.67 -16.01
N ALA B 81 14.75 -29.60 -15.10
CA ALA B 81 13.49 -29.65 -14.35
C ALA B 81 13.74 -29.45 -12.86
N GLU B 82 13.55 -28.21 -12.40
CA GLU B 82 13.76 -27.89 -10.99
C GLU B 82 12.47 -28.10 -10.19
N GLY B 83 12.47 -27.63 -8.95
CA GLY B 83 11.30 -27.77 -8.11
C GLY B 83 10.53 -26.48 -7.94
N ARG B 84 9.90 -26.30 -6.79
CA ARG B 84 9.12 -25.11 -6.51
C ARG B 84 7.87 -25.05 -7.38
N ASP B 85 8.06 -24.76 -8.67
CA ASP B 85 6.95 -24.68 -9.60
C ASP B 85 6.81 -25.98 -10.40
N ALA B 86 7.66 -26.95 -10.09
CA ALA B 86 7.63 -28.23 -10.77
C ALA B 86 7.62 -29.38 -9.77
N GLY B 87 8.28 -29.19 -8.64
CA GLY B 87 8.33 -30.22 -7.62
C GLY B 87 7.42 -29.92 -6.44
N SER B 88 7.28 -28.64 -6.12
CA SER B 88 6.44 -28.22 -5.00
C SER B 88 5.17 -27.54 -5.50
N ALA B 89 4.52 -28.14 -6.49
CA ALA B 89 3.30 -27.60 -7.07
C ALA B 89 2.44 -28.70 -7.67
N PRO B 90 1.57 -29.29 -6.84
CA PRO B 90 0.67 -30.36 -7.28
C PRO B 90 -0.42 -29.86 -8.22
N SER B 91 -0.11 -29.83 -9.50
CA SER B 91 -1.07 -29.36 -10.51
C SER B 91 -1.50 -27.92 -10.23
N GLY B 92 -2.53 -27.47 -10.93
CA GLY B 92 -3.02 -26.12 -10.75
C GLY B 92 -3.43 -25.84 -9.31
N GLY B 93 -3.64 -26.90 -8.54
CA GLY B 93 -4.04 -26.75 -7.15
C GLY B 93 -2.97 -26.04 -6.32
N ASP B 94 -1.78 -25.95 -6.87
CA ASP B 94 -0.67 -25.29 -6.17
C ASP B 94 -1.06 -23.90 -5.70
N PRO B 95 -0.55 -23.51 -4.52
CA PRO B 95 -0.84 -22.20 -3.93
C PRO B 95 -0.19 -21.06 -4.70
N ALA B 96 -0.28 -21.12 -6.02
CA ALA B 96 0.29 -20.09 -6.88
C ALA B 96 -0.79 -19.28 -7.58
N PHE B 97 -2.00 -19.83 -7.60
CA PHE B 97 -3.13 -19.15 -8.24
C PHE B 97 -4.26 -18.92 -7.25
N LEU B 98 -3.96 -18.20 -6.18
CA LEU B 98 -4.96 -17.91 -5.15
C LEU B 98 -5.10 -16.41 -4.95
N GLY B 99 -4.01 -15.68 -5.10
CA GLY B 99 -4.04 -14.24 -4.92
C GLY B 99 -4.26 -13.51 -6.24
N MET B 100 -5.31 -12.69 -6.28
CA MET B 100 -5.62 -11.92 -7.48
C MET B 100 -4.65 -10.77 -7.67
N ALA B 101 -4.25 -10.14 -6.57
CA ALA B 101 -3.32 -9.02 -6.61
C ALA B 101 -1.90 -9.50 -6.90
N VAL B 102 -1.41 -10.42 -6.06
CA VAL B 102 -0.07 -10.96 -6.23
C VAL B 102 0.16 -11.45 -7.66
N SER B 103 -0.89 -12.00 -8.26
CA SER B 103 -0.81 -12.51 -9.62
C SER B 103 -0.32 -11.43 -10.57
N THR B 104 -0.77 -10.20 -10.35
CA THR B 104 -0.38 -9.08 -11.19
C THR B 104 0.99 -8.56 -10.82
N LEU B 105 1.23 -8.40 -9.53
CA LEU B 105 2.51 -7.91 -9.03
C LEU B 105 3.66 -8.76 -9.56
N CYS B 106 3.54 -10.07 -9.41
CA CYS B 106 4.57 -11.00 -9.87
C CYS B 106 4.59 -11.06 -11.41
N GLY B 107 3.45 -10.77 -12.03
CA GLY B 107 3.36 -10.80 -13.46
C GLY B 107 3.46 -12.20 -14.03
N GLU B 108 2.78 -13.14 -13.39
CA GLU B 108 2.79 -14.53 -13.83
C GLU B 108 4.22 -15.04 -13.98
N VAL B 109 4.93 -15.14 -12.86
CA VAL B 109 6.31 -15.62 -12.86
C VAL B 109 6.49 -16.78 -11.89
N PRO B 110 7.48 -17.64 -12.18
CA PRO B 110 7.78 -18.80 -11.35
C PRO B 110 8.37 -18.43 -10.00
N LEU B 111 7.55 -18.45 -8.96
CA LEU B 111 8.00 -18.09 -7.62
C LEU B 111 8.52 -19.33 -6.88
N TYR B 112 9.47 -19.11 -5.98
CA TYR B 112 10.05 -20.20 -5.20
C TYR B 112 9.77 -20.02 -3.72
N TYR B 113 9.00 -20.95 -3.15
CA TYR B 113 8.65 -20.89 -1.73
C TYR B 113 9.91 -20.85 -0.87
N ILE B 114 9.89 -20.02 0.17
CA ILE B 114 11.02 -19.90 1.07
C ILE B 114 10.66 -20.36 2.48
N GLY C 1 -16.69 13.97 0.40
CA GLY C 1 -17.16 12.62 0.63
C GLY C 1 -18.04 12.51 1.85
N SER C 2 -18.26 11.27 2.30
CA SER C 2 -19.10 11.03 3.47
C SER C 2 -19.19 9.53 3.78
N GLU C 3 -19.21 8.73 2.72
CA GLU C 3 -19.30 7.28 2.86
C GLU C 3 -17.93 6.68 3.14
N HIS C 4 -17.85 5.35 3.10
CA HIS C 4 -16.58 4.65 3.33
C HIS C 4 -16.42 3.49 2.37
N LEU C 5 -15.44 2.63 2.65
CA LEU C 5 -15.18 1.47 1.80
C LEU C 5 -14.79 1.90 0.39
N VAL C 6 -13.65 2.58 0.28
CA VAL C 6 -13.17 3.05 -1.01
C VAL C 6 -13.15 1.91 -2.04
N THR C 7 -12.72 0.73 -1.59
CA THR C 7 -12.65 -0.43 -2.47
C THR C 7 -11.61 -0.24 -3.55
N THR C 8 -10.33 -0.32 -3.17
CA THR C 8 -9.23 -0.16 -4.11
C THR C 8 -7.94 -0.73 -3.54
N ALA C 9 -6.99 -1.02 -4.43
CA ALA C 9 -5.71 -1.57 -4.01
C ALA C 9 -4.60 -0.54 -4.16
N THR C 10 -3.76 -0.42 -3.13
CA THR C 10 -2.66 0.53 -3.14
C THR C 10 -1.33 -0.16 -3.43
N PHE C 11 -0.51 0.48 -4.24
CA PHE C 11 0.79 -0.08 -4.60
C PHE C 11 1.83 1.01 -4.78
N SER C 12 3.09 0.62 -4.92
CA SER C 12 4.18 1.57 -5.09
C SER C 12 4.99 1.27 -6.35
N ILE C 13 5.58 2.30 -6.93
CA ILE C 13 6.39 2.14 -8.14
C ILE C 13 7.51 3.17 -8.19
N GLY C 14 8.50 2.90 -9.04
CA GLY C 14 9.62 3.82 -9.16
C GLY C 14 10.46 3.89 -7.90
N SER C 15 10.42 2.84 -7.11
CA SER C 15 11.18 2.79 -5.86
C SER C 15 10.61 3.78 -4.85
N THR C 16 10.93 5.06 -5.04
CA THR C 16 10.45 6.11 -4.14
C THR C 16 9.03 6.52 -4.49
N GLY C 17 8.69 6.46 -5.78
CA GLY C 17 7.36 6.84 -6.22
C GLY C 17 6.29 5.92 -5.68
N LEU C 18 5.05 6.22 -6.00
CA LEU C 18 3.91 5.41 -5.54
C LEU C 18 2.79 5.40 -6.57
N VAL C 19 2.25 4.22 -6.83
CA VAL C 19 1.16 4.07 -7.80
C VAL C 19 0.16 3.02 -7.34
N VAL C 20 -1.10 3.43 -7.18
CA VAL C 20 -2.16 2.53 -6.75
C VAL C 20 -2.97 2.04 -7.93
N TYR C 21 -3.52 0.84 -7.81
CA TYR C 21 -4.32 0.25 -8.87
C TYR C 21 -5.72 -0.10 -8.36
N ASP C 22 -6.51 -0.73 -9.23
CA ASP C 22 -7.86 -1.12 -8.86
C ASP C 22 -8.37 -2.26 -9.76
N TYR C 23 -9.36 -2.99 -9.27
CA TYR C 23 -9.92 -4.11 -10.03
C TYR C 23 -11.40 -3.88 -10.32
N GLN C 24 -12.06 -3.12 -9.45
CA GLN C 24 -13.48 -2.83 -9.62
C GLN C 24 -13.68 -1.46 -10.25
N GLN C 25 -12.90 -0.49 -9.80
CA GLN C 25 -12.99 0.87 -10.33
C GLN C 25 -12.09 1.04 -11.55
N LEU C 26 -11.05 0.23 -11.62
CA LEU C 26 -10.10 0.30 -12.73
C LEU C 26 -9.44 1.66 -12.81
N LEU C 27 -9.20 2.27 -11.65
CA LEU C 27 -8.57 3.59 -11.58
C LEU C 27 -7.12 3.47 -11.13
N ILE C 28 -6.26 4.33 -11.68
CA ILE C 28 -4.84 4.33 -11.32
C ILE C 28 -4.40 5.70 -10.83
N ALA C 29 -3.43 5.72 -9.93
CA ALA C 29 -2.91 6.96 -9.38
C ALA C 29 -1.41 7.10 -9.66
N TYR C 30 -1.05 8.17 -10.36
CA TYR C 30 0.35 8.41 -10.69
C TYR C 30 0.71 9.88 -10.47
N LYS C 31 1.55 10.13 -9.48
CA LYS C 31 1.99 11.48 -9.16
C LYS C 31 3.28 11.47 -8.34
N PRO C 32 4.12 12.49 -8.55
CA PRO C 32 5.40 12.61 -7.83
C PRO C 32 5.20 12.95 -6.35
N ALA C 33 5.15 14.24 -6.05
CA ALA C 33 4.96 14.69 -4.67
C ALA C 33 3.49 14.91 -4.36
N PRO C 34 3.16 14.94 -3.06
CA PRO C 34 1.78 15.14 -2.60
C PRO C 34 1.28 16.56 -2.86
N GLY C 35 0.07 16.67 -3.41
CA GLY C 35 -0.49 17.98 -3.70
C GLY C 35 0.28 18.72 -4.78
N THR C 36 0.88 17.97 -5.70
CA THR C 36 1.64 18.56 -6.78
C THR C 36 1.02 18.24 -8.14
N CYS C 37 0.40 17.07 -8.24
CA CYS C 37 -0.24 16.64 -9.47
C CYS C 37 -0.93 15.30 -9.30
N CYS C 38 -1.81 14.96 -10.24
CA CYS C 38 -2.54 13.70 -10.19
C CYS C 38 -2.80 13.16 -11.60
N TYR C 39 -2.88 11.84 -11.70
CA TYR C 39 -3.12 11.19 -12.99
C TYR C 39 -4.02 9.98 -12.84
N ILE C 40 -5.02 9.87 -13.70
CA ILE C 40 -5.95 8.75 -13.65
C ILE C 40 -5.96 7.99 -14.98
N MET C 41 -6.02 6.66 -14.89
CA MET C 41 -6.03 5.82 -16.08
C MET C 41 -7.01 4.67 -15.91
N LYS C 42 -7.62 4.24 -17.02
CA LYS C 42 -8.57 3.14 -16.99
C LYS C 42 -7.91 1.84 -17.43
N ILE C 43 -7.84 0.89 -16.50
CA ILE C 43 -7.24 -0.41 -16.79
C ILE C 43 -8.30 -1.47 -17.08
N ALA C 44 -7.87 -2.69 -17.33
CA ALA C 44 -8.78 -3.79 -17.62
C ALA C 44 -8.76 -4.83 -16.51
N PRO C 45 -9.92 -5.44 -16.26
CA PRO C 45 -10.06 -6.47 -15.22
C PRO C 45 -9.33 -7.76 -15.58
N GLU C 46 -9.41 -8.15 -16.83
CA GLU C 46 -8.76 -9.38 -17.30
C GLU C 46 -7.32 -9.09 -17.71
N SER C 47 -7.04 -7.84 -18.07
CA SER C 47 -5.71 -7.44 -18.50
C SER C 47 -5.17 -6.32 -17.62
N ILE C 48 -4.87 -6.64 -16.37
CA ILE C 48 -4.34 -5.65 -15.44
C ILE C 48 -2.88 -5.33 -15.73
N PRO C 49 -2.62 -4.05 -16.08
CA PRO C 49 -1.27 -3.59 -16.40
C PRO C 49 -0.38 -3.53 -15.17
N SER C 50 0.23 -4.67 -14.83
CA SER C 50 1.11 -4.75 -13.67
C SER C 50 2.12 -3.59 -13.66
N LEU C 51 2.63 -3.28 -12.48
CA LEU C 51 3.60 -2.20 -12.34
C LEU C 51 4.72 -2.33 -13.36
N GLU C 52 5.08 -3.56 -13.69
CA GLU C 52 6.14 -3.81 -14.66
C GLU C 52 5.89 -3.02 -15.95
N ALA C 53 4.64 -2.97 -16.37
CA ALA C 53 4.26 -2.25 -17.59
C ALA C 53 4.23 -0.75 -17.33
N LEU C 54 3.74 -0.35 -16.16
CA LEU C 54 3.64 1.06 -15.81
C LEU C 54 5.00 1.75 -15.95
N THR C 55 6.01 1.20 -15.26
CA THR C 55 7.34 1.77 -15.31
C THR C 55 7.86 1.84 -16.74
N ARG C 56 7.40 0.92 -17.58
CA ARG C 56 7.82 0.88 -18.97
C ARG C 56 7.41 2.16 -19.69
N LYS C 57 6.13 2.49 -19.62
CA LYS C 57 5.61 3.69 -20.27
C LYS C 57 5.98 4.94 -19.47
N VAL C 58 6.08 4.78 -18.16
CA VAL C 58 6.43 5.91 -17.29
C VAL C 58 7.85 6.37 -17.53
N HIS C 59 8.73 5.44 -17.89
CA HIS C 59 10.12 5.76 -18.15
C HIS C 59 10.24 6.77 -19.29
N ASN C 60 9.32 6.69 -20.24
CA ASN C 60 9.31 7.60 -21.38
C ASN C 60 9.02 9.03 -20.93
N PHE C 61 8.34 9.17 -19.80
CA PHE C 61 8.00 10.48 -19.26
C PHE C 61 7.38 11.36 -20.34
N GLN C 62 6.06 11.23 -20.51
CA GLN C 62 5.34 12.02 -21.51
C GLN C 62 4.22 12.83 -20.86
N MET C 63 4.47 13.31 -19.65
CA MET C 63 3.50 14.10 -18.92
C MET C 63 4.16 15.24 -18.17
N GLU C 64 4.76 14.91 -17.03
CA GLU C 64 5.44 15.92 -16.21
C GLU C 64 4.55 17.12 -15.98
N CYS C 65 3.27 16.86 -15.71
CA CYS C 65 2.30 17.93 -15.47
C CYS C 65 2.28 18.91 -16.64
N SER C 66 2.41 18.38 -17.85
CA SER C 66 2.41 19.22 -19.05
C SER C 66 1.79 18.47 -20.22
N LEU C 67 2.27 17.25 -20.46
CA LEU C 67 1.76 16.42 -21.55
C LEU C 67 1.97 17.11 -22.89
N GLN C 68 3.00 16.67 -23.63
CA GLN C 68 3.30 17.24 -24.93
C GLN C 68 2.06 17.31 -25.81
N ALA C 69 1.66 16.16 -26.36
CA ALA C 69 0.49 16.09 -27.22
C ALA C 69 -0.21 14.74 -27.07
N LYS C 70 -0.09 14.14 -25.90
CA LYS C 70 -0.71 12.85 -25.63
C LYS C 70 -2.22 12.96 -25.64
N PRO C 71 -2.76 13.80 -24.74
CA PRO C 71 -4.21 14.02 -24.63
C PRO C 71 -4.77 14.79 -25.83
N ALA C 72 -6.02 15.24 -25.70
CA ALA C 72 -6.67 15.99 -26.76
C ALA C 72 -6.22 17.45 -26.77
N VAL C 73 -5.33 17.79 -25.84
CA VAL C 73 -4.82 19.15 -25.73
C VAL C 73 -3.31 19.20 -25.99
N PRO C 74 -2.94 19.41 -27.26
CA PRO C 74 -1.54 19.48 -27.67
C PRO C 74 -0.84 20.73 -27.16
N THR C 75 -1.47 21.88 -27.37
CA THR C 75 -0.91 23.15 -26.93
C THR C 75 -1.80 24.33 -27.34
N SER C 76 -2.33 24.26 -28.56
CA SER C 76 -3.20 25.31 -29.08
C SER C 76 -4.31 25.63 -28.09
N LYS C 77 -4.88 24.59 -27.49
CA LYS C 77 -5.96 24.76 -26.52
C LYS C 77 -5.41 25.24 -25.18
N LEU C 78 -4.16 24.89 -24.90
CA LEU C 78 -3.52 25.30 -23.65
C LEU C 78 -3.71 26.78 -23.39
N GLY C 79 -3.43 27.20 -22.16
CA GLY C 79 -3.57 28.60 -21.80
C GLY C 79 -4.75 28.86 -20.90
N GLN C 80 -5.57 29.84 -21.25
CA GLN C 80 -6.75 30.18 -20.46
C GLN C 80 -7.62 28.96 -20.23
N ALA C 81 -8.09 28.36 -21.32
CA ALA C 81 -8.94 27.18 -21.23
C ALA C 81 -8.27 25.97 -21.91
N GLU C 82 -7.63 25.13 -21.10
CA GLU C 82 -6.96 23.94 -21.61
C GLU C 82 -7.91 22.76 -21.67
N GLY C 83 -7.36 21.57 -21.91
CA GLY C 83 -8.18 20.37 -21.98
C GLY C 83 -8.04 19.50 -20.75
N ARG C 84 -8.17 18.19 -20.94
CA ARG C 84 -8.06 17.24 -19.83
C ARG C 84 -9.25 17.39 -18.88
N ASP C 85 -9.25 18.46 -18.11
CA ASP C 85 -10.32 18.71 -17.15
C ASP C 85 -11.34 19.70 -17.72
N ALA C 86 -11.12 20.12 -18.96
CA ALA C 86 -12.00 21.07 -19.63
C ALA C 86 -12.41 20.57 -21.01
N GLY C 87 -11.49 19.87 -21.66
CA GLY C 87 -11.78 19.34 -22.99
C GLY C 87 -12.06 17.86 -22.98
N SER C 88 -11.39 17.14 -22.08
CA SER C 88 -11.56 15.69 -21.98
C SER C 88 -12.32 15.33 -20.70
N ALA C 89 -13.40 16.04 -20.45
CA ALA C 89 -14.22 15.79 -19.26
C ALA C 89 -15.66 16.23 -19.48
N PRO C 90 -16.48 15.31 -20.02
CA PRO C 90 -17.90 15.58 -20.30
C PRO C 90 -18.72 15.71 -19.02
N SER C 91 -18.77 16.91 -18.48
CA SER C 91 -19.53 17.17 -17.26
C SER C 91 -19.00 16.31 -16.11
N GLY C 92 -19.76 16.27 -15.02
CA GLY C 92 -19.36 15.49 -13.86
C GLY C 92 -19.17 14.03 -14.19
N GLY C 93 -19.74 13.60 -15.31
CA GLY C 93 -19.62 12.21 -15.72
C GLY C 93 -18.19 11.80 -15.99
N ASP C 94 -17.31 12.79 -16.11
CA ASP C 94 -15.90 12.54 -16.38
C ASP C 94 -15.33 11.54 -15.37
N PRO C 95 -14.42 10.68 -15.84
CA PRO C 95 -13.79 9.65 -15.00
C PRO C 95 -12.83 10.26 -13.98
N ALA C 96 -13.26 11.33 -13.34
CA ALA C 96 -12.44 12.00 -12.33
C ALA C 96 -13.04 11.84 -10.94
N PHE C 97 -14.32 11.47 -10.89
CA PHE C 97 -15.01 11.28 -9.62
C PHE C 97 -15.56 9.86 -9.50
N LEU C 98 -14.66 8.88 -9.56
CA LEU C 98 -15.05 7.48 -9.46
C LEU C 98 -14.31 6.78 -8.33
N GLY C 99 -13.06 7.18 -8.11
CA GLY C 99 -12.26 6.59 -7.05
C GLY C 99 -12.35 7.36 -5.76
N MET C 100 -12.73 6.68 -4.69
CA MET C 100 -12.85 7.32 -3.37
C MET C 100 -11.47 7.57 -2.77
N ALA C 101 -10.55 6.65 -2.98
CA ALA C 101 -9.19 6.78 -2.46
C ALA C 101 -8.40 7.80 -3.26
N VAL C 102 -8.31 7.59 -4.56
CA VAL C 102 -7.58 8.50 -5.43
C VAL C 102 -8.01 9.95 -5.21
N SER C 103 -9.30 10.13 -4.95
CA SER C 103 -9.84 11.47 -4.72
C SER C 103 -9.10 12.17 -3.60
N THR C 104 -8.73 11.42 -2.57
CA THR C 104 -8.02 11.97 -1.43
C THR C 104 -6.54 12.14 -1.74
N LEU C 105 -5.95 11.11 -2.34
CA LEU C 105 -4.52 11.14 -2.68
C LEU C 105 -4.20 12.37 -3.53
N CYS C 106 -4.99 12.58 -4.59
CA CYS C 106 -4.78 13.73 -5.47
C CYS C 106 -5.16 15.03 -4.78
N GLY C 107 -6.07 14.93 -3.81
CA GLY C 107 -6.51 16.10 -3.08
C GLY C 107 -7.34 17.04 -3.94
N GLU C 108 -8.24 16.47 -4.73
CA GLU C 108 -9.10 17.26 -5.61
C GLU C 108 -8.26 18.20 -6.48
N VAL C 109 -7.48 17.62 -7.39
CA VAL C 109 -6.64 18.40 -8.28
C VAL C 109 -6.89 18.03 -9.74
N PRO C 110 -6.64 19.00 -10.64
CA PRO C 110 -6.84 18.79 -12.09
C PRO C 110 -5.82 17.83 -12.67
N LEU C 111 -6.24 16.59 -12.89
CA LEU C 111 -5.36 15.57 -13.45
C LEU C 111 -5.44 15.57 -14.98
N TYR C 112 -4.34 15.18 -15.62
CA TYR C 112 -4.28 15.14 -17.08
C TYR C 112 -4.05 13.71 -17.57
N TYR C 113 -5.06 13.16 -18.24
CA TYR C 113 -4.97 11.80 -18.77
C TYR C 113 -3.74 11.64 -19.67
N ILE C 114 -3.06 10.51 -19.51
CA ILE C 114 -1.87 10.24 -20.31
C ILE C 114 -2.08 9.03 -21.22
N GLY A 1 -5.90 -10.90 15.30
CA GLY A 1 -7.36 -10.82 15.38
C GLY A 1 -8.03 -11.23 14.08
N SER A 2 -8.30 -10.24 13.23
CA SER A 2 -8.96 -10.50 11.96
C SER A 2 -8.22 -11.57 11.16
N GLU A 3 -8.83 -12.04 10.09
CA GLU A 3 -8.23 -13.08 9.25
C GLU A 3 -8.36 -12.72 7.77
N HIS A 4 -9.59 -12.77 7.26
CA HIS A 4 -9.84 -12.45 5.87
C HIS A 4 -10.81 -11.28 5.75
N LEU A 5 -10.44 -10.15 6.33
CA LEU A 5 -11.29 -8.95 6.29
C LEU A 5 -10.57 -7.76 6.92
N VAL A 6 -9.33 -7.53 6.49
CA VAL A 6 -8.55 -6.41 7.01
C VAL A 6 -9.14 -5.08 6.58
N THR A 7 -9.64 -5.02 5.36
CA THR A 7 -10.24 -3.79 4.83
C THR A 7 -9.49 -2.57 5.32
N THR A 8 -8.37 -2.26 4.66
CA THR A 8 -7.56 -1.11 5.03
C THR A 8 -6.65 -0.69 3.89
N ALA A 9 -6.31 0.60 3.84
CA ALA A 9 -5.45 1.13 2.79
C ALA A 9 -4.06 1.45 3.34
N THR A 10 -3.03 1.12 2.56
CA THR A 10 -1.66 1.37 2.97
C THR A 10 -1.06 2.55 2.20
N PHE A 11 -0.51 3.51 2.94
CA PHE A 11 0.09 4.69 2.34
C PHE A 11 1.45 4.99 2.95
N SER A 12 2.15 5.97 2.39
CA SER A 12 3.47 6.34 2.87
C SER A 12 3.57 7.86 3.04
N ILE A 13 4.37 8.29 4.01
CA ILE A 13 4.56 9.71 4.27
C ILE A 13 5.92 10.19 3.78
N GLY A 14 5.93 11.27 3.01
CA GLY A 14 7.17 11.82 2.50
C GLY A 14 8.00 10.77 1.78
N SER A 15 9.32 10.85 1.93
CA SER A 15 10.22 9.91 1.28
C SER A 15 11.14 9.26 2.31
N THR A 16 10.56 8.77 3.40
CA THR A 16 11.32 8.12 4.45
C THR A 16 10.42 7.37 5.42
N GLY A 17 9.27 7.98 5.73
CA GLY A 17 8.33 7.35 6.64
C GLY A 17 7.15 6.74 5.92
N LEU A 18 6.38 5.93 6.64
CA LEU A 18 5.21 5.27 6.06
C LEU A 18 4.03 5.29 7.04
N VAL A 19 2.83 5.49 6.51
CA VAL A 19 1.63 5.51 7.34
C VAL A 19 0.42 5.00 6.57
N VAL A 20 -0.30 4.06 7.17
CA VAL A 20 -1.49 3.50 6.54
C VAL A 20 -2.76 3.99 7.22
N TYR A 21 -3.84 4.08 6.44
CA TYR A 21 -5.12 4.55 6.97
C TYR A 21 -6.14 3.42 6.96
N ASP A 22 -6.65 3.09 8.16
CA ASP A 22 -7.65 2.03 8.29
C ASP A 22 -8.79 2.22 7.30
N TYR A 23 -9.32 3.44 7.23
CA TYR A 23 -10.42 3.75 6.33
C TYR A 23 -11.66 2.94 6.69
N GLN A 24 -11.82 2.66 7.97
CA GLN A 24 -12.97 1.90 8.45
C GLN A 24 -13.32 2.27 9.89
N GLN A 25 -12.50 1.80 10.83
CA GLN A 25 -12.73 2.09 12.24
C GLN A 25 -12.05 3.40 12.64
N LEU A 26 -11.57 4.14 11.65
CA LEU A 26 -10.91 5.41 11.89
C LEU A 26 -9.63 5.22 12.69
N LEU A 27 -8.68 4.48 12.10
CA LEU A 27 -7.40 4.23 12.75
C LEU A 27 -6.25 4.45 11.78
N ILE A 28 -5.08 4.76 12.33
CA ILE A 28 -3.89 4.99 11.52
C ILE A 28 -2.65 4.35 12.14
N ALA A 29 -1.77 3.82 11.30
CA ALA A 29 -0.55 3.18 11.77
C ALA A 29 0.67 4.00 11.40
N TYR A 30 1.36 4.51 12.42
CA TYR A 30 2.56 5.31 12.20
C TYR A 30 3.67 4.94 13.18
N LYS A 31 4.84 4.65 12.65
CA LYS A 31 5.99 4.28 13.48
C LYS A 31 7.30 4.62 12.79
N PRO A 32 8.35 4.83 13.58
CA PRO A 32 9.69 5.16 13.07
C PRO A 32 10.35 3.99 12.35
N ALA A 33 11.02 3.14 13.11
CA ALA A 33 11.69 1.97 12.55
C ALA A 33 10.77 0.76 12.53
N PRO A 34 11.09 -0.22 11.68
CA PRO A 34 10.30 -1.46 11.54
C PRO A 34 10.41 -2.35 12.78
N GLY A 35 9.28 -2.56 13.45
CA GLY A 35 9.27 -3.40 14.64
C GLY A 35 9.53 -2.60 15.91
N THR A 36 9.17 -1.32 15.88
CA THR A 36 9.35 -0.46 17.04
C THR A 36 8.04 0.16 17.49
N CYS A 37 8.11 1.07 18.45
CA CYS A 37 6.93 1.74 18.97
C CYS A 37 6.04 2.25 17.83
N CYS A 38 4.74 2.23 18.06
CA CYS A 38 3.79 2.69 17.05
C CYS A 38 2.82 3.72 17.65
N TYR A 39 2.04 4.36 16.78
CA TYR A 39 1.09 5.37 17.22
C TYR A 39 -0.21 5.26 16.42
N ILE A 40 -1.34 5.26 17.14
CA ILE A 40 -2.64 5.16 16.49
C ILE A 40 -3.52 6.36 16.86
N MET A 41 -4.24 6.89 15.88
CA MET A 41 -5.12 8.03 16.10
C MET A 41 -6.41 7.89 15.29
N LYS A 42 -7.36 8.77 15.54
CA LYS A 42 -8.63 8.75 14.85
C LYS A 42 -8.66 9.78 13.72
N ILE A 43 -9.50 9.54 12.72
CA ILE A 43 -9.63 10.44 11.58
C ILE A 43 -11.03 11.04 11.51
N ALA A 44 -11.25 11.88 10.50
CA ALA A 44 -12.55 12.50 10.30
C ALA A 44 -13.22 12.02 9.03
N PRO A 45 -14.47 11.56 9.15
CA PRO A 45 -15.25 11.04 8.02
C PRO A 45 -15.65 12.15 7.05
N GLU A 46 -15.61 13.39 7.52
CA GLU A 46 -15.97 14.54 6.69
C GLU A 46 -14.76 15.03 5.90
N SER A 47 -13.56 14.76 6.42
CA SER A 47 -12.33 15.18 5.77
C SER A 47 -11.15 14.34 6.24
N ILE A 48 -10.97 13.18 5.62
CA ILE A 48 -9.88 12.29 5.97
C ILE A 48 -8.53 12.99 5.85
N PRO A 49 -7.69 12.83 6.88
CA PRO A 49 -6.35 13.45 6.91
C PRO A 49 -5.41 12.81 5.90
N SER A 50 -5.49 13.25 4.65
CA SER A 50 -4.63 12.71 3.60
C SER A 50 -3.18 12.71 4.04
N LEU A 51 -2.34 12.01 3.27
CA LEU A 51 -0.92 11.92 3.57
C LEU A 51 -0.32 13.30 3.85
N GLU A 52 -0.88 14.31 3.18
CA GLU A 52 -0.41 15.68 3.35
C GLU A 52 -0.61 16.15 4.80
N ALA A 53 -1.74 15.78 5.38
CA ALA A 53 -2.05 16.16 6.76
C ALA A 53 -1.12 15.45 7.74
N LEU A 54 -0.98 14.14 7.59
CA LEU A 54 -0.12 13.36 8.47
C LEU A 54 1.29 13.93 8.50
N THR A 55 1.88 14.11 7.32
CA THR A 55 3.23 14.65 7.23
C THR A 55 3.31 16.06 7.82
N ARG A 56 2.19 16.78 7.74
CA ARG A 56 2.13 18.14 8.28
C ARG A 56 2.34 18.14 9.78
N LYS A 57 1.53 17.36 10.49
CA LYS A 57 1.62 17.27 11.94
C LYS A 57 2.82 16.41 12.36
N VAL A 58 3.17 15.44 11.52
CA VAL A 58 4.29 14.55 11.80
C VAL A 58 5.61 15.29 11.70
N HIS A 59 5.65 16.32 10.84
CA HIS A 59 6.86 17.11 10.64
C HIS A 59 7.33 17.70 11.97
N ASN A 60 6.39 18.06 12.84
CA ASN A 60 6.73 18.64 14.13
C ASN A 60 7.43 17.62 15.01
N PHE A 61 7.22 16.33 14.72
CA PHE A 61 7.84 15.26 15.49
C PHE A 61 7.34 15.27 16.93
N GLN A 62 6.03 15.12 17.10
CA GLN A 62 5.44 15.11 18.43
C GLN A 62 5.27 13.69 18.95
N MET A 63 6.20 12.81 18.57
CA MET A 63 6.16 11.42 19.00
C MET A 63 7.53 10.95 19.46
N GLU A 64 8.38 10.58 18.50
CA GLU A 64 9.73 10.11 18.80
C GLU A 64 9.70 9.08 19.93
N CYS A 65 8.87 8.06 19.77
CA CYS A 65 8.74 7.01 20.78
C CYS A 65 8.36 7.60 22.13
N SER A 66 7.57 8.67 22.11
CA SER A 66 7.13 9.32 23.33
C SER A 66 5.82 10.07 23.12
N LEU A 67 5.47 10.93 24.08
CA LEU A 67 4.24 11.70 23.99
C LEU A 67 4.45 13.11 24.53
N GLN A 68 4.43 14.10 23.63
CA GLN A 68 4.61 15.48 24.02
C GLN A 68 3.50 15.94 24.96
N ALA A 69 3.27 17.25 25.02
CA ALA A 69 2.25 17.81 25.88
C ALA A 69 0.91 17.89 25.16
N LYS A 70 0.77 17.10 24.10
CA LYS A 70 -0.46 17.07 23.31
C LYS A 70 -1.59 16.43 24.11
N PRO A 71 -1.34 15.22 24.63
CA PRO A 71 -2.34 14.47 25.42
C PRO A 71 -2.58 15.12 26.78
N ALA A 72 -3.26 14.38 27.66
CA ALA A 72 -3.57 14.87 29.00
C ALA A 72 -2.38 14.66 29.94
N VAL A 73 -1.29 14.11 29.41
CA VAL A 73 -0.10 13.86 30.20
C VAL A 73 1.10 14.63 29.66
N PRO A 74 1.28 15.87 30.15
CA PRO A 74 2.38 16.73 29.73
C PRO A 74 3.73 16.23 30.23
N THR A 75 3.72 15.52 31.36
CA THR A 75 4.94 14.98 31.94
C THR A 75 5.89 16.11 32.35
N SER A 76 5.34 17.12 33.02
CA SER A 76 6.14 18.25 33.47
C SER A 76 5.81 18.62 34.91
N LYS A 77 4.51 18.70 35.21
CA LYS A 77 4.05 19.04 36.55
C LYS A 77 2.93 18.12 36.99
N LEU A 78 3.20 16.81 37.01
CA LEU A 78 2.22 15.82 37.41
C LEU A 78 2.17 15.69 38.93
N GLY A 79 1.12 15.04 39.43
CA GLY A 79 0.98 14.85 40.86
C GLY A 79 0.17 13.61 41.21
N GLN A 80 -1.14 13.70 41.03
CA GLN A 80 -2.02 12.58 41.34
C GLN A 80 -2.60 11.98 40.05
N ALA A 81 -2.13 10.78 39.70
CA ALA A 81 -2.60 10.11 38.50
C ALA A 81 -2.20 10.88 37.25
N GLU A 82 -2.03 10.15 36.14
CA GLU A 82 -1.65 10.76 34.88
C GLU A 82 -2.44 10.17 33.72
N GLY A 83 -2.04 10.50 32.49
CA GLY A 83 -2.72 9.98 31.33
C GLY A 83 -2.11 8.71 30.80
N ARG A 84 -2.18 8.51 29.49
CA ARG A 84 -1.62 7.32 28.86
C ARG A 84 -2.41 6.07 29.27
N ASP A 85 -2.20 5.63 30.50
CA ASP A 85 -2.90 4.45 31.02
C ASP A 85 -4.01 4.86 31.97
N ALA A 86 -4.22 6.16 32.13
CA ALA A 86 -5.25 6.68 33.02
C ALA A 86 -5.84 7.97 32.47
N GLY A 87 -5.69 8.18 31.17
CA GLY A 87 -6.22 9.39 30.56
C GLY A 87 -6.45 9.22 29.06
N SER A 88 -5.54 8.52 28.41
CA SER A 88 -5.64 8.29 26.96
C SER A 88 -5.75 6.80 26.65
N ALA A 89 -6.49 6.08 27.50
CA ALA A 89 -6.68 4.65 27.32
C ALA A 89 -7.67 4.09 28.33
N PRO A 90 -8.96 4.22 28.01
CA PRO A 90 -10.04 3.73 28.89
C PRO A 90 -10.11 2.20 28.94
N SER A 91 -9.35 1.63 29.88
CA SER A 91 -9.31 0.18 30.03
C SER A 91 -9.01 -0.51 28.70
N GLY A 92 -9.25 -1.82 28.66
CA GLY A 92 -9.00 -2.56 27.44
C GLY A 92 -9.71 -1.98 26.24
N GLY A 93 -10.74 -1.17 26.49
CA GLY A 93 -11.48 -0.55 25.41
C GLY A 93 -10.62 0.37 24.57
N ASP A 94 -9.45 0.72 25.08
CA ASP A 94 -8.53 1.60 24.37
C ASP A 94 -8.27 1.09 22.96
N PRO A 95 -8.12 2.02 22.01
CA PRO A 95 -7.87 1.68 20.60
C PRO A 95 -6.48 1.12 20.38
N ALA A 96 -6.08 0.18 21.25
CA ALA A 96 -4.77 -0.44 21.15
C ALA A 96 -4.90 -1.91 20.71
N PHE A 97 -6.08 -2.47 20.89
CA PHE A 97 -6.32 -3.86 20.52
C PHE A 97 -7.33 -3.95 19.36
N LEU A 98 -7.25 -2.99 18.45
CA LEU A 98 -8.14 -2.95 17.30
C LEU A 98 -7.36 -2.87 16.00
N GLY A 99 -8.01 -3.21 14.90
CA GLY A 99 -7.36 -3.16 13.60
C GLY A 99 -6.22 -4.15 13.49
N MET A 100 -6.38 -5.14 12.61
CA MET A 100 -5.36 -6.16 12.42
C MET A 100 -4.18 -5.61 11.62
N ALA A 101 -4.48 -4.78 10.63
CA ALA A 101 -3.45 -4.17 9.80
C ALA A 101 -2.36 -3.51 10.65
N VAL A 102 -2.78 -2.57 11.50
CA VAL A 102 -1.84 -1.87 12.37
C VAL A 102 -1.06 -2.85 13.25
N SER A 103 -1.71 -3.95 13.61
CA SER A 103 -1.07 -4.97 14.45
C SER A 103 0.11 -5.60 13.72
N THR A 104 0.03 -5.63 12.39
CA THR A 104 1.10 -6.21 11.59
C THR A 104 2.26 -5.24 11.42
N LEU A 105 1.95 -4.05 10.91
CA LEU A 105 2.97 -3.02 10.70
C LEU A 105 3.64 -2.64 12.02
N CYS A 106 2.82 -2.31 13.02
CA CYS A 106 3.33 -1.93 14.32
C CYS A 106 3.98 -3.12 15.03
N GLY A 107 3.54 -4.32 14.66
CA GLY A 107 4.08 -5.52 15.27
C GLY A 107 3.51 -5.78 16.66
N GLU A 108 2.20 -5.61 16.80
CA GLU A 108 1.55 -5.83 18.08
C GLU A 108 2.30 -5.13 19.20
N VAL A 109 2.88 -3.98 18.89
CA VAL A 109 3.63 -3.22 19.87
C VAL A 109 2.72 -2.22 20.60
N PRO A 110 3.13 -1.85 21.83
CA PRO A 110 2.37 -0.90 22.66
C PRO A 110 2.42 0.52 22.10
N LEU A 111 1.36 0.92 21.40
CA LEU A 111 1.30 2.25 20.81
C LEU A 111 0.58 3.21 21.76
N TYR A 112 0.90 4.49 21.63
CA TYR A 112 0.29 5.52 22.48
C TYR A 112 -0.28 6.65 21.63
N TYR A 113 -1.46 7.13 22.01
CA TYR A 113 -2.12 8.21 21.29
C TYR A 113 -1.20 9.42 21.15
N ILE A 114 -1.25 10.07 20.01
CA ILE A 114 -0.43 11.25 19.76
C ILE A 114 -1.29 12.50 19.61
N GLY B 1 -7.15 -12.26 -13.78
CA GLY B 1 -8.26 -12.99 -13.21
C GLY B 1 -9.32 -12.08 -12.62
N SER B 2 -9.20 -11.79 -11.33
CA SER B 2 -10.15 -10.92 -10.64
C SER B 2 -10.32 -9.60 -11.38
N GLU B 3 -11.32 -8.82 -10.98
CA GLU B 3 -11.58 -7.53 -11.61
C GLU B 3 -11.83 -6.46 -10.56
N HIS B 4 -12.94 -6.58 -9.85
CA HIS B 4 -13.29 -5.61 -8.81
C HIS B 4 -13.44 -6.31 -7.45
N LEU B 5 -12.39 -6.98 -7.01
CA LEU B 5 -12.41 -7.68 -5.74
C LEU B 5 -11.03 -8.25 -5.41
N VAL B 6 -10.01 -7.40 -5.47
CA VAL B 6 -8.65 -7.82 -5.18
C VAL B 6 -8.48 -8.17 -3.71
N THR B 7 -9.15 -7.42 -2.85
CA THR B 7 -9.08 -7.64 -1.41
C THR B 7 -7.68 -8.07 -0.99
N THR B 8 -6.78 -7.09 -0.86
CA THR B 8 -5.41 -7.37 -0.46
C THR B 8 -4.71 -6.12 0.06
N ALA B 9 -3.78 -6.30 0.98
CA ALA B 9 -3.04 -5.18 1.55
C ALA B 9 -1.61 -5.14 1.04
N THR B 10 -1.12 -3.94 0.73
CA THR B 10 0.23 -3.77 0.23
C THR B 10 1.15 -3.18 1.30
N PHE B 11 2.28 -3.84 1.55
CA PHE B 11 3.23 -3.37 2.54
C PHE B 11 4.64 -3.37 1.97
N SER B 12 5.58 -2.83 2.74
CA SER B 12 6.98 -2.76 2.31
C SER B 12 7.90 -3.32 3.39
N ILE B 13 9.05 -3.85 2.96
CA ILE B 13 10.02 -4.42 3.89
C ILE B 13 11.27 -3.55 3.96
N GLY B 14 11.67 -3.19 5.19
CA GLY B 14 12.85 -2.37 5.37
C GLY B 14 12.75 -1.05 4.64
N SER B 15 13.80 -0.69 3.91
CA SER B 15 13.84 0.56 3.17
C SER B 15 14.38 0.34 1.75
N THR B 16 13.80 -0.62 1.05
CA THR B 16 14.23 -0.93 -0.31
C THR B 16 13.37 -2.05 -0.90
N GLY B 17 12.95 -2.99 -0.06
CA GLY B 17 12.14 -4.10 -0.53
C GLY B 17 10.66 -3.86 -0.31
N LEU B 18 9.84 -4.56 -1.09
CA LEU B 18 8.39 -4.42 -0.99
C LEU B 18 7.71 -5.79 -0.95
N VAL B 19 6.75 -5.93 -0.04
CA VAL B 19 6.03 -7.18 0.11
C VAL B 19 4.58 -6.94 0.53
N VAL B 20 3.65 -7.48 -0.23
CA VAL B 20 2.23 -7.32 0.07
C VAL B 20 1.64 -8.61 0.63
N TYR B 21 0.63 -8.46 1.49
CA TYR B 21 -0.03 -9.62 2.10
C TYR B 21 -1.47 -9.74 1.62
N ASP B 22 -1.78 -10.87 0.99
CA ASP B 22 -3.12 -11.11 0.49
C ASP B 22 -4.17 -10.84 1.56
N TYR B 23 -3.93 -11.37 2.75
CA TYR B 23 -4.85 -11.19 3.87
C TYR B 23 -6.22 -11.81 3.56
N GLN B 24 -6.21 -12.88 2.77
CA GLN B 24 -7.44 -13.56 2.40
C GLN B 24 -7.16 -15.01 2.04
N GLN B 25 -6.57 -15.23 0.86
CA GLN B 25 -6.26 -16.58 0.40
C GLN B 25 -4.91 -17.04 0.95
N LEU B 26 -4.33 -16.24 1.83
CA LEU B 26 -3.04 -16.57 2.43
C LEU B 26 -1.94 -16.58 1.38
N LEU B 27 -1.69 -15.42 0.76
CA LEU B 27 -0.66 -15.31 -0.26
C LEU B 27 0.19 -14.07 -0.05
N ILE B 28 1.42 -14.11 -0.55
CA ILE B 28 2.34 -12.99 -0.40
C ILE B 28 3.13 -12.76 -1.69
N ALA B 29 3.40 -11.48 -1.98
CA ALA B 29 4.16 -11.13 -3.18
C ALA B 29 5.52 -10.55 -2.82
N TYR B 30 6.58 -11.23 -3.27
CA TYR B 30 7.93 -10.78 -2.99
C TYR B 30 8.82 -10.91 -4.23
N LYS B 31 9.55 -9.84 -4.53
CA LYS B 31 10.44 -9.83 -5.69
C LYS B 31 11.49 -8.74 -5.57
N PRO B 32 12.65 -8.96 -6.21
CA PRO B 32 13.76 -8.00 -6.18
C PRO B 32 13.45 -6.73 -6.96
N ALA B 33 13.71 -6.77 -8.27
CA ALA B 33 13.46 -5.62 -9.13
C ALA B 33 12.04 -5.66 -9.69
N PRO B 34 11.56 -4.51 -10.16
CA PRO B 34 10.21 -4.38 -10.73
C PRO B 34 10.08 -5.09 -12.08
N GLY B 35 9.22 -6.09 -12.13
CA GLY B 35 9.02 -6.84 -13.37
C GLY B 35 9.97 -8.02 -13.49
N THR B 36 10.39 -8.56 -12.35
CA THR B 36 11.30 -9.70 -12.34
C THR B 36 10.69 -10.89 -11.60
N CYS B 37 11.49 -11.92 -11.39
CA CYS B 37 11.03 -13.12 -10.69
C CYS B 37 10.33 -12.75 -9.39
N CYS B 38 9.32 -13.55 -9.03
CA CYS B 38 8.57 -13.30 -7.80
C CYS B 38 8.50 -14.57 -6.94
N TYR B 39 8.00 -14.43 -5.73
CA TYR B 39 7.88 -15.56 -4.82
C TYR B 39 6.59 -15.47 -4.00
N ILE B 40 5.88 -16.60 -3.91
CA ILE B 40 4.63 -16.65 -3.17
C ILE B 40 4.69 -17.71 -2.07
N MET B 41 4.13 -17.37 -0.91
CA MET B 41 4.13 -18.29 0.23
C MET B 41 2.82 -18.18 1.01
N LYS B 42 2.64 -19.06 1.98
CA LYS B 42 1.43 -19.06 2.80
C LYS B 42 1.71 -18.42 4.16
N ILE B 43 0.65 -17.89 4.78
CA ILE B 43 0.77 -17.26 6.08
C ILE B 43 -0.06 -17.99 7.13
N ALA B 44 0.04 -17.54 8.38
CA ALA B 44 -0.71 -18.15 9.47
C ALA B 44 -1.82 -17.23 9.96
N PRO B 45 -3.05 -17.77 10.02
CA PRO B 45 -4.22 -17.01 10.46
C PRO B 45 -4.18 -16.69 11.94
N GLU B 46 -3.39 -17.45 12.69
CA GLU B 46 -3.26 -17.25 14.13
C GLU B 46 -2.18 -16.21 14.44
N SER B 47 -1.23 -16.07 13.52
CA SER B 47 -0.14 -15.11 13.69
C SER B 47 0.46 -14.71 12.35
N ILE B 48 -0.18 -13.75 11.68
CA ILE B 48 0.28 -13.28 10.38
C ILE B 48 1.72 -12.79 10.47
N PRO B 49 2.54 -13.20 9.50
CA PRO B 49 3.96 -12.81 9.43
C PRO B 49 4.14 -11.34 9.08
N SER B 50 3.97 -10.48 10.07
CA SER B 50 4.11 -9.03 9.86
C SER B 50 5.40 -8.72 9.11
N LEU B 51 5.49 -7.50 8.59
CA LEU B 51 6.67 -7.08 7.84
C LEU B 51 7.94 -7.35 8.63
N GLU B 52 7.84 -7.26 9.96
CA GLU B 52 8.98 -7.51 10.83
C GLU B 52 9.52 -8.92 10.64
N ALA B 53 8.63 -9.86 10.41
CA ALA B 53 9.01 -11.26 10.21
C ALA B 53 9.58 -11.47 8.82
N LEU B 54 8.93 -10.88 7.82
CA LEU B 54 9.38 -11.00 6.44
C LEU B 54 10.83 -10.60 6.29
N THR B 55 11.15 -9.39 6.75
CA THR B 55 12.52 -8.88 6.67
C THR B 55 13.50 -9.80 7.40
N ARG B 56 12.99 -10.48 8.43
CA ARG B 56 13.82 -11.39 9.21
C ARG B 56 14.32 -12.55 8.35
N LYS B 57 13.39 -13.23 7.70
CA LYS B 57 13.73 -14.36 6.83
C LYS B 57 14.31 -13.87 5.51
N VAL B 58 13.88 -12.70 5.06
CA VAL B 58 14.37 -12.13 3.82
C VAL B 58 15.85 -11.76 3.92
N HIS B 59 16.27 -11.37 5.12
CA HIS B 59 17.65 -10.99 5.36
C HIS B 59 18.60 -12.13 4.99
N ASN B 60 18.15 -13.35 5.20
CA ASN B 60 18.95 -14.53 4.89
C ASN B 60 19.19 -14.66 3.39
N PHE B 61 18.31 -14.05 2.61
CA PHE B 61 18.42 -14.09 1.16
C PHE B 61 18.34 -15.52 0.64
N GLN B 62 17.22 -16.19 0.93
CA GLN B 62 17.02 -17.57 0.51
C GLN B 62 16.23 -17.63 -0.79
N MET B 63 16.43 -16.62 -1.65
CA MET B 63 15.73 -16.56 -2.92
C MET B 63 16.67 -16.15 -4.05
N GLU B 64 16.91 -14.85 -4.18
CA GLU B 64 17.80 -14.33 -5.21
C GLU B 64 17.49 -14.96 -6.55
N CYS B 65 16.22 -14.91 -6.95
CA CYS B 65 15.78 -15.47 -8.23
C CYS B 65 16.13 -16.95 -8.31
N SER B 66 16.08 -17.63 -7.17
CA SER B 66 16.39 -19.06 -7.11
C SER B 66 15.69 -19.73 -5.94
N LEU B 67 16.12 -20.94 -5.61
CA LEU B 67 15.52 -21.69 -4.51
C LEU B 67 16.58 -22.48 -3.75
N GLN B 68 16.88 -22.03 -2.54
CA GLN B 68 17.88 -22.70 -1.71
C GLN B 68 17.46 -24.12 -1.38
N ALA B 69 18.01 -24.66 -0.31
CA ALA B 69 17.70 -26.02 0.12
C ALA B 69 16.49 -26.04 1.05
N LYS B 70 15.71 -24.97 1.02
CA LYS B 70 14.52 -24.85 1.86
C LYS B 70 13.45 -25.84 1.44
N PRO B 71 13.09 -25.80 0.13
CA PRO B 71 12.08 -26.69 -0.43
C PRO B 71 12.54 -28.13 -0.50
N ALA B 72 11.81 -28.95 -1.24
CA ALA B 72 12.14 -30.37 -1.39
C ALA B 72 13.20 -30.57 -2.46
N VAL B 73 13.65 -29.47 -3.05
CA VAL B 73 14.67 -29.53 -4.10
C VAL B 73 15.93 -28.76 -3.69
N PRO B 74 16.88 -29.49 -3.07
CA PRO B 74 18.15 -28.90 -2.61
C PRO B 74 19.05 -28.52 -3.77
N THR B 75 18.93 -29.25 -4.88
CA THR B 75 19.74 -28.98 -6.06
C THR B 75 21.22 -29.22 -5.77
N SER B 76 21.51 -30.36 -5.14
CA SER B 76 22.89 -30.72 -4.81
C SER B 76 23.16 -32.18 -5.12
N LYS B 77 22.26 -33.05 -4.70
CA LYS B 77 22.39 -34.49 -4.94
C LYS B 77 21.09 -35.08 -5.44
N LEU B 78 20.60 -34.57 -6.57
CA LEU B 78 19.37 -35.06 -7.16
C LEU B 78 19.62 -36.30 -8.01
N GLY B 79 18.55 -37.01 -8.36
CA GLY B 79 18.67 -38.21 -9.17
C GLY B 79 17.42 -38.49 -9.97
N GLN B 80 16.38 -38.98 -9.31
CA GLN B 80 15.13 -39.30 -9.99
C GLN B 80 14.04 -38.31 -9.60
N ALA B 81 13.68 -37.44 -10.54
CA ALA B 81 12.65 -36.43 -10.29
C ALA B 81 13.10 -35.44 -9.22
N GLU B 82 12.57 -34.22 -9.31
CA GLU B 82 12.91 -33.18 -8.35
C GLU B 82 11.67 -32.40 -7.93
N GLY B 83 11.89 -31.29 -7.22
CA GLY B 83 10.78 -30.48 -6.75
C GLY B 83 10.43 -29.36 -7.72
N ARG B 84 9.96 -28.24 -7.18
CA ARG B 84 9.60 -27.09 -8.00
C ARG B 84 8.37 -27.41 -8.86
N ASP B 85 8.58 -28.20 -9.91
CA ASP B 85 7.49 -28.58 -10.80
C ASP B 85 7.05 -30.03 -10.54
N ALA B 86 7.64 -30.65 -9.53
CA ALA B 86 7.31 -32.02 -9.18
C ALA B 86 7.42 -32.24 -7.67
N GLY B 87 7.36 -31.14 -6.91
CA GLY B 87 7.46 -31.24 -5.47
C GLY B 87 6.83 -30.05 -4.76
N SER B 88 7.02 -28.86 -5.33
CA SER B 88 6.48 -27.64 -4.74
C SER B 88 5.48 -26.98 -5.70
N ALA B 89 4.71 -27.81 -6.40
CA ALA B 89 3.72 -27.30 -7.35
C ALA B 89 2.86 -28.43 -7.90
N PRO B 90 1.80 -28.80 -7.15
CA PRO B 90 0.88 -29.87 -7.55
C PRO B 90 0.03 -29.49 -8.75
N SER B 91 0.54 -29.74 -9.94
CA SER B 91 -0.18 -29.42 -11.17
C SER B 91 -0.63 -27.96 -11.16
N GLY B 92 -1.55 -27.63 -12.07
CA GLY B 92 -2.06 -26.27 -12.15
C GLY B 92 -2.61 -25.77 -10.82
N GLY B 93 -2.93 -26.70 -9.93
CA GLY B 93 -3.46 -26.34 -8.62
C GLY B 93 -2.47 -25.52 -7.81
N ASP B 94 -1.21 -25.52 -8.24
CA ASP B 94 -0.17 -24.77 -7.55
C ASP B 94 -0.59 -23.32 -7.34
N PRO B 95 -0.20 -22.74 -6.19
CA PRO B 95 -0.52 -21.36 -5.84
C PRO B 95 0.23 -20.36 -6.71
N ALA B 96 0.26 -20.61 -8.01
CA ALA B 96 0.95 -19.72 -8.94
C ALA B 96 -0.05 -18.98 -9.82
N PHE B 97 -1.28 -19.49 -9.89
CA PHE B 97 -2.32 -18.87 -10.71
C PHE B 97 -3.45 -18.34 -9.82
N LEU B 98 -3.09 -17.83 -8.65
CA LEU B 98 -4.08 -17.29 -7.71
C LEU B 98 -3.71 -15.88 -7.30
N GLY B 99 -4.70 -15.14 -6.80
CA GLY B 99 -4.47 -13.77 -6.37
C GLY B 99 -4.10 -12.86 -7.52
N MET B 100 -4.97 -11.89 -7.81
CA MET B 100 -4.73 -10.95 -8.89
C MET B 100 -3.67 -9.92 -8.51
N ALA B 101 -3.68 -9.51 -7.25
CA ALA B 101 -2.72 -8.54 -6.75
C ALA B 101 -1.29 -8.96 -7.09
N VAL B 102 -0.91 -10.15 -6.65
CA VAL B 102 0.43 -10.68 -6.91
C VAL B 102 0.72 -10.71 -8.40
N SER B 103 -0.31 -10.95 -9.20
CA SER B 103 -0.17 -11.02 -10.65
C SER B 103 0.30 -9.68 -11.20
N THR B 104 -0.08 -8.60 -10.53
CA THR B 104 0.30 -7.25 -10.96
C THR B 104 1.73 -6.92 -10.55
N LEU B 105 2.01 -7.06 -9.25
CA LEU B 105 3.34 -6.79 -8.72
C LEU B 105 4.37 -7.72 -9.33
N CYS B 106 4.10 -9.01 -9.28
CA CYS B 106 5.00 -10.01 -9.84
C CYS B 106 5.05 -9.93 -11.36
N GLY B 107 3.97 -9.44 -11.95
CA GLY B 107 3.90 -9.31 -13.39
C GLY B 107 3.56 -10.63 -14.08
N GLU B 108 2.65 -11.38 -13.48
CA GLU B 108 2.25 -12.66 -14.03
C GLU B 108 3.47 -13.52 -14.38
N VAL B 109 4.51 -13.41 -13.56
CA VAL B 109 5.73 -14.17 -13.78
C VAL B 109 5.70 -15.49 -13.02
N PRO B 110 6.45 -16.48 -13.54
CA PRO B 110 6.53 -17.81 -12.92
C PRO B 110 7.27 -17.80 -11.60
N LEU B 111 6.53 -17.61 -10.51
CA LEU B 111 7.13 -17.57 -9.17
C LEU B 111 7.18 -18.98 -8.56
N TYR B 112 8.16 -19.20 -7.70
CA TYR B 112 8.32 -20.49 -7.04
C TYR B 112 8.35 -20.33 -5.53
N TYR B 113 7.82 -21.33 -4.82
CA TYR B 113 7.79 -21.30 -3.37
C TYR B 113 9.19 -21.12 -2.80
N ILE B 114 9.28 -20.40 -1.69
CA ILE B 114 10.57 -20.16 -1.04
C ILE B 114 10.61 -20.77 0.36
N GLY C 1 -15.78 11.92 0.01
CA GLY C 1 -16.94 11.15 -0.37
C GLY C 1 -17.11 9.91 0.47
N SER C 2 -16.56 8.79 0.01
CA SER C 2 -16.66 7.53 0.73
C SER C 2 -16.21 7.69 2.18
N GLU C 3 -16.48 6.67 2.99
CA GLU C 3 -16.10 6.71 4.40
C GLU C 3 -15.45 5.39 4.82
N HIS C 4 -16.25 4.32 4.84
CA HIS C 4 -15.77 3.01 5.22
C HIS C 4 -15.96 2.01 4.08
N LEU C 5 -15.38 2.32 2.92
CA LEU C 5 -15.49 1.45 1.76
C LEU C 5 -14.64 1.96 0.61
N VAL C 6 -13.37 2.22 0.90
CA VAL C 6 -12.44 2.71 -0.12
C VAL C 6 -12.15 1.65 -1.18
N THR C 7 -12.08 0.40 -0.74
CA THR C 7 -11.81 -0.71 -1.65
C THR C 7 -10.84 -0.31 -2.75
N THR C 8 -9.55 -0.30 -2.42
CA THR C 8 -8.51 0.07 -3.38
C THR C 8 -7.15 -0.43 -2.93
N ALA C 9 -6.29 -0.72 -3.89
CA ALA C 9 -4.94 -1.20 -3.59
C ALA C 9 -3.90 -0.13 -3.89
N THR C 10 -2.92 0.00 -3.00
CA THR C 10 -1.87 1.00 -3.15
C THR C 10 -0.57 0.34 -3.62
N PHE C 11 0.05 0.92 -4.64
CA PHE C 11 1.30 0.40 -5.17
C PHE C 11 2.30 1.53 -5.43
N SER C 12 3.52 1.15 -5.80
CA SER C 12 4.57 2.13 -6.07
C SER C 12 5.26 1.83 -7.40
N ILE C 13 5.81 2.86 -8.03
CA ILE C 13 6.51 2.71 -9.30
C ILE C 13 8.00 2.95 -9.14
N GLY C 14 8.80 2.00 -9.60
CA GLY C 14 10.25 2.12 -9.50
C GLY C 14 10.72 2.31 -8.07
N SER C 15 11.60 3.28 -7.86
CA SER C 15 12.14 3.56 -6.53
C SER C 15 12.13 5.05 -6.25
N THR C 16 10.97 5.68 -6.43
CA THR C 16 10.83 7.12 -6.20
C THR C 16 9.40 7.57 -6.42
N GLY C 17 8.72 6.94 -7.38
CA GLY C 17 7.35 7.30 -7.68
C GLY C 17 6.35 6.36 -7.02
N LEU C 18 5.12 6.83 -6.85
CA LEU C 18 4.07 6.03 -6.23
C LEU C 18 2.78 6.10 -7.04
N VAL C 19 2.15 4.94 -7.25
CA VAL C 19 0.91 4.87 -7.99
C VAL C 19 0.00 3.77 -7.46
N VAL C 20 -1.24 4.12 -7.13
CA VAL C 20 -2.21 3.17 -6.61
C VAL C 20 -3.26 2.83 -7.65
N TYR C 21 -3.77 1.61 -7.58
CA TYR C 21 -4.79 1.15 -8.52
C TYR C 21 -6.13 0.92 -7.82
N ASP C 22 -7.15 1.67 -8.24
CA ASP C 22 -8.47 1.55 -7.66
C ASP C 22 -8.91 0.09 -7.58
N TYR C 23 -8.75 -0.63 -8.67
CA TYR C 23 -9.13 -2.04 -8.73
C TYR C 23 -10.63 -2.21 -8.52
N GLN C 24 -11.39 -1.21 -8.96
CA GLN C 24 -12.84 -1.26 -8.82
C GLN C 24 -13.52 -0.41 -9.89
N GLN C 25 -13.44 0.92 -9.74
CA GLN C 25 -14.04 1.83 -10.70
C GLN C 25 -13.07 2.13 -11.84
N LEU C 26 -11.95 1.41 -11.87
CA LEU C 26 -10.95 1.61 -12.91
C LEU C 26 -10.34 3.00 -12.83
N LEU C 27 -9.66 3.28 -11.72
CA LEU C 27 -9.02 4.58 -11.51
C LEU C 27 -7.60 4.41 -11.00
N ILE C 28 -6.76 5.40 -11.25
CA ILE C 28 -5.37 5.36 -10.80
C ILE C 28 -4.92 6.72 -10.29
N ALA C 29 -4.07 6.71 -9.26
CA ALA C 29 -3.57 7.93 -8.67
C ALA C 29 -2.08 8.09 -8.92
N TYR C 30 -1.70 9.15 -9.62
CA TYR C 30 -0.30 9.41 -9.94
C TYR C 30 0.04 10.89 -9.76
N LYS C 31 1.14 11.16 -9.07
CA LYS C 31 1.57 12.53 -8.82
C LYS C 31 3.05 12.57 -8.45
N PRO C 32 3.70 13.70 -8.76
CA PRO C 32 5.12 13.90 -8.46
C PRO C 32 5.39 14.04 -6.96
N ALA C 33 5.27 15.26 -6.45
CA ALA C 33 5.49 15.52 -5.04
C ALA C 33 4.21 15.36 -4.24
N PRO C 34 4.34 15.18 -2.91
CA PRO C 34 3.20 15.02 -2.01
C PRO C 34 2.39 16.30 -1.86
N GLY C 35 1.13 16.25 -2.25
CA GLY C 35 0.27 17.42 -2.15
C GLY C 35 0.35 18.31 -3.38
N THR C 36 0.65 17.71 -4.53
CA THR C 36 0.76 18.45 -5.77
C THR C 36 -0.22 17.92 -6.81
N CYS C 37 -0.10 18.41 -8.04
CA CYS C 37 -0.96 17.98 -9.13
C CYS C 37 -1.01 16.46 -9.22
N CYS C 38 -2.16 15.93 -9.64
CA CYS C 38 -2.33 14.49 -9.77
C CYS C 38 -2.87 14.13 -11.16
N TYR C 39 -2.90 12.84 -11.46
CA TYR C 39 -3.39 12.36 -12.75
C TYR C 39 -4.19 11.07 -12.59
N ILE C 40 -5.35 11.02 -13.24
CA ILE C 40 -6.20 9.84 -13.16
C ILE C 40 -6.46 9.27 -14.56
N MET C 41 -6.45 7.94 -14.66
CA MET C 41 -6.68 7.27 -15.93
C MET C 41 -7.48 5.98 -15.73
N LYS C 42 -7.87 5.36 -16.84
CA LYS C 42 -8.63 4.12 -16.78
C LYS C 42 -7.75 2.92 -17.07
N ILE C 43 -8.15 1.75 -16.56
CA ILE C 43 -7.38 0.53 -16.77
C ILE C 43 -8.21 -0.50 -17.54
N ALA C 44 -7.59 -1.66 -17.82
CA ALA C 44 -8.26 -2.72 -18.54
C ALA C 44 -8.53 -3.91 -17.63
N PRO C 45 -9.79 -4.37 -17.59
CA PRO C 45 -10.20 -5.50 -16.77
C PRO C 45 -9.64 -6.82 -17.29
N GLU C 46 -9.25 -6.84 -18.55
CA GLU C 46 -8.70 -8.04 -19.16
C GLU C 46 -7.19 -8.14 -18.92
N SER C 47 -6.56 -6.99 -18.70
CA SER C 47 -5.13 -6.94 -18.45
C SER C 47 -4.74 -5.67 -17.72
N ILE C 48 -4.88 -5.68 -16.39
CA ILE C 48 -4.56 -4.52 -15.57
C ILE C 48 -3.11 -4.10 -15.78
N PRO C 49 -2.90 -2.79 -15.97
CA PRO C 49 -1.57 -2.21 -16.19
C PRO C 49 -0.71 -2.27 -14.93
N SER C 50 -0.10 -3.43 -14.69
CA SER C 50 0.75 -3.62 -13.52
C SER C 50 1.76 -2.48 -13.40
N LEU C 51 2.39 -2.38 -12.23
CA LEU C 51 3.38 -1.33 -11.98
C LEU C 51 4.39 -1.27 -13.11
N GLU C 52 4.69 -2.42 -13.71
CA GLU C 52 5.64 -2.48 -14.80
C GLU C 52 5.21 -1.61 -15.97
N ALA C 53 3.91 -1.64 -16.27
CA ALA C 53 3.35 -0.84 -17.36
C ALA C 53 3.37 0.65 -17.02
N LEU C 54 2.98 0.97 -15.80
CA LEU C 54 2.95 2.36 -15.34
C LEU C 54 4.31 3.01 -15.52
N THR C 55 5.34 2.39 -14.96
CA THR C 55 6.70 2.92 -15.06
C THR C 55 7.14 3.03 -16.51
N ARG C 56 6.62 2.15 -17.35
CA ARG C 56 6.96 2.15 -18.77
C ARG C 56 6.52 3.45 -19.44
N LYS C 57 5.25 3.78 -19.27
CA LYS C 57 4.70 5.00 -19.86
C LYS C 57 5.12 6.23 -19.07
N VAL C 58 5.32 6.04 -17.76
CA VAL C 58 5.73 7.14 -16.89
C VAL C 58 7.15 7.59 -17.22
N HIS C 59 7.97 6.66 -17.68
CA HIS C 59 9.36 6.97 -18.04
C HIS C 59 9.42 8.07 -19.09
N ASN C 60 8.44 8.06 -19.99
CA ASN C 60 8.39 9.06 -21.06
C ASN C 60 8.14 10.45 -20.49
N PHE C 61 7.57 10.51 -19.29
CA PHE C 61 7.27 11.78 -18.64
C PHE C 61 6.30 12.60 -19.46
N GLN C 62 5.10 12.04 -19.70
CA GLN C 62 4.08 12.73 -20.48
C GLN C 62 3.11 13.47 -19.57
N MET C 63 3.61 13.97 -18.45
CA MET C 63 2.78 14.69 -17.49
C MET C 63 3.50 15.94 -16.98
N GLU C 64 4.38 15.75 -15.99
CA GLU C 64 5.13 16.86 -15.42
C GLU C 64 4.21 18.05 -15.12
N CYS C 65 3.13 17.78 -14.40
CA CYS C 65 2.17 18.82 -14.04
C CYS C 65 1.62 19.50 -15.29
N SER C 66 1.47 18.73 -16.36
CA SER C 66 0.96 19.26 -17.62
C SER C 66 0.31 18.17 -18.45
N LEU C 67 0.06 18.46 -19.71
CA LEU C 67 -0.57 17.50 -20.62
C LEU C 67 0.02 17.59 -22.02
N GLN C 68 0.80 16.58 -22.39
CA GLN C 68 1.44 16.55 -23.71
C GLN C 68 0.38 16.52 -24.82
N ALA C 69 0.78 16.04 -25.98
CA ALA C 69 -0.11 15.94 -27.13
C ALA C 69 -0.86 14.62 -27.14
N LYS C 70 -0.90 13.96 -25.98
CA LYS C 70 -1.59 12.68 -25.86
C LYS C 70 -3.09 12.84 -26.00
N PRO C 71 -3.66 13.75 -25.19
CA PRO C 71 -5.11 14.03 -25.20
C PRO C 71 -5.55 14.73 -26.48
N ALA C 72 -6.76 15.27 -26.46
CA ALA C 72 -7.31 15.97 -27.61
C ALA C 72 -6.83 17.42 -27.65
N VAL C 73 -6.00 17.78 -26.68
CA VAL C 73 -5.47 19.14 -26.59
C VAL C 73 -3.95 19.15 -26.70
N PRO C 74 -3.44 19.28 -27.93
CA PRO C 74 -2.01 19.30 -28.19
C PRO C 74 -1.34 20.58 -27.68
N THR C 75 -2.11 21.66 -27.63
CA THR C 75 -1.59 22.94 -27.16
C THR C 75 -0.47 23.46 -28.07
N SER C 76 -0.72 23.41 -29.37
CA SER C 76 0.26 23.88 -30.35
C SER C 76 -0.40 24.70 -31.44
N LYS C 77 -1.50 24.20 -31.97
CA LYS C 77 -2.24 24.89 -33.02
C LYS C 77 -3.74 24.90 -32.73
N LEU C 78 -4.10 25.46 -31.58
CA LEU C 78 -5.51 25.53 -31.18
C LEU C 78 -6.19 26.75 -31.80
N GLY C 79 -7.52 26.76 -31.76
CA GLY C 79 -8.26 27.87 -32.33
C GLY C 79 -9.62 28.06 -31.65
N GLN C 80 -10.56 27.20 -31.99
CA GLN C 80 -11.90 27.27 -31.42
C GLN C 80 -12.13 26.13 -30.43
N ALA C 81 -12.17 26.48 -29.14
CA ALA C 81 -12.39 25.48 -28.10
C ALA C 81 -11.23 24.49 -28.03
N GLU C 82 -10.99 23.95 -26.84
CA GLU C 82 -9.91 22.98 -26.64
C GLU C 82 -10.37 21.82 -25.77
N GLY C 83 -9.43 20.99 -25.34
CA GLY C 83 -9.75 19.85 -24.51
C GLY C 83 -9.64 20.16 -23.03
N ARG C 84 -9.27 19.16 -22.25
CA ARG C 84 -9.13 19.33 -20.80
C ARG C 84 -10.49 19.58 -20.15
N ASP C 85 -11.01 20.80 -20.33
CA ASP C 85 -12.30 21.16 -19.77
C ASP C 85 -13.38 21.17 -20.83
N ALA C 86 -13.00 20.78 -22.05
CA ALA C 86 -13.95 20.75 -23.17
C ALA C 86 -13.62 19.61 -24.13
N GLY C 87 -12.89 18.62 -23.63
CA GLY C 87 -12.52 17.49 -24.46
C GLY C 87 -12.20 16.25 -23.65
N SER C 88 -11.53 16.45 -22.51
CA SER C 88 -11.16 15.34 -21.63
C SER C 88 -11.81 15.48 -20.26
N ALA C 89 -13.05 15.97 -20.25
CA ALA C 89 -13.79 16.16 -19.01
C ALA C 89 -15.22 16.57 -19.28
N PRO C 90 -16.10 15.57 -19.53
CA PRO C 90 -17.51 15.82 -19.81
C PRO C 90 -18.28 16.30 -18.58
N SER C 91 -18.29 17.62 -18.38
CA SER C 91 -18.98 18.21 -17.24
C SER C 91 -18.55 17.54 -15.94
N GLY C 92 -19.32 17.77 -14.88
CA GLY C 92 -18.99 17.18 -13.58
C GLY C 92 -18.84 15.68 -13.66
N GLY C 93 -19.39 15.07 -14.70
CA GLY C 93 -19.30 13.63 -14.87
C GLY C 93 -17.87 13.16 -15.01
N ASP C 94 -16.96 14.09 -15.27
CA ASP C 94 -15.55 13.76 -15.43
C ASP C 94 -15.04 12.96 -14.25
N PRO C 95 -14.14 12.00 -14.52
CA PRO C 95 -13.55 11.13 -13.49
C PRO C 95 -12.61 11.90 -12.57
N ALA C 96 -13.04 13.08 -12.13
CA ALA C 96 -12.23 13.90 -11.25
C ALA C 96 -12.83 13.96 -9.84
N PHE C 97 -14.11 13.61 -9.74
CA PHE C 97 -14.79 13.62 -8.46
C PHE C 97 -15.20 12.20 -8.04
N LEU C 98 -14.35 11.24 -8.37
CA LEU C 98 -14.62 9.84 -8.03
C LEU C 98 -13.43 9.23 -7.27
N GLY C 99 -13.70 8.14 -6.56
CA GLY C 99 -12.65 7.47 -5.81
C GLY C 99 -12.14 8.31 -4.66
N MET C 100 -12.37 7.86 -3.43
CA MET C 100 -11.93 8.57 -2.25
C MET C 100 -10.42 8.45 -2.05
N ALA C 101 -9.90 7.25 -2.36
CA ALA C 101 -8.47 6.99 -2.22
C ALA C 101 -7.65 8.06 -2.93
N VAL C 102 -7.90 8.22 -4.22
CA VAL C 102 -7.17 9.21 -5.02
C VAL C 102 -7.32 10.60 -4.43
N SER C 103 -8.46 10.86 -3.80
CA SER C 103 -8.73 12.16 -3.20
C SER C 103 -7.74 12.45 -2.07
N THR C 104 -7.29 11.39 -1.41
CA THR C 104 -6.35 11.52 -0.31
C THR C 104 -4.92 11.72 -0.83
N LEU C 105 -4.47 10.80 -1.69
CA LEU C 105 -3.14 10.89 -2.26
C LEU C 105 -2.97 12.16 -3.09
N CYS C 106 -3.90 12.39 -4.00
CA CYS C 106 -3.87 13.56 -4.86
C CYS C 106 -4.15 14.83 -4.05
N GLY C 107 -4.88 14.68 -2.96
CA GLY C 107 -5.20 15.82 -2.13
C GLY C 107 -6.35 16.64 -2.67
N GLU C 108 -7.37 15.95 -3.20
CA GLU C 108 -8.53 16.63 -3.77
C GLU C 108 -8.10 17.73 -4.73
N VAL C 109 -7.01 17.49 -5.45
CA VAL C 109 -6.50 18.46 -6.41
C VAL C 109 -7.07 18.22 -7.81
N PRO C 110 -7.14 19.29 -8.60
CA PRO C 110 -7.66 19.22 -9.97
C PRO C 110 -6.74 18.45 -10.90
N LEU C 111 -6.97 17.14 -11.01
CA LEU C 111 -6.15 16.30 -11.87
C LEU C 111 -6.73 16.24 -13.29
N TYR C 112 -5.86 16.04 -14.26
CA TYR C 112 -6.28 15.97 -15.66
C TYR C 112 -5.81 14.67 -16.31
N TYR C 113 -6.62 14.14 -17.22
CA TYR C 113 -6.28 12.89 -17.91
C TYR C 113 -4.92 13.01 -18.59
N ILE C 114 -4.19 11.90 -18.62
CA ILE C 114 -2.87 11.87 -19.24
C ILE C 114 -2.85 10.91 -20.43
N GLY A 1 -0.62 -10.28 15.02
CA GLY A 1 -2.01 -10.50 15.39
C GLY A 1 -2.52 -11.85 14.95
N SER A 2 -3.83 -11.95 14.76
CA SER A 2 -4.45 -13.21 14.35
C SER A 2 -5.94 -13.02 14.09
N GLU A 3 -6.29 -12.76 12.83
CA GLU A 3 -7.68 -12.56 12.45
C GLU A 3 -7.80 -12.29 10.95
N HIS A 4 -9.02 -11.97 10.52
CA HIS A 4 -9.27 -11.68 9.11
C HIS A 4 -10.04 -10.38 8.94
N LEU A 5 -9.39 -9.27 9.27
CA LEU A 5 -10.03 -7.96 9.15
C LEU A 5 -8.99 -6.87 8.90
N VAL A 6 -8.80 -6.52 7.63
CA VAL A 6 -7.84 -5.49 7.26
C VAL A 6 -8.50 -4.39 6.43
N THR A 7 -8.75 -4.70 5.16
CA THR A 7 -9.37 -3.74 4.25
C THR A 7 -8.91 -2.31 4.55
N THR A 8 -7.72 -1.98 4.05
CA THR A 8 -7.15 -0.65 4.26
C THR A 8 -6.15 -0.29 3.17
N ALA A 9 -5.74 0.98 3.14
CA ALA A 9 -4.78 1.43 2.14
C ALA A 9 -3.49 1.90 2.81
N THR A 10 -2.38 1.74 2.09
CA THR A 10 -1.08 2.14 2.61
C THR A 10 -0.46 3.24 1.75
N PHE A 11 -0.14 4.36 2.39
CA PHE A 11 0.46 5.49 1.68
C PHE A 11 1.76 5.92 2.35
N SER A 12 2.79 6.16 1.55
CA SER A 12 4.08 6.58 2.06
C SER A 12 4.10 8.08 2.36
N ILE A 13 4.97 8.48 3.26
CA ILE A 13 5.09 9.89 3.65
C ILE A 13 6.45 10.45 3.26
N GLY A 14 6.45 11.66 2.71
CA GLY A 14 7.69 12.29 2.32
C GLY A 14 8.34 11.62 1.13
N SER A 15 9.10 10.56 1.39
CA SER A 15 9.78 9.82 0.33
C SER A 15 10.57 8.65 0.90
N THR A 16 10.01 8.02 1.94
CA THR A 16 10.66 6.89 2.58
C THR A 16 9.79 6.30 3.68
N GLY A 17 9.06 7.17 4.37
CA GLY A 17 8.20 6.73 5.45
C GLY A 17 6.93 6.08 4.94
N LEU A 18 6.29 5.28 5.79
CA LEU A 18 5.06 4.58 5.42
C LEU A 18 3.97 4.80 6.47
N VAL A 19 2.78 5.14 6.01
CA VAL A 19 1.65 5.37 6.91
C VAL A 19 0.34 4.97 6.26
N VAL A 20 -0.35 4.01 6.88
CA VAL A 20 -1.64 3.54 6.36
C VAL A 20 -2.80 4.18 7.10
N TYR A 21 -3.90 4.39 6.39
CA TYR A 21 -5.09 5.00 6.98
C TYR A 21 -6.24 4.01 7.02
N ASP A 22 -6.52 3.49 8.21
CA ASP A 22 -7.61 2.53 8.40
C ASP A 22 -8.95 3.15 8.03
N TYR A 23 -9.38 2.95 6.80
CA TYR A 23 -10.64 3.50 6.32
C TYR A 23 -11.82 2.68 6.84
N GLN A 24 -11.94 2.60 8.16
CA GLN A 24 -13.02 1.84 8.79
C GLN A 24 -13.07 2.10 10.29
N GLN A 25 -11.91 2.21 10.91
CA GLN A 25 -11.82 2.46 12.34
C GLN A 25 -11.15 3.80 12.62
N LEU A 26 -10.81 4.52 11.55
CA LEU A 26 -10.15 5.82 11.68
C LEU A 26 -8.81 5.68 12.38
N LEU A 27 -8.14 4.55 12.16
CA LEU A 27 -6.84 4.29 12.77
C LEU A 27 -5.71 4.63 11.80
N ILE A 28 -4.53 4.90 12.35
CA ILE A 28 -3.38 5.24 11.53
C ILE A 28 -2.13 4.48 11.99
N ALA A 29 -1.30 4.08 11.03
CA ALA A 29 -0.08 3.35 11.35
C ALA A 29 1.15 4.22 11.14
N TYR A 30 1.89 4.45 12.21
CA TYR A 30 3.09 5.27 12.15
C TYR A 30 4.23 4.63 12.94
N LYS A 31 5.35 4.40 12.25
CA LYS A 31 6.52 3.79 12.88
C LYS A 31 7.78 4.05 12.07
N PRO A 32 8.92 4.17 12.75
CA PRO A 32 10.21 4.42 12.11
C PRO A 32 10.71 3.22 11.32
N ALA A 33 11.41 2.31 12.00
CA ALA A 33 11.93 1.11 11.38
C ALA A 33 10.93 -0.03 11.46
N PRO A 34 11.08 -1.02 10.56
CA PRO A 34 10.21 -2.20 10.52
C PRO A 34 10.40 -3.12 11.72
N GLY A 35 9.37 -3.23 12.55
CA GLY A 35 9.45 -4.08 13.72
C GLY A 35 9.87 -3.32 14.96
N THR A 36 9.59 -2.02 14.98
CA THR A 36 9.95 -1.18 16.11
C THR A 36 8.72 -0.49 16.70
N CYS A 37 8.95 0.43 17.63
CA CYS A 37 7.87 1.17 18.26
C CYS A 37 6.89 1.70 17.22
N CYS A 38 5.59 1.63 17.54
CA CYS A 38 4.55 2.10 16.63
C CYS A 38 3.64 3.12 17.33
N TYR A 39 2.87 3.85 16.54
CA TYR A 39 1.97 4.86 17.07
C TYR A 39 0.65 4.88 16.29
N ILE A 40 -0.46 4.94 17.01
CA ILE A 40 -1.77 4.98 16.38
C ILE A 40 -2.49 6.29 16.66
N MET A 41 -3.12 6.85 15.64
CA MET A 41 -3.86 8.10 15.78
C MET A 41 -5.28 7.97 15.26
N LYS A 42 -6.19 8.77 15.82
CA LYS A 42 -7.58 8.74 15.43
C LYS A 42 -7.89 9.85 14.44
N ILE A 43 -8.53 9.49 13.31
CA ILE A 43 -8.88 10.46 12.30
C ILE A 43 -10.39 10.64 12.20
N ALA A 44 -10.83 11.53 11.30
CA ALA A 44 -12.25 11.78 11.11
C ALA A 44 -12.69 11.42 9.70
N PRO A 45 -13.95 11.00 9.56
CA PRO A 45 -14.51 10.63 8.25
C PRO A 45 -14.71 11.83 7.33
N GLU A 46 -15.06 12.96 7.92
CA GLU A 46 -15.27 14.19 7.14
C GLU A 46 -13.97 14.96 6.97
N SER A 47 -13.03 14.74 7.90
CA SER A 47 -11.74 15.42 7.85
C SER A 47 -10.60 14.40 7.89
N ILE A 48 -10.41 13.70 6.78
CA ILE A 48 -9.35 12.70 6.69
C ILE A 48 -8.00 13.35 6.44
N PRO A 49 -7.06 13.16 7.38
CA PRO A 49 -5.71 13.73 7.29
C PRO A 49 -4.88 13.07 6.19
N SER A 50 -5.10 13.48 4.94
CA SER A 50 -4.38 12.92 3.81
C SER A 50 -2.88 13.03 4.03
N LEU A 51 -2.11 12.51 3.07
CA LEU A 51 -0.65 12.54 3.15
C LEU A 51 -0.17 13.92 3.57
N GLU A 52 -0.89 14.95 3.14
CA GLU A 52 -0.53 16.33 3.47
C GLU A 52 -0.55 16.55 4.98
N ALA A 53 -1.64 16.13 5.62
CA ALA A 53 -1.78 16.28 7.06
C ALA A 53 -0.74 15.45 7.80
N LEU A 54 -0.62 14.17 7.42
CA LEU A 54 0.34 13.27 8.05
C LEU A 54 1.75 13.85 8.00
N THR A 55 2.20 14.18 6.80
CA THR A 55 3.53 14.75 6.61
C THR A 55 3.68 16.08 7.34
N ARG A 56 2.56 16.79 7.48
CA ARG A 56 2.56 18.08 8.17
C ARG A 56 2.92 17.92 9.63
N LYS A 57 2.20 17.05 10.33
CA LYS A 57 2.44 16.81 11.74
C LYS A 57 3.68 15.92 11.94
N VAL A 58 3.92 15.04 10.98
CA VAL A 58 5.07 14.14 11.04
C VAL A 58 6.37 14.90 10.79
N HIS A 59 6.29 15.95 9.98
CA HIS A 59 7.47 16.75 9.66
C HIS A 59 8.09 17.34 10.93
N ASN A 60 7.24 17.71 11.88
CA ASN A 60 7.71 18.29 13.14
C ASN A 60 8.47 17.25 13.95
N PHE A 61 8.20 15.98 13.68
CA PHE A 61 8.86 14.89 14.40
C PHE A 61 8.61 14.98 15.90
N GLN A 62 7.34 14.87 16.29
CA GLN A 62 6.96 14.95 17.69
C GLN A 62 6.86 13.55 18.30
N MET A 63 7.63 12.62 17.76
CA MET A 63 7.63 11.24 18.25
C MET A 63 9.05 10.69 18.35
N GLU A 64 9.57 10.21 17.23
CA GLU A 64 10.91 9.65 17.19
C GLU A 64 11.13 8.67 18.33
N CYS A 65 10.17 7.76 18.50
CA CYS A 65 10.26 6.75 19.56
C CYS A 65 10.54 7.41 20.91
N SER A 66 10.06 8.64 21.08
CA SER A 66 10.27 9.37 22.32
C SER A 66 8.93 9.82 22.91
N LEU A 67 7.96 10.11 22.04
CA LEU A 67 6.65 10.54 22.47
C LEU A 67 6.71 11.93 23.09
N GLN A 68 6.56 12.95 22.26
CA GLN A 68 6.60 14.34 22.72
C GLN A 68 5.67 14.53 23.91
N ALA A 69 4.56 13.82 23.92
CA ALA A 69 3.60 13.91 25.01
C ALA A 69 3.88 12.88 26.09
N LYS A 70 4.52 13.31 27.16
CA LYS A 70 4.86 12.42 28.27
C LYS A 70 3.67 11.53 28.63
N PRO A 71 2.56 12.17 29.05
CA PRO A 71 1.34 11.46 29.44
C PRO A 71 0.64 10.83 28.24
N ALA A 72 1.16 11.10 27.05
CA ALA A 72 0.58 10.55 25.83
C ALA A 72 -0.68 11.32 25.42
N VAL A 73 -1.21 12.11 26.35
CA VAL A 73 -2.40 12.90 26.09
C VAL A 73 -2.12 14.39 26.24
N PRO A 74 -1.64 15.02 25.16
CA PRO A 74 -1.32 16.45 25.16
C PRO A 74 -2.58 17.32 25.22
N THR A 75 -3.09 17.52 26.43
CA THR A 75 -4.28 18.34 26.62
C THR A 75 -5.43 17.84 25.76
N SER A 76 -5.89 16.62 26.02
CA SER A 76 -6.99 16.03 25.27
C SER A 76 -7.87 15.17 26.16
N LYS A 77 -8.66 15.83 27.00
CA LYS A 77 -9.56 15.13 27.92
C LYS A 77 -8.80 14.07 28.71
N LEU A 78 -7.95 14.51 29.64
CA LEU A 78 -7.18 13.60 30.46
C LEU A 78 -7.41 13.88 31.95
N GLY A 79 -6.60 13.24 32.79
CA GLY A 79 -6.73 13.44 34.22
C GLY A 79 -5.96 12.40 35.02
N GLN A 80 -6.35 12.21 36.28
CA GLN A 80 -5.69 11.25 37.15
C GLN A 80 -4.20 11.51 37.22
N ALA A 81 -3.46 10.58 37.81
CA ALA A 81 -2.02 10.71 37.94
C ALA A 81 -1.37 11.06 36.60
N GLU A 82 -1.25 10.06 35.73
CA GLU A 82 -0.64 10.26 34.42
C GLU A 82 -1.58 9.79 33.31
N GLY A 83 -1.05 9.71 32.09
CA GLY A 83 -1.86 9.27 30.96
C GLY A 83 -1.42 7.93 30.42
N ARG A 84 -1.52 7.76 29.10
CA ARG A 84 -1.12 6.51 28.47
C ARG A 84 -2.08 5.38 28.84
N ASP A 85 -1.97 4.90 30.07
CA ASP A 85 -2.84 3.83 30.55
C ASP A 85 -3.86 4.35 31.55
N ALA A 86 -3.85 5.66 31.76
CA ALA A 86 -4.78 6.28 32.69
C ALA A 86 -5.19 7.68 32.21
N GLY A 87 -5.03 7.92 30.92
CA GLY A 87 -5.39 9.21 30.35
C GLY A 87 -5.69 9.13 28.86
N SER A 88 -4.91 8.32 28.14
CA SER A 88 -5.08 8.17 26.71
C SER A 88 -5.38 6.72 26.36
N ALA A 89 -6.19 6.07 27.18
CA ALA A 89 -6.55 4.67 26.97
C ALA A 89 -7.60 4.21 27.99
N PRO A 90 -8.87 4.53 27.72
CA PRO A 90 -9.98 4.16 28.60
C PRO A 90 -10.25 2.66 28.59
N SER A 91 -9.49 1.91 29.39
CA SER A 91 -9.65 0.46 29.47
C SER A 91 -9.29 -0.19 28.14
N GLY A 92 -9.69 -1.45 27.98
CA GLY A 92 -9.41 -2.18 26.75
C GLY A 92 -9.95 -1.47 25.53
N GLY A 93 -10.89 -0.54 25.75
CA GLY A 93 -11.47 0.19 24.64
C GLY A 93 -10.44 0.99 23.86
N ASP A 94 -9.27 1.18 24.45
CA ASP A 94 -8.20 1.93 23.80
C ASP A 94 -7.93 1.39 22.40
N PRO A 95 -7.71 2.30 21.45
CA PRO A 95 -7.43 1.94 20.05
C PRO A 95 -6.07 1.29 19.88
N ALA A 96 -5.42 0.96 21.00
CA ALA A 96 -4.12 0.33 20.97
C ALA A 96 -4.08 -0.81 19.95
N PHE A 97 -5.17 -1.56 19.86
CA PHE A 97 -5.25 -2.67 18.93
C PHE A 97 -6.70 -2.92 18.51
N LEU A 98 -7.02 -2.58 17.27
CA LEU A 98 -8.37 -2.77 16.74
C LEU A 98 -8.33 -3.39 15.35
N GLY A 99 -7.37 -2.96 14.54
CA GLY A 99 -7.25 -3.49 13.20
C GLY A 99 -6.09 -4.47 13.06
N MET A 100 -6.23 -5.43 12.16
CA MET A 100 -5.20 -6.44 11.94
C MET A 100 -4.03 -5.83 11.17
N ALA A 101 -4.33 -4.98 10.20
CA ALA A 101 -3.29 -4.34 9.39
C ALA A 101 -2.24 -3.70 10.28
N VAL A 102 -2.67 -2.78 11.13
CA VAL A 102 -1.77 -2.08 12.04
C VAL A 102 -0.99 -3.07 12.91
N SER A 103 -1.63 -4.18 13.25
CA SER A 103 -1.02 -5.20 14.08
C SER A 103 0.17 -5.84 13.37
N THR A 104 0.11 -5.86 12.04
CA THR A 104 1.19 -6.43 11.23
C THR A 104 2.36 -5.48 11.11
N LEU A 105 2.09 -4.28 10.61
CA LEU A 105 3.13 -3.26 10.44
C LEU A 105 3.79 -2.93 11.77
N CYS A 106 2.97 -2.82 12.82
CA CYS A 106 3.49 -2.51 14.15
C CYS A 106 3.93 -3.77 14.88
N GLY A 107 3.91 -4.90 14.16
CA GLY A 107 4.31 -6.16 14.75
C GLY A 107 3.70 -6.38 16.12
N GLU A 108 2.49 -5.84 16.31
CA GLU A 108 1.80 -5.99 17.59
C GLU A 108 2.62 -5.40 18.73
N VAL A 109 3.24 -4.25 18.47
CA VAL A 109 4.05 -3.57 19.48
C VAL A 109 3.21 -2.59 20.30
N PRO A 110 3.67 -2.31 21.53
CA PRO A 110 2.98 -1.38 22.43
C PRO A 110 3.07 0.06 21.96
N LEU A 111 2.02 0.53 21.29
CA LEU A 111 1.97 1.89 20.78
C LEU A 111 1.27 2.81 21.77
N TYR A 112 1.63 4.10 21.73
CA TYR A 112 1.04 5.08 22.63
C TYR A 112 0.52 6.29 21.84
N TYR A 113 -0.65 6.78 22.23
CA TYR A 113 -1.25 7.94 21.57
C TYR A 113 -0.28 9.10 21.52
N ILE A 114 -0.22 9.77 20.37
CA ILE A 114 0.68 10.91 20.19
C ILE A 114 -0.10 12.22 20.18
N GLY B 1 -2.62 -9.67 -15.35
CA GLY B 1 -3.77 -10.53 -15.20
C GLY B 1 -5.04 -9.91 -15.77
N SER B 2 -6.19 -10.33 -15.24
CA SER B 2 -7.47 -9.82 -15.71
C SER B 2 -8.62 -10.38 -14.86
N GLU B 3 -9.03 -9.61 -13.87
CA GLU B 3 -10.12 -10.02 -12.98
C GLU B 3 -10.45 -8.92 -11.97
N HIS B 4 -11.35 -9.23 -11.04
CA HIS B 4 -11.75 -8.27 -10.02
C HIS B 4 -11.69 -8.90 -8.63
N LEU B 5 -10.48 -9.19 -8.17
CA LEU B 5 -10.29 -9.80 -6.86
C LEU B 5 -8.91 -9.46 -6.30
N VAL B 6 -8.86 -8.42 -5.47
CA VAL B 6 -7.61 -7.98 -4.85
C VAL B 6 -7.73 -7.93 -3.34
N THR B 7 -8.40 -6.90 -2.84
CA THR B 7 -8.59 -6.72 -1.41
C THR B 7 -7.35 -7.18 -0.63
N THR B 8 -6.33 -6.33 -0.60
CA THR B 8 -5.09 -6.65 0.10
C THR B 8 -4.36 -5.38 0.51
N ALA B 9 -3.35 -5.53 1.36
CA ALA B 9 -2.56 -4.40 1.82
C ALA B 9 -1.12 -4.51 1.35
N THR B 10 -0.45 -3.36 1.22
CA THR B 10 0.93 -3.31 0.78
C THR B 10 1.82 -2.64 1.81
N PHE B 11 2.81 -3.37 2.30
CA PHE B 11 3.74 -2.85 3.30
C PHE B 11 5.18 -2.96 2.81
N SER B 12 5.94 -1.89 3.02
CA SER B 12 7.34 -1.87 2.59
C SER B 12 8.23 -2.56 3.62
N ILE B 13 9.41 -2.99 3.18
CA ILE B 13 10.36 -3.67 4.06
C ILE B 13 11.67 -2.90 4.15
N GLY B 14 12.20 -2.78 5.36
CA GLY B 14 13.46 -2.08 5.54
C GLY B 14 13.32 -0.58 5.33
N SER B 15 13.40 -0.15 4.08
CA SER B 15 13.28 1.26 3.75
C SER B 15 13.38 1.47 2.24
N THR B 16 12.83 0.54 1.48
CA THR B 16 12.85 0.61 0.02
C THR B 16 12.13 -0.58 -0.60
N GLY B 17 12.21 -1.73 0.05
CA GLY B 17 11.55 -2.92 -0.47
C GLY B 17 10.05 -2.86 -0.31
N LEU B 18 9.34 -3.64 -1.11
CA LEU B 18 7.89 -3.69 -1.06
C LEU B 18 7.37 -5.13 -1.00
N VAL B 19 6.43 -5.38 -0.10
CA VAL B 19 5.86 -6.70 0.06
C VAL B 19 4.42 -6.63 0.54
N VAL B 20 3.50 -7.20 -0.23
CA VAL B 20 2.09 -7.20 0.13
C VAL B 20 1.68 -8.52 0.79
N TYR B 21 0.70 -8.45 1.67
CA TYR B 21 0.22 -9.65 2.37
C TYR B 21 -1.24 -9.92 2.04
N ASP B 22 -1.48 -10.88 1.15
CA ASP B 22 -2.83 -11.24 0.76
C ASP B 22 -3.63 -11.75 1.95
N TYR B 23 -4.35 -10.85 2.61
CA TYR B 23 -5.16 -11.20 3.77
C TYR B 23 -6.45 -11.89 3.34
N GLN B 24 -6.32 -13.02 2.63
CA GLN B 24 -7.48 -13.76 2.17
C GLN B 24 -7.06 -15.11 1.58
N GLN B 25 -5.94 -15.10 0.85
CA GLN B 25 -5.44 -16.32 0.23
C GLN B 25 -4.10 -16.73 0.85
N LEU B 26 -3.67 -15.97 1.84
CA LEU B 26 -2.40 -16.26 2.52
C LEU B 26 -1.24 -16.20 1.54
N LEU B 27 -1.35 -15.32 0.55
CA LEU B 27 -0.30 -15.17 -0.46
C LEU B 27 0.56 -13.94 -0.17
N ILE B 28 1.80 -13.96 -0.66
CA ILE B 28 2.72 -12.85 -0.46
C ILE B 28 3.42 -12.47 -1.75
N ALA B 29 3.72 -11.19 -1.91
CA ALA B 29 4.40 -10.70 -3.11
C ALA B 29 5.78 -10.16 -2.77
N TYR B 30 6.81 -10.76 -3.36
CA TYR B 30 8.19 -10.34 -3.13
C TYR B 30 8.97 -10.28 -4.43
N LYS B 31 9.58 -9.13 -4.68
CA LYS B 31 10.37 -8.92 -5.89
C LYS B 31 11.33 -7.76 -5.74
N PRO B 32 12.49 -7.85 -6.41
CA PRO B 32 13.52 -6.81 -6.37
C PRO B 32 13.09 -5.53 -7.08
N ALA B 33 13.33 -5.47 -8.39
CA ALA B 33 12.96 -4.31 -9.18
C ALA B 33 11.55 -4.46 -9.75
N PRO B 34 10.96 -3.32 -10.13
CA PRO B 34 9.60 -3.30 -10.71
C PRO B 34 9.54 -3.92 -12.09
N GLY B 35 8.74 -4.99 -12.22
CA GLY B 35 8.62 -5.66 -13.50
C GLY B 35 9.67 -6.74 -13.70
N THR B 36 10.13 -7.31 -12.59
CA THR B 36 11.14 -8.36 -12.65
C THR B 36 10.65 -9.64 -11.96
N CYS B 37 11.55 -10.60 -11.80
CA CYS B 37 11.22 -11.87 -11.17
C CYS B 37 10.48 -11.63 -9.85
N CYS B 38 9.52 -12.50 -9.56
CA CYS B 38 8.73 -12.39 -8.33
C CYS B 38 8.73 -13.71 -7.56
N TYR B 39 8.31 -13.65 -6.31
CA TYR B 39 8.26 -14.84 -5.47
C TYR B 39 7.04 -14.82 -4.55
N ILE B 40 6.39 -15.96 -4.41
CA ILE B 40 5.21 -16.06 -3.56
C ILE B 40 5.47 -17.01 -2.38
N MET B 41 4.99 -16.61 -1.20
CA MET B 41 5.16 -17.41 -0.01
C MET B 41 3.83 -17.64 0.71
N LYS B 42 3.74 -18.73 1.46
CA LYS B 42 2.52 -19.06 2.18
C LYS B 42 2.62 -18.62 3.64
N ILE B 43 1.58 -17.96 4.13
CA ILE B 43 1.55 -17.49 5.51
C ILE B 43 0.44 -18.17 6.29
N ALA B 44 0.38 -17.90 7.59
CA ALA B 44 -0.64 -18.48 8.46
C ALA B 44 -1.52 -17.39 9.07
N PRO B 45 -2.79 -17.74 9.32
CA PRO B 45 -3.76 -16.81 9.91
C PRO B 45 -3.45 -16.49 11.37
N GLU B 46 -2.93 -17.48 12.09
CA GLU B 46 -2.59 -17.30 13.50
C GLU B 46 -1.17 -16.77 13.65
N SER B 47 -0.33 -17.05 12.65
CA SER B 47 1.06 -16.61 12.67
C SER B 47 1.40 -15.83 11.41
N ILE B 48 0.90 -14.60 11.33
CA ILE B 48 1.15 -13.75 10.17
C ILE B 48 2.55 -13.14 10.24
N PRO B 49 3.37 -13.42 9.22
CA PRO B 49 4.74 -12.91 9.14
C PRO B 49 4.78 -11.41 8.87
N SER B 50 4.50 -10.62 9.90
CA SER B 50 4.50 -9.17 9.77
C SER B 50 5.83 -8.68 9.21
N LEU B 51 5.92 -7.36 9.01
CA LEU B 51 7.14 -6.76 8.47
C LEU B 51 8.37 -7.29 9.20
N GLU B 52 8.21 -7.59 10.49
CA GLU B 52 9.30 -8.11 11.28
C GLU B 52 9.83 -9.42 10.72
N ALA B 53 8.90 -10.33 10.40
CA ALA B 53 9.27 -11.62 9.85
C ALA B 53 9.83 -11.48 8.44
N LEU B 54 9.12 -10.76 7.59
CA LEU B 54 9.55 -10.54 6.21
C LEU B 54 10.98 -10.00 6.17
N THR B 55 11.20 -8.89 6.87
CA THR B 55 12.52 -8.27 6.92
C THR B 55 13.57 -9.21 7.52
N ARG B 56 13.11 -10.09 8.41
CA ARG B 56 14.01 -11.05 9.05
C ARG B 56 14.56 -12.04 8.03
N LYS B 57 13.68 -12.67 7.27
CA LYS B 57 14.08 -13.64 6.27
C LYS B 57 14.64 -12.94 5.03
N VAL B 58 14.14 -11.75 4.76
CA VAL B 58 14.59 -10.97 3.61
C VAL B 58 16.02 -10.47 3.81
N HIS B 59 16.37 -10.18 5.06
CA HIS B 59 17.71 -9.70 5.39
C HIS B 59 18.76 -10.71 4.97
N ASN B 60 18.44 -11.99 5.11
CA ASN B 60 19.37 -13.06 4.75
C ASN B 60 19.59 -13.10 3.24
N PHE B 61 18.63 -12.56 2.48
CA PHE B 61 18.73 -12.53 1.03
C PHE B 61 18.92 -13.94 0.47
N GLN B 62 17.91 -14.78 0.67
CA GLN B 62 17.96 -16.16 0.18
C GLN B 62 17.24 -16.28 -1.15
N MET B 63 17.25 -15.21 -1.93
CA MET B 63 16.60 -15.21 -3.24
C MET B 63 17.46 -14.48 -4.26
N GLU B 64 17.36 -13.15 -4.29
CA GLU B 64 18.13 -12.34 -5.22
C GLU B 64 18.00 -12.88 -6.65
N CYS B 65 16.77 -13.16 -7.06
CA CYS B 65 16.52 -13.69 -8.39
C CYS B 65 17.40 -14.90 -8.68
N SER B 66 17.73 -15.65 -7.63
CA SER B 66 18.58 -16.83 -7.77
C SER B 66 17.91 -18.06 -7.18
N LEU B 67 17.11 -17.85 -6.14
CA LEU B 67 16.40 -18.94 -5.49
C LEU B 67 17.38 -19.86 -4.76
N GLN B 68 17.65 -19.55 -3.50
CA GLN B 68 18.56 -20.36 -2.69
C GLN B 68 18.19 -21.84 -2.76
N ALA B 69 16.90 -22.12 -2.88
CA ALA B 69 16.42 -23.48 -2.96
C ALA B 69 16.34 -23.95 -4.41
N LYS B 70 17.36 -24.71 -4.84
CA LYS B 70 17.41 -25.22 -6.21
C LYS B 70 16.05 -25.80 -6.62
N PRO B 71 15.62 -26.84 -5.89
CA PRO B 71 14.34 -27.51 -6.16
C PRO B 71 13.14 -26.63 -5.81
N ALA B 72 13.41 -25.47 -5.22
CA ALA B 72 12.36 -24.54 -4.84
C ALA B 72 11.66 -25.00 -3.57
N VAL B 73 11.91 -26.25 -3.18
CA VAL B 73 11.31 -26.81 -1.98
C VAL B 73 12.37 -27.26 -0.98
N PRO B 74 12.83 -26.31 -0.15
CA PRO B 74 13.85 -26.59 0.86
C PRO B 74 13.33 -27.47 1.99
N THR B 75 13.41 -28.79 1.80
CA THR B 75 12.94 -29.74 2.80
C THR B 75 11.52 -29.41 3.24
N SER B 76 10.59 -29.46 2.31
CA SER B 76 9.18 -29.17 2.59
C SER B 76 8.26 -30.06 1.77
N LYS B 77 8.20 -31.33 2.13
CA LYS B 77 7.36 -32.28 1.42
C LYS B 77 7.63 -32.26 -0.08
N LEU B 78 8.76 -32.84 -0.47
CA LEU B 78 9.15 -32.88 -1.88
C LEU B 78 9.32 -34.33 -2.35
N GLY B 79 9.83 -34.49 -3.56
CA GLY B 79 10.03 -35.81 -4.12
C GLY B 79 10.29 -35.79 -5.61
N GLN B 80 10.10 -36.94 -6.26
CA GLN B 80 10.32 -37.05 -7.70
C GLN B 80 11.69 -36.52 -8.08
N ALA B 81 11.92 -36.36 -9.38
CA ALA B 81 13.19 -35.86 -9.88
C ALA B 81 13.60 -34.57 -9.16
N GLU B 82 12.95 -33.47 -9.53
CA GLU B 82 13.25 -32.18 -8.93
C GLU B 82 11.98 -31.55 -8.36
N GLY B 83 12.08 -30.27 -7.98
CA GLY B 83 10.94 -29.56 -7.42
C GLY B 83 10.42 -28.49 -8.36
N ARG B 84 9.93 -27.39 -7.78
CA ARG B 84 9.39 -26.29 -8.57
C ARG B 84 8.09 -26.70 -9.24
N ASP B 85 8.20 -27.51 -10.29
CA ASP B 85 7.03 -27.98 -11.03
C ASP B 85 6.74 -29.43 -10.73
N ALA B 86 7.52 -30.02 -9.83
CA ALA B 86 7.35 -31.41 -9.45
C ALA B 86 7.67 -31.63 -7.97
N GLY B 87 7.63 -30.55 -7.20
CA GLY B 87 7.93 -30.64 -5.79
C GLY B 87 7.29 -29.52 -4.98
N SER B 88 7.30 -28.32 -5.55
CA SER B 88 6.72 -27.16 -4.88
C SER B 88 5.60 -26.56 -5.71
N ALA B 89 4.79 -27.42 -6.31
CA ALA B 89 3.67 -26.98 -7.13
C ALA B 89 2.83 -28.16 -7.62
N PRO B 90 1.91 -28.62 -6.75
CA PRO B 90 1.03 -29.75 -7.05
C PRO B 90 0.00 -29.41 -8.12
N SER B 91 0.39 -29.51 -9.39
CA SER B 91 -0.49 -29.20 -10.50
C SER B 91 -0.88 -27.72 -10.49
N GLY B 92 -1.92 -27.39 -11.26
CA GLY B 92 -2.38 -26.01 -11.32
C GLY B 92 -2.75 -25.46 -9.96
N GLY B 93 -2.95 -26.35 -8.99
CA GLY B 93 -3.30 -25.92 -7.66
C GLY B 93 -2.24 -25.04 -7.02
N ASP B 94 -1.05 -25.06 -7.60
CA ASP B 94 0.06 -24.25 -7.09
C ASP B 94 -0.36 -22.80 -6.93
N PRO B 95 0.07 -22.17 -5.83
CA PRO B 95 -0.25 -20.78 -5.52
C PRO B 95 0.47 -19.81 -6.45
N ALA B 96 1.09 -20.35 -7.50
CA ALA B 96 1.81 -19.53 -8.47
C ALA B 96 0.99 -18.31 -8.88
N PHE B 97 -0.33 -18.50 -9.00
CA PHE B 97 -1.21 -17.41 -9.38
C PHE B 97 -2.62 -17.65 -8.83
N LEU B 98 -2.99 -16.86 -7.83
CA LEU B 98 -4.31 -16.98 -7.21
C LEU B 98 -4.97 -15.61 -7.06
N GLY B 99 -4.17 -14.62 -6.66
CA GLY B 99 -4.69 -13.28 -6.49
C GLY B 99 -4.30 -12.35 -7.62
N MET B 100 -5.14 -11.35 -7.88
CA MET B 100 -4.89 -10.39 -8.96
C MET B 100 -3.80 -9.41 -8.55
N ALA B 101 -3.81 -9.02 -7.28
CA ALA B 101 -2.81 -8.08 -6.77
C ALA B 101 -1.39 -8.54 -7.11
N VAL B 102 -1.05 -9.74 -6.68
CA VAL B 102 0.27 -10.31 -6.93
C VAL B 102 0.56 -10.35 -8.43
N SER B 103 -0.48 -10.55 -9.23
CA SER B 103 -0.32 -10.62 -10.68
C SER B 103 0.15 -9.28 -11.24
N THR B 104 -0.21 -8.19 -10.55
CA THR B 104 0.18 -6.86 -10.98
C THR B 104 1.62 -6.56 -10.59
N LEU B 105 1.93 -6.70 -9.30
CA LEU B 105 3.26 -6.44 -8.79
C LEU B 105 4.27 -7.40 -9.42
N CYS B 106 3.88 -8.66 -9.57
CA CYS B 106 4.75 -9.67 -10.15
C CYS B 106 4.63 -9.68 -11.67
N GLY B 107 3.92 -8.69 -12.21
CA GLY B 107 3.75 -8.61 -13.65
C GLY B 107 3.39 -9.94 -14.28
N GLU B 108 2.68 -10.77 -13.52
CA GLU B 108 2.27 -12.08 -14.01
C GLU B 108 3.48 -12.89 -14.47
N VAL B 109 4.55 -12.85 -13.67
CA VAL B 109 5.77 -13.57 -13.99
C VAL B 109 5.79 -14.94 -13.32
N PRO B 110 6.52 -15.88 -13.92
CA PRO B 110 6.65 -17.25 -13.40
C PRO B 110 7.44 -17.31 -12.11
N LEU B 111 6.76 -17.11 -10.97
CA LEU B 111 7.41 -17.15 -9.67
C LEU B 111 7.43 -18.55 -9.10
N TYR B 112 8.43 -18.86 -8.29
CA TYR B 112 8.55 -20.18 -7.68
C TYR B 112 8.71 -20.06 -6.17
N TYR B 113 8.22 -21.06 -5.45
CA TYR B 113 8.30 -21.08 -3.99
C TYR B 113 9.75 -20.90 -3.54
N ILE B 114 9.93 -20.17 -2.43
CA ILE B 114 11.25 -19.92 -1.88
C ILE B 114 11.43 -20.65 -0.56
N GLY C 1 -11.10 14.55 1.02
CA GLY C 1 -12.45 14.12 0.71
C GLY C 1 -13.28 13.86 1.97
N SER C 2 -14.29 13.01 1.83
CA SER C 2 -15.16 12.68 2.96
C SER C 2 -16.18 11.62 2.58
N GLU C 3 -15.84 10.36 2.86
CA GLU C 3 -16.73 9.24 2.54
C GLU C 3 -16.13 7.93 3.03
N HIS C 4 -16.80 6.83 2.67
CA HIS C 4 -16.33 5.50 3.08
C HIS C 4 -16.30 4.55 1.87
N LEU C 5 -15.37 4.81 0.95
CA LEU C 5 -15.24 3.99 -0.24
C LEU C 5 -13.81 4.03 -0.78
N VAL C 6 -13.01 3.03 -0.41
CA VAL C 6 -11.62 2.96 -0.85
C VAL C 6 -11.33 1.62 -1.51
N THR C 7 -11.18 0.58 -0.69
CA THR C 7 -10.89 -0.75 -1.19
C THR C 7 -9.98 -0.71 -2.41
N THR C 8 -8.69 -0.53 -2.17
CA THR C 8 -7.71 -0.46 -3.25
C THR C 8 -6.32 -0.84 -2.74
N ALA C 9 -5.39 -1.06 -3.68
CA ALA C 9 -4.02 -1.42 -3.34
C ALA C 9 -3.04 -0.32 -3.76
N THR C 10 -1.92 -0.24 -3.05
CA THR C 10 -0.90 0.77 -3.34
C THR C 10 0.43 0.11 -3.68
N PHE C 11 0.94 0.41 -4.87
CA PHE C 11 2.22 -0.15 -5.31
C PHE C 11 3.19 0.96 -5.70
N SER C 12 4.45 0.83 -5.28
CA SER C 12 5.47 1.81 -5.59
C SER C 12 6.05 1.59 -6.99
N ILE C 13 6.65 2.63 -7.55
CA ILE C 13 7.25 2.55 -8.87
C ILE C 13 8.74 2.85 -8.83
N GLY C 14 9.52 2.06 -9.55
CA GLY C 14 10.95 2.28 -9.57
C GLY C 14 11.62 1.92 -8.26
N SER C 15 11.60 2.87 -7.32
CA SER C 15 12.22 2.66 -6.01
C SER C 15 12.03 3.88 -5.13
N THR C 16 10.89 4.54 -5.27
CA THR C 16 10.60 5.73 -4.47
C THR C 16 9.21 6.28 -4.81
N GLY C 17 8.80 6.14 -6.06
CA GLY C 17 7.50 6.62 -6.49
C GLY C 17 6.37 5.77 -5.95
N LEU C 18 5.17 6.36 -5.88
CA LEU C 18 4.01 5.65 -5.38
C LEU C 18 2.82 5.79 -6.33
N VAL C 19 2.16 4.68 -6.61
CA VAL C 19 1.00 4.69 -7.50
C VAL C 19 0.01 3.59 -7.14
N VAL C 20 -1.22 3.98 -6.86
CA VAL C 20 -2.26 3.02 -6.50
C VAL C 20 -3.15 2.70 -7.70
N TYR C 21 -3.68 1.49 -7.71
CA TYR C 21 -4.56 1.05 -8.80
C TYR C 21 -5.96 0.72 -8.28
N ASP C 22 -6.89 1.65 -8.49
CA ASP C 22 -8.27 1.46 -8.04
C ASP C 22 -8.89 0.27 -8.75
N TYR C 23 -8.84 -0.89 -8.10
CA TYR C 23 -9.40 -2.11 -8.66
C TYR C 23 -10.92 -2.14 -8.49
N GLN C 24 -11.59 -1.14 -9.06
CA GLN C 24 -13.04 -1.05 -8.97
C GLN C 24 -13.57 0.04 -9.88
N GLN C 25 -12.85 1.15 -9.95
CA GLN C 25 -13.26 2.28 -10.79
C GLN C 25 -12.25 2.51 -11.91
N LEU C 26 -11.24 1.65 -11.98
CA LEU C 26 -10.21 1.76 -13.01
C LEU C 26 -9.49 3.10 -12.92
N LEU C 27 -9.34 3.60 -11.69
CA LEU C 27 -8.67 4.87 -11.46
C LEU C 27 -7.24 4.65 -10.98
N ILE C 28 -6.37 5.63 -11.24
CA ILE C 28 -4.98 5.55 -10.82
C ILE C 28 -4.52 6.83 -10.16
N ALA C 29 -3.61 6.72 -9.19
CA ALA C 29 -3.10 7.87 -8.49
C ALA C 29 -1.61 8.07 -8.77
N TYR C 30 -1.27 9.21 -9.33
CA TYR C 30 0.12 9.52 -9.65
C TYR C 30 0.48 10.95 -9.25
N LYS C 31 1.54 11.10 -8.46
CA LYS C 31 1.97 12.41 -8.01
C LYS C 31 3.43 12.36 -7.55
N PRO C 32 4.15 13.48 -7.72
CA PRO C 32 5.55 13.59 -7.32
C PRO C 32 5.73 13.60 -5.80
N ALA C 33 5.64 14.79 -5.21
CA ALA C 33 5.78 14.93 -3.77
C ALA C 33 4.44 14.80 -3.06
N PRO C 34 4.48 14.51 -1.75
CA PRO C 34 3.27 14.35 -0.95
C PRO C 34 2.54 15.67 -0.72
N GLY C 35 1.30 15.74 -1.19
CA GLY C 35 0.52 16.96 -1.04
C GLY C 35 0.72 17.93 -2.18
N THR C 36 1.06 17.39 -3.36
CA THR C 36 1.28 18.22 -4.54
C THR C 36 0.36 17.82 -5.68
N CYS C 37 0.60 18.38 -6.85
CA CYS C 37 -0.21 18.08 -8.04
C CYS C 37 -0.36 16.58 -8.21
N CYS C 38 -1.54 16.16 -8.66
CA CYS C 38 -1.81 14.74 -8.88
C CYS C 38 -2.35 14.50 -10.29
N TYR C 39 -2.36 13.25 -10.70
CA TYR C 39 -2.85 12.88 -12.03
C TYR C 39 -3.58 11.55 -11.99
N ILE C 40 -4.71 11.47 -12.70
CA ILE C 40 -5.51 10.26 -12.76
C ILE C 40 -5.53 9.68 -14.16
N MET C 41 -5.40 8.35 -14.25
CA MET C 41 -5.42 7.67 -15.55
C MET C 41 -6.44 6.54 -15.56
N LYS C 42 -6.93 6.20 -16.73
CA LYS C 42 -7.90 5.13 -16.88
C LYS C 42 -7.23 3.83 -17.32
N ILE C 43 -7.55 2.73 -16.64
CA ILE C 43 -6.98 1.44 -16.95
C ILE C 43 -8.05 0.47 -17.46
N ALA C 44 -7.63 -0.72 -17.86
CA ALA C 44 -8.55 -1.73 -18.36
C ALA C 44 -8.53 -2.97 -17.47
N PRO C 45 -9.68 -3.66 -17.38
CA PRO C 45 -9.82 -4.87 -16.58
C PRO C 45 -9.05 -6.05 -17.16
N GLU C 46 -9.01 -6.12 -18.48
CA GLU C 46 -8.31 -7.20 -19.17
C GLU C 46 -6.84 -6.85 -19.38
N SER C 47 -6.56 -5.55 -19.42
CA SER C 47 -5.18 -5.08 -19.62
C SER C 47 -4.78 -4.10 -18.52
N ILE C 48 -4.55 -4.63 -17.32
CA ILE C 48 -4.15 -3.81 -16.18
C ILE C 48 -2.68 -3.42 -16.27
N PRO C 49 -2.41 -2.12 -16.33
CA PRO C 49 -1.05 -1.58 -16.41
C PRO C 49 -0.28 -1.78 -15.12
N SER C 50 0.22 -2.99 -14.91
CA SER C 50 0.97 -3.32 -13.71
C SER C 50 2.15 -2.37 -13.54
N LEU C 51 2.91 -2.54 -12.45
CA LEU C 51 4.06 -1.69 -12.18
C LEU C 51 4.93 -1.53 -13.42
N GLU C 52 4.97 -2.57 -14.25
CA GLU C 52 5.76 -2.54 -15.47
C GLU C 52 5.27 -1.43 -16.40
N ALA C 53 3.97 -1.37 -16.62
CA ALA C 53 3.37 -0.36 -17.47
C ALA C 53 3.55 1.03 -16.90
N LEU C 54 3.21 1.19 -15.63
CA LEU C 54 3.33 2.47 -14.95
C LEU C 54 4.77 3.01 -15.06
N THR C 55 5.72 2.19 -14.63
CA THR C 55 7.13 2.58 -14.68
C THR C 55 7.58 2.83 -16.10
N ARG C 56 6.96 2.14 -17.06
CA ARG C 56 7.30 2.29 -18.46
C ARG C 56 6.97 3.69 -18.95
N LYS C 57 5.73 4.11 -18.74
CA LYS C 57 5.27 5.43 -19.16
C LYS C 57 5.80 6.51 -18.23
N VAL C 58 5.99 6.15 -16.96
CA VAL C 58 6.50 7.09 -15.97
C VAL C 58 7.97 7.41 -16.22
N HIS C 59 8.70 6.43 -16.74
CA HIS C 59 10.13 6.60 -17.02
C HIS C 59 10.34 7.75 -17.99
N ASN C 60 9.44 7.88 -18.97
CA ASN C 60 9.54 8.94 -19.96
C ASN C 60 9.32 10.31 -19.32
N PHE C 61 8.64 10.33 -18.18
CA PHE C 61 8.37 11.57 -17.47
C PHE C 61 7.60 12.54 -18.36
N GLN C 62 6.38 12.16 -18.73
CA GLN C 62 5.55 13.01 -19.58
C GLN C 62 4.59 13.84 -18.74
N MET C 63 5.00 14.16 -17.52
CA MET C 63 4.17 14.96 -16.62
C MET C 63 5.01 15.99 -15.87
N GLU C 64 5.65 15.55 -14.79
CA GLU C 64 6.48 16.43 -13.99
C GLU C 64 5.74 17.74 -13.66
N CYS C 65 4.50 17.60 -13.21
CA CYS C 65 3.69 18.76 -12.87
C CYS C 65 3.68 19.77 -14.01
N SER C 66 3.78 19.28 -15.23
CA SER C 66 3.79 20.14 -16.41
C SER C 66 2.70 19.71 -17.41
N LEU C 67 2.43 18.41 -17.45
CA LEU C 67 1.41 17.88 -18.35
C LEU C 67 1.86 18.00 -19.80
N GLN C 68 2.55 16.97 -20.29
CA GLN C 68 3.04 16.96 -21.66
C GLN C 68 1.91 17.30 -22.63
N ALA C 69 0.70 16.89 -22.30
CA ALA C 69 -0.46 17.16 -23.14
C ALA C 69 -1.13 18.47 -22.76
N LYS C 70 -0.84 19.53 -23.52
CA LYS C 70 -1.41 20.84 -23.26
C LYS C 70 -2.91 20.74 -22.99
N PRO C 71 -3.65 20.25 -23.99
CA PRO C 71 -5.11 20.09 -23.88
C PRO C 71 -5.50 18.97 -22.92
N ALA C 72 -4.50 18.26 -22.40
CA ALA C 72 -4.74 17.18 -21.47
C ALA C 72 -5.25 15.92 -22.19
N VAL C 73 -5.65 16.10 -23.44
CA VAL C 73 -6.15 14.98 -24.24
C VAL C 73 -5.32 14.79 -25.49
N PRO C 74 -4.22 14.02 -25.37
CA PRO C 74 -3.32 13.73 -26.48
C PRO C 74 -3.95 12.82 -27.52
N THR C 75 -4.66 13.42 -28.47
CA THR C 75 -5.32 12.66 -29.53
C THR C 75 -6.18 11.53 -28.95
N SER C 76 -7.17 11.90 -28.15
CA SER C 76 -8.06 10.92 -27.53
C SER C 76 -9.48 11.46 -27.44
N LYS C 77 -10.16 11.52 -28.59
CA LYS C 77 -11.52 12.00 -28.64
C LYS C 77 -11.64 13.38 -28.00
N LEU C 78 -11.16 14.40 -28.69
CA LEU C 78 -11.21 15.77 -28.17
C LEU C 78 -11.96 16.68 -29.13
N GLY C 79 -11.93 17.97 -28.85
CA GLY C 79 -12.63 18.94 -29.70
C GLY C 79 -12.77 20.30 -29.04
N GLN C 80 -13.70 21.10 -29.54
CA GLN C 80 -13.93 22.43 -28.99
C GLN C 80 -12.63 23.22 -28.92
N ALA C 81 -12.68 24.36 -28.23
CA ALA C 81 -11.50 25.21 -28.08
C ALA C 81 -10.30 24.40 -27.60
N GLU C 82 -10.30 24.06 -26.32
CA GLU C 82 -9.21 23.29 -25.73
C GLU C 82 -9.74 22.05 -25.02
N GLY C 83 -8.87 21.39 -24.27
CA GLY C 83 -9.26 20.19 -23.55
C GLY C 83 -9.32 20.41 -22.04
N ARG C 84 -8.97 19.37 -21.29
CA ARG C 84 -8.98 19.44 -19.83
C ARG C 84 -10.40 19.54 -19.30
N ASP C 85 -11.02 20.71 -19.47
CA ASP C 85 -12.38 20.93 -19.00
C ASP C 85 -13.35 21.00 -20.19
N ALA C 86 -12.82 20.77 -21.39
CA ALA C 86 -13.64 20.81 -22.59
C ALA C 86 -13.15 19.79 -23.62
N GLY C 87 -12.40 18.80 -23.15
CA GLY C 87 -11.88 17.77 -24.04
C GLY C 87 -11.57 16.47 -23.31
N SER C 88 -11.05 16.58 -22.09
CA SER C 88 -10.72 15.41 -21.31
C SER C 88 -11.48 15.40 -19.99
N ALA C 89 -12.75 15.80 -20.05
CA ALA C 89 -13.60 15.84 -18.87
C ALA C 89 -15.02 16.22 -19.23
N PRO C 90 -15.81 15.22 -19.67
CA PRO C 90 -17.22 15.42 -20.05
C PRO C 90 -18.11 15.73 -18.85
N SER C 91 -18.14 16.99 -18.45
CA SER C 91 -18.95 17.42 -17.32
C SER C 91 -18.46 16.77 -16.03
N GLY C 92 -19.29 16.82 -14.99
CA GLY C 92 -18.91 16.25 -13.71
C GLY C 92 -18.57 14.77 -13.82
N GLY C 93 -18.99 14.15 -14.92
CA GLY C 93 -18.72 12.74 -15.12
C GLY C 93 -17.23 12.44 -15.16
N ASP C 94 -16.43 13.48 -15.33
CA ASP C 94 -14.97 13.32 -15.38
C ASP C 94 -14.47 12.54 -14.17
N PRO C 95 -13.52 11.63 -14.40
CA PRO C 95 -12.93 10.82 -13.34
C PRO C 95 -12.06 11.63 -12.39
N ALA C 96 -12.11 12.95 -12.54
CA ALA C 96 -11.32 13.85 -11.69
C ALA C 96 -11.41 13.43 -10.22
N PHE C 97 -12.59 13.00 -9.81
CA PHE C 97 -12.80 12.57 -8.43
C PHE C 97 -13.93 11.53 -8.35
N LEU C 98 -13.55 10.28 -8.08
CA LEU C 98 -14.53 9.20 -7.98
C LEU C 98 -14.26 8.36 -6.73
N GLY C 99 -12.98 8.10 -6.47
CA GLY C 99 -12.62 7.31 -5.30
C GLY C 99 -12.08 8.15 -4.17
N MET C 100 -12.26 7.67 -2.94
CA MET C 100 -11.79 8.39 -1.77
C MET C 100 -10.27 8.26 -1.62
N ALA C 101 -9.75 7.08 -1.94
CA ALA C 101 -8.32 6.82 -1.85
C ALA C 101 -7.53 7.89 -2.58
N VAL C 102 -7.81 8.05 -3.88
CA VAL C 102 -7.13 9.04 -4.70
C VAL C 102 -7.27 10.43 -4.11
N SER C 103 -8.41 10.69 -3.47
CA SER C 103 -8.67 11.99 -2.87
C SER C 103 -7.69 12.28 -1.74
N THR C 104 -7.22 11.22 -1.10
CA THR C 104 -6.28 11.35 0.01
C THR C 104 -4.87 11.59 -0.51
N LEU C 105 -4.39 10.70 -1.38
CA LEU C 105 -3.06 10.82 -1.95
C LEU C 105 -2.93 12.09 -2.77
N CYS C 106 -3.98 12.42 -3.52
CA CYS C 106 -3.99 13.60 -4.37
C CYS C 106 -4.44 14.83 -3.58
N GLY C 107 -4.61 14.65 -2.27
CA GLY C 107 -5.05 15.74 -1.41
C GLY C 107 -6.21 16.51 -2.01
N GLU C 108 -7.06 15.81 -2.76
CA GLU C 108 -8.22 16.43 -3.39
C GLU C 108 -7.79 17.62 -4.26
N VAL C 109 -6.72 17.43 -5.01
CA VAL C 109 -6.21 18.47 -5.89
C VAL C 109 -6.79 18.35 -7.29
N PRO C 110 -6.85 19.47 -8.02
CA PRO C 110 -7.37 19.51 -9.39
C PRO C 110 -6.45 18.81 -10.38
N LEU C 111 -6.63 17.50 -10.52
CA LEU C 111 -5.80 16.72 -11.43
C LEU C 111 -6.43 16.67 -12.83
N TYR C 112 -5.59 16.55 -13.84
CA TYR C 112 -6.05 16.49 -15.22
C TYR C 112 -5.51 15.26 -15.94
N TYR C 113 -6.28 14.75 -16.88
CA TYR C 113 -5.87 13.57 -17.64
C TYR C 113 -4.51 13.78 -18.29
N ILE C 114 -3.71 12.73 -18.33
CA ILE C 114 -2.38 12.80 -18.92
C ILE C 114 -2.31 12.00 -20.22
N GLY A 1 -5.72 -11.41 16.23
CA GLY A 1 -6.97 -12.12 16.03
C GLY A 1 -7.49 -11.97 14.61
N SER A 2 -8.80 -11.73 14.48
CA SER A 2 -9.42 -11.58 13.17
C SER A 2 -10.64 -10.68 13.26
N GLU A 3 -10.89 -9.92 12.19
CA GLU A 3 -12.03 -9.01 12.15
C GLU A 3 -12.24 -8.46 10.74
N HIS A 4 -13.23 -7.59 10.59
CA HIS A 4 -13.53 -7.00 9.29
C HIS A 4 -12.89 -5.62 9.16
N LEU A 5 -11.69 -5.48 9.70
CA LEU A 5 -10.96 -4.21 9.65
C LEU A 5 -9.53 -4.42 9.18
N VAL A 6 -9.38 -5.05 8.01
CA VAL A 6 -8.06 -5.31 7.46
C VAL A 6 -7.92 -4.67 6.07
N THR A 7 -9.02 -4.63 5.33
CA THR A 7 -9.00 -4.04 3.99
C THR A 7 -8.75 -2.54 4.06
N THR A 8 -7.48 -2.16 3.94
CA THR A 8 -7.09 -0.76 3.98
C THR A 8 -5.93 -0.48 3.02
N ALA A 9 -5.63 0.80 2.83
CA ALA A 9 -4.55 1.20 1.94
C ALA A 9 -3.39 1.80 2.72
N THR A 10 -2.24 1.94 2.06
CA THR A 10 -1.06 2.49 2.70
C THR A 10 -0.37 3.50 1.79
N PHE A 11 -0.03 4.66 2.35
CA PHE A 11 0.64 5.71 1.59
C PHE A 11 1.92 6.15 2.28
N SER A 12 2.99 6.27 1.50
CA SER A 12 4.29 6.67 2.03
C SER A 12 4.31 8.18 2.31
N ILE A 13 4.85 8.55 3.47
CA ILE A 13 4.93 9.95 3.85
C ILE A 13 6.35 10.47 3.72
N GLY A 14 6.49 11.63 3.06
CA GLY A 14 7.81 12.22 2.88
C GLY A 14 8.70 11.38 1.96
N SER A 15 9.42 10.44 2.54
CA SER A 15 10.31 9.57 1.78
C SER A 15 11.01 8.58 2.69
N THR A 16 10.29 8.10 3.70
CA THR A 16 10.85 7.14 4.65
C THR A 16 9.82 6.08 5.02
N GLY A 17 8.85 6.46 5.84
CA GLY A 17 7.81 5.54 6.26
C GLY A 17 6.50 5.77 5.54
N LEU A 18 5.48 5.01 5.91
CA LEU A 18 4.15 5.13 5.30
C LEU A 18 3.05 4.96 6.34
N VAL A 19 1.86 5.44 6.01
CA VAL A 19 0.72 5.34 6.92
C VAL A 19 -0.48 4.71 6.21
N VAL A 20 -1.26 3.93 6.96
CA VAL A 20 -2.44 3.28 6.41
C VAL A 20 -3.72 3.93 6.93
N TYR A 21 -4.69 4.09 6.05
CA TYR A 21 -5.97 4.70 6.42
C TYR A 21 -7.09 3.68 6.35
N ASP A 22 -7.44 3.12 7.50
CA ASP A 22 -8.51 2.12 7.58
C ASP A 22 -9.86 2.74 7.21
N TYR A 23 -10.28 2.53 5.97
CA TYR A 23 -11.55 3.07 5.50
C TYR A 23 -12.73 2.29 6.07
N GLN A 24 -12.88 2.35 7.39
CA GLN A 24 -13.97 1.64 8.06
C GLN A 24 -14.05 2.03 9.53
N GLN A 25 -13.08 1.57 10.31
CA GLN A 25 -13.03 1.86 11.73
C GLN A 25 -12.39 3.22 11.99
N LEU A 26 -11.85 3.82 10.93
CA LEU A 26 -11.21 5.13 11.04
C LEU A 26 -9.99 5.06 11.95
N LEU A 27 -8.94 4.39 11.48
CA LEU A 27 -7.71 4.26 12.24
C LEU A 27 -6.49 4.44 11.35
N ILE A 28 -5.47 5.11 11.88
CA ILE A 28 -4.24 5.35 11.13
C ILE A 28 -3.06 4.59 11.73
N ALA A 29 -2.14 4.17 10.88
CA ALA A 29 -0.96 3.43 11.34
C ALA A 29 0.32 4.24 11.11
N TYR A 30 1.01 4.57 12.19
CA TYR A 30 2.24 5.34 12.11
C TYR A 30 3.31 4.75 13.02
N LYS A 31 4.50 4.56 12.47
CA LYS A 31 5.62 4.00 13.24
C LYS A 31 6.95 4.30 12.55
N PRO A 32 7.98 4.56 13.35
CA PRO A 32 9.33 4.86 12.84
C PRO A 32 9.99 3.63 12.22
N ALA A 33 10.66 2.84 13.05
CA ALA A 33 11.35 1.64 12.58
C ALA A 33 10.42 0.43 12.65
N PRO A 34 10.77 -0.62 11.90
CA PRO A 34 9.98 -1.86 11.85
C PRO A 34 10.08 -2.64 13.16
N GLY A 35 8.94 -2.85 13.80
CA GLY A 35 8.91 -3.59 15.04
C GLY A 35 9.18 -2.71 16.25
N THR A 36 8.82 -1.43 16.13
CA THR A 36 9.02 -0.49 17.22
C THR A 36 7.70 0.16 17.63
N CYS A 37 7.78 1.18 18.48
CA CYS A 37 6.60 1.88 18.96
C CYS A 37 5.70 2.27 17.79
N CYS A 38 4.40 2.29 18.04
CA CYS A 38 3.42 2.65 17.01
C CYS A 38 2.47 3.74 17.52
N TYR A 39 1.71 4.32 16.60
CA TYR A 39 0.77 5.38 16.94
C TYR A 39 -0.49 5.27 16.10
N ILE A 40 -1.64 5.45 16.74
CA ILE A 40 -2.93 5.38 16.06
C ILE A 40 -3.66 6.71 16.11
N MET A 41 -4.27 7.10 14.99
CA MET A 41 -5.00 8.35 14.91
C MET A 41 -6.42 8.12 14.40
N LYS A 42 -7.34 8.98 14.82
CA LYS A 42 -8.73 8.88 14.40
C LYS A 42 -9.03 9.83 13.24
N ILE A 43 -9.78 9.34 12.26
CA ILE A 43 -10.14 10.16 11.10
C ILE A 43 -11.66 10.23 10.95
N ALA A 44 -12.09 11.15 10.08
CA ALA A 44 -13.53 11.32 9.82
C ALA A 44 -13.86 11.01 8.38
N PRO A 45 -15.09 10.51 8.15
CA PRO A 45 -15.57 10.15 6.81
C PRO A 45 -15.81 11.38 5.94
N GLU A 46 -16.20 12.48 6.58
CA GLU A 46 -16.47 13.72 5.86
C GLU A 46 -15.20 14.54 5.70
N SER A 47 -14.25 14.33 6.61
CA SER A 47 -12.98 15.06 6.57
C SER A 47 -11.80 14.09 6.69
N ILE A 48 -11.52 13.38 5.61
CA ILE A 48 -10.42 12.43 5.59
C ILE A 48 -9.08 13.14 5.43
N PRO A 49 -8.24 13.06 6.48
CA PRO A 49 -6.92 13.69 6.48
C PRO A 49 -5.94 13.00 5.53
N SER A 50 -6.00 13.37 4.26
CA SER A 50 -5.12 12.79 3.26
C SER A 50 -3.67 12.82 3.72
N LEU A 51 -2.81 12.14 2.97
CA LEU A 51 -1.38 12.09 3.30
C LEU A 51 -0.84 13.49 3.58
N GLU A 52 -1.42 14.48 2.91
CA GLU A 52 -0.99 15.87 3.09
C GLU A 52 -1.07 16.28 4.55
N ALA A 53 -2.13 15.85 5.22
CA ALA A 53 -2.33 16.17 6.63
C ALA A 53 -1.36 15.38 7.52
N LEU A 54 -1.26 14.08 7.25
CA LEU A 54 -0.37 13.22 8.02
C LEU A 54 1.05 13.76 8.03
N THR A 55 1.60 14.01 6.84
CA THR A 55 2.95 14.54 6.72
C THR A 55 3.07 15.89 7.40
N ARG A 56 1.97 16.64 7.43
CA ARG A 56 1.96 17.97 8.06
C ARG A 56 2.29 17.87 9.54
N LYS A 57 1.53 17.04 10.26
CA LYS A 57 1.74 16.85 11.69
C LYS A 57 2.94 15.95 11.95
N VAL A 58 3.19 15.03 11.03
CA VAL A 58 4.31 14.10 11.16
C VAL A 58 5.65 14.82 10.98
N HIS A 59 5.63 15.86 10.16
CA HIS A 59 6.84 16.65 9.90
C HIS A 59 7.42 17.21 11.19
N ASN A 60 6.54 17.45 12.17
CA ASN A 60 6.97 17.99 13.46
C ASN A 60 7.85 16.99 14.20
N PHE A 61 7.70 15.72 13.88
CA PHE A 61 8.48 14.66 14.51
C PHE A 61 8.44 14.80 16.03
N GLN A 62 7.42 14.20 16.65
CA GLN A 62 7.26 14.26 18.09
C GLN A 62 6.97 12.87 18.65
N MET A 63 7.47 11.84 17.98
CA MET A 63 7.25 10.46 18.42
C MET A 63 8.47 9.94 19.17
N GLU A 64 9.28 9.13 18.48
CA GLU A 64 10.47 8.56 19.08
C GLU A 64 10.18 8.02 20.47
N CYS A 65 8.99 7.47 20.65
CA CYS A 65 8.58 6.92 21.94
C CYS A 65 8.83 7.92 23.06
N SER A 66 8.46 9.18 22.82
CA SER A 66 8.64 10.22 23.81
C SER A 66 7.37 11.07 23.95
N LEU A 67 6.72 11.32 22.83
CA LEU A 67 5.49 12.11 22.82
C LEU A 67 5.56 13.22 23.86
N GLN A 68 6.17 14.34 23.48
CA GLN A 68 6.30 15.48 24.39
C GLN A 68 5.06 16.37 24.33
N ALA A 69 4.34 16.44 25.44
CA ALA A 69 3.13 17.25 25.51
C ALA A 69 2.20 16.96 24.34
N LYS A 70 2.30 15.75 23.78
CA LYS A 70 1.47 15.35 22.66
C LYS A 70 0.07 14.97 23.13
N PRO A 71 -0.01 13.96 24.00
CA PRO A 71 -1.29 13.47 24.54
C PRO A 71 -1.93 14.48 25.49
N ALA A 72 -3.03 14.08 26.11
CA ALA A 72 -3.73 14.94 27.05
C ALA A 72 -2.78 15.50 28.11
N VAL A 73 -2.42 14.66 29.07
CA VAL A 73 -1.51 15.06 30.14
C VAL A 73 -0.12 15.37 29.59
N PRO A 74 0.30 16.64 29.73
CA PRO A 74 1.61 17.09 29.25
C PRO A 74 2.75 16.51 30.09
N THR A 75 3.10 17.21 31.16
CA THR A 75 4.18 16.78 32.04
C THR A 75 4.37 17.74 33.21
N SER A 76 3.26 18.32 33.67
CA SER A 76 3.30 19.26 34.78
C SER A 76 3.61 18.54 36.09
N LYS A 77 4.89 18.37 36.38
CA LYS A 77 5.32 17.70 37.60
C LYS A 77 4.61 16.35 37.76
N LEU A 78 4.36 15.68 36.65
CA LEU A 78 3.69 14.39 36.67
C LEU A 78 4.64 13.29 37.16
N GLY A 79 4.09 12.34 37.92
CA GLY A 79 4.90 11.26 38.44
C GLY A 79 4.05 10.09 38.92
N GLN A 80 3.62 10.14 40.16
CA GLN A 80 2.80 9.08 40.74
C GLN A 80 1.51 8.91 39.95
N ALA A 81 1.47 7.89 39.11
CA ALA A 81 0.29 7.61 38.30
C ALA A 81 0.00 8.75 37.33
N GLU A 82 0.58 8.67 36.14
CA GLU A 82 0.40 9.70 35.13
C GLU A 82 -0.64 9.26 34.10
N GLY A 83 -0.73 10.01 33.00
CA GLY A 83 -1.69 9.69 31.96
C GLY A 83 -1.05 9.03 30.76
N ARG A 84 -1.59 9.30 29.57
CA ARG A 84 -1.05 8.73 28.34
C ARG A 84 -1.29 7.22 28.29
N ASP A 85 -0.51 6.49 29.08
CA ASP A 85 -0.63 5.03 29.13
C ASP A 85 -1.49 4.60 30.31
N ALA A 86 -2.02 5.57 31.04
CA ALA A 86 -2.86 5.29 32.20
C ALA A 86 -4.16 6.09 32.14
N GLY A 87 -4.09 7.30 31.60
CA GLY A 87 -5.27 8.13 31.49
C GLY A 87 -5.85 8.15 30.09
N SER A 88 -4.98 8.10 29.09
CA SER A 88 -5.40 8.11 27.69
C SER A 88 -5.55 6.69 27.17
N ALA A 89 -6.18 5.83 27.96
CA ALA A 89 -6.38 4.44 27.56
C ALA A 89 -7.24 3.70 28.59
N PRO A 90 -8.57 3.87 28.48
CA PRO A 90 -9.52 3.23 29.39
C PRO A 90 -9.59 1.72 29.19
N SER A 91 -8.73 0.99 29.89
CA SER A 91 -8.70 -0.46 29.79
C SER A 91 -8.60 -0.90 28.33
N GLY A 92 -8.89 -2.18 28.08
CA GLY A 92 -8.82 -2.70 26.72
C GLY A 92 -9.64 -1.87 25.75
N GLY A 93 -10.60 -1.12 26.27
CA GLY A 93 -11.44 -0.29 25.42
C GLY A 93 -10.64 0.72 24.62
N ASP A 94 -9.40 0.96 25.04
CA ASP A 94 -8.53 1.92 24.35
C ASP A 94 -8.46 1.61 22.86
N PRO A 95 -8.39 2.66 22.05
CA PRO A 95 -8.30 2.52 20.59
C PRO A 95 -6.96 1.96 20.13
N ALA A 96 -6.45 0.99 20.88
CA ALA A 96 -5.18 0.37 20.54
C ALA A 96 -5.38 -1.03 19.96
N PHE A 97 -6.55 -1.60 20.21
CA PHE A 97 -6.87 -2.94 19.72
C PHE A 97 -8.26 -2.96 19.07
N LEU A 98 -8.35 -2.37 17.88
CA LEU A 98 -9.62 -2.32 17.16
C LEU A 98 -9.47 -2.91 15.76
N GLY A 99 -8.34 -2.63 15.12
CA GLY A 99 -8.09 -3.14 13.78
C GLY A 99 -6.94 -4.11 13.74
N MET A 100 -7.07 -5.15 12.93
CA MET A 100 -6.02 -6.16 12.80
C MET A 100 -4.86 -5.63 11.97
N ALA A 101 -5.18 -4.83 10.96
CA ALA A 101 -4.16 -4.26 10.09
C ALA A 101 -3.07 -3.57 10.90
N VAL A 102 -3.48 -2.60 11.72
CA VAL A 102 -2.54 -1.86 12.55
C VAL A 102 -1.73 -2.81 13.45
N SER A 103 -2.39 -3.85 13.93
CA SER A 103 -1.73 -4.82 14.80
C SER A 103 -0.59 -5.52 14.07
N THR A 104 -0.69 -5.58 12.75
CA THR A 104 0.33 -6.22 11.93
C THR A 104 1.53 -5.29 11.73
N LEU A 105 1.27 -4.11 11.21
CA LEU A 105 2.33 -3.13 10.96
C LEU A 105 3.01 -2.73 12.26
N CYS A 106 2.20 -2.38 13.25
CA CYS A 106 2.72 -1.97 14.55
C CYS A 106 3.37 -3.15 15.27
N GLY A 107 2.92 -4.35 14.95
CA GLY A 107 3.48 -5.55 15.57
C GLY A 107 2.93 -5.77 16.97
N GLU A 108 1.63 -5.54 17.14
CA GLU A 108 1.00 -5.72 18.45
C GLU A 108 1.76 -4.97 19.53
N VAL A 109 2.34 -3.82 19.16
CA VAL A 109 3.09 -3.01 20.09
C VAL A 109 2.21 -1.95 20.73
N PRO A 110 2.59 -1.51 21.94
CA PRO A 110 1.85 -0.49 22.68
C PRO A 110 1.94 0.90 22.03
N LEU A 111 0.85 1.34 21.44
CA LEU A 111 0.82 2.64 20.78
C LEU A 111 0.13 3.69 21.65
N TYR A 112 0.48 4.95 21.46
CA TYR A 112 -0.10 6.03 22.23
C TYR A 112 -0.65 7.13 21.32
N TYR A 113 -1.80 7.68 21.68
CA TYR A 113 -2.43 8.74 20.89
C TYR A 113 -1.46 9.90 20.68
N ILE A 114 -1.47 10.44 19.46
CA ILE A 114 -0.60 11.56 19.12
C ILE A 114 -1.40 12.84 18.94
N GLY B 1 -7.18 -12.59 -14.79
CA GLY B 1 -8.62 -12.74 -14.72
C GLY B 1 -9.24 -11.84 -13.67
N SER B 2 -10.18 -12.39 -12.91
CA SER B 2 -10.86 -11.63 -11.87
C SER B 2 -11.33 -12.55 -10.74
N GLU B 3 -11.34 -12.02 -9.52
CA GLU B 3 -11.78 -12.80 -8.36
C GLU B 3 -11.98 -11.90 -7.14
N HIS B 4 -12.33 -12.51 -6.02
CA HIS B 4 -12.55 -11.77 -4.78
C HIS B 4 -11.31 -11.81 -3.90
N LEU B 5 -10.14 -11.73 -4.52
CA LEU B 5 -8.87 -11.77 -3.80
C LEU B 5 -7.94 -10.65 -4.26
N VAL B 6 -8.43 -9.41 -4.23
CA VAL B 6 -7.65 -8.26 -4.65
C VAL B 6 -7.51 -7.24 -3.53
N THR B 7 -8.56 -7.14 -2.70
CA THR B 7 -8.55 -6.21 -1.58
C THR B 7 -7.48 -6.58 -0.56
N THR B 8 -6.32 -5.95 -0.67
CA THR B 8 -5.21 -6.21 0.25
C THR B 8 -4.36 -4.97 0.45
N ALA B 9 -3.47 -5.02 1.43
CA ALA B 9 -2.59 -3.90 1.73
C ALA B 9 -1.14 -4.21 1.35
N THR B 10 -0.31 -3.18 1.29
CA THR B 10 1.09 -3.35 0.95
C THR B 10 1.99 -2.61 1.93
N PHE B 11 2.96 -3.33 2.49
CA PHE B 11 3.89 -2.74 3.44
C PHE B 11 5.34 -2.89 2.95
N SER B 12 6.11 -1.81 3.10
CA SER B 12 7.50 -1.81 2.67
C SER B 12 8.38 -2.55 3.67
N ILE B 13 9.32 -3.34 3.15
CA ILE B 13 10.22 -4.11 3.99
C ILE B 13 11.62 -3.50 4.01
N GLY B 14 12.15 -3.27 5.20
CA GLY B 14 13.48 -2.69 5.32
C GLY B 14 13.54 -1.26 4.82
N SER B 15 13.78 -1.10 3.52
CA SER B 15 13.88 0.24 2.92
C SER B 15 14.18 0.13 1.43
N THR B 16 13.60 -0.88 0.79
CA THR B 16 13.80 -1.09 -0.64
C THR B 16 12.51 -1.52 -1.33
N GLY B 17 12.11 -2.76 -1.09
CA GLY B 17 10.90 -3.28 -1.70
C GLY B 17 9.75 -3.35 -0.71
N LEU B 18 8.61 -3.86 -1.17
CA LEU B 18 7.43 -3.99 -0.31
C LEU B 18 6.71 -5.31 -0.57
N VAL B 19 5.91 -5.74 0.40
CA VAL B 19 5.16 -6.99 0.28
C VAL B 19 3.70 -6.79 0.63
N VAL B 20 2.83 -7.57 -0.01
CA VAL B 20 1.40 -7.47 0.22
C VAL B 20 0.89 -8.69 0.98
N TYR B 21 -0.06 -8.46 1.90
CA TYR B 21 -0.63 -9.53 2.69
C TYR B 21 -2.13 -9.68 2.43
N ASP B 22 -2.46 -10.59 1.53
CA ASP B 22 -3.86 -10.84 1.18
C ASP B 22 -4.66 -11.28 2.40
N TYR B 23 -5.39 -10.35 3.00
CA TYR B 23 -6.20 -10.64 4.18
C TYR B 23 -7.47 -11.37 3.79
N GLN B 24 -7.32 -12.54 3.18
CA GLN B 24 -8.47 -13.33 2.76
C GLN B 24 -8.03 -14.73 2.31
N GLN B 25 -7.45 -14.81 1.13
CA GLN B 25 -6.99 -16.08 0.58
C GLN B 25 -5.69 -16.51 1.24
N LEU B 26 -5.13 -15.63 2.07
CA LEU B 26 -3.88 -15.92 2.76
C LEU B 26 -2.73 -16.10 1.77
N LEU B 27 -2.36 -15.00 1.11
CA LEU B 27 -1.27 -15.04 0.13
C LEU B 27 -0.35 -13.84 0.30
N ILE B 28 0.93 -14.03 0.00
CA ILE B 28 1.92 -12.96 0.11
C ILE B 28 2.65 -12.74 -1.22
N ALA B 29 3.03 -11.50 -1.47
CA ALA B 29 3.74 -11.15 -2.69
C ALA B 29 5.10 -10.54 -2.39
N TYR B 30 6.16 -11.18 -2.87
CA TYR B 30 7.51 -10.70 -2.64
C TYR B 30 8.34 -10.79 -3.93
N LYS B 31 9.03 -9.70 -4.25
CA LYS B 31 9.86 -9.64 -5.44
C LYS B 31 10.89 -8.52 -5.34
N PRO B 32 12.08 -8.75 -5.92
CA PRO B 32 13.17 -7.78 -5.91
C PRO B 32 12.87 -6.56 -6.78
N ALA B 33 13.22 -6.66 -8.06
CA ALA B 33 12.98 -5.58 -9.00
C ALA B 33 11.62 -5.71 -9.67
N PRO B 34 11.12 -4.60 -10.24
CA PRO B 34 9.82 -4.56 -10.91
C PRO B 34 9.82 -5.36 -12.21
N GLY B 35 8.94 -6.34 -12.31
CA GLY B 35 8.86 -7.15 -13.51
C GLY B 35 9.86 -8.28 -13.51
N THR B 36 10.22 -8.75 -12.32
CA THR B 36 11.18 -9.84 -12.18
C THR B 36 10.58 -11.01 -11.43
N CYS B 37 11.41 -11.99 -11.09
CA CYS B 37 10.97 -13.17 -10.36
C CYS B 37 10.15 -12.78 -9.14
N CYS B 38 9.16 -13.60 -8.79
CA CYS B 38 8.31 -13.34 -7.65
C CYS B 38 8.25 -14.56 -6.73
N TYR B 39 7.75 -14.35 -5.51
CA TYR B 39 7.64 -15.43 -4.54
C TYR B 39 6.37 -15.28 -3.71
N ILE B 40 5.74 -16.41 -3.39
CA ILE B 40 4.51 -16.41 -2.60
C ILE B 40 4.70 -17.20 -1.31
N MET B 41 4.16 -16.65 -0.21
CA MET B 41 4.26 -17.31 1.08
C MET B 41 2.88 -17.52 1.70
N LYS B 42 2.78 -18.50 2.60
CA LYS B 42 1.51 -18.79 3.25
C LYS B 42 1.47 -18.18 4.64
N ILE B 43 0.31 -17.63 5.00
CA ILE B 43 0.13 -17.01 6.31
C ILE B 43 -1.07 -17.60 7.04
N ALA B 44 -1.14 -17.35 8.34
CA ALA B 44 -2.23 -17.86 9.16
C ALA B 44 -3.05 -16.72 9.77
N PRO B 45 -4.34 -16.97 10.00
CA PRO B 45 -5.24 -15.97 10.58
C PRO B 45 -4.94 -15.68 12.04
N GLU B 46 -4.51 -16.72 12.76
CA GLU B 46 -4.18 -16.59 14.17
C GLU B 46 -2.73 -16.14 14.35
N SER B 47 -1.90 -16.44 13.36
CA SER B 47 -0.49 -16.07 13.42
C SER B 47 -0.06 -15.35 12.15
N ILE B 48 -0.51 -14.10 12.03
CA ILE B 48 -0.17 -13.28 10.87
C ILE B 48 1.26 -12.76 10.94
N PRO B 49 2.11 -13.22 10.02
CA PRO B 49 3.52 -12.81 9.96
C PRO B 49 3.69 -11.35 9.54
N SER B 50 3.52 -10.45 10.51
CA SER B 50 3.65 -9.02 10.24
C SER B 50 4.94 -8.73 9.47
N LEU B 51 5.05 -7.51 8.94
CA LEU B 51 6.23 -7.10 8.19
C LEU B 51 7.50 -7.40 8.97
N GLU B 52 7.40 -7.35 10.30
CA GLU B 52 8.54 -7.62 11.16
C GLU B 52 9.13 -8.99 10.88
N ALA B 53 8.26 -9.96 10.60
CA ALA B 53 8.69 -11.31 10.30
C ALA B 53 9.24 -11.42 8.88
N LEU B 54 8.52 -10.82 7.94
CA LEU B 54 8.94 -10.84 6.54
C LEU B 54 10.37 -10.35 6.37
N THR B 55 10.64 -9.14 6.88
CA THR B 55 11.96 -8.55 6.80
C THR B 55 13.00 -9.45 7.47
N ARG B 56 12.58 -10.20 8.48
CA ARG B 56 13.47 -11.10 9.19
C ARG B 56 14.02 -12.18 8.26
N LYS B 57 13.12 -12.89 7.58
CA LYS B 57 13.50 -13.95 6.67
C LYS B 57 14.04 -13.37 5.36
N VAL B 58 13.51 -12.20 4.98
CA VAL B 58 13.94 -11.53 3.76
C VAL B 58 15.37 -11.02 3.87
N HIS B 59 15.76 -10.65 5.09
CA HIS B 59 17.10 -10.14 5.34
C HIS B 59 18.16 -11.15 4.93
N ASN B 60 17.79 -12.43 4.97
CA ASN B 60 18.70 -13.50 4.60
C ASN B 60 19.06 -13.43 3.12
N PHE B 61 18.17 -12.83 2.34
CA PHE B 61 18.40 -12.69 0.90
C PHE B 61 18.79 -14.03 0.29
N GLN B 62 17.79 -14.82 -0.09
CA GLN B 62 18.03 -16.12 -0.69
C GLN B 62 17.17 -16.33 -1.92
N MET B 63 16.82 -15.22 -2.60
CA MET B 63 16.00 -15.28 -3.79
C MET B 63 16.86 -15.17 -5.05
N GLU B 64 16.90 -13.96 -5.62
CA GLU B 64 17.69 -13.73 -6.83
C GLU B 64 17.47 -14.85 -7.85
N CYS B 65 16.25 -15.37 -7.89
CA CYS B 65 15.93 -16.46 -8.82
C CYS B 65 16.94 -17.59 -8.70
N SER B 66 17.27 -17.97 -7.47
CA SER B 66 18.22 -19.04 -7.23
C SER B 66 17.70 -20.00 -6.15
N LEU B 67 17.03 -19.43 -5.15
CA LEU B 67 16.50 -20.23 -4.06
C LEU B 67 17.42 -21.40 -3.72
N GLN B 68 18.42 -21.12 -2.89
CA GLN B 68 19.38 -22.15 -2.49
C GLN B 68 18.84 -22.96 -1.31
N ALA B 69 18.57 -24.24 -1.56
CA ALA B 69 18.05 -25.12 -0.52
C ALA B 69 16.88 -24.48 0.21
N LYS B 70 16.15 -23.61 -0.50
CA LYS B 70 14.99 -22.93 0.08
C LYS B 70 13.78 -23.86 0.12
N PRO B 71 13.34 -24.31 -1.07
CA PRO B 71 12.20 -25.21 -1.19
C PRO B 71 12.48 -26.60 -0.66
N ALA B 72 11.52 -27.51 -0.81
CA ALA B 72 11.67 -28.88 -0.35
C ALA B 72 12.98 -29.49 -0.86
N VAL B 73 13.00 -29.86 -2.14
CA VAL B 73 14.18 -30.44 -2.75
C VAL B 73 15.33 -29.45 -2.80
N PRO B 74 16.38 -29.72 -2.01
CA PRO B 74 17.56 -28.85 -1.94
C PRO B 74 18.39 -28.91 -3.22
N THR B 75 19.31 -29.86 -3.29
CA THR B 75 20.17 -30.02 -4.46
C THR B 75 21.08 -31.23 -4.31
N SER B 76 20.57 -32.29 -3.67
CA SER B 76 21.34 -33.51 -3.47
C SER B 76 21.55 -34.25 -4.78
N LYS B 77 22.56 -33.84 -5.54
CA LYS B 77 22.87 -34.46 -6.81
C LYS B 77 21.64 -34.53 -7.70
N LEU B 78 20.81 -33.50 -7.61
CA LEU B 78 19.59 -33.42 -8.42
C LEU B 78 19.90 -33.04 -9.85
N GLY B 79 19.14 -33.59 -10.79
CA GLY B 79 19.35 -33.28 -12.20
C GLY B 79 18.16 -33.65 -13.05
N GLN B 80 18.10 -34.91 -13.47
CA GLN B 80 17.00 -35.39 -14.31
C GLN B 80 15.67 -35.29 -13.57
N ALA B 81 14.89 -34.26 -13.91
CA ALA B 81 13.59 -34.05 -13.29
C ALA B 81 13.74 -33.76 -11.80
N GLU B 82 13.84 -32.47 -11.46
CA GLU B 82 13.99 -32.06 -10.08
C GLU B 82 12.66 -31.53 -9.52
N GLY B 83 12.73 -30.89 -8.35
CA GLY B 83 11.53 -30.36 -7.74
C GLY B 83 11.42 -28.86 -7.90
N ARG B 84 10.84 -28.19 -6.91
CA ARG B 84 10.67 -26.74 -6.96
C ARG B 84 9.64 -26.36 -8.02
N ASP B 85 10.04 -26.45 -9.28
CA ASP B 85 9.14 -26.11 -10.38
C ASP B 85 8.51 -27.36 -10.98
N ALA B 86 8.80 -28.51 -10.37
CA ALA B 86 8.26 -29.77 -10.84
C ALA B 86 7.65 -30.57 -9.69
N GLY B 87 8.24 -30.44 -8.51
CA GLY B 87 7.74 -31.15 -7.35
C GLY B 87 6.96 -30.26 -6.42
N SER B 88 7.41 -29.02 -6.27
CA SER B 88 6.73 -28.06 -5.39
C SER B 88 5.70 -27.25 -6.16
N ALA B 89 4.89 -27.95 -6.97
CA ALA B 89 3.86 -27.29 -7.75
C ALA B 89 3.02 -28.32 -8.51
N PRO B 90 2.03 -28.89 -7.81
CA PRO B 90 1.14 -29.90 -8.40
C PRO B 90 0.18 -29.31 -9.43
N SER B 91 0.64 -29.27 -10.68
CA SER B 91 -0.18 -28.71 -11.76
C SER B 91 -0.67 -27.31 -11.41
N GLY B 92 -1.66 -26.84 -12.16
CA GLY B 92 -2.21 -25.52 -11.91
C GLY B 92 -2.65 -25.33 -10.47
N GLY B 93 -2.88 -26.45 -9.78
CA GLY B 93 -3.30 -26.37 -8.39
C GLY B 93 -2.30 -25.66 -7.51
N ASP B 94 -1.07 -25.53 -8.01
CA ASP B 94 -0.02 -24.86 -7.26
C ASP B 94 -0.47 -23.48 -6.78
N PRO B 95 -0.03 -23.09 -5.58
CA PRO B 95 -0.37 -21.80 -4.98
C PRO B 95 0.31 -20.63 -5.71
N ALA B 96 0.33 -20.71 -7.04
CA ALA B 96 0.95 -19.66 -7.85
C ALA B 96 -0.12 -18.84 -8.57
N PHE B 97 -1.32 -19.40 -8.69
CA PHE B 97 -2.41 -18.72 -9.36
C PHE B 97 -3.69 -18.81 -8.54
N LEU B 98 -3.75 -18.06 -7.45
CA LEU B 98 -4.92 -18.05 -6.58
C LEU B 98 -5.47 -16.64 -6.41
N GLY B 99 -4.57 -15.67 -6.30
CA GLY B 99 -4.99 -14.29 -6.13
C GLY B 99 -4.59 -13.42 -7.31
N MET B 100 -5.45 -12.47 -7.67
CA MET B 100 -5.18 -11.58 -8.79
C MET B 100 -4.14 -10.53 -8.40
N ALA B 101 -4.17 -10.10 -7.14
CA ALA B 101 -3.22 -9.10 -6.65
C ALA B 101 -1.78 -9.51 -6.95
N VAL B 102 -1.40 -10.69 -6.50
CA VAL B 102 -0.05 -11.19 -6.72
C VAL B 102 0.27 -11.27 -8.21
N SER B 103 -0.75 -11.58 -9.00
CA SER B 103 -0.57 -11.68 -10.45
C SER B 103 -0.17 -10.34 -11.05
N THR B 104 -0.58 -9.26 -10.40
CA THR B 104 -0.26 -7.92 -10.87
C THR B 104 1.16 -7.52 -10.48
N LEU B 105 1.47 -7.62 -9.19
CA LEU B 105 2.79 -7.28 -8.69
C LEU B 105 3.85 -8.21 -9.27
N CYS B 106 3.60 -9.51 -9.17
CA CYS B 106 4.53 -10.51 -9.69
C CYS B 106 4.58 -10.47 -11.21
N GLY B 107 3.50 -10.00 -11.83
CA GLY B 107 3.44 -9.92 -13.27
C GLY B 107 3.15 -11.26 -13.91
N GLU B 108 2.23 -12.02 -13.31
CA GLU B 108 1.87 -13.33 -13.83
C GLU B 108 3.11 -14.18 -14.11
N VAL B 109 4.11 -14.03 -13.26
CA VAL B 109 5.36 -14.78 -13.41
C VAL B 109 5.35 -16.02 -12.54
N PRO B 110 6.11 -17.04 -12.97
CA PRO B 110 6.22 -18.31 -12.23
C PRO B 110 6.99 -18.16 -10.92
N LEU B 111 6.25 -18.08 -9.82
CA LEU B 111 6.87 -17.94 -8.50
C LEU B 111 7.01 -19.30 -7.81
N TYR B 112 8.01 -19.41 -6.95
CA TYR B 112 8.25 -20.66 -6.23
C TYR B 112 8.26 -20.42 -4.72
N TYR B 113 7.77 -21.40 -3.97
CA TYR B 113 7.71 -21.30 -2.52
C TYR B 113 9.10 -21.01 -1.95
N ILE B 114 9.14 -20.18 -0.91
CA ILE B 114 10.39 -19.82 -0.26
C ILE B 114 10.48 -20.39 1.15
N GLY C 1 -16.16 12.86 0.38
CA GLY C 1 -17.41 12.21 0.74
C GLY C 1 -17.22 10.76 1.17
N SER C 2 -18.09 9.89 0.69
CA SER C 2 -18.01 8.47 1.03
C SER C 2 -18.60 7.61 -0.08
N GLU C 3 -18.04 6.41 -0.26
CA GLU C 3 -18.50 5.50 -1.29
C GLU C 3 -17.88 4.12 -1.10
N HIS C 4 -18.22 3.20 -2.01
CA HIS C 4 -17.69 1.83 -1.95
C HIS C 4 -16.50 1.67 -2.89
N LEU C 5 -15.69 2.71 -2.99
CA LEU C 5 -14.51 2.68 -3.86
C LEU C 5 -13.27 3.17 -3.12
N VAL C 6 -12.99 2.54 -1.98
CA VAL C 6 -11.82 2.90 -1.17
C VAL C 6 -10.89 1.72 -0.99
N THR C 7 -11.46 0.53 -0.94
CA THR C 7 -10.68 -0.69 -0.77
C THR C 7 -9.79 -0.95 -1.97
N THR C 8 -8.53 -0.51 -1.89
CA THR C 8 -7.58 -0.69 -2.98
C THR C 8 -6.16 -0.88 -2.45
N ALA C 9 -5.25 -1.26 -3.34
CA ALA C 9 -3.86 -1.47 -2.96
C ALA C 9 -2.96 -0.39 -3.54
N THR C 10 -1.73 -0.30 -3.02
CA THR C 10 -0.78 0.69 -3.50
C THR C 10 0.58 0.06 -3.77
N PHE C 11 1.12 0.28 -4.96
CA PHE C 11 2.42 -0.27 -5.34
C PHE C 11 3.37 0.85 -5.75
N SER C 12 4.61 0.77 -5.29
CA SER C 12 5.62 1.76 -5.61
C SER C 12 6.16 1.56 -7.02
N ILE C 13 6.35 2.66 -7.74
CA ILE C 13 6.86 2.60 -9.10
C ILE C 13 8.31 3.06 -9.17
N GLY C 14 9.15 2.24 -9.78
CA GLY C 14 10.56 2.58 -9.91
C GLY C 14 11.27 2.59 -8.57
N SER C 15 11.24 3.74 -7.90
CA SER C 15 11.90 3.88 -6.61
C SER C 15 11.72 5.29 -6.05
N THR C 16 10.54 5.87 -6.29
CA THR C 16 10.25 7.22 -5.83
C THR C 16 8.81 7.31 -5.32
N GLY C 17 7.86 7.32 -6.25
CA GLY C 17 6.46 7.41 -5.88
C GLY C 17 5.73 6.08 -5.99
N LEU C 18 4.44 6.09 -5.73
CA LEU C 18 3.63 4.87 -5.80
C LEU C 18 2.27 5.16 -6.43
N VAL C 19 1.63 4.11 -6.94
CA VAL C 19 0.32 4.25 -7.57
C VAL C 19 -0.66 3.23 -7.01
N VAL C 20 -1.93 3.59 -6.97
CA VAL C 20 -2.97 2.70 -6.47
C VAL C 20 -3.87 2.21 -7.60
N TYR C 21 -4.29 0.95 -7.51
CA TYR C 21 -5.15 0.35 -8.53
C TYR C 21 -6.49 -0.05 -7.93
N ASP C 22 -7.48 0.82 -8.06
CA ASP C 22 -8.82 0.56 -7.55
C ASP C 22 -9.41 -0.69 -8.18
N TYR C 23 -9.36 -1.80 -7.45
CA TYR C 23 -9.88 -3.06 -7.93
C TYR C 23 -11.40 -3.10 -7.82
N GLN C 24 -12.07 -2.18 -8.52
CA GLN C 24 -13.52 -2.10 -8.50
C GLN C 24 -14.03 -1.12 -9.55
N GLN C 25 -13.87 0.18 -9.27
CA GLN C 25 -14.32 1.21 -10.18
C GLN C 25 -13.33 1.38 -11.33
N LEU C 26 -12.21 0.68 -11.25
CA LEU C 26 -11.19 0.75 -12.29
C LEU C 26 -10.60 2.15 -12.37
N LEU C 27 -9.87 2.56 -11.34
CA LEU C 27 -9.25 3.88 -11.30
C LEU C 27 -7.82 3.79 -10.80
N ILE C 28 -6.97 4.68 -11.30
CA ILE C 28 -5.57 4.71 -10.90
C ILE C 28 -5.19 6.09 -10.35
N ALA C 29 -4.25 6.10 -9.39
CA ALA C 29 -3.80 7.35 -8.79
C ALA C 29 -2.30 7.53 -8.99
N TYR C 30 -1.92 8.62 -9.66
CA TYR C 30 -0.52 8.91 -9.91
C TYR C 30 -0.22 10.38 -9.66
N LYS C 31 0.86 10.64 -8.93
CA LYS C 31 1.27 12.00 -8.62
C LYS C 31 2.74 12.05 -8.19
N PRO C 32 3.42 13.15 -8.55
CA PRO C 32 4.83 13.34 -8.22
C PRO C 32 5.05 13.57 -6.73
N ALA C 33 4.97 14.83 -6.31
CA ALA C 33 5.15 15.19 -4.92
C ALA C 33 3.83 15.16 -4.16
N PRO C 34 3.91 15.09 -2.82
CA PRO C 34 2.72 15.06 -1.96
C PRO C 34 1.98 16.39 -1.93
N GLY C 35 0.70 16.36 -2.30
CA GLY C 35 -0.10 17.58 -2.31
C GLY C 35 0.09 18.37 -3.59
N THR C 36 0.41 17.67 -4.67
CA THR C 36 0.61 18.32 -5.97
C THR C 36 -0.35 17.77 -7.02
N CYS C 37 -0.13 18.16 -8.27
CA CYS C 37 -0.97 17.71 -9.36
C CYS C 37 -1.11 16.19 -9.36
N CYS C 38 -2.27 15.70 -9.78
CA CYS C 38 -2.52 14.26 -9.82
C CYS C 38 -3.03 13.83 -11.20
N TYR C 39 -3.01 12.53 -11.44
CA TYR C 39 -3.46 11.99 -12.73
C TYR C 39 -4.19 10.68 -12.53
N ILE C 40 -5.23 10.45 -13.33
CA ILE C 40 -6.02 9.23 -13.25
C ILE C 40 -5.99 8.47 -14.58
N MET C 41 -5.87 7.16 -14.48
CA MET C 41 -5.83 6.31 -15.67
C MET C 41 -6.90 5.22 -15.61
N LYS C 42 -7.31 4.73 -16.77
CA LYS C 42 -8.33 3.68 -16.83
C LYS C 42 -7.68 2.31 -17.03
N ILE C 43 -8.22 1.31 -16.34
CA ILE C 43 -7.70 -0.04 -16.44
C ILE C 43 -8.80 -1.03 -16.80
N ALA C 44 -8.41 -2.22 -17.24
CA ALA C 44 -9.36 -3.25 -17.61
C ALA C 44 -9.24 -4.48 -16.71
N PRO C 45 -10.36 -5.19 -16.51
CA PRO C 45 -10.40 -6.39 -15.67
C PRO C 45 -9.65 -7.56 -16.30
N GLU C 46 -9.70 -7.64 -17.62
CA GLU C 46 -9.03 -8.71 -18.35
C GLU C 46 -7.58 -8.35 -18.65
N SER C 47 -7.29 -7.05 -18.70
CA SER C 47 -5.94 -6.57 -18.98
C SER C 47 -5.52 -5.54 -17.95
N ILE C 48 -5.21 -6.01 -16.75
CA ILE C 48 -4.78 -5.13 -15.66
C ILE C 48 -3.33 -4.69 -15.86
N PRO C 49 -3.13 -3.38 -16.09
CA PRO C 49 -1.80 -2.81 -16.29
C PRO C 49 -0.97 -2.81 -15.01
N SER C 50 -0.35 -3.94 -14.71
CA SER C 50 0.47 -4.07 -13.50
C SER C 50 1.49 -2.93 -13.42
N LEU C 51 2.14 -2.82 -12.27
CA LEU C 51 3.13 -1.78 -12.05
C LEU C 51 4.12 -1.72 -13.22
N GLU C 52 4.39 -2.87 -13.82
CA GLU C 52 5.32 -2.95 -14.93
C GLU C 52 4.90 -1.99 -16.05
N ALA C 53 3.61 -1.89 -16.29
CA ALA C 53 3.08 -1.01 -17.33
C ALA C 53 3.14 0.45 -16.88
N LEU C 54 2.70 0.71 -15.66
CA LEU C 54 2.70 2.07 -15.11
C LEU C 54 4.10 2.68 -15.19
N THR C 55 5.08 1.98 -14.63
CA THR C 55 6.46 2.47 -14.65
C THR C 55 6.97 2.65 -16.07
N ARG C 56 6.44 1.84 -16.99
CA ARG C 56 6.84 1.92 -18.39
C ARG C 56 6.47 3.28 -18.99
N LYS C 57 5.21 3.66 -18.86
CA LYS C 57 4.73 4.93 -19.39
C LYS C 57 5.16 6.08 -18.50
N VAL C 58 5.30 5.81 -17.20
CA VAL C 58 5.71 6.82 -16.25
C VAL C 58 7.17 7.20 -16.44
N HIS C 59 7.97 6.24 -16.91
CA HIS C 59 9.39 6.48 -17.15
C HIS C 59 9.60 7.63 -18.12
N ASN C 60 8.63 7.82 -19.02
CA ASN C 60 8.71 8.89 -20.01
C ASN C 60 8.65 10.26 -19.33
N PHE C 61 8.07 10.31 -18.15
CA PHE C 61 7.94 11.55 -17.40
C PHE C 61 7.38 12.67 -18.29
N GLN C 62 6.05 12.75 -18.35
CA GLN C 62 5.39 13.76 -19.16
C GLN C 62 4.29 14.45 -18.37
N MET C 63 4.47 14.52 -17.05
CA MET C 63 3.49 15.16 -16.18
C MET C 63 3.93 16.57 -15.81
N GLU C 64 4.49 16.71 -14.60
CA GLU C 64 4.95 18.00 -14.12
C GLU C 64 3.94 19.09 -14.42
N CYS C 65 2.66 18.75 -14.34
CA CYS C 65 1.58 19.69 -14.60
C CYS C 65 1.80 20.40 -15.94
N SER C 66 2.14 19.63 -16.96
CA SER C 66 2.38 20.19 -18.29
C SER C 66 1.71 19.34 -19.36
N LEU C 67 1.72 18.03 -19.16
CA LEU C 67 1.11 17.10 -20.11
C LEU C 67 1.29 17.60 -21.54
N GLN C 68 2.44 17.29 -22.13
CA GLN C 68 2.74 17.70 -23.49
C GLN C 68 2.15 16.71 -24.50
N ALA C 69 1.17 17.18 -25.27
CA ALA C 69 0.53 16.33 -26.27
C ALA C 69 0.11 15.00 -25.67
N LYS C 70 -0.16 14.99 -24.37
CA LYS C 70 -0.58 13.78 -23.69
C LYS C 70 -2.04 13.46 -23.95
N PRO C 71 -2.93 14.40 -23.55
CA PRO C 71 -4.38 14.25 -23.74
C PRO C 71 -4.78 14.35 -25.22
N ALA C 72 -6.08 14.31 -25.46
CA ALA C 72 -6.59 14.41 -26.83
C ALA C 72 -6.01 15.61 -27.56
N VAL C 73 -6.50 16.80 -27.23
CA VAL C 73 -6.03 18.02 -27.85
C VAL C 73 -4.57 18.29 -27.49
N PRO C 74 -3.69 18.19 -28.50
CA PRO C 74 -2.25 18.42 -28.31
C PRO C 74 -1.92 19.88 -28.05
N THR C 75 -1.73 20.65 -29.12
CA THR C 75 -1.41 22.07 -29.00
C THR C 75 -1.32 22.72 -30.37
N SER C 76 -2.15 22.26 -31.30
CA SER C 76 -2.16 22.80 -32.66
C SER C 76 -2.74 24.22 -32.67
N LYS C 77 -1.90 25.20 -32.40
CA LYS C 77 -2.32 26.60 -32.38
C LYS C 77 -3.55 26.78 -31.49
N LEU C 78 -3.60 26.02 -30.41
CA LEU C 78 -4.73 26.10 -29.47
C LEU C 78 -4.59 27.33 -28.57
N GLY C 79 -5.73 27.94 -28.25
CA GLY C 79 -5.72 29.12 -27.40
C GLY C 79 -7.08 29.40 -26.79
N GLN C 80 -7.92 30.13 -27.54
CA GLN C 80 -9.25 30.47 -27.07
C GLN C 80 -10.09 29.22 -26.84
N ALA C 81 -10.25 28.84 -25.58
CA ALA C 81 -11.03 27.65 -25.23
C ALA C 81 -10.39 26.39 -25.78
N GLU C 82 -9.52 25.77 -24.99
CA GLU C 82 -8.84 24.56 -25.40
C GLU C 82 -9.48 23.32 -24.76
N GLY C 83 -8.79 22.19 -24.86
CA GLY C 83 -9.31 20.96 -24.29
C GLY C 83 -8.61 20.59 -22.99
N ARG C 84 -8.47 19.30 -22.74
CA ARG C 84 -7.81 18.82 -21.53
C ARG C 84 -8.67 19.11 -20.30
N ASP C 85 -8.71 20.38 -19.90
CA ASP C 85 -9.49 20.79 -18.74
C ASP C 85 -10.84 21.38 -19.18
N ALA C 86 -11.09 21.36 -20.47
CA ALA C 86 -12.34 21.90 -21.01
C ALA C 86 -12.99 20.90 -21.96
N GLY C 87 -12.17 20.14 -22.68
CA GLY C 87 -12.69 19.15 -23.62
C GLY C 87 -12.62 17.75 -23.08
N SER C 88 -11.53 17.45 -22.36
CA SER C 88 -11.34 16.12 -21.79
C SER C 88 -11.90 16.05 -20.38
N ALA C 89 -13.12 16.57 -20.20
CA ALA C 89 -13.76 16.55 -18.90
C ALA C 89 -15.19 17.11 -19.00
N PRO C 90 -16.13 16.25 -19.40
CA PRO C 90 -17.54 16.63 -19.54
C PRO C 90 -18.22 16.88 -18.20
N SER C 91 -18.12 18.11 -17.72
CA SER C 91 -18.72 18.48 -16.44
C SER C 91 -18.27 17.53 -15.33
N GLY C 92 -18.99 17.55 -14.22
CA GLY C 92 -18.65 16.68 -13.10
C GLY C 92 -18.56 15.23 -13.51
N GLY C 93 -19.18 14.89 -14.63
CA GLY C 93 -19.15 13.51 -15.12
C GLY C 93 -17.75 13.02 -15.39
N ASP C 94 -16.81 13.96 -15.50
CA ASP C 94 -15.42 13.62 -15.77
C ASP C 94 -14.90 12.60 -14.75
N PRO C 95 -14.05 11.67 -15.22
CA PRO C 95 -13.48 10.62 -14.37
C PRO C 95 -12.48 11.17 -13.36
N ALA C 96 -12.81 12.32 -12.77
CA ALA C 96 -11.94 12.95 -11.79
C ALA C 96 -12.52 12.82 -10.38
N PHE C 97 -13.82 12.55 -10.31
CA PHE C 97 -14.49 12.40 -9.02
C PHE C 97 -15.37 11.15 -9.01
N LEU C 98 -14.73 9.98 -8.94
CA LEU C 98 -15.45 8.72 -8.92
C LEU C 98 -15.08 7.89 -7.68
N GLY C 99 -13.80 7.91 -7.33
CA GLY C 99 -13.34 7.16 -6.17
C GLY C 99 -12.83 8.07 -5.07
N MET C 100 -13.09 7.69 -3.82
CA MET C 100 -12.65 8.47 -2.67
C MET C 100 -11.14 8.31 -2.46
N ALA C 101 -10.63 7.12 -2.72
CA ALA C 101 -9.21 6.85 -2.55
C ALA C 101 -8.35 7.87 -3.28
N VAL C 102 -8.58 8.01 -4.58
CA VAL C 102 -7.84 8.97 -5.39
C VAL C 102 -7.98 10.39 -4.85
N SER C 103 -9.16 10.69 -4.31
CA SER C 103 -9.42 12.01 -3.75
C SER C 103 -8.50 12.30 -2.57
N THR C 104 -8.09 11.24 -1.88
CA THR C 104 -7.21 11.38 -0.72
C THR C 104 -5.77 11.59 -1.16
N LEU C 105 -5.26 10.68 -1.98
CA LEU C 105 -3.89 10.76 -2.47
C LEU C 105 -3.70 12.01 -3.32
N CYS C 106 -4.59 12.22 -4.29
CA CYS C 106 -4.52 13.38 -5.16
C CYS C 106 -4.82 14.66 -4.39
N GLY C 107 -5.58 14.53 -3.32
CA GLY C 107 -5.93 15.70 -2.51
C GLY C 107 -7.04 16.50 -3.13
N GLU C 108 -8.05 15.82 -3.66
CA GLU C 108 -9.18 16.49 -4.29
C GLU C 108 -8.72 17.54 -5.28
N VAL C 109 -7.63 17.24 -5.98
CA VAL C 109 -7.07 18.16 -6.97
C VAL C 109 -7.54 17.81 -8.37
N PRO C 110 -7.59 18.81 -9.25
CA PRO C 110 -8.02 18.63 -10.64
C PRO C 110 -7.01 17.84 -11.46
N LEU C 111 -7.29 16.56 -11.66
CA LEU C 111 -6.40 15.69 -12.42
C LEU C 111 -6.85 15.61 -13.88
N TYR C 112 -5.90 15.38 -14.78
CA TYR C 112 -6.19 15.28 -16.20
C TYR C 112 -5.70 13.95 -16.76
N TYR C 113 -6.46 13.40 -17.71
CA TYR C 113 -6.11 12.13 -18.33
C TYR C 113 -4.70 12.18 -18.92
N ILE C 114 -3.97 11.09 -18.79
CA ILE C 114 -2.61 11.00 -19.32
C ILE C 114 -2.53 10.02 -20.49
N GLY A 1 -6.18 -11.58 18.19
CA GLY A 1 -7.45 -10.92 18.34
C GLY A 1 -8.22 -10.83 17.03
N SER A 2 -8.29 -9.62 16.48
CA SER A 2 -9.01 -9.40 15.22
C SER A 2 -8.52 -10.37 14.15
N GLU A 3 -9.24 -10.42 13.03
CA GLU A 3 -8.89 -11.30 11.93
C GLU A 3 -9.77 -11.03 10.71
N HIS A 4 -11.04 -10.75 10.96
CA HIS A 4 -11.98 -10.46 9.88
C HIS A 4 -12.14 -8.97 9.67
N LEU A 5 -11.04 -8.24 9.83
CA LEU A 5 -11.04 -6.79 9.65
C LEU A 5 -9.70 -6.29 9.14
N VAL A 6 -9.52 -6.32 7.83
CA VAL A 6 -8.27 -5.87 7.22
C VAL A 6 -8.54 -4.89 6.09
N THR A 7 -9.63 -4.13 6.21
CA THR A 7 -9.99 -3.14 5.20
C THR A 7 -9.32 -1.80 5.47
N THR A 8 -8.18 -1.57 4.83
CA THR A 8 -7.45 -0.33 5.00
C THR A 8 -6.45 -0.12 3.86
N ALA A 9 -5.99 1.11 3.71
CA ALA A 9 -5.03 1.45 2.66
C ALA A 9 -3.66 1.79 3.25
N THR A 10 -2.61 1.51 2.48
CA THR A 10 -1.25 1.79 2.93
C THR A 10 -0.61 2.90 2.12
N PHE A 11 0.03 3.84 2.81
CA PHE A 11 0.68 4.96 2.13
C PHE A 11 2.03 5.26 2.77
N SER A 12 2.78 6.17 2.15
CA SER A 12 4.10 6.54 2.66
C SER A 12 4.18 8.05 2.90
N ILE A 13 4.99 8.44 3.88
CA ILE A 13 5.15 9.85 4.21
C ILE A 13 6.52 10.35 3.79
N GLY A 14 6.54 11.47 3.07
CA GLY A 14 7.80 12.04 2.62
C GLY A 14 8.63 11.05 1.81
N SER A 15 9.78 10.67 2.35
CA SER A 15 10.66 9.73 1.68
C SER A 15 11.50 8.95 2.69
N THR A 16 10.90 8.63 3.83
CA THR A 16 11.59 7.89 4.88
C THR A 16 10.62 6.98 5.62
N GLY A 17 9.54 7.55 6.13
CA GLY A 17 8.54 6.76 6.85
C GLY A 17 7.31 6.50 6.03
N LEU A 18 6.44 5.63 6.54
CA LEU A 18 5.20 5.29 5.85
C LEU A 18 4.10 4.93 6.84
N VAL A 19 2.86 5.24 6.48
CA VAL A 19 1.71 4.95 7.35
C VAL A 19 0.53 4.45 6.52
N VAL A 20 -0.34 3.67 7.17
CA VAL A 20 -1.52 3.13 6.50
C VAL A 20 -2.80 3.73 7.07
N TYR A 21 -3.61 4.30 6.19
CA TYR A 21 -4.87 4.92 6.61
C TYR A 21 -6.02 3.91 6.56
N ASP A 22 -6.72 3.77 7.67
CA ASP A 22 -7.85 2.85 7.76
C ASP A 22 -9.15 3.53 7.33
N TYR A 23 -9.57 3.26 6.09
CA TYR A 23 -10.78 3.84 5.56
C TYR A 23 -12.02 3.13 6.11
N GLN A 24 -12.21 3.21 7.42
CA GLN A 24 -13.35 2.57 8.07
C GLN A 24 -13.34 2.83 9.57
N GLN A 25 -12.43 2.16 10.27
CA GLN A 25 -12.32 2.32 11.71
C GLN A 25 -11.63 3.63 12.07
N LEU A 26 -11.06 4.28 11.06
CA LEU A 26 -10.37 5.55 11.26
C LEU A 26 -9.13 5.36 12.14
N LEU A 27 -8.13 4.69 11.59
CA LEU A 27 -6.88 4.44 12.32
C LEU A 27 -5.68 4.57 11.41
N ILE A 28 -4.52 4.88 11.98
CA ILE A 28 -3.30 5.03 11.22
C ILE A 28 -2.13 4.35 11.92
N ALA A 29 -1.20 3.83 11.13
CA ALA A 29 -0.02 3.15 11.67
C ALA A 29 1.21 4.05 11.61
N TYR A 30 1.78 4.36 12.76
CA TYR A 30 2.96 5.20 12.83
C TYR A 30 4.01 4.61 13.77
N LYS A 31 5.25 4.51 13.27
CA LYS A 31 6.33 3.95 14.05
C LYS A 31 7.69 4.34 13.45
N PRO A 32 8.69 4.52 14.33
CA PRO A 32 10.04 4.90 13.91
C PRO A 32 10.76 3.76 13.18
N ALA A 33 11.41 2.89 13.95
CA ALA A 33 12.14 1.76 13.37
C ALA A 33 11.24 0.53 13.28
N PRO A 34 11.63 -0.42 12.42
CA PRO A 34 10.87 -1.66 12.21
C PRO A 34 10.94 -2.59 13.42
N GLY A 35 9.78 -2.88 14.00
CA GLY A 35 9.73 -3.75 15.16
C GLY A 35 9.87 -2.99 16.47
N THR A 36 9.46 -1.73 16.46
CA THR A 36 9.55 -0.89 17.65
C THR A 36 8.18 -0.35 18.04
N CYS A 37 8.15 0.45 19.10
CA CYS A 37 6.90 1.03 19.58
C CYS A 37 6.11 1.63 18.42
N CYS A 38 4.78 1.58 18.53
CA CYS A 38 3.91 2.11 17.50
C CYS A 38 2.90 3.09 18.09
N TYR A 39 2.17 3.78 17.22
CA TYR A 39 1.18 4.75 17.66
C TYR A 39 -0.01 4.80 16.69
N ILE A 40 -1.22 4.85 17.25
CA ILE A 40 -2.42 4.89 16.44
C ILE A 40 -3.24 6.14 16.76
N MET A 41 -3.77 6.77 15.71
CA MET A 41 -4.58 7.97 15.87
C MET A 41 -5.88 7.87 15.08
N LYS A 42 -6.79 8.80 15.32
CA LYS A 42 -8.08 8.81 14.63
C LYS A 42 -8.06 9.81 13.48
N ILE A 43 -8.92 9.57 12.48
CA ILE A 43 -9.01 10.45 11.32
C ILE A 43 -10.45 10.86 11.06
N ALA A 44 -10.63 11.78 10.13
CA ALA A 44 -11.97 12.27 9.77
C ALA A 44 -12.33 11.86 8.34
N PRO A 45 -13.52 11.27 8.18
CA PRO A 45 -14.01 10.82 6.88
C PRO A 45 -14.36 11.98 5.96
N GLU A 46 -14.77 13.10 6.55
CA GLU A 46 -15.14 14.29 5.79
C GLU A 46 -13.92 14.87 5.08
N SER A 47 -12.74 14.60 5.62
CA SER A 47 -11.49 15.10 5.05
C SER A 47 -10.30 14.30 5.55
N ILE A 48 -10.14 13.09 5.04
CA ILE A 48 -9.03 12.23 5.45
C ILE A 48 -7.70 12.91 5.23
N PRO A 49 -6.97 13.16 6.33
CA PRO A 49 -5.66 13.81 6.29
C PRO A 49 -4.59 12.93 5.68
N SER A 50 -4.54 12.90 4.35
CA SER A 50 -3.56 12.09 3.63
C SER A 50 -2.14 12.41 4.09
N LEU A 51 -1.16 11.73 3.50
CA LEU A 51 0.24 11.94 3.85
C LEU A 51 0.54 13.43 4.00
N GLU A 52 -0.12 14.25 3.19
CA GLU A 52 0.07 15.69 3.22
C GLU A 52 -0.08 16.22 4.65
N ALA A 53 -1.15 15.82 5.31
CA ALA A 53 -1.41 16.26 6.68
C ALA A 53 -0.50 15.54 7.67
N LEU A 54 -0.32 14.24 7.46
CA LEU A 54 0.52 13.42 8.33
C LEU A 54 1.91 14.03 8.45
N THR A 55 2.54 14.28 7.30
CA THR A 55 3.88 14.86 7.27
C THR A 55 3.91 16.22 7.96
N ARG A 56 2.79 16.93 7.91
CA ARG A 56 2.69 18.24 8.53
C ARG A 56 2.93 18.15 10.04
N LYS A 57 2.15 17.30 10.70
CA LYS A 57 2.27 17.11 12.14
C LYS A 57 3.48 16.24 12.48
N VAL A 58 3.80 15.33 11.57
CA VAL A 58 4.94 14.43 11.77
C VAL A 58 6.26 15.19 11.72
N HIS A 59 6.32 16.21 10.87
CA HIS A 59 7.52 17.02 10.73
C HIS A 59 7.90 17.67 12.06
N ASN A 60 6.90 18.01 12.86
CA ASN A 60 7.13 18.63 14.16
C ASN A 60 7.84 17.65 15.10
N PHE A 61 7.69 16.36 14.83
CA PHE A 61 8.31 15.33 15.65
C PHE A 61 7.88 15.47 17.12
N GLN A 62 6.84 14.75 17.49
CA GLN A 62 6.33 14.78 18.85
C GLN A 62 5.97 13.39 19.35
N MET A 63 6.73 12.40 18.91
CA MET A 63 6.50 11.02 19.31
C MET A 63 7.72 10.44 20.02
N GLU A 64 8.68 9.95 19.25
CA GLU A 64 9.90 9.37 19.82
C GLU A 64 9.56 8.42 20.96
N CYS A 65 8.77 7.39 20.67
CA CYS A 65 8.38 6.40 21.66
C CYS A 65 7.71 7.08 22.85
N SER A 66 7.06 8.21 22.59
CA SER A 66 6.37 8.96 23.64
C SER A 66 5.39 9.96 23.05
N LEU A 67 4.95 10.91 23.87
CA LEU A 67 4.01 11.93 23.43
C LEU A 67 3.95 13.07 24.43
N GLN A 68 4.48 14.23 24.04
CA GLN A 68 4.48 15.40 24.91
C GLN A 68 3.47 16.43 24.41
N ALA A 69 2.41 16.64 25.20
CA ALA A 69 1.38 17.60 24.84
C ALA A 69 0.73 17.25 23.50
N LYS A 70 -0.44 16.63 23.56
CA LYS A 70 -1.15 16.23 22.35
C LYS A 70 -2.51 15.60 22.70
N PRO A 71 -2.46 14.48 23.43
CA PRO A 71 -3.66 13.76 23.85
C PRO A 71 -4.47 14.53 24.89
N ALA A 72 -5.40 13.83 25.53
CA ALA A 72 -6.24 14.46 26.56
C ALA A 72 -5.39 15.20 27.59
N VAL A 73 -4.82 14.46 28.52
CA VAL A 73 -3.98 15.05 29.56
C VAL A 73 -2.61 15.44 29.01
N PRO A 74 -2.33 16.75 28.98
CA PRO A 74 -1.07 17.28 28.49
C PRO A 74 0.10 16.96 29.41
N THR A 75 0.34 17.83 30.39
CA THR A 75 1.42 17.63 31.34
C THR A 75 1.48 18.77 32.35
N SER A 76 0.32 19.32 32.69
CA SER A 76 0.24 20.42 33.64
C SER A 76 0.60 19.95 35.04
N LYS A 77 -0.32 19.23 35.68
CA LYS A 77 -0.09 18.72 37.03
C LYS A 77 -0.42 17.23 37.10
N LEU A 78 0.61 16.40 37.07
CA LEU A 78 0.43 14.96 37.14
C LEU A 78 1.15 14.38 38.35
N GLY A 79 0.98 13.07 38.56
CA GLY A 79 1.61 12.41 39.69
C GLY A 79 1.91 10.96 39.43
N GLN A 80 1.37 10.08 40.25
CA GLN A 80 1.58 8.65 40.11
C GLN A 80 0.90 8.12 38.84
N ALA A 81 -0.42 8.09 38.86
CA ALA A 81 -1.19 7.62 37.71
C ALA A 81 -1.62 8.78 36.82
N GLU A 82 -1.05 8.86 35.63
CA GLU A 82 -1.38 9.93 34.69
C GLU A 82 -2.25 9.39 33.56
N GLY A 83 -2.43 10.22 32.53
CA GLY A 83 -3.25 9.81 31.40
C GLY A 83 -2.41 9.32 30.23
N ARG A 84 -2.91 9.55 29.02
CA ARG A 84 -2.20 9.11 27.82
C ARG A 84 -2.16 7.58 27.74
N ASP A 85 -1.29 6.97 28.54
CA ASP A 85 -1.16 5.52 28.55
C ASP A 85 -1.93 4.92 29.73
N ALA A 86 -2.93 5.65 30.22
CA ALA A 86 -3.74 5.19 31.34
C ALA A 86 -5.13 5.83 31.31
N GLY A 87 -5.18 7.09 30.88
CA GLY A 87 -6.45 7.79 30.82
C GLY A 87 -7.01 7.85 29.42
N SER A 88 -6.13 7.96 28.43
CA SER A 88 -6.53 8.03 27.03
C SER A 88 -6.21 6.72 26.31
N ALA A 89 -6.21 5.62 27.05
CA ALA A 89 -5.92 4.31 26.47
C ALA A 89 -5.93 3.24 27.54
N PRO A 90 -7.12 2.66 27.81
CA PRO A 90 -7.29 1.61 28.81
C PRO A 90 -6.64 0.30 28.38
N SER A 91 -6.97 -0.77 29.11
CA SER A 91 -6.41 -2.09 28.80
C SER A 91 -6.94 -2.61 27.47
N GLY A 92 -8.18 -3.09 27.48
CA GLY A 92 -8.78 -3.61 26.27
C GLY A 92 -9.54 -2.55 25.49
N GLY A 93 -10.08 -1.57 26.20
CA GLY A 93 -10.82 -0.50 25.56
C GLY A 93 -9.96 0.28 24.58
N ASP A 94 -8.65 0.21 24.75
CA ASP A 94 -7.72 0.92 23.88
C ASP A 94 -7.96 0.53 22.42
N PRO A 95 -7.89 1.53 21.52
CA PRO A 95 -8.09 1.31 20.08
C PRO A 95 -6.95 0.53 19.45
N ALA A 96 -6.45 -0.47 20.17
CA ALA A 96 -5.36 -1.30 19.68
C ALA A 96 -5.88 -2.64 19.15
N PHE A 97 -7.14 -2.94 19.46
CA PHE A 97 -7.75 -4.19 19.02
C PHE A 97 -8.92 -3.91 18.07
N LEU A 98 -8.63 -3.21 16.97
CA LEU A 98 -9.66 -2.88 15.99
C LEU A 98 -9.25 -3.36 14.60
N GLY A 99 -8.14 -2.81 14.09
CA GLY A 99 -7.67 -3.20 12.78
C GLY A 99 -6.51 -4.16 12.84
N MET A 100 -6.55 -5.20 12.02
CA MET A 100 -5.49 -6.20 11.98
C MET A 100 -4.25 -5.66 11.27
N ALA A 101 -4.47 -4.85 10.23
CA ALA A 101 -3.38 -4.27 9.47
C ALA A 101 -2.38 -3.58 10.39
N VAL A 102 -2.87 -2.60 11.16
CA VAL A 102 -2.03 -1.85 12.08
C VAL A 102 -1.29 -2.79 13.02
N SER A 103 -1.93 -3.89 13.38
CA SER A 103 -1.32 -4.87 14.29
C SER A 103 -0.14 -5.56 13.62
N THR A 104 -0.14 -5.58 12.29
CA THR A 104 0.93 -6.21 11.53
C THR A 104 2.15 -5.31 11.44
N LEU A 105 1.96 -4.10 10.92
CA LEU A 105 3.05 -3.14 10.78
C LEU A 105 3.70 -2.86 12.12
N CYS A 106 2.88 -2.57 13.13
CA CYS A 106 3.38 -2.28 14.47
C CYS A 106 3.99 -3.53 15.10
N GLY A 107 3.52 -4.70 14.65
CA GLY A 107 4.04 -5.95 15.18
C GLY A 107 3.41 -6.31 16.52
N GLU A 108 2.10 -6.14 16.63
CA GLU A 108 1.38 -6.45 17.87
C GLU A 108 2.08 -5.81 19.06
N VAL A 109 2.69 -4.65 18.84
CA VAL A 109 3.38 -3.93 19.90
C VAL A 109 2.46 -2.96 20.61
N PRO A 110 2.77 -2.66 21.88
CA PRO A 110 1.97 -1.74 22.69
C PRO A 110 2.08 -0.29 22.22
N LEU A 111 1.10 0.15 21.43
CA LEU A 111 1.08 1.51 20.91
C LEU A 111 0.30 2.44 21.82
N TYR A 112 0.65 3.72 21.80
CA TYR A 112 -0.02 4.71 22.63
C TYR A 112 -0.45 5.91 21.81
N TYR A 113 -1.63 6.44 22.11
CA TYR A 113 -2.17 7.59 21.40
C TYR A 113 -1.18 8.74 21.40
N ILE A 114 -1.18 9.53 20.33
CA ILE A 114 -0.28 10.67 20.21
C ILE A 114 -1.06 11.98 20.12
N GLY B 1 -7.03 -14.49 -15.60
CA GLY B 1 -7.65 -15.41 -14.66
C GLY B 1 -8.53 -14.70 -13.65
N SER B 2 -8.06 -14.62 -12.41
CA SER B 2 -8.80 -13.96 -11.35
C SER B 2 -9.21 -12.55 -11.76
N GLU B 3 -10.09 -11.93 -10.96
CA GLU B 3 -10.56 -10.59 -11.24
C GLU B 3 -11.41 -10.05 -10.09
N HIS B 4 -12.21 -10.94 -9.50
CA HIS B 4 -13.08 -10.56 -8.38
C HIS B 4 -12.42 -10.90 -7.05
N LEU B 5 -11.10 -10.75 -6.99
CA LEU B 5 -10.35 -11.05 -5.77
C LEU B 5 -9.12 -10.15 -5.66
N VAL B 6 -9.32 -8.95 -5.13
CA VAL B 6 -8.23 -8.00 -4.96
C VAL B 6 -8.18 -7.46 -3.54
N THR B 7 -8.57 -8.30 -2.58
CA THR B 7 -8.57 -7.91 -1.18
C THR B 7 -7.23 -8.24 -0.52
N THR B 8 -6.35 -7.24 -0.46
CA THR B 8 -5.03 -7.43 0.15
C THR B 8 -4.39 -6.08 0.48
N ALA B 9 -3.40 -6.10 1.36
CA ALA B 9 -2.70 -4.89 1.75
C ALA B 9 -1.27 -4.88 1.21
N THR B 10 -0.75 -3.69 0.96
CA THR B 10 0.61 -3.54 0.43
C THR B 10 1.53 -2.92 1.48
N PHE B 11 2.72 -3.49 1.63
CA PHE B 11 3.69 -2.99 2.58
C PHE B 11 5.10 -3.03 2.00
N SER B 12 6.06 -2.47 2.74
CA SER B 12 7.45 -2.43 2.29
C SER B 12 8.37 -3.06 3.32
N ILE B 13 9.53 -3.53 2.87
CA ILE B 13 10.50 -4.15 3.75
C ILE B 13 11.76 -3.31 3.87
N GLY B 14 12.17 -3.03 5.11
CA GLY B 14 13.36 -2.24 5.34
C GLY B 14 13.30 -0.89 4.64
N SER B 15 14.13 -0.71 3.62
CA SER B 15 14.19 0.53 2.87
C SER B 15 14.75 0.31 1.47
N THR B 16 14.42 -0.83 0.88
CA THR B 16 14.89 -1.17 -0.46
C THR B 16 13.87 -2.01 -1.22
N GLY B 17 13.37 -3.05 -0.57
CA GLY B 17 12.38 -3.92 -1.20
C GLY B 17 10.98 -3.66 -0.69
N LEU B 18 9.99 -4.27 -1.34
CA LEU B 18 8.60 -4.11 -0.95
C LEU B 18 7.81 -5.38 -1.20
N VAL B 19 6.91 -5.71 -0.29
CA VAL B 19 6.08 -6.90 -0.41
C VAL B 19 4.67 -6.66 0.12
N VAL B 20 3.68 -7.22 -0.57
CA VAL B 20 2.29 -7.06 -0.17
C VAL B 20 1.76 -8.33 0.48
N TYR B 21 1.06 -8.16 1.60
CA TYR B 21 0.49 -9.30 2.32
C TYR B 21 -1.00 -9.45 2.02
N ASP B 22 -1.41 -10.65 1.68
CA ASP B 22 -2.81 -10.93 1.38
C ASP B 22 -3.57 -11.34 2.64
N TYR B 23 -4.38 -10.42 3.16
CA TYR B 23 -5.16 -10.69 4.37
C TYR B 23 -6.44 -11.45 4.04
N GLN B 24 -6.28 -12.65 3.48
CA GLN B 24 -7.42 -13.48 3.11
C GLN B 24 -6.96 -14.82 2.54
N GLN B 25 -6.45 -14.79 1.31
CA GLN B 25 -5.98 -16.00 0.65
C GLN B 25 -4.66 -16.46 1.25
N LEU B 26 -4.06 -15.60 2.07
CA LEU B 26 -2.77 -15.91 2.70
C LEU B 26 -1.67 -16.05 1.67
N LEU B 27 -1.31 -14.93 1.04
CA LEU B 27 -0.27 -14.93 0.02
C LEU B 27 0.57 -13.67 0.12
N ILE B 28 1.77 -13.71 -0.46
CA ILE B 28 2.67 -12.56 -0.44
C ILE B 28 3.40 -12.42 -1.77
N ALA B 29 3.68 -11.18 -2.15
CA ALA B 29 4.38 -10.90 -3.41
C ALA B 29 5.80 -10.44 -3.14
N TYR B 30 6.77 -11.19 -3.67
CA TYR B 30 8.18 -10.85 -3.49
C TYR B 30 8.94 -11.00 -4.80
N LYS B 31 9.77 -10.01 -5.11
CA LYS B 31 10.56 -10.02 -6.34
C LYS B 31 11.73 -9.05 -6.25
N PRO B 32 12.84 -9.38 -6.92
CA PRO B 32 14.04 -8.55 -6.93
C PRO B 32 13.84 -7.26 -7.71
N ALA B 33 14.08 -7.31 -9.02
CA ALA B 33 13.92 -6.14 -9.87
C ALA B 33 12.51 -6.06 -10.43
N PRO B 34 12.13 -4.86 -10.90
CA PRO B 34 10.80 -4.62 -11.47
C PRO B 34 10.62 -5.31 -12.81
N GLY B 35 9.62 -6.20 -12.89
CA GLY B 35 9.36 -6.91 -14.12
C GLY B 35 10.19 -8.17 -14.26
N THR B 36 10.56 -8.76 -13.12
CA THR B 36 11.36 -9.98 -13.11
C THR B 36 10.65 -11.11 -12.38
N CYS B 37 11.33 -12.23 -12.23
CA CYS B 37 10.77 -13.39 -11.55
C CYS B 37 10.15 -12.98 -10.20
N CYS B 38 9.11 -13.70 -9.79
CA CYS B 38 8.44 -13.42 -8.53
C CYS B 38 8.33 -14.68 -7.68
N TYR B 39 7.93 -14.50 -6.43
CA TYR B 39 7.79 -15.63 -5.51
C TYR B 39 6.60 -15.41 -4.57
N ILE B 40 5.83 -16.47 -4.34
CA ILE B 40 4.67 -16.41 -3.46
C ILE B 40 4.79 -17.40 -2.32
N MET B 41 4.41 -16.98 -1.12
CA MET B 41 4.47 -17.83 0.06
C MET B 41 3.17 -17.77 0.85
N LYS B 42 3.05 -18.62 1.85
CA LYS B 42 1.85 -18.67 2.68
C LYS B 42 2.10 -17.96 4.02
N ILE B 43 1.02 -17.47 4.63
CA ILE B 43 1.12 -16.79 5.91
C ILE B 43 0.10 -17.34 6.90
N ALA B 44 0.26 -16.95 8.17
CA ALA B 44 -0.65 -17.39 9.22
C ALA B 44 -1.46 -16.23 9.78
N PRO B 45 -2.78 -16.42 9.89
CA PRO B 45 -3.69 -15.40 10.42
C PRO B 45 -3.50 -15.17 11.92
N GLU B 46 -3.08 -16.21 12.62
CA GLU B 46 -2.85 -16.12 14.06
C GLU B 46 -1.70 -15.17 14.37
N SER B 47 -0.79 -15.02 13.41
CA SER B 47 0.37 -14.15 13.59
C SER B 47 0.99 -13.80 12.24
N ILE B 48 0.34 -12.90 11.51
CA ILE B 48 0.83 -12.48 10.20
C ILE B 48 2.23 -11.91 10.31
N PRO B 49 3.20 -12.59 9.65
CA PRO B 49 4.60 -12.16 9.64
C PRO B 49 4.82 -10.88 8.85
N SER B 50 4.49 -9.75 9.47
CA SER B 50 4.66 -8.45 8.82
C SER B 50 6.10 -8.25 8.35
N LEU B 51 6.36 -7.10 7.74
CA LEU B 51 7.69 -6.78 7.25
C LEU B 51 8.76 -7.14 8.27
N GLU B 52 8.40 -7.03 9.55
CA GLU B 52 9.34 -7.34 10.63
C GLU B 52 9.93 -8.74 10.44
N ALA B 53 9.07 -9.72 10.22
CA ALA B 53 9.52 -11.10 10.02
C ALA B 53 10.06 -11.29 8.60
N LEU B 54 9.41 -10.66 7.63
CA LEU B 54 9.83 -10.77 6.24
C LEU B 54 11.30 -10.40 6.08
N THR B 55 11.66 -9.20 6.54
CA THR B 55 13.03 -8.73 6.45
C THR B 55 13.99 -9.70 7.12
N ARG B 56 13.50 -10.41 8.15
CA ARG B 56 14.32 -11.36 8.88
C ARG B 56 14.78 -12.49 7.97
N LYS B 57 13.83 -13.13 7.30
CA LYS B 57 14.13 -14.23 6.39
C LYS B 57 14.71 -13.70 5.08
N VAL B 58 14.29 -12.51 4.69
CA VAL B 58 14.77 -11.89 3.45
C VAL B 58 16.24 -11.52 3.56
N HIS B 59 16.66 -11.11 4.76
CA HIS B 59 18.05 -10.73 4.99
C HIS B 59 19.00 -11.89 4.68
N ASN B 60 18.52 -13.11 4.92
CA ASN B 60 19.32 -14.30 4.67
C ASN B 60 19.59 -14.48 3.18
N PHE B 61 18.73 -13.89 2.36
CA PHE B 61 18.86 -13.98 0.91
C PHE B 61 18.92 -15.43 0.46
N GLN B 62 17.76 -15.99 0.13
CA GLN B 62 17.68 -17.38 -0.32
C GLN B 62 16.73 -17.51 -1.50
N MET B 63 16.70 -16.48 -2.35
CA MET B 63 15.83 -16.49 -3.52
C MET B 63 16.66 -16.35 -4.80
N GLU B 64 16.97 -15.12 -5.17
CA GLU B 64 17.75 -14.84 -6.37
C GLU B 64 17.21 -15.65 -7.55
N CYS B 65 15.95 -15.44 -7.88
CA CYS B 65 15.32 -16.14 -8.99
C CYS B 65 15.43 -17.65 -8.81
N SER B 66 15.46 -18.09 -7.55
CA SER B 66 15.57 -19.52 -7.25
C SER B 66 15.20 -19.79 -5.80
N LEU B 67 15.54 -20.98 -5.32
CA LEU B 67 15.25 -21.37 -3.95
C LEU B 67 16.09 -22.57 -3.53
N GLN B 68 17.07 -22.33 -2.66
CA GLN B 68 17.94 -23.40 -2.18
C GLN B 68 17.62 -23.76 -0.74
N ALA B 69 17.11 -24.97 -0.55
CA ALA B 69 16.75 -25.44 0.79
C ALA B 69 15.71 -24.54 1.43
N LYS B 70 14.44 -24.96 1.38
CA LYS B 70 13.35 -24.18 1.95
C LYS B 70 12.03 -24.91 1.79
N PRO B 71 11.62 -25.15 0.54
CA PRO B 71 10.37 -25.84 0.23
C PRO B 71 10.42 -27.32 0.58
N ALA B 72 9.44 -28.08 0.10
CA ALA B 72 9.38 -29.51 0.37
C ALA B 72 10.71 -30.18 0.08
N VAL B 73 10.97 -30.44 -1.20
CA VAL B 73 12.22 -31.09 -1.61
C VAL B 73 13.39 -30.10 -1.56
N PRO B 74 14.30 -30.32 -0.60
CA PRO B 74 15.48 -29.47 -0.43
C PRO B 74 16.49 -29.63 -1.55
N THR B 75 17.39 -30.59 -1.40
CA THR B 75 18.40 -30.85 -2.41
C THR B 75 19.29 -32.02 -2.01
N SER B 76 18.71 -32.99 -1.32
CA SER B 76 19.44 -34.17 -0.86
C SER B 76 19.81 -35.07 -2.05
N LYS B 77 18.82 -35.78 -2.56
CA LYS B 77 19.03 -36.68 -3.70
C LYS B 77 17.95 -36.48 -4.76
N LEU B 78 18.30 -35.76 -5.82
CA LEU B 78 17.37 -35.50 -6.91
C LEU B 78 17.91 -36.01 -8.24
N GLY B 79 17.12 -35.85 -9.30
CA GLY B 79 17.55 -36.29 -10.61
C GLY B 79 16.96 -35.44 -11.72
N GLN B 80 16.20 -36.08 -12.60
CA GLN B 80 15.57 -35.39 -13.72
C GLN B 80 14.45 -34.48 -13.24
N ALA B 81 13.35 -35.09 -12.79
CA ALA B 81 12.20 -34.34 -12.31
C ALA B 81 12.24 -34.21 -10.79
N GLU B 82 12.38 -32.97 -10.31
CA GLU B 82 12.43 -32.72 -8.88
C GLU B 82 11.19 -31.97 -8.41
N GLY B 83 11.22 -31.48 -7.17
CA GLY B 83 10.08 -30.76 -6.63
C GLY B 83 10.26 -29.26 -6.73
N ARG B 84 9.65 -28.53 -5.80
CA ARG B 84 9.73 -27.07 -5.79
C ARG B 84 9.01 -26.48 -6.98
N ASP B 85 9.62 -26.58 -8.15
CA ASP B 85 9.02 -26.04 -9.37
C ASP B 85 8.39 -27.16 -10.19
N ALA B 86 7.99 -28.23 -9.52
CA ALA B 86 7.36 -29.37 -10.18
C ALA B 86 6.53 -30.19 -9.20
N GLY B 87 7.01 -30.29 -7.97
CA GLY B 87 6.30 -31.04 -6.95
C GLY B 87 5.51 -30.16 -6.02
N SER B 88 6.08 -29.00 -5.67
CA SER B 88 5.41 -28.06 -4.77
C SER B 88 4.83 -26.88 -5.54
N ALA B 89 4.44 -27.14 -6.78
CA ALA B 89 3.87 -26.09 -7.63
C ALA B 89 3.53 -26.64 -9.02
N PRO B 90 2.33 -27.23 -9.13
CA PRO B 90 1.86 -27.81 -10.40
C PRO B 90 1.54 -26.74 -11.43
N SER B 91 0.85 -27.14 -12.50
CA SER B 91 0.49 -26.22 -13.57
C SER B 91 -0.55 -25.21 -13.07
N GLY B 92 -1.80 -25.65 -12.98
CA GLY B 92 -2.87 -24.78 -12.52
C GLY B 92 -3.05 -24.83 -11.02
N GLY B 93 -2.76 -25.99 -10.43
CA GLY B 93 -2.90 -26.14 -8.99
C GLY B 93 -2.05 -25.17 -8.22
N ASP B 94 -0.98 -24.69 -8.85
CA ASP B 94 -0.08 -23.74 -8.20
C ASP B 94 -0.84 -22.53 -7.69
N PRO B 95 -0.46 -22.06 -6.49
CA PRO B 95 -1.09 -20.90 -5.85
C PRO B 95 -0.76 -19.60 -6.58
N ALA B 96 -0.69 -19.66 -7.90
CA ALA B 96 -0.39 -18.49 -8.71
C ALA B 96 -1.66 -17.87 -9.28
N PHE B 97 -2.76 -18.61 -9.19
CA PHE B 97 -4.05 -18.14 -9.71
C PHE B 97 -5.06 -17.97 -8.57
N LEU B 98 -4.70 -17.15 -7.58
CA LEU B 98 -5.57 -16.91 -6.45
C LEU B 98 -5.85 -15.42 -6.28
N GLY B 99 -4.81 -14.65 -6.03
CA GLY B 99 -4.96 -13.21 -5.87
C GLY B 99 -4.53 -12.44 -7.09
N MET B 100 -5.30 -11.43 -7.46
CA MET B 100 -4.99 -10.60 -8.62
C MET B 100 -3.86 -9.64 -8.31
N ALA B 101 -3.81 -9.15 -7.08
CA ALA B 101 -2.77 -8.22 -6.65
C ALA B 101 -1.39 -8.76 -6.97
N VAL B 102 -1.08 -9.96 -6.45
CA VAL B 102 0.21 -10.58 -6.69
C VAL B 102 0.49 -10.71 -8.18
N SER B 103 -0.57 -10.90 -8.97
CA SER B 103 -0.43 -11.05 -10.41
C SER B 103 0.04 -9.74 -11.04
N THR B 104 -0.26 -8.62 -10.38
CA THR B 104 0.13 -7.31 -10.88
C THR B 104 1.59 -7.01 -10.57
N LEU B 105 1.95 -7.10 -9.30
CA LEU B 105 3.33 -6.85 -8.87
C LEU B 105 4.29 -7.80 -9.55
N CYS B 106 3.97 -9.09 -9.52
CA CYS B 106 4.81 -10.11 -10.14
C CYS B 106 4.79 -9.98 -11.65
N GLY B 107 3.71 -9.42 -12.18
CA GLY B 107 3.59 -9.25 -13.62
C GLY B 107 3.17 -10.53 -14.33
N GLU B 108 2.22 -11.25 -13.73
CA GLU B 108 1.74 -12.50 -14.30
C GLU B 108 2.91 -13.40 -14.68
N VAL B 109 3.97 -13.37 -13.89
CA VAL B 109 5.14 -14.19 -14.15
C VAL B 109 5.08 -15.50 -13.37
N PRO B 110 5.76 -16.54 -13.89
CA PRO B 110 5.79 -17.85 -13.27
C PRO B 110 6.60 -17.86 -11.98
N LEU B 111 5.93 -17.61 -10.85
CA LEU B 111 6.60 -17.59 -9.56
C LEU B 111 6.62 -18.98 -8.93
N TYR B 112 7.64 -19.24 -8.11
CA TYR B 112 7.77 -20.53 -7.44
C TYR B 112 7.90 -20.35 -5.94
N TYR B 113 7.35 -21.30 -5.18
CA TYR B 113 7.42 -21.25 -3.73
C TYR B 113 8.86 -21.14 -3.25
N ILE B 114 9.05 -20.49 -2.10
CA ILE B 114 10.38 -20.32 -1.53
C ILE B 114 10.48 -20.98 -0.16
N GLY C 1 -17.34 14.24 -0.81
CA GLY C 1 -18.12 13.45 -1.75
C GLY C 1 -18.18 11.99 -1.36
N SER C 2 -17.47 11.14 -2.09
CA SER C 2 -17.45 9.71 -1.83
C SER C 2 -17.09 9.44 -0.37
N GLU C 3 -17.27 8.19 0.05
CA GLU C 3 -16.96 7.81 1.42
C GLU C 3 -17.07 6.29 1.60
N HIS C 4 -18.06 5.70 0.93
CA HIS C 4 -18.28 4.26 1.01
C HIS C 4 -17.62 3.54 -0.16
N LEU C 5 -16.47 4.05 -0.59
CA LEU C 5 -15.74 3.46 -1.71
C LEU C 5 -14.23 3.65 -1.54
N VAL C 6 -13.61 2.73 -0.81
CA VAL C 6 -12.17 2.79 -0.57
C VAL C 6 -11.51 1.46 -0.89
N THR C 7 -12.05 0.76 -1.88
CA THR C 7 -11.51 -0.54 -2.29
C THR C 7 -10.45 -0.37 -3.37
N THR C 8 -9.19 -0.33 -2.95
CA THR C 8 -8.08 -0.17 -3.89
C THR C 8 -6.76 -0.54 -3.24
N ALA C 9 -5.76 -0.83 -4.07
CA ALA C 9 -4.43 -1.20 -3.57
C ALA C 9 -3.41 -0.09 -3.85
N THR C 10 -2.42 0.01 -2.99
CA THR C 10 -1.37 1.03 -3.14
C THR C 10 -0.04 0.39 -3.53
N PHE C 11 0.61 0.98 -4.54
CA PHE C 11 1.89 0.48 -5.02
C PHE C 11 2.86 1.62 -5.29
N SER C 12 4.10 1.27 -5.60
CA SER C 12 5.13 2.27 -5.88
C SER C 12 5.78 2.01 -7.23
N ILE C 13 6.35 3.06 -7.82
CA ILE C 13 7.01 2.95 -9.12
C ILE C 13 8.51 3.18 -8.99
N GLY C 14 9.29 2.25 -9.53
CA GLY C 14 10.74 2.36 -9.47
C GLY C 14 11.24 2.52 -8.06
N SER C 15 11.79 3.69 -7.75
CA SER C 15 12.32 3.97 -6.43
C SER C 15 12.32 5.47 -6.15
N THR C 16 11.29 6.15 -6.62
CA THR C 16 11.16 7.60 -6.42
C THR C 16 9.70 8.01 -6.32
N GLY C 17 8.89 7.55 -7.26
CA GLY C 17 7.48 7.88 -7.26
C GLY C 17 6.61 6.73 -6.76
N LEU C 18 5.33 7.02 -6.53
CA LEU C 18 4.40 6.01 -6.04
C LEU C 18 3.01 6.24 -6.62
N VAL C 19 2.33 5.16 -6.97
CA VAL C 19 0.98 5.24 -7.53
C VAL C 19 0.12 4.08 -7.05
N VAL C 20 -1.15 4.37 -6.75
CA VAL C 20 -2.08 3.36 -6.28
C VAL C 20 -3.04 2.94 -7.39
N TYR C 21 -3.26 1.63 -7.52
CA TYR C 21 -4.15 1.11 -8.54
C TYR C 21 -5.50 0.72 -7.94
N ASP C 22 -6.57 1.19 -8.57
CA ASP C 22 -7.91 0.89 -8.09
C ASP C 22 -8.46 -0.39 -8.75
N TYR C 23 -8.48 -1.47 -7.98
CA TYR C 23 -8.97 -2.75 -8.48
C TYR C 23 -10.49 -2.82 -8.42
N GLN C 24 -11.14 -1.93 -9.16
CA GLN C 24 -12.60 -1.88 -9.20
C GLN C 24 -13.10 -0.80 -10.14
N GLN C 25 -12.98 0.45 -9.70
CA GLN C 25 -13.41 1.58 -10.52
C GLN C 25 -12.45 1.83 -11.66
N LEU C 26 -11.30 1.17 -11.63
CA LEU C 26 -10.29 1.32 -12.67
C LEU C 26 -9.72 2.73 -12.68
N LEU C 27 -8.99 3.08 -11.63
CA LEU C 27 -8.39 4.41 -11.51
C LEU C 27 -7.00 4.33 -10.91
N ILE C 28 -6.20 5.37 -11.12
CA ILE C 28 -4.86 5.42 -10.58
C ILE C 28 -4.51 6.82 -10.09
N ALA C 29 -3.70 6.89 -9.03
CA ALA C 29 -3.29 8.17 -8.47
C ALA C 29 -1.83 8.47 -8.80
N TYR C 30 -1.60 9.58 -9.48
CA TYR C 30 -0.25 9.98 -9.86
C TYR C 30 -0.03 11.47 -9.61
N LYS C 31 1.09 11.80 -8.99
CA LYS C 31 1.42 13.20 -8.70
C LYS C 31 2.91 13.36 -8.43
N PRO C 32 3.46 14.53 -8.78
CA PRO C 32 4.88 14.84 -8.59
C PRO C 32 5.24 15.01 -7.12
N ALA C 33 5.08 16.23 -6.61
CA ALA C 33 5.39 16.51 -5.21
C ALA C 33 4.16 16.32 -4.34
N PRO C 34 4.39 16.16 -3.02
CA PRO C 34 3.32 15.96 -2.04
C PRO C 34 2.47 17.20 -1.85
N GLY C 35 1.17 17.09 -2.13
CA GLY C 35 0.28 18.22 -1.97
C GLY C 35 0.23 19.09 -3.21
N THR C 36 0.47 18.49 -4.36
CA THR C 36 0.45 19.22 -5.63
C THR C 36 -0.56 18.62 -6.59
N CYS C 37 -0.59 19.15 -7.82
CA CYS C 37 -1.52 18.67 -8.83
C CYS C 37 -1.46 17.15 -8.94
N CYS C 38 -2.58 16.55 -9.30
CA CYS C 38 -2.68 15.11 -9.46
C CYS C 38 -3.24 14.72 -10.81
N TYR C 39 -3.17 13.43 -11.14
CA TYR C 39 -3.68 12.95 -12.41
C TYR C 39 -4.27 11.55 -12.26
N ILE C 40 -5.42 11.33 -12.90
CA ILE C 40 -6.09 10.03 -12.84
C ILE C 40 -6.28 9.44 -14.23
N MET C 41 -6.05 8.14 -14.34
CA MET C 41 -6.18 7.45 -15.62
C MET C 41 -6.99 6.16 -15.45
N LYS C 42 -7.33 5.54 -16.57
CA LYS C 42 -8.11 4.30 -16.55
C LYS C 42 -7.20 3.09 -16.77
N ILE C 43 -7.65 1.94 -16.28
CA ILE C 43 -6.88 0.70 -16.42
C ILE C 43 -7.76 -0.43 -16.95
N ALA C 44 -7.12 -1.53 -17.34
CA ALA C 44 -7.83 -2.69 -17.85
C ALA C 44 -7.70 -3.88 -16.91
N PRO C 45 -8.84 -4.52 -16.61
CA PRO C 45 -8.87 -5.69 -15.72
C PRO C 45 -8.24 -6.92 -16.36
N GLU C 46 -8.32 -7.00 -17.67
CA GLU C 46 -7.75 -8.13 -18.41
C GLU C 46 -6.24 -8.16 -18.27
N SER C 47 -5.65 -7.00 -18.02
CA SER C 47 -4.20 -6.88 -17.87
C SER C 47 -3.83 -5.57 -17.17
N ILE C 48 -4.04 -5.53 -15.86
CA ILE C 48 -3.72 -4.34 -15.07
C ILE C 48 -2.25 -3.96 -15.23
N PRO C 49 -2.00 -2.77 -15.80
CA PRO C 49 -0.65 -2.26 -16.00
C PRO C 49 0.04 -1.89 -14.69
N SER C 50 0.58 -2.90 -14.01
CA SER C 50 1.27 -2.69 -12.75
C SER C 50 2.39 -1.66 -12.90
N LEU C 51 3.08 -1.38 -11.80
CA LEU C 51 4.17 -0.42 -11.81
C LEU C 51 5.08 -0.64 -13.02
N GLU C 52 5.22 -1.90 -13.43
CA GLU C 52 6.05 -2.24 -14.57
C GLU C 52 5.70 -1.38 -15.78
N ALA C 53 4.41 -1.34 -16.10
CA ALA C 53 3.94 -0.55 -17.24
C ALA C 53 3.91 0.93 -16.92
N LEU C 54 3.50 1.26 -15.69
CA LEU C 54 3.43 2.64 -15.25
C LEU C 54 4.78 3.35 -15.44
N THR C 55 5.84 2.77 -14.89
CA THR C 55 7.17 3.33 -15.01
C THR C 55 7.58 3.50 -16.46
N ARG C 56 7.05 2.63 -17.32
CA ARG C 56 7.36 2.67 -18.74
C ARG C 56 6.88 3.99 -19.36
N LYS C 57 5.62 4.31 -19.15
CA LYS C 57 5.02 5.52 -19.69
C LYS C 57 5.46 6.74 -18.86
N VAL C 58 5.69 6.51 -17.56
CA VAL C 58 6.11 7.58 -16.67
C VAL C 58 7.52 8.05 -16.99
N HIS C 59 8.36 7.11 -17.42
CA HIS C 59 9.75 7.42 -17.76
C HIS C 59 9.81 8.47 -18.86
N ASN C 60 8.84 8.43 -19.76
CA ASN C 60 8.79 9.37 -20.88
C ASN C 60 8.53 10.79 -20.38
N PHE C 61 7.94 10.89 -19.19
CA PHE C 61 7.64 12.18 -18.59
C PHE C 61 6.77 13.02 -19.53
N GLN C 62 5.45 12.92 -19.35
CA GLN C 62 4.51 13.66 -20.17
C GLN C 62 3.39 14.26 -19.31
N MET C 63 3.73 14.65 -18.09
CA MET C 63 2.76 15.23 -17.18
C MET C 63 3.18 16.63 -16.76
N GLU C 64 4.04 16.71 -15.74
CA GLU C 64 4.52 18.00 -15.25
C GLU C 64 3.37 18.99 -15.07
N CYS C 65 2.39 18.60 -14.25
CA CYS C 65 1.23 19.45 -14.00
C CYS C 65 0.52 19.81 -15.30
N SER C 66 0.61 18.92 -16.29
CA SER C 66 -0.01 19.14 -17.58
C SER C 66 -0.11 17.84 -18.37
N LEU C 67 -0.39 17.97 -19.66
CA LEU C 67 -0.50 16.80 -20.53
C LEU C 67 -0.39 17.20 -22.00
N GLN C 68 0.73 16.85 -22.62
CA GLN C 68 0.97 17.18 -24.02
C GLN C 68 0.86 15.93 -24.90
N ALA C 69 -0.17 15.90 -25.74
CA ALA C 69 -0.39 14.76 -26.63
C ALA C 69 -0.57 13.47 -25.83
N LYS C 70 -1.83 13.07 -25.65
CA LYS C 70 -2.13 11.85 -24.91
C LYS C 70 -3.63 11.59 -24.89
N PRO C 71 -4.39 12.53 -24.29
CA PRO C 71 -5.85 12.43 -24.18
C PRO C 71 -6.53 12.60 -25.54
N ALA C 72 -7.85 12.78 -25.50
CA ALA C 72 -8.63 12.95 -26.73
C ALA C 72 -7.99 14.01 -27.63
N VAL C 73 -8.25 15.27 -27.32
CA VAL C 73 -7.70 16.37 -28.10
C VAL C 73 -6.22 16.58 -27.81
N PRO C 74 -5.37 16.25 -28.80
CA PRO C 74 -3.91 16.38 -28.68
C PRO C 74 -3.47 17.84 -28.65
N THR C 75 -3.24 18.41 -29.83
CA THR C 75 -2.81 19.80 -29.93
C THR C 75 -2.66 20.22 -31.39
N SER C 76 -3.49 19.66 -32.26
CA SER C 76 -3.44 19.97 -33.68
C SER C 76 -3.94 21.39 -33.94
N LYS C 77 -5.25 21.57 -33.86
CA LYS C 77 -5.85 22.89 -34.08
C LYS C 77 -6.86 23.22 -32.99
N LEU C 78 -6.44 24.06 -32.04
CA LEU C 78 -7.31 24.45 -30.94
C LEU C 78 -7.47 25.97 -30.89
N GLY C 79 -8.27 26.44 -29.94
CA GLY C 79 -8.49 27.88 -29.81
C GLY C 79 -8.75 28.29 -28.38
N GLN C 80 -9.92 28.88 -28.13
CA GLN C 80 -10.29 29.32 -26.80
C GLN C 80 -10.58 28.13 -25.89
N ALA C 81 -11.70 27.45 -26.16
CA ALA C 81 -12.09 26.29 -25.36
C ALA C 81 -11.62 24.99 -26.02
N GLU C 82 -10.71 24.28 -25.35
CA GLU C 82 -10.19 23.03 -25.87
C GLU C 82 -10.67 21.86 -25.04
N GLY C 83 -10.08 20.68 -25.28
CA GLY C 83 -10.46 19.49 -24.54
C GLY C 83 -9.51 19.20 -23.39
N ARG C 84 -9.36 17.92 -23.06
CA ARG C 84 -8.49 17.51 -21.97
C ARG C 84 -9.02 17.99 -20.63
N ASP C 85 -8.87 19.28 -20.36
CA ASP C 85 -9.34 19.86 -19.11
C ASP C 85 -10.67 20.59 -19.32
N ALA C 86 -11.41 20.18 -20.34
CA ALA C 86 -12.70 20.79 -20.64
C ALA C 86 -13.58 19.84 -21.44
N GLY C 87 -12.96 19.05 -22.32
CA GLY C 87 -13.72 18.11 -23.12
C GLY C 87 -13.62 16.69 -22.59
N SER C 88 -12.46 16.32 -22.08
CA SER C 88 -12.25 14.98 -21.55
C SER C 88 -12.24 15.00 -20.02
N ALA C 89 -12.99 15.95 -19.44
CA ALA C 89 -13.08 16.07 -17.99
C ALA C 89 -13.97 17.23 -17.60
N PRO C 90 -15.29 16.97 -17.55
CA PRO C 90 -16.29 17.98 -17.19
C PRO C 90 -16.22 18.37 -15.71
N SER C 91 -17.23 19.07 -15.23
CA SER C 91 -17.27 19.50 -13.84
C SER C 91 -17.44 18.31 -12.91
N GLY C 92 -18.66 17.80 -12.82
CA GLY C 92 -18.93 16.66 -11.97
C GLY C 92 -18.75 15.33 -12.68
N GLY C 93 -19.00 15.33 -13.98
CA GLY C 93 -18.87 14.11 -14.76
C GLY C 93 -17.46 13.56 -14.72
N ASP C 94 -16.49 14.43 -14.44
CA ASP C 94 -15.09 14.02 -14.38
C ASP C 94 -14.91 12.87 -13.39
N PRO C 95 -14.06 11.90 -13.76
CA PRO C 95 -13.77 10.73 -12.93
C PRO C 95 -12.98 11.09 -11.68
N ALA C 96 -13.27 12.24 -11.11
CA ALA C 96 -12.58 12.70 -9.91
C ALA C 96 -13.40 12.41 -8.65
N PHE C 97 -14.66 12.05 -8.85
CA PHE C 97 -15.56 11.75 -7.74
C PHE C 97 -16.00 10.29 -7.78
N LEU C 98 -15.03 9.38 -7.76
CA LEU C 98 -15.33 7.95 -7.81
C LEU C 98 -14.70 7.23 -6.61
N GLY C 99 -13.37 7.26 -6.55
CA GLY C 99 -12.67 6.61 -5.45
C GLY C 99 -12.19 7.60 -4.41
N MET C 100 -12.34 7.24 -3.14
CA MET C 100 -11.92 8.10 -2.03
C MET C 100 -10.39 8.07 -1.89
N ALA C 101 -9.80 6.92 -2.14
CA ALA C 101 -8.36 6.76 -2.03
C ALA C 101 -7.63 7.82 -2.84
N VAL C 102 -7.91 7.88 -4.13
CA VAL C 102 -7.29 8.86 -5.01
C VAL C 102 -7.49 10.28 -4.50
N SER C 103 -8.62 10.51 -3.85
CA SER C 103 -8.94 11.83 -3.30
C SER C 103 -8.00 12.18 -2.15
N THR C 104 -7.48 11.16 -1.49
CA THR C 104 -6.56 11.35 -0.38
C THR C 104 -5.16 11.69 -0.87
N LEU C 105 -4.60 10.81 -1.70
CA LEU C 105 -3.26 11.00 -2.23
C LEU C 105 -3.18 12.32 -3.01
N CYS C 106 -4.14 12.54 -3.89
CA CYS C 106 -4.17 13.76 -4.70
C CYS C 106 -4.47 14.97 -3.84
N GLY C 107 -5.17 14.74 -2.72
CA GLY C 107 -5.51 15.82 -1.82
C GLY C 107 -6.71 16.62 -2.30
N GLU C 108 -7.73 15.91 -2.81
CA GLU C 108 -8.93 16.54 -3.29
C GLU C 108 -8.60 17.68 -4.26
N VAL C 109 -7.54 17.48 -5.04
CA VAL C 109 -7.11 18.49 -6.00
C VAL C 109 -7.68 18.21 -7.39
N PRO C 110 -7.84 19.28 -8.20
CA PRO C 110 -8.37 19.16 -9.56
C PRO C 110 -7.41 18.46 -10.50
N LEU C 111 -7.54 17.14 -10.61
CA LEU C 111 -6.68 16.35 -11.48
C LEU C 111 -7.27 16.27 -12.89
N TYR C 112 -6.40 16.13 -13.88
CA TYR C 112 -6.83 16.03 -15.27
C TYR C 112 -6.27 14.79 -15.93
N TYR C 113 -7.05 14.18 -16.83
CA TYR C 113 -6.63 12.98 -17.53
C TYR C 113 -5.30 13.20 -18.24
N ILE C 114 -4.52 12.13 -18.37
CA ILE C 114 -3.23 12.20 -19.03
C ILE C 114 -3.18 11.29 -20.25
N GLY A 1 -14.03 -10.32 0.35
CA GLY A 1 -13.45 -11.49 1.01
C GLY A 1 -13.82 -11.56 2.48
N SER A 2 -13.01 -10.94 3.33
CA SER A 2 -13.25 -10.93 4.76
C SER A 2 -12.27 -10.01 5.48
N GLU A 3 -12.28 -10.06 6.81
CA GLU A 3 -11.40 -9.22 7.61
C GLU A 3 -11.70 -7.74 7.39
N HIS A 4 -12.40 -7.13 8.35
CA HIS A 4 -12.75 -5.73 8.26
C HIS A 4 -11.85 -4.88 9.14
N LEU A 5 -10.55 -5.05 8.99
CA LEU A 5 -9.57 -4.31 9.77
C LEU A 5 -8.15 -4.54 9.25
N VAL A 6 -8.03 -4.74 7.94
CA VAL A 6 -6.74 -4.97 7.31
C VAL A 6 -6.58 -4.14 6.04
N THR A 7 -7.67 -4.02 5.29
CA THR A 7 -7.66 -3.26 4.05
C THR A 7 -7.23 -1.83 4.28
N THR A 8 -5.95 -1.55 4.02
CA THR A 8 -5.41 -0.20 4.21
C THR A 8 -4.28 0.07 3.23
N ALA A 9 -3.86 1.33 3.14
CA ALA A 9 -2.79 1.73 2.25
C ALA A 9 -1.59 2.25 3.02
N THR A 10 -0.45 2.39 2.35
CA THR A 10 0.76 2.88 2.98
C THR A 10 1.36 4.03 2.18
N PHE A 11 1.68 5.12 2.86
CA PHE A 11 2.26 6.30 2.22
C PHE A 11 3.50 6.77 2.97
N SER A 12 4.57 7.04 2.23
CA SER A 12 5.81 7.50 2.83
C SER A 12 5.74 8.97 3.19
N ILE A 13 6.22 9.31 4.39
CA ILE A 13 6.21 10.69 4.85
C ILE A 13 7.59 11.32 4.77
N GLY A 14 7.67 12.51 4.17
CA GLY A 14 8.94 13.20 4.04
C GLY A 14 9.89 12.47 3.10
N SER A 15 10.68 11.55 3.65
CA SER A 15 11.64 10.79 2.86
C SER A 15 12.41 9.81 3.74
N THR A 16 11.69 9.14 4.64
CA THR A 16 12.30 8.17 5.54
C THR A 16 11.33 7.05 5.89
N GLY A 17 10.31 7.39 6.68
CA GLY A 17 9.32 6.40 7.07
C GLY A 17 8.01 6.56 6.33
N LEU A 18 7.05 5.71 6.64
CA LEU A 18 5.73 5.76 5.99
C LEU A 18 4.63 5.43 6.98
N VAL A 19 3.41 5.88 6.68
CA VAL A 19 2.26 5.63 7.54
C VAL A 19 1.12 4.99 6.77
N VAL A 20 0.27 4.25 7.46
CA VAL A 20 -0.87 3.60 6.84
C VAL A 20 -2.19 4.05 7.46
N TYR A 21 -3.14 4.41 6.62
CA TYR A 21 -4.45 4.88 7.07
C TYR A 21 -5.52 3.83 6.82
N ASP A 22 -5.92 3.12 7.87
CA ASP A 22 -6.94 2.09 7.76
C ASP A 22 -8.24 2.67 7.22
N TYR A 23 -8.59 2.30 5.99
CA TYR A 23 -9.81 2.79 5.35
C TYR A 23 -11.02 2.01 5.85
N GLN A 24 -11.21 1.99 7.17
CA GLN A 24 -12.33 1.28 7.76
C GLN A 24 -12.30 1.39 9.29
N GLN A 25 -11.14 1.06 9.87
CA GLN A 25 -10.98 1.13 11.32
C GLN A 25 -10.48 2.50 11.75
N LEU A 26 -10.01 3.29 10.78
CA LEU A 26 -9.51 4.63 11.08
C LEU A 26 -8.31 4.57 12.02
N LEU A 27 -7.26 3.88 11.59
CA LEU A 27 -6.05 3.75 12.39
C LEU A 27 -4.84 4.24 11.62
N ILE A 28 -3.86 4.77 12.35
CA ILE A 28 -2.64 5.28 11.73
C ILE A 28 -1.40 4.58 12.29
N ALA A 29 -0.52 4.15 11.41
CA ALA A 29 0.71 3.46 11.83
C ALA A 29 1.92 4.38 11.68
N TYR A 30 2.59 4.66 12.79
CA TYR A 30 3.76 5.51 12.79
C TYR A 30 4.88 4.92 13.64
N LYS A 31 6.03 4.65 13.01
CA LYS A 31 7.17 4.09 13.70
C LYS A 31 8.45 4.30 12.91
N PRO A 32 9.58 4.35 13.62
CA PRO A 32 10.89 4.55 13.00
C PRO A 32 11.35 3.34 12.20
N ALA A 33 11.98 2.38 12.86
CA ALA A 33 12.46 1.17 12.21
C ALA A 33 11.40 0.09 12.23
N PRO A 34 11.55 -0.91 11.34
CA PRO A 34 10.61 -2.03 11.24
C PRO A 34 10.69 -2.96 12.45
N GLY A 35 9.56 -3.13 13.13
CA GLY A 35 9.52 -4.00 14.29
C GLY A 35 9.98 -3.29 15.56
N THR A 36 9.79 -1.98 15.59
CA THR A 36 10.20 -1.18 16.75
C THR A 36 9.00 -0.42 17.33
N CYS A 37 9.29 0.49 18.24
CA CYS A 37 8.24 1.29 18.88
C CYS A 37 7.24 1.80 17.83
N CYS A 38 5.96 1.52 18.07
CA CYS A 38 4.91 1.94 17.16
C CYS A 38 3.82 2.71 17.90
N TYR A 39 2.95 3.37 17.14
CA TYR A 39 1.86 4.15 17.74
C TYR A 39 0.61 4.07 16.87
N ILE A 40 -0.55 4.27 17.49
CA ILE A 40 -1.82 4.23 16.77
C ILE A 40 -2.59 5.54 16.94
N MET A 41 -3.20 6.00 15.86
CA MET A 41 -3.96 7.25 15.89
C MET A 41 -5.31 7.06 15.21
N LYS A 42 -6.31 7.81 15.67
CA LYS A 42 -7.65 7.73 15.11
C LYS A 42 -7.89 8.86 14.11
N ILE A 43 -8.61 8.55 13.04
CA ILE A 43 -8.91 9.55 12.01
C ILE A 43 -10.40 9.60 11.72
N ALA A 44 -10.82 10.62 10.98
CA ALA A 44 -12.23 10.79 10.63
C ALA A 44 -12.42 10.72 9.12
N PRO A 45 -13.55 10.12 8.69
CA PRO A 45 -13.87 9.97 7.27
C PRO A 45 -14.23 11.31 6.62
N GLU A 46 -14.82 12.20 7.40
CA GLU A 46 -15.21 13.51 6.91
C GLU A 46 -13.99 14.38 6.63
N SER A 47 -12.90 14.08 7.32
CA SER A 47 -11.66 14.83 7.17
C SER A 47 -10.44 13.94 7.39
N ILE A 48 -10.17 13.06 6.43
CA ILE A 48 -9.04 12.15 6.54
C ILE A 48 -7.72 12.90 6.42
N PRO A 49 -6.95 12.92 7.52
CA PRO A 49 -5.64 13.60 7.56
C PRO A 49 -4.60 12.89 6.72
N SER A 50 -4.64 13.12 5.41
CA SER A 50 -3.69 12.50 4.49
C SER A 50 -2.25 12.78 4.92
N LEU A 51 -1.30 12.23 4.18
CA LEU A 51 0.12 12.41 4.49
C LEU A 51 0.43 13.89 4.73
N GLU A 52 -0.29 14.76 4.03
CA GLU A 52 -0.10 16.20 4.17
C GLU A 52 -0.22 16.62 5.63
N ALA A 53 -1.27 16.16 6.30
CA ALA A 53 -1.50 16.49 7.70
C ALA A 53 -0.56 15.70 8.60
N LEU A 54 -0.36 14.42 8.28
CA LEU A 54 0.51 13.56 9.07
C LEU A 54 1.90 14.17 9.21
N THR A 55 2.51 14.50 8.08
CA THR A 55 3.84 15.10 8.08
C THR A 55 3.85 16.41 8.86
N ARG A 56 2.72 17.11 8.86
CA ARG A 56 2.61 18.38 9.56
C ARG A 56 2.85 18.20 11.06
N LYS A 57 2.09 17.29 11.66
CA LYS A 57 2.21 17.03 13.09
C LYS A 57 3.43 16.15 13.37
N VAL A 58 3.78 15.30 12.42
CA VAL A 58 4.94 14.42 12.56
C VAL A 58 6.23 15.22 12.63
N HIS A 59 6.23 16.39 12.00
CA HIS A 59 7.41 17.25 11.99
C HIS A 59 7.85 17.59 13.41
N ASN A 60 6.90 17.56 14.34
CA ASN A 60 7.19 17.87 15.73
C ASN A 60 8.11 16.82 16.34
N PHE A 61 8.11 15.63 15.76
CA PHE A 61 8.94 14.53 16.24
C PHE A 61 8.71 14.29 17.74
N GLN A 62 7.47 14.45 18.17
CA GLN A 62 7.10 14.25 19.57
C GLN A 62 6.65 12.82 19.81
N MET A 63 7.28 11.88 19.13
CA MET A 63 6.94 10.47 19.28
C MET A 63 8.09 9.57 18.82
N GLU A 64 9.30 10.12 18.87
CA GLU A 64 10.49 9.37 18.46
C GLU A 64 10.89 8.35 19.53
N CYS A 65 10.15 7.25 19.60
CA CYS A 65 10.42 6.20 20.57
C CYS A 65 10.38 6.76 21.99
N SER A 66 9.62 7.84 22.17
CA SER A 66 9.49 8.46 23.48
C SER A 66 8.05 8.89 23.74
N LEU A 67 7.87 9.76 24.73
CA LEU A 67 6.53 10.25 25.08
C LEU A 67 6.61 11.67 25.61
N GLN A 68 6.48 12.64 24.71
CA GLN A 68 6.53 14.05 25.09
C GLN A 68 5.61 14.33 26.27
N ALA A 69 6.02 15.27 27.12
CA ALA A 69 5.22 15.63 28.29
C ALA A 69 5.19 14.50 29.30
N LYS A 70 5.26 14.84 30.58
CA LYS A 70 5.25 13.84 31.65
C LYS A 70 4.23 12.75 31.34
N PRO A 71 2.95 13.14 31.24
CA PRO A 71 1.86 12.20 30.96
C PRO A 71 1.92 11.66 29.52
N ALA A 72 0.81 11.07 29.08
CA ALA A 72 0.74 10.51 27.73
C ALA A 72 -0.07 11.43 26.82
N VAL A 73 -1.11 12.04 27.37
CA VAL A 73 -1.97 12.94 26.60
C VAL A 73 -1.93 14.35 27.16
N PRO A 74 -0.91 15.12 26.75
CA PRO A 74 -0.74 16.51 27.20
C PRO A 74 -1.81 17.44 26.64
N THR A 75 -2.85 17.68 27.43
CA THR A 75 -3.94 18.55 27.01
C THR A 75 -4.41 18.20 25.60
N SER A 76 -4.85 16.96 25.42
CA SER A 76 -5.32 16.51 24.12
C SER A 76 -6.54 15.60 24.28
N LYS A 77 -7.69 16.21 24.52
CA LYS A 77 -8.93 15.47 24.69
C LYS A 77 -8.89 14.61 25.95
N LEU A 78 -8.78 15.26 27.11
CA LEU A 78 -8.73 14.55 28.38
C LEU A 78 -10.11 14.06 28.79
N GLY A 79 -10.18 13.39 29.94
CA GLY A 79 -11.45 12.87 30.43
C GLY A 79 -11.42 12.57 31.91
N GLN A 80 -10.30 12.02 32.37
CA GLN A 80 -10.15 11.68 33.78
C GLN A 80 -9.03 12.49 34.42
N ALA A 81 -8.64 12.10 35.64
CA ALA A 81 -7.58 12.79 36.35
C ALA A 81 -6.35 12.97 35.47
N GLU A 82 -5.61 11.88 35.26
CA GLU A 82 -4.41 11.92 34.44
C GLU A 82 -4.64 11.25 33.10
N GLY A 83 -3.56 11.03 32.34
CA GLY A 83 -3.67 10.39 31.05
C GLY A 83 -3.03 9.03 31.01
N ARG A 84 -2.50 8.65 29.84
CA ARG A 84 -1.86 7.36 29.67
C ARG A 84 -2.86 6.22 29.82
N ASP A 85 -3.24 5.93 31.06
CA ASP A 85 -4.20 4.88 31.34
C ASP A 85 -5.59 5.45 31.61
N ALA A 86 -5.89 6.57 30.96
CA ALA A 86 -7.19 7.22 31.13
C ALA A 86 -7.42 8.25 30.04
N GLY A 87 -6.35 8.92 29.62
CA GLY A 87 -6.47 9.93 28.58
C GLY A 87 -5.96 9.44 27.24
N SER A 88 -4.94 8.59 27.26
CA SER A 88 -4.37 8.06 26.04
C SER A 88 -4.61 6.55 25.94
N ALA A 89 -5.62 6.07 26.66
CA ALA A 89 -5.96 4.66 26.65
C ALA A 89 -7.16 4.37 27.55
N PRO A 90 -8.37 4.62 27.01
CA PRO A 90 -9.61 4.40 27.74
C PRO A 90 -9.91 2.93 27.95
N SER A 91 -9.29 2.34 28.96
CA SER A 91 -9.49 0.93 29.27
C SER A 91 -9.31 0.07 28.01
N GLY A 92 -9.82 -1.15 28.07
CA GLY A 92 -9.70 -2.05 26.92
C GLY A 92 -10.15 -1.41 25.63
N GLY A 93 -10.99 -0.38 25.74
CA GLY A 93 -11.49 0.30 24.56
C GLY A 93 -10.37 0.95 23.76
N ASP A 94 -9.19 1.04 24.36
CA ASP A 94 -8.04 1.66 23.70
C ASP A 94 -7.82 1.02 22.33
N PRO A 95 -7.41 1.87 21.36
CA PRO A 95 -7.15 1.42 19.99
C PRO A 95 -5.90 0.54 19.89
N ALA A 96 -5.74 -0.36 20.86
CA ALA A 96 -4.59 -1.25 20.88
C ALA A 96 -4.98 -2.66 20.44
N PHE A 97 -6.29 -2.92 20.39
CA PHE A 97 -6.80 -4.23 20.00
C PHE A 97 -7.67 -4.12 18.74
N LEU A 98 -7.22 -3.29 17.80
CA LEU A 98 -7.96 -3.10 16.55
C LEU A 98 -7.00 -2.86 15.39
N GLY A 99 -7.40 -3.31 14.21
CA GLY A 99 -6.57 -3.15 13.03
C GLY A 99 -5.40 -4.11 13.00
N MET A 100 -5.49 -5.13 12.15
CA MET A 100 -4.44 -6.13 12.03
C MET A 100 -3.25 -5.57 11.26
N ALA A 101 -3.53 -4.73 10.27
CA ALA A 101 -2.50 -4.13 9.45
C ALA A 101 -1.41 -3.49 10.32
N VAL A 102 -1.81 -2.57 11.18
CA VAL A 102 -0.88 -1.89 12.07
C VAL A 102 -0.09 -2.89 12.91
N SER A 103 -0.79 -3.90 13.40
CA SER A 103 -0.16 -4.93 14.22
C SER A 103 0.94 -5.66 13.44
N THR A 104 0.84 -5.62 12.12
CA THR A 104 1.83 -6.28 11.26
C THR A 104 3.08 -5.41 11.11
N LEU A 105 2.89 -4.18 10.67
CA LEU A 105 3.99 -3.25 10.47
C LEU A 105 4.65 -2.90 11.81
N CYS A 106 3.83 -2.68 12.82
CA CYS A 106 4.32 -2.35 14.15
C CYS A 106 5.07 -3.52 14.77
N GLY A 107 4.71 -4.73 14.35
CA GLY A 107 5.35 -5.93 14.88
C GLY A 107 4.76 -6.38 16.19
N GLU A 108 3.43 -6.39 16.27
CA GLU A 108 2.73 -6.81 17.48
C GLU A 108 3.29 -6.06 18.69
N VAL A 109 3.69 -4.82 18.49
CA VAL A 109 4.24 -4.00 19.57
C VAL A 109 3.17 -3.09 20.16
N PRO A 110 3.37 -2.69 21.43
CA PRO A 110 2.44 -1.81 22.13
C PRO A 110 2.45 -0.39 21.58
N LEU A 111 1.27 0.12 21.23
CA LEU A 111 1.14 1.47 20.70
C LEU A 111 0.83 2.47 21.80
N TYR A 112 1.37 3.68 21.66
CA TYR A 112 1.15 4.73 22.65
C TYR A 112 0.65 6.01 21.97
N TYR A 113 -0.56 6.43 22.34
CA TYR A 113 -1.15 7.64 21.77
C TYR A 113 -0.20 8.82 21.91
N ILE A 114 0.14 9.44 20.79
CA ILE A 114 1.03 10.60 20.80
C ILE A 114 0.24 11.91 20.81
N GLY B 1 -16.88 -3.47 -2.91
CA GLY B 1 -16.91 -3.46 -4.37
C GLY B 1 -16.89 -4.86 -4.95
N SER B 2 -15.69 -5.37 -5.20
CA SER B 2 -15.54 -6.71 -5.77
C SER B 2 -14.06 -7.13 -5.78
N GLU B 3 -13.78 -8.23 -6.46
CA GLU B 3 -12.42 -8.74 -6.55
C GLU B 3 -11.90 -9.14 -5.17
N HIS B 4 -11.88 -10.43 -4.90
CA HIS B 4 -11.41 -10.95 -3.62
C HIS B 4 -10.01 -11.55 -3.76
N LEU B 5 -9.09 -10.76 -4.31
CA LEU B 5 -7.71 -11.21 -4.50
C LEU B 5 -6.83 -10.07 -4.98
N VAL B 6 -7.13 -8.85 -4.51
CA VAL B 6 -6.36 -7.68 -4.88
C VAL B 6 -6.09 -6.79 -3.68
N THR B 7 -7.08 -6.69 -2.80
CA THR B 7 -6.95 -5.87 -1.60
C THR B 7 -5.73 -6.28 -0.78
N THR B 8 -4.64 -5.54 -0.92
CA THR B 8 -3.41 -5.82 -0.19
C THR B 8 -2.60 -4.56 0.03
N ALA B 9 -1.65 -4.63 0.96
CA ALA B 9 -0.79 -3.48 1.26
C ALA B 9 0.65 -3.74 0.83
N THR B 10 1.45 -2.69 0.78
CA THR B 10 2.85 -2.79 0.37
C THR B 10 3.77 -2.24 1.45
N PHE B 11 4.70 -3.07 1.91
CA PHE B 11 5.65 -2.66 2.94
C PHE B 11 7.09 -2.87 2.47
N SER B 12 7.94 -1.88 2.72
CA SER B 12 9.33 -1.96 2.32
C SER B 12 10.14 -2.79 3.30
N ILE B 13 11.04 -3.62 2.78
CA ILE B 13 11.87 -4.48 3.62
C ILE B 13 13.30 -3.96 3.67
N GLY B 14 13.83 -3.82 4.88
CA GLY B 14 15.19 -3.33 5.05
C GLY B 14 15.34 -1.90 4.62
N SER B 15 15.66 -1.69 3.34
CA SER B 15 15.84 -0.36 2.80
C SER B 15 16.20 -0.41 1.32
N THR B 16 15.50 -1.28 0.58
CA THR B 16 15.75 -1.43 -0.84
C THR B 16 14.47 -1.83 -1.58
N GLY B 17 14.01 -3.06 -1.33
CA GLY B 17 12.81 -3.54 -1.97
C GLY B 17 11.61 -3.55 -1.04
N LEU B 18 10.46 -3.97 -1.55
CA LEU B 18 9.24 -4.03 -0.75
C LEU B 18 8.42 -5.27 -1.10
N VAL B 19 7.60 -5.71 -0.15
CA VAL B 19 6.76 -6.88 -0.35
C VAL B 19 5.31 -6.60 0.03
N VAL B 20 4.39 -7.30 -0.61
CA VAL B 20 2.97 -7.12 -0.34
C VAL B 20 2.36 -8.38 0.27
N TYR B 21 1.52 -8.21 1.28
CA TYR B 21 0.88 -9.33 1.94
C TYR B 21 -0.62 -9.33 1.69
N ASP B 22 -1.06 -10.15 0.74
CA ASP B 22 -2.48 -10.24 0.40
C ASP B 22 -3.32 -10.54 1.64
N TYR B 23 -4.09 -9.56 2.08
CA TYR B 23 -4.94 -9.73 3.25
C TYR B 23 -6.24 -10.44 2.89
N GLN B 24 -6.11 -11.61 2.27
CA GLN B 24 -7.28 -12.40 1.88
C GLN B 24 -6.85 -13.69 1.18
N GLN B 25 -6.01 -13.55 0.15
CA GLN B 25 -5.54 -14.71 -0.59
C GLN B 25 -4.32 -15.33 0.08
N LEU B 26 -3.74 -14.59 1.03
CA LEU B 26 -2.57 -15.08 1.76
C LEU B 26 -1.39 -15.30 0.80
N LEU B 27 -1.03 -14.27 0.05
CA LEU B 27 0.07 -14.35 -0.89
C LEU B 27 1.13 -13.29 -0.60
N ILE B 28 2.38 -13.60 -0.92
CA ILE B 28 3.48 -12.67 -0.70
C ILE B 28 4.25 -12.43 -1.98
N ALA B 29 4.47 -11.16 -2.31
CA ALA B 29 5.21 -10.78 -3.51
C ALA B 29 6.61 -10.28 -3.16
N TYR B 30 7.62 -10.95 -3.70
CA TYR B 30 9.01 -10.58 -3.45
C TYR B 30 9.82 -10.59 -4.74
N LYS B 31 10.41 -9.46 -5.08
CA LYS B 31 11.22 -9.33 -6.28
C LYS B 31 12.15 -8.13 -6.20
N PRO B 32 13.28 -8.21 -6.92
CA PRO B 32 14.28 -7.13 -6.94
C PRO B 32 13.77 -5.89 -7.67
N ALA B 33 13.95 -5.86 -8.98
CA ALA B 33 13.52 -4.73 -9.80
C ALA B 33 12.09 -4.93 -10.27
N PRO B 34 11.45 -3.82 -10.70
CA PRO B 34 10.07 -3.84 -11.20
C PRO B 34 9.95 -4.55 -12.54
N GLY B 35 9.10 -5.57 -12.60
CA GLY B 35 8.90 -6.31 -13.83
C GLY B 35 9.98 -7.35 -14.05
N THR B 36 10.55 -7.86 -12.96
CA THR B 36 11.59 -8.87 -13.04
C THR B 36 11.18 -10.14 -12.31
N CYS B 37 12.14 -11.05 -12.12
CA CYS B 37 11.89 -12.30 -11.44
C CYS B 37 11.08 -12.07 -10.17
N CYS B 38 9.97 -12.78 -10.03
CA CYS B 38 9.11 -12.66 -8.86
C CYS B 38 8.82 -14.02 -8.25
N TYR B 39 8.30 -14.02 -7.02
CA TYR B 39 7.98 -15.26 -6.32
C TYR B 39 6.73 -15.09 -5.46
N ILE B 40 6.07 -16.20 -5.15
CA ILE B 40 4.87 -16.18 -4.33
C ILE B 40 5.04 -17.05 -3.09
N MET B 41 4.54 -16.55 -1.96
CA MET B 41 4.63 -17.28 -0.70
C MET B 41 3.28 -17.29 0.01
N LYS B 42 3.05 -18.32 0.82
CA LYS B 42 1.80 -18.45 1.56
C LYS B 42 1.97 -17.98 3.00
N ILE B 43 0.91 -17.45 3.58
CA ILE B 43 0.94 -16.98 4.96
C ILE B 43 -0.28 -17.44 5.74
N ALA B 44 -0.22 -17.31 7.06
CA ALA B 44 -1.32 -17.72 7.92
C ALA B 44 -1.90 -16.53 8.67
N PRO B 45 -3.23 -16.52 8.84
CA PRO B 45 -3.94 -15.44 9.55
C PRO B 45 -3.64 -15.44 11.04
N GLU B 46 -3.39 -16.62 11.60
CA GLU B 46 -3.10 -16.74 13.02
C GLU B 46 -1.71 -16.21 13.34
N SER B 47 -0.83 -16.23 12.33
CA SER B 47 0.54 -15.76 12.50
C SER B 47 1.06 -15.13 11.21
N ILE B 48 0.57 -13.93 10.90
CA ILE B 48 0.98 -13.23 9.69
C ILE B 48 2.43 -12.77 9.80
N PRO B 49 3.31 -13.34 8.97
CA PRO B 49 4.73 -13.00 8.94
C PRO B 49 4.98 -11.60 8.40
N SER B 50 4.75 -10.60 9.23
CA SER B 50 4.95 -9.21 8.83
C SER B 50 6.37 -9.00 8.29
N LEU B 51 6.64 -7.79 7.83
CA LEU B 51 7.95 -7.44 7.30
C LEU B 51 9.06 -7.89 8.25
N GLU B 52 8.78 -7.82 9.55
CA GLU B 52 9.74 -8.21 10.56
C GLU B 52 10.28 -9.62 10.29
N ALA B 53 9.37 -10.55 10.02
CA ALA B 53 9.75 -11.92 9.75
C ALA B 53 10.28 -12.07 8.32
N LEU B 54 9.62 -11.41 7.39
CA LEU B 54 10.01 -11.47 5.98
C LEU B 54 11.49 -11.10 5.82
N THR B 55 11.86 -9.92 6.32
CA THR B 55 13.24 -9.46 6.22
C THR B 55 14.20 -10.47 6.83
N ARG B 56 13.72 -11.22 7.83
CA ARG B 56 14.54 -12.22 8.50
C ARG B 56 14.97 -13.32 7.53
N LYS B 57 13.98 -13.91 6.85
CA LYS B 57 14.25 -14.97 5.88
C LYS B 57 14.82 -14.40 4.59
N VAL B 58 14.42 -13.17 4.26
CA VAL B 58 14.89 -12.52 3.05
C VAL B 58 16.39 -12.26 3.11
N HIS B 59 16.92 -12.09 4.32
CA HIS B 59 18.34 -11.85 4.52
C HIS B 59 19.17 -12.99 3.93
N ASN B 60 18.57 -14.16 3.83
CA ASN B 60 19.25 -15.33 3.29
C ASN B 60 19.59 -15.13 1.82
N PHE B 61 18.83 -14.26 1.16
CA PHE B 61 19.04 -13.98 -0.25
C PHE B 61 19.04 -15.27 -1.07
N GLN B 62 18.22 -16.23 -0.65
CA GLN B 62 18.14 -17.51 -1.34
C GLN B 62 17.03 -17.48 -2.39
N MET B 63 16.87 -16.34 -3.05
CA MET B 63 15.85 -16.18 -4.09
C MET B 63 16.16 -14.99 -4.98
N GLU B 64 17.44 -14.63 -5.06
CA GLU B 64 17.86 -13.51 -5.88
C GLU B 64 17.90 -13.90 -7.36
N CYS B 65 16.74 -13.96 -7.98
CA CYS B 65 16.63 -14.32 -9.39
C CYS B 65 17.23 -15.70 -9.64
N SER B 66 17.24 -16.54 -8.61
CA SER B 66 17.79 -17.88 -8.72
C SER B 66 16.94 -18.88 -7.93
N LEU B 67 17.49 -20.06 -7.69
CA LEU B 67 16.79 -21.11 -6.96
C LEU B 67 17.76 -21.96 -6.15
N GLN B 68 17.99 -21.56 -4.90
CA GLN B 68 18.90 -22.30 -4.02
C GLN B 68 18.59 -23.79 -4.04
N ALA B 69 19.63 -24.60 -3.88
CA ALA B 69 19.47 -26.05 -3.88
C ALA B 69 19.07 -26.56 -5.25
N LYS B 70 19.63 -27.70 -5.65
CA LYS B 70 19.33 -28.30 -6.94
C LYS B 70 17.85 -28.17 -7.27
N PRO B 71 17.00 -28.79 -6.43
CA PRO B 71 15.54 -28.75 -6.61
C PRO B 71 14.96 -27.37 -6.34
N ALA B 72 13.64 -27.32 -6.17
CA ALA B 72 12.96 -26.07 -5.90
C ALA B 72 12.60 -25.94 -4.42
N VAL B 73 12.24 -27.07 -3.81
CA VAL B 73 11.88 -27.09 -2.40
C VAL B 73 12.82 -27.97 -1.59
N PRO B 74 13.95 -27.38 -1.14
CA PRO B 74 14.96 -28.10 -0.36
C PRO B 74 14.46 -28.44 1.04
N THR B 75 13.94 -29.65 1.20
CA THR B 75 13.43 -30.10 2.49
C THR B 75 12.53 -29.04 3.13
N SER B 76 11.47 -28.68 2.43
CA SER B 76 10.53 -27.68 2.92
C SER B 76 9.09 -28.07 2.60
N LYS B 77 8.53 -28.97 3.38
CA LYS B 77 7.16 -29.43 3.18
C LYS B 77 7.03 -30.18 1.86
N LEU B 78 7.72 -31.32 1.76
CA LEU B 78 7.67 -32.14 0.56
C LEU B 78 6.40 -32.98 0.51
N GLY B 79 6.26 -33.76 -0.56
CA GLY B 79 5.09 -34.61 -0.69
C GLY B 79 5.31 -35.74 -1.69
N GLN B 80 6.00 -35.44 -2.78
CA GLN B 80 6.28 -36.45 -3.79
C GLN B 80 7.78 -36.72 -3.89
N ALA B 81 8.17 -37.42 -4.95
CA ALA B 81 9.58 -37.75 -5.17
C ALA B 81 10.45 -36.50 -5.07
N GLU B 82 10.38 -35.65 -6.09
CA GLU B 82 11.17 -34.43 -6.12
C GLU B 82 10.29 -33.21 -5.87
N GLY B 83 10.85 -32.03 -6.08
CA GLY B 83 10.09 -30.80 -5.88
C GLY B 83 9.85 -30.05 -7.16
N ARG B 84 9.79 -28.73 -7.08
CA ARG B 84 9.55 -27.89 -8.25
C ARG B 84 8.15 -28.12 -8.81
N ASP B 85 7.97 -29.24 -9.50
CA ASP B 85 6.67 -29.58 -10.07
C ASP B 85 5.95 -30.61 -9.23
N ALA B 86 6.19 -30.57 -7.92
CA ALA B 86 5.55 -31.50 -6.99
C ALA B 86 5.68 -31.01 -5.55
N GLY B 87 6.81 -30.38 -5.24
CA GLY B 87 7.04 -29.87 -3.91
C GLY B 87 6.86 -28.38 -3.81
N SER B 88 7.22 -27.67 -4.88
CA SER B 88 7.10 -26.22 -4.89
C SER B 88 6.05 -25.77 -5.92
N ALA B 89 5.15 -26.69 -6.27
CA ALA B 89 4.09 -26.40 -7.23
C ALA B 89 3.20 -27.61 -7.44
N PRO B 90 2.24 -27.82 -6.52
CA PRO B 90 1.30 -28.93 -6.59
C PRO B 90 0.31 -28.79 -7.73
N SER B 91 0.74 -29.15 -8.94
CA SER B 91 -0.12 -29.07 -10.12
C SER B 91 -0.73 -27.67 -10.24
N GLY B 92 -1.78 -27.57 -11.04
CA GLY B 92 -2.45 -26.29 -11.23
C GLY B 92 -2.79 -25.62 -9.91
N GLY B 93 -2.91 -26.41 -8.85
CA GLY B 93 -3.24 -25.87 -7.55
C GLY B 93 -2.19 -24.89 -7.04
N ASP B 94 -1.03 -24.88 -7.69
CA ASP B 94 0.06 -24.00 -7.30
C ASP B 94 -0.43 -22.56 -7.20
N PRO B 95 0.10 -21.82 -6.20
CA PRO B 95 -0.26 -20.43 -5.97
C PRO B 95 0.26 -19.50 -7.07
N ALA B 96 0.14 -19.94 -8.32
CA ALA B 96 0.60 -19.15 -9.45
C ALA B 96 -0.56 -18.55 -10.21
N PHE B 97 -1.77 -19.03 -9.91
CA PHE B 97 -2.97 -18.55 -10.58
C PHE B 97 -3.93 -17.91 -9.57
N LEU B 98 -3.37 -17.17 -8.62
CA LEU B 98 -4.17 -16.52 -7.59
C LEU B 98 -3.55 -15.18 -7.19
N GLY B 99 -4.41 -14.22 -6.83
CA GLY B 99 -3.92 -12.91 -6.44
C GLY B 99 -3.51 -12.06 -7.62
N MET B 100 -4.34 -11.07 -7.94
CA MET B 100 -4.06 -10.17 -9.06
C MET B 100 -2.98 -9.16 -8.69
N ALA B 101 -2.96 -8.76 -7.43
CA ALA B 101 -1.98 -7.80 -6.94
C ALA B 101 -0.56 -8.23 -7.31
N VAL B 102 -0.18 -9.43 -6.90
CA VAL B 102 1.15 -9.96 -7.20
C VAL B 102 1.41 -9.97 -8.70
N SER B 103 0.39 -10.31 -9.47
CA SER B 103 0.50 -10.37 -10.92
C SER B 103 0.85 -9.00 -11.49
N THR B 104 0.50 -7.96 -10.75
CA THR B 104 0.76 -6.58 -11.19
C THR B 104 2.22 -6.20 -10.91
N LEU B 105 2.63 -6.34 -9.66
CA LEU B 105 3.99 -6.01 -9.27
C LEU B 105 5.00 -6.95 -9.92
N CYS B 106 4.67 -8.24 -9.92
CA CYS B 106 5.55 -9.24 -10.52
C CYS B 106 5.62 -9.08 -12.03
N GLY B 107 4.55 -8.52 -12.61
CA GLY B 107 4.52 -8.31 -14.04
C GLY B 107 4.08 -9.55 -14.80
N GLU B 108 3.03 -10.21 -14.30
CA GLU B 108 2.51 -11.42 -14.92
C GLU B 108 3.64 -12.41 -15.19
N VAL B 109 4.55 -12.54 -14.23
CA VAL B 109 5.68 -13.47 -14.36
C VAL B 109 5.46 -14.72 -13.52
N PRO B 110 6.11 -15.82 -13.93
CA PRO B 110 6.01 -17.10 -13.23
C PRO B 110 6.70 -17.07 -11.87
N LEU B 111 5.93 -17.31 -10.81
CA LEU B 111 6.47 -17.31 -9.45
C LEU B 111 6.97 -18.69 -9.07
N TYR B 112 8.07 -18.74 -8.32
CA TYR B 112 8.65 -20.00 -7.88
C TYR B 112 8.83 -20.02 -6.36
N TYR B 113 8.23 -21.01 -5.71
CA TYR B 113 8.33 -21.14 -4.27
C TYR B 113 9.78 -21.17 -3.82
N ILE B 114 10.15 -20.24 -2.93
CA ILE B 114 11.51 -20.17 -2.43
C ILE B 114 11.64 -20.89 -1.09
N GLY C 1 -16.21 -4.36 5.07
CA GLY C 1 -16.55 -3.18 5.85
C GLY C 1 -17.43 -2.21 5.08
N SER C 2 -16.80 -1.29 4.36
CA SER C 2 -17.53 -0.29 3.59
C SER C 2 -16.59 0.51 2.70
N GLU C 3 -17.12 1.57 2.09
CA GLU C 3 -16.32 2.42 1.22
C GLU C 3 -15.80 1.64 0.02
N HIS C 4 -16.45 1.81 -1.12
CA HIS C 4 -16.05 1.12 -2.34
C HIS C 4 -15.29 2.06 -3.28
N LEU C 5 -14.26 2.70 -2.75
CA LEU C 5 -13.44 3.62 -3.53
C LEU C 5 -12.22 4.07 -2.75
N VAL C 6 -11.68 3.17 -1.92
CA VAL C 6 -10.50 3.47 -1.12
C VAL C 6 -9.52 2.31 -1.12
N THR C 7 -10.05 1.09 -1.10
CA THR C 7 -9.22 -0.10 -1.10
C THR C 7 -8.28 -0.12 -2.30
N THR C 8 -7.03 0.26 -2.08
CA THR C 8 -6.04 0.29 -3.15
C THR C 8 -4.63 0.08 -2.60
N ALA C 9 -3.70 -0.23 -3.49
CA ALA C 9 -2.31 -0.45 -3.10
C ALA C 9 -1.40 0.68 -3.59
N THR C 10 -0.19 0.73 -3.06
CA THR C 10 0.77 1.75 -3.43
C THR C 10 2.08 1.13 -3.92
N PHE C 11 2.48 1.48 -5.13
CA PHE C 11 3.72 0.95 -5.71
C PHE C 11 4.62 2.09 -6.19
N SER C 12 5.91 1.97 -5.89
CA SER C 12 6.88 2.98 -6.29
C SER C 12 7.32 2.79 -7.74
N ILE C 13 7.45 3.88 -8.47
CA ILE C 13 7.86 3.83 -9.87
C ILE C 13 9.31 4.30 -10.03
N GLY C 14 10.10 3.49 -10.72
CA GLY C 14 11.49 3.83 -10.94
C GLY C 14 12.30 3.84 -9.65
N SER C 15 12.34 4.99 -8.99
CA SER C 15 13.09 5.13 -7.74
C SER C 15 12.97 6.55 -7.20
N THR C 16 11.77 7.10 -7.25
CA THR C 16 11.52 8.45 -6.76
C THR C 16 10.10 8.60 -6.24
N GLY C 17 9.13 8.53 -7.14
CA GLY C 17 7.74 8.65 -6.75
C GLY C 17 7.01 7.33 -6.76
N LEU C 18 5.74 7.35 -6.39
CA LEU C 18 4.93 6.13 -6.35
C LEU C 18 3.51 6.40 -6.83
N VAL C 19 2.85 5.37 -7.34
CA VAL C 19 1.48 5.49 -7.84
C VAL C 19 0.59 4.42 -7.25
N VAL C 20 -0.70 4.74 -7.11
CA VAL C 20 -1.66 3.79 -6.55
C VAL C 20 -2.70 3.40 -7.59
N TYR C 21 -3.02 2.12 -7.65
CA TYR C 21 -4.00 1.61 -8.61
C TYR C 21 -5.26 1.12 -7.89
N ASP C 22 -6.30 1.96 -7.88
CA ASP C 22 -7.56 1.61 -7.23
C ASP C 22 -8.10 0.29 -7.76
N TYR C 23 -8.12 -0.71 -6.89
CA TYR C 23 -8.60 -2.03 -7.28
C TYR C 23 -10.12 -2.11 -7.17
N GLN C 24 -10.80 -1.17 -7.82
CA GLN C 24 -12.26 -1.12 -7.80
C GLN C 24 -12.78 0.04 -8.63
N GLN C 25 -12.27 1.23 -8.35
CA GLN C 25 -12.68 2.44 -9.07
C GLN C 25 -11.87 2.61 -10.34
N LEU C 26 -10.78 1.87 -10.45
CA LEU C 26 -9.91 1.94 -11.61
C LEU C 26 -9.34 3.35 -11.78
N LEU C 27 -8.65 3.82 -10.74
CA LEU C 27 -8.04 5.15 -10.76
C LEU C 27 -6.54 5.07 -10.50
N ILE C 28 -5.80 6.01 -11.06
CA ILE C 28 -4.35 6.04 -10.89
C ILE C 28 -3.90 7.40 -10.36
N ALA C 29 -3.12 7.37 -9.29
CA ALA C 29 -2.60 8.60 -8.68
C ALA C 29 -1.13 8.80 -9.01
N TYR C 30 -0.82 9.92 -9.64
CA TYR C 30 0.56 10.23 -10.02
C TYR C 30 0.90 11.68 -9.71
N LYS C 31 1.92 11.89 -8.88
CA LYS C 31 2.34 13.23 -8.51
C LYS C 31 3.77 13.22 -7.98
N PRO C 32 4.46 14.37 -8.11
CA PRO C 32 5.84 14.51 -7.65
C PRO C 32 5.95 14.52 -6.13
N ALA C 33 5.79 15.69 -5.52
CA ALA C 33 5.87 15.81 -4.08
C ALA C 33 4.50 15.62 -3.44
N PRO C 34 4.49 15.35 -2.12
CA PRO C 34 3.26 15.13 -1.36
C PRO C 34 2.46 16.42 -1.20
N GLY C 35 1.20 16.38 -1.63
CA GLY C 35 0.34 17.56 -1.51
C GLY C 35 0.58 18.55 -2.64
N THR C 36 1.01 18.06 -3.79
CA THR C 36 1.28 18.91 -4.94
C THR C 36 0.42 18.49 -6.14
N CYS C 37 0.74 19.06 -7.30
CA CYS C 37 0.00 18.75 -8.52
C CYS C 37 -0.21 17.25 -8.66
N CYS C 38 -1.45 16.84 -8.84
CA CYS C 38 -1.79 15.43 -9.00
C CYS C 38 -2.63 15.20 -10.25
N TYR C 39 -2.76 13.94 -10.65
CA TYR C 39 -3.53 13.59 -11.84
C TYR C 39 -4.23 12.25 -11.66
N ILE C 40 -5.29 12.03 -12.42
CA ILE C 40 -6.05 10.79 -12.34
C ILE C 40 -6.09 10.08 -13.69
N MET C 41 -5.95 8.77 -13.67
CA MET C 41 -5.97 7.97 -14.89
C MET C 41 -6.88 6.76 -14.75
N LYS C 42 -7.45 6.30 -15.86
CA LYS C 42 -8.34 5.14 -15.84
C LYS C 42 -7.58 3.88 -16.26
N ILE C 43 -8.01 2.74 -15.73
CA ILE C 43 -7.39 1.47 -16.06
C ILE C 43 -8.43 0.39 -16.33
N ALA C 44 -7.99 -0.72 -16.91
CA ALA C 44 -8.90 -1.82 -17.23
C ALA C 44 -8.51 -3.08 -16.45
N PRO C 45 -9.53 -3.83 -16.02
CA PRO C 45 -9.32 -5.08 -15.26
C PRO C 45 -8.73 -6.19 -16.11
N GLU C 46 -9.07 -6.18 -17.40
CA GLU C 46 -8.57 -7.19 -18.32
C GLU C 46 -7.09 -6.98 -18.61
N SER C 47 -6.62 -5.74 -18.45
CA SER C 47 -5.23 -5.40 -18.69
C SER C 47 -4.78 -4.28 -17.78
N ILE C 48 -4.59 -4.60 -16.49
CA ILE C 48 -4.15 -3.62 -15.51
C ILE C 48 -2.72 -3.19 -15.77
N PRO C 49 -2.53 -1.91 -16.14
CA PRO C 49 -1.21 -1.35 -16.42
C PRO C 49 -0.37 -1.20 -15.15
N SER C 50 0.23 -2.30 -14.72
CA SER C 50 1.06 -2.30 -13.52
C SER C 50 2.16 -1.24 -13.62
N LEU C 51 2.94 -1.11 -12.56
CA LEU C 51 4.03 -0.13 -12.53
C LEU C 51 4.89 -0.24 -13.78
N GLU C 52 5.04 -1.47 -14.29
CA GLU C 52 5.84 -1.70 -15.48
C GLU C 52 5.40 -0.78 -16.62
N ALA C 53 4.10 -0.72 -16.85
CA ALA C 53 3.55 0.12 -17.92
C ALA C 53 3.55 1.60 -17.50
N LEU C 54 3.19 1.85 -16.25
CA LEU C 54 3.15 3.21 -15.74
C LEU C 54 4.49 3.91 -15.93
N THR C 55 5.56 3.29 -15.42
CA THR C 55 6.90 3.85 -15.54
C THR C 55 7.27 4.08 -17.01
N ARG C 56 6.71 3.25 -17.89
CA ARG C 56 6.99 3.37 -19.32
C ARG C 56 6.49 4.70 -19.86
N LYS C 57 5.22 5.01 -19.61
CA LYS C 57 4.62 6.26 -20.08
C LYS C 57 5.08 7.43 -19.22
N VAL C 58 5.35 7.15 -17.95
CA VAL C 58 5.79 8.19 -17.01
C VAL C 58 7.16 8.73 -17.41
N HIS C 59 7.96 7.90 -18.07
CA HIS C 59 9.30 8.30 -18.51
C HIS C 59 9.21 9.52 -19.43
N ASN C 60 8.08 9.68 -20.10
CA ASN C 60 7.88 10.80 -21.01
C ASN C 60 7.87 12.12 -20.24
N PHE C 61 7.56 12.05 -18.95
CA PHE C 61 7.51 13.23 -18.11
C PHE C 61 6.60 14.31 -18.72
N GLN C 62 5.52 13.86 -19.35
CA GLN C 62 4.57 14.77 -19.98
C GLN C 62 3.45 15.14 -19.01
N MET C 63 3.79 15.25 -17.73
CA MET C 63 2.80 15.60 -16.71
C MET C 63 3.50 16.13 -15.45
N GLU C 64 4.69 16.67 -15.63
CA GLU C 64 5.46 17.21 -14.50
C GLU C 64 4.92 18.58 -14.10
N CYS C 65 3.81 18.59 -13.39
CA CYS C 65 3.19 19.84 -12.93
C CYS C 65 2.85 20.74 -14.12
N SER C 66 2.65 20.12 -15.28
CA SER C 66 2.33 20.87 -16.49
C SER C 66 1.29 20.13 -17.31
N LEU C 67 1.14 20.55 -18.57
CA LEU C 67 0.17 19.92 -19.47
C LEU C 67 0.68 19.95 -20.91
N GLN C 68 1.37 18.89 -21.31
CA GLN C 68 1.91 18.78 -22.65
C GLN C 68 0.85 19.11 -23.69
N ALA C 69 1.27 19.70 -24.81
CA ALA C 69 0.35 20.06 -25.88
C ALA C 69 -0.58 21.19 -25.44
N LYS C 70 -0.84 22.12 -26.35
CA LYS C 70 -1.71 23.25 -26.06
C LYS C 70 -2.92 22.80 -25.23
N PRO C 71 -3.74 21.91 -25.80
CA PRO C 71 -4.93 21.38 -25.12
C PRO C 71 -4.57 20.47 -23.94
N ALA C 72 -5.56 19.71 -23.48
CA ALA C 72 -5.35 18.79 -22.37
C ALA C 72 -5.22 17.35 -22.86
N VAL C 73 -5.97 17.02 -23.91
CA VAL C 73 -5.93 15.67 -24.48
C VAL C 73 -5.47 15.70 -25.93
N PRO C 74 -4.15 15.67 -26.12
CA PRO C 74 -3.55 15.69 -27.46
C PRO C 74 -3.80 14.39 -28.23
N THR C 75 -4.84 14.39 -29.05
CA THR C 75 -5.19 13.21 -29.84
C THR C 75 -5.17 11.95 -28.99
N SER C 76 -6.00 11.94 -27.94
CA SER C 76 -6.08 10.79 -27.04
C SER C 76 -7.51 10.52 -26.62
N LYS C 77 -8.27 9.88 -27.50
CA LYS C 77 -9.67 9.56 -27.22
C LYS C 77 -10.50 10.83 -27.11
N LEU C 78 -10.60 11.57 -28.21
CA LEU C 78 -11.38 12.81 -28.24
C LEU C 78 -12.86 12.52 -28.39
N GLY C 79 -13.67 13.58 -28.40
CA GLY C 79 -15.10 13.41 -28.54
C GLY C 79 -15.78 14.68 -29.02
N GLN C 80 -15.33 15.83 -28.54
CA GLN C 80 -15.90 17.11 -28.92
C GLN C 80 -14.88 17.96 -29.66
N ALA C 81 -15.20 19.24 -29.85
CA ALA C 81 -14.30 20.15 -30.54
C ALA C 81 -12.90 20.09 -29.95
N GLU C 82 -12.73 20.66 -28.76
CA GLU C 82 -11.44 20.67 -28.10
C GLU C 82 -11.41 19.69 -26.93
N GLY C 83 -10.36 19.77 -26.11
CA GLY C 83 -10.25 18.89 -24.97
C GLY C 83 -10.34 19.62 -23.65
N ARG C 84 -9.63 19.13 -22.64
CA ARG C 84 -9.66 19.74 -21.32
C ARG C 84 -11.03 19.62 -20.69
N ASP C 85 -11.96 20.47 -21.15
CA ASP C 85 -13.33 20.46 -20.63
C ASP C 85 -14.26 19.73 -21.58
N ALA C 86 -13.73 18.73 -22.27
CA ALA C 86 -14.53 17.94 -23.21
C ALA C 86 -13.81 16.65 -23.60
N GLY C 87 -12.49 16.73 -23.69
CA GLY C 87 -11.71 15.56 -24.06
C GLY C 87 -11.00 14.94 -22.86
N SER C 88 -10.59 15.78 -21.92
CA SER C 88 -9.89 15.31 -20.72
C SER C 88 -10.73 15.54 -19.48
N ALA C 89 -12.04 15.70 -19.67
CA ALA C 89 -12.95 15.93 -18.56
C ALA C 89 -14.40 16.06 -19.05
N PRO C 90 -15.05 14.91 -19.29
CA PRO C 90 -16.44 14.88 -19.76
C PRO C 90 -17.43 15.34 -18.69
N SER C 91 -17.57 16.66 -18.56
CA SER C 91 -18.48 17.23 -17.57
C SER C 91 -18.24 16.63 -16.20
N GLY C 92 -19.22 16.78 -15.31
CA GLY C 92 -19.09 16.26 -13.96
C GLY C 92 -18.68 14.79 -13.95
N GLY C 93 -18.96 14.10 -15.05
CA GLY C 93 -18.62 12.69 -15.15
C GLY C 93 -17.13 12.45 -15.04
N ASP C 94 -16.35 13.51 -15.17
CA ASP C 94 -14.89 13.42 -15.09
C ASP C 94 -14.46 12.67 -13.83
N PRO C 95 -13.40 11.85 -13.96
CA PRO C 95 -12.87 11.07 -12.84
C PRO C 95 -12.20 11.93 -11.78
N ALA C 96 -12.84 13.06 -11.47
CA ALA C 96 -12.30 13.98 -10.46
C ALA C 96 -13.09 13.89 -9.17
N PHE C 97 -14.25 13.24 -9.22
CA PHE C 97 -15.10 13.09 -8.04
C PHE C 97 -15.28 11.62 -7.69
N LEU C 98 -14.20 10.85 -7.80
CA LEU C 98 -14.23 9.43 -7.48
C LEU C 98 -12.91 8.97 -6.88
N GLY C 99 -12.98 7.98 -5.99
CA GLY C 99 -11.79 7.47 -5.35
C GLY C 99 -11.26 8.38 -4.26
N MET C 100 -11.45 7.97 -3.01
CA MET C 100 -11.00 8.76 -1.87
C MET C 100 -9.49 8.64 -1.69
N ALA C 101 -8.96 7.47 -2.02
CA ALA C 101 -7.52 7.23 -1.89
C ALA C 101 -6.72 8.32 -2.58
N VAL C 102 -6.98 8.51 -3.88
CA VAL C 102 -6.28 9.53 -4.66
C VAL C 102 -6.44 10.91 -4.04
N SER C 103 -7.64 11.18 -3.52
CA SER C 103 -7.93 12.47 -2.90
C SER C 103 -7.04 12.69 -1.68
N THR C 104 -6.57 11.60 -1.09
CA THR C 104 -5.71 11.67 0.09
C THR C 104 -4.27 11.99 -0.30
N LEU C 105 -3.71 11.19 -1.19
CA LEU C 105 -2.34 11.39 -1.64
C LEU C 105 -2.21 12.68 -2.45
N CYS C 106 -3.18 12.93 -3.32
CA CYS C 106 -3.18 14.13 -4.14
C CYS C 106 -3.40 15.37 -3.29
N GLY C 107 -4.08 15.19 -2.16
CA GLY C 107 -4.36 16.30 -1.27
C GLY C 107 -5.57 17.11 -1.71
N GLU C 108 -6.63 16.42 -2.06
CA GLU C 108 -7.87 17.07 -2.49
C GLU C 108 -7.57 18.12 -3.57
N VAL C 109 -6.68 17.78 -4.50
CA VAL C 109 -6.32 18.68 -5.58
C VAL C 109 -6.97 18.28 -6.89
N PRO C 110 -7.15 19.24 -7.79
CA PRO C 110 -7.76 19.01 -9.10
C PRO C 110 -6.87 18.18 -10.02
N LEU C 111 -7.36 17.02 -10.43
CA LEU C 111 -6.60 16.13 -11.31
C LEU C 111 -6.87 16.47 -12.78
N TYR C 112 -5.84 16.35 -13.61
CA TYR C 112 -5.96 16.63 -15.02
C TYR C 112 -5.46 15.46 -15.86
N TYR C 113 -6.33 14.94 -16.71
CA TYR C 113 -5.97 13.81 -17.57
C TYR C 113 -4.72 14.12 -18.38
N ILE C 114 -3.70 13.27 -18.22
CA ILE C 114 -2.45 13.45 -18.94
C ILE C 114 -2.42 12.61 -20.21
N GLY A 1 -1.41 -11.63 16.44
CA GLY A 1 -2.54 -11.34 15.58
C GLY A 1 -3.74 -12.21 15.89
N SER A 2 -4.94 -11.67 15.66
CA SER A 2 -6.17 -12.41 15.92
C SER A 2 -7.38 -11.60 15.48
N GLU A 3 -7.33 -10.29 15.70
CA GLU A 3 -8.43 -9.40 15.34
C GLU A 3 -8.68 -9.44 13.83
N HIS A 4 -9.84 -8.96 13.42
CA HIS A 4 -10.21 -8.95 12.01
C HIS A 4 -10.56 -7.53 11.56
N LEU A 5 -9.55 -6.81 11.07
CA LEU A 5 -9.75 -5.45 10.61
C LEU A 5 -8.80 -5.12 9.46
N VAL A 6 -8.76 -6.00 8.46
CA VAL A 6 -7.89 -5.81 7.30
C VAL A 6 -8.57 -4.93 6.25
N THR A 7 -8.02 -4.93 5.05
CA THR A 7 -8.58 -4.13 3.95
C THR A 7 -8.27 -2.65 4.16
N THR A 8 -6.99 -2.30 4.06
CA THR A 8 -6.57 -0.91 4.22
C THR A 8 -5.54 -0.52 3.17
N ALA A 9 -5.23 0.77 3.10
CA ALA A 9 -4.27 1.28 2.13
C ALA A 9 -2.98 1.73 2.82
N THR A 10 -1.93 1.92 2.04
CA THR A 10 -0.65 2.34 2.56
C THR A 10 -0.03 3.44 1.71
N PHE A 11 0.32 4.55 2.35
CA PHE A 11 0.91 5.68 1.64
C PHE A 11 2.21 6.13 2.32
N SER A 12 3.25 6.36 1.52
CA SER A 12 4.53 6.78 2.06
C SER A 12 4.55 8.28 2.30
N ILE A 13 5.26 8.70 3.35
CA ILE A 13 5.34 10.11 3.70
C ILE A 13 6.72 10.68 3.34
N GLY A 14 6.73 11.90 2.82
CA GLY A 14 7.99 12.53 2.45
C GLY A 14 8.80 11.68 1.49
N SER A 15 9.81 11.00 2.01
CA SER A 15 10.67 10.15 1.20
C SER A 15 11.55 9.27 2.07
N THR A 16 11.00 8.83 3.21
CA THR A 16 11.73 7.98 4.13
C THR A 16 10.77 7.13 4.97
N GLY A 17 9.70 7.75 5.46
CA GLY A 17 8.73 7.05 6.26
C GLY A 17 7.46 6.72 5.49
N LEU A 18 6.61 5.87 6.08
CA LEU A 18 5.37 5.48 5.44
C LEU A 18 4.29 5.19 6.48
N VAL A 19 3.04 5.39 6.10
CA VAL A 19 1.92 5.14 7.00
C VAL A 19 0.73 4.54 6.26
N VAL A 20 -0.16 3.88 7.00
CA VAL A 20 -1.33 3.25 6.40
C VAL A 20 -2.62 3.91 6.91
N TYR A 21 -3.56 4.12 6.00
CA TYR A 21 -4.83 4.73 6.35
C TYR A 21 -5.94 3.69 6.43
N ASP A 22 -6.37 3.39 7.65
CA ASP A 22 -7.42 2.40 7.86
C ASP A 22 -8.78 2.97 7.47
N TYR A 23 -9.25 2.62 6.28
CA TYR A 23 -10.53 3.10 5.78
C TYR A 23 -11.68 2.36 6.46
N GLN A 24 -11.74 2.46 7.78
CA GLN A 24 -12.79 1.80 8.55
C GLN A 24 -12.60 2.03 10.04
N GLN A 25 -11.34 2.06 10.47
CA GLN A 25 -11.02 2.27 11.88
C GLN A 25 -10.53 3.70 12.12
N LEU A 26 -10.14 4.37 11.05
CA LEU A 26 -9.65 5.75 11.15
C LEU A 26 -8.35 5.81 11.94
N LEU A 27 -7.60 4.72 11.94
CA LEU A 27 -6.33 4.65 12.67
C LEU A 27 -5.16 4.62 11.70
N ILE A 28 -4.20 5.51 11.91
CA ILE A 28 -3.02 5.58 11.06
C ILE A 28 -1.83 4.86 11.70
N ALA A 29 -0.99 4.27 10.86
CA ALA A 29 0.19 3.55 11.34
C ALA A 29 1.46 4.36 11.12
N TYR A 30 2.16 4.67 12.20
CA TYR A 30 3.39 5.45 12.13
C TYR A 30 4.47 4.85 13.01
N LYS A 31 5.67 4.72 12.47
CA LYS A 31 6.80 4.16 13.20
C LYS A 31 8.12 4.52 12.53
N PRO A 32 9.18 4.65 13.35
CA PRO A 32 10.52 5.00 12.86
C PRO A 32 11.15 3.86 12.07
N ALA A 33 11.83 2.96 12.78
CA ALA A 33 12.47 1.81 12.15
C ALA A 33 11.53 0.61 12.08
N PRO A 34 11.83 -0.32 11.16
CA PRO A 34 11.03 -1.53 10.98
C PRO A 34 11.15 -2.50 12.15
N GLY A 35 10.05 -2.71 12.86
CA GLY A 35 10.07 -3.61 14.00
C GLY A 35 10.35 -2.90 15.30
N THR A 36 9.99 -1.62 15.36
CA THR A 36 10.21 -0.82 16.56
C THR A 36 8.90 -0.21 17.07
N CYS A 37 9.00 0.62 18.10
CA CYS A 37 7.83 1.28 18.67
C CYS A 37 6.94 1.86 17.58
N CYS A 38 5.63 1.78 17.78
CA CYS A 38 4.67 2.29 16.81
C CYS A 38 3.70 3.26 17.48
N TYR A 39 2.91 3.95 16.66
CA TYR A 39 1.94 4.92 17.17
C TYR A 39 0.68 4.93 16.30
N ILE A 40 -0.45 5.20 16.93
CA ILE A 40 -1.73 5.24 16.21
C ILE A 40 -2.36 6.63 16.32
N MET A 41 -2.92 7.09 15.21
CA MET A 41 -3.58 8.40 15.18
C MET A 41 -4.99 8.30 14.64
N LYS A 42 -5.90 9.06 15.22
CA LYS A 42 -7.30 9.06 14.79
C LYS A 42 -7.54 10.09 13.70
N ILE A 43 -8.44 9.76 12.77
CA ILE A 43 -8.77 10.66 11.67
C ILE A 43 -10.27 10.83 11.52
N ALA A 44 -10.68 11.71 10.61
CA ALA A 44 -12.09 11.95 10.36
C ALA A 44 -12.48 11.58 8.95
N PRO A 45 -13.70 11.06 8.78
CA PRO A 45 -14.22 10.65 7.47
C PRO A 45 -14.49 11.84 6.55
N GLU A 46 -14.88 12.96 7.15
CA GLU A 46 -15.16 14.17 6.38
C GLU A 46 -13.89 14.99 6.14
N SER A 47 -12.92 14.81 7.03
CA SER A 47 -11.66 15.54 6.93
C SER A 47 -10.47 14.59 7.08
N ILE A 48 -10.23 13.78 6.05
CA ILE A 48 -9.12 12.83 6.06
C ILE A 48 -7.79 13.53 5.87
N PRO A 49 -6.85 13.27 6.79
CA PRO A 49 -5.51 13.87 6.75
C PRO A 49 -4.67 13.34 5.60
N SER A 50 -4.87 13.90 4.42
CA SER A 50 -4.14 13.47 3.23
C SER A 50 -2.63 13.43 3.51
N LEU A 51 -1.88 12.89 2.56
CA LEU A 51 -0.42 12.78 2.69
C LEU A 51 0.16 14.10 3.21
N GLU A 52 -0.45 15.21 2.82
CA GLU A 52 0.02 16.52 3.24
C GLU A 52 -0.14 16.70 4.75
N ALA A 53 -1.31 16.36 5.26
CA ALA A 53 -1.60 16.48 6.69
C ALA A 53 -0.63 15.62 7.51
N LEU A 54 -0.47 14.37 7.10
CA LEU A 54 0.42 13.45 7.80
C LEU A 54 1.83 14.04 7.91
N THR A 55 2.39 14.43 6.76
CA THR A 55 3.73 15.00 6.73
C THR A 55 3.79 16.29 7.54
N ARG A 56 2.66 17.00 7.61
CA ARG A 56 2.59 18.25 8.35
C ARG A 56 2.84 18.02 9.84
N LYS A 57 2.07 17.10 10.42
CA LYS A 57 2.19 16.79 11.84
C LYS A 57 3.42 15.91 12.09
N VAL A 58 3.74 15.07 11.11
CA VAL A 58 4.88 14.17 11.22
C VAL A 58 6.20 14.95 11.20
N HIS A 59 6.22 16.03 10.42
CA HIS A 59 7.42 16.86 10.31
C HIS A 59 7.83 17.40 11.69
N ASN A 60 6.84 17.82 12.47
CA ASN A 60 7.12 18.35 13.81
C ASN A 60 7.66 17.27 14.73
N PHE A 61 7.37 16.01 14.40
CA PHE A 61 7.83 14.89 15.20
C PHE A 61 7.27 14.95 16.62
N GLN A 62 6.14 14.28 16.83
CA GLN A 62 5.49 14.26 18.14
C GLN A 62 5.51 12.85 18.73
N MET A 63 6.63 12.16 18.57
CA MET A 63 6.77 10.80 19.10
C MET A 63 8.15 10.60 19.72
N GLU A 64 9.18 10.56 18.87
CA GLU A 64 10.54 10.38 19.34
C GLU A 64 10.64 9.16 20.27
N CYS A 65 9.73 8.22 20.08
CA CYS A 65 9.71 7.00 20.89
C CYS A 65 9.90 7.33 22.37
N SER A 66 9.33 8.46 22.79
CA SER A 66 9.43 8.89 24.18
C SER A 66 8.13 9.54 24.65
N LEU A 67 7.99 10.84 24.38
CA LEU A 67 6.80 11.57 24.76
C LEU A 67 6.90 13.04 24.34
N GLN A 68 6.74 13.28 23.04
CA GLN A 68 6.81 14.63 22.51
C GLN A 68 5.46 15.33 22.63
N ALA A 69 4.41 14.55 22.77
CA ALA A 69 3.06 15.10 22.90
C ALA A 69 2.75 15.46 24.34
N LYS A 70 3.76 15.42 25.19
CA LYS A 70 3.61 15.75 26.61
C LYS A 70 2.57 14.84 27.26
N PRO A 71 2.53 14.86 28.60
CA PRO A 71 1.58 14.05 29.38
C PRO A 71 0.14 14.52 29.22
N ALA A 72 -0.80 13.76 29.79
CA ALA A 72 -2.20 14.11 29.72
C ALA A 72 -2.73 13.98 28.29
N VAL A 73 -3.53 12.95 28.04
CA VAL A 73 -4.09 12.71 26.72
C VAL A 73 -4.97 13.88 26.29
N PRO A 74 -4.47 14.66 25.31
CA PRO A 74 -5.19 15.82 24.78
C PRO A 74 -6.43 15.43 23.97
N THR A 75 -6.61 14.12 23.79
CA THR A 75 -7.75 13.61 23.03
C THR A 75 -9.07 14.00 23.69
N SER A 76 -8.99 14.44 24.94
CA SER A 76 -10.18 14.85 25.68
C SER A 76 -11.07 13.66 25.98
N LYS A 77 -11.45 13.51 27.24
CA LYS A 77 -12.32 12.40 27.66
C LYS A 77 -11.53 11.10 27.75
N LEU A 78 -10.81 10.77 26.67
CA LEU A 78 -10.02 9.55 26.62
C LEU A 78 -9.15 9.42 27.88
N GLY A 79 -9.00 8.19 28.34
CA GLY A 79 -8.19 7.95 29.53
C GLY A 79 -9.00 7.34 30.66
N GLN A 80 -8.42 7.34 31.86
CA GLN A 80 -9.09 6.77 33.03
C GLN A 80 -8.79 7.59 34.28
N ALA A 81 -7.58 7.43 34.80
CA ALA A 81 -7.16 8.16 36.00
C ALA A 81 -6.20 9.30 35.64
N GLU A 82 -4.95 8.94 35.36
CA GLU A 82 -3.94 9.94 35.00
C GLU A 82 -3.80 10.05 33.49
N GLY A 83 -2.73 10.70 33.05
CA GLY A 83 -2.49 10.87 31.62
C GLY A 83 -1.42 9.93 31.10
N ARG A 84 -0.94 10.21 29.89
CA ARG A 84 0.09 9.38 29.28
C ARG A 84 -0.02 7.93 29.74
N ASP A 85 0.78 7.56 30.74
CA ASP A 85 0.76 6.21 31.27
C ASP A 85 -0.48 5.98 32.15
N ALA A 86 -1.64 6.29 31.59
CA ALA A 86 -2.90 6.12 32.33
C ALA A 86 -4.06 6.76 31.58
N GLY A 87 -3.76 7.80 30.81
CA GLY A 87 -4.79 8.48 30.06
C GLY A 87 -4.68 8.23 28.56
N SER A 88 -3.47 8.35 28.03
CA SER A 88 -3.23 8.13 26.61
C SER A 88 -3.59 6.71 26.21
N ALA A 89 -3.50 5.78 27.16
CA ALA A 89 -3.81 4.39 26.91
C ALA A 89 -4.56 3.77 28.09
N PRO A 90 -5.88 3.96 28.11
CA PRO A 90 -6.74 3.42 29.18
C PRO A 90 -6.85 1.91 29.14
N SER A 91 -5.89 1.22 29.74
CA SER A 91 -5.87 -0.24 29.77
C SER A 91 -6.06 -0.80 28.36
N GLY A 92 -6.39 -2.08 28.29
CA GLY A 92 -6.59 -2.73 27.00
C GLY A 92 -7.54 -1.95 26.11
N GLY A 93 -8.40 -1.13 26.72
CA GLY A 93 -9.34 -0.35 25.96
C GLY A 93 -8.67 0.61 24.99
N ASP A 94 -7.37 0.82 25.18
CA ASP A 94 -6.61 1.72 24.31
C ASP A 94 -6.80 1.35 22.85
N PRO A 95 -6.85 2.37 21.99
CA PRO A 95 -7.03 2.19 20.54
C PRO A 95 -5.81 1.56 19.87
N ALA A 96 -5.26 0.54 20.52
CA ALA A 96 -4.09 -0.15 20.00
C ALA A 96 -4.44 -1.56 19.54
N PHE A 97 -5.61 -2.04 19.96
CA PHE A 97 -6.07 -3.37 19.60
C PHE A 97 -7.19 -3.31 18.57
N LEU A 98 -7.12 -2.32 17.69
CA LEU A 98 -8.13 -2.14 16.65
C LEU A 98 -7.49 -1.96 15.28
N GLY A 99 -7.22 -3.08 14.61
CA GLY A 99 -6.62 -3.03 13.29
C GLY A 99 -5.51 -4.05 13.12
N MET A 100 -5.72 -5.01 12.23
CA MET A 100 -4.73 -6.06 11.99
C MET A 100 -3.56 -5.51 11.17
N ALA A 101 -3.87 -4.62 10.22
CA ALA A 101 -2.85 -4.03 9.36
C ALA A 101 -1.73 -3.43 10.19
N VAL A 102 -2.07 -2.52 11.09
CA VAL A 102 -1.08 -1.87 11.94
C VAL A 102 -0.28 -2.90 12.72
N SER A 103 -0.91 -4.02 13.05
CA SER A 103 -0.26 -5.08 13.81
C SER A 103 0.86 -5.72 12.97
N THR A 104 0.69 -5.70 11.65
CA THR A 104 1.67 -6.29 10.75
C THR A 104 2.85 -5.35 10.55
N LEU A 105 2.57 -4.06 10.40
CA LEU A 105 3.62 -3.06 10.21
C LEU A 105 4.33 -2.75 11.52
N CYS A 106 3.55 -2.46 12.56
CA CYS A 106 4.10 -2.15 13.87
C CYS A 106 4.75 -3.39 14.49
N GLY A 107 4.31 -4.57 14.06
CA GLY A 107 4.85 -5.80 14.59
C GLY A 107 4.26 -6.17 15.93
N GLU A 108 2.95 -6.02 16.07
CA GLU A 108 2.26 -6.34 17.31
C GLU A 108 2.98 -5.70 18.50
N VAL A 109 3.59 -4.53 18.27
CA VAL A 109 4.31 -3.82 19.32
C VAL A 109 3.38 -2.84 20.04
N PRO A 110 3.70 -2.55 21.31
CA PRO A 110 2.93 -1.63 22.13
C PRO A 110 3.06 -0.18 21.67
N LEU A 111 2.06 0.31 20.96
CA LEU A 111 2.06 1.68 20.46
C LEU A 111 1.43 2.63 21.47
N TYR A 112 1.86 3.88 21.44
CA TYR A 112 1.33 4.90 22.35
C TYR A 112 0.89 6.14 21.60
N TYR A 113 -0.20 6.74 22.05
CA TYR A 113 -0.73 7.94 21.42
C TYR A 113 0.33 9.02 21.30
N ILE A 114 0.33 9.73 20.18
CA ILE A 114 1.30 10.80 19.95
C ILE A 114 0.63 12.17 20.02
N GLY B 1 -3.63 -10.91 -16.61
CA GLY B 1 -4.57 -10.79 -15.51
C GLY B 1 -5.96 -11.26 -15.88
N SER B 2 -6.69 -11.77 -14.90
CA SER B 2 -8.04 -12.27 -15.12
C SER B 2 -8.69 -12.72 -13.81
N GLU B 3 -7.88 -13.30 -12.93
CA GLU B 3 -8.37 -13.77 -11.65
C GLU B 3 -8.95 -12.63 -10.83
N HIS B 4 -9.72 -12.96 -9.80
CA HIS B 4 -10.34 -11.96 -8.94
C HIS B 4 -9.92 -12.18 -7.48
N LEU B 5 -8.84 -11.53 -7.08
CA LEU B 5 -8.34 -11.64 -5.71
C LEU B 5 -7.69 -10.33 -5.26
N VAL B 6 -8.37 -9.22 -5.50
CA VAL B 6 -7.86 -7.91 -5.13
C VAL B 6 -8.15 -7.61 -3.65
N THR B 7 -8.00 -6.35 -3.26
CA THR B 7 -8.25 -5.94 -1.89
C THR B 7 -7.14 -6.42 -0.97
N THR B 8 -5.96 -5.83 -1.09
CA THR B 8 -4.82 -6.19 -0.27
C THR B 8 -4.02 -4.97 0.15
N ALA B 9 -3.08 -5.16 1.07
CA ALA B 9 -2.25 -4.06 1.56
C ALA B 9 -0.82 -4.20 1.07
N THR B 10 -0.04 -3.13 1.19
CA THR B 10 1.35 -3.13 0.75
C THR B 10 2.25 -2.48 1.80
N PHE B 11 3.21 -3.24 2.31
CA PHE B 11 4.14 -2.73 3.31
C PHE B 11 5.58 -2.85 2.83
N SER B 12 6.36 -1.81 3.05
CA SER B 12 7.76 -1.78 2.63
C SER B 12 8.64 -2.48 3.66
N ILE B 13 9.77 -3.03 3.19
CA ILE B 13 10.69 -3.73 4.06
C ILE B 13 12.01 -2.96 4.20
N GLY B 14 12.54 -2.92 5.41
CA GLY B 14 13.79 -2.22 5.64
C GLY B 14 13.75 -0.79 5.17
N SER B 15 14.36 -0.53 4.01
CA SER B 15 14.39 0.81 3.45
C SER B 15 14.85 0.78 1.99
N THR B 16 14.46 -0.28 1.27
CA THR B 16 14.85 -0.43 -0.12
C THR B 16 13.82 -1.28 -0.88
N GLY B 17 13.42 -2.38 -0.27
CA GLY B 17 12.45 -3.26 -0.90
C GLY B 17 11.06 -3.12 -0.29
N LEU B 18 10.07 -3.73 -0.94
CA LEU B 18 8.70 -3.68 -0.46
C LEU B 18 7.94 -4.96 -0.80
N VAL B 19 6.95 -5.29 0.00
CA VAL B 19 6.14 -6.49 -0.22
C VAL B 19 4.67 -6.23 0.10
N VAL B 20 3.81 -7.09 -0.43
CA VAL B 20 2.37 -6.96 -0.19
C VAL B 20 1.83 -8.14 0.62
N TYR B 21 0.87 -7.86 1.48
CA TYR B 21 0.28 -8.90 2.32
C TYR B 21 -1.17 -9.16 1.91
N ASP B 22 -1.41 -10.28 1.23
CA ASP B 22 -2.74 -10.65 0.79
C ASP B 22 -3.61 -11.08 1.96
N TYR B 23 -4.43 -10.15 2.45
CA TYR B 23 -5.31 -10.43 3.58
C TYR B 23 -6.52 -11.26 3.14
N GLN B 24 -6.25 -12.44 2.59
CA GLN B 24 -7.31 -13.33 2.13
C GLN B 24 -6.74 -14.61 1.55
N GLN B 25 -5.65 -14.48 0.79
CA GLN B 25 -4.99 -15.64 0.18
C GLN B 25 -3.78 -16.07 1.00
N LEU B 26 -3.35 -15.22 1.92
CA LEU B 26 -2.20 -15.51 2.76
C LEU B 26 -0.94 -15.67 1.92
N LEU B 27 -0.85 -14.90 0.85
CA LEU B 27 0.31 -14.94 -0.03
C LEU B 27 1.03 -13.60 -0.06
N ILE B 28 2.35 -13.63 0.04
CA ILE B 28 3.15 -12.41 0.02
C ILE B 28 3.88 -12.26 -1.31
N ALA B 29 4.06 -11.01 -1.73
CA ALA B 29 4.76 -10.73 -2.99
C ALA B 29 6.08 -10.02 -2.73
N TYR B 30 7.17 -10.63 -3.19
CA TYR B 30 8.50 -10.05 -3.01
C TYR B 30 9.31 -10.15 -4.30
N LYS B 31 10.08 -9.11 -4.59
CA LYS B 31 10.90 -9.08 -5.79
C LYS B 31 12.00 -8.03 -5.67
N PRO B 32 13.13 -8.27 -6.35
CA PRO B 32 14.29 -7.36 -6.33
C PRO B 32 13.99 -6.04 -7.07
N ALA B 33 14.25 -6.03 -8.37
CA ALA B 33 14.02 -4.84 -9.17
C ALA B 33 12.61 -4.85 -9.77
N PRO B 34 12.14 -3.67 -10.17
CA PRO B 34 10.81 -3.51 -10.76
C PRO B 34 10.71 -4.13 -12.16
N GLY B 35 9.82 -5.09 -12.31
CA GLY B 35 9.64 -5.75 -13.60
C GLY B 35 10.59 -6.92 -13.78
N THR B 36 10.98 -7.54 -12.67
CA THR B 36 11.89 -8.68 -12.71
C THR B 36 11.28 -9.90 -12.04
N CYS B 37 12.07 -10.95 -11.90
CA CYS B 37 11.61 -12.19 -11.28
C CYS B 37 10.90 -11.90 -9.95
N CYS B 38 9.86 -12.66 -9.66
CA CYS B 38 9.10 -12.48 -8.42
C CYS B 38 8.97 -13.81 -7.67
N TYR B 39 8.53 -13.73 -6.42
CA TYR B 39 8.37 -14.91 -5.59
C TYR B 39 7.17 -14.77 -4.67
N ILE B 40 6.55 -15.90 -4.32
CA ILE B 40 5.39 -15.90 -3.44
C ILE B 40 5.68 -16.67 -2.15
N MET B 41 5.21 -16.12 -1.04
CA MET B 41 5.41 -16.75 0.26
C MET B 41 4.08 -16.95 0.99
N LYS B 42 3.96 -18.05 1.71
CA LYS B 42 2.74 -18.36 2.46
C LYS B 42 2.83 -17.84 3.88
N ILE B 43 1.69 -17.46 4.44
CA ILE B 43 1.64 -16.94 5.81
C ILE B 43 0.48 -17.58 6.58
N ALA B 44 0.43 -17.28 7.89
CA ALA B 44 -0.62 -17.82 8.74
C ALA B 44 -1.49 -16.69 9.32
N PRO B 45 -2.78 -16.98 9.49
CA PRO B 45 -3.73 -16.01 10.03
C PRO B 45 -3.49 -15.73 11.52
N GLU B 46 -3.03 -16.73 12.24
CA GLU B 46 -2.76 -16.60 13.66
C GLU B 46 -1.35 -16.08 13.90
N SER B 47 -0.46 -16.33 12.94
CA SER B 47 0.93 -15.89 13.04
C SER B 47 1.37 -15.17 11.78
N ILE B 48 0.89 -13.95 11.60
CA ILE B 48 1.23 -13.15 10.42
C ILE B 48 2.66 -12.60 10.53
N PRO B 49 3.46 -12.85 9.49
CA PRO B 49 4.85 -12.39 9.45
C PRO B 49 4.96 -10.87 9.29
N SER B 50 4.81 -10.15 10.39
CA SER B 50 4.87 -8.70 10.37
C SER B 50 6.14 -8.23 9.66
N LEU B 51 6.21 -6.93 9.38
CA LEU B 51 7.36 -6.35 8.70
C LEU B 51 8.66 -6.89 9.27
N GLU B 52 8.65 -7.19 10.56
CA GLU B 52 9.84 -7.73 11.23
C GLU B 52 10.21 -9.09 10.66
N ALA B 53 9.24 -9.99 10.62
CA ALA B 53 9.47 -11.34 10.09
C ALA B 53 9.96 -11.29 8.66
N LEU B 54 9.27 -10.51 7.83
CA LEU B 54 9.64 -10.37 6.42
C LEU B 54 11.11 -9.97 6.27
N THR B 55 11.47 -8.87 6.93
CA THR B 55 12.84 -8.37 6.87
C THR B 55 13.82 -9.39 7.44
N ARG B 56 13.35 -10.20 8.38
CA ARG B 56 14.18 -11.21 9.01
C ARG B 56 14.61 -12.27 8.00
N LYS B 57 13.63 -12.84 7.29
CA LYS B 57 13.90 -13.86 6.30
C LYS B 57 14.46 -13.25 5.01
N VAL B 58 14.01 -12.02 4.72
CA VAL B 58 14.47 -11.31 3.52
C VAL B 58 15.95 -10.98 3.61
N HIS B 59 16.41 -10.70 4.83
CA HIS B 59 17.82 -10.37 5.05
C HIS B 59 18.72 -11.53 4.63
N ASN B 60 18.30 -12.74 4.96
CA ASN B 60 19.07 -13.94 4.61
C ASN B 60 19.12 -14.14 3.11
N PHE B 61 18.14 -13.59 2.40
CA PHE B 61 18.06 -13.71 0.96
C PHE B 61 17.95 -15.17 0.54
N GLN B 62 16.72 -15.64 0.34
CA GLN B 62 16.48 -17.01 -0.06
C GLN B 62 15.87 -17.07 -1.45
N MET B 63 16.38 -16.24 -2.36
CA MET B 63 15.88 -16.20 -3.73
C MET B 63 17.04 -16.02 -4.71
N GLU B 64 17.64 -14.83 -4.69
CA GLU B 64 18.75 -14.54 -5.58
C GLU B 64 18.39 -14.85 -7.03
N CYS B 65 17.09 -14.80 -7.34
CA CYS B 65 16.61 -15.08 -8.69
C CYS B 65 17.26 -16.33 -9.24
N SER B 66 17.50 -17.31 -8.37
CA SER B 66 18.13 -18.56 -8.78
C SER B 66 17.55 -19.73 -7.99
N LEU B 67 18.09 -19.97 -6.80
CA LEU B 67 17.63 -21.06 -5.95
C LEU B 67 18.42 -21.11 -4.65
N GLN B 68 18.13 -20.16 -3.75
CA GLN B 68 18.82 -20.10 -2.47
C GLN B 68 18.15 -21.01 -1.45
N ALA B 69 16.90 -21.40 -1.72
CA ALA B 69 16.16 -22.27 -0.83
C ALA B 69 16.45 -23.74 -1.13
N LYS B 70 17.47 -23.97 -1.96
CA LYS B 70 17.86 -25.33 -2.32
C LYS B 70 16.69 -26.08 -2.96
N PRO B 71 16.99 -27.23 -3.57
CA PRO B 71 15.98 -28.07 -4.24
C PRO B 71 15.03 -28.73 -3.24
N ALA B 72 14.04 -29.45 -3.76
CA ALA B 72 13.07 -30.14 -2.92
C ALA B 72 12.23 -29.14 -2.13
N VAL B 73 10.95 -29.04 -2.48
CA VAL B 73 10.04 -28.13 -1.81
C VAL B 73 9.90 -28.47 -0.33
N PRO B 74 10.49 -27.62 0.54
CA PRO B 74 10.44 -27.83 1.99
C PRO B 74 9.04 -27.60 2.57
N THR B 75 8.13 -27.16 1.71
CA THR B 75 6.75 -26.91 2.13
C THR B 75 6.09 -28.19 2.63
N SER B 76 6.69 -29.33 2.31
CA SER B 76 6.16 -30.62 2.72
C SER B 76 4.83 -30.91 2.01
N LYS B 77 4.72 -32.11 1.46
CA LYS B 77 3.51 -32.52 0.74
C LYS B 77 3.44 -31.85 -0.63
N LEU B 78 3.54 -30.53 -0.65
CA LEU B 78 3.48 -29.77 -1.90
C LEU B 78 4.42 -30.38 -2.94
N GLY B 79 3.98 -30.35 -4.20
CA GLY B 79 4.80 -30.90 -5.27
C GLY B 79 4.10 -32.02 -6.02
N GLN B 80 4.85 -32.73 -6.85
CA GLN B 80 4.28 -33.84 -7.62
C GLN B 80 5.28 -34.98 -7.73
N ALA B 81 6.29 -34.81 -8.56
CA ALA B 81 7.32 -35.84 -8.75
C ALA B 81 8.62 -35.45 -8.07
N GLU B 82 9.36 -34.53 -8.68
CA GLU B 82 10.63 -34.07 -8.12
C GLU B 82 10.45 -32.79 -7.33
N GLY B 83 11.56 -32.13 -7.02
CA GLY B 83 11.50 -30.88 -6.27
C GLY B 83 11.73 -29.67 -7.15
N ARG B 84 11.97 -28.52 -6.52
CA ARG B 84 12.20 -27.28 -7.25
C ARG B 84 11.41 -27.28 -8.56
N ASP B 85 12.09 -27.63 -9.65
CA ASP B 85 11.45 -27.66 -10.97
C ASP B 85 10.55 -28.88 -11.10
N ALA B 86 9.66 -29.06 -10.14
CA ALA B 86 8.73 -30.19 -10.16
C ALA B 86 7.97 -30.30 -8.84
N GLY B 87 8.60 -29.85 -7.75
CA GLY B 87 7.96 -29.91 -6.45
C GLY B 87 7.56 -28.53 -5.95
N SER B 88 8.47 -27.57 -6.05
CA SER B 88 8.20 -26.21 -5.60
C SER B 88 7.02 -25.62 -6.35
N ALA B 89 6.80 -26.10 -7.57
CA ALA B 89 5.70 -25.61 -8.40
C ALA B 89 5.06 -26.75 -9.18
N PRO B 90 4.10 -27.44 -8.55
CA PRO B 90 3.39 -28.55 -9.16
C PRO B 90 2.46 -28.11 -10.29
N SER B 91 3.01 -27.98 -11.50
CA SER B 91 2.24 -27.55 -12.64
C SER B 91 1.45 -26.29 -12.34
N GLY B 92 0.47 -25.98 -13.19
CA GLY B 92 -0.35 -24.80 -12.98
C GLY B 92 -0.93 -24.72 -11.58
N GLY B 93 -1.03 -25.88 -10.92
CA GLY B 93 -1.57 -25.92 -9.58
C GLY B 93 -0.75 -25.10 -8.60
N ASP B 94 0.46 -24.73 -9.00
CA ASP B 94 1.34 -23.94 -8.15
C ASP B 94 0.63 -22.69 -7.64
N PRO B 95 0.92 -22.31 -6.39
CA PRO B 95 0.32 -21.13 -5.76
C PRO B 95 0.81 -19.82 -6.38
N ALA B 96 0.89 -19.79 -7.70
CA ALA B 96 1.35 -18.61 -8.42
C ALA B 96 0.19 -17.93 -9.14
N PHE B 97 -0.91 -18.65 -9.31
CA PHE B 97 -2.09 -18.12 -9.99
C PHE B 97 -3.20 -17.79 -8.99
N LEU B 98 -2.80 -17.36 -7.80
CA LEU B 98 -3.76 -17.01 -6.75
C LEU B 98 -3.47 -15.61 -6.20
N GLY B 99 -4.08 -14.61 -6.83
CA GLY B 99 -3.88 -13.23 -6.40
C GLY B 99 -3.59 -12.29 -7.55
N MET B 100 -4.49 -11.33 -7.76
CA MET B 100 -4.32 -10.37 -8.84
C MET B 100 -3.27 -9.32 -8.48
N ALA B 101 -3.24 -8.95 -7.20
CA ALA B 101 -2.27 -7.96 -6.72
C ALA B 101 -0.85 -8.33 -7.13
N VAL B 102 -0.42 -9.52 -6.72
CA VAL B 102 0.92 -10.00 -7.03
C VAL B 102 1.17 -9.95 -8.54
N SER B 103 0.12 -10.13 -9.33
CA SER B 103 0.23 -10.11 -10.78
C SER B 103 0.60 -8.71 -11.27
N THR B 104 0.17 -7.69 -10.53
CA THR B 104 0.45 -6.31 -10.90
C THR B 104 1.87 -5.92 -10.49
N LEU B 105 2.28 -6.35 -9.31
CA LEU B 105 3.61 -6.04 -8.80
C LEU B 105 4.67 -6.89 -9.51
N CYS B 106 4.45 -8.20 -9.53
CA CYS B 106 5.38 -9.12 -10.17
C CYS B 106 5.36 -8.96 -11.69
N GLY B 107 4.23 -8.47 -12.21
CA GLY B 107 4.09 -8.27 -13.64
C GLY B 107 3.71 -9.55 -14.36
N GLU B 108 2.77 -10.29 -13.79
CA GLU B 108 2.31 -11.54 -14.40
C GLU B 108 3.51 -12.42 -14.78
N VAL B 109 4.56 -12.36 -13.99
CA VAL B 109 5.76 -13.16 -14.24
C VAL B 109 5.72 -14.48 -13.47
N PRO B 110 6.42 -15.49 -14.00
CA PRO B 110 6.49 -16.81 -13.37
C PRO B 110 7.29 -16.80 -12.08
N LEU B 111 6.59 -16.75 -10.95
CA LEU B 111 7.24 -16.74 -9.65
C LEU B 111 7.46 -18.16 -9.14
N TYR B 112 8.52 -18.34 -8.34
CA TYR B 112 8.84 -19.64 -7.79
C TYR B 112 9.01 -19.57 -6.28
N TYR B 113 8.60 -20.62 -5.59
CA TYR B 113 8.69 -20.68 -4.14
C TYR B 113 10.14 -20.43 -3.68
N ILE B 114 10.28 -19.77 -2.53
CA ILE B 114 11.59 -19.47 -1.99
C ILE B 114 11.84 -20.21 -0.69
N GLY C 1 -12.85 15.48 1.13
CA GLY C 1 -13.29 14.11 1.06
C GLY C 1 -14.77 13.95 1.38
N SER C 2 -15.40 12.95 0.78
CA SER C 2 -16.82 12.70 0.99
C SER C 2 -17.26 11.44 0.25
N GLU C 3 -16.72 11.24 -0.94
CA GLU C 3 -17.07 10.07 -1.76
C GLU C 3 -16.71 8.78 -1.03
N HIS C 4 -17.27 7.67 -1.49
CA HIS C 4 -17.01 6.36 -0.89
C HIS C 4 -16.46 5.39 -1.92
N LEU C 5 -15.14 5.36 -2.05
CA LEU C 5 -14.48 4.47 -2.99
C LEU C 5 -13.13 4.00 -2.46
N VAL C 6 -13.12 3.56 -1.20
CA VAL C 6 -11.90 3.08 -0.58
C VAL C 6 -11.61 1.63 -0.96
N THR C 7 -10.70 0.99 -0.22
CA THR C 7 -10.34 -0.40 -0.48
C THR C 7 -9.50 -0.51 -1.76
N THR C 8 -8.26 -0.05 -1.68
CA THR C 8 -7.36 -0.10 -2.82
C THR C 8 -5.94 -0.47 -2.39
N ALA C 9 -5.08 -0.74 -3.38
CA ALA C 9 -3.69 -1.11 -3.09
C ALA C 9 -2.74 0.01 -3.51
N THR C 10 -1.50 -0.08 -3.04
CA THR C 10 -0.49 0.93 -3.37
C THR C 10 0.84 0.27 -3.71
N PHE C 11 1.32 0.53 -4.92
CA PHE C 11 2.58 -0.04 -5.38
C PHE C 11 3.55 1.07 -5.80
N SER C 12 4.81 0.92 -5.39
CA SER C 12 5.84 1.91 -5.71
C SER C 12 6.40 1.67 -7.10
N ILE C 13 6.89 2.73 -7.73
CA ILE C 13 7.45 2.63 -9.08
C ILE C 13 8.96 2.89 -9.05
N GLY C 14 9.70 2.11 -9.83
CA GLY C 14 11.14 2.28 -9.89
C GLY C 14 11.78 2.22 -8.51
N SER C 15 12.13 3.40 -7.99
CA SER C 15 12.76 3.48 -6.68
C SER C 15 12.77 4.92 -6.17
N THR C 16 11.71 5.66 -6.49
CA THR C 16 11.59 7.04 -6.07
C THR C 16 10.13 7.47 -5.95
N GLY C 17 9.33 7.10 -6.96
CA GLY C 17 7.93 7.44 -6.95
C GLY C 17 7.04 6.26 -6.60
N LEU C 18 5.76 6.54 -6.38
CA LEU C 18 4.80 5.49 -6.04
C LEU C 18 3.42 5.82 -6.56
N VAL C 19 2.62 4.79 -6.83
CA VAL C 19 1.27 4.96 -7.35
C VAL C 19 0.31 3.95 -6.74
N VAL C 20 -0.98 4.24 -6.81
CA VAL C 20 -2.00 3.35 -6.26
C VAL C 20 -2.89 2.80 -7.38
N TYR C 21 -3.31 1.54 -7.21
CA TYR C 21 -4.16 0.89 -8.19
C TYR C 21 -5.56 0.65 -7.63
N ASP C 22 -6.51 1.45 -8.09
CA ASP C 22 -7.90 1.33 -7.63
C ASP C 22 -8.55 0.07 -8.21
N TYR C 23 -8.60 -0.98 -7.41
CA TYR C 23 -9.19 -2.24 -7.85
C TYR C 23 -10.71 -2.17 -7.81
N GLN C 24 -11.27 -1.23 -8.57
CA GLN C 24 -12.71 -1.05 -8.63
C GLN C 24 -13.08 0.08 -9.58
N GLN C 25 -12.32 1.17 -9.52
CA GLN C 25 -12.58 2.32 -10.37
C GLN C 25 -11.64 2.32 -11.58
N LEU C 26 -10.61 1.49 -11.52
CA LEU C 26 -9.64 1.40 -12.61
C LEU C 26 -8.91 2.72 -12.81
N LEU C 27 -8.67 3.43 -11.71
CA LEU C 27 -7.97 4.70 -11.76
C LEU C 27 -6.67 4.64 -10.97
N ILE C 28 -5.60 5.18 -11.55
CA ILE C 28 -4.30 5.20 -10.91
C ILE C 28 -3.95 6.59 -10.40
N ALA C 29 -3.21 6.64 -9.29
CA ALA C 29 -2.80 7.92 -8.71
C ALA C 29 -1.29 8.10 -8.80
N TYR C 30 -0.87 9.17 -9.46
CA TYR C 30 0.55 9.46 -9.62
C TYR C 30 0.84 10.94 -9.37
N LYS C 31 1.96 11.21 -8.71
CA LYS C 31 2.35 12.58 -8.40
C LYS C 31 3.84 12.66 -8.07
N PRO C 32 4.44 13.83 -8.34
CA PRO C 32 5.87 14.06 -8.08
C PRO C 32 6.18 14.14 -6.60
N ALA C 33 6.08 15.33 -6.04
CA ALA C 33 6.35 15.54 -4.61
C ALA C 33 5.07 15.40 -3.79
N PRO C 34 5.25 15.15 -2.49
CA PRO C 34 4.12 15.00 -1.56
C PRO C 34 3.37 16.30 -1.32
N GLY C 35 2.09 16.31 -1.64
CA GLY C 35 1.28 17.51 -1.45
C GLY C 35 1.35 18.45 -2.64
N THR C 36 1.60 17.88 -3.82
CA THR C 36 1.69 18.69 -5.03
C THR C 36 0.69 18.22 -6.09
N CYS C 37 0.79 18.79 -7.29
CA CYS C 37 -0.10 18.42 -8.37
C CYS C 37 -0.19 16.90 -8.53
N CYS C 38 -1.38 16.41 -8.87
CA CYS C 38 -1.60 14.99 -9.05
C CYS C 38 -2.24 14.71 -10.41
N TYR C 39 -2.25 13.43 -10.79
CA TYR C 39 -2.84 13.03 -12.07
C TYR C 39 -3.50 11.66 -11.95
N ILE C 40 -4.52 11.44 -12.78
CA ILE C 40 -5.25 10.18 -12.77
C ILE C 40 -5.12 9.46 -14.11
N MET C 41 -4.94 8.15 -14.05
CA MET C 41 -4.80 7.35 -15.27
C MET C 41 -5.80 6.19 -15.27
N LYS C 42 -6.33 5.87 -16.44
CA LYS C 42 -7.30 4.79 -16.58
C LYS C 42 -6.60 3.48 -16.92
N ILE C 43 -7.18 2.37 -16.47
CA ILE C 43 -6.61 1.06 -16.73
C ILE C 43 -7.69 0.07 -17.16
N ALA C 44 -7.27 -1.13 -17.55
CA ALA C 44 -8.20 -2.17 -17.98
C ALA C 44 -8.14 -3.38 -17.06
N PRO C 45 -9.30 -4.04 -16.87
CA PRO C 45 -9.40 -5.22 -16.01
C PRO C 45 -8.69 -6.43 -16.61
N GLU C 46 -8.71 -6.52 -17.94
CA GLU C 46 -8.07 -7.63 -18.63
C GLU C 46 -6.60 -7.34 -18.89
N SER C 47 -6.26 -6.06 -18.95
CA SER C 47 -4.88 -5.64 -19.21
C SER C 47 -4.43 -4.61 -18.19
N ILE C 48 -4.19 -5.05 -16.96
CA ILE C 48 -3.76 -4.16 -15.89
C ILE C 48 -2.29 -3.77 -16.06
N PRO C 49 -2.02 -2.46 -16.05
CA PRO C 49 -0.66 -1.93 -16.21
C PRO C 49 0.21 -2.21 -14.98
N SER C 50 0.77 -3.42 -14.93
CA SER C 50 1.62 -3.82 -13.81
C SER C 50 2.70 -2.78 -13.55
N LEU C 51 3.43 -2.94 -12.45
CA LEU C 51 4.49 -2.01 -12.10
C LEU C 51 5.38 -1.70 -13.30
N GLU C 52 5.54 -2.68 -14.17
CA GLU C 52 6.35 -2.51 -15.37
C GLU C 52 5.74 -1.47 -16.31
N ALA C 53 4.45 -1.63 -16.58
CA ALA C 53 3.74 -0.70 -17.45
C ALA C 53 3.80 0.72 -16.91
N LEU C 54 3.49 0.88 -15.63
CA LEU C 54 3.51 2.20 -14.99
C LEU C 54 4.87 2.87 -15.18
N THR C 55 5.93 2.17 -14.78
CA THR C 55 7.28 2.70 -14.90
C THR C 55 7.64 2.98 -16.36
N ARG C 56 7.04 2.21 -17.27
CA ARG C 56 7.29 2.37 -18.70
C ARG C 56 6.80 3.73 -19.17
N LYS C 57 5.54 4.04 -18.90
CA LYS C 57 4.94 5.30 -19.31
C LYS C 57 5.42 6.44 -18.41
N VAL C 58 5.68 6.12 -17.14
CA VAL C 58 6.15 7.11 -16.19
C VAL C 58 7.54 7.61 -16.54
N HIS C 59 8.36 6.71 -17.09
CA HIS C 59 9.72 7.07 -17.48
C HIS C 59 9.72 8.18 -18.51
N ASN C 60 8.79 8.11 -19.47
CA ASN C 60 8.69 9.11 -20.52
C ASN C 60 8.26 10.46 -19.93
N PHE C 61 7.60 10.42 -18.78
CA PHE C 61 7.13 11.63 -18.13
C PHE C 61 6.15 12.39 -19.01
N GLN C 62 4.87 12.13 -18.81
CA GLN C 62 3.82 12.78 -19.59
C GLN C 62 2.97 13.68 -18.71
N MET C 63 3.62 14.40 -17.81
CA MET C 63 2.93 15.32 -16.90
C MET C 63 3.72 16.60 -16.71
N GLU C 64 4.86 16.50 -16.03
CA GLU C 64 5.70 17.66 -15.79
C GLU C 64 4.90 18.79 -15.17
N CYS C 65 3.81 18.44 -14.48
CA CYS C 65 2.96 19.44 -13.85
C CYS C 65 2.65 20.59 -14.80
N SER C 66 2.52 20.27 -16.08
CA SER C 66 2.23 21.27 -17.10
C SER C 66 1.31 20.71 -18.17
N LEU C 67 1.90 20.05 -19.16
CA LEU C 67 1.13 19.46 -20.25
C LEU C 67 2.05 18.74 -21.23
N GLN C 68 2.55 17.58 -20.83
CA GLN C 68 3.43 16.80 -21.68
C GLN C 68 2.64 15.92 -22.65
N ALA C 69 1.37 15.69 -22.33
CA ALA C 69 0.50 14.88 -23.16
C ALA C 69 -0.13 15.70 -24.27
N LYS C 70 0.33 16.93 -24.42
CA LYS C 70 -0.19 17.83 -25.45
C LYS C 70 -1.68 18.06 -25.27
N PRO C 71 -2.22 19.07 -25.97
CA PRO C 71 -3.64 19.42 -25.90
C PRO C 71 -4.52 18.35 -26.55
N ALA C 72 -5.83 18.54 -26.45
CA ALA C 72 -6.79 17.60 -27.03
C ALA C 72 -6.73 16.26 -26.32
N VAL C 73 -7.78 15.94 -25.57
CA VAL C 73 -7.85 14.68 -24.85
C VAL C 73 -7.80 13.49 -25.80
N PRO C 74 -6.67 12.77 -25.80
CA PRO C 74 -6.47 11.61 -26.66
C PRO C 74 -7.32 10.42 -26.23
N THR C 75 -8.01 10.57 -25.11
CA THR C 75 -8.88 9.52 -24.59
C THR C 75 -10.00 9.18 -25.57
N SER C 76 -10.22 10.07 -26.52
CA SER C 76 -11.26 9.88 -27.53
C SER C 76 -12.65 9.96 -26.89
N LYS C 77 -13.53 10.75 -27.51
CA LYS C 77 -14.88 10.91 -27.00
C LYS C 77 -14.91 11.82 -25.78
N LEU C 78 -14.10 11.47 -24.78
CA LEU C 78 -14.03 12.26 -23.55
C LEU C 78 -13.86 13.74 -23.87
N GLY C 79 -14.49 14.59 -23.06
CA GLY C 79 -14.40 16.02 -23.26
C GLY C 79 -15.76 16.66 -23.48
N GLN C 80 -15.74 17.92 -23.92
CA GLN C 80 -16.98 18.64 -24.18
C GLN C 80 -16.85 19.54 -25.41
N ALA C 81 -16.14 20.64 -25.25
CA ALA C 81 -15.93 21.59 -26.35
C ALA C 81 -14.51 21.49 -26.89
N GLU C 82 -13.56 22.07 -26.16
CA GLU C 82 -12.16 22.04 -26.57
C GLU C 82 -11.41 20.90 -25.88
N GLY C 83 -10.08 20.95 -25.97
CA GLY C 83 -9.26 19.92 -25.34
C GLY C 83 -8.63 20.39 -24.05
N ARG C 84 -7.64 19.62 -23.57
CA ARG C 84 -6.95 19.97 -22.34
C ARG C 84 -7.88 20.70 -21.37
N ASP C 85 -7.80 22.02 -21.37
CA ASP C 85 -8.63 22.83 -20.49
C ASP C 85 -10.06 22.91 -21.02
N ALA C 86 -10.65 21.75 -21.29
CA ALA C 86 -12.02 21.70 -21.80
C ALA C 86 -12.37 20.28 -22.25
N GLY C 87 -11.36 19.53 -22.68
CA GLY C 87 -11.58 18.17 -23.12
C GLY C 87 -11.05 17.13 -22.15
N SER C 88 -9.81 17.34 -21.70
CA SER C 88 -9.17 16.42 -20.77
C SER C 88 -9.96 16.33 -19.47
N ALA C 89 -10.70 17.39 -19.16
CA ALA C 89 -11.50 17.43 -17.94
C ALA C 89 -12.84 18.14 -18.20
N PRO C 90 -13.83 17.37 -18.68
CA PRO C 90 -15.16 17.90 -18.96
C PRO C 90 -15.93 18.27 -17.70
N SER C 91 -15.70 19.49 -17.20
CA SER C 91 -16.36 19.96 -16.00
C SER C 91 -16.23 18.95 -14.87
N GLY C 92 -17.05 19.10 -13.84
CA GLY C 92 -17.02 18.18 -12.71
C GLY C 92 -17.10 16.74 -13.14
N GLY C 93 -17.64 16.49 -14.33
CA GLY C 93 -17.77 15.14 -14.82
C GLY C 93 -16.43 14.45 -14.98
N ASP C 94 -15.36 15.24 -14.95
CA ASP C 94 -14.01 14.69 -15.09
C ASP C 94 -13.77 13.56 -14.11
N PRO C 95 -13.03 12.54 -14.55
CA PRO C 95 -12.70 11.37 -13.72
C PRO C 95 -11.75 11.72 -12.58
N ALA C 96 -12.01 12.84 -11.92
CA ALA C 96 -11.17 13.29 -10.81
C ALA C 96 -11.90 13.15 -9.49
N PHE C 97 -13.21 13.00 -9.55
CA PHE C 97 -14.03 12.85 -8.36
C PHE C 97 -14.50 11.42 -8.18
N LEU C 98 -13.64 10.47 -8.58
CA LEU C 98 -13.97 9.06 -8.47
C LEU C 98 -12.85 8.30 -7.75
N GLY C 99 -12.94 8.24 -6.42
CA GLY C 99 -11.94 7.54 -5.63
C GLY C 99 -11.46 8.36 -4.45
N MET C 100 -11.71 7.85 -3.25
CA MET C 100 -11.31 8.54 -2.03
C MET C 100 -9.80 8.40 -1.79
N ALA C 101 -9.26 7.24 -2.15
CA ALA C 101 -7.84 6.98 -1.98
C ALA C 101 -7.00 8.08 -2.62
N VAL C 102 -7.21 8.28 -3.92
CA VAL C 102 -6.47 9.30 -4.65
C VAL C 102 -6.59 10.67 -3.98
N SER C 103 -7.73 10.90 -3.33
CA SER C 103 -7.98 12.15 -2.65
C SER C 103 -7.03 12.33 -1.46
N THR C 104 -6.65 11.21 -0.85
CA THR C 104 -5.75 11.22 0.30
C THR C 104 -4.31 11.41 -0.14
N LEU C 105 -3.92 10.74 -1.22
CA LEU C 105 -2.57 10.82 -1.74
C LEU C 105 -2.35 12.16 -2.46
N CYS C 106 -3.25 12.47 -3.39
CA CYS C 106 -3.16 13.71 -4.15
C CYS C 106 -3.45 14.92 -3.27
N GLY C 107 -4.20 14.69 -2.20
CA GLY C 107 -4.53 15.78 -1.29
C GLY C 107 -5.71 16.59 -1.77
N GLU C 108 -6.74 15.92 -2.27
CA GLU C 108 -7.94 16.60 -2.76
C GLU C 108 -7.56 17.73 -3.72
N VAL C 109 -6.49 17.52 -4.47
CA VAL C 109 -6.03 18.53 -5.43
C VAL C 109 -6.59 18.27 -6.82
N PRO C 110 -6.71 19.34 -7.62
CA PRO C 110 -7.24 19.26 -8.98
C PRO C 110 -6.28 18.54 -9.93
N LEU C 111 -6.55 17.26 -10.18
CA LEU C 111 -5.71 16.46 -11.06
C LEU C 111 -6.19 16.57 -12.51
N TYR C 112 -5.26 16.44 -13.44
CA TYR C 112 -5.59 16.53 -14.85
C TYR C 112 -5.04 15.32 -15.61
N TYR C 113 -5.79 14.88 -16.62
CA TYR C 113 -5.38 13.73 -17.43
C TYR C 113 -3.99 13.94 -18.00
N ILE C 114 -3.24 12.84 -18.11
CA ILE C 114 -1.89 12.89 -18.65
C ILE C 114 -1.80 12.15 -19.97
N GLY A 1 -2.36 -9.81 15.66
CA GLY A 1 -3.40 -10.27 16.56
C GLY A 1 -4.54 -9.28 16.67
N SER A 2 -5.75 -9.73 16.36
CA SER A 2 -6.93 -8.87 16.43
C SER A 2 -8.20 -9.66 16.12
N GLU A 3 -9.31 -8.95 16.02
CA GLU A 3 -10.60 -9.58 15.71
C GLU A 3 -10.91 -9.53 14.22
N HIS A 4 -9.86 -9.66 13.41
CA HIS A 4 -10.02 -9.62 11.96
C HIS A 4 -10.54 -8.26 11.50
N LEU A 5 -9.64 -7.44 10.96
CA LEU A 5 -10.01 -6.11 10.49
C LEU A 5 -9.06 -5.63 9.40
N VAL A 6 -8.85 -6.48 8.40
CA VAL A 6 -7.95 -6.14 7.29
C VAL A 6 -8.66 -5.29 6.26
N THR A 7 -8.08 -5.20 5.06
CA THR A 7 -8.65 -4.41 3.98
C THR A 7 -8.42 -2.92 4.21
N THR A 8 -7.20 -2.47 3.96
CA THR A 8 -6.86 -1.06 4.14
C THR A 8 -5.84 -0.61 3.10
N ALA A 9 -5.59 0.70 3.05
CA ALA A 9 -4.65 1.26 2.09
C ALA A 9 -3.36 1.72 2.80
N THR A 10 -2.25 1.66 2.08
CA THR A 10 -0.96 2.07 2.63
C THR A 10 -0.35 3.20 1.82
N PHE A 11 -0.09 4.32 2.48
CA PHE A 11 0.50 5.48 1.82
C PHE A 11 1.80 5.90 2.50
N SER A 12 2.84 6.13 1.71
CA SER A 12 4.14 6.53 2.23
C SER A 12 4.14 8.00 2.63
N ILE A 13 5.03 8.36 3.55
CA ILE A 13 5.13 9.74 4.02
C ILE A 13 6.55 10.25 3.91
N GLY A 14 6.73 11.55 4.15
CA GLY A 14 8.05 12.15 4.07
C GLY A 14 8.76 11.81 2.78
N SER A 15 9.81 11.00 2.88
CA SER A 15 10.59 10.61 1.71
C SER A 15 10.67 9.09 1.59
N THR A 16 10.76 8.41 2.74
CA THR A 16 10.84 6.96 2.77
C THR A 16 10.06 6.39 3.96
N GLY A 17 8.90 6.97 4.23
CA GLY A 17 8.08 6.51 5.33
C GLY A 17 6.90 5.68 4.87
N LEU A 18 6.12 5.18 5.82
CA LEU A 18 4.95 4.36 5.50
C LEU A 18 3.83 4.60 6.50
N VAL A 19 2.62 4.80 5.99
CA VAL A 19 1.45 5.05 6.84
C VAL A 19 0.18 4.55 6.18
N VAL A 20 -0.49 3.60 6.82
CA VAL A 20 -1.72 3.03 6.29
C VAL A 20 -2.93 3.64 6.99
N TYR A 21 -3.97 3.94 6.20
CA TYR A 21 -5.19 4.53 6.74
C TYR A 21 -6.33 3.51 6.74
N ASP A 22 -6.62 2.94 7.91
CA ASP A 22 -7.70 1.97 8.04
C ASP A 22 -9.05 2.60 7.76
N TYR A 23 -9.49 2.53 6.51
CA TYR A 23 -10.77 3.10 6.11
C TYR A 23 -11.92 2.22 6.58
N GLN A 24 -12.12 2.18 7.90
CA GLN A 24 -13.19 1.37 8.48
C GLN A 24 -13.20 1.51 10.00
N GLN A 25 -12.02 1.53 10.60
CA GLN A 25 -11.90 1.64 12.04
C GLN A 25 -11.27 2.97 12.43
N LEU A 26 -10.95 3.78 11.43
CA LEU A 26 -10.34 5.09 11.66
C LEU A 26 -8.99 4.95 12.36
N LEU A 27 -8.30 3.85 12.07
CA LEU A 27 -6.99 3.59 12.68
C LEU A 27 -5.87 3.82 11.65
N ILE A 28 -4.72 4.28 12.14
CA ILE A 28 -3.57 4.53 11.27
C ILE A 28 -2.30 3.94 11.86
N ALA A 29 -1.43 3.44 10.99
CA ALA A 29 -0.17 2.85 11.43
C ALA A 29 1.00 3.77 11.13
N TYR A 30 1.72 4.16 12.17
CA TYR A 30 2.87 5.05 12.02
C TYR A 30 4.08 4.51 12.76
N LYS A 31 5.13 4.18 12.02
CA LYS A 31 6.35 3.66 12.59
C LYS A 31 7.53 3.81 11.64
N PRO A 32 8.73 3.96 12.20
CA PRO A 32 9.97 4.11 11.41
C PRO A 32 10.36 2.83 10.69
N ALA A 33 11.08 1.96 11.38
CA ALA A 33 11.51 0.69 10.80
C ALA A 33 10.48 -0.40 11.05
N PRO A 34 10.56 -1.47 10.25
CA PRO A 34 9.64 -2.62 10.36
C PRO A 34 9.86 -3.42 11.63
N GLY A 35 8.85 -3.46 12.49
CA GLY A 35 8.96 -4.20 13.74
C GLY A 35 9.49 -3.35 14.87
N THR A 36 9.25 -2.04 14.79
CA THR A 36 9.70 -1.11 15.81
C THR A 36 8.53 -0.35 16.42
N CYS A 37 8.86 0.68 17.21
CA CYS A 37 7.83 1.49 17.86
C CYS A 37 6.77 1.93 16.85
N CYS A 38 5.51 1.83 17.24
CA CYS A 38 4.40 2.21 16.38
C CYS A 38 3.47 3.19 17.09
N TYR A 39 2.61 3.85 16.31
CA TYR A 39 1.67 4.81 16.87
C TYR A 39 0.35 4.78 16.10
N ILE A 40 -0.75 4.76 16.84
CA ILE A 40 -2.08 4.74 16.24
C ILE A 40 -2.92 5.92 16.70
N MET A 41 -3.67 6.51 15.77
CA MET A 41 -4.51 7.65 16.08
C MET A 41 -5.86 7.53 15.37
N LYS A 42 -6.82 8.36 15.79
CA LYS A 42 -8.15 8.36 15.19
C LYS A 42 -8.30 9.49 14.18
N ILE A 43 -9.07 9.24 13.13
CA ILE A 43 -9.29 10.25 12.09
C ILE A 43 -10.75 10.70 12.08
N ALA A 44 -11.07 11.62 11.17
CA ALA A 44 -12.42 12.14 11.06
C ALA A 44 -13.04 11.77 9.71
N PRO A 45 -14.27 11.23 9.75
CA PRO A 45 -14.99 10.82 8.55
C PRO A 45 -15.44 12.00 7.71
N GLU A 46 -15.48 13.18 8.33
CA GLU A 46 -15.89 14.39 7.64
C GLU A 46 -14.71 15.03 6.90
N SER A 47 -13.51 14.75 7.39
CA SER A 47 -12.30 15.30 6.78
C SER A 47 -11.08 14.46 7.13
N ILE A 48 -10.89 13.37 6.39
CA ILE A 48 -9.75 12.48 6.62
C ILE A 48 -8.43 13.21 6.46
N PRO A 49 -7.55 13.07 7.46
CA PRO A 49 -6.23 13.71 7.45
C PRO A 49 -5.30 13.09 6.40
N SER A 50 -5.46 13.51 5.16
CA SER A 50 -4.63 13.00 4.07
C SER A 50 -3.15 13.14 4.40
N LEU A 51 -2.31 12.63 3.51
CA LEU A 51 -0.86 12.69 3.70
C LEU A 51 -0.43 14.10 4.11
N GLU A 52 -1.12 15.10 3.59
CA GLU A 52 -0.81 16.50 3.89
C GLU A 52 -0.84 16.74 5.40
N ALA A 53 -1.82 16.14 6.07
CA ALA A 53 -1.96 16.29 7.51
C ALA A 53 -0.92 15.46 8.25
N LEU A 54 -0.82 14.19 7.91
CA LEU A 54 0.13 13.29 8.54
C LEU A 54 1.55 13.84 8.45
N THR A 55 1.99 14.15 7.23
CA THR A 55 3.32 14.70 7.01
C THR A 55 3.49 16.03 7.72
N ARG A 56 2.39 16.75 7.89
CA ARG A 56 2.42 18.05 8.56
C ARG A 56 2.84 17.90 10.02
N LYS A 57 2.12 17.05 10.75
CA LYS A 57 2.43 16.82 12.16
C LYS A 57 3.64 15.91 12.31
N VAL A 58 3.84 15.02 11.34
CA VAL A 58 4.97 14.10 11.37
C VAL A 58 6.27 14.81 11.06
N HIS A 59 6.18 15.88 10.27
CA HIS A 59 7.36 16.66 9.90
C HIS A 59 8.08 17.18 11.13
N ASN A 60 7.32 17.60 12.14
CA ASN A 60 7.89 18.12 13.37
C ASN A 60 8.62 17.02 14.14
N PHE A 61 8.24 15.77 13.88
CA PHE A 61 8.85 14.62 14.54
C PHE A 61 8.56 14.65 16.03
N GLN A 62 7.51 13.96 16.45
CA GLN A 62 7.13 13.91 17.85
C GLN A 62 7.02 12.46 18.33
N MET A 63 7.88 11.60 17.79
CA MET A 63 7.88 10.19 18.17
C MET A 63 9.31 9.70 18.41
N GLU A 64 9.98 9.30 17.34
CA GLU A 64 11.35 8.80 17.43
C GLU A 64 11.48 7.79 18.56
N CYS A 65 10.61 6.79 18.56
CA CYS A 65 10.63 5.75 19.59
C CYS A 65 10.66 6.37 20.99
N SER A 66 10.04 7.54 21.13
CA SER A 66 10.00 8.24 22.40
C SER A 66 8.67 8.98 22.58
N LEU A 67 8.62 9.85 23.58
CA LEU A 67 7.42 10.62 23.86
C LEU A 67 7.70 12.12 23.80
N GLN A 68 7.25 12.75 22.73
CA GLN A 68 7.45 14.19 22.56
C GLN A 68 7.10 14.95 23.84
N ALA A 69 6.11 14.44 24.57
CA ALA A 69 5.68 15.07 25.81
C ALA A 69 6.31 14.38 27.02
N LYS A 70 5.80 14.69 28.21
CA LYS A 70 6.31 14.10 29.43
C LYS A 70 5.75 12.69 29.64
N PRO A 71 4.43 12.59 29.81
CA PRO A 71 3.75 11.31 30.00
C PRO A 71 3.75 10.46 28.74
N ALA A 72 3.18 10.98 27.66
CA ALA A 72 3.11 10.28 26.39
C ALA A 72 2.18 10.98 25.41
N VAL A 73 1.19 11.69 25.95
CA VAL A 73 0.24 12.41 25.12
C VAL A 73 0.49 13.91 25.17
N PRO A 74 1.29 14.40 24.21
CA PRO A 74 1.63 15.82 24.12
C PRO A 74 0.43 16.68 23.71
N THR A 75 -0.52 16.07 23.02
CA THR A 75 -1.71 16.77 22.56
C THR A 75 -2.64 15.83 21.79
N SER A 76 -3.39 15.02 22.52
CA SER A 76 -4.32 14.08 21.90
C SER A 76 -5.65 14.05 22.65
N LYS A 77 -5.57 13.79 23.95
CA LYS A 77 -6.77 13.73 24.79
C LYS A 77 -6.41 13.96 26.26
N LEU A 78 -5.77 15.08 26.54
CA LEU A 78 -5.38 15.42 27.90
C LEU A 78 -6.59 15.50 28.81
N GLY A 79 -6.36 15.43 30.11
CA GLY A 79 -7.45 15.50 31.07
C GLY A 79 -7.03 15.05 32.46
N GLN A 80 -8.00 14.65 33.27
CA GLN A 80 -7.72 14.20 34.63
C GLN A 80 -6.62 13.14 34.64
N ALA A 81 -6.02 12.93 35.81
CA ALA A 81 -4.96 11.95 35.96
C ALA A 81 -3.87 12.15 34.91
N GLU A 82 -2.97 11.18 34.79
CA GLU A 82 -1.87 11.27 33.83
C GLU A 82 -2.26 10.60 32.51
N GLY A 83 -1.27 10.41 31.64
CA GLY A 83 -1.52 9.80 30.35
C GLY A 83 -0.93 8.41 30.25
N ARG A 84 -0.60 8.00 29.04
CA ARG A 84 -0.02 6.68 28.79
C ARG A 84 -1.05 5.58 29.07
N ASP A 85 -1.31 5.33 30.35
CA ASP A 85 -2.27 4.31 30.74
C ASP A 85 -3.58 4.94 31.20
N ALA A 86 -3.93 6.07 30.60
CA ALA A 86 -5.15 6.77 30.95
C ALA A 86 -5.49 7.84 29.90
N GLY A 87 -4.46 8.45 29.35
CA GLY A 87 -4.66 9.49 28.35
C GLY A 87 -4.42 8.99 26.95
N SER A 88 -3.39 8.17 26.77
CA SER A 88 -3.04 7.63 25.46
C SER A 88 -3.43 6.16 25.37
N ALA A 89 -4.27 5.72 26.29
CA ALA A 89 -4.72 4.33 26.32
C ALA A 89 -5.70 4.09 27.47
N PRO A 90 -6.98 4.41 27.23
CA PRO A 90 -8.04 4.24 28.23
C PRO A 90 -8.36 2.77 28.50
N SER A 91 -7.53 2.13 29.33
CA SER A 91 -7.72 0.73 29.67
C SER A 91 -7.79 -0.13 28.40
N GLY A 92 -8.27 -1.36 28.56
CA GLY A 92 -8.40 -2.25 27.42
C GLY A 92 -9.13 -1.63 26.26
N GLY A 93 -9.93 -0.60 26.55
CA GLY A 93 -10.68 0.07 25.50
C GLY A 93 -9.78 0.74 24.48
N ASP A 94 -8.50 0.84 24.81
CA ASP A 94 -7.53 1.47 23.91
C ASP A 94 -7.61 0.87 22.51
N PRO A 95 -7.45 1.72 21.49
CA PRO A 95 -7.51 1.30 20.09
C PRO A 95 -6.30 0.44 19.70
N ALA A 96 -5.92 -0.48 20.58
CA ALA A 96 -4.80 -1.37 20.32
C ALA A 96 -5.26 -2.75 19.90
N PHE A 97 -6.52 -3.06 20.20
CA PHE A 97 -7.09 -4.36 19.85
C PHE A 97 -8.04 -4.23 18.67
N LEU A 98 -7.73 -3.31 17.77
CA LEU A 98 -8.56 -3.09 16.59
C LEU A 98 -7.70 -2.88 15.34
N GLY A 99 -7.96 -3.67 14.31
CA GLY A 99 -7.20 -3.55 13.08
C GLY A 99 -6.04 -4.53 13.01
N MET A 100 -6.16 -5.54 12.17
CA MET A 100 -5.12 -6.55 12.01
C MET A 100 -3.94 -5.99 11.23
N ALA A 101 -4.23 -5.15 10.24
CA ALA A 101 -3.19 -4.55 9.42
C ALA A 101 -2.12 -3.89 10.28
N VAL A 102 -2.54 -2.95 11.13
CA VAL A 102 -1.63 -2.24 12.02
C VAL A 102 -0.86 -3.21 12.90
N SER A 103 -1.53 -4.28 13.31
CA SER A 103 -0.92 -5.29 14.17
C SER A 103 0.24 -5.97 13.46
N THR A 104 0.19 -6.00 12.13
CA THR A 104 1.23 -6.62 11.34
C THR A 104 2.44 -5.69 11.20
N LEU A 105 2.20 -4.50 10.68
CA LEU A 105 3.27 -3.51 10.49
C LEU A 105 3.91 -3.15 11.82
N CYS A 106 3.08 -2.98 12.85
CA CYS A 106 3.58 -2.64 14.17
C CYS A 106 3.99 -3.88 14.95
N GLY A 107 3.97 -5.02 14.27
CA GLY A 107 4.35 -6.27 14.90
C GLY A 107 3.73 -6.43 16.28
N GLU A 108 2.53 -5.88 16.46
CA GLU A 108 1.83 -5.96 17.73
C GLU A 108 2.67 -5.34 18.85
N VAL A 109 3.24 -4.18 18.57
CA VAL A 109 4.06 -3.47 19.56
C VAL A 109 3.23 -2.50 20.38
N PRO A 110 3.71 -2.19 21.58
CA PRO A 110 3.02 -1.26 22.49
C PRO A 110 3.05 0.18 21.99
N LEU A 111 2.05 0.57 21.22
CA LEU A 111 1.97 1.91 20.68
C LEU A 111 1.23 2.84 21.64
N TYR A 112 1.53 4.13 21.55
CA TYR A 112 0.89 5.13 22.41
C TYR A 112 0.34 6.29 21.59
N TYR A 113 -0.85 6.74 21.94
CA TYR A 113 -1.49 7.85 21.24
C TYR A 113 -0.57 9.07 21.20
N ILE A 114 -0.52 9.72 20.04
CA ILE A 114 0.31 10.91 19.88
C ILE A 114 -0.53 12.17 19.76
N GLY B 1 -3.58 -11.13 -14.62
CA GLY B 1 -4.46 -12.22 -14.98
C GLY B 1 -4.79 -13.10 -13.78
N SER B 2 -6.09 -13.25 -13.51
CA SER B 2 -6.53 -14.07 -12.38
C SER B 2 -8.06 -14.17 -12.36
N GLU B 3 -8.59 -14.82 -11.32
CA GLU B 3 -10.03 -14.99 -11.19
C GLU B 3 -10.62 -13.92 -10.27
N HIS B 4 -10.07 -12.70 -10.36
CA HIS B 4 -10.54 -11.60 -9.55
C HIS B 4 -10.32 -11.88 -8.06
N LEU B 5 -9.27 -11.29 -7.51
CA LEU B 5 -8.95 -11.48 -6.09
C LEU B 5 -8.16 -10.29 -5.54
N VAL B 6 -8.67 -9.08 -5.80
CA VAL B 6 -8.03 -7.86 -5.34
C VAL B 6 -8.36 -7.59 -3.87
N THR B 7 -8.12 -6.35 -3.44
CA THR B 7 -8.39 -5.97 -2.06
C THR B 7 -7.33 -6.51 -1.11
N THR B 8 -6.18 -5.85 -1.07
CA THR B 8 -5.09 -6.27 -0.20
C THR B 8 -4.28 -5.07 0.28
N ALA B 9 -3.37 -5.32 1.22
CA ALA B 9 -2.53 -4.26 1.77
C ALA B 9 -1.09 -4.42 1.31
N THR B 10 -0.41 -3.29 1.11
CA THR B 10 0.98 -3.31 0.67
C THR B 10 1.90 -2.68 1.71
N PHE B 11 2.86 -3.46 2.20
CA PHE B 11 3.80 -2.98 3.20
C PHE B 11 5.23 -3.05 2.68
N SER B 12 6.00 -2.00 2.94
CA SER B 12 7.39 -1.94 2.48
C SER B 12 8.30 -2.71 3.44
N ILE B 13 9.43 -3.17 2.92
CA ILE B 13 10.38 -3.92 3.72
C ILE B 13 11.79 -3.35 3.58
N GLY B 14 12.71 -3.83 4.41
CA GLY B 14 14.08 -3.35 4.36
C GLY B 14 14.17 -1.84 4.47
N SER B 15 14.58 -1.21 3.37
CA SER B 15 14.71 0.24 3.34
C SER B 15 13.84 0.84 2.24
N THR B 16 13.74 0.14 1.13
CA THR B 16 12.94 0.60 -0.01
C THR B 16 12.33 -0.57 -0.76
N GLY B 17 11.78 -1.53 -0.03
CA GLY B 17 11.17 -2.69 -0.63
C GLY B 17 9.65 -2.60 -0.66
N LEU B 18 9.02 -3.64 -1.20
CA LEU B 18 7.56 -3.67 -1.29
C LEU B 18 7.04 -5.10 -1.17
N VAL B 19 6.01 -5.30 -0.35
CA VAL B 19 5.42 -6.62 -0.16
C VAL B 19 3.95 -6.51 0.19
N VAL B 20 3.10 -7.13 -0.63
CA VAL B 20 1.67 -7.11 -0.41
C VAL B 20 1.20 -8.35 0.35
N TYR B 21 0.33 -8.15 1.33
CA TYR B 21 -0.18 -9.26 2.12
C TYR B 21 -1.66 -9.52 1.81
N ASP B 22 -1.92 -10.47 0.93
CA ASP B 22 -3.29 -10.81 0.55
C ASP B 22 -4.05 -11.38 1.74
N TYR B 23 -4.72 -10.51 2.48
CA TYR B 23 -5.48 -10.92 3.65
C TYR B 23 -6.81 -11.55 3.23
N GLN B 24 -6.73 -12.70 2.56
CA GLN B 24 -7.92 -13.41 2.10
C GLN B 24 -7.53 -14.68 1.34
N GLN B 25 -6.45 -14.60 0.58
CA GLN B 25 -5.97 -15.75 -0.19
C GLN B 25 -4.68 -16.30 0.39
N LEU B 26 -4.17 -15.65 1.43
CA LEU B 26 -2.95 -16.08 2.08
C LEU B 26 -1.78 -16.05 1.10
N LEU B 27 -1.78 -15.07 0.20
CA LEU B 27 -0.72 -14.94 -0.78
C LEU B 27 0.09 -13.66 -0.55
N ILE B 28 1.36 -13.70 -0.89
CA ILE B 28 2.24 -12.53 -0.72
C ILE B 28 3.09 -12.30 -1.96
N ALA B 29 3.35 -11.03 -2.26
CA ALA B 29 4.15 -10.66 -3.43
C ALA B 29 5.48 -10.08 -3.00
N TYR B 30 6.56 -10.72 -3.44
CA TYR B 30 7.91 -10.26 -3.10
C TYR B 30 8.78 -10.15 -4.36
N LYS B 31 9.26 -8.94 -4.63
CA LYS B 31 10.10 -8.70 -5.80
C LYS B 31 10.89 -7.41 -5.64
N PRO B 32 12.08 -7.35 -6.25
CA PRO B 32 12.95 -6.18 -6.20
C PRO B 32 12.39 -5.01 -6.99
N ALA B 33 12.68 -4.98 -8.28
CA ALA B 33 12.20 -3.91 -9.15
C ALA B 33 10.83 -4.25 -9.74
N PRO B 34 10.14 -3.22 -10.24
CA PRO B 34 8.81 -3.38 -10.84
C PRO B 34 8.86 -4.13 -12.18
N GLY B 35 8.18 -5.26 -12.24
CA GLY B 35 8.16 -6.05 -13.46
C GLY B 35 9.33 -7.01 -13.54
N THR B 36 9.82 -7.44 -12.39
CA THR B 36 10.95 -8.36 -12.34
C THR B 36 10.57 -9.66 -11.63
N CYS B 37 11.57 -10.48 -11.32
CA CYS B 37 11.34 -11.74 -10.64
C CYS B 37 10.49 -11.54 -9.39
N CYS B 38 9.52 -12.43 -9.18
CA CYS B 38 8.65 -12.35 -8.02
C CYS B 38 8.61 -13.68 -7.27
N TYR B 39 8.08 -13.65 -6.05
CA TYR B 39 7.99 -14.86 -5.23
C TYR B 39 6.73 -14.83 -4.37
N ILE B 40 6.03 -15.96 -4.31
CA ILE B 40 4.81 -16.07 -3.52
C ILE B 40 4.92 -17.18 -2.49
N MET B 41 4.41 -16.92 -1.29
CA MET B 41 4.44 -17.91 -0.22
C MET B 41 3.12 -17.93 0.55
N LYS B 42 2.96 -18.93 1.41
CA LYS B 42 1.75 -19.06 2.20
C LYS B 42 1.97 -18.59 3.64
N ILE B 43 0.95 -17.98 4.22
CA ILE B 43 1.03 -17.49 5.59
C ILE B 43 0.14 -18.28 6.52
N ALA B 44 0.17 -17.93 7.81
CA ALA B 44 -0.65 -18.62 8.80
C ALA B 44 -1.67 -17.67 9.41
N PRO B 45 -2.93 -18.11 9.47
CA PRO B 45 -4.03 -17.33 10.03
C PRO B 45 -3.92 -17.17 11.53
N GLU B 46 -3.14 -18.04 12.17
CA GLU B 46 -2.95 -18.00 13.62
C GLU B 46 -1.81 -17.05 13.98
N SER B 47 -0.88 -16.85 13.05
CA SER B 47 0.25 -15.98 13.27
C SER B 47 0.82 -15.47 11.95
N ILE B 48 0.22 -14.41 11.43
CA ILE B 48 0.65 -13.84 10.17
C ILE B 48 2.09 -13.32 10.27
N PRO B 49 2.92 -13.68 9.28
CA PRO B 49 4.33 -13.27 9.25
C PRO B 49 4.49 -11.79 8.96
N SER B 50 4.25 -10.96 9.98
CA SER B 50 4.37 -9.51 9.85
C SER B 50 5.73 -9.13 9.26
N LEU B 51 5.90 -7.84 8.97
CA LEU B 51 7.15 -7.35 8.40
C LEU B 51 8.35 -7.88 9.19
N GLU B 52 8.17 -8.05 10.50
CA GLU B 52 9.24 -8.55 11.35
C GLU B 52 9.78 -9.87 10.83
N ALA B 53 8.88 -10.74 10.38
CA ALA B 53 9.28 -12.04 9.85
C ALA B 53 9.81 -11.91 8.43
N LEU B 54 9.08 -11.21 7.58
CA LEU B 54 9.50 -11.01 6.20
C LEU B 54 10.90 -10.43 6.12
N THR B 55 11.12 -9.32 6.80
CA THR B 55 12.43 -8.66 6.81
C THR B 55 13.49 -9.60 7.37
N ARG B 56 13.09 -10.49 8.26
CA ARG B 56 14.01 -11.44 8.87
C ARG B 56 14.59 -12.38 7.82
N LYS B 57 13.71 -13.04 7.07
CA LYS B 57 14.13 -13.97 6.02
C LYS B 57 14.65 -13.22 4.80
N VAL B 58 14.12 -12.02 4.58
CA VAL B 58 14.53 -11.20 3.45
C VAL B 58 15.95 -10.67 3.63
N HIS B 59 16.31 -10.42 4.89
CA HIS B 59 17.64 -9.90 5.20
C HIS B 59 18.73 -10.86 4.72
N ASN B 60 18.46 -12.15 4.85
CA ASN B 60 19.41 -13.18 4.42
C ASN B 60 19.59 -13.16 2.91
N PHE B 61 18.57 -12.65 2.20
CA PHE B 61 18.60 -12.59 0.75
C PHE B 61 18.74 -13.98 0.15
N GLN B 62 17.60 -14.57 -0.20
CA GLN B 62 17.59 -15.90 -0.79
C GLN B 62 16.82 -15.91 -2.12
N MET B 63 16.91 -14.79 -2.84
CA MET B 63 16.23 -14.67 -4.13
C MET B 63 17.15 -14.05 -5.18
N GLU B 64 17.19 -12.72 -5.21
CA GLU B 64 18.03 -12.00 -6.16
C GLU B 64 17.87 -12.57 -7.57
N CYS B 65 16.61 -12.69 -8.01
CA CYS B 65 16.31 -13.22 -9.33
C CYS B 65 17.03 -14.55 -9.57
N SER B 66 17.21 -15.31 -8.50
CA SER B 66 17.88 -16.60 -8.58
C SER B 66 17.27 -17.60 -7.60
N LEU B 67 17.95 -18.71 -7.38
CA LEU B 67 17.48 -19.75 -6.48
C LEU B 67 18.50 -20.02 -5.38
N GLN B 68 18.23 -19.54 -4.19
CA GLN B 68 19.13 -19.73 -3.05
C GLN B 68 19.57 -21.19 -2.95
N ALA B 69 18.68 -22.10 -3.34
CA ALA B 69 18.96 -23.52 -3.30
C ALA B 69 19.40 -24.04 -4.66
N LYS B 70 19.43 -25.36 -4.81
CA LYS B 70 19.83 -25.98 -6.07
C LYS B 70 18.68 -25.96 -7.06
N PRO B 71 17.59 -26.68 -6.73
CA PRO B 71 16.40 -26.77 -7.59
C PRO B 71 15.63 -25.45 -7.63
N ALA B 72 15.21 -24.97 -6.47
CA ALA B 72 14.46 -23.72 -6.38
C ALA B 72 13.87 -23.54 -4.99
N VAL B 73 13.57 -24.65 -4.32
CA VAL B 73 13.00 -24.61 -2.98
C VAL B 73 14.03 -25.01 -1.93
N PRO B 74 14.70 -24.01 -1.35
CA PRO B 74 15.72 -24.23 -0.33
C PRO B 74 15.12 -24.71 0.99
N THR B 75 13.86 -24.38 1.22
CA THR B 75 13.16 -24.77 2.44
C THR B 75 11.73 -24.28 2.44
N SER B 76 10.85 -24.97 1.70
CA SER B 76 9.45 -24.59 1.62
C SER B 76 8.56 -25.82 1.78
N LYS B 77 8.77 -26.81 0.92
CA LYS B 77 7.98 -28.04 0.95
C LYS B 77 8.73 -29.18 0.31
N LEU B 78 9.93 -29.47 0.81
CA LEU B 78 10.75 -30.55 0.28
C LEU B 78 10.02 -31.89 0.37
N GLY B 79 10.48 -32.86 -0.42
CA GLY B 79 9.86 -34.17 -0.41
C GLY B 79 10.25 -35.00 -1.61
N GLN B 80 9.43 -35.98 -1.95
CA GLN B 80 9.70 -36.86 -3.09
C GLN B 80 10.01 -36.04 -4.33
N ALA B 81 10.64 -36.69 -5.31
CA ALA B 81 11.00 -36.03 -6.56
C ALA B 81 11.74 -34.72 -6.30
N GLU B 82 11.90 -33.92 -7.34
CA GLU B 82 12.60 -32.64 -7.23
C GLU B 82 11.61 -31.51 -6.93
N GLY B 83 12.11 -30.28 -7.02
CA GLY B 83 11.26 -29.12 -6.76
C GLY B 83 10.97 -28.33 -8.02
N ARG B 84 10.73 -27.03 -7.85
CA ARG B 84 10.42 -26.16 -8.98
C ARG B 84 9.07 -26.50 -9.58
N ASP B 85 9.03 -27.60 -10.32
CA ASP B 85 7.79 -28.05 -10.97
C ASP B 85 7.18 -29.22 -10.21
N ALA B 86 7.37 -29.24 -8.89
CA ALA B 86 6.84 -30.30 -8.05
C ALA B 86 6.90 -29.92 -6.58
N GLY B 87 7.94 -29.19 -6.20
CA GLY B 87 8.09 -28.77 -4.82
C GLY B 87 7.68 -27.32 -4.60
N SER B 88 8.03 -26.46 -5.54
CA SER B 88 7.69 -25.05 -5.44
C SER B 88 6.57 -24.68 -6.40
N ALA B 89 5.88 -25.70 -6.90
CA ALA B 89 4.77 -25.49 -7.83
C ALA B 89 4.13 -26.82 -8.22
N PRO B 90 3.21 -27.31 -7.37
CA PRO B 90 2.50 -28.57 -7.60
C PRO B 90 1.52 -28.47 -8.77
N SER B 91 2.04 -28.59 -9.98
CA SER B 91 1.20 -28.52 -11.18
C SER B 91 0.39 -27.23 -11.19
N GLY B 92 -0.64 -27.18 -12.04
CA GLY B 92 -1.48 -26.01 -12.13
C GLY B 92 -2.00 -25.56 -10.79
N GLY B 93 -2.03 -26.48 -9.83
CA GLY B 93 -2.52 -26.16 -8.50
C GLY B 93 -1.67 -25.11 -7.81
N ASP B 94 -0.51 -24.84 -8.37
CA ASP B 94 0.40 -23.85 -7.80
C ASP B 94 -0.32 -22.52 -7.56
N PRO B 95 0.03 -21.85 -6.45
CA PRO B 95 -0.57 -20.57 -6.08
C PRO B 95 -0.15 -19.44 -7.01
N ALA B 96 -0.13 -19.73 -8.30
CA ALA B 96 0.26 -18.73 -9.30
C ALA B 96 -0.97 -18.18 -10.03
N PHE B 97 -2.09 -18.90 -9.93
CA PHE B 97 -3.33 -18.48 -10.57
C PHE B 97 -4.33 -17.96 -9.55
N LEU B 98 -3.81 -17.33 -8.50
CA LEU B 98 -4.66 -16.79 -7.44
C LEU B 98 -4.15 -15.42 -6.99
N GLY B 99 -5.06 -14.45 -6.95
CA GLY B 99 -4.70 -13.11 -6.53
C GLY B 99 -4.29 -12.23 -7.70
N MET B 100 -5.11 -11.24 -8.01
CA MET B 100 -4.83 -10.32 -9.11
C MET B 100 -3.75 -9.34 -8.73
N ALA B 101 -3.74 -8.91 -7.47
CA ALA B 101 -2.75 -7.97 -6.98
C ALA B 101 -1.33 -8.43 -7.31
N VAL B 102 -0.99 -9.64 -6.88
CA VAL B 102 0.33 -10.19 -7.13
C VAL B 102 0.62 -10.26 -8.63
N SER B 103 -0.43 -10.49 -9.42
CA SER B 103 -0.28 -10.59 -10.86
C SER B 103 0.17 -9.25 -11.46
N THR B 104 -0.19 -8.16 -10.78
CA THR B 104 0.17 -6.83 -11.24
C THR B 104 1.62 -6.50 -10.86
N LEU B 105 1.93 -6.62 -9.57
CA LEU B 105 3.27 -6.33 -9.08
C LEU B 105 4.28 -7.30 -9.68
N CYS B 106 3.91 -8.58 -9.76
CA CYS B 106 4.78 -9.60 -10.31
C CYS B 106 4.64 -9.67 -11.84
N GLY B 107 3.91 -8.72 -12.40
CA GLY B 107 3.72 -8.69 -13.84
C GLY B 107 3.41 -10.06 -14.41
N GLU B 108 2.69 -10.87 -13.63
CA GLU B 108 2.31 -12.21 -14.06
C GLU B 108 3.55 -13.00 -14.50
N VAL B 109 4.60 -12.95 -13.68
CA VAL B 109 5.83 -13.66 -13.98
C VAL B 109 5.87 -15.02 -13.30
N PRO B 110 6.65 -15.96 -13.88
CA PRO B 110 6.79 -17.31 -13.34
C PRO B 110 7.56 -17.34 -12.02
N LEU B 111 6.84 -17.11 -10.92
CA LEU B 111 7.46 -17.11 -9.60
C LEU B 111 7.47 -18.51 -9.00
N TYR B 112 8.44 -18.78 -8.14
CA TYR B 112 8.57 -20.08 -7.49
C TYR B 112 8.63 -19.94 -5.97
N TYR B 113 8.06 -20.91 -5.27
CA TYR B 113 8.06 -20.89 -3.81
C TYR B 113 9.47 -20.76 -3.27
N ILE B 114 9.60 -20.03 -2.16
CA ILE B 114 10.90 -19.83 -1.53
C ILE B 114 10.97 -20.52 -0.18
N GLY C 1 -12.47 13.93 -0.11
CA GLY C 1 -13.86 14.17 -0.45
C GLY C 1 -14.34 13.29 -1.59
N SER C 2 -15.39 12.52 -1.33
CA SER C 2 -15.94 11.63 -2.35
C SER C 2 -17.21 10.95 -1.84
N GLU C 3 -17.74 10.03 -2.64
CA GLU C 3 -18.95 9.31 -2.27
C GLU C 3 -18.62 7.95 -1.65
N HIS C 4 -17.53 7.91 -0.88
CA HIS C 4 -17.10 6.68 -0.23
C HIS C 4 -16.73 5.62 -1.27
N LEU C 5 -15.43 5.44 -1.49
CA LEU C 5 -14.94 4.47 -2.45
C LEU C 5 -13.54 4.00 -2.09
N VAL C 6 -13.34 3.61 -0.84
CA VAL C 6 -12.04 3.14 -0.37
C VAL C 6 -11.82 1.68 -0.75
N THR C 7 -10.84 1.05 -0.11
CA THR C 7 -10.51 -0.34 -0.37
C THR C 7 -9.74 -0.48 -1.67
N THR C 8 -8.44 -0.22 -1.62
CA THR C 8 -7.58 -0.32 -2.79
C THR C 8 -6.15 -0.69 -2.40
N ALA C 9 -5.34 -1.00 -3.41
CA ALA C 9 -3.96 -1.38 -3.17
C ALA C 9 -3.00 -0.28 -3.64
N THR C 10 -1.86 -0.16 -2.96
CA THR C 10 -0.87 0.85 -3.30
C THR C 10 0.46 0.21 -3.70
N PHE C 11 0.94 0.54 -4.89
CA PHE C 11 2.19 -0.01 -5.39
C PHE C 11 3.16 1.11 -5.76
N SER C 12 4.42 0.94 -5.36
CA SER C 12 5.45 1.93 -5.63
C SER C 12 5.98 1.79 -7.06
N ILE C 13 6.51 2.88 -7.60
CA ILE C 13 7.05 2.87 -8.95
C ILE C 13 8.45 3.46 -8.98
N GLY C 14 9.12 3.33 -10.13
CA GLY C 14 10.47 3.85 -10.27
C GLY C 14 11.40 3.36 -9.18
N SER C 15 11.80 4.26 -8.29
CA SER C 15 12.70 3.91 -7.19
C SER C 15 12.08 4.26 -5.84
N THR C 16 11.35 5.37 -5.81
CA THR C 16 10.70 5.82 -4.59
C THR C 16 9.38 6.52 -4.89
N GLY C 17 8.59 5.93 -5.78
CA GLY C 17 7.31 6.51 -6.13
C GLY C 17 6.15 5.79 -5.47
N LEU C 18 4.94 6.27 -5.74
CA LEU C 18 3.73 5.67 -5.17
C LEU C 18 2.56 5.78 -6.14
N VAL C 19 1.84 4.68 -6.29
CA VAL C 19 0.69 4.64 -7.19
C VAL C 19 -0.35 3.62 -6.72
N VAL C 20 -1.57 4.09 -6.46
CA VAL C 20 -2.64 3.22 -6.01
C VAL C 20 -3.53 2.80 -7.17
N TYR C 21 -3.89 1.51 -7.19
CA TYR C 21 -4.74 0.98 -8.24
C TYR C 21 -6.12 0.63 -7.71
N ASP C 22 -7.07 1.54 -7.90
CA ASP C 22 -8.44 1.34 -7.45
C ASP C 22 -9.09 0.17 -8.19
N TYR C 23 -8.96 -1.03 -7.62
CA TYR C 23 -9.54 -2.22 -8.23
C TYR C 23 -11.05 -2.28 -8.00
N GLN C 24 -11.76 -1.34 -8.59
CA GLN C 24 -13.21 -1.28 -8.46
C GLN C 24 -13.79 -0.09 -9.23
N GLN C 25 -13.05 1.01 -9.23
CA GLN C 25 -13.49 2.22 -9.94
C GLN C 25 -12.62 2.50 -11.15
N LEU C 26 -11.59 1.67 -11.33
CA LEU C 26 -10.67 1.82 -12.45
C LEU C 26 -9.95 3.17 -12.39
N LEU C 27 -9.65 3.61 -11.17
CA LEU C 27 -8.96 4.88 -10.97
C LEU C 27 -7.56 4.66 -10.40
N ILE C 28 -6.64 5.54 -10.76
CA ILE C 28 -5.27 5.45 -10.28
C ILE C 28 -4.76 6.80 -9.79
N ALA C 29 -3.93 6.78 -8.76
CA ALA C 29 -3.37 8.01 -8.19
C ALA C 29 -1.87 8.10 -8.46
N TYR C 30 -1.46 9.15 -9.16
CA TYR C 30 -0.06 9.35 -9.49
C TYR C 30 0.40 10.76 -9.12
N LYS C 31 1.38 10.84 -8.22
CA LYS C 31 1.90 12.13 -7.78
C LYS C 31 3.29 11.97 -7.16
N PRO C 32 4.11 13.01 -7.27
CA PRO C 32 5.47 13.01 -6.72
C PRO C 32 5.48 13.05 -5.20
N ALA C 33 5.41 14.25 -4.64
CA ALA C 33 5.40 14.43 -3.19
C ALA C 33 3.98 14.40 -2.64
N PRO C 34 3.87 14.18 -1.32
CA PRO C 34 2.57 14.12 -0.64
C PRO C 34 1.88 15.47 -0.58
N GLY C 35 0.70 15.56 -1.17
CA GLY C 35 -0.05 16.81 -1.17
C GLY C 35 0.34 17.71 -2.32
N THR C 36 0.78 17.11 -3.42
CA THR C 36 1.19 17.88 -4.60
C THR C 36 0.35 17.50 -5.81
N CYS C 37 0.77 17.95 -6.98
CA CYS C 37 0.06 17.66 -8.23
C CYS C 37 -0.21 16.16 -8.35
N CYS C 38 -1.42 15.82 -8.79
CA CYS C 38 -1.79 14.43 -8.97
C CYS C 38 -2.37 14.19 -10.35
N TYR C 39 -2.48 12.93 -10.73
CA TYR C 39 -3.02 12.56 -12.04
C TYR C 39 -3.80 11.25 -11.96
N ILE C 40 -4.97 11.22 -12.60
CA ILE C 40 -5.81 10.03 -12.61
C ILE C 40 -6.09 9.56 -14.04
N MET C 41 -6.06 8.25 -14.24
CA MET C 41 -6.31 7.67 -15.56
C MET C 41 -7.19 6.44 -15.44
N LYS C 42 -7.67 5.95 -16.59
CA LYS C 42 -8.52 4.77 -16.62
C LYS C 42 -7.73 3.54 -17.05
N ILE C 43 -8.06 2.39 -16.49
CA ILE C 43 -7.39 1.14 -16.81
C ILE C 43 -8.32 0.19 -17.55
N ALA C 44 -7.80 -0.97 -17.94
CA ALA C 44 -8.59 -1.96 -18.65
C ALA C 44 -8.74 -3.24 -17.83
N PRO C 45 -9.98 -3.73 -17.71
CA PRO C 45 -10.29 -4.94 -16.95
C PRO C 45 -9.76 -6.20 -17.62
N GLU C 46 -9.46 -6.10 -18.91
CA GLU C 46 -8.95 -7.23 -19.68
C GLU C 46 -7.43 -7.32 -19.54
N SER C 47 -6.80 -6.19 -19.26
CA SER C 47 -5.34 -6.15 -19.10
C SER C 47 -4.92 -4.93 -18.29
N ILE C 48 -4.98 -5.06 -16.96
CA ILE C 48 -4.60 -3.97 -16.07
C ILE C 48 -3.14 -3.57 -16.29
N PRO C 49 -2.90 -2.27 -16.42
CA PRO C 49 -1.55 -1.72 -16.62
C PRO C 49 -0.69 -1.85 -15.38
N SER C 50 -0.14 -3.04 -15.16
CA SER C 50 0.71 -3.30 -14.01
C SER C 50 1.85 -2.29 -13.93
N LEU C 51 2.63 -2.36 -12.86
CA LEU C 51 3.75 -1.44 -12.66
C LEU C 51 4.59 -1.34 -13.94
N GLU C 52 4.69 -2.44 -14.67
CA GLU C 52 5.46 -2.47 -15.91
C GLU C 52 5.01 -1.37 -16.86
N ALA C 53 3.70 -1.18 -16.95
CA ALA C 53 3.13 -0.16 -17.82
C ALA C 53 3.29 1.23 -17.22
N LEU C 54 2.91 1.38 -15.96
CA LEU C 54 3.01 2.66 -15.27
C LEU C 54 4.44 3.20 -15.33
N THR C 55 5.39 2.38 -14.89
CA THR C 55 6.79 2.77 -14.90
C THR C 55 7.28 3.06 -16.31
N ARG C 56 6.67 2.40 -17.28
CA ARG C 56 7.04 2.59 -18.68
C ARG C 56 6.74 4.02 -19.14
N LYS C 57 5.50 4.44 -18.93
CA LYS C 57 5.08 5.78 -19.32
C LYS C 57 5.61 6.82 -18.33
N VAL C 58 5.78 6.41 -17.08
CA VAL C 58 6.28 7.30 -16.05
C VAL C 58 7.76 7.61 -16.25
N HIS C 59 8.48 6.65 -16.81
CA HIS C 59 9.91 6.81 -17.06
C HIS C 59 10.17 8.02 -17.96
N ASN C 60 9.30 8.20 -18.96
CA ASN C 60 9.44 9.31 -19.89
C ASN C 60 9.20 10.64 -19.19
N PHE C 61 8.48 10.60 -18.08
CA PHE C 61 8.18 11.81 -17.31
C PHE C 61 7.36 12.78 -18.14
N GLN C 62 6.04 12.71 -18.00
CA GLN C 62 5.14 13.59 -18.75
C GLN C 62 4.22 14.34 -17.80
N MET C 63 4.72 14.66 -16.61
CA MET C 63 3.94 15.38 -15.61
C MET C 63 4.76 16.49 -14.97
N GLU C 64 5.51 16.14 -13.92
CA GLU C 64 6.34 17.09 -13.22
C GLU C 64 5.55 18.37 -12.90
N CYS C 65 4.39 18.19 -12.30
CA CYS C 65 3.54 19.33 -11.94
C CYS C 65 3.33 20.25 -13.14
N SER C 66 3.31 19.66 -14.33
CA SER C 66 3.12 20.43 -15.56
C SER C 66 2.32 19.64 -16.58
N LEU C 67 2.31 20.11 -17.81
CA LEU C 67 1.58 19.45 -18.89
C LEU C 67 2.51 19.09 -20.05
N GLN C 68 2.85 17.81 -20.15
CA GLN C 68 3.73 17.34 -21.21
C GLN C 68 3.30 17.89 -22.57
N ALA C 69 2.00 18.09 -22.73
CA ALA C 69 1.46 18.61 -23.99
C ALA C 69 1.19 20.11 -23.87
N LYS C 70 0.46 20.65 -24.84
CA LYS C 70 0.13 22.07 -24.85
C LYS C 70 -1.02 22.37 -23.90
N PRO C 71 -2.20 21.81 -24.21
CA PRO C 71 -3.41 22.00 -23.39
C PRO C 71 -3.31 21.29 -22.05
N ALA C 72 -3.10 19.98 -22.09
CA ALA C 72 -3.00 19.18 -20.87
C ALA C 72 -3.03 17.69 -21.18
N VAL C 73 -3.72 17.34 -22.26
CA VAL C 73 -3.83 15.94 -22.67
C VAL C 73 -2.98 15.66 -23.90
N PRO C 74 -1.75 15.19 -23.66
CA PRO C 74 -0.81 14.86 -24.74
C PRO C 74 -1.23 13.63 -25.53
N THR C 75 -2.02 12.76 -24.89
CA THR C 75 -2.50 11.54 -25.54
C THR C 75 -3.37 10.73 -24.60
N SER C 76 -4.62 11.15 -24.45
CA SER C 76 -5.56 10.46 -23.57
C SER C 76 -6.91 10.30 -24.25
N LYS C 77 -7.49 11.42 -24.68
CA LYS C 77 -8.79 11.40 -25.34
C LYS C 77 -8.97 12.65 -26.21
N LEU C 78 -8.05 12.84 -27.16
CA LEU C 78 -8.11 13.99 -28.05
C LEU C 78 -9.41 13.98 -28.86
N GLY C 79 -9.76 15.15 -29.41
CA GLY C 79 -10.97 15.25 -30.20
C GLY C 79 -11.40 16.69 -30.41
N GLN C 80 -12.68 16.89 -30.67
CA GLN C 80 -13.22 18.23 -30.91
C GLN C 80 -12.82 19.17 -29.77
N ALA C 81 -12.91 20.47 -30.04
CA ALA C 81 -12.57 21.48 -29.04
C ALA C 81 -11.19 21.20 -28.44
N GLU C 82 -10.87 21.90 -27.35
CA GLU C 82 -9.59 21.74 -26.69
C GLU C 82 -9.68 20.70 -25.57
N GLY C 83 -8.62 20.62 -24.76
CA GLY C 83 -8.61 19.66 -23.67
C GLY C 83 -8.71 20.34 -22.31
N ARG C 84 -8.15 19.69 -21.29
CA ARG C 84 -8.18 20.23 -19.93
C ARG C 84 -9.61 20.22 -19.38
N ASP C 85 -10.42 21.16 -19.85
CA ASP C 85 -11.81 21.25 -19.40
C ASP C 85 -12.77 20.69 -20.46
N ALA C 86 -12.30 19.69 -21.19
CA ALA C 86 -13.11 19.08 -22.24
C ALA C 86 -12.50 17.75 -22.70
N GLY C 87 -11.17 17.69 -22.71
CA GLY C 87 -10.49 16.48 -23.13
C GLY C 87 -9.98 15.67 -21.96
N SER C 88 -9.45 16.36 -20.96
CA SER C 88 -8.91 15.70 -19.77
C SER C 88 -9.84 15.87 -18.58
N ALA C 89 -11.08 16.26 -18.86
CA ALA C 89 -12.07 16.47 -17.82
C ALA C 89 -13.41 16.90 -18.40
N PRO C 90 -14.21 15.93 -18.85
CA PRO C 90 -15.52 16.18 -19.45
C PRO C 90 -16.54 16.66 -18.42
N SER C 91 -16.48 17.95 -18.10
CA SER C 91 -17.40 18.54 -17.12
C SER C 91 -17.34 17.77 -15.80
N GLY C 92 -18.34 17.99 -14.94
CA GLY C 92 -18.39 17.32 -13.67
C GLY C 92 -18.25 15.82 -13.80
N GLY C 93 -18.54 15.29 -14.98
CA GLY C 93 -18.43 13.87 -15.21
C GLY C 93 -17.01 13.35 -15.06
N ASP C 94 -16.05 14.28 -15.01
CA ASP C 94 -14.65 13.92 -14.87
C ASP C 94 -14.44 12.98 -13.68
N PRO C 95 -13.53 12.02 -13.84
CA PRO C 95 -13.23 11.04 -12.79
C PRO C 95 -12.49 11.66 -11.61
N ALA C 96 -12.94 12.84 -11.20
CA ALA C 96 -12.33 13.55 -10.07
C ALA C 96 -13.18 13.42 -8.81
N PHE C 97 -14.44 13.05 -9.00
CA PHE C 97 -15.37 12.89 -7.88
C PHE C 97 -15.63 11.41 -7.59
N LEU C 98 -14.62 10.59 -7.83
CA LEU C 98 -14.75 9.15 -7.60
C LEU C 98 -13.49 8.59 -6.94
N GLY C 99 -13.68 7.83 -5.86
CA GLY C 99 -12.55 7.25 -5.16
C GLY C 99 -12.02 8.15 -4.06
N MET C 100 -12.22 7.73 -2.81
CA MET C 100 -11.76 8.50 -1.66
C MET C 100 -10.25 8.38 -1.50
N ALA C 101 -9.72 7.20 -1.80
CA ALA C 101 -8.29 6.96 -1.68
C ALA C 101 -7.49 8.02 -2.42
N VAL C 102 -7.77 8.16 -3.72
CA VAL C 102 -7.07 9.14 -4.53
C VAL C 102 -7.23 10.55 -3.97
N SER C 103 -8.39 10.82 -3.38
CA SER C 103 -8.67 12.12 -2.79
C SER C 103 -7.72 12.42 -1.64
N THR C 104 -7.25 11.37 -0.98
CA THR C 104 -6.33 11.52 0.15
C THR C 104 -4.91 11.76 -0.33
N LEU C 105 -4.42 10.87 -1.18
CA LEU C 105 -3.07 10.99 -1.71
C LEU C 105 -2.93 12.24 -2.58
N CYS C 106 -3.96 12.52 -3.37
CA CYS C 106 -3.96 13.69 -4.24
C CYS C 106 -4.47 14.92 -3.50
N GLY C 107 -4.66 14.78 -2.20
CA GLY C 107 -5.14 15.89 -1.39
C GLY C 107 -6.28 16.63 -2.06
N GLU C 108 -7.12 15.90 -2.77
CA GLU C 108 -8.25 16.50 -3.48
C GLU C 108 -7.80 17.67 -4.33
N VAL C 109 -6.74 17.46 -5.10
CA VAL C 109 -6.21 18.50 -5.98
C VAL C 109 -6.77 18.37 -7.39
N PRO C 110 -6.78 19.49 -8.12
CA PRO C 110 -7.28 19.52 -9.50
C PRO C 110 -6.37 18.79 -10.48
N LEU C 111 -6.55 17.47 -10.57
CA LEU C 111 -5.73 16.65 -11.46
C LEU C 111 -6.35 16.59 -12.86
N TYR C 112 -5.51 16.39 -13.86
CA TYR C 112 -5.97 16.31 -15.24
C TYR C 112 -5.47 15.03 -15.90
N TYR C 113 -6.30 14.47 -16.79
CA TYR C 113 -5.94 13.25 -17.49
C TYR C 113 -4.61 13.40 -18.22
N ILE C 114 -3.82 12.32 -18.22
CA ILE C 114 -2.53 12.33 -18.89
C ILE C 114 -2.52 11.42 -20.11
N GLY A 1 -7.11 -11.75 12.29
CA GLY A 1 -8.38 -11.19 11.86
C GLY A 1 -9.30 -12.24 11.27
N SER A 2 -10.60 -11.98 11.34
CA SER A 2 -11.60 -12.91 10.81
C SER A 2 -12.04 -12.49 9.42
N GLU A 3 -11.10 -11.98 8.63
CA GLU A 3 -11.40 -11.54 7.27
C GLU A 3 -12.57 -10.56 7.25
N HIS A 4 -12.40 -9.44 7.94
CA HIS A 4 -13.44 -8.41 8.02
C HIS A 4 -12.95 -7.18 8.76
N LEU A 5 -11.67 -6.86 8.57
CA LEU A 5 -11.08 -5.69 9.22
C LEU A 5 -9.66 -5.45 8.71
N VAL A 6 -9.45 -5.71 7.42
CA VAL A 6 -8.15 -5.50 6.80
C VAL A 6 -8.26 -4.65 5.54
N THR A 7 -9.25 -3.76 5.52
CA THR A 7 -9.47 -2.89 4.38
C THR A 7 -8.85 -1.51 4.61
N THR A 8 -7.55 -1.39 4.31
CA THR A 8 -6.85 -0.13 4.48
C THR A 8 -5.80 0.07 3.40
N ALA A 9 -5.40 1.31 3.18
CA ALA A 9 -4.40 1.64 2.17
C ALA A 9 -3.09 2.10 2.81
N THR A 10 -1.99 1.92 2.09
CA THR A 10 -0.68 2.30 2.58
C THR A 10 -0.07 3.41 1.73
N PHE A 11 0.23 4.54 2.36
CA PHE A 11 0.83 5.67 1.65
C PHE A 11 2.11 6.12 2.33
N SER A 12 3.15 6.33 1.53
CA SER A 12 4.44 6.76 2.05
C SER A 12 4.42 8.25 2.40
N ILE A 13 5.21 8.63 3.41
CA ILE A 13 5.28 10.01 3.83
C ILE A 13 6.60 10.65 3.43
N GLY A 14 6.53 11.85 2.86
CA GLY A 14 7.73 12.54 2.43
C GLY A 14 8.37 11.90 1.22
N SER A 15 9.15 10.86 1.44
CA SER A 15 9.83 10.16 0.36
C SER A 15 10.68 9.01 0.90
N THR A 16 10.16 8.31 1.90
CA THR A 16 10.86 7.19 2.50
C THR A 16 10.02 6.54 3.60
N GLY A 17 9.28 7.36 4.34
CA GLY A 17 8.45 6.84 5.40
C GLY A 17 7.19 6.16 4.88
N LEU A 18 6.57 5.33 5.71
CA LEU A 18 5.35 4.63 5.32
C LEU A 18 4.25 4.86 6.35
N VAL A 19 3.05 5.17 5.86
CA VAL A 19 1.91 5.41 6.74
C VAL A 19 0.61 4.96 6.08
N VAL A 20 -0.07 4.02 6.71
CA VAL A 20 -1.33 3.51 6.19
C VAL A 20 -2.52 4.19 6.85
N TYR A 21 -3.58 4.42 6.07
CA TYR A 21 -4.78 5.07 6.58
C TYR A 21 -6.00 4.17 6.39
N ASP A 22 -6.51 3.65 7.50
CA ASP A 22 -7.68 2.78 7.45
C ASP A 22 -8.92 3.56 7.06
N TYR A 23 -9.54 3.15 5.95
CA TYR A 23 -10.74 3.82 5.46
C TYR A 23 -12.00 3.14 6.00
N GLN A 24 -12.11 3.09 7.32
CA GLN A 24 -13.27 2.48 7.97
C GLN A 24 -13.15 2.56 9.48
N GLN A 25 -12.22 1.77 10.04
CA GLN A 25 -12.01 1.74 11.48
C GLN A 25 -11.36 3.04 11.95
N LEU A 26 -10.83 3.82 11.01
CA LEU A 26 -10.18 5.08 11.34
C LEU A 26 -8.92 4.84 12.17
N LEU A 27 -7.91 4.25 11.56
CA LEU A 27 -6.65 3.97 12.24
C LEU A 27 -5.47 4.20 11.32
N ILE A 28 -4.45 4.90 11.82
CA ILE A 28 -3.25 5.19 11.05
C ILE A 28 -2.02 4.57 11.69
N ALA A 29 -1.06 4.17 10.86
CA ALA A 29 0.17 3.56 11.34
C ALA A 29 1.37 4.45 11.06
N TYR A 30 2.05 4.88 12.12
CA TYR A 30 3.21 5.75 11.98
C TYR A 30 4.37 5.25 12.84
N LYS A 31 5.42 4.76 12.19
CA LYS A 31 6.59 4.26 12.90
C LYS A 31 7.81 4.20 11.97
N PRO A 32 9.01 4.25 12.56
CA PRO A 32 10.26 4.20 11.81
C PRO A 32 10.51 2.83 11.20
N ALA A 33 11.15 1.95 11.97
CA ALA A 33 11.46 0.61 11.51
C ALA A 33 10.32 -0.36 11.85
N PRO A 34 10.30 -1.51 11.17
CA PRO A 34 9.27 -2.54 11.37
C PRO A 34 9.41 -3.23 12.73
N GLY A 35 8.45 -2.98 13.62
CA GLY A 35 8.50 -3.59 14.93
C GLY A 35 9.30 -2.78 15.92
N THR A 36 9.37 -1.47 15.70
CA THR A 36 10.13 -0.58 16.58
C THR A 36 9.31 0.65 16.94
N CYS A 37 8.50 0.53 17.98
CA CYS A 37 7.67 1.64 18.43
C CYS A 37 6.62 2.00 17.38
N CYS A 38 5.35 1.89 17.76
CA CYS A 38 4.26 2.19 16.85
C CYS A 38 3.29 3.19 17.48
N TYR A 39 2.41 3.76 16.67
CA TYR A 39 1.43 4.73 17.15
C TYR A 39 0.12 4.62 16.38
N ILE A 40 -0.98 4.81 17.08
CA ILE A 40 -2.31 4.72 16.47
C ILE A 40 -3.07 6.03 16.62
N MET A 41 -3.77 6.44 15.56
CA MET A 41 -4.55 7.67 15.59
C MET A 41 -5.84 7.50 14.80
N LYS A 42 -6.82 8.36 15.10
CA LYS A 42 -8.10 8.32 14.41
C LYS A 42 -8.17 9.36 13.30
N ILE A 43 -9.02 9.11 12.31
CA ILE A 43 -9.18 10.03 11.19
C ILE A 43 -10.62 10.46 11.04
N ALA A 44 -10.87 11.35 10.08
CA ALA A 44 -12.23 11.85 9.83
C ALA A 44 -12.75 11.34 8.48
N PRO A 45 -13.98 10.82 8.49
CA PRO A 45 -14.62 10.30 7.28
C PRO A 45 -15.00 11.40 6.29
N GLU A 46 -15.10 12.62 6.80
CA GLU A 46 -15.45 13.76 5.96
C GLU A 46 -14.20 14.40 5.36
N SER A 47 -13.07 14.21 6.03
CA SER A 47 -11.80 14.77 5.56
C SER A 47 -10.63 13.94 6.07
N ILE A 48 -10.29 12.87 5.35
CA ILE A 48 -9.19 12.01 5.72
C ILE A 48 -7.86 12.75 5.67
N PRO A 49 -7.10 12.67 6.77
CA PRO A 49 -5.79 13.34 6.87
C PRO A 49 -4.74 12.69 5.98
N SER A 50 -4.79 13.01 4.68
CA SER A 50 -3.84 12.46 3.73
C SER A 50 -2.41 12.71 4.16
N LEU A 51 -1.46 12.22 3.37
CA LEU A 51 -0.03 12.39 3.68
C LEU A 51 0.27 13.85 4.02
N GLU A 52 -0.46 14.77 3.40
CA GLU A 52 -0.27 16.19 3.63
C GLU A 52 -0.41 16.52 5.12
N ALA A 53 -1.41 15.93 5.76
CA ALA A 53 -1.64 16.15 7.18
C ALA A 53 -0.63 15.40 8.03
N LEU A 54 -0.46 14.11 7.73
CA LEU A 54 0.47 13.26 8.47
C LEU A 54 1.87 13.88 8.48
N THR A 55 2.38 14.16 7.29
CA THR A 55 3.71 14.76 7.14
C THR A 55 3.78 16.12 7.82
N ARG A 56 2.64 16.82 7.85
CA ARG A 56 2.58 18.14 8.47
C ARG A 56 2.89 18.06 9.96
N LYS A 57 2.16 17.20 10.67
CA LYS A 57 2.36 17.02 12.11
C LYS A 57 3.59 16.17 12.39
N VAL A 58 3.89 15.25 11.46
CA VAL A 58 5.05 14.38 11.62
C VAL A 58 6.35 15.15 11.46
N HIS A 59 6.34 16.15 10.58
CA HIS A 59 7.52 16.97 10.34
C HIS A 59 7.97 17.65 11.63
N ASN A 60 7.01 18.07 12.44
CA ASN A 60 7.31 18.74 13.70
C ASN A 60 8.00 17.79 14.68
N PHE A 61 7.78 16.49 14.47
CA PHE A 61 8.37 15.47 15.33
C PHE A 61 7.93 15.66 16.78
N GLN A 62 6.86 14.96 17.16
CA GLN A 62 6.34 15.05 18.52
C GLN A 62 6.06 13.66 19.08
N MET A 63 6.98 12.73 18.86
CA MET A 63 6.83 11.37 19.35
C MET A 63 8.13 10.87 19.97
N GLU A 64 9.03 10.37 19.14
CA GLU A 64 10.32 9.86 19.63
C GLU A 64 10.12 8.95 20.84
N CYS A 65 9.01 8.22 20.84
CA CYS A 65 8.70 7.30 21.94
C CYS A 65 8.87 8.00 23.28
N SER A 66 8.58 9.29 23.32
CA SER A 66 8.70 10.07 24.55
C SER A 66 7.37 10.72 24.91
N LEU A 67 6.59 11.06 23.89
CA LEU A 67 5.29 11.71 24.09
C LEU A 67 5.46 13.09 24.68
N GLN A 68 5.53 14.10 23.82
CA GLN A 68 5.69 15.49 24.26
C GLN A 68 4.39 16.02 24.85
N ALA A 69 3.43 16.33 23.97
CA ALA A 69 2.14 16.84 24.41
C ALA A 69 1.05 16.54 23.38
N LYS A 70 1.20 15.41 22.69
CA LYS A 70 0.23 15.01 21.68
C LYS A 70 -1.13 14.71 22.31
N PRO A 71 -1.13 13.86 23.36
CA PRO A 71 -2.35 13.48 24.07
C PRO A 71 -2.92 14.64 24.88
N ALA A 72 -3.79 14.30 25.83
CA ALA A 72 -4.42 15.31 26.68
C ALA A 72 -3.60 15.52 27.96
N VAL A 73 -2.80 14.53 28.32
CA VAL A 73 -1.98 14.61 29.52
C VAL A 73 -0.51 14.82 29.16
N PRO A 74 -0.07 16.08 29.11
CA PRO A 74 1.30 16.44 28.79
C PRO A 74 2.28 16.05 29.89
N THR A 75 2.47 16.95 30.85
CA THR A 75 3.38 16.71 31.96
C THR A 75 3.34 17.85 32.96
N SER A 76 2.15 18.44 33.14
CA SER A 76 1.98 19.54 34.07
C SER A 76 1.20 19.10 35.30
N LYS A 77 1.78 19.34 36.48
CA LYS A 77 1.14 18.96 37.73
C LYS A 77 0.71 17.49 37.71
N LEU A 78 1.52 16.66 37.05
CA LEU A 78 1.22 15.23 36.96
C LEU A 78 1.32 14.56 38.33
N GLY A 79 0.76 13.37 38.44
CA GLY A 79 0.79 12.64 39.69
C GLY A 79 0.70 11.14 39.49
N GLN A 80 0.23 10.45 40.52
CA GLN A 80 0.09 8.99 40.47
C GLN A 80 -0.69 8.58 39.21
N ALA A 81 -1.98 8.87 39.20
CA ALA A 81 -2.83 8.52 38.07
C ALA A 81 -2.74 9.58 36.97
N GLU A 82 -2.25 9.16 35.80
CA GLU A 82 -2.12 10.08 34.68
C GLU A 82 -2.98 9.63 33.49
N GLY A 83 -2.77 10.26 32.34
CA GLY A 83 -3.53 9.91 31.16
C GLY A 83 -2.70 9.15 30.14
N ARG A 84 -2.98 9.39 28.86
CA ARG A 84 -2.25 8.73 27.79
C ARG A 84 -2.59 7.24 27.74
N ASP A 85 -2.06 6.49 28.70
CA ASP A 85 -2.31 5.05 28.77
C ASP A 85 -3.39 4.74 29.79
N ALA A 86 -3.96 5.79 30.38
CA ALA A 86 -5.02 5.63 31.38
C ALA A 86 -6.23 6.50 31.05
N GLY A 87 -5.96 7.67 30.48
CA GLY A 87 -7.03 8.57 30.12
C GLY A 87 -7.38 8.52 28.64
N SER A 88 -6.37 8.31 27.81
CA SER A 88 -6.57 8.23 26.37
C SER A 88 -6.90 6.81 25.93
N ALA A 89 -7.91 6.22 26.56
CA ALA A 89 -8.33 4.87 26.24
C ALA A 89 -9.63 4.50 26.95
N PRO A 90 -10.75 4.92 26.37
CA PRO A 90 -12.08 4.66 26.93
C PRO A 90 -12.47 3.18 26.84
N SER A 91 -12.11 2.42 27.88
CA SER A 91 -12.40 0.99 27.91
C SER A 91 -11.96 0.31 26.61
N GLY A 92 -12.46 -0.91 26.39
CA GLY A 92 -12.11 -1.64 25.19
C GLY A 92 -12.34 -0.84 23.94
N GLY A 93 -13.21 0.16 24.02
CA GLY A 93 -13.50 0.99 22.86
C GLY A 93 -12.26 1.67 22.31
N ASP A 94 -11.21 1.73 23.13
CA ASP A 94 -9.96 2.36 22.71
C ASP A 94 -9.48 1.78 21.39
N PRO A 95 -8.86 2.63 20.55
CA PRO A 95 -8.33 2.23 19.25
C PRO A 95 -7.11 1.32 19.37
N ALA A 96 -7.19 0.36 20.28
CA ALA A 96 -6.10 -0.58 20.49
C ALA A 96 -6.56 -2.02 20.25
N PHE A 97 -7.86 -2.23 20.24
CA PHE A 97 -8.43 -3.55 20.00
C PHE A 97 -9.16 -3.61 18.67
N LEU A 98 -8.66 -2.86 17.69
CA LEU A 98 -9.27 -2.83 16.37
C LEU A 98 -8.20 -2.68 15.29
N GLY A 99 -8.59 -2.95 14.04
CA GLY A 99 -7.66 -2.84 12.93
C GLY A 99 -6.57 -3.91 12.98
N MET A 100 -6.69 -4.92 12.14
CA MET A 100 -5.72 -6.00 12.09
C MET A 100 -4.45 -5.55 11.38
N ALA A 101 -4.61 -4.75 10.34
CA ALA A 101 -3.47 -4.26 9.57
C ALA A 101 -2.44 -3.62 10.50
N VAL A 102 -2.86 -2.61 11.25
CA VAL A 102 -1.97 -1.92 12.17
C VAL A 102 -1.27 -2.90 13.09
N SER A 103 -1.98 -3.94 13.50
CA SER A 103 -1.44 -4.94 14.40
C SER A 103 -0.24 -5.65 13.75
N THR A 104 -0.22 -5.67 12.42
CA THR A 104 0.87 -6.31 11.69
C THR A 104 2.09 -5.40 11.62
N LEU A 105 1.90 -4.20 11.07
CA LEU A 105 2.99 -3.24 10.94
C LEU A 105 3.66 -2.99 12.28
N CYS A 106 2.86 -2.70 13.30
CA CYS A 106 3.37 -2.44 14.64
C CYS A 106 3.94 -3.71 15.25
N GLY A 107 3.42 -4.86 14.82
CA GLY A 107 3.90 -6.13 15.34
C GLY A 107 3.37 -6.42 16.73
N GLU A 108 2.09 -6.12 16.95
CA GLU A 108 1.47 -6.35 18.25
C GLU A 108 2.29 -5.72 19.37
N VAL A 109 2.89 -4.57 19.08
CA VAL A 109 3.71 -3.87 20.06
C VAL A 109 2.91 -2.79 20.76
N PRO A 110 3.33 -2.44 21.99
CA PRO A 110 2.67 -1.41 22.80
C PRO A 110 2.86 -0.01 22.23
N LEU A 111 1.85 0.48 21.53
CA LEU A 111 1.91 1.81 20.93
C LEU A 111 1.33 2.86 21.88
N TYR A 112 1.79 4.10 21.72
CA TYR A 112 1.32 5.20 22.56
C TYR A 112 0.36 6.11 21.79
N TYR A 113 -0.89 6.15 22.24
CA TYR A 113 -1.90 6.97 21.59
C TYR A 113 -1.44 8.43 21.50
N ILE A 114 -1.05 8.83 20.29
CA ILE A 114 -0.59 10.20 20.07
C ILE A 114 -1.76 11.16 19.92
N GLY B 1 -9.29 -9.82 -12.62
CA GLY B 1 -10.06 -10.25 -11.47
C GLY B 1 -11.54 -9.90 -11.60
N SER B 2 -12.38 -10.66 -10.92
CA SER B 2 -13.82 -10.43 -10.97
C SER B 2 -14.29 -9.61 -9.77
N GLU B 3 -13.45 -8.66 -9.35
CA GLU B 3 -13.78 -7.81 -8.22
C GLU B 3 -14.17 -8.65 -7.01
N HIS B 4 -13.25 -9.49 -6.55
CA HIS B 4 -13.50 -10.34 -5.39
C HIS B 4 -12.23 -11.09 -4.98
N LEU B 5 -11.08 -10.42 -5.12
CA LEU B 5 -9.80 -11.03 -4.77
C LEU B 5 -8.67 -10.00 -4.87
N VAL B 6 -8.97 -8.77 -4.50
CA VAL B 6 -7.99 -7.70 -4.53
C VAL B 6 -7.93 -6.95 -3.21
N THR B 7 -8.18 -7.68 -2.12
CA THR B 7 -8.16 -7.08 -0.79
C THR B 7 -6.85 -7.41 -0.06
N THR B 8 -5.82 -6.61 -0.32
CA THR B 8 -4.53 -6.81 0.30
C THR B 8 -3.83 -5.49 0.58
N ALA B 9 -2.88 -5.50 1.50
CA ALA B 9 -2.13 -4.29 1.84
C ALA B 9 -0.68 -4.38 1.37
N THR B 10 -0.04 -3.23 1.22
CA THR B 10 1.34 -3.17 0.77
C THR B 10 2.24 -2.50 1.80
N PHE B 11 3.22 -3.24 2.29
CA PHE B 11 4.15 -2.71 3.29
C PHE B 11 5.59 -2.83 2.80
N SER B 12 6.37 -1.76 3.02
CA SER B 12 7.77 -1.74 2.60
C SER B 12 8.64 -2.50 3.60
N ILE B 13 9.70 -3.11 3.09
CA ILE B 13 10.63 -3.86 3.93
C ILE B 13 11.95 -3.13 4.09
N GLY B 14 12.44 -3.05 5.33
CA GLY B 14 13.69 -2.38 5.59
C GLY B 14 13.59 -0.87 5.48
N SER B 15 13.67 -0.37 4.24
CA SER B 15 13.58 1.07 4.00
C SER B 15 13.72 1.37 2.51
N THR B 16 13.15 0.50 1.68
CA THR B 16 13.20 0.67 0.24
C THR B 16 12.45 -0.43 -0.48
N GLY B 17 12.49 -1.64 0.09
CA GLY B 17 11.81 -2.77 -0.51
C GLY B 17 10.30 -2.69 -0.35
N LEU B 18 9.58 -3.43 -1.16
CA LEU B 18 8.12 -3.45 -1.11
C LEU B 18 7.59 -4.88 -1.03
N VAL B 19 6.65 -5.12 -0.13
CA VAL B 19 6.06 -6.44 0.04
C VAL B 19 4.61 -6.34 0.52
N VAL B 20 3.70 -6.97 -0.22
CA VAL B 20 2.29 -6.95 0.14
C VAL B 20 1.90 -8.23 0.86
N TYR B 21 0.93 -8.10 1.77
CA TYR B 21 0.46 -9.25 2.55
C TYR B 21 -1.05 -9.40 2.42
N ASP B 22 -1.48 -10.36 1.61
CA ASP B 22 -2.91 -10.61 1.40
C ASP B 22 -3.57 -11.06 2.71
N TYR B 23 -4.53 -10.27 3.17
CA TYR B 23 -5.24 -10.60 4.40
C TYR B 23 -6.50 -11.40 4.11
N GLN B 24 -6.33 -12.52 3.41
CA GLN B 24 -7.46 -13.38 3.07
C GLN B 24 -6.99 -14.59 2.28
N GLN B 25 -6.51 -14.35 1.06
CA GLN B 25 -6.04 -15.44 0.20
C GLN B 25 -4.72 -16.00 0.72
N LEU B 26 -4.09 -15.27 1.65
CA LEU B 26 -2.83 -15.71 2.22
C LEU B 26 -1.73 -15.77 1.15
N LEU B 27 -1.38 -14.60 0.62
CA LEU B 27 -0.35 -14.51 -0.41
C LEU B 27 0.55 -13.31 -0.18
N ILE B 28 1.84 -13.48 -0.43
CA ILE B 28 2.80 -12.40 -0.25
C ILE B 28 3.61 -12.16 -1.54
N ALA B 29 3.96 -10.91 -1.77
CA ALA B 29 4.73 -10.55 -2.96
C ALA B 29 6.11 -10.01 -2.57
N TYR B 30 7.16 -10.67 -3.05
CA TYR B 30 8.52 -10.25 -2.75
C TYR B 30 9.39 -10.30 -4.01
N LYS B 31 9.79 -9.12 -4.47
CA LYS B 31 10.63 -9.02 -5.66
C LYS B 31 11.34 -7.66 -5.72
N PRO B 32 12.49 -7.63 -6.42
CA PRO B 32 13.28 -6.40 -6.56
C PRO B 32 12.60 -5.36 -7.44
N ALA B 33 12.81 -5.47 -8.75
CA ALA B 33 12.21 -4.54 -9.70
C ALA B 33 10.85 -5.03 -10.16
N PRO B 34 10.04 -4.12 -10.72
CA PRO B 34 8.70 -4.44 -11.22
C PRO B 34 8.74 -5.32 -12.47
N GLY B 35 8.37 -6.59 -12.29
CA GLY B 35 8.37 -7.52 -13.42
C GLY B 35 9.69 -8.22 -13.59
N THR B 36 10.42 -8.38 -12.49
CA THR B 36 11.71 -9.04 -12.52
C THR B 36 11.83 -10.10 -11.42
N CYS B 37 11.36 -11.30 -11.72
CA CYS B 37 11.40 -12.40 -10.76
C CYS B 37 10.50 -12.11 -9.57
N CYS B 38 9.51 -12.99 -9.34
CA CYS B 38 8.58 -12.83 -8.23
C CYS B 38 8.52 -14.11 -7.40
N TYR B 39 7.92 -13.99 -6.21
CA TYR B 39 7.80 -15.14 -5.32
C TYR B 39 6.49 -15.07 -4.53
N ILE B 40 5.87 -16.22 -4.33
CA ILE B 40 4.61 -16.29 -3.59
C ILE B 40 4.74 -17.22 -2.38
N MET B 41 4.16 -16.80 -1.26
CA MET B 41 4.20 -17.59 -0.03
C MET B 41 2.89 -17.47 0.73
N LYS B 42 2.68 -18.38 1.68
CA LYS B 42 1.47 -18.37 2.50
C LYS B 42 1.73 -17.74 3.86
N ILE B 43 0.68 -17.22 4.47
CA ILE B 43 0.79 -16.58 5.78
C ILE B 43 -0.16 -17.23 6.78
N ALA B 44 -0.04 -16.84 8.05
CA ALA B 44 -0.88 -17.37 9.11
C ALA B 44 -1.92 -16.34 9.55
N PRO B 45 -3.19 -16.77 9.63
CA PRO B 45 -4.29 -15.90 10.04
C PRO B 45 -4.23 -15.54 11.52
N GLU B 46 -3.52 -16.35 12.29
CA GLU B 46 -3.38 -16.11 13.73
C GLU B 46 -2.17 -15.21 14.01
N SER B 47 -1.21 -15.23 13.10
CA SER B 47 0.00 -14.42 13.25
C SER B 47 0.60 -14.09 11.89
N ILE B 48 0.12 -13.03 11.27
CA ILE B 48 0.61 -12.61 9.96
C ILE B 48 2.07 -12.19 10.04
N PRO B 49 2.89 -12.73 9.12
CA PRO B 49 4.33 -12.43 9.07
C PRO B 49 4.60 -11.00 8.61
N SER B 50 4.38 -10.04 9.51
CA SER B 50 4.60 -8.63 9.21
C SER B 50 6.02 -8.40 8.70
N LEU B 51 6.31 -7.16 8.33
CA LEU B 51 7.64 -6.80 7.82
C LEU B 51 8.73 -7.32 8.74
N GLU B 52 8.43 -7.38 10.04
CA GLU B 52 9.40 -7.85 11.02
C GLU B 52 9.90 -9.25 10.66
N ALA B 53 8.96 -10.13 10.29
CA ALA B 53 9.31 -11.49 9.92
C ALA B 53 9.89 -11.55 8.51
N LEU B 54 9.20 -10.91 7.57
CA LEU B 54 9.64 -10.88 6.18
C LEU B 54 11.08 -10.40 6.08
N THR B 55 11.35 -9.22 6.64
CA THR B 55 12.69 -8.65 6.61
C THR B 55 13.69 -9.57 7.28
N ARG B 56 13.23 -10.34 8.26
CA ARG B 56 14.09 -11.27 8.98
C ARG B 56 14.63 -12.35 8.05
N LYS B 57 13.72 -13.03 7.35
CA LYS B 57 14.11 -14.08 6.43
C LYS B 57 14.68 -13.50 5.13
N VAL B 58 14.20 -12.32 4.77
CA VAL B 58 14.65 -11.66 3.56
C VAL B 58 16.12 -11.21 3.69
N HIS B 59 16.49 -10.81 4.90
CA HIS B 59 17.85 -10.36 5.15
C HIS B 59 18.85 -11.49 4.89
N ASN B 60 18.44 -12.72 5.19
CA ASN B 60 19.30 -13.88 4.99
C ASN B 60 19.57 -14.10 3.50
N PHE B 61 18.66 -13.61 2.66
CA PHE B 61 18.79 -13.76 1.21
C PHE B 61 18.88 -15.23 0.82
N GLN B 62 17.74 -15.81 0.46
CA GLN B 62 17.69 -17.21 0.06
C GLN B 62 16.85 -17.39 -1.19
N MET B 63 17.04 -16.50 -2.16
CA MET B 63 16.30 -16.57 -3.42
C MET B 63 17.22 -16.33 -4.61
N GLU B 64 17.46 -15.06 -4.92
CA GLU B 64 18.32 -14.69 -6.04
C GLU B 64 17.95 -15.49 -7.29
N CYS B 65 16.66 -15.79 -7.43
CA CYS B 65 16.18 -16.53 -8.58
C CYS B 65 17.01 -17.80 -8.80
N SER B 66 17.50 -18.37 -7.70
CA SER B 66 18.32 -19.58 -7.78
C SER B 66 17.71 -20.69 -6.92
N LEU B 67 17.03 -20.30 -5.85
CA LEU B 67 16.40 -21.27 -4.96
C LEU B 67 17.45 -22.11 -4.24
N GLN B 68 17.87 -21.64 -3.06
CA GLN B 68 18.88 -22.37 -2.29
C GLN B 68 18.28 -23.63 -1.66
N ALA B 69 17.48 -23.45 -0.62
CA ALA B 69 16.85 -24.57 0.06
C ALA B 69 15.58 -24.13 0.78
N LYS B 70 14.89 -23.16 0.20
CA LYS B 70 13.65 -22.65 0.78
C LYS B 70 12.56 -23.72 0.78
N PRO B 71 12.33 -24.32 -0.39
CA PRO B 71 11.32 -25.37 -0.56
C PRO B 71 11.71 -26.67 0.14
N ALA B 72 10.98 -27.74 -0.16
CA ALA B 72 11.26 -29.04 0.43
C ALA B 72 12.37 -29.76 -0.31
N VAL B 73 12.58 -29.39 -1.57
CA VAL B 73 13.61 -29.99 -2.40
C VAL B 73 14.80 -29.04 -2.58
N PRO B 74 15.81 -29.18 -1.71
CA PRO B 74 17.01 -28.35 -1.76
C PRO B 74 17.88 -28.65 -2.97
N THR B 75 18.77 -29.63 -2.83
CA THR B 75 19.66 -30.02 -3.92
C THR B 75 20.50 -31.23 -3.53
N SER B 76 19.90 -32.14 -2.78
CA SER B 76 20.58 -33.35 -2.35
C SER B 76 20.03 -34.58 -3.05
N LYS B 77 20.91 -35.35 -3.67
CA LYS B 77 20.52 -36.56 -4.38
C LYS B 77 19.39 -36.27 -5.37
N LEU B 78 19.49 -35.13 -6.05
CA LEU B 78 18.48 -34.74 -7.02
C LEU B 78 18.41 -35.73 -8.18
N GLY B 79 17.32 -35.69 -8.92
CA GLY B 79 17.14 -36.59 -10.05
C GLY B 79 16.25 -36.02 -11.13
N GLN B 80 15.68 -36.89 -11.94
CA GLN B 80 14.79 -36.46 -13.03
C GLN B 80 13.62 -35.65 -12.47
N ALA B 81 12.70 -36.33 -11.80
CA ALA B 81 11.53 -35.68 -11.24
C ALA B 81 11.84 -35.12 -9.85
N GLU B 82 11.69 -33.81 -9.71
CA GLU B 82 11.95 -33.14 -8.43
C GLU B 82 10.72 -32.39 -7.94
N GLY B 83 10.91 -31.57 -6.92
CA GLY B 83 9.80 -30.81 -6.37
C GLY B 83 9.88 -29.33 -6.72
N ARG B 84 9.49 -28.48 -5.78
CA ARG B 84 9.52 -27.04 -6.00
C ARG B 84 8.49 -26.63 -7.05
N ASP B 85 8.78 -26.93 -8.32
CA ASP B 85 7.88 -26.59 -9.41
C ASP B 85 7.05 -27.80 -9.82
N ALA B 86 7.23 -28.91 -9.10
CA ALA B 86 6.49 -30.13 -9.39
C ALA B 86 5.84 -30.69 -8.13
N GLY B 87 6.52 -30.51 -7.00
CA GLY B 87 6.00 -31.01 -5.74
C GLY B 87 5.34 -29.92 -4.90
N SER B 88 5.91 -28.72 -4.95
CA SER B 88 5.38 -27.59 -4.19
C SER B 88 4.23 -26.92 -4.95
N ALA B 89 3.22 -27.72 -5.31
CA ALA B 89 2.07 -27.21 -6.03
C ALA B 89 1.00 -28.29 -6.19
N PRO B 90 0.19 -28.47 -5.15
CA PRO B 90 -0.90 -29.48 -5.17
C PRO B 90 -2.03 -29.10 -6.11
N SER B 91 -1.90 -29.51 -7.37
CA SER B 91 -2.91 -29.21 -8.37
C SER B 91 -3.25 -27.73 -8.38
N GLY B 92 -4.37 -27.37 -9.02
CA GLY B 92 -4.79 -25.99 -9.08
C GLY B 92 -4.81 -25.33 -7.72
N GLY B 93 -4.94 -26.14 -6.67
CA GLY B 93 -4.98 -25.60 -5.32
C GLY B 93 -3.76 -24.77 -4.99
N ASP B 94 -2.69 -24.98 -5.75
CA ASP B 94 -1.45 -24.25 -5.52
C ASP B 94 -1.70 -22.74 -5.51
N PRO B 95 -0.94 -22.02 -4.67
CA PRO B 95 -1.06 -20.57 -4.54
C PRO B 95 -0.56 -19.82 -5.78
N ALA B 96 -0.91 -20.34 -6.95
CA ALA B 96 -0.49 -19.73 -8.21
C ALA B 96 -1.70 -19.34 -9.05
N PHE B 97 -2.88 -19.80 -8.64
CA PHE B 97 -4.11 -19.51 -9.36
C PHE B 97 -5.05 -18.67 -8.50
N LEU B 98 -4.48 -17.85 -7.63
CA LEU B 98 -5.27 -17.00 -6.75
C LEU B 98 -4.55 -15.67 -6.49
N GLY B 99 -5.29 -14.70 -5.96
CA GLY B 99 -4.71 -13.40 -5.67
C GLY B 99 -4.38 -12.62 -6.93
N MET B 100 -5.24 -11.65 -7.26
CA MET B 100 -5.03 -10.82 -8.45
C MET B 100 -3.91 -9.81 -8.22
N ALA B 101 -3.82 -9.29 -7.00
CA ALA B 101 -2.80 -8.32 -6.66
C ALA B 101 -1.41 -8.81 -7.05
N VAL B 102 -1.02 -9.96 -6.52
CA VAL B 102 0.28 -10.55 -6.83
C VAL B 102 0.48 -10.68 -8.33
N SER B 103 -0.60 -10.97 -9.05
CA SER B 103 -0.53 -11.14 -10.49
C SER B 103 -0.04 -9.85 -11.16
N THR B 104 -0.35 -8.72 -10.53
CA THR B 104 0.06 -7.43 -11.07
C THR B 104 1.52 -7.14 -10.76
N LEU B 105 1.87 -7.17 -9.47
CA LEU B 105 3.24 -6.92 -9.04
C LEU B 105 4.22 -7.83 -9.77
N CYS B 106 3.93 -9.13 -9.75
CA CYS B 106 4.78 -10.11 -10.40
C CYS B 106 4.69 -9.98 -11.93
N GLY B 107 3.55 -9.48 -12.40
CA GLY B 107 3.36 -9.32 -13.83
C GLY B 107 3.09 -10.63 -14.53
N GLU B 108 2.28 -11.48 -13.91
CA GLU B 108 1.94 -12.78 -14.49
C GLU B 108 3.20 -13.53 -14.89
N VAL B 109 4.24 -13.43 -14.06
CA VAL B 109 5.50 -14.10 -14.34
C VAL B 109 5.62 -15.38 -13.53
N PRO B 110 6.42 -16.33 -14.04
CA PRO B 110 6.64 -17.62 -13.37
C PRO B 110 7.47 -17.48 -12.09
N LEU B 111 6.78 -17.41 -10.96
CA LEU B 111 7.44 -17.27 -9.67
C LEU B 111 7.77 -18.64 -9.08
N TYR B 112 8.83 -18.69 -8.28
CA TYR B 112 9.25 -19.93 -7.64
C TYR B 112 8.79 -20.00 -6.19
N TYR B 113 7.93 -20.96 -5.89
CA TYR B 113 7.41 -21.12 -4.54
C TYR B 113 8.55 -21.27 -3.54
N ILE B 114 8.79 -20.21 -2.77
CA ILE B 114 9.86 -20.23 -1.77
C ILE B 114 9.39 -20.90 -0.49
N GLY C 1 -15.81 9.32 2.19
CA GLY C 1 -16.40 8.12 1.61
C GLY C 1 -17.41 7.47 2.52
N SER C 2 -18.35 6.73 1.93
CA SER C 2 -19.39 6.05 2.69
C SER C 2 -19.02 4.59 2.92
N GLU C 3 -17.73 4.33 3.13
CA GLU C 3 -17.25 2.97 3.36
C GLU C 3 -17.74 2.03 2.27
N HIS C 4 -17.36 2.32 1.02
CA HIS C 4 -17.77 1.50 -0.10
C HIS C 4 -17.07 1.95 -1.39
N LEU C 5 -15.83 2.40 -1.25
CA LEU C 5 -15.05 2.86 -2.41
C LEU C 5 -13.61 3.15 -2.00
N VAL C 6 -13.09 2.33 -1.10
CA VAL C 6 -11.70 2.49 -0.64
C VAL C 6 -10.94 1.17 -0.73
N THR C 7 -11.28 0.37 -1.72
CA THR C 7 -10.63 -0.92 -1.93
C THR C 7 -9.60 -0.84 -3.05
N THR C 8 -8.39 -0.42 -2.70
CA THR C 8 -7.32 -0.29 -3.68
C THR C 8 -5.96 -0.61 -3.05
N ALA C 9 -4.98 -0.94 -3.89
CA ALA C 9 -3.64 -1.24 -3.42
C ALA C 9 -2.65 -0.15 -3.81
N THR C 10 -1.52 -0.09 -3.10
CA THR C 10 -0.50 0.90 -3.38
C THR C 10 0.83 0.24 -3.72
N PHE C 11 1.34 0.54 -4.92
CA PHE C 11 2.61 -0.04 -5.36
C PHE C 11 3.58 1.06 -5.77
N SER C 12 4.83 0.92 -5.36
CA SER C 12 5.86 1.90 -5.68
C SER C 12 6.38 1.71 -7.10
N ILE C 13 6.78 2.80 -7.74
CA ILE C 13 7.29 2.74 -9.11
C ILE C 13 8.80 3.00 -9.14
N GLY C 14 9.52 2.16 -9.87
CA GLY C 14 10.96 2.31 -9.96
C GLY C 14 11.67 1.90 -8.69
N SER C 15 11.73 2.81 -7.72
CA SER C 15 12.39 2.55 -6.46
C SER C 15 12.32 3.76 -5.53
N THR C 16 11.19 4.46 -5.58
CA THR C 16 10.99 5.63 -4.75
C THR C 16 9.60 6.24 -4.97
N GLY C 17 9.10 6.14 -6.20
CA GLY C 17 7.80 6.67 -6.51
C GLY C 17 6.67 5.81 -5.96
N LEU C 18 5.49 6.40 -5.83
CA LEU C 18 4.33 5.68 -5.31
C LEU C 18 3.14 5.82 -6.25
N VAL C 19 2.47 4.69 -6.51
CA VAL C 19 1.31 4.70 -7.40
C VAL C 19 0.33 3.60 -7.01
N VAL C 20 -0.92 3.98 -6.75
CA VAL C 20 -1.96 3.03 -6.37
C VAL C 20 -2.81 2.64 -7.57
N TYR C 21 -3.29 1.39 -7.56
CA TYR C 21 -4.11 0.89 -8.65
C TYR C 21 -5.44 0.34 -8.12
N ASP C 22 -6.51 1.11 -8.29
CA ASP C 22 -7.82 0.70 -7.84
C ASP C 22 -8.29 -0.55 -8.57
N TYR C 23 -8.54 -1.61 -7.83
CA TYR C 23 -8.99 -2.88 -8.41
C TYR C 23 -10.51 -2.95 -8.41
N GLN C 24 -11.15 -1.96 -9.00
CA GLN C 24 -12.61 -1.92 -9.08
C GLN C 24 -13.08 -0.66 -9.80
N GLN C 25 -12.85 0.49 -9.18
CA GLN C 25 -13.26 1.76 -9.77
C GLN C 25 -12.39 2.11 -10.98
N LEU C 26 -11.28 1.40 -11.11
CA LEU C 26 -10.36 1.64 -12.23
C LEU C 26 -9.78 3.04 -12.16
N LEU C 27 -8.98 3.31 -11.12
CA LEU C 27 -8.36 4.61 -10.95
C LEU C 27 -6.92 4.46 -10.46
N ILE C 28 -6.04 5.31 -10.99
CA ILE C 28 -4.63 5.28 -10.61
C ILE C 28 -4.17 6.63 -10.10
N ALA C 29 -3.25 6.62 -9.13
CA ALA C 29 -2.72 7.85 -8.57
C ALA C 29 -1.23 8.00 -8.86
N TYR C 30 -0.88 9.07 -9.55
CA TYR C 30 0.51 9.33 -9.90
C TYR C 30 0.89 10.79 -9.65
N LYS C 31 1.75 11.01 -8.66
CA LYS C 31 2.18 12.36 -8.31
C LYS C 31 3.48 12.32 -7.51
N PRO C 32 4.25 13.42 -7.57
CA PRO C 32 5.52 13.53 -6.85
C PRO C 32 5.33 13.63 -5.35
N ALA C 33 5.13 14.85 -4.86
CA ALA C 33 4.94 15.09 -3.43
C ALA C 33 3.46 15.00 -3.07
N PRO C 34 3.19 14.83 -1.76
CA PRO C 34 1.81 14.72 -1.25
C PRO C 34 1.06 16.04 -1.33
N GLY C 35 0.12 16.13 -2.27
CA GLY C 35 -0.66 17.35 -2.43
C GLY C 35 -0.01 18.31 -3.41
N THR C 36 0.74 17.77 -4.37
CA THR C 36 1.41 18.60 -5.36
C THR C 36 1.17 18.05 -6.77
N CYS C 37 0.07 18.44 -7.38
CA CYS C 37 -0.27 18.00 -8.72
C CYS C 37 -0.55 16.50 -8.74
N CYS C 38 -1.76 16.13 -9.16
CA CYS C 38 -2.15 14.72 -9.23
C CYS C 38 -2.70 14.38 -10.60
N TYR C 39 -2.83 13.09 -10.87
CA TYR C 39 -3.34 12.63 -12.16
C TYR C 39 -4.16 11.35 -11.99
N ILE C 40 -5.25 11.25 -12.75
CA ILE C 40 -6.11 10.08 -12.69
C ILE C 40 -6.23 9.41 -14.06
N MET C 41 -6.20 8.07 -14.05
CA MET C 41 -6.30 7.31 -15.29
C MET C 41 -7.11 6.03 -15.08
N LYS C 42 -7.54 5.42 -16.16
CA LYS C 42 -8.32 4.19 -16.09
C LYS C 42 -7.44 2.97 -16.39
N ILE C 43 -7.85 1.81 -15.87
CA ILE C 43 -7.10 0.59 -16.09
C ILE C 43 -7.98 -0.49 -16.72
N ALA C 44 -7.36 -1.61 -17.09
CA ALA C 44 -8.09 -2.71 -17.70
C ALA C 44 -8.25 -3.87 -16.71
N PRO C 45 -9.48 -4.38 -16.60
CA PRO C 45 -9.80 -5.49 -15.69
C PRO C 45 -9.20 -6.81 -16.17
N GLU C 46 -8.91 -6.89 -17.46
CA GLU C 46 -8.33 -8.09 -18.05
C GLU C 46 -6.80 -8.07 -17.95
N SER C 47 -6.24 -6.87 -17.88
CA SER C 47 -4.80 -6.71 -17.79
C SER C 47 -4.44 -5.39 -17.11
N ILE C 48 -4.42 -5.41 -15.78
CA ILE C 48 -4.08 -4.22 -15.01
C ILE C 48 -2.66 -3.76 -15.30
N PRO C 49 -2.51 -2.45 -15.58
CA PRO C 49 -1.21 -1.84 -15.88
C PRO C 49 -0.30 -1.79 -14.65
N SER C 50 0.30 -2.92 -14.31
CA SER C 50 1.18 -3.00 -13.15
C SER C 50 2.29 -1.96 -13.25
N LEU C 51 3.14 -1.89 -12.22
CA LEU C 51 4.24 -0.94 -12.19
C LEU C 51 5.03 -0.98 -13.49
N GLU C 52 5.09 -2.16 -14.11
CA GLU C 52 5.81 -2.33 -15.37
C GLU C 52 5.31 -1.35 -16.42
N ALA C 53 3.98 -1.22 -16.51
CA ALA C 53 3.37 -0.32 -17.47
C ALA C 53 3.48 1.13 -17.02
N LEU C 54 3.10 1.39 -15.78
CA LEU C 54 3.16 2.74 -15.23
C LEU C 54 4.57 3.32 -15.36
N THR C 55 5.56 2.60 -14.86
CA THR C 55 6.94 3.05 -14.92
C THR C 55 7.39 3.21 -16.37
N ARG C 56 6.82 2.42 -17.27
CA ARG C 56 7.15 2.48 -18.67
C ARG C 56 6.78 3.84 -19.27
N LYS C 57 5.51 4.22 -19.09
CA LYS C 57 5.02 5.48 -19.61
C LYS C 57 5.51 6.65 -18.75
N VAL C 58 5.70 6.39 -17.46
CA VAL C 58 6.16 7.42 -16.53
C VAL C 58 7.60 7.80 -16.82
N HIS C 59 8.41 6.82 -17.23
CA HIS C 59 9.81 7.06 -17.53
C HIS C 59 9.96 8.10 -18.65
N ASN C 60 9.04 8.05 -19.61
CA ASN C 60 9.06 8.98 -20.73
C ASN C 60 8.77 10.40 -20.26
N PHE C 61 8.10 10.52 -19.12
CA PHE C 61 7.76 11.83 -18.56
C PHE C 61 6.91 12.63 -19.55
N GLN C 62 5.60 12.58 -19.38
CA GLN C 62 4.69 13.31 -20.26
C GLN C 62 3.62 14.02 -19.45
N MET C 63 4.03 14.66 -18.36
CA MET C 63 3.10 15.39 -17.49
C MET C 63 3.69 16.73 -17.07
N GLU C 64 4.51 16.70 -16.02
CA GLU C 64 5.14 17.92 -15.52
C GLU C 64 4.11 19.04 -15.36
N CYS C 65 2.89 18.68 -15.02
CA CYS C 65 1.81 19.64 -14.85
C CYS C 65 1.74 20.59 -16.05
N SER C 66 2.08 20.08 -17.23
CA SER C 66 2.05 20.88 -18.45
C SER C 66 1.15 20.24 -19.50
N LEU C 67 1.08 18.91 -19.47
CA LEU C 67 0.26 18.17 -20.43
C LEU C 67 0.81 18.31 -21.85
N GLN C 68 1.68 17.38 -22.24
CA GLN C 68 2.27 17.40 -23.57
C GLN C 68 1.25 16.99 -24.62
N ALA C 69 0.96 15.69 -24.69
CA ALA C 69 0.00 15.17 -25.65
C ALA C 69 -0.60 13.85 -25.17
N LYS C 70 -0.75 13.72 -23.86
CA LYS C 70 -1.32 12.52 -23.27
C LYS C 70 -2.78 12.34 -23.68
N PRO C 71 -3.59 13.40 -23.48
CA PRO C 71 -5.01 13.39 -23.82
C PRO C 71 -5.24 13.37 -25.33
N ALA C 72 -6.49 13.59 -25.73
CA ALA C 72 -6.84 13.60 -27.15
C ALA C 72 -6.52 14.95 -27.77
N VAL C 73 -6.46 15.99 -26.95
CA VAL C 73 -6.17 17.33 -27.43
C VAL C 73 -4.75 17.76 -27.05
N PRO C 74 -3.80 17.53 -27.98
CA PRO C 74 -2.40 17.88 -27.76
C PRO C 74 -2.17 19.38 -27.74
N THR C 75 -1.97 19.97 -28.91
CA THR C 75 -1.73 21.40 -29.03
C THR C 75 -1.64 21.82 -30.50
N SER C 76 -2.44 21.19 -31.35
CA SER C 76 -2.45 21.49 -32.77
C SER C 76 -3.75 22.19 -33.17
N LYS C 77 -3.62 23.34 -33.82
CA LYS C 77 -4.79 24.11 -34.26
C LYS C 77 -5.76 24.32 -33.10
N LEU C 78 -5.22 24.61 -31.93
CA LEU C 78 -6.03 24.85 -30.74
C LEU C 78 -6.92 26.07 -30.93
N GLY C 79 -7.95 26.19 -30.10
CA GLY C 79 -8.85 27.33 -30.19
C GLY C 79 -9.51 27.64 -28.86
N GLN C 80 -10.65 28.33 -28.91
CA GLN C 80 -11.38 28.70 -27.71
C GLN C 80 -11.73 27.47 -26.89
N ALA C 81 -12.69 26.69 -27.38
CA ALA C 81 -13.12 25.47 -26.69
C ALA C 81 -12.23 24.29 -27.05
N GLU C 82 -11.58 23.71 -26.04
CA GLU C 82 -10.70 22.56 -26.26
C GLU C 82 -11.15 21.37 -25.44
N GLY C 83 -10.31 20.34 -25.38
CA GLY C 83 -10.63 19.15 -24.61
C GLY C 83 -9.84 19.05 -23.33
N ARG C 84 -9.45 17.82 -22.98
CA ARG C 84 -8.69 17.59 -21.75
C ARG C 84 -9.53 17.87 -20.51
N ASP C 85 -9.78 19.15 -20.25
CA ASP C 85 -10.57 19.55 -19.09
C ASP C 85 -12.00 19.87 -19.51
N ALA C 86 -12.30 19.69 -20.78
CA ALA C 86 -13.62 19.97 -21.31
C ALA C 86 -14.15 18.79 -22.12
N GLY C 87 -13.24 18.09 -22.80
CA GLY C 87 -13.63 16.96 -23.62
C GLY C 87 -13.37 15.63 -22.92
N SER C 88 -12.26 15.56 -22.18
CA SER C 88 -11.90 14.35 -21.47
C SER C 88 -12.62 14.26 -20.13
N ALA C 89 -13.95 14.34 -20.17
CA ALA C 89 -14.76 14.26 -18.97
C ALA C 89 -16.25 14.24 -19.31
N PRO C 90 -16.75 13.05 -19.66
CA PRO C 90 -18.16 12.87 -20.01
C PRO C 90 -19.09 13.02 -18.80
N SER C 91 -19.52 14.25 -18.55
CA SER C 91 -20.40 14.53 -17.43
C SER C 91 -19.86 13.93 -16.14
N GLY C 92 -20.71 13.84 -15.12
CA GLY C 92 -20.29 13.28 -13.85
C GLY C 92 -19.63 11.92 -14.00
N GLY C 93 -19.91 11.25 -15.10
CA GLY C 93 -19.33 9.94 -15.35
C GLY C 93 -17.81 9.98 -15.34
N ASP C 94 -17.25 11.17 -15.53
CA ASP C 94 -15.80 11.33 -15.55
C ASP C 94 -15.17 10.75 -14.28
N PRO C 95 -13.97 10.17 -14.44
CA PRO C 95 -13.23 9.57 -13.33
C PRO C 95 -12.72 10.60 -12.33
N ALA C 96 -13.56 11.59 -12.02
CA ALA C 96 -13.20 12.64 -11.09
C ALA C 96 -14.16 12.68 -9.90
N PHE C 97 -15.25 11.94 -10.01
CA PHE C 97 -16.24 11.88 -8.94
C PHE C 97 -16.34 10.47 -8.35
N LEU C 98 -15.22 9.76 -8.37
CA LEU C 98 -15.18 8.40 -7.84
C LEU C 98 -13.82 8.10 -7.21
N GLY C 99 -13.76 7.03 -6.43
CA GLY C 99 -12.51 6.65 -5.79
C GLY C 99 -12.12 7.62 -4.69
N MET C 100 -12.33 7.21 -3.44
CA MET C 100 -12.00 8.05 -2.29
C MET C 100 -10.49 8.06 -2.04
N ALA C 101 -9.86 6.91 -2.29
CA ALA C 101 -8.42 6.80 -2.09
C ALA C 101 -7.67 7.91 -2.81
N VAL C 102 -7.86 8.00 -4.13
CA VAL C 102 -7.21 9.02 -4.94
C VAL C 102 -7.48 10.41 -4.37
N SER C 103 -8.67 10.61 -3.84
CA SER C 103 -9.05 11.90 -3.27
C SER C 103 -8.12 12.29 -2.13
N THR C 104 -7.58 11.29 -1.44
CA THR C 104 -6.68 11.52 -0.33
C THR C 104 -5.27 11.84 -0.81
N LEU C 105 -4.71 10.95 -1.63
CA LEU C 105 -3.37 11.13 -2.17
C LEU C 105 -3.26 12.47 -2.89
N CYS C 106 -4.20 12.73 -3.79
CA CYS C 106 -4.22 13.97 -4.56
C CYS C 106 -4.59 15.15 -3.66
N GLY C 107 -5.34 14.87 -2.61
CA GLY C 107 -5.76 15.92 -1.68
C GLY C 107 -6.86 16.78 -2.25
N GLU C 108 -7.83 16.14 -2.91
CA GLU C 108 -8.96 16.86 -3.50
C GLU C 108 -8.46 18.00 -4.38
N VAL C 109 -7.38 17.77 -5.11
CA VAL C 109 -6.81 18.78 -5.98
C VAL C 109 -7.21 18.55 -7.43
N PRO C 110 -7.22 19.63 -8.22
CA PRO C 110 -7.60 19.57 -9.64
C PRO C 110 -6.55 18.85 -10.49
N LEU C 111 -6.78 17.56 -10.73
CA LEU C 111 -5.85 16.75 -11.52
C LEU C 111 -6.20 16.83 -13.00
N TYR C 112 -5.18 16.66 -13.84
CA TYR C 112 -5.38 16.72 -15.29
C TYR C 112 -5.43 15.31 -15.88
N TYR C 113 -6.58 14.96 -16.44
CA TYR C 113 -6.77 13.64 -17.05
C TYR C 113 -5.69 13.37 -18.09
N ILE C 114 -4.73 12.52 -17.74
CA ILE C 114 -3.65 12.18 -18.67
C ILE C 114 -4.09 11.10 -19.66
N GLY A 1 -3.51 -11.44 14.27
CA GLY A 1 -3.32 -12.07 15.56
C GLY A 1 -4.26 -13.23 15.79
N SER A 2 -5.54 -13.02 15.50
CA SER A 2 -6.54 -14.06 15.69
C SER A 2 -7.90 -13.60 15.16
N GLU A 3 -7.89 -12.87 14.05
CA GLU A 3 -9.11 -12.38 13.45
C GLU A 3 -8.98 -12.27 11.93
N HIS A 4 -10.02 -11.76 11.29
CA HIS A 4 -10.01 -11.60 9.83
C HIS A 4 -11.02 -10.53 9.40
N LEU A 5 -10.64 -9.27 9.57
CA LEU A 5 -11.51 -8.16 9.19
C LEU A 5 -10.70 -6.87 9.07
N VAL A 6 -9.47 -6.98 8.58
CA VAL A 6 -8.60 -5.82 8.41
C VAL A 6 -9.37 -4.64 7.82
N THR A 7 -9.66 -4.72 6.52
CA THR A 7 -10.39 -3.66 5.84
C THR A 7 -9.77 -2.30 6.12
N THR A 8 -8.75 -1.94 5.33
CA THR A 8 -8.07 -0.66 5.50
C THR A 8 -7.23 -0.33 4.28
N ALA A 9 -6.73 0.90 4.23
CA ALA A 9 -5.89 1.34 3.11
C ALA A 9 -4.45 1.57 3.56
N THR A 10 -3.51 1.05 2.78
CA THR A 10 -2.09 1.19 3.09
C THR A 10 -1.45 2.30 2.27
N PHE A 11 -0.59 3.08 2.90
CA PHE A 11 0.09 4.18 2.22
C PHE A 11 1.47 4.42 2.82
N SER A 12 2.24 5.31 2.19
CA SER A 12 3.58 5.62 2.66
C SER A 12 3.78 7.13 2.77
N ILE A 13 4.73 7.54 3.59
CA ILE A 13 5.02 8.95 3.78
C ILE A 13 6.39 9.33 3.22
N GLY A 14 6.43 10.37 2.40
CA GLY A 14 7.69 10.80 1.81
C GLY A 14 8.43 9.67 1.13
N SER A 15 9.74 9.61 1.33
CA SER A 15 10.56 8.58 0.71
C SER A 15 11.48 7.93 1.76
N THR A 16 10.97 7.78 2.97
CA THR A 16 11.74 7.18 4.05
C THR A 16 10.83 6.43 5.02
N GLY A 17 9.72 7.07 5.38
CA GLY A 17 8.78 6.45 6.31
C GLY A 17 7.55 5.90 5.60
N LEU A 18 6.68 5.24 6.36
CA LEU A 18 5.46 4.66 5.81
C LEU A 18 4.33 4.69 6.82
N VAL A 19 3.15 5.12 6.38
CA VAL A 19 1.98 5.21 7.25
C VAL A 19 0.72 4.76 6.52
N VAL A 20 -0.02 3.84 7.13
CA VAL A 20 -1.25 3.34 6.54
C VAL A 20 -2.47 4.03 7.14
N TYR A 21 -3.52 4.17 6.34
CA TYR A 21 -4.75 4.81 6.80
C TYR A 21 -5.88 3.80 6.92
N ASP A 22 -7.08 4.30 7.22
CA ASP A 22 -8.25 3.43 7.36
C ASP A 22 -9.51 4.18 6.94
N TYR A 23 -10.30 3.53 6.08
CA TYR A 23 -11.54 4.13 5.59
C TYR A 23 -12.75 3.51 6.28
N GLN A 24 -12.57 3.14 7.55
CA GLN A 24 -13.65 2.53 8.32
C GLN A 24 -13.35 2.60 9.82
N GLN A 25 -12.20 2.08 10.21
CA GLN A 25 -11.79 2.08 11.61
C GLN A 25 -11.21 3.43 12.01
N LEU A 26 -10.74 4.18 11.02
CA LEU A 26 -10.15 5.49 11.26
C LEU A 26 -8.87 5.38 12.08
N LEU A 27 -8.18 4.26 11.93
CA LEU A 27 -6.93 4.02 12.65
C LEU A 27 -5.72 4.21 11.74
N ILE A 28 -4.70 4.89 12.25
CA ILE A 28 -3.48 5.13 11.48
C ILE A 28 -2.31 4.37 12.08
N ALA A 29 -1.38 3.96 11.21
CA ALA A 29 -0.20 3.22 11.65
C ALA A 29 1.07 4.03 11.42
N TYR A 30 1.78 4.34 12.51
CA TYR A 30 3.01 5.11 12.42
C TYR A 30 4.10 4.50 13.29
N LYS A 31 5.26 4.25 12.68
CA LYS A 31 6.39 3.67 13.40
C LYS A 31 7.69 3.91 12.67
N PRO A 32 8.78 4.08 13.43
CA PRO A 32 10.11 4.32 12.85
C PRO A 32 10.67 3.09 12.14
N ALA A 33 11.34 2.23 12.90
CA ALA A 33 11.93 1.01 12.34
C ALA A 33 10.95 -0.15 12.42
N PRO A 34 11.19 -1.18 11.59
CA PRO A 34 10.33 -2.37 11.55
C PRO A 34 10.46 -3.22 12.81
N GLY A 35 9.34 -3.41 13.51
CA GLY A 35 9.33 -4.19 14.73
C GLY A 35 9.67 -3.36 15.95
N THR A 36 9.36 -2.07 15.90
CA THR A 36 9.63 -1.16 17.01
C THR A 36 8.36 -0.48 17.48
N CYS A 37 8.51 0.45 18.41
CA CYS A 37 7.37 1.19 18.96
C CYS A 37 6.48 1.71 17.82
N CYS A 38 5.17 1.70 18.07
CA CYS A 38 4.21 2.17 17.08
C CYS A 38 3.28 3.22 17.68
N TYR A 39 2.57 3.94 16.81
CA TYR A 39 1.63 4.97 17.25
C TYR A 39 0.35 4.93 16.44
N ILE A 40 -0.78 5.05 17.13
CA ILE A 40 -2.08 5.02 16.47
C ILE A 40 -2.76 6.39 16.55
N MET A 41 -3.39 6.80 15.45
CA MET A 41 -4.08 8.08 15.40
C MET A 41 -5.51 7.90 14.91
N LYS A 42 -6.41 8.73 15.43
CA LYS A 42 -7.82 8.67 15.06
C LYS A 42 -8.15 9.73 14.01
N ILE A 43 -8.71 9.29 12.89
CA ILE A 43 -9.07 10.20 11.81
C ILE A 43 -10.58 10.27 11.63
N ALA A 44 -11.02 11.07 10.66
CA ALA A 44 -12.44 11.21 10.39
C ALA A 44 -12.79 10.73 8.99
N PRO A 45 -14.05 10.31 8.80
CA PRO A 45 -14.53 9.81 7.51
C PRO A 45 -14.65 10.92 6.47
N GLU A 46 -15.09 12.09 6.90
CA GLU A 46 -15.25 13.24 6.02
C GLU A 46 -13.97 14.05 5.94
N SER A 47 -13.15 13.95 6.99
CA SER A 47 -11.90 14.69 7.05
C SER A 47 -10.71 13.73 7.16
N ILE A 48 -10.41 13.04 6.07
CA ILE A 48 -9.29 12.10 6.05
C ILE A 48 -7.96 12.81 5.82
N PRO A 49 -7.01 12.59 6.74
CA PRO A 49 -5.68 13.20 6.65
C PRO A 49 -4.85 12.64 5.51
N SER A 50 -5.02 13.20 4.32
CA SER A 50 -4.29 12.75 3.15
C SER A 50 -2.80 12.67 3.44
N LEU A 51 -2.04 12.11 2.49
CA LEU A 51 -0.59 11.97 2.65
C LEU A 51 0.03 13.30 3.04
N GLU A 52 -0.52 14.39 2.52
CA GLU A 52 -0.01 15.72 2.82
C GLU A 52 -0.17 16.04 4.31
N ALA A 53 -1.26 15.57 4.90
CA ALA A 53 -1.53 15.80 6.31
C ALA A 53 -0.54 15.05 7.19
N LEU A 54 -0.36 13.77 6.91
CA LEU A 54 0.57 12.94 7.68
C LEU A 54 1.96 13.56 7.72
N THR A 55 2.52 13.84 6.54
CA THR A 55 3.83 14.44 6.44
C THR A 55 3.88 15.80 7.13
N ARG A 56 2.73 16.48 7.18
CA ARG A 56 2.64 17.79 7.81
C ARG A 56 2.92 17.68 9.31
N LYS A 57 2.18 16.81 9.99
CA LYS A 57 2.36 16.62 11.42
C LYS A 57 3.60 15.78 11.72
N VAL A 58 3.94 14.90 10.79
CA VAL A 58 5.11 14.03 10.94
C VAL A 58 6.39 14.82 10.73
N HIS A 59 6.32 15.88 9.92
CA HIS A 59 7.49 16.70 9.65
C HIS A 59 8.08 17.26 10.94
N ASN A 60 7.22 17.52 11.92
CA ASN A 60 7.66 18.06 13.20
C ASN A 60 8.52 17.04 13.95
N PHE A 61 8.34 15.77 13.61
CA PHE A 61 9.10 14.70 14.25
C PHE A 61 8.95 14.76 15.77
N GLN A 62 7.77 15.18 16.22
CA GLN A 62 7.51 15.29 17.65
C GLN A 62 7.57 13.92 18.33
N MET A 63 7.24 12.88 17.57
CA MET A 63 7.26 11.52 18.09
C MET A 63 8.69 10.99 18.17
N GLU A 64 9.19 10.51 17.03
CA GLU A 64 10.54 9.97 16.97
C GLU A 64 10.79 9.00 18.12
N CYS A 65 9.75 8.27 18.51
CA CYS A 65 9.85 7.30 19.60
C CYS A 65 10.53 7.92 20.82
N SER A 66 10.30 9.22 21.01
CA SER A 66 10.89 9.94 22.14
C SER A 66 9.81 10.62 22.96
N LEU A 67 8.76 11.07 22.29
CA LEU A 67 7.65 11.75 22.96
C LEU A 67 8.10 13.09 23.54
N GLN A 68 7.93 14.15 22.76
CA GLN A 68 8.32 15.49 23.19
C GLN A 68 7.82 15.77 24.61
N ALA A 69 6.66 15.22 24.94
CA ALA A 69 6.07 15.41 26.26
C ALA A 69 5.97 14.09 27.02
N LYS A 70 6.82 13.93 28.03
CA LYS A 70 6.83 12.72 28.84
C LYS A 70 5.51 11.97 28.72
N PRO A 71 4.43 12.59 29.22
CA PRO A 71 3.09 12.00 29.19
C PRO A 71 2.52 11.95 27.78
N ALA A 72 2.23 10.75 27.30
CA ALA A 72 1.68 10.56 25.96
C ALA A 72 0.60 11.60 25.66
N VAL A 73 -0.15 11.96 26.69
CA VAL A 73 -1.22 12.95 26.54
C VAL A 73 -0.94 14.20 27.36
N PRO A 74 -0.12 15.11 26.80
CA PRO A 74 0.24 16.36 27.47
C PRO A 74 -0.92 17.33 27.57
N THR A 75 -1.54 17.39 28.76
CA THR A 75 -2.68 18.28 28.98
C THR A 75 -3.70 18.15 27.87
N SER A 76 -4.18 16.93 27.64
CA SER A 76 -5.16 16.67 26.59
C SER A 76 -6.22 15.68 27.07
N LYS A 77 -7.06 16.12 28.00
CA LYS A 77 -8.11 15.27 28.54
C LYS A 77 -7.53 14.13 29.36
N LEU A 78 -6.75 14.48 30.39
CA LEU A 78 -6.14 13.48 31.25
C LEU A 78 -7.19 12.71 32.04
N GLY A 79 -6.79 11.58 32.62
CA GLY A 79 -7.70 10.77 33.39
C GLY A 79 -7.51 10.94 34.89
N GLN A 80 -6.38 10.42 35.40
CA GLN A 80 -6.08 10.52 36.81
C GLN A 80 -4.59 10.32 37.06
N ALA A 81 -4.04 11.14 37.95
CA ALA A 81 -2.62 11.06 38.28
C ALA A 81 -1.75 11.47 37.09
N GLU A 82 -1.57 10.55 36.16
CA GLU A 82 -0.77 10.82 34.97
C GLU A 82 -1.50 10.40 33.70
N GLY A 83 -0.79 10.39 32.58
CA GLY A 83 -1.39 10.00 31.32
C GLY A 83 -0.81 8.72 30.76
N ARG A 84 -0.73 8.62 29.44
CA ARG A 84 -0.19 7.44 28.78
C ARG A 84 -1.14 6.26 28.94
N ASP A 85 -1.17 5.68 30.15
CA ASP A 85 -2.03 4.55 30.43
C ASP A 85 -3.29 4.98 31.18
N ALA A 86 -3.41 6.29 31.40
CA ALA A 86 -4.56 6.83 32.11
C ALA A 86 -5.20 7.98 31.33
N GLY A 87 -4.37 8.70 30.58
CA GLY A 87 -4.86 9.82 29.79
C GLY A 87 -4.90 9.51 28.31
N SER A 88 -3.94 8.73 27.84
CA SER A 88 -3.87 8.36 26.43
C SER A 88 -4.16 6.88 26.24
N ALA A 89 -4.88 6.30 27.19
CA ALA A 89 -5.24 4.89 27.12
C ALA A 89 -6.10 4.48 28.32
N PRO A 90 -7.41 4.74 28.21
CA PRO A 90 -8.37 4.41 29.28
C PRO A 90 -8.58 2.91 29.43
N SER A 91 -7.67 2.26 30.13
CA SER A 91 -7.75 0.81 30.34
C SER A 91 -7.64 0.07 29.02
N GLY A 92 -7.96 -1.22 29.04
CA GLY A 92 -7.88 -2.03 27.83
C GLY A 92 -8.72 -1.47 26.71
N GLY A 93 -9.66 -0.59 27.05
CA GLY A 93 -10.53 0.01 26.05
C GLY A 93 -9.76 0.87 25.07
N ASP A 94 -8.50 1.15 25.39
CA ASP A 94 -7.65 1.98 24.53
C ASP A 94 -7.65 1.45 23.11
N PRO A 95 -7.62 2.38 22.13
CA PRO A 95 -7.61 2.02 20.71
C PRO A 95 -6.30 1.38 20.28
N ALA A 96 -5.79 0.47 21.10
CA ALA A 96 -4.54 -0.21 20.81
C ALA A 96 -4.81 -1.63 20.31
N PHE A 97 -5.96 -2.18 20.66
CA PHE A 97 -6.33 -3.52 20.25
C PHE A 97 -7.65 -3.52 19.48
N LEU A 98 -7.79 -2.57 18.56
CA LEU A 98 -9.00 -2.45 17.75
C LEU A 98 -8.65 -2.33 16.26
N GLY A 99 -7.46 -2.78 15.90
CA GLY A 99 -7.03 -2.72 14.52
C GLY A 99 -6.19 -3.91 14.11
N MET A 100 -6.66 -4.65 13.12
CA MET A 100 -5.94 -5.84 12.64
C MET A 100 -4.75 -5.42 11.79
N ALA A 101 -5.00 -4.62 10.77
CA ALA A 101 -3.94 -4.15 9.88
C ALA A 101 -2.81 -3.48 10.67
N VAL A 102 -3.17 -2.44 11.41
CA VAL A 102 -2.19 -1.71 12.22
C VAL A 102 -1.44 -2.65 13.16
N SER A 103 -2.17 -3.57 13.77
CA SER A 103 -1.56 -4.52 14.70
C SER A 103 -0.44 -5.31 14.01
N THR A 104 -0.57 -5.49 12.70
CA THR A 104 0.44 -6.21 11.93
C THR A 104 1.66 -5.35 11.67
N LEU A 105 1.44 -4.18 11.07
CA LEU A 105 2.52 -3.26 10.76
C LEU A 105 3.33 -2.93 12.00
N CYS A 106 2.64 -2.63 13.09
CA CYS A 106 3.30 -2.30 14.36
C CYS A 106 3.98 -3.53 14.95
N GLY A 107 3.48 -4.70 14.60
CA GLY A 107 4.06 -5.93 15.10
C GLY A 107 3.57 -6.27 16.50
N GLU A 108 2.28 -6.11 16.74
CA GLU A 108 1.69 -6.40 18.04
C GLU A 108 2.48 -5.69 19.15
N VAL A 109 2.97 -4.49 18.84
CA VAL A 109 3.72 -3.71 19.82
C VAL A 109 2.84 -2.66 20.48
N PRO A 110 3.22 -2.27 21.71
CA PRO A 110 2.48 -1.27 22.49
C PRO A 110 2.61 0.12 21.90
N LEU A 111 1.48 0.72 21.52
CA LEU A 111 1.46 2.05 20.94
C LEU A 111 0.76 3.04 21.87
N TYR A 112 1.14 4.31 21.78
CA TYR A 112 0.54 5.35 22.61
C TYR A 112 0.07 6.52 21.76
N TYR A 113 -1.08 7.09 22.13
CA TYR A 113 -1.64 8.22 21.40
C TYR A 113 -0.63 9.36 21.29
N ILE A 114 -0.55 9.95 20.10
CA ILE A 114 0.38 11.06 19.86
C ILE A 114 -0.37 12.38 19.79
N GLY B 1 -5.83 -9.80 -14.81
CA GLY B 1 -5.69 -10.61 -16.01
C GLY B 1 -7.04 -10.96 -16.62
N SER B 2 -7.98 -11.39 -15.80
CA SER B 2 -9.31 -11.74 -16.28
C SER B 2 -10.23 -12.09 -15.10
N GLU B 3 -10.08 -11.35 -14.01
CA GLU B 3 -10.89 -11.59 -12.82
C GLU B 3 -11.09 -10.29 -12.03
N HIS B 4 -11.78 -10.39 -10.91
CA HIS B 4 -12.04 -9.23 -10.05
C HIS B 4 -12.36 -9.65 -8.63
N LEU B 5 -11.34 -10.00 -7.87
CA LEU B 5 -11.51 -10.43 -6.49
C LEU B 5 -10.20 -10.36 -5.72
N VAL B 6 -9.39 -9.34 -6.02
CA VAL B 6 -8.11 -9.16 -5.36
C VAL B 6 -8.24 -9.38 -3.85
N THR B 7 -8.82 -8.41 -3.17
CA THR B 7 -9.00 -8.49 -1.72
C THR B 7 -7.68 -8.85 -1.03
N THR B 8 -6.86 -7.84 -0.77
CA THR B 8 -5.58 -8.06 -0.10
C THR B 8 -5.00 -6.75 0.41
N ALA B 9 -3.94 -6.84 1.20
CA ALA B 9 -3.29 -5.66 1.76
C ALA B 9 -1.90 -5.47 1.17
N THR B 10 -1.59 -4.25 0.77
CA THR B 10 -0.29 -3.93 0.18
C THR B 10 0.63 -3.29 1.21
N PHE B 11 1.91 -3.66 1.16
CA PHE B 11 2.89 -3.13 2.09
C PHE B 11 4.27 -3.08 1.46
N SER B 12 5.23 -2.48 2.16
CA SER B 12 6.59 -2.36 1.66
C SER B 12 7.60 -2.79 2.71
N ILE B 13 8.81 -3.13 2.27
CA ILE B 13 9.86 -3.56 3.18
C ILE B 13 11.02 -2.57 3.20
N GLY B 14 11.41 -2.16 4.39
CA GLY B 14 12.50 -1.21 4.53
C GLY B 14 12.29 0.04 3.70
N SER B 15 13.33 0.43 2.96
CA SER B 15 13.26 1.62 2.12
C SER B 15 13.87 1.36 0.76
N THR B 16 13.64 0.17 0.22
CA THR B 16 14.17 -0.22 -1.08
C THR B 16 13.31 -1.28 -1.74
N GLY B 17 12.84 -2.24 -0.94
CA GLY B 17 12.01 -3.30 -1.47
C GLY B 17 10.54 -3.10 -1.14
N LEU B 18 9.69 -3.95 -1.70
CA LEU B 18 8.26 -3.87 -1.47
C LEU B 18 7.62 -5.26 -1.46
N VAL B 19 6.77 -5.51 -0.47
CA VAL B 19 6.10 -6.80 -0.36
C VAL B 19 4.68 -6.63 0.17
N VAL B 20 3.70 -7.17 -0.56
CA VAL B 20 2.30 -7.08 -0.16
C VAL B 20 1.85 -8.36 0.53
N TYR B 21 0.94 -8.22 1.49
CA TYR B 21 0.43 -9.35 2.23
C TYR B 21 -1.02 -9.66 1.82
N ASP B 22 -1.65 -10.58 2.54
CA ASP B 22 -3.02 -10.95 2.27
C ASP B 22 -3.74 -11.39 3.54
N TYR B 23 -4.95 -10.89 3.74
CA TYR B 23 -5.74 -11.23 4.92
C TYR B 23 -6.91 -12.14 4.55
N GLN B 24 -6.69 -13.02 3.59
CA GLN B 24 -7.72 -13.94 3.14
C GLN B 24 -7.13 -15.05 2.28
N GLN B 25 -6.50 -14.68 1.18
CA GLN B 25 -5.89 -15.64 0.28
C GLN B 25 -4.58 -16.18 0.85
N LEU B 26 -3.98 -15.40 1.74
CA LEU B 26 -2.72 -15.80 2.37
C LEU B 26 -1.60 -15.85 1.34
N LEU B 27 -1.66 -14.96 0.36
CA LEU B 27 -0.65 -14.90 -0.69
C LEU B 27 0.26 -13.68 -0.52
N ILE B 28 1.54 -13.86 -0.78
CA ILE B 28 2.51 -12.76 -0.65
C ILE B 28 3.23 -12.53 -1.97
N ALA B 29 3.60 -11.28 -2.21
CA ALA B 29 4.31 -10.91 -3.43
C ALA B 29 5.68 -10.32 -3.12
N TYR B 30 6.73 -10.96 -3.62
CA TYR B 30 8.10 -10.51 -3.39
C TYR B 30 8.91 -10.54 -4.68
N LYS B 31 9.55 -9.42 -5.00
CA LYS B 31 10.36 -9.32 -6.20
C LYS B 31 11.34 -8.15 -6.11
N PRO B 32 12.51 -8.29 -6.75
CA PRO B 32 13.54 -7.26 -6.75
C PRO B 32 13.14 -6.04 -7.56
N ALA B 33 13.41 -6.07 -8.87
CA ALA B 33 13.08 -4.97 -9.74
C ALA B 33 11.69 -5.13 -10.33
N PRO B 34 11.11 -4.03 -10.83
CA PRO B 34 9.77 -4.02 -11.43
C PRO B 34 9.73 -4.78 -12.77
N GLY B 35 8.89 -5.81 -12.83
CA GLY B 35 8.78 -6.59 -14.06
C GLY B 35 9.82 -7.68 -14.15
N THR B 36 10.25 -8.17 -12.99
CA THR B 36 11.25 -9.24 -12.94
C THR B 36 10.72 -10.45 -12.17
N CYS B 37 11.60 -11.41 -11.93
CA CYS B 37 11.22 -12.62 -11.21
C CYS B 37 10.47 -12.29 -9.92
N CYS B 38 9.51 -13.12 -9.57
CA CYS B 38 8.72 -12.91 -8.36
C CYS B 38 8.68 -14.17 -7.50
N TYR B 39 8.25 -14.03 -6.26
CA TYR B 39 8.18 -15.16 -5.34
C TYR B 39 6.92 -15.07 -4.47
N ILE B 40 6.26 -16.21 -4.28
CA ILE B 40 5.06 -16.26 -3.47
C ILE B 40 5.29 -17.04 -2.18
N MET B 41 4.74 -16.54 -1.08
CA MET B 41 4.89 -17.19 0.21
C MET B 41 3.54 -17.42 0.87
N LYS B 42 3.44 -18.47 1.68
CA LYS B 42 2.20 -18.79 2.36
C LYS B 42 2.22 -18.30 3.80
N ILE B 43 1.20 -17.52 4.18
CA ILE B 43 1.12 -16.98 5.52
C ILE B 43 -0.07 -17.57 6.28
N ALA B 44 -0.21 -17.20 7.55
CA ALA B 44 -1.31 -17.70 8.38
C ALA B 44 -2.21 -16.56 8.83
N PRO B 45 -3.49 -16.88 9.09
CA PRO B 45 -4.46 -15.89 9.55
C PRO B 45 -4.19 -15.41 10.97
N GLU B 46 -3.79 -16.33 11.83
CA GLU B 46 -3.49 -15.99 13.22
C GLU B 46 -2.03 -15.59 13.38
N SER B 47 -1.19 -16.05 12.46
CA SER B 47 0.24 -15.74 12.51
C SER B 47 0.68 -15.02 11.24
N ILE B 48 0.28 -13.75 11.12
CA ILE B 48 0.63 -12.95 9.96
C ILE B 48 2.04 -12.39 10.08
N PRO B 49 2.86 -12.61 9.03
CA PRO B 49 4.25 -12.14 8.99
C PRO B 49 4.34 -10.62 8.88
N SER B 50 4.23 -9.94 10.01
CA SER B 50 4.30 -8.48 10.04
C SER B 50 5.51 -7.98 9.25
N LEU B 51 5.53 -6.69 8.96
CA LEU B 51 6.63 -6.08 8.22
C LEU B 51 7.97 -6.44 8.84
N GLU B 52 8.01 -6.48 10.18
CA GLU B 52 9.23 -6.81 10.89
C GLU B 52 9.68 -8.23 10.58
N ALA B 53 8.72 -9.11 10.33
CA ALA B 53 9.01 -10.50 10.01
C ALA B 53 9.59 -10.63 8.61
N LEU B 54 8.96 -9.97 7.64
CA LEU B 54 9.40 -10.01 6.26
C LEU B 54 10.87 -9.62 6.15
N THR B 55 11.20 -8.44 6.68
CA THR B 55 12.57 -7.95 6.64
C THR B 55 13.53 -8.93 7.30
N ARG B 56 13.02 -9.69 8.28
CA ARG B 56 13.83 -10.67 8.98
C ARG B 56 14.33 -11.75 8.03
N LYS B 57 13.41 -12.37 7.32
CA LYS B 57 13.76 -13.43 6.37
C LYS B 57 14.36 -12.85 5.10
N VAL B 58 13.97 -11.62 4.77
CA VAL B 58 14.48 -10.94 3.58
C VAL B 58 15.91 -10.48 3.78
N HIS B 59 16.27 -10.19 5.03
CA HIS B 59 17.61 -9.74 5.37
C HIS B 59 18.66 -10.77 4.92
N ASN B 60 18.27 -12.04 4.96
CA ASN B 60 19.17 -13.12 4.58
C ASN B 60 19.50 -13.05 3.09
N PHE B 61 18.62 -12.40 2.33
CA PHE B 61 18.83 -12.25 0.89
C PHE B 61 19.10 -13.61 0.24
N GLN B 62 18.46 -14.65 0.77
CA GLN B 62 18.63 -16.00 0.25
C GLN B 62 18.11 -16.10 -1.19
N MET B 63 17.07 -15.32 -1.49
CA MET B 63 16.48 -15.32 -2.81
C MET B 63 17.35 -14.55 -3.80
N GLU B 64 17.22 -13.22 -3.79
CA GLU B 64 18.00 -12.38 -4.69
C GLU B 64 17.94 -12.90 -6.12
N CYS B 65 16.80 -13.47 -6.48
CA CYS B 65 16.61 -14.02 -7.82
C CYS B 65 17.78 -14.93 -8.22
N SER B 66 18.35 -15.60 -7.23
CA SER B 66 19.47 -16.50 -7.46
C SER B 66 19.17 -17.90 -6.92
N LEU B 67 18.42 -17.95 -5.84
CA LEU B 67 18.07 -19.23 -5.22
C LEU B 67 19.29 -19.92 -4.64
N GLN B 68 19.55 -19.67 -3.35
CA GLN B 68 20.69 -20.26 -2.68
C GLN B 68 20.77 -21.77 -2.95
N ALA B 69 19.61 -22.39 -3.10
CA ALA B 69 19.54 -23.82 -3.37
C ALA B 69 18.94 -24.10 -4.75
N LYS B 70 19.80 -24.51 -5.68
CA LYS B 70 19.36 -24.80 -7.03
C LYS B 70 17.86 -25.09 -7.07
N PRO B 71 17.45 -26.20 -6.43
CA PRO B 71 16.04 -26.60 -6.38
C PRO B 71 15.20 -25.67 -5.51
N ALA B 72 14.18 -25.07 -6.11
CA ALA B 72 13.30 -24.16 -5.40
C ALA B 72 12.95 -24.71 -4.02
N VAL B 73 12.82 -26.02 -3.92
CA VAL B 73 12.49 -26.68 -2.66
C VAL B 73 13.61 -27.61 -2.20
N PRO B 74 14.60 -27.03 -1.49
CA PRO B 74 15.75 -27.79 -1.00
C PRO B 74 15.36 -28.75 0.13
N THR B 75 15.19 -30.02 -0.21
CA THR B 75 14.82 -31.02 0.77
C THR B 75 13.67 -30.55 1.65
N SER B 76 12.55 -30.19 1.02
CA SER B 76 11.39 -29.72 1.75
C SER B 76 10.09 -30.27 1.15
N LYS B 77 9.86 -31.56 1.35
CA LYS B 77 8.67 -32.20 0.83
C LYS B 77 8.71 -32.26 -0.70
N LEU B 78 9.74 -32.91 -1.23
CA LEU B 78 9.90 -33.04 -2.68
C LEU B 78 8.81 -33.92 -3.26
N GLY B 79 8.67 -33.88 -4.59
CA GLY B 79 7.66 -34.69 -5.24
C GLY B 79 8.26 -35.90 -5.94
N GLN B 80 8.99 -35.66 -7.02
CA GLN B 80 9.62 -36.73 -7.77
C GLN B 80 10.77 -36.20 -8.63
N ALA B 81 11.88 -36.93 -8.63
CA ALA B 81 13.05 -36.55 -9.40
C ALA B 81 13.69 -35.28 -8.83
N GLU B 82 13.09 -34.13 -9.15
CA GLU B 82 13.60 -32.86 -8.67
C GLU B 82 12.48 -32.01 -8.06
N GLY B 83 12.77 -30.75 -7.81
CA GLY B 83 11.78 -29.85 -7.23
C GLY B 83 11.39 -28.74 -8.17
N ARG B 84 11.08 -27.57 -7.61
CA ARG B 84 10.69 -26.41 -8.41
C ARG B 84 9.32 -26.62 -9.02
N ASP B 85 9.24 -27.45 -10.05
CA ASP B 85 7.99 -27.74 -10.72
C ASP B 85 7.42 -29.08 -10.27
N ALA B 86 8.10 -29.72 -9.32
CA ALA B 86 7.66 -31.00 -8.79
C ALA B 86 7.62 -30.98 -7.26
N GLY B 87 8.51 -30.21 -6.66
CA GLY B 87 8.55 -30.11 -5.22
C GLY B 87 8.02 -28.80 -4.70
N SER B 88 8.22 -27.73 -5.47
CA SER B 88 7.76 -26.41 -5.08
C SER B 88 6.63 -25.92 -6.00
N ALA B 89 5.96 -26.88 -6.64
CA ALA B 89 4.87 -26.56 -7.56
C ALA B 89 4.25 -27.82 -8.13
N PRO B 90 3.32 -28.43 -7.37
CA PRO B 90 2.64 -29.65 -7.79
C PRO B 90 1.67 -29.41 -8.94
N SER B 91 2.19 -29.39 -10.15
CA SER B 91 1.38 -29.17 -11.35
C SER B 91 0.75 -27.78 -11.32
N GLY B 92 -0.22 -27.55 -12.19
CA GLY B 92 -0.88 -26.26 -12.25
C GLY B 92 -1.51 -25.88 -10.93
N GLY B 93 -1.70 -26.85 -10.06
CA GLY B 93 -2.29 -26.58 -8.76
C GLY B 93 -1.43 -25.67 -7.90
N ASP B 94 -0.20 -25.46 -8.33
CA ASP B 94 0.73 -24.61 -7.59
C ASP B 94 0.11 -23.24 -7.32
N PRO B 95 0.40 -22.69 -6.14
CA PRO B 95 -0.12 -21.37 -5.73
C PRO B 95 0.49 -20.23 -6.53
N ALA B 96 0.62 -20.43 -7.84
CA ALA B 96 1.18 -19.42 -8.71
C ALA B 96 0.08 -18.68 -9.47
N PHE B 97 -1.07 -19.33 -9.63
CA PHE B 97 -2.19 -18.74 -10.35
C PHE B 97 -3.45 -18.72 -9.47
N LEU B 98 -3.27 -18.28 -8.22
CA LEU B 98 -4.39 -18.21 -7.28
C LEU B 98 -4.42 -16.86 -6.57
N GLY B 99 -3.80 -15.86 -7.19
CA GLY B 99 -3.77 -14.53 -6.60
C GLY B 99 -3.83 -13.43 -7.65
N MET B 100 -4.86 -12.59 -7.55
CA MET B 100 -5.03 -11.50 -8.50
C MET B 100 -4.03 -10.38 -8.21
N ALA B 101 -4.03 -9.89 -6.98
CA ALA B 101 -3.12 -8.81 -6.58
C ALA B 101 -1.67 -9.19 -6.86
N VAL B 102 -1.24 -10.31 -6.27
CA VAL B 102 0.13 -10.78 -6.46
C VAL B 102 0.47 -10.93 -7.93
N SER B 103 -0.50 -11.41 -8.71
CA SER B 103 -0.31 -11.61 -10.14
C SER B 103 0.06 -10.29 -10.83
N THR B 104 -0.47 -9.19 -10.31
CA THR B 104 -0.20 -7.87 -10.87
C THR B 104 1.20 -7.39 -10.50
N LEU B 105 1.50 -7.41 -9.21
CA LEU B 105 2.81 -6.98 -8.73
C LEU B 105 3.92 -7.75 -9.42
N CYS B 106 3.79 -9.07 -9.47
CA CYS B 106 4.78 -9.92 -10.10
C CYS B 106 4.79 -9.71 -11.63
N GLY B 107 3.66 -9.28 -12.16
CA GLY B 107 3.56 -9.04 -13.59
C GLY B 107 3.31 -10.32 -14.37
N GLU B 108 2.41 -11.16 -13.86
CA GLU B 108 2.09 -12.42 -14.51
C GLU B 108 3.36 -13.21 -14.84
N VAL B 109 4.30 -13.22 -13.89
CA VAL B 109 5.55 -13.93 -14.06
C VAL B 109 5.58 -15.20 -13.23
N PRO B 110 6.36 -16.19 -13.68
CA PRO B 110 6.50 -17.47 -12.98
C PRO B 110 7.26 -17.35 -11.67
N LEU B 111 6.58 -17.64 -10.57
CA LEU B 111 7.19 -17.56 -9.25
C LEU B 111 7.34 -18.95 -8.63
N TYR B 112 8.34 -19.11 -7.78
CA TYR B 112 8.61 -20.39 -7.12
C TYR B 112 8.69 -20.21 -5.60
N TYR B 113 8.19 -21.20 -4.88
CA TYR B 113 8.20 -21.17 -3.43
C TYR B 113 9.62 -20.94 -2.90
N ILE B 114 9.74 -20.15 -1.84
CA ILE B 114 11.03 -19.85 -1.24
C ILE B 114 11.16 -20.50 0.14
N GLY C 1 -13.58 12.66 1.95
CA GLY C 1 -14.21 13.96 1.85
C GLY C 1 -15.62 13.97 2.42
N SER C 2 -16.40 12.97 2.06
CA SER C 2 -17.78 12.87 2.53
C SER C 2 -18.44 11.58 2.04
N GLU C 3 -17.66 10.50 2.01
CA GLU C 3 -18.15 9.21 1.56
C GLU C 3 -17.41 8.07 2.26
N HIS C 4 -17.74 6.84 1.88
CA HIS C 4 -17.09 5.67 2.47
C HIS C 4 -17.26 4.45 1.56
N LEU C 5 -16.44 4.39 0.51
CA LEU C 5 -16.50 3.28 -0.44
C LEU C 5 -15.23 3.22 -1.28
N VAL C 6 -14.10 3.55 -0.66
CA VAL C 6 -12.81 3.53 -1.35
C VAL C 6 -12.67 2.28 -2.22
N THR C 7 -12.43 1.14 -1.58
CA THR C 7 -12.28 -0.11 -2.29
C THR C 7 -11.27 0.01 -3.43
N THR C 8 -9.99 -0.14 -3.10
CA THR C 8 -8.93 -0.04 -4.09
C THR C 8 -7.61 -0.60 -3.55
N ALA C 9 -6.63 -0.75 -4.43
CA ALA C 9 -5.34 -1.28 -4.04
C ALA C 9 -4.26 -0.20 -4.14
N THR C 10 -3.43 -0.10 -3.10
CA THR C 10 -2.37 0.88 -3.06
C THR C 10 -1.02 0.26 -3.44
N PHE C 11 -0.22 1.00 -4.18
CA PHE C 11 1.09 0.52 -4.61
C PHE C 11 2.07 1.69 -4.79
N SER C 12 3.33 1.35 -5.03
CA SER C 12 4.36 2.37 -5.21
C SER C 12 5.19 2.08 -6.47
N ILE C 13 5.86 3.11 -6.97
CA ILE C 13 6.68 2.98 -8.17
C ILE C 13 8.17 3.18 -7.85
N GLY C 14 8.99 2.24 -8.27
CA GLY C 14 10.42 2.35 -8.02
C GLY C 14 10.74 2.57 -6.56
N SER C 15 11.61 3.54 -6.28
CA SER C 15 12.00 3.85 -4.91
C SER C 15 12.02 5.36 -4.68
N THR C 16 11.05 6.05 -5.26
CA THR C 16 10.95 7.50 -5.13
C THR C 16 9.51 7.98 -5.29
N GLY C 17 8.80 7.38 -6.25
CA GLY C 17 7.42 7.76 -6.48
C GLY C 17 6.45 6.75 -5.94
N LEU C 18 5.15 7.09 -5.99
CA LEU C 18 4.11 6.20 -5.49
C LEU C 18 2.85 6.33 -6.33
N VAL C 19 2.27 5.18 -6.68
CA VAL C 19 1.05 5.16 -7.49
C VAL C 19 0.13 4.01 -7.06
N VAL C 20 -1.11 4.35 -6.74
CA VAL C 20 -2.09 3.34 -6.34
C VAL C 20 -2.99 2.94 -7.49
N TYR C 21 -3.41 1.68 -7.49
CA TYR C 21 -4.27 1.16 -8.55
C TYR C 21 -5.68 0.93 -8.03
N ASP C 22 -6.52 0.32 -8.87
CA ASP C 22 -7.90 0.04 -8.48
C ASP C 22 -8.41 -1.22 -9.19
N TYR C 23 -9.05 -2.09 -8.43
CA TYR C 23 -9.59 -3.34 -8.98
C TYR C 23 -11.11 -3.29 -9.06
N GLN C 24 -11.64 -2.12 -9.36
CA GLN C 24 -13.08 -1.94 -9.46
C GLN C 24 -13.43 -0.61 -10.13
N GLN C 25 -12.98 0.48 -9.52
CA GLN C 25 -13.24 1.82 -10.06
C GLN C 25 -12.34 2.10 -11.26
N LEU C 26 -11.21 1.40 -11.33
CA LEU C 26 -10.28 1.57 -12.43
C LEU C 26 -9.65 2.97 -12.39
N LEU C 27 -9.46 3.49 -11.19
CA LEU C 27 -8.86 4.80 -11.01
C LEU C 27 -7.43 4.71 -10.50
N ILE C 28 -6.56 5.57 -11.01
CA ILE C 28 -5.16 5.57 -10.59
C ILE C 28 -4.76 6.94 -10.04
N ALA C 29 -3.84 6.93 -9.08
CA ALA C 29 -3.36 8.16 -8.46
C ALA C 29 -1.87 8.35 -8.69
N TYR C 30 -1.50 9.45 -9.34
CA TYR C 30 -0.10 9.75 -9.62
C TYR C 30 0.21 11.20 -9.33
N LYS C 31 1.26 11.43 -8.53
CA LYS C 31 1.68 12.78 -8.18
C LYS C 31 3.13 12.79 -7.70
N PRO C 32 3.82 13.92 -7.95
CA PRO C 32 5.22 14.08 -7.55
C PRO C 32 5.39 14.20 -6.04
N ALA C 33 5.27 15.42 -5.54
CA ALA C 33 5.41 15.66 -4.10
C ALA C 33 4.07 15.57 -3.40
N PRO C 34 4.10 15.39 -2.07
CA PRO C 34 2.88 15.28 -1.26
C PRO C 34 2.13 16.60 -1.16
N GLY C 35 0.87 16.58 -1.60
CA GLY C 35 0.05 17.78 -1.56
C GLY C 35 0.25 18.66 -2.77
N THR C 36 0.61 18.05 -3.89
CA THR C 36 0.83 18.78 -5.13
C THR C 36 -0.08 18.27 -6.24
N CYS C 37 0.15 18.76 -7.46
CA CYS C 37 -0.66 18.36 -8.61
C CYS C 37 -0.75 16.84 -8.69
N CYS C 38 -1.91 16.35 -9.14
CA CYS C 38 -2.13 14.92 -9.27
C CYS C 38 -2.64 14.58 -10.67
N TYR C 39 -2.61 13.29 -11.00
CA TYR C 39 -3.07 12.83 -12.31
C TYR C 39 -3.80 11.50 -12.18
N ILE C 40 -4.91 11.38 -12.91
CA ILE C 40 -5.71 10.15 -12.89
C ILE C 40 -5.63 9.43 -14.23
N MET C 41 -5.54 8.10 -14.16
CA MET C 41 -5.46 7.29 -15.38
C MET C 41 -6.51 6.18 -15.35
N LYS C 42 -6.97 5.78 -16.53
CA LYS C 42 -7.97 4.73 -16.64
C LYS C 42 -7.33 3.39 -16.98
N ILE C 43 -7.63 2.37 -16.18
CA ILE C 43 -7.08 1.04 -16.39
C ILE C 43 -8.18 0.05 -16.77
N ALA C 44 -7.78 -1.18 -17.05
CA ALA C 44 -8.72 -2.23 -17.42
C ALA C 44 -8.71 -3.37 -16.42
N PRO C 45 -9.85 -4.07 -16.29
CA PRO C 45 -9.99 -5.20 -15.36
C PRO C 45 -9.18 -6.41 -15.79
N GLU C 46 -9.15 -6.67 -17.09
CA GLU C 46 -8.41 -7.80 -17.63
C GLU C 46 -6.97 -7.40 -17.96
N SER C 47 -6.76 -6.12 -18.20
CA SER C 47 -5.43 -5.61 -18.53
C SER C 47 -4.98 -4.55 -17.51
N ILE C 48 -4.64 -5.01 -16.31
CA ILE C 48 -4.19 -4.11 -15.25
C ILE C 48 -2.72 -3.73 -15.44
N PRO C 49 -2.45 -2.42 -15.44
CA PRO C 49 -1.09 -1.90 -15.59
C PRO C 49 -0.21 -2.19 -14.38
N SER C 50 0.36 -3.39 -14.33
CA SER C 50 1.22 -3.79 -13.23
C SER C 50 2.28 -2.74 -12.96
N LEU C 51 2.99 -2.88 -11.84
CA LEU C 51 4.03 -1.94 -11.46
C LEU C 51 5.01 -1.73 -12.62
N GLU C 52 5.26 -2.78 -13.38
CA GLU C 52 6.17 -2.70 -14.51
C GLU C 52 5.64 -1.73 -15.57
N ALA C 53 4.32 -1.71 -15.74
CA ALA C 53 3.69 -0.83 -16.72
C ALA C 53 3.79 0.63 -16.28
N LEU C 54 3.45 0.89 -15.02
CA LEU C 54 3.50 2.25 -14.48
C LEU C 54 4.88 2.87 -14.69
N THR C 55 5.90 2.18 -14.21
CA THR C 55 7.28 2.65 -14.33
C THR C 55 7.67 2.84 -15.80
N ARG C 56 7.06 2.04 -16.68
CA ARG C 56 7.33 2.11 -18.10
C ARG C 56 6.93 3.47 -18.67
N LYS C 57 5.68 3.85 -18.43
CA LYS C 57 5.17 5.13 -18.91
C LYS C 57 5.68 6.28 -18.06
N VAL C 58 5.95 5.99 -16.79
CA VAL C 58 6.46 7.01 -15.86
C VAL C 58 7.91 7.34 -16.15
N HIS C 59 8.65 6.37 -16.70
CA HIS C 59 10.05 6.56 -17.02
C HIS C 59 10.22 7.72 -17.99
N ASN C 60 9.24 7.90 -18.87
CA ASN C 60 9.29 8.98 -19.86
C ASN C 60 9.22 10.34 -19.18
N PHE C 61 8.66 10.37 -17.97
CA PHE C 61 8.54 11.61 -17.22
C PHE C 61 7.85 12.68 -18.06
N GLN C 62 6.91 12.27 -18.90
CA GLN C 62 6.19 13.19 -19.75
C GLN C 62 5.37 14.18 -18.92
N MET C 63 4.89 13.72 -17.77
CA MET C 63 4.10 14.57 -16.89
C MET C 63 4.99 15.56 -16.14
N GLU C 64 5.62 15.10 -15.06
CA GLU C 64 6.49 15.95 -14.26
C GLU C 64 5.82 17.28 -13.94
N CYS C 65 4.51 17.24 -13.77
CA CYS C 65 3.74 18.45 -13.46
C CYS C 65 4.08 19.57 -14.44
N SER C 66 4.40 19.20 -15.68
CA SER C 66 4.75 20.18 -16.70
C SER C 66 3.88 20.02 -17.93
N LEU C 67 3.49 18.78 -18.22
CA LEU C 67 2.65 18.48 -19.37
C LEU C 67 3.38 18.76 -20.68
N GLN C 68 4.02 17.73 -21.21
CA GLN C 68 4.77 17.85 -22.46
C GLN C 68 3.94 18.58 -23.51
N ALA C 69 2.63 18.36 -23.47
CA ALA C 69 1.72 18.99 -24.42
C ALA C 69 0.77 19.95 -23.73
N LYS C 70 1.01 21.25 -23.92
CA LYS C 70 0.17 22.27 -23.31
C LYS C 70 -1.19 21.71 -22.93
N PRO C 71 -1.98 21.32 -23.95
CA PRO C 71 -3.32 20.75 -23.75
C PRO C 71 -3.27 19.36 -23.12
N ALA C 72 -3.90 19.22 -21.97
CA ALA C 72 -3.93 17.93 -21.27
C ALA C 72 -4.18 16.78 -22.24
N VAL C 73 -4.99 17.05 -23.26
CA VAL C 73 -5.32 16.05 -24.27
C VAL C 73 -4.82 16.45 -25.65
N PRO C 74 -3.55 16.15 -25.94
CA PRO C 74 -2.93 16.49 -27.22
C PRO C 74 -3.49 15.66 -28.37
N THR C 75 -4.41 16.25 -29.13
CA THR C 75 -5.04 15.57 -30.26
C THR C 75 -5.48 14.16 -29.88
N SER C 76 -6.33 14.07 -28.86
CA SER C 76 -6.82 12.78 -28.39
C SER C 76 -8.30 12.86 -28.02
N LYS C 77 -9.15 12.97 -29.03
CA LYS C 77 -10.59 13.06 -28.81
C LYS C 77 -10.96 14.37 -28.13
N LEU C 78 -10.60 15.48 -28.77
CA LEU C 78 -10.90 16.80 -28.21
C LEU C 78 -12.41 17.06 -28.20
N GLY C 79 -12.82 18.08 -27.45
CA GLY C 79 -14.22 18.41 -27.37
C GLY C 79 -14.57 19.64 -28.19
N GLN C 80 -14.10 20.80 -27.76
CA GLN C 80 -14.38 22.05 -28.46
C GLN C 80 -13.36 23.12 -28.08
N ALA C 81 -12.89 23.86 -29.08
CA ALA C 81 -11.91 24.92 -28.84
C ALA C 81 -10.57 24.35 -28.39
N GLU C 82 -10.49 23.99 -27.11
CA GLU C 82 -9.26 23.43 -26.55
C GLU C 82 -9.55 22.16 -25.75
N GLY C 83 -8.56 21.69 -25.01
CA GLY C 83 -8.73 20.49 -24.22
C GLY C 83 -8.64 20.76 -22.73
N ARG C 84 -8.11 19.80 -21.98
CA ARG C 84 -7.98 19.95 -20.53
C ARG C 84 -9.34 19.90 -19.85
N ASP C 85 -10.11 20.98 -19.97
CA ASP C 85 -11.43 21.06 -19.37
C ASP C 85 -12.51 20.81 -20.41
N ALA C 86 -12.09 20.52 -21.64
CA ALA C 86 -13.03 20.26 -22.73
C ALA C 86 -12.69 18.96 -23.45
N GLY C 87 -11.40 18.64 -23.49
CA GLY C 87 -10.97 17.42 -24.15
C GLY C 87 -10.55 16.34 -23.17
N SER C 88 -9.98 16.76 -22.04
CA SER C 88 -9.54 15.82 -21.02
C SER C 88 -10.39 15.94 -19.76
N ALA C 89 -11.60 16.46 -19.91
CA ALA C 89 -12.51 16.64 -18.79
C ALA C 89 -13.84 17.21 -19.25
N PRO C 90 -14.73 16.34 -19.74
CA PRO C 90 -16.06 16.75 -20.22
C PRO C 90 -16.97 17.20 -19.08
N SER C 91 -16.81 18.45 -18.66
CA SER C 91 -17.63 19.00 -17.58
C SER C 91 -17.36 18.26 -16.27
N GLY C 92 -18.24 18.48 -15.29
CA GLY C 92 -18.08 17.82 -14.00
C GLY C 92 -18.05 16.31 -14.12
N GLY C 93 -18.52 15.80 -15.25
CA GLY C 93 -18.54 14.36 -15.47
C GLY C 93 -17.16 13.77 -15.51
N ASP C 94 -16.15 14.63 -15.61
CA ASP C 94 -14.77 14.17 -15.67
C ASP C 94 -14.45 13.23 -14.50
N PRO C 95 -13.63 12.21 -14.77
CA PRO C 95 -13.23 11.23 -13.76
C PRO C 95 -12.31 11.81 -12.70
N ALA C 96 -12.64 13.01 -12.25
CA ALA C 96 -11.84 13.69 -11.23
C ALA C 96 -12.51 13.60 -9.86
N PHE C 97 -13.82 13.40 -9.86
CA PHE C 97 -14.57 13.28 -8.62
C PHE C 97 -15.35 11.97 -8.57
N LEU C 98 -14.66 10.88 -8.89
CA LEU C 98 -15.28 9.56 -8.88
C LEU C 98 -14.40 8.54 -8.17
N GLY C 99 -13.50 9.05 -7.32
CA GLY C 99 -12.60 8.17 -6.59
C GLY C 99 -12.30 8.68 -5.20
N MET C 100 -12.63 7.89 -4.18
CA MET C 100 -12.38 8.28 -2.79
C MET C 100 -10.89 8.16 -2.45
N ALA C 101 -10.34 6.97 -2.68
CA ALA C 101 -8.93 6.73 -2.40
C ALA C 101 -8.04 7.73 -3.13
N VAL C 102 -8.18 7.78 -4.45
CA VAL C 102 -7.38 8.69 -5.27
C VAL C 102 -7.54 10.14 -4.79
N SER C 103 -8.77 10.49 -4.40
CA SER C 103 -9.07 11.83 -3.93
C SER C 103 -8.21 12.19 -2.72
N THR C 104 -7.92 11.18 -1.91
CA THR C 104 -7.10 11.38 -0.71
C THR C 104 -5.64 11.57 -1.06
N LEU C 105 -5.09 10.64 -1.83
CA LEU C 105 -3.69 10.70 -2.24
C LEU C 105 -3.39 12.03 -2.93
N CYS C 106 -4.25 12.41 -3.87
CA CYS C 106 -4.08 13.66 -4.59
C CYS C 106 -4.32 14.87 -3.68
N GLY C 107 -5.11 14.66 -2.64
CA GLY C 107 -5.41 15.73 -1.70
C GLY C 107 -6.49 16.66 -2.22
N GLU C 108 -7.55 16.09 -2.77
CA GLU C 108 -8.65 16.88 -3.31
C GLU C 108 -8.14 17.96 -4.26
N VAL C 109 -7.18 17.59 -5.11
CA VAL C 109 -6.60 18.53 -6.05
C VAL C 109 -7.07 18.23 -7.47
N PRO C 110 -7.10 19.27 -8.32
CA PRO C 110 -7.53 19.15 -9.72
C PRO C 110 -6.53 18.36 -10.56
N LEU C 111 -6.97 17.21 -11.07
CA LEU C 111 -6.12 16.36 -11.90
C LEU C 111 -6.60 16.35 -13.34
N TYR C 112 -5.67 16.14 -14.27
CA TYR C 112 -6.00 16.11 -15.68
C TYR C 112 -5.49 14.82 -16.34
N TYR C 113 -6.25 14.29 -17.27
CA TYR C 113 -5.88 13.06 -17.97
C TYR C 113 -4.50 13.21 -18.60
N ILE C 114 -3.71 12.12 -18.55
CA ILE C 114 -2.38 12.13 -19.12
C ILE C 114 -2.30 11.22 -20.34
N GLY A 1 -1.29 -14.56 19.53
CA GLY A 1 -2.68 -14.25 19.24
C GLY A 1 -2.83 -13.19 18.17
N SER A 2 -3.89 -13.31 17.37
CA SER A 2 -4.14 -12.36 16.29
C SER A 2 -5.54 -12.55 15.72
N GLU A 3 -5.83 -11.83 14.64
CA GLU A 3 -7.14 -11.91 13.99
C GLU A 3 -6.99 -12.17 12.51
N HIS A 4 -8.10 -12.08 11.78
CA HIS A 4 -8.09 -12.31 10.34
C HIS A 4 -9.29 -11.62 9.67
N LEU A 5 -9.16 -10.32 9.43
CA LEU A 5 -10.22 -9.55 8.80
C LEU A 5 -9.76 -8.13 8.49
N VAL A 6 -8.52 -8.01 8.01
CA VAL A 6 -7.95 -6.71 7.67
C VAL A 6 -8.91 -5.91 6.78
N THR A 7 -8.70 -4.60 6.73
CA THR A 7 -9.53 -3.73 5.92
C THR A 7 -9.09 -2.27 6.04
N THR A 8 -7.86 -2.00 5.60
CA THR A 8 -7.31 -0.65 5.67
C THR A 8 -6.46 -0.34 4.44
N ALA A 9 -6.06 0.91 4.31
CA ALA A 9 -5.23 1.33 3.17
C ALA A 9 -3.80 1.62 3.62
N THR A 10 -2.84 1.09 2.86
CA THR A 10 -1.43 1.29 3.19
C THR A 10 -0.85 2.48 2.42
N PHE A 11 -0.17 3.37 3.13
CA PHE A 11 0.42 4.55 2.53
C PHE A 11 1.78 4.86 3.15
N SER A 12 2.48 5.83 2.58
CA SER A 12 3.79 6.22 3.09
C SER A 12 3.90 7.74 3.19
N ILE A 13 4.83 8.20 4.02
CA ILE A 13 5.03 9.63 4.23
C ILE A 13 6.27 10.11 3.48
N GLY A 14 6.10 11.15 2.68
CA GLY A 14 7.22 11.70 1.92
C GLY A 14 8.31 12.25 2.82
N SER A 15 9.33 11.45 3.07
CA SER A 15 10.44 11.87 3.93
C SER A 15 11.45 10.73 4.10
N THR A 16 10.97 9.59 4.59
CA THR A 16 11.83 8.43 4.81
C THR A 16 11.05 7.28 5.42
N GLY A 17 10.05 7.62 6.24
CA GLY A 17 9.24 6.60 6.89
C GLY A 17 8.00 6.26 6.10
N LEU A 18 7.12 5.47 6.71
CA LEU A 18 5.88 5.06 6.05
C LEU A 18 4.74 4.95 7.06
N VAL A 19 3.60 5.53 6.72
CA VAL A 19 2.43 5.49 7.60
C VAL A 19 1.17 5.13 6.82
N VAL A 20 0.40 4.19 7.34
CA VAL A 20 -0.83 3.76 6.70
C VAL A 20 -2.05 4.44 7.32
N TYR A 21 -3.00 4.84 6.48
CA TYR A 21 -4.20 5.50 6.94
C TYR A 21 -5.42 4.62 6.74
N ASP A 22 -5.93 4.05 7.84
CA ASP A 22 -7.09 3.18 7.79
C ASP A 22 -8.37 4.01 7.66
N TYR A 23 -9.25 3.56 6.76
CA TYR A 23 -10.52 4.26 6.54
C TYR A 23 -11.66 3.57 7.28
N GLN A 24 -11.44 2.32 7.67
CA GLN A 24 -12.45 1.55 8.39
C GLN A 24 -12.36 1.80 9.88
N GLN A 25 -11.33 1.23 10.51
CA GLN A 25 -11.13 1.39 11.95
C GLN A 25 -10.62 2.79 12.27
N LEU A 26 -10.18 3.51 11.24
CA LEU A 26 -9.66 4.86 11.42
C LEU A 26 -8.38 4.86 12.25
N LEU A 27 -7.67 3.74 12.22
CA LEU A 27 -6.42 3.60 12.97
C LEU A 27 -5.22 3.89 12.10
N ILE A 28 -4.24 4.59 12.65
CA ILE A 28 -3.04 4.94 11.92
C ILE A 28 -1.81 4.23 12.50
N ALA A 29 -0.93 3.76 11.62
CA ALA A 29 0.27 3.06 12.05
C ALA A 29 1.51 3.93 11.83
N TYR A 30 2.20 4.24 12.93
CA TYR A 30 3.40 5.06 12.87
C TYR A 30 4.55 4.41 13.63
N LYS A 31 5.69 4.26 12.97
CA LYS A 31 6.86 3.66 13.58
C LYS A 31 8.13 4.01 12.81
N PRO A 32 9.26 4.12 13.53
CA PRO A 32 10.55 4.45 12.92
C PRO A 32 11.09 3.31 12.06
N ALA A 33 11.82 2.39 12.70
CA ALA A 33 12.39 1.27 11.99
C ALA A 33 11.44 0.08 11.97
N PRO A 34 11.67 -0.87 11.06
CA PRO A 34 10.84 -2.07 10.92
C PRO A 34 10.99 -3.03 12.09
N GLY A 35 9.88 -3.37 12.73
CA GLY A 35 9.92 -4.27 13.86
C GLY A 35 10.30 -3.57 15.15
N THR A 36 10.01 -2.27 15.23
CA THR A 36 10.33 -1.49 16.42
C THR A 36 9.08 -0.85 17.00
N CYS A 37 9.28 0.04 17.96
CA CYS A 37 8.16 0.73 18.61
C CYS A 37 7.15 1.21 17.58
N CYS A 38 5.86 1.15 17.94
CA CYS A 38 4.79 1.58 17.04
C CYS A 38 3.89 2.59 17.74
N TYR A 39 2.98 3.18 16.98
CA TYR A 39 2.05 4.16 17.51
C TYR A 39 0.69 4.07 16.81
N ILE A 40 -0.36 4.40 17.54
CA ILE A 40 -1.71 4.36 16.99
C ILE A 40 -2.39 5.72 17.09
N MET A 41 -3.11 6.10 16.03
CA MET A 41 -3.81 7.38 16.00
C MET A 41 -5.18 7.24 15.35
N LYS A 42 -6.12 8.08 15.77
CA LYS A 42 -7.47 8.04 15.23
C LYS A 42 -7.67 9.11 14.17
N ILE A 43 -8.61 8.88 13.26
CA ILE A 43 -8.89 9.84 12.20
C ILE A 43 -10.39 9.92 11.91
N ALA A 44 -10.76 10.75 10.95
CA ALA A 44 -12.16 10.92 10.58
C ALA A 44 -12.40 10.48 9.14
N PRO A 45 -13.63 10.01 8.86
CA PRO A 45 -14.01 9.55 7.53
C PRO A 45 -14.11 10.70 6.52
N GLU A 46 -14.62 11.83 6.97
CA GLU A 46 -14.76 13.01 6.11
C GLU A 46 -13.49 13.84 6.12
N SER A 47 -12.72 13.73 7.20
CA SER A 47 -11.48 14.48 7.34
C SER A 47 -10.29 13.54 7.52
N ILE A 48 -9.93 12.85 6.45
CA ILE A 48 -8.80 11.92 6.49
C ILE A 48 -7.47 12.66 6.38
N PRO A 49 -6.68 12.59 7.46
CA PRO A 49 -5.37 13.25 7.51
C PRO A 49 -4.34 12.58 6.60
N SER A 50 -4.40 12.90 5.31
CA SER A 50 -3.49 12.34 4.34
C SER A 50 -2.04 12.57 4.75
N LEU A 51 -1.10 12.06 3.95
CA LEU A 51 0.32 12.21 4.22
C LEU A 51 0.64 13.65 4.60
N GLU A 52 -0.07 14.60 3.98
CA GLU A 52 0.15 16.02 4.26
C GLU A 52 0.01 16.30 5.76
N ALA A 53 -1.02 15.74 6.37
CA ALA A 53 -1.28 15.94 7.79
C ALA A 53 -0.30 15.13 8.63
N LEU A 54 -0.13 13.85 8.28
CA LEU A 54 0.77 12.97 9.01
C LEU A 54 2.17 13.58 9.09
N THR A 55 2.74 13.92 7.94
CA THR A 55 4.07 14.50 7.88
C THR A 55 4.12 15.83 8.63
N ARG A 56 2.99 16.52 8.67
CA ARG A 56 2.91 17.80 9.36
C ARG A 56 3.17 17.64 10.86
N LYS A 57 2.41 16.75 11.49
CA LYS A 57 2.55 16.49 12.91
C LYS A 57 3.78 15.63 13.20
N VAL A 58 4.12 14.77 12.23
CA VAL A 58 5.28 13.89 12.38
C VAL A 58 6.59 14.68 12.25
N HIS A 59 6.55 15.76 11.49
CA HIS A 59 7.72 16.60 11.29
C HIS A 59 8.25 17.12 12.62
N ASN A 60 7.34 17.40 13.55
CA ASN A 60 7.70 17.91 14.86
C ASN A 60 8.48 16.85 15.65
N PHE A 61 8.29 15.59 15.29
CA PHE A 61 8.97 14.50 15.97
C PHE A 61 8.63 14.47 17.45
N GLN A 62 7.68 13.62 17.82
CA GLN A 62 7.25 13.51 19.22
C GLN A 62 7.03 12.05 19.59
N MET A 63 7.86 11.17 19.05
CA MET A 63 7.75 9.74 19.33
C MET A 63 9.07 9.18 19.85
N GLU A 64 9.92 8.74 18.91
CA GLU A 64 11.21 8.18 19.27
C GLU A 64 11.08 7.19 20.42
N CYS A 65 10.31 6.13 20.19
CA CYS A 65 10.10 5.11 21.21
C CYS A 65 9.71 5.73 22.54
N SER A 66 9.02 6.86 22.47
CA SER A 66 8.59 7.56 23.67
C SER A 66 7.25 8.27 23.44
N LEU A 67 6.89 9.16 24.36
CA LEU A 67 5.64 9.91 24.25
C LEU A 67 5.75 11.26 24.96
N GLN A 68 5.84 12.32 24.16
CA GLN A 68 5.95 13.68 24.71
C GLN A 68 4.87 13.93 25.75
N ALA A 69 5.01 15.02 26.50
CA ALA A 69 4.04 15.39 27.53
C ALA A 69 4.08 14.39 28.67
N LYS A 70 4.24 14.89 29.90
CA LYS A 70 4.28 14.04 31.08
C LYS A 70 3.13 13.04 31.07
N PRO A 71 1.89 13.56 31.09
CA PRO A 71 0.69 12.73 31.09
C PRO A 71 0.47 12.02 29.76
N ALA A 72 1.35 12.31 28.80
CA ALA A 72 1.25 11.69 27.49
C ALA A 72 0.21 12.40 26.62
N VAL A 73 -0.59 13.27 27.25
CA VAL A 73 -1.61 14.02 26.53
C VAL A 73 -1.38 15.52 26.66
N PRO A 74 -0.54 16.06 25.77
CA PRO A 74 -0.22 17.49 25.75
C PRO A 74 -1.39 18.35 25.31
N THR A 75 -2.21 18.77 26.26
CA THR A 75 -3.37 19.60 25.96
C THR A 75 -4.16 19.03 24.79
N SER A 76 -4.69 17.82 24.96
CA SER A 76 -5.47 17.18 23.91
C SER A 76 -6.81 16.69 24.44
N LYS A 77 -6.80 16.19 25.67
CA LYS A 77 -8.02 15.69 26.31
C LYS A 77 -7.74 15.22 27.72
N LEU A 78 -7.09 16.07 28.51
CA LEU A 78 -6.76 15.74 29.90
C LEU A 78 -7.99 15.22 30.63
N GLY A 79 -7.76 14.48 31.72
CA GLY A 79 -8.86 13.94 32.49
C GLY A 79 -8.93 14.54 33.89
N GLN A 80 -8.54 13.76 34.89
CA GLN A 80 -8.57 14.21 36.27
C GLN A 80 -7.17 14.14 36.90
N ALA A 81 -6.75 12.93 37.23
CA ALA A 81 -5.44 12.72 37.83
C ALA A 81 -4.32 12.89 36.80
N GLU A 82 -4.14 11.88 35.96
CA GLU A 82 -3.11 11.91 34.93
C GLU A 82 -3.66 11.41 33.59
N GLY A 83 -2.76 11.20 32.64
CA GLY A 83 -3.16 10.72 31.33
C GLY A 83 -2.73 9.28 31.08
N ARG A 84 -2.36 8.99 29.83
CA ARG A 84 -1.93 7.65 29.47
C ARG A 84 -3.09 6.67 29.51
N ASP A 85 -3.51 6.30 30.72
CA ASP A 85 -4.62 5.36 30.88
C ASP A 85 -5.90 6.11 31.22
N ALA A 86 -5.83 7.43 31.24
CA ALA A 86 -6.99 8.27 31.56
C ALA A 86 -7.16 9.37 30.51
N GLY A 87 -6.06 9.83 29.95
CA GLY A 87 -6.12 10.88 28.94
C GLY A 87 -5.82 10.37 27.55
N SER A 88 -4.94 9.38 27.46
CA SER A 88 -4.57 8.80 26.18
C SER A 88 -5.08 7.37 26.06
N ALA A 89 -6.18 7.07 26.75
CA ALA A 89 -6.78 5.75 26.72
C ALA A 89 -8.07 5.70 27.52
N PRO A 90 -9.17 6.18 26.91
CA PRO A 90 -10.49 6.20 27.55
C PRO A 90 -11.06 4.80 27.75
N SER A 91 -10.61 4.11 28.78
CA SER A 91 -11.07 2.76 29.07
C SER A 91 -10.71 1.80 27.94
N GLY A 92 -11.32 0.62 27.96
CA GLY A 92 -11.06 -0.37 26.93
C GLY A 92 -11.27 0.17 25.53
N GLY A 93 -12.05 1.25 25.43
CA GLY A 93 -12.33 1.84 24.14
C GLY A 93 -11.08 2.37 23.45
N ASP A 94 -9.99 2.45 24.21
CA ASP A 94 -8.72 2.95 23.67
C ASP A 94 -8.35 2.19 22.40
N PRO A 95 -7.73 2.90 21.45
CA PRO A 95 -7.30 2.32 20.17
C PRO A 95 -6.14 1.35 20.34
N ALA A 96 -6.23 0.50 21.36
CA ALA A 96 -5.19 -0.48 21.62
C ALA A 96 -5.69 -1.89 21.36
N PHE A 97 -7.00 -2.05 21.35
CA PHE A 97 -7.61 -3.37 21.11
C PHE A 97 -8.21 -3.43 19.71
N LEU A 98 -7.61 -2.71 18.78
CA LEU A 98 -8.09 -2.69 17.39
C LEU A 98 -6.93 -2.52 16.42
N GLY A 99 -7.22 -2.71 15.13
CA GLY A 99 -6.19 -2.56 14.12
C GLY A 99 -5.52 -3.88 13.78
N MET A 100 -6.04 -4.57 12.77
CA MET A 100 -5.49 -5.85 12.36
C MET A 100 -4.19 -5.65 11.56
N ALA A 101 -4.26 -4.83 10.51
CA ALA A 101 -3.11 -4.56 9.68
C ALA A 101 -1.97 -3.95 10.50
N VAL A 102 -2.25 -2.85 11.18
CA VAL A 102 -1.26 -2.18 12.00
C VAL A 102 -0.59 -3.15 12.97
N SER A 103 -1.40 -4.00 13.60
CA SER A 103 -0.88 -4.99 14.55
C SER A 103 0.22 -5.83 13.91
N THR A 104 0.11 -6.03 12.61
CA THR A 104 1.10 -6.82 11.87
C THR A 104 2.35 -6.01 11.57
N LEU A 105 2.15 -4.81 11.01
CA LEU A 105 3.27 -3.94 10.68
C LEU A 105 4.11 -3.62 11.91
N CYS A 106 3.43 -3.32 13.01
CA CYS A 106 4.11 -3.00 14.27
C CYS A 106 4.83 -4.21 14.82
N GLY A 107 4.35 -5.40 14.46
CA GLY A 107 4.96 -6.63 14.92
C GLY A 107 4.56 -6.98 16.34
N GLU A 108 3.28 -6.82 16.64
CA GLU A 108 2.77 -7.12 17.98
C GLU A 108 3.63 -6.45 19.04
N VAL A 109 4.19 -5.29 18.71
CA VAL A 109 5.03 -4.55 19.65
C VAL A 109 4.20 -3.57 20.46
N PRO A 110 4.71 -3.22 21.65
CA PRO A 110 4.04 -2.27 22.55
C PRO A 110 4.06 -0.84 22.02
N LEU A 111 2.96 -0.42 21.42
CA LEU A 111 2.85 0.92 20.88
C LEU A 111 2.36 1.91 21.93
N TYR A 112 2.73 3.17 21.77
CA TYR A 112 2.33 4.22 22.71
C TYR A 112 1.37 5.21 22.06
N TYR A 113 0.59 5.89 22.88
CA TYR A 113 -0.37 6.87 22.38
C TYR A 113 0.26 8.25 22.27
N ILE A 114 -0.03 8.95 21.18
CA ILE A 114 0.50 10.29 20.96
C ILE A 114 -0.59 11.35 21.09
N GLY B 1 -4.42 -12.27 -20.54
CA GLY B 1 -5.43 -12.78 -19.65
C GLY B 1 -5.22 -12.35 -18.21
N SER B 2 -6.32 -12.13 -17.49
CA SER B 2 -6.25 -11.70 -16.10
C SER B 2 -7.62 -11.80 -15.43
N GLU B 3 -7.70 -11.28 -14.21
CA GLU B 3 -8.96 -11.31 -13.46
C GLU B 3 -9.34 -9.91 -12.98
N HIS B 4 -10.35 -9.84 -12.12
CA HIS B 4 -10.82 -8.56 -11.59
C HIS B 4 -11.54 -8.76 -10.26
N LEU B 5 -10.77 -8.91 -9.19
CA LEU B 5 -11.35 -9.11 -7.86
C LEU B 5 -10.26 -9.08 -6.79
N VAL B 6 -9.35 -8.13 -6.90
CA VAL B 6 -8.25 -7.99 -5.94
C VAL B 6 -8.78 -7.96 -4.51
N THR B 7 -7.90 -8.22 -3.55
CA THR B 7 -8.28 -8.23 -2.14
C THR B 7 -7.08 -8.55 -1.25
N THR B 8 -6.05 -7.70 -1.33
CA THR B 8 -4.85 -7.90 -0.53
C THR B 8 -4.30 -6.57 -0.02
N ALA B 9 -3.31 -6.64 0.86
CA ALA B 9 -2.71 -5.44 1.43
C ALA B 9 -1.29 -5.25 0.89
N THR B 10 -0.99 -4.01 0.48
CA THR B 10 0.33 -3.70 -0.05
C THR B 10 1.25 -3.16 1.04
N PHE B 11 2.45 -3.74 1.14
CA PHE B 11 3.42 -3.32 2.14
C PHE B 11 4.83 -3.33 1.56
N SER B 12 5.78 -2.81 2.34
CA SER B 12 7.17 -2.75 1.90
C SER B 12 8.10 -3.25 3.01
N ILE B 13 9.32 -3.63 2.62
CA ILE B 13 10.30 -4.13 3.58
C ILE B 13 11.38 -3.09 3.83
N GLY B 14 11.65 -2.83 5.11
CA GLY B 14 12.67 -1.86 5.47
C GLY B 14 14.05 -2.25 4.97
N SER B 15 14.40 -1.74 3.80
CA SER B 15 15.70 -2.03 3.20
C SER B 15 15.84 -1.36 1.83
N THR B 16 14.93 -1.70 0.92
CA THR B 16 14.96 -1.13 -0.42
C THR B 16 13.88 -1.75 -1.30
N GLY B 17 13.56 -3.01 -1.04
CA GLY B 17 12.55 -3.70 -1.82
C GLY B 17 11.15 -3.49 -1.25
N LEU B 18 10.17 -4.18 -1.84
CA LEU B 18 8.79 -4.06 -1.39
C LEU B 18 8.08 -5.41 -1.47
N VAL B 19 7.37 -5.77 -0.42
CA VAL B 19 6.64 -7.03 -0.37
C VAL B 19 5.24 -6.84 0.21
N VAL B 20 4.23 -7.34 -0.51
CA VAL B 20 2.85 -7.22 -0.07
C VAL B 20 2.39 -8.48 0.65
N TYR B 21 1.65 -8.30 1.74
CA TYR B 21 1.15 -9.44 2.51
C TYR B 21 -0.36 -9.56 2.38
N ASP B 22 -0.81 -10.53 1.59
CA ASP B 22 -2.22 -10.76 1.38
C ASP B 22 -2.84 -11.50 2.57
N TYR B 23 -3.98 -11.01 3.04
CA TYR B 23 -4.66 -11.63 4.18
C TYR B 23 -5.79 -12.54 3.70
N GLN B 24 -6.24 -12.32 2.47
CA GLN B 24 -7.31 -13.13 1.89
C GLN B 24 -6.76 -14.43 1.30
N GLN B 25 -6.10 -14.31 0.14
CA GLN B 25 -5.53 -15.47 -0.53
C GLN B 25 -4.30 -15.98 0.21
N LEU B 26 -3.81 -15.17 1.16
CA LEU B 26 -2.63 -15.54 1.94
C LEU B 26 -1.40 -15.65 1.04
N LEU B 27 -1.41 -14.92 -0.07
CA LEU B 27 -0.30 -14.94 -1.01
C LEU B 27 0.63 -13.75 -0.78
N ILE B 28 1.91 -13.93 -1.08
CA ILE B 28 2.90 -12.87 -0.91
C ILE B 28 3.63 -12.59 -2.22
N ALA B 29 3.97 -11.32 -2.44
CA ALA B 29 4.69 -10.92 -3.65
C ALA B 29 6.07 -10.39 -3.32
N TYR B 30 7.10 -11.04 -3.87
CA TYR B 30 8.48 -10.62 -3.63
C TYR B 30 9.26 -10.55 -4.94
N LYS B 31 9.92 -9.43 -5.17
CA LYS B 31 10.71 -9.24 -6.37
C LYS B 31 11.73 -8.12 -6.19
N PRO B 32 12.88 -8.23 -6.88
CA PRO B 32 13.94 -7.23 -6.80
C PRO B 32 13.57 -5.92 -7.48
N ALA B 33 13.82 -5.83 -8.78
CA ALA B 33 13.50 -4.63 -9.54
C ALA B 33 12.10 -4.71 -10.12
N PRO B 34 11.55 -3.55 -10.53
CA PRO B 34 10.21 -3.47 -11.11
C PRO B 34 10.14 -4.08 -12.49
N GLY B 35 9.18 -4.99 -12.68
CA GLY B 35 9.02 -5.65 -13.97
C GLY B 35 10.04 -6.75 -14.19
N THR B 36 10.52 -7.34 -13.09
CA THR B 36 11.51 -8.40 -13.17
C THR B 36 10.99 -9.69 -12.52
N CYS B 37 11.88 -10.65 -12.33
CA CYS B 37 11.51 -11.93 -11.73
C CYS B 37 10.69 -11.71 -10.46
N CYS B 38 9.70 -12.56 -10.24
CA CYS B 38 8.84 -12.47 -9.06
C CYS B 38 8.79 -13.79 -8.32
N TYR B 39 8.20 -13.78 -7.12
CA TYR B 39 8.08 -14.98 -6.31
C TYR B 39 6.78 -14.97 -5.50
N ILE B 40 6.27 -16.16 -5.21
CA ILE B 40 5.03 -16.28 -4.44
C ILE B 40 5.26 -17.09 -3.17
N MET B 41 4.64 -16.65 -2.08
CA MET B 41 4.78 -17.33 -0.80
C MET B 41 3.44 -17.36 -0.05
N LYS B 42 3.24 -18.38 0.77
CA LYS B 42 2.01 -18.53 1.54
C LYS B 42 2.20 -18.05 2.97
N ILE B 43 1.11 -17.65 3.61
CA ILE B 43 1.17 -17.18 4.99
C ILE B 43 -0.03 -17.67 5.78
N ALA B 44 -0.10 -17.29 7.05
CA ALA B 44 -1.21 -17.69 7.92
C ALA B 44 -2.00 -16.48 8.39
N PRO B 45 -3.30 -16.69 8.67
CA PRO B 45 -4.18 -15.62 9.13
C PRO B 45 -3.86 -15.17 10.56
N GLU B 46 -3.52 -16.12 11.41
CA GLU B 46 -3.19 -15.82 12.80
C GLU B 46 -1.70 -15.51 12.94
N SER B 47 -0.89 -16.03 12.01
CA SER B 47 0.54 -15.80 12.04
C SER B 47 1.01 -15.13 10.75
N ILE B 48 0.69 -13.84 10.61
CA ILE B 48 1.07 -13.08 9.45
C ILE B 48 2.52 -12.62 9.53
N PRO B 49 3.37 -13.15 8.64
CA PRO B 49 4.79 -12.81 8.59
C PRO B 49 5.03 -11.38 8.12
N SER B 50 4.82 -10.42 9.01
CA SER B 50 5.02 -9.01 8.68
C SER B 50 6.42 -8.77 8.15
N LEU B 51 6.70 -7.52 7.78
CA LEU B 51 8.01 -7.16 7.26
C LEU B 51 9.13 -7.71 8.13
N GLU B 52 8.86 -7.79 9.44
CA GLU B 52 9.84 -8.31 10.39
C GLU B 52 10.33 -9.69 9.97
N ALA B 53 9.39 -10.56 9.61
CA ALA B 53 9.74 -11.91 9.18
C ALA B 53 10.27 -11.92 7.75
N LEU B 54 9.59 -11.20 6.87
CA LEU B 54 9.99 -11.13 5.47
C LEU B 54 11.44 -10.68 5.35
N THR B 55 11.76 -9.54 5.95
CA THR B 55 13.11 -9.00 5.92
C THR B 55 14.12 -9.98 6.52
N ARG B 56 13.65 -10.79 7.46
CA ARG B 56 14.51 -11.78 8.11
C ARG B 56 14.99 -12.82 7.11
N LYS B 57 14.03 -13.43 6.41
CA LYS B 57 14.35 -14.46 5.43
C LYS B 57 14.91 -13.84 4.15
N VAL B 58 14.47 -12.62 3.85
CA VAL B 58 14.93 -11.91 2.66
C VAL B 58 16.40 -11.53 2.79
N HIS B 59 16.83 -11.23 4.01
CA HIS B 59 18.22 -10.85 4.27
C HIS B 59 19.17 -11.95 3.83
N ASN B 60 18.73 -13.20 3.94
CA ASN B 60 19.55 -14.34 3.56
C ASN B 60 19.79 -14.35 2.05
N PHE B 61 18.89 -13.73 1.31
CA PHE B 61 19.00 -13.66 -0.14
C PHE B 61 19.04 -15.06 -0.74
N GLN B 62 17.88 -15.55 -1.18
CA GLN B 62 17.79 -16.88 -1.77
C GLN B 62 16.91 -16.86 -3.02
N MET B 63 16.98 -15.76 -3.77
CA MET B 63 16.19 -15.62 -4.98
C MET B 63 17.07 -15.24 -6.17
N GLU B 64 17.29 -13.94 -6.34
CA GLU B 64 18.12 -13.44 -7.44
C GLU B 64 17.75 -14.13 -8.75
N CYS B 65 16.50 -13.96 -9.18
CA CYS B 65 16.01 -14.56 -10.42
C CYS B 65 16.35 -16.05 -10.46
N SER B 66 16.37 -16.68 -9.28
CA SER B 66 16.67 -18.09 -9.18
C SER B 66 15.95 -18.72 -8.00
N LEU B 67 16.34 -19.94 -7.64
CA LEU B 67 15.74 -20.65 -6.52
C LEU B 67 16.74 -21.60 -5.86
N GLN B 68 17.20 -21.23 -4.67
CA GLN B 68 18.15 -22.05 -3.94
C GLN B 68 17.67 -23.50 -3.84
N ALA B 69 18.56 -24.38 -3.38
CA ALA B 69 18.23 -25.79 -3.23
C ALA B 69 18.00 -26.44 -4.59
N LYS B 70 18.70 -27.54 -4.85
CA LYS B 70 18.58 -28.25 -6.11
C LYS B 70 17.11 -28.48 -6.46
N PRO B 71 16.40 -29.23 -5.60
CA PRO B 71 14.98 -29.54 -5.79
C PRO B 71 14.10 -28.31 -5.62
N ALA B 72 14.71 -27.18 -5.28
CA ALA B 72 13.97 -25.94 -5.09
C ALA B 72 13.34 -25.88 -3.71
N VAL B 73 13.32 -27.03 -3.02
CA VAL B 73 12.74 -27.11 -1.68
C VAL B 73 13.79 -27.56 -0.67
N PRO B 74 14.53 -26.59 -0.12
CA PRO B 74 15.57 -26.86 0.88
C PRO B 74 14.99 -27.31 2.22
N THR B 75 14.80 -28.62 2.37
CA THR B 75 14.25 -29.17 3.59
C THR B 75 13.02 -28.39 4.06
N SER B 76 11.98 -28.40 3.24
CA SER B 76 10.75 -27.70 3.58
C SER B 76 9.54 -28.62 3.47
N LYS B 77 9.55 -29.49 2.47
CA LYS B 77 8.46 -30.43 2.27
C LYS B 77 8.75 -31.35 1.07
N LEU B 78 9.92 -31.97 1.09
CA LEU B 78 10.31 -32.87 0.00
C LEU B 78 9.22 -33.90 -0.27
N GLY B 79 9.23 -34.46 -1.47
CA GLY B 79 8.24 -35.46 -1.84
C GLY B 79 8.85 -36.83 -2.03
N GLN B 80 8.96 -37.26 -3.29
CA GLN B 80 9.53 -38.56 -3.60
C GLN B 80 10.75 -38.43 -4.50
N ALA B 81 10.50 -38.14 -5.77
CA ALA B 81 11.58 -37.98 -6.74
C ALA B 81 12.33 -36.67 -6.52
N GLU B 82 11.72 -35.57 -6.97
CA GLU B 82 12.32 -34.25 -6.82
C GLU B 82 11.29 -33.23 -6.34
N GLY B 83 11.67 -31.95 -6.37
CA GLY B 83 10.78 -30.90 -5.94
C GLY B 83 10.26 -30.06 -7.09
N ARG B 84 10.12 -28.76 -6.86
CA ARG B 84 9.63 -27.85 -7.88
C ARG B 84 8.16 -28.10 -8.19
N ASP B 85 7.89 -29.19 -8.91
CA ASP B 85 6.53 -29.54 -9.27
C ASP B 85 5.99 -30.65 -8.35
N ALA B 86 6.80 -31.03 -7.36
CA ALA B 86 6.41 -32.07 -6.42
C ALA B 86 6.64 -31.62 -4.98
N GLY B 87 7.66 -30.78 -4.79
CA GLY B 87 7.98 -30.29 -3.46
C GLY B 87 7.61 -28.83 -3.28
N SER B 88 7.74 -28.05 -4.35
CA SER B 88 7.41 -26.63 -4.30
C SER B 88 6.18 -26.32 -5.13
N ALA B 89 5.31 -27.32 -5.29
CA ALA B 89 4.09 -27.16 -6.06
C ALA B 89 3.24 -28.43 -6.01
N PRO B 90 2.45 -28.57 -4.94
CA PRO B 90 1.57 -29.72 -4.75
C PRO B 90 0.41 -29.74 -5.72
N SER B 91 0.67 -30.18 -6.95
CA SER B 91 -0.36 -30.24 -7.99
C SER B 91 -0.89 -28.85 -8.30
N GLY B 92 -2.02 -28.79 -9.00
CA GLY B 92 -2.61 -27.52 -9.37
C GLY B 92 -2.86 -26.64 -8.16
N GLY B 93 -2.91 -27.25 -6.98
CA GLY B 93 -3.15 -26.50 -5.76
C GLY B 93 -2.05 -25.50 -5.48
N ASP B 94 -0.93 -25.63 -6.18
CA ASP B 94 0.20 -24.71 -6.00
C ASP B 94 -0.26 -23.26 -6.13
N PRO B 95 0.36 -22.38 -5.33
CA PRO B 95 0.04 -20.95 -5.33
C PRO B 95 0.50 -20.25 -6.61
N ALA B 96 0.26 -20.90 -7.75
CA ALA B 96 0.63 -20.35 -9.04
C ALA B 96 -0.60 -19.98 -9.87
N PHE B 97 -1.76 -20.44 -9.41
CA PHE B 97 -3.01 -20.16 -10.12
C PHE B 97 -3.89 -19.21 -9.30
N LEU B 98 -3.25 -18.35 -8.51
CA LEU B 98 -3.98 -17.40 -7.68
C LEU B 98 -3.16 -16.14 -7.46
N GLY B 99 -3.81 -15.10 -6.96
CA GLY B 99 -3.12 -13.84 -6.71
C GLY B 99 -3.36 -12.82 -7.81
N MET B 100 -4.41 -12.01 -7.63
CA MET B 100 -4.74 -10.99 -8.61
C MET B 100 -3.79 -9.81 -8.52
N ALA B 101 -3.67 -9.24 -7.33
CA ALA B 101 -2.77 -8.11 -7.10
C ALA B 101 -1.33 -8.46 -7.46
N VAL B 102 -0.82 -9.50 -6.82
CA VAL B 102 0.56 -9.95 -7.08
C VAL B 102 0.80 -10.19 -8.56
N SER B 103 -0.20 -10.77 -9.23
CA SER B 103 -0.10 -11.06 -10.66
C SER B 103 0.22 -9.79 -11.45
N THR B 104 -0.29 -8.66 -10.96
CA THR B 104 -0.07 -7.38 -11.62
C THR B 104 1.32 -6.83 -11.30
N LEU B 105 1.68 -6.85 -10.02
CA LEU B 105 2.98 -6.37 -9.58
C LEU B 105 4.11 -7.08 -10.33
N CYS B 106 4.03 -8.40 -10.40
CA CYS B 106 5.03 -9.20 -11.07
C CYS B 106 5.00 -8.95 -12.59
N GLY B 107 3.84 -8.55 -13.08
CA GLY B 107 3.69 -8.29 -14.50
C GLY B 107 3.43 -9.56 -15.30
N GLU B 108 2.58 -10.42 -14.77
CA GLU B 108 2.25 -11.68 -15.44
C GLU B 108 3.52 -12.43 -15.85
N VAL B 109 4.55 -12.31 -15.02
CA VAL B 109 5.83 -12.97 -15.29
C VAL B 109 5.93 -14.29 -14.55
N PRO B 110 6.73 -15.22 -15.09
CA PRO B 110 6.93 -16.55 -14.49
C PRO B 110 7.73 -16.48 -13.20
N LEU B 111 7.02 -16.54 -12.07
CA LEU B 111 7.66 -16.49 -10.76
C LEU B 111 8.05 -17.88 -10.30
N TYR B 112 9.11 -17.95 -9.49
CA TYR B 112 9.59 -19.23 -8.97
C TYR B 112 9.19 -19.42 -7.51
N TYR B 113 9.22 -20.66 -7.05
CA TYR B 113 8.84 -20.98 -5.68
C TYR B 113 10.08 -21.00 -4.78
N ILE B 114 9.92 -20.49 -3.56
CA ILE B 114 11.03 -20.46 -2.60
C ILE B 114 10.76 -21.39 -1.43
N GLY C 1 -15.38 18.88 2.17
CA GLY C 1 -16.23 17.80 1.70
C GLY C 1 -15.45 16.57 1.30
N SER C 2 -16.03 15.40 1.53
CA SER C 2 -15.36 14.14 1.21
C SER C 2 -16.33 12.97 1.32
N GLU C 3 -15.81 11.75 1.19
CA GLU C 3 -16.63 10.56 1.27
C GLU C 3 -16.05 9.57 2.28
N HIS C 4 -16.62 8.37 2.32
CA HIS C 4 -16.16 7.34 3.24
C HIS C 4 -16.53 5.95 2.74
N LEU C 5 -15.73 5.44 1.80
CA LEU C 5 -15.97 4.12 1.23
C LEU C 5 -14.82 3.71 0.31
N VAL C 6 -13.59 3.95 0.75
CA VAL C 6 -12.42 3.61 -0.04
C VAL C 6 -12.47 2.16 -0.51
N THR C 7 -11.69 1.84 -1.53
CA THR C 7 -11.65 0.49 -2.07
C THR C 7 -10.67 0.40 -3.24
N THR C 8 -9.40 0.67 -2.96
CA THR C 8 -8.37 0.62 -3.99
C THR C 8 -7.07 0.04 -3.44
N ALA C 9 -6.11 -0.22 -4.33
CA ALA C 9 -4.83 -0.77 -3.92
C ALA C 9 -3.72 0.27 -4.06
N THR C 10 -2.89 0.38 -3.03
CA THR C 10 -1.79 1.34 -3.02
C THR C 10 -0.50 0.70 -3.50
N PHE C 11 0.17 1.35 -4.44
CA PHE C 11 1.43 0.84 -4.98
C PHE C 11 2.40 1.97 -5.26
N SER C 12 3.64 1.61 -5.61
CA SER C 12 4.66 2.60 -5.89
C SER C 12 5.42 2.25 -7.17
N ILE C 13 6.08 3.25 -7.76
CA ILE C 13 6.83 3.06 -8.99
C ILE C 13 8.33 3.03 -8.70
N GLY C 14 9.01 1.99 -9.19
CA GLY C 14 10.44 1.87 -8.99
C GLY C 14 11.21 3.03 -9.60
N SER C 15 11.48 4.05 -8.79
CA SER C 15 12.22 5.22 -9.26
C SER C 15 12.37 6.24 -8.14
N THR C 16 11.24 6.70 -7.61
CA THR C 16 11.25 7.69 -6.54
C THR C 16 9.83 8.11 -6.17
N GLY C 17 8.95 8.10 -7.15
CA GLY C 17 7.57 8.48 -6.91
C GLY C 17 6.70 7.30 -6.47
N LEU C 18 5.40 7.54 -6.34
CA LEU C 18 4.47 6.50 -5.93
C LEU C 18 3.14 6.64 -6.66
N VAL C 19 2.63 5.54 -7.18
CA VAL C 19 1.36 5.53 -7.90
C VAL C 19 0.49 4.35 -7.48
N VAL C 20 -0.76 4.63 -7.13
CA VAL C 20 -1.68 3.59 -6.72
C VAL C 20 -2.58 3.17 -7.87
N TYR C 21 -2.81 1.86 -7.98
CA TYR C 21 -3.66 1.32 -9.04
C TYR C 21 -4.96 0.76 -8.47
N ASP C 22 -6.05 1.51 -8.68
CA ASP C 22 -7.36 1.09 -8.19
C ASP C 22 -7.98 0.05 -9.12
N TYR C 23 -8.51 -1.01 -8.52
CA TYR C 23 -9.13 -2.08 -9.30
C TYR C 23 -10.65 -1.93 -9.34
N GLN C 24 -11.18 -1.15 -8.39
CA GLN C 24 -12.62 -0.92 -8.32
C GLN C 24 -13.03 0.22 -9.25
N GLN C 25 -12.72 1.45 -8.85
CA GLN C 25 -13.05 2.63 -9.65
C GLN C 25 -12.15 2.72 -10.87
N LEU C 26 -11.11 1.91 -10.90
CA LEU C 26 -10.17 1.91 -12.02
C LEU C 26 -9.46 3.25 -12.15
N LEU C 27 -9.33 3.95 -11.02
CA LEU C 27 -8.68 5.26 -11.00
C LEU C 27 -7.23 5.13 -10.56
N ILE C 28 -6.38 6.02 -11.05
CA ILE C 28 -4.97 6.02 -10.70
C ILE C 28 -4.54 7.36 -10.12
N ALA C 29 -3.63 7.32 -9.15
CA ALA C 29 -3.12 8.53 -8.52
C ALA C 29 -1.64 8.73 -8.80
N TYR C 30 -1.30 9.86 -9.42
CA TYR C 30 0.08 10.17 -9.76
C TYR C 30 0.43 11.59 -9.35
N LYS C 31 1.53 11.75 -8.62
CA LYS C 31 1.98 13.06 -8.18
C LYS C 31 3.46 13.02 -7.80
N PRO C 32 4.14 14.16 -7.99
CA PRO C 32 5.56 14.29 -7.67
C PRO C 32 5.82 14.27 -6.15
N ALA C 33 5.77 15.45 -5.54
CA ALA C 33 5.99 15.57 -4.10
C ALA C 33 4.68 15.43 -3.33
N PRO C 34 4.80 15.16 -2.02
CA PRO C 34 3.63 15.01 -1.15
C PRO C 34 2.90 16.32 -0.92
N GLY C 35 1.59 16.31 -1.15
CA GLY C 35 0.79 17.51 -0.97
C GLY C 35 0.95 18.49 -2.11
N THR C 36 1.26 17.98 -3.29
CA THR C 36 1.45 18.83 -4.47
C THR C 36 0.49 18.45 -5.58
N CYS C 37 0.72 18.99 -6.77
CA CYS C 37 -0.12 18.69 -7.92
C CYS C 37 -0.36 17.19 -8.05
N CYS C 38 -1.58 16.83 -8.46
CA CYS C 38 -1.93 15.43 -8.63
C CYS C 38 -2.53 15.18 -10.01
N TYR C 39 -2.70 13.91 -10.36
CA TYR C 39 -3.27 13.54 -11.66
C TYR C 39 -4.10 12.27 -11.54
N ILE C 40 -5.10 12.14 -12.42
CA ILE C 40 -5.98 10.99 -12.42
C ILE C 40 -5.94 10.27 -13.76
N MET C 41 -5.92 8.94 -13.72
CA MET C 41 -5.89 8.14 -14.94
C MET C 41 -6.80 6.91 -14.81
N LYS C 42 -7.31 6.45 -15.95
CA LYS C 42 -8.19 5.29 -15.96
C LYS C 42 -7.43 4.03 -16.38
N ILE C 43 -7.92 2.88 -15.96
CA ILE C 43 -7.29 1.61 -16.30
C ILE C 43 -8.35 0.54 -16.62
N ALA C 44 -7.88 -0.66 -16.93
CA ALA C 44 -8.77 -1.77 -17.25
C ALA C 44 -8.63 -2.90 -16.23
N PRO C 45 -9.72 -3.65 -16.02
CA PRO C 45 -9.76 -4.77 -15.09
C PRO C 45 -8.92 -5.95 -15.56
N GLU C 46 -8.97 -6.22 -16.85
CA GLU C 46 -8.20 -7.33 -17.44
C GLU C 46 -6.81 -6.87 -17.83
N SER C 47 -6.66 -5.58 -18.09
CA SER C 47 -5.37 -5.01 -18.49
C SER C 47 -4.93 -3.94 -17.50
N ILE C 48 -4.53 -4.37 -16.31
CA ILE C 48 -4.08 -3.45 -15.27
C ILE C 48 -2.64 -3.01 -15.52
N PRO C 49 -2.46 -1.70 -15.81
CA PRO C 49 -1.14 -1.13 -16.08
C PRO C 49 -0.27 -1.07 -14.84
N SER C 50 0.32 -2.20 -14.47
CA SER C 50 1.18 -2.28 -13.28
C SER C 50 2.29 -1.24 -13.36
N LEU C 51 3.10 -1.18 -12.31
CA LEU C 51 4.21 -0.23 -12.25
C LEU C 51 5.01 -0.25 -13.55
N GLU C 52 5.11 -1.42 -14.17
CA GLU C 52 5.84 -1.57 -15.43
C GLU C 52 5.33 -0.57 -16.47
N ALA C 53 4.01 -0.47 -16.58
CA ALA C 53 3.40 0.44 -17.54
C ALA C 53 3.49 1.88 -17.06
N LEU C 54 3.14 2.10 -15.80
CA LEU C 54 3.17 3.44 -15.21
C LEU C 54 4.55 4.07 -15.38
N THR C 55 5.57 3.36 -14.92
CA THR C 55 6.95 3.86 -15.02
C THR C 55 7.33 4.11 -16.47
N ARG C 56 6.74 3.34 -17.38
CA ARG C 56 7.03 3.48 -18.80
C ARG C 56 6.59 4.85 -19.31
N LYS C 57 5.33 5.18 -19.07
CA LYS C 57 4.78 6.48 -19.50
C LYS C 57 5.28 7.60 -18.61
N VAL C 58 5.53 7.28 -17.35
CA VAL C 58 6.01 8.27 -16.39
C VAL C 58 7.44 8.70 -16.71
N HIS C 59 8.22 7.78 -17.26
CA HIS C 59 9.60 8.06 -17.61
C HIS C 59 9.68 9.21 -18.61
N ASN C 60 8.69 9.30 -19.49
CA ASN C 60 8.65 10.34 -20.50
C ASN C 60 8.46 11.71 -19.86
N PHE C 61 7.90 11.72 -18.65
CA PHE C 61 7.66 12.96 -17.93
C PHE C 61 6.78 13.91 -18.74
N GLN C 62 5.48 13.89 -18.45
CA GLN C 62 4.54 14.75 -19.16
C GLN C 62 3.55 15.39 -18.19
N MET C 63 4.03 15.71 -17.00
CA MET C 63 3.19 16.33 -15.97
C MET C 63 3.84 17.60 -15.42
N GLU C 64 4.67 17.44 -14.40
CA GLU C 64 5.36 18.57 -13.79
C GLU C 64 4.38 19.72 -13.54
N CYS C 65 3.37 19.45 -12.71
CA CYS C 65 2.36 20.46 -12.38
C CYS C 65 1.80 21.10 -13.65
N SER C 66 1.75 20.33 -14.72
CA SER C 66 1.24 20.81 -16.00
C SER C 66 0.58 19.68 -16.79
N LEU C 67 0.32 19.93 -18.07
CA LEU C 67 -0.29 18.94 -18.93
C LEU C 67 0.14 19.14 -20.38
N GLN C 68 0.99 18.24 -20.86
CA GLN C 68 1.48 18.30 -22.24
C GLN C 68 0.33 18.44 -23.23
N ALA C 69 0.66 18.73 -24.48
CA ALA C 69 -0.35 18.89 -25.52
C ALA C 69 -1.21 20.12 -25.26
N LYS C 70 -1.31 20.99 -26.26
CA LYS C 70 -2.10 22.21 -26.14
C LYS C 70 -3.48 21.91 -25.59
N PRO C 71 -4.26 21.10 -26.31
CA PRO C 71 -5.61 20.70 -25.91
C PRO C 71 -5.60 19.77 -24.69
N ALA C 72 -4.42 19.44 -24.22
CA ALA C 72 -4.27 18.56 -23.06
C ALA C 72 -4.43 17.09 -23.47
N VAL C 73 -4.91 16.87 -24.68
CA VAL C 73 -5.10 15.51 -25.19
C VAL C 73 -4.28 15.27 -26.45
N PRO C 74 -3.02 14.85 -26.26
CA PRO C 74 -2.11 14.58 -27.37
C PRO C 74 -2.50 13.33 -28.16
N THR C 75 -3.33 13.53 -29.18
CA THR C 75 -3.79 12.42 -30.01
C THR C 75 -4.23 11.23 -29.15
N SER C 76 -5.28 11.44 -28.35
CA SER C 76 -5.79 10.39 -27.48
C SER C 76 -7.29 10.21 -27.69
N LYS C 77 -8.00 11.31 -27.87
CA LYS C 77 -9.45 11.27 -28.09
C LYS C 77 -10.00 12.67 -28.30
N LEU C 78 -9.40 13.40 -29.24
CA LEU C 78 -9.84 14.75 -29.56
C LEU C 78 -11.35 14.80 -29.80
N GLY C 79 -11.94 15.98 -29.64
CA GLY C 79 -13.36 16.13 -29.85
C GLY C 79 -13.68 17.00 -31.05
N GLN C 80 -14.13 18.22 -30.81
CA GLN C 80 -14.46 19.15 -31.87
C GLN C 80 -13.62 20.41 -31.80
N ALA C 81 -13.95 21.28 -30.84
CA ALA C 81 -13.23 22.54 -30.65
C ALA C 81 -11.85 22.28 -30.03
N GLU C 82 -11.84 22.03 -28.73
CA GLU C 82 -10.59 21.77 -28.02
C GLU C 82 -10.73 20.59 -27.07
N GLY C 83 -9.75 20.40 -26.21
CA GLY C 83 -9.78 19.31 -25.26
C GLY C 83 -10.00 19.78 -23.83
N ARG C 84 -9.35 19.12 -22.88
CA ARG C 84 -9.48 19.47 -21.48
C ARG C 84 -10.88 19.13 -20.96
N ASP C 85 -11.86 19.94 -21.34
CA ASP C 85 -13.24 19.73 -20.92
C ASP C 85 -14.04 19.05 -22.02
N ALA C 86 -13.37 18.71 -23.12
CA ALA C 86 -14.03 18.06 -24.24
C ALA C 86 -13.25 16.82 -24.69
N GLY C 87 -11.93 16.88 -24.54
CA GLY C 87 -11.09 15.76 -24.93
C GLY C 87 -10.54 15.00 -23.74
N SER C 88 -10.28 15.72 -22.65
CA SER C 88 -9.74 15.10 -21.45
C SER C 88 -10.77 15.14 -20.31
N ALA C 89 -12.05 15.17 -20.68
CA ALA C 89 -13.12 15.20 -19.70
C ALA C 89 -14.48 15.16 -20.39
N PRO C 90 -14.93 13.95 -20.74
CA PRO C 90 -16.22 13.74 -21.40
C PRO C 90 -17.40 14.01 -20.48
N SER C 91 -17.72 15.29 -20.30
CA SER C 91 -18.83 15.68 -19.43
C SER C 91 -18.56 15.27 -17.99
N GLY C 92 -19.60 15.32 -17.16
CA GLY C 92 -19.46 14.95 -15.76
C GLY C 92 -18.88 13.56 -15.58
N GLY C 93 -18.97 12.74 -16.63
CA GLY C 93 -18.44 11.40 -16.57
C GLY C 93 -16.95 11.37 -16.34
N ASP C 94 -16.31 12.50 -16.52
CA ASP C 94 -14.86 12.61 -16.34
C ASP C 94 -14.45 12.07 -14.96
N PRO C 95 -13.28 11.43 -14.92
CA PRO C 95 -12.74 10.85 -13.67
C PRO C 95 -12.31 11.93 -12.67
N ALA C 96 -13.14 12.95 -12.52
CA ALA C 96 -12.85 14.04 -11.60
C ALA C 96 -13.83 14.05 -10.43
N PHE C 97 -14.90 13.28 -10.56
CA PHE C 97 -15.92 13.20 -9.51
C PHE C 97 -15.91 11.83 -8.85
N LEU C 98 -14.73 11.20 -8.82
CA LEU C 98 -14.60 9.87 -8.21
C LEU C 98 -13.19 9.69 -7.66
N GLY C 99 -13.01 8.65 -6.84
CA GLY C 99 -11.72 8.38 -6.25
C GLY C 99 -11.61 8.86 -4.82
N MET C 100 -11.96 8.01 -3.87
CA MET C 100 -11.89 8.36 -2.45
C MET C 100 -10.45 8.37 -1.97
N ALA C 101 -9.75 7.26 -2.16
CA ALA C 101 -8.37 7.14 -1.74
C ALA C 101 -7.50 8.20 -2.40
N VAL C 102 -7.51 8.23 -3.73
CA VAL C 102 -6.72 9.20 -4.47
C VAL C 102 -7.02 10.62 -4.02
N SER C 103 -8.29 10.90 -3.77
CA SER C 103 -8.71 12.23 -3.32
C SER C 103 -7.95 12.65 -2.07
N THR C 104 -7.62 11.67 -1.24
CA THR C 104 -6.90 11.93 0.01
C THR C 104 -5.41 12.13 -0.26
N LEU C 105 -4.83 11.25 -1.07
CA LEU C 105 -3.41 11.35 -1.40
C LEU C 105 -3.08 12.70 -2.01
N CYS C 106 -3.90 13.12 -2.98
CA CYS C 106 -3.69 14.41 -3.64
C CYS C 106 -3.96 15.56 -2.68
N GLY C 107 -4.78 15.31 -1.68
CA GLY C 107 -5.11 16.34 -0.72
C GLY C 107 -6.19 17.28 -1.21
N GLU C 108 -7.23 16.72 -1.82
CA GLU C 108 -8.33 17.52 -2.34
C GLU C 108 -7.83 18.66 -3.21
N VAL C 109 -6.74 18.40 -3.93
CA VAL C 109 -6.15 19.41 -4.80
C VAL C 109 -6.61 19.24 -6.24
N PRO C 110 -6.61 20.35 -7.00
CA PRO C 110 -7.02 20.34 -8.41
C PRO C 110 -6.04 19.60 -9.30
N LEU C 111 -6.37 18.35 -9.63
CA LEU C 111 -5.51 17.54 -10.49
C LEU C 111 -5.84 17.76 -11.95
N TYR C 112 -4.84 17.60 -12.81
CA TYR C 112 -5.03 17.77 -14.26
C TYR C 112 -5.11 16.43 -14.96
N TYR C 113 -5.66 16.43 -16.16
CA TYR C 113 -5.81 15.21 -16.95
C TYR C 113 -4.63 15.03 -17.89
N ILE C 114 -4.18 13.79 -18.04
CA ILE C 114 -3.05 13.48 -18.91
C ILE C 114 -3.50 12.66 -20.12
N GLY A 1 -1.52 -11.28 14.58
CA GLY A 1 -2.92 -11.18 14.94
C GLY A 1 -3.83 -11.85 13.94
N SER A 2 -5.05 -12.17 14.37
CA SER A 2 -6.02 -12.83 13.50
C SER A 2 -7.40 -12.20 13.66
N GLU A 3 -8.03 -11.87 12.54
CA GLU A 3 -9.36 -11.27 12.56
C GLU A 3 -9.86 -11.00 11.14
N HIS A 4 -11.08 -10.49 11.04
CA HIS A 4 -11.67 -10.19 9.74
C HIS A 4 -11.73 -8.68 9.51
N LEU A 5 -10.64 -7.99 9.81
CA LEU A 5 -10.57 -6.55 9.65
C LEU A 5 -9.21 -6.12 9.12
N VAL A 6 -9.06 -6.10 7.80
CA VAL A 6 -7.80 -5.72 7.17
C VAL A 6 -8.03 -4.69 6.06
N THR A 7 -9.06 -3.87 6.24
CA THR A 7 -9.39 -2.84 5.24
C THR A 7 -8.63 -1.55 5.53
N THR A 8 -7.45 -1.41 4.94
CA THR A 8 -6.63 -0.22 5.13
C THR A 8 -5.63 -0.05 3.99
N ALA A 9 -5.08 1.15 3.87
CA ALA A 9 -4.11 1.43 2.82
C ALA A 9 -2.72 1.64 3.40
N THR A 10 -1.70 1.62 2.54
CA THR A 10 -0.32 1.80 2.97
C THR A 10 0.33 2.98 2.24
N PHE A 11 1.05 3.81 2.98
CA PHE A 11 1.72 4.97 2.41
C PHE A 11 3.03 5.24 3.12
N SER A 12 3.80 6.20 2.61
CA SER A 12 5.08 6.57 3.20
C SER A 12 5.16 8.07 3.45
N ILE A 13 6.02 8.46 4.39
CA ILE A 13 6.20 9.86 4.73
C ILE A 13 7.54 10.39 4.20
N GLY A 14 7.49 11.52 3.51
CA GLY A 14 8.71 12.10 2.98
C GLY A 14 9.53 11.11 2.20
N SER A 15 10.82 11.01 2.55
CA SER A 15 11.73 10.09 1.88
C SER A 15 12.66 9.42 2.88
N THR A 16 12.15 9.14 4.06
CA THR A 16 12.92 8.50 5.11
C THR A 16 12.07 7.55 5.94
N GLY A 17 10.91 8.02 6.36
CA GLY A 17 10.01 7.19 7.15
C GLY A 17 8.84 6.67 6.34
N LEU A 18 7.94 5.95 7.01
CA LEU A 18 6.77 5.38 6.34
C LEU A 18 5.58 5.32 7.30
N VAL A 19 4.41 5.69 6.80
CA VAL A 19 3.19 5.68 7.60
C VAL A 19 1.99 5.22 6.77
N VAL A 20 1.25 4.24 7.28
CA VAL A 20 0.09 3.73 6.59
C VAL A 20 -1.20 4.32 7.16
N TYR A 21 -2.22 4.45 6.32
CA TYR A 21 -3.50 5.01 6.74
C TYR A 21 -4.62 4.00 6.53
N ASP A 22 -5.63 4.06 7.39
CA ASP A 22 -6.77 3.17 7.30
C ASP A 22 -8.01 3.91 6.82
N TYR A 23 -8.76 3.28 5.92
CA TYR A 23 -9.98 3.89 5.39
C TYR A 23 -11.23 3.25 6.00
N GLN A 24 -11.11 2.83 7.26
CA GLN A 24 -12.23 2.21 7.95
C GLN A 24 -11.98 2.20 9.46
N GLN A 25 -10.83 1.69 9.86
CA GLN A 25 -10.48 1.62 11.28
C GLN A 25 -10.03 2.98 11.79
N LEU A 26 -9.60 3.84 10.87
CA LEU A 26 -9.14 5.18 11.23
C LEU A 26 -7.86 5.11 12.07
N LEU A 27 -7.14 4.00 11.95
CA LEU A 27 -5.91 3.80 12.69
C LEU A 27 -4.70 4.07 11.80
N ILE A 28 -3.66 4.68 12.38
CA ILE A 28 -2.45 4.99 11.64
C ILE A 28 -1.23 4.32 12.27
N ALA A 29 -0.29 3.90 11.43
CA ALA A 29 0.92 3.24 11.90
C ALA A 29 2.12 4.18 11.83
N TYR A 30 2.71 4.46 12.98
CA TYR A 30 3.87 5.35 13.04
C TYR A 30 4.95 4.76 13.95
N LYS A 31 6.08 4.41 13.35
CA LYS A 31 7.20 3.85 14.10
C LYS A 31 8.53 4.23 13.46
N PRO A 32 9.59 4.31 14.29
CA PRO A 32 10.94 4.67 13.83
C PRO A 32 11.56 3.57 12.97
N ALA A 33 12.22 2.62 13.63
CA ALA A 33 12.87 1.52 12.93
C ALA A 33 11.92 0.33 12.79
N PRO A 34 12.24 -0.56 11.84
CA PRO A 34 11.42 -1.75 11.58
C PRO A 34 11.51 -2.77 12.71
N GLY A 35 10.37 -3.08 13.32
CA GLY A 35 10.34 -4.03 14.40
C GLY A 35 10.57 -3.39 15.76
N THR A 36 10.21 -2.11 15.87
CA THR A 36 10.39 -1.37 17.11
C THR A 36 9.07 -0.75 17.57
N CYS A 37 9.14 0.06 18.62
CA CYS A 37 7.96 0.73 19.16
C CYS A 37 7.10 1.29 18.03
N CYS A 38 5.79 1.31 18.25
CA CYS A 38 4.85 1.82 17.26
C CYS A 38 3.92 2.86 17.87
N TYR A 39 3.12 3.51 17.03
CA TYR A 39 2.18 4.52 17.50
C TYR A 39 0.88 4.47 16.70
N ILE A 40 -0.24 4.60 17.40
CA ILE A 40 -1.55 4.56 16.76
C ILE A 40 -2.32 5.85 17.03
N MET A 41 -3.00 6.35 15.99
CA MET A 41 -3.78 7.57 16.11
C MET A 41 -5.07 7.47 15.32
N LYS A 42 -6.02 8.35 15.61
CA LYS A 42 -7.30 8.37 14.93
C LYS A 42 -7.34 9.44 13.85
N ILE A 43 -8.16 9.22 12.83
CA ILE A 43 -8.29 10.17 11.73
C ILE A 43 -9.73 10.60 11.54
N ALA A 44 -9.96 11.46 10.55
CA ALA A 44 -11.30 11.96 10.26
C ALA A 44 -11.76 11.52 8.88
N PRO A 45 -12.99 10.98 8.80
CA PRO A 45 -13.57 10.52 7.54
C PRO A 45 -13.91 11.67 6.60
N GLU A 46 -13.87 12.89 7.12
CA GLU A 46 -14.18 14.08 6.33
C GLU A 46 -12.93 14.58 5.62
N SER A 47 -11.77 14.28 6.19
CA SER A 47 -10.50 14.72 5.61
C SER A 47 -9.33 13.92 6.20
N ILE A 48 -9.05 12.78 5.60
CA ILE A 48 -7.96 11.93 6.07
C ILE A 48 -6.63 12.67 6.05
N PRO A 49 -5.92 12.63 7.18
CA PRO A 49 -4.62 13.30 7.33
C PRO A 49 -3.52 12.63 6.50
N SER A 50 -3.52 12.89 5.20
CA SER A 50 -2.54 12.30 4.30
C SER A 50 -1.12 12.62 4.76
N LEU A 51 -0.13 12.12 4.03
CA LEU A 51 1.27 12.35 4.37
C LEU A 51 1.51 13.83 4.65
N GLU A 52 0.78 14.70 3.96
CA GLU A 52 0.93 16.13 4.15
C GLU A 52 0.65 16.53 5.60
N ALA A 53 -0.42 15.98 6.16
CA ALA A 53 -0.80 16.28 7.53
C ALA A 53 0.09 15.52 8.52
N LEU A 54 0.37 14.25 8.21
CA LEU A 54 1.21 13.43 9.07
C LEU A 54 2.55 14.10 9.33
N THR A 55 3.25 14.46 8.25
CA THR A 55 4.55 15.12 8.36
C THR A 55 4.44 16.40 9.18
N ARG A 56 3.28 17.04 9.12
CA ARG A 56 3.06 18.27 9.86
C ARG A 56 3.19 18.05 11.36
N LYS A 57 2.42 17.10 11.88
CA LYS A 57 2.45 16.78 13.30
C LYS A 57 3.69 15.97 13.65
N VAL A 58 4.16 15.17 12.70
CA VAL A 58 5.34 14.34 12.90
C VAL A 58 6.59 15.19 13.03
N HIS A 59 6.57 16.38 12.41
CA HIS A 59 7.71 17.28 12.46
C HIS A 59 8.07 17.63 13.90
N ASN A 60 7.05 17.70 14.75
CA ASN A 60 7.26 18.03 16.16
C ASN A 60 8.06 16.93 16.87
N PHE A 61 8.00 15.72 16.31
CA PHE A 61 8.71 14.58 16.88
C PHE A 61 8.26 14.33 18.32
N GLN A 62 6.98 14.07 18.50
CA GLN A 62 6.42 13.82 19.81
C GLN A 62 6.35 12.32 20.10
N MET A 63 7.29 11.57 19.52
CA MET A 63 7.34 10.12 19.70
C MET A 63 8.73 9.68 20.16
N GLU A 64 9.59 9.39 19.19
CA GLU A 64 10.94 8.95 19.48
C GLU A 64 10.94 7.87 20.57
N CYS A 65 10.13 6.85 20.37
CA CYS A 65 10.03 5.76 21.34
C CYS A 65 9.81 6.29 22.75
N SER A 66 9.07 7.40 22.84
CA SER A 66 8.78 8.01 24.13
C SER A 66 7.32 8.48 24.19
N LEU A 67 7.03 9.32 25.17
CA LEU A 67 5.68 9.84 25.35
C LEU A 67 5.71 11.29 25.81
N GLN A 68 5.59 12.22 24.85
CA GLN A 68 5.60 13.64 25.16
C GLN A 68 4.65 13.96 26.32
N ALA A 69 5.07 14.90 27.17
CA ALA A 69 4.26 15.28 28.31
C ALA A 69 4.15 14.15 29.33
N LYS A 70 4.24 14.51 30.60
CA LYS A 70 4.16 13.53 31.68
C LYS A 70 3.12 12.45 31.36
N PRO A 71 1.86 12.88 31.23
CA PRO A 71 0.75 11.97 30.93
C PRO A 71 0.81 11.43 29.49
N ALA A 72 -0.30 10.87 29.03
CA ALA A 72 -0.36 10.32 27.67
C ALA A 72 -1.15 11.24 26.75
N VAL A 73 -2.15 11.91 27.31
CA VAL A 73 -2.98 12.82 26.52
C VAL A 73 -2.88 14.25 27.06
N PRO A 74 -1.83 14.97 26.62
CA PRO A 74 -1.61 16.36 27.04
C PRO A 74 -2.64 17.32 26.46
N THR A 75 -3.73 17.51 27.19
CA THR A 75 -4.80 18.41 26.75
C THR A 75 -5.21 18.11 25.32
N SER A 76 -5.71 16.90 25.09
CA SER A 76 -6.14 16.48 23.76
C SER A 76 -7.54 15.86 23.81
N LYS A 77 -7.84 15.19 24.91
CA LYS A 77 -9.14 14.55 25.09
C LYS A 77 -9.43 14.30 26.57
N LEU A 78 -8.49 13.66 27.25
CA LEU A 78 -8.64 13.35 28.67
C LEU A 78 -9.92 12.56 28.92
N GLY A 79 -10.16 12.22 30.18
CA GLY A 79 -11.34 11.46 30.53
C GLY A 79 -11.96 11.93 31.83
N GLN A 80 -11.33 11.59 32.95
CA GLN A 80 -11.83 11.97 34.26
C GLN A 80 -10.74 12.66 35.09
N ALA A 81 -9.83 11.85 35.61
CA ALA A 81 -8.73 12.36 36.42
C ALA A 81 -7.50 12.66 35.56
N GLU A 82 -6.78 11.59 35.19
CA GLU A 82 -5.58 11.74 34.37
C GLU A 82 -5.79 11.08 33.00
N GLY A 83 -4.70 10.95 32.25
CA GLY A 83 -4.77 10.34 30.94
C GLY A 83 -4.18 8.96 30.91
N ARG A 84 -3.66 8.55 29.75
CA ARG A 84 -3.06 7.24 29.59
C ARG A 84 -4.12 6.14 29.73
N ASP A 85 -4.52 5.87 30.97
CA ASP A 85 -5.52 4.84 31.24
C ASP A 85 -6.87 5.48 31.53
N ALA A 86 -7.18 6.57 30.85
CA ALA A 86 -8.44 7.27 31.03
C ALA A 86 -8.62 8.36 29.99
N GLY A 87 -7.52 8.98 29.58
CA GLY A 87 -7.59 10.03 28.58
C GLY A 87 -7.17 9.56 27.21
N SER A 88 -6.13 8.73 27.16
CA SER A 88 -5.62 8.20 25.89
C SER A 88 -5.91 6.71 25.77
N ALA A 89 -6.89 6.24 26.54
CA ALA A 89 -7.27 4.83 26.52
C ALA A 89 -8.43 4.56 27.47
N PRO A 90 -9.66 4.83 27.01
CA PRO A 90 -10.87 4.63 27.80
C PRO A 90 -11.17 3.14 28.02
N SER A 91 -10.46 2.52 28.95
CA SER A 91 -10.65 1.11 29.25
C SER A 91 -10.31 0.25 28.04
N GLY A 92 -10.74 -1.01 28.09
CA GLY A 92 -10.46 -1.92 26.99
C GLY A 92 -10.92 -1.37 25.66
N GLY A 93 -11.84 -0.41 25.70
CA GLY A 93 -12.35 0.18 24.47
C GLY A 93 -11.28 0.89 23.67
N ASP A 94 -10.12 1.11 24.30
CA ASP A 94 -9.01 1.78 23.65
C ASP A 94 -8.70 1.13 22.31
N PRO A 95 -8.37 1.96 21.31
CA PRO A 95 -8.04 1.49 19.96
C PRO A 95 -6.70 0.75 19.92
N ALA A 96 -6.47 -0.10 20.91
CA ALA A 96 -5.23 -0.87 20.98
C ALA A 96 -5.43 -2.29 20.49
N PHE A 97 -6.68 -2.71 20.42
CA PHE A 97 -7.02 -4.05 19.96
C PHE A 97 -7.81 -4.00 18.65
N LEU A 98 -7.32 -3.24 17.69
CA LEU A 98 -7.99 -3.10 16.40
C LEU A 98 -6.97 -2.94 15.28
N GLY A 99 -7.43 -3.10 14.04
CA GLY A 99 -6.55 -2.97 12.89
C GLY A 99 -5.46 -4.02 12.88
N MET A 100 -5.60 -5.00 11.99
CA MET A 100 -4.62 -6.08 11.89
C MET A 100 -3.38 -5.60 11.16
N ALA A 101 -3.57 -4.71 10.18
CA ALA A 101 -2.46 -4.18 9.40
C ALA A 101 -1.35 -3.64 10.31
N VAL A 102 -1.71 -2.69 11.17
CA VAL A 102 -0.75 -2.10 12.09
C VAL A 102 -0.04 -3.16 12.91
N SER A 103 -0.79 -4.19 13.32
CA SER A 103 -0.23 -5.28 14.11
C SER A 103 0.95 -5.92 13.39
N THR A 104 0.93 -5.85 12.06
CA THR A 104 2.00 -6.44 11.25
C THR A 104 3.21 -5.52 11.21
N LEU A 105 2.99 -4.29 10.76
CA LEU A 105 4.07 -3.30 10.67
C LEU A 105 4.73 -3.09 12.03
N CYS A 106 3.91 -2.87 13.04
CA CYS A 106 4.41 -2.66 14.40
C CYS A 106 5.04 -3.93 14.96
N GLY A 107 4.57 -5.08 14.48
CA GLY A 107 5.10 -6.34 14.94
C GLY A 107 4.54 -6.74 16.30
N GLU A 108 3.23 -6.55 16.47
CA GLU A 108 2.59 -6.89 17.73
C GLU A 108 3.33 -6.28 18.91
N VAL A 109 3.96 -5.13 18.68
CA VAL A 109 4.71 -4.44 19.73
C VAL A 109 3.83 -3.42 20.45
N PRO A 110 4.21 -3.08 21.68
CA PRO A 110 3.47 -2.12 22.50
C PRO A 110 3.61 -0.69 21.97
N LEU A 111 2.56 -0.20 21.32
CA LEU A 111 2.57 1.15 20.77
C LEU A 111 2.10 2.16 21.80
N TYR A 112 2.55 3.41 21.66
CA TYR A 112 2.18 4.46 22.59
C TYR A 112 1.29 5.50 21.90
N TYR A 113 0.48 6.19 22.69
CA TYR A 113 -0.42 7.20 22.15
C TYR A 113 0.16 8.60 22.34
N ILE A 114 0.08 9.42 21.30
CA ILE A 114 0.60 10.78 21.34
C ILE A 114 -0.53 11.79 21.51
N GLY B 1 -3.94 -9.45 -15.58
CA GLY B 1 -4.92 -10.41 -15.13
C GLY B 1 -6.25 -9.78 -14.75
N SER B 2 -7.31 -10.57 -14.74
CA SER B 2 -8.64 -10.08 -14.39
C SER B 2 -9.36 -11.07 -13.47
N GLU B 3 -9.94 -10.53 -12.40
CA GLU B 3 -10.66 -11.36 -11.44
C GLU B 3 -11.27 -10.50 -10.33
N HIS B 4 -11.99 -11.14 -9.42
CA HIS B 4 -12.62 -10.44 -8.31
C HIS B 4 -11.89 -10.74 -6.99
N LEU B 5 -10.56 -10.68 -7.03
CA LEU B 5 -9.76 -10.94 -5.85
C LEU B 5 -8.56 -10.00 -5.79
N VAL B 6 -8.75 -8.84 -5.17
CA VAL B 6 -7.69 -7.85 -5.04
C VAL B 6 -7.59 -7.34 -3.61
N THR B 7 -7.86 -8.22 -2.65
CA THR B 7 -7.81 -7.85 -1.24
C THR B 7 -6.43 -8.13 -0.66
N THR B 8 -5.56 -7.13 -0.71
CA THR B 8 -4.20 -7.26 -0.18
C THR B 8 -3.58 -5.90 0.09
N ALA B 9 -2.53 -5.88 0.92
CA ALA B 9 -1.85 -4.65 1.26
C ALA B 9 -0.45 -4.60 0.65
N THR B 10 0.15 -3.42 0.64
CA THR B 10 1.49 -3.25 0.08
C THR B 10 2.45 -2.69 1.13
N PHE B 11 3.66 -3.23 1.16
CA PHE B 11 4.68 -2.78 2.11
C PHE B 11 6.07 -2.87 1.50
N SER B 12 7.06 -2.37 2.23
CA SER B 12 8.45 -2.40 1.76
C SER B 12 9.36 -3.04 2.80
N ILE B 13 10.54 -3.44 2.37
CA ILE B 13 11.52 -4.08 3.25
C ILE B 13 12.77 -3.22 3.40
N GLY B 14 13.18 -2.97 4.63
CA GLY B 14 14.36 -2.17 4.89
C GLY B 14 14.31 -0.82 4.18
N SER B 15 15.30 -0.56 3.34
CA SER B 15 15.36 0.69 2.61
C SER B 15 15.97 0.50 1.23
N THR B 16 15.67 -0.64 0.61
CA THR B 16 16.19 -0.95 -0.71
C THR B 16 15.22 -1.85 -1.48
N GLY B 17 14.64 -2.82 -0.79
CA GLY B 17 13.71 -3.73 -1.42
C GLY B 17 12.27 -3.42 -1.08
N LEU B 18 11.34 -4.15 -1.68
CA LEU B 18 9.92 -3.94 -1.44
C LEU B 18 9.15 -5.25 -1.51
N VAL B 19 8.28 -5.48 -0.54
CA VAL B 19 7.48 -6.70 -0.50
C VAL B 19 6.07 -6.42 0.01
N VAL B 20 5.07 -6.85 -0.75
CA VAL B 20 3.68 -6.65 -0.36
C VAL B 20 3.11 -7.88 0.33
N TYR B 21 2.15 -7.66 1.22
CA TYR B 21 1.53 -8.76 1.96
C TYR B 21 0.02 -8.77 1.73
N ASP B 22 -0.55 -9.98 1.70
CA ASP B 22 -1.99 -10.13 1.50
C ASP B 22 -2.68 -10.53 2.79
N TYR B 23 -3.88 -10.01 3.00
CA TYR B 23 -4.65 -10.31 4.20
C TYR B 23 -5.88 -11.16 3.86
N GLN B 24 -5.71 -12.06 2.89
CA GLN B 24 -6.80 -12.93 2.47
C GLN B 24 -6.28 -14.05 1.57
N GLN B 25 -5.59 -13.68 0.51
CA GLN B 25 -5.04 -14.65 -0.43
C GLN B 25 -3.83 -15.36 0.18
N LEU B 26 -3.20 -14.71 1.14
CA LEU B 26 -2.02 -15.28 1.80
C LEU B 26 -0.85 -15.38 0.83
N LEU B 27 -0.80 -14.45 -0.12
CA LEU B 27 0.27 -14.44 -1.11
C LEU B 27 1.22 -13.27 -0.88
N ILE B 28 2.49 -13.45 -1.23
CA ILE B 28 3.49 -12.40 -1.07
C ILE B 28 4.24 -12.14 -2.38
N ALA B 29 4.62 -10.89 -2.58
CA ALA B 29 5.35 -10.50 -3.78
C ALA B 29 6.80 -10.16 -3.47
N TYR B 30 7.73 -10.90 -4.07
CA TYR B 30 9.14 -10.67 -3.84
C TYR B 30 9.92 -10.73 -5.16
N LYS B 31 10.53 -9.61 -5.52
CA LYS B 31 11.30 -9.53 -6.76
C LYS B 31 12.42 -8.50 -6.64
N PRO B 32 13.51 -8.72 -7.38
CA PRO B 32 14.68 -7.82 -7.36
C PRO B 32 14.36 -6.49 -8.04
N ALA B 33 14.56 -6.44 -9.35
CA ALA B 33 14.30 -5.22 -10.12
C ALA B 33 12.86 -5.18 -10.62
N PRO B 34 12.40 -3.97 -10.99
CA PRO B 34 11.04 -3.77 -11.49
C PRO B 34 10.83 -4.39 -12.86
N GLY B 35 9.86 -5.30 -12.95
CA GLY B 35 9.57 -5.95 -14.22
C GLY B 35 10.45 -7.16 -14.46
N THR B 36 10.92 -7.78 -13.38
CA THR B 36 11.78 -8.95 -13.48
C THR B 36 11.17 -10.15 -12.75
N CYS B 37 11.95 -11.22 -12.63
CA CYS B 37 11.49 -12.43 -11.95
C CYS B 37 10.80 -12.08 -10.63
N CYS B 38 9.81 -12.88 -10.26
CA CYS B 38 9.07 -12.66 -9.02
C CYS B 38 9.03 -13.93 -8.18
N TYR B 39 8.52 -13.82 -6.97
CA TYR B 39 8.44 -14.96 -6.06
C TYR B 39 7.16 -14.88 -5.21
N ILE B 40 6.53 -16.04 -5.01
CA ILE B 40 5.31 -16.10 -4.22
C ILE B 40 5.47 -17.05 -3.04
N MET B 41 4.92 -16.66 -1.89
CA MET B 41 5.00 -17.48 -0.69
C MET B 41 3.71 -17.40 0.12
N LYS B 42 3.55 -18.31 1.07
CA LYS B 42 2.35 -18.34 1.91
C LYS B 42 2.64 -17.71 3.28
N ILE B 43 1.59 -17.20 3.92
CA ILE B 43 1.73 -16.58 5.23
C ILE B 43 0.78 -17.24 6.24
N ALA B 44 0.83 -16.75 7.47
CA ALA B 44 -0.01 -17.28 8.54
C ALA B 44 -1.00 -16.22 9.04
N PRO B 45 -2.28 -16.61 9.13
CA PRO B 45 -3.35 -15.71 9.59
C PRO B 45 -3.22 -15.40 11.08
N GLU B 46 -2.42 -16.18 11.78
CA GLU B 46 -2.23 -15.98 13.22
C GLU B 46 -1.11 -14.98 13.48
N SER B 47 -0.18 -14.88 12.53
CA SER B 47 0.95 -13.97 12.65
C SER B 47 1.58 -13.70 11.30
N ILE B 48 1.04 -12.72 10.58
CA ILE B 48 1.56 -12.35 9.27
C ILE B 48 3.04 -11.97 9.35
N PRO B 49 3.84 -12.57 8.46
CA PRO B 49 5.29 -12.29 8.40
C PRO B 49 5.59 -10.89 7.89
N SER B 50 5.42 -9.90 8.76
CA SER B 50 5.68 -8.51 8.38
C SER B 50 7.11 -8.34 7.88
N LEU B 51 7.44 -7.12 7.47
CA LEU B 51 8.78 -6.81 6.97
C LEU B 51 9.85 -7.33 7.92
N GLU B 52 9.54 -7.33 9.21
CA GLU B 52 10.47 -7.81 10.22
C GLU B 52 10.88 -9.26 9.95
N ALA B 53 9.89 -10.09 9.66
CA ALA B 53 10.15 -11.51 9.38
C ALA B 53 10.69 -11.69 7.97
N LEU B 54 10.13 -10.94 7.02
CA LEU B 54 10.55 -11.03 5.63
C LEU B 54 12.06 -10.82 5.51
N THR B 55 12.55 -9.70 6.05
CA THR B 55 13.97 -9.38 6.00
C THR B 55 14.80 -10.50 6.61
N ARG B 56 14.22 -11.22 7.56
CA ARG B 56 14.91 -12.33 8.22
C ARG B 56 15.23 -13.44 7.23
N LYS B 57 14.20 -13.91 6.52
CA LYS B 57 14.37 -14.97 5.53
C LYS B 57 15.03 -14.43 4.27
N VAL B 58 14.77 -13.17 3.96
CA VAL B 58 15.33 -12.53 2.77
C VAL B 58 16.85 -12.44 2.87
N HIS B 59 17.35 -12.33 4.10
CA HIS B 59 18.80 -12.23 4.33
C HIS B 59 19.52 -13.45 3.76
N ASN B 60 18.85 -14.60 3.78
CA ASN B 60 19.43 -15.83 3.27
C ASN B 60 19.65 -15.75 1.77
N PHE B 61 18.88 -14.88 1.11
CA PHE B 61 18.99 -14.71 -0.34
C PHE B 61 18.83 -16.03 -1.06
N GLN B 62 17.69 -16.67 -0.86
CA GLN B 62 17.41 -17.96 -1.49
C GLN B 62 16.61 -17.78 -2.77
N MET B 63 16.85 -16.66 -3.46
CA MET B 63 16.15 -16.36 -4.70
C MET B 63 17.13 -15.92 -5.78
N GLU B 64 17.42 -14.63 -5.82
CA GLU B 64 18.35 -14.09 -6.81
C GLU B 64 18.02 -14.62 -8.21
N CYS B 65 16.76 -14.47 -8.61
CA CYS B 65 16.33 -14.93 -9.92
C CYS B 65 16.74 -16.39 -10.14
N SER B 66 16.76 -17.17 -9.07
CA SER B 66 17.14 -18.57 -9.14
C SER B 66 16.26 -19.42 -8.23
N LEU B 67 16.70 -20.65 -7.97
CA LEU B 67 15.95 -21.56 -7.12
C LEU B 67 16.90 -22.38 -6.24
N GLN B 68 17.11 -21.92 -5.01
CA GLN B 68 17.99 -22.61 -4.08
C GLN B 68 17.67 -24.11 -4.03
N ALA B 69 18.71 -24.93 -3.86
CA ALA B 69 18.54 -26.37 -3.79
C ALA B 69 18.10 -26.93 -5.15
N LYS B 70 18.67 -28.07 -5.52
CA LYS B 70 18.34 -28.72 -6.79
C LYS B 70 16.84 -28.59 -7.09
N PRO B 71 16.01 -29.18 -6.21
CA PRO B 71 14.55 -29.15 -6.36
C PRO B 71 13.98 -27.76 -6.11
N ALA B 72 12.67 -27.69 -5.90
CA ALA B 72 11.99 -26.43 -5.66
C ALA B 72 11.66 -26.27 -4.18
N VAL B 73 11.33 -27.38 -3.53
CA VAL B 73 11.00 -27.36 -2.10
C VAL B 73 11.97 -28.22 -1.29
N PRO B 74 13.09 -27.61 -0.89
CA PRO B 74 14.12 -28.30 -0.11
C PRO B 74 13.66 -28.61 1.31
N THR B 75 13.06 -29.79 1.49
CA THR B 75 12.56 -30.19 2.81
C THR B 75 11.72 -29.09 3.45
N SER B 76 10.62 -28.73 2.80
CA SER B 76 9.74 -27.69 3.30
C SER B 76 8.30 -28.19 3.35
N LYS B 77 7.93 -29.03 2.38
CA LYS B 77 6.58 -29.58 2.32
C LYS B 77 6.56 -30.88 1.54
N LEU B 78 7.15 -30.87 0.34
CA LEU B 78 7.20 -32.06 -0.50
C LEU B 78 5.81 -32.59 -0.78
N GLY B 79 5.73 -33.65 -1.56
CA GLY B 79 4.44 -34.24 -1.91
C GLY B 79 4.50 -35.75 -1.97
N GLN B 80 5.07 -36.28 -3.05
CA GLN B 80 5.18 -37.72 -3.22
C GLN B 80 6.62 -38.13 -3.53
N ALA B 81 7.05 -37.87 -4.77
CA ALA B 81 8.41 -38.21 -5.19
C ALA B 81 9.34 -37.02 -5.00
N GLU B 82 9.27 -36.05 -5.90
CA GLU B 82 10.11 -34.87 -5.82
C GLU B 82 9.28 -33.62 -5.56
N GLY B 83 9.91 -32.45 -5.69
CA GLY B 83 9.21 -31.21 -5.45
C GLY B 83 8.89 -30.47 -6.74
N ARG B 84 8.81 -29.15 -6.66
CA ARG B 84 8.51 -28.33 -7.83
C ARG B 84 7.09 -28.58 -8.33
N ASP B 85 6.90 -29.72 -9.01
CA ASP B 85 5.60 -30.08 -9.53
C ASP B 85 4.94 -31.15 -8.67
N ALA B 86 5.15 -31.06 -7.36
CA ALA B 86 4.59 -32.01 -6.42
C ALA B 86 4.80 -31.57 -4.98
N GLY B 87 5.94 -30.92 -4.73
CA GLY B 87 6.25 -30.45 -3.39
C GLY B 87 6.00 -28.96 -3.23
N SER B 88 6.33 -28.19 -4.25
CA SER B 88 6.15 -26.74 -4.22
C SER B 88 5.05 -26.31 -5.20
N ALA B 89 4.19 -27.26 -5.56
CA ALA B 89 3.11 -26.97 -6.49
C ALA B 89 2.27 -28.22 -6.75
N PRO B 90 1.31 -28.48 -5.85
CA PRO B 90 0.42 -29.64 -5.96
C PRO B 90 -0.57 -29.51 -7.11
N SER B 91 -0.08 -29.78 -8.33
CA SER B 91 -0.93 -29.69 -9.52
C SER B 91 -1.40 -28.26 -9.75
N GLY B 92 -2.38 -28.09 -10.61
CA GLY B 92 -2.91 -26.78 -10.90
C GLY B 92 -3.38 -26.05 -9.66
N GLY B 93 -3.63 -26.81 -8.59
CA GLY B 93 -4.09 -26.22 -7.35
C GLY B 93 -3.05 -25.29 -6.74
N ASP B 94 -1.83 -25.34 -7.27
CA ASP B 94 -0.75 -24.50 -6.76
C ASP B 94 -1.17 -23.04 -6.71
N PRO B 95 -0.72 -22.33 -5.66
CA PRO B 95 -1.05 -20.91 -5.46
C PRO B 95 -0.36 -20.02 -6.50
N ALA B 96 -0.37 -20.45 -7.75
CA ALA B 96 0.25 -19.69 -8.83
C ALA B 96 -0.80 -18.94 -9.65
N PHE B 97 -2.06 -19.36 -9.49
CA PHE B 97 -3.16 -18.73 -10.23
C PHE B 97 -4.09 -17.99 -9.28
N LEU B 98 -3.51 -17.21 -8.38
CA LEU B 98 -4.30 -16.45 -7.40
C LEU B 98 -3.64 -15.10 -7.11
N GLY B 99 -4.41 -14.20 -6.52
CA GLY B 99 -3.88 -12.88 -6.19
C GLY B 99 -3.58 -12.05 -7.42
N MET B 100 -4.42 -11.07 -7.69
CA MET B 100 -4.23 -10.20 -8.86
C MET B 100 -3.13 -9.19 -8.60
N ALA B 101 -2.99 -8.76 -7.34
CA ALA B 101 -1.97 -7.80 -6.97
C ALA B 101 -0.59 -8.23 -7.48
N VAL B 102 -0.17 -9.42 -7.06
CA VAL B 102 1.13 -9.94 -7.45
C VAL B 102 1.28 -9.95 -8.97
N SER B 103 0.17 -10.22 -9.67
CA SER B 103 0.18 -10.27 -11.13
C SER B 103 0.63 -8.94 -11.71
N THR B 104 0.36 -7.85 -10.99
CA THR B 104 0.75 -6.52 -11.43
C THR B 104 2.22 -6.25 -11.14
N LEU B 105 2.61 -6.39 -9.88
CA LEU B 105 3.98 -6.17 -9.47
C LEU B 105 4.94 -7.07 -10.23
N CYS B 106 4.64 -8.37 -10.25
CA CYS B 106 5.47 -9.34 -10.95
C CYS B 106 5.35 -9.16 -12.46
N GLY B 107 4.21 -8.62 -12.90
CA GLY B 107 3.99 -8.41 -14.32
C GLY B 107 3.59 -9.68 -15.04
N GLU B 108 2.73 -10.48 -14.41
CA GLU B 108 2.27 -11.73 -15.00
C GLU B 108 3.46 -12.58 -15.45
N VAL B 109 4.56 -12.51 -14.70
CA VAL B 109 5.76 -13.27 -15.02
C VAL B 109 5.82 -14.56 -14.19
N PRO B 110 6.54 -15.55 -14.73
CA PRO B 110 6.69 -16.86 -14.07
C PRO B 110 7.57 -16.77 -12.82
N LEU B 111 6.93 -16.76 -11.66
CA LEU B 111 7.65 -16.68 -10.39
C LEU B 111 8.04 -18.07 -9.90
N TYR B 112 9.13 -18.14 -9.15
CA TYR B 112 9.61 -19.41 -8.61
C TYR B 112 9.29 -19.52 -7.12
N TYR B 113 9.08 -20.75 -6.66
CA TYR B 113 8.77 -20.99 -5.26
C TYR B 113 10.03 -21.32 -4.46
N ILE B 114 10.12 -20.75 -3.26
CA ILE B 114 11.27 -20.98 -2.40
C ILE B 114 10.93 -21.91 -1.24
N GLY C 1 -12.08 14.04 1.85
CA GLY C 1 -13.30 13.51 1.26
C GLY C 1 -13.93 12.41 2.10
N SER C 2 -15.22 12.17 1.87
CA SER C 2 -15.94 11.14 2.61
C SER C 2 -16.82 10.31 1.68
N GLU C 3 -16.73 9.00 1.81
CA GLU C 3 -17.52 8.10 0.97
C GLU C 3 -17.25 6.63 1.34
N HIS C 4 -17.95 5.73 0.67
CA HIS C 4 -17.79 4.30 0.92
C HIS C 4 -17.06 3.63 -0.24
N LEU C 5 -15.98 4.26 -0.70
CA LEU C 5 -15.20 3.72 -1.81
C LEU C 5 -13.71 3.93 -1.57
N VAL C 6 -13.07 2.96 -0.90
CA VAL C 6 -11.65 3.04 -0.62
C VAL C 6 -10.95 1.73 -0.97
N THR C 7 -11.43 1.07 -2.01
CA THR C 7 -10.85 -0.19 -2.45
C THR C 7 -9.77 0.04 -3.50
N THR C 8 -8.53 0.17 -3.04
CA THR C 8 -7.39 0.39 -3.94
C THR C 8 -6.09 0.02 -3.26
N ALA C 9 -5.04 -0.18 -4.07
CA ALA C 9 -3.72 -0.53 -3.55
C ALA C 9 -2.74 0.62 -3.74
N THR C 10 -1.60 0.54 -3.05
CA THR C 10 -0.58 1.57 -3.14
C THR C 10 0.74 0.98 -3.61
N PHE C 11 1.42 1.71 -4.50
CA PHE C 11 2.71 1.26 -5.03
C PHE C 11 3.61 2.45 -5.33
N SER C 12 4.86 2.16 -5.70
CA SER C 12 5.82 3.20 -6.01
C SER C 12 6.48 2.95 -7.37
N ILE C 13 7.07 3.99 -7.94
CA ILE C 13 7.74 3.88 -9.23
C ILE C 13 9.24 4.10 -9.09
N GLY C 14 10.02 3.17 -9.66
CA GLY C 14 11.47 3.28 -9.59
C GLY C 14 11.96 3.45 -8.17
N SER C 15 12.71 4.52 -7.94
CA SER C 15 13.27 4.79 -6.61
C SER C 15 13.30 6.30 -6.33
N THR C 16 12.29 7.00 -6.82
CA THR C 16 12.20 8.44 -6.63
C THR C 16 10.74 8.91 -6.58
N GLY C 17 9.92 8.35 -7.45
CA GLY C 17 8.51 8.71 -7.49
C GLY C 17 7.63 7.65 -6.86
N LEU C 18 6.33 7.95 -6.77
CA LEU C 18 5.37 7.02 -6.18
C LEU C 18 4.02 7.12 -6.89
N VAL C 19 3.45 5.97 -7.20
CA VAL C 19 2.15 5.91 -7.87
C VAL C 19 1.31 4.75 -7.36
N VAL C 20 0.09 5.04 -6.93
CA VAL C 20 -0.81 4.02 -6.42
C VAL C 20 -1.78 3.55 -7.51
N TYR C 21 -2.20 2.30 -7.41
CA TYR C 21 -3.13 1.73 -8.38
C TYR C 21 -4.40 1.22 -7.70
N ASP C 22 -5.52 1.33 -8.39
CA ASP C 22 -6.80 0.89 -7.86
C ASP C 22 -7.26 -0.40 -8.54
N TYR C 23 -7.91 -1.27 -7.78
CA TYR C 23 -8.40 -2.53 -8.33
C TYR C 23 -9.93 -2.55 -8.36
N GLN C 24 -10.53 -1.39 -8.63
CA GLN C 24 -11.98 -1.28 -8.70
C GLN C 24 -12.38 0.05 -9.33
N GLN C 25 -11.89 1.15 -8.76
CA GLN C 25 -12.21 2.47 -9.27
C GLN C 25 -11.47 2.76 -10.58
N LEU C 26 -10.37 2.05 -10.79
CA LEU C 26 -9.58 2.21 -12.00
C LEU C 26 -8.94 3.60 -12.05
N LEU C 27 -8.61 4.13 -10.87
CA LEU C 27 -7.99 5.45 -10.78
C LEU C 27 -6.53 5.33 -10.35
N ILE C 28 -5.71 6.26 -10.81
CA ILE C 28 -4.29 6.27 -10.47
C ILE C 28 -3.86 7.62 -9.90
N ALA C 29 -2.91 7.59 -8.97
CA ALA C 29 -2.41 8.81 -8.35
C ALA C 29 -0.98 9.10 -8.80
N TYR C 30 -0.79 10.26 -9.43
CA TYR C 30 0.53 10.66 -9.90
C TYR C 30 0.81 12.13 -9.59
N LYS C 31 1.83 12.37 -8.77
CA LYS C 31 2.19 13.73 -8.40
C LYS C 31 3.68 13.82 -8.07
N PRO C 32 4.27 15.01 -8.31
CA PRO C 32 5.69 15.25 -8.04
C PRO C 32 6.00 15.28 -6.55
N ALA C 33 5.86 16.44 -5.94
CA ALA C 33 6.14 16.60 -4.52
C ALA C 33 4.89 16.33 -3.68
N PRO C 34 5.09 16.07 -2.39
CA PRO C 34 3.98 15.79 -1.46
C PRO C 34 3.14 17.03 -1.18
N GLY C 35 1.85 16.93 -1.48
CA GLY C 35 0.95 18.06 -1.25
C GLY C 35 0.94 19.03 -2.41
N THR C 36 1.22 18.53 -3.61
CA THR C 36 1.25 19.37 -4.80
C THR C 36 0.29 18.85 -5.86
N CYS C 37 0.36 19.43 -7.06
CA CYS C 37 -0.50 19.02 -8.15
C CYS C 37 -0.55 17.50 -8.29
N CYS C 38 -1.69 16.98 -8.71
CA CYS C 38 -1.86 15.54 -8.88
C CYS C 38 -2.39 15.21 -10.26
N TYR C 39 -2.44 13.92 -10.58
CA TYR C 39 -2.93 13.48 -11.89
C TYR C 39 -3.70 12.17 -11.75
N ILE C 40 -4.79 12.06 -12.50
CA ILE C 40 -5.63 10.86 -12.47
C ILE C 40 -5.74 10.23 -13.86
N MET C 41 -5.69 8.91 -13.92
CA MET C 41 -5.79 8.19 -15.18
C MET C 41 -6.59 6.90 -15.01
N LYS C 42 -6.98 6.30 -16.13
CA LYS C 42 -7.75 5.06 -16.11
C LYS C 42 -6.85 3.87 -16.42
N ILE C 43 -7.23 2.70 -15.92
CA ILE C 43 -6.47 1.47 -16.15
C ILE C 43 -7.34 0.39 -16.79
N ALA C 44 -6.73 -0.76 -17.04
CA ALA C 44 -7.45 -1.88 -17.66
C ALA C 44 -7.52 -3.07 -16.70
N PRO C 45 -8.74 -3.62 -16.55
CA PRO C 45 -8.98 -4.76 -15.67
C PRO C 45 -8.36 -6.05 -16.20
N GLU C 46 -7.98 -6.03 -17.48
CA GLU C 46 -7.38 -7.19 -18.11
C GLU C 46 -5.86 -7.20 -17.90
N SER C 47 -5.30 -6.01 -17.70
CA SER C 47 -3.86 -5.89 -17.49
C SER C 47 -3.53 -4.53 -16.86
N ILE C 48 -3.59 -4.47 -15.54
CA ILE C 48 -3.30 -3.24 -14.82
C ILE C 48 -1.89 -2.75 -15.13
N PRO C 49 -1.78 -1.46 -15.46
CA PRO C 49 -0.49 -0.83 -15.78
C PRO C 49 0.41 -0.69 -14.56
N SER C 50 1.03 -1.80 -14.17
CA SER C 50 1.92 -1.80 -13.02
C SER C 50 3.02 -0.76 -13.17
N LEU C 51 3.87 -0.65 -12.16
CA LEU C 51 4.97 0.32 -12.18
C LEU C 51 5.75 0.23 -13.49
N GLU C 52 5.83 -0.98 -14.04
CA GLU C 52 6.55 -1.21 -15.29
C GLU C 52 5.97 -0.34 -16.41
N ALA C 53 4.64 -0.31 -16.51
CA ALA C 53 3.96 0.47 -17.53
C ALA C 53 3.96 1.95 -17.17
N LEU C 54 3.74 2.25 -15.90
CA LEU C 54 3.70 3.63 -15.41
C LEU C 54 5.00 4.35 -15.77
N THR C 55 6.13 3.76 -15.38
CA THR C 55 7.43 4.36 -15.66
C THR C 55 7.62 4.58 -17.16
N ARG C 56 6.99 3.72 -17.96
CA ARG C 56 7.11 3.82 -19.41
C ARG C 56 6.51 5.13 -19.91
N LYS C 57 5.27 5.40 -19.53
CA LYS C 57 4.58 6.62 -19.94
C LYS C 57 5.09 7.82 -19.15
N VAL C 58 5.52 7.57 -17.92
CA VAL C 58 6.03 8.63 -17.06
C VAL C 58 7.33 9.20 -17.61
N HIS C 59 8.09 8.36 -18.32
CA HIS C 59 9.36 8.77 -18.91
C HIS C 59 9.16 9.97 -19.84
N ASN C 60 8.02 10.00 -20.51
CA ASN C 60 7.71 11.08 -21.43
C ASN C 60 7.55 12.41 -20.69
N PHE C 61 7.23 12.32 -19.41
CA PHE C 61 7.04 13.51 -18.59
C PHE C 61 6.00 14.44 -19.20
N GLN C 62 4.79 13.93 -19.35
CA GLN C 62 3.69 14.72 -19.93
C GLN C 62 2.85 15.37 -18.85
N MET C 63 3.50 15.71 -17.73
CA MET C 63 2.80 16.33 -16.61
C MET C 63 3.56 17.56 -16.12
N GLU C 64 4.50 17.34 -15.20
CA GLU C 64 5.30 18.43 -14.65
C GLU C 64 4.41 19.60 -14.24
N CYS C 65 3.38 19.31 -13.44
CA CYS C 65 2.47 20.34 -12.98
C CYS C 65 1.92 21.16 -14.15
N SER C 66 1.79 20.50 -15.31
CA SER C 66 1.29 21.18 -16.50
C SER C 66 0.35 20.26 -17.28
N LEU C 67 0.08 20.63 -18.52
CA LEU C 67 -0.81 19.84 -19.38
C LEU C 67 -0.29 19.80 -20.81
N GLN C 68 0.42 18.72 -21.15
CA GLN C 68 0.98 18.56 -22.49
C GLN C 68 -0.09 18.83 -23.55
N ALA C 69 0.33 19.41 -24.67
CA ALA C 69 -0.58 19.72 -25.76
C ALA C 69 -1.56 20.81 -25.36
N LYS C 70 -1.83 21.73 -26.27
CA LYS C 70 -2.75 22.84 -26.02
C LYS C 70 -3.95 22.35 -25.20
N PRO C 71 -4.73 21.43 -25.78
CA PRO C 71 -5.92 20.87 -25.12
C PRO C 71 -5.55 19.97 -23.94
N ALA C 72 -6.51 19.17 -23.49
CA ALA C 72 -6.29 18.27 -22.36
C ALA C 72 -6.10 16.84 -22.84
N VAL C 73 -6.83 16.47 -23.91
CA VAL C 73 -6.74 15.13 -24.47
C VAL C 73 -6.25 15.17 -25.90
N PRO C 74 -4.91 15.17 -26.08
CA PRO C 74 -4.29 15.20 -27.40
C PRO C 74 -4.48 13.90 -28.17
N THR C 75 -5.56 13.82 -28.94
CA THR C 75 -5.86 12.63 -29.72
C THR C 75 -5.77 11.37 -28.86
N SER C 76 -6.61 11.30 -27.84
CA SER C 76 -6.63 10.15 -26.95
C SER C 76 -8.04 9.60 -26.79
N LYS C 77 -9.02 10.49 -26.81
CA LYS C 77 -10.42 10.10 -26.67
C LYS C 77 -11.34 11.14 -27.31
N LEU C 78 -11.16 12.40 -26.93
CA LEU C 78 -11.97 13.48 -27.47
C LEU C 78 -13.46 13.23 -27.21
N GLY C 79 -14.29 14.17 -27.62
CA GLY C 79 -15.72 14.03 -27.43
C GLY C 79 -16.53 14.57 -28.60
N GLN C 80 -16.61 15.89 -28.70
CA GLN C 80 -17.36 16.53 -29.77
C GLN C 80 -16.49 17.58 -30.47
N ALA C 81 -16.32 18.73 -29.83
CA ALA C 81 -15.53 19.81 -30.40
C ALA C 81 -14.08 19.72 -29.93
N GLU C 82 -13.82 20.12 -28.69
CA GLU C 82 -12.48 20.08 -28.14
C GLU C 82 -12.39 19.09 -26.97
N GLY C 83 -11.28 19.15 -26.25
CA GLY C 83 -11.10 18.25 -25.12
C GLY C 83 -11.26 18.95 -23.79
N ARG C 84 -10.58 18.45 -22.76
CA ARG C 84 -10.65 19.04 -21.42
C ARG C 84 -12.06 18.88 -20.85
N ASP C 85 -12.99 19.70 -21.32
CA ASP C 85 -14.36 19.65 -20.84
C ASP C 85 -15.27 18.94 -21.85
N ALA C 86 -14.72 17.93 -22.50
CA ALA C 86 -15.48 17.17 -23.50
C ALA C 86 -14.70 15.93 -23.94
N GLY C 87 -13.38 16.06 -24.00
CA GLY C 87 -12.55 14.94 -24.40
C GLY C 87 -11.90 14.24 -23.24
N SER C 88 -11.45 15.01 -22.25
CA SER C 88 -10.80 14.46 -21.07
C SER C 88 -11.67 14.64 -19.83
N ALA C 89 -12.97 14.85 -20.06
CA ALA C 89 -13.91 15.03 -18.96
C ALA C 89 -15.33 15.23 -19.47
N PRO C 90 -16.02 14.12 -19.77
CA PRO C 90 -17.39 14.15 -20.28
C PRO C 90 -18.39 14.62 -19.23
N SER C 91 -18.45 15.93 -19.01
CA SER C 91 -19.36 16.50 -18.03
C SER C 91 -19.02 16.03 -16.62
N GLY C 92 -19.93 16.24 -15.69
CA GLY C 92 -19.70 15.83 -14.31
C GLY C 92 -19.36 14.36 -14.20
N GLY C 93 -19.71 13.59 -15.22
CA GLY C 93 -19.43 12.17 -15.21
C GLY C 93 -17.95 11.86 -15.19
N ASP C 94 -17.13 12.89 -15.41
CA ASP C 94 -15.69 12.72 -15.43
C ASP C 94 -15.21 12.04 -14.14
N PRO C 95 -14.21 11.17 -14.28
CA PRO C 95 -13.64 10.43 -13.15
C PRO C 95 -12.86 11.33 -12.20
N ALA C 96 -13.41 12.50 -11.91
CA ALA C 96 -12.78 13.45 -11.02
C ALA C 96 -13.41 13.43 -9.63
N PHE C 97 -14.60 12.83 -9.55
CA PHE C 97 -15.31 12.74 -8.28
C PHE C 97 -15.42 11.29 -7.82
N LEU C 98 -14.30 10.58 -7.86
CA LEU C 98 -14.27 9.18 -7.46
C LEU C 98 -12.94 8.82 -6.81
N GLY C 99 -12.90 7.69 -6.11
CA GLY C 99 -11.68 7.27 -5.45
C GLY C 99 -11.28 8.20 -4.31
N MET C 100 -11.49 7.74 -3.08
CA MET C 100 -11.14 8.53 -1.91
C MET C 100 -9.63 8.52 -1.67
N ALA C 101 -8.99 7.41 -2.00
CA ALA C 101 -7.55 7.28 -1.83
C ALA C 101 -6.81 8.46 -2.45
N VAL C 102 -7.01 8.66 -3.75
CA VAL C 102 -6.36 9.75 -4.47
C VAL C 102 -6.62 11.09 -3.79
N SER C 103 -7.82 11.24 -3.23
CA SER C 103 -8.19 12.48 -2.55
C SER C 103 -7.23 12.77 -1.39
N THR C 104 -6.69 11.71 -0.80
CA THR C 104 -5.76 11.86 0.31
C THR C 104 -4.36 12.21 -0.18
N LEU C 105 -3.83 11.38 -1.08
CA LEU C 105 -2.50 11.61 -1.63
C LEU C 105 -2.42 12.97 -2.33
N CYS C 106 -3.37 13.23 -3.21
CA CYS C 106 -3.41 14.50 -3.93
C CYS C 106 -3.80 15.64 -3.01
N GLY C 107 -4.52 15.33 -1.94
CA GLY C 107 -4.95 16.34 -1.00
C GLY C 107 -6.14 17.14 -1.49
N GLU C 108 -7.10 16.45 -2.10
CA GLU C 108 -8.29 17.12 -2.62
C GLU C 108 -7.91 18.29 -3.51
N VAL C 109 -6.80 18.15 -4.24
CA VAL C 109 -6.33 19.20 -5.13
C VAL C 109 -6.79 18.95 -6.56
N PRO C 110 -6.88 20.03 -7.35
CA PRO C 110 -7.30 19.96 -8.75
C PRO C 110 -6.25 19.28 -9.64
N LEU C 111 -6.47 18.02 -9.96
CA LEU C 111 -5.54 17.26 -10.79
C LEU C 111 -5.87 17.45 -12.27
N TYR C 112 -4.86 17.35 -13.11
CA TYR C 112 -5.05 17.50 -14.56
C TYR C 112 -5.01 16.13 -15.25
N TYR C 113 -5.73 16.03 -16.36
CA TYR C 113 -5.77 14.79 -17.12
C TYR C 113 -4.74 14.80 -18.25
N ILE C 114 -4.06 13.67 -18.44
CA ILE C 114 -3.05 13.55 -19.48
C ILE C 114 -3.56 12.69 -20.64
N GLY A 1 -7.46 -19.03 4.63
CA GLY A 1 -7.82 -17.71 5.15
C GLY A 1 -8.43 -17.79 6.54
N SER A 2 -8.77 -16.62 7.09
CA SER A 2 -9.36 -16.55 8.42
C SER A 2 -9.67 -15.11 8.80
N GLU A 3 -8.80 -14.19 8.39
CA GLU A 3 -8.99 -12.78 8.68
C GLU A 3 -10.37 -12.31 8.26
N HIS A 4 -10.80 -11.17 8.82
CA HIS A 4 -12.11 -10.62 8.51
C HIS A 4 -12.24 -9.20 9.04
N LEU A 5 -11.15 -8.43 8.93
CA LEU A 5 -11.15 -7.05 9.40
C LEU A 5 -9.85 -6.35 9.01
N VAL A 6 -9.34 -6.68 7.82
CA VAL A 6 -8.11 -6.09 7.34
C VAL A 6 -8.39 -4.99 6.31
N THR A 7 -9.50 -4.28 6.51
CA THR A 7 -9.89 -3.21 5.61
C THR A 7 -9.15 -1.91 5.95
N THR A 8 -8.05 -1.66 5.24
CA THR A 8 -7.26 -0.47 5.46
C THR A 8 -6.39 -0.15 4.24
N ALA A 9 -5.90 1.08 4.18
CA ALA A 9 -5.05 1.52 3.08
C ALA A 9 -3.62 1.75 3.54
N THR A 10 -2.66 1.23 2.78
CA THR A 10 -1.25 1.38 3.12
C THR A 10 -0.62 2.54 2.36
N PHE A 11 0.15 3.37 3.06
CA PHE A 11 0.80 4.51 2.45
C PHE A 11 2.16 4.77 3.09
N SER A 12 2.92 5.69 2.51
CA SER A 12 4.24 6.04 3.02
C SER A 12 4.39 7.54 3.20
N ILE A 13 5.34 7.94 4.03
CA ILE A 13 5.58 9.36 4.29
C ILE A 13 6.92 9.81 3.69
N GLY A 14 6.90 10.91 2.94
CA GLY A 14 8.11 11.41 2.33
C GLY A 14 8.86 10.35 1.55
N SER A 15 10.14 10.19 1.85
CA SER A 15 10.98 9.20 1.18
C SER A 15 11.94 8.53 2.16
N THR A 16 11.47 8.35 3.39
CA THR A 16 12.28 7.72 4.42
C THR A 16 11.43 6.89 5.36
N GLY A 17 10.30 7.44 5.79
CA GLY A 17 9.40 6.73 6.68
C GLY A 17 8.18 6.19 5.97
N LEU A 18 7.30 5.56 6.73
CA LEU A 18 6.07 4.99 6.16
C LEU A 18 4.93 5.05 7.16
N VAL A 19 3.73 5.32 6.66
CA VAL A 19 2.54 5.41 7.52
C VAL A 19 1.30 4.96 6.76
N VAL A 20 0.56 4.03 7.35
CA VAL A 20 -0.67 3.52 6.73
C VAL A 20 -1.90 4.12 7.39
N TYR A 21 -2.98 4.25 6.62
CA TYR A 21 -4.22 4.81 7.14
C TYR A 21 -5.36 3.80 7.02
N ASP A 22 -6.21 3.76 8.03
CA ASP A 22 -7.35 2.84 8.05
C ASP A 22 -8.62 3.54 7.58
N TYR A 23 -9.11 3.15 6.41
CA TYR A 23 -10.32 3.74 5.85
C TYR A 23 -11.57 3.05 6.39
N GLN A 24 -11.75 3.12 7.71
CA GLN A 24 -12.90 2.50 8.35
C GLN A 24 -12.89 2.74 9.86
N GLN A 25 -11.99 2.04 10.56
CA GLN A 25 -11.87 2.18 12.00
C GLN A 25 -11.19 3.49 12.37
N LEU A 26 -10.66 4.17 11.36
CA LEU A 26 -9.97 5.45 11.57
C LEU A 26 -8.74 5.26 12.45
N LEU A 27 -7.73 4.59 11.90
CA LEU A 27 -6.49 4.34 12.63
C LEU A 27 -5.27 4.56 11.74
N ILE A 28 -4.16 4.98 12.34
CA ILE A 28 -2.94 5.22 11.60
C ILE A 28 -1.75 4.53 12.26
N ALA A 29 -0.84 4.02 11.43
CA ALA A 29 0.35 3.34 11.94
C ALA A 29 1.58 4.21 11.81
N TYR A 30 2.22 4.51 12.94
CA TYR A 30 3.41 5.35 12.95
C TYR A 30 4.49 4.75 13.86
N LYS A 31 5.62 4.40 13.27
CA LYS A 31 6.72 3.82 14.02
C LYS A 31 8.06 4.13 13.35
N PRO A 32 9.11 4.26 14.17
CA PRO A 32 10.46 4.56 13.68
C PRO A 32 11.08 3.40 12.91
N ALA A 33 11.74 2.49 13.63
CA ALA A 33 12.36 1.33 13.02
C ALA A 33 11.41 0.14 13.00
N PRO A 34 11.71 -0.84 12.14
CA PRO A 34 10.90 -2.05 12.00
C PRO A 34 10.99 -2.96 13.22
N GLY A 35 9.85 -3.25 13.83
CA GLY A 35 9.82 -4.11 15.00
C GLY A 35 10.07 -3.34 16.29
N THR A 36 9.72 -2.05 16.28
CA THR A 36 9.90 -1.21 17.45
C THR A 36 8.58 -0.57 17.89
N CYS A 37 8.66 0.30 18.89
CA CYS A 37 7.47 0.97 19.40
C CYS A 37 6.63 1.54 18.25
N CYS A 38 5.31 1.53 18.42
CA CYS A 38 4.41 2.04 17.41
C CYS A 38 3.44 3.07 18.00
N TYR A 39 2.72 3.77 17.13
CA TYR A 39 1.77 4.78 17.57
C TYR A 39 0.49 4.72 16.74
N ILE A 40 -0.64 4.93 17.40
CA ILE A 40 -1.94 4.90 16.72
C ILE A 40 -2.68 6.22 16.90
N MET A 41 -3.30 6.70 15.83
CA MET A 41 -4.04 7.95 15.87
C MET A 41 -5.37 7.82 15.12
N LYS A 42 -6.29 8.74 15.40
CA LYS A 42 -7.60 8.72 14.75
C LYS A 42 -7.64 9.71 13.59
N ILE A 43 -8.53 9.45 12.63
CA ILE A 43 -8.66 10.33 11.47
C ILE A 43 -10.12 10.71 11.25
N ALA A 44 -10.36 11.60 10.28
CA ALA A 44 -11.70 12.05 9.97
C ALA A 44 -12.10 11.65 8.56
N PRO A 45 -13.32 11.09 8.42
CA PRO A 45 -13.84 10.66 7.12
C PRO A 45 -14.17 11.84 6.20
N GLU A 46 -14.41 12.99 6.80
CA GLU A 46 -14.73 14.19 6.03
C GLU A 46 -13.49 14.77 5.36
N SER A 47 -12.33 14.48 5.94
CA SER A 47 -11.06 14.97 5.40
C SER A 47 -9.89 14.14 5.92
N ILE A 48 -9.70 12.97 5.33
CA ILE A 48 -8.61 12.08 5.74
C ILE A 48 -7.25 12.75 5.55
N PRO A 49 -6.56 13.00 6.68
CA PRO A 49 -5.25 13.64 6.66
C PRO A 49 -4.17 12.74 6.09
N SER A 50 -4.12 12.65 4.76
CA SER A 50 -3.13 11.81 4.08
C SER A 50 -1.72 12.20 4.49
N LEU A 51 -0.74 11.50 3.92
CA LEU A 51 0.66 11.77 4.23
C LEU A 51 0.94 13.28 4.26
N GLU A 52 0.24 14.02 3.40
CA GLU A 52 0.42 15.46 3.34
C GLU A 52 0.25 16.09 4.73
N ALA A 53 -0.84 15.75 5.41
CA ALA A 53 -1.11 16.28 6.74
C ALA A 53 -0.25 15.59 7.78
N LEU A 54 -0.03 14.29 7.61
CA LEU A 54 0.79 13.52 8.54
C LEU A 54 2.16 14.14 8.72
N THR A 55 2.85 14.39 7.61
CA THR A 55 4.18 14.98 7.65
C THR A 55 4.15 16.34 8.34
N ARG A 56 3.01 17.03 8.23
CA ARG A 56 2.85 18.34 8.86
C ARG A 56 3.01 18.25 10.38
N LYS A 57 2.22 17.37 10.99
CA LYS A 57 2.27 17.20 12.44
C LYS A 57 3.48 16.35 12.85
N VAL A 58 3.88 15.45 11.95
CA VAL A 58 5.03 14.58 12.21
C VAL A 58 6.33 15.39 12.24
N HIS A 59 6.36 16.47 11.46
CA HIS A 59 7.55 17.32 11.40
C HIS A 59 7.90 17.87 12.78
N ASN A 60 6.88 18.11 13.59
CA ASN A 60 7.09 18.64 14.94
C ASN A 60 7.81 17.62 15.81
N PHE A 61 7.72 16.35 15.44
CA PHE A 61 8.36 15.27 16.20
C PHE A 61 7.96 15.33 17.66
N GLN A 62 6.65 15.26 17.92
CA GLN A 62 6.14 15.29 19.28
C GLN A 62 5.94 13.88 19.82
N MET A 63 6.82 12.97 19.42
CA MET A 63 6.75 11.58 19.87
C MET A 63 8.14 10.97 19.97
N GLU A 64 8.70 10.58 18.84
CA GLU A 64 10.03 9.98 18.80
C GLU A 64 10.16 8.89 19.85
N CYS A 65 9.26 7.91 19.79
CA CYS A 65 9.27 6.79 20.75
C CYS A 65 9.30 7.32 22.18
N SER A 66 8.65 8.45 22.40
CA SER A 66 8.59 9.06 23.74
C SER A 66 7.39 10.00 23.86
N LEU A 67 7.39 10.79 24.92
CA LEU A 67 6.30 11.72 25.16
C LEU A 67 6.83 13.16 25.30
N GLN A 68 6.50 14.00 24.33
CA GLN A 68 6.94 15.39 24.36
C GLN A 68 6.86 15.97 25.77
N ALA A 69 5.79 15.65 26.48
CA ALA A 69 5.59 16.13 27.83
C ALA A 69 5.88 15.04 28.85
N LYS A 70 5.44 15.25 30.09
CA LYS A 70 5.65 14.28 31.16
C LYS A 70 4.78 13.05 30.95
N PRO A 71 3.45 13.24 31.02
CA PRO A 71 2.48 12.16 30.84
C PRO A 71 2.43 11.65 29.41
N ALA A 72 1.38 10.90 29.09
CA ALA A 72 1.22 10.36 27.74
C ALA A 72 0.30 11.23 26.91
N VAL A 73 -0.68 11.85 27.56
CA VAL A 73 -1.63 12.73 26.88
C VAL A 73 -1.54 14.16 27.40
N PRO A 74 -0.58 14.93 26.86
CA PRO A 74 -0.36 16.31 27.25
C PRO A 74 -1.49 17.22 26.78
N THR A 75 -2.25 16.77 25.79
CA THR A 75 -3.36 17.55 25.25
C THR A 75 -4.15 16.73 24.24
N SER A 76 -3.46 15.88 23.49
CA SER A 76 -4.10 15.05 22.49
C SER A 76 -5.56 14.79 22.83
N LYS A 77 -5.79 13.84 23.75
CA LYS A 77 -7.14 13.51 24.18
C LYS A 77 -7.17 13.18 25.66
N LEU A 78 -7.18 14.21 26.49
CA LEU A 78 -7.21 14.04 27.94
C LEU A 78 -8.35 13.11 28.35
N GLY A 79 -8.35 12.70 29.61
CA GLY A 79 -9.39 11.82 30.11
C GLY A 79 -10.08 12.37 31.34
N GLN A 80 -9.55 12.05 32.52
CA GLN A 80 -10.11 12.52 33.77
C GLN A 80 -9.04 13.13 34.66
N ALA A 81 -8.24 12.28 35.29
CA ALA A 81 -7.18 12.74 36.17
C ALA A 81 -5.85 12.84 35.42
N GLU A 82 -5.20 11.69 35.21
CA GLU A 82 -3.93 11.66 34.51
C GLU A 82 -4.08 10.99 33.15
N GLY A 83 -2.95 10.66 32.52
CA GLY A 83 -2.98 10.03 31.22
C GLY A 83 -2.26 8.70 31.20
N ARG A 84 -1.74 8.32 30.04
CA ARG A 84 -1.04 7.05 29.89
C ARG A 84 -1.99 5.88 30.07
N ASP A 85 -2.37 5.61 31.31
CA ASP A 85 -3.28 4.51 31.61
C ASP A 85 -4.67 5.03 31.97
N ALA A 86 -5.12 6.04 31.24
CA ALA A 86 -6.44 6.63 31.48
C ALA A 86 -6.72 7.75 30.48
N GLY A 87 -5.68 8.45 30.06
CA GLY A 87 -5.84 9.54 29.11
C GLY A 87 -5.49 9.12 27.69
N SER A 88 -4.36 8.43 27.53
CA SER A 88 -3.91 7.99 26.23
C SER A 88 -4.17 6.50 26.05
N ALA A 89 -5.08 5.95 26.85
CA ALA A 89 -5.41 4.54 26.77
C ALA A 89 -6.46 4.17 27.82
N PRO A 90 -7.74 4.37 27.46
CA PRO A 90 -8.86 4.06 28.35
C PRO A 90 -9.05 2.56 28.55
N SER A 91 -8.22 1.97 29.41
CA SER A 91 -8.29 0.55 29.69
C SER A 91 -8.17 -0.26 28.40
N GLY A 92 -8.52 -1.55 28.48
CA GLY A 92 -8.43 -2.42 27.32
C GLY A 92 -9.15 -1.83 26.12
N GLY A 93 -10.09 -0.93 26.37
CA GLY A 93 -10.84 -0.32 25.29
C GLY A 93 -9.97 0.52 24.38
N ASP A 94 -8.74 0.75 24.80
CA ASP A 94 -7.80 1.56 24.01
C ASP A 94 -7.73 1.05 22.57
N PRO A 95 -7.60 1.99 21.63
CA PRO A 95 -7.52 1.66 20.20
C PRO A 95 -6.21 0.97 19.83
N ALA A 96 -5.80 0.01 20.65
CA ALA A 96 -4.56 -0.72 20.42
C ALA A 96 -4.85 -2.09 19.82
N PHE A 97 -6.04 -2.61 20.08
CA PHE A 97 -6.44 -3.92 19.58
C PHE A 97 -7.71 -3.82 18.75
N LEU A 98 -7.72 -2.92 17.77
CA LEU A 98 -8.88 -2.73 16.91
C LEU A 98 -8.47 -2.72 15.43
N GLY A 99 -7.35 -3.38 15.14
CA GLY A 99 -6.86 -3.43 13.77
C GLY A 99 -5.72 -4.41 13.60
N MET A 100 -5.88 -5.35 12.67
CA MET A 100 -4.85 -6.35 12.41
C MET A 100 -3.69 -5.75 11.63
N ALA A 101 -4.00 -4.84 10.72
CA ALA A 101 -2.98 -4.18 9.91
C ALA A 101 -1.88 -3.62 10.79
N VAL A 102 -2.25 -2.74 11.71
CA VAL A 102 -1.28 -2.12 12.61
C VAL A 102 -0.48 -3.18 13.37
N SER A 103 -1.15 -4.27 13.72
CA SER A 103 -0.49 -5.36 14.45
C SER A 103 0.62 -5.98 13.63
N THR A 104 0.50 -5.86 12.30
CA THR A 104 1.50 -6.42 11.39
C THR A 104 2.71 -5.51 11.29
N LEU A 105 2.48 -4.26 10.92
CA LEU A 105 3.55 -3.28 10.79
C LEU A 105 4.20 -2.99 12.13
N CYS A 106 3.38 -2.70 13.13
CA CYS A 106 3.88 -2.41 14.47
C CYS A 106 4.47 -3.65 15.11
N GLY A 107 3.99 -4.82 14.68
CA GLY A 107 4.48 -6.07 15.22
C GLY A 107 3.88 -6.40 16.57
N GLU A 108 2.57 -6.22 16.69
CA GLU A 108 1.86 -6.49 17.94
C GLU A 108 2.56 -5.83 19.11
N VAL A 109 3.13 -4.66 18.87
CA VAL A 109 3.83 -3.92 19.91
C VAL A 109 2.91 -2.88 20.57
N PRO A 110 3.23 -2.53 21.82
CA PRO A 110 2.45 -1.56 22.59
C PRO A 110 2.61 -0.14 22.05
N LEU A 111 1.48 0.49 21.70
CA LEU A 111 1.50 1.85 21.17
C LEU A 111 0.72 2.80 22.08
N TYR A 112 1.10 4.07 22.05
CA TYR A 112 0.43 5.07 22.87
C TYR A 112 0.01 6.28 22.03
N TYR A 113 -1.16 6.82 22.34
CA TYR A 113 -1.69 7.97 21.62
C TYR A 113 -0.68 9.11 21.59
N ILE A 114 -0.49 9.70 20.42
CA ILE A 114 0.45 10.81 20.26
C ILE A 114 -0.29 12.14 20.15
N GLY B 1 -15.38 -1.47 -14.22
CA GLY B 1 -14.81 -2.47 -13.32
C GLY B 1 -15.01 -3.89 -13.82
N SER B 2 -14.51 -4.85 -13.07
CA SER B 2 -14.62 -6.26 -13.45
C SER B 2 -13.98 -7.16 -12.41
N GLU B 3 -12.88 -6.69 -11.81
CA GLU B 3 -12.18 -7.46 -10.80
C GLU B 3 -13.13 -7.91 -9.70
N HIS B 4 -12.72 -8.91 -8.93
CA HIS B 4 -13.54 -9.44 -7.84
C HIS B 4 -12.72 -10.37 -6.95
N LEU B 5 -11.47 -10.02 -6.71
CA LEU B 5 -10.59 -10.82 -5.88
C LEU B 5 -9.26 -10.11 -5.64
N VAL B 6 -9.32 -8.79 -5.50
CA VAL B 6 -8.13 -7.99 -5.26
C VAL B 6 -8.00 -7.62 -3.77
N THR B 7 -8.43 -8.54 -2.91
CA THR B 7 -8.35 -8.32 -1.47
C THR B 7 -6.97 -8.63 -0.92
N THR B 8 -6.14 -7.59 -0.79
CA THR B 8 -4.80 -7.75 -0.28
C THR B 8 -4.22 -6.43 0.21
N ALA B 9 -3.17 -6.50 1.02
CA ALA B 9 -2.53 -5.30 1.55
C ALA B 9 -1.12 -5.14 1.00
N THR B 10 -0.80 -3.93 0.57
CA THR B 10 0.52 -3.64 0.01
C THR B 10 1.45 -3.07 1.07
N PHE B 11 2.69 -3.54 1.09
CA PHE B 11 3.67 -3.08 2.06
C PHE B 11 5.07 -3.05 1.44
N SER B 12 6.03 -2.51 2.19
CA SER B 12 7.41 -2.43 1.71
C SER B 12 8.38 -2.98 2.75
N ILE B 13 9.60 -3.26 2.33
CA ILE B 13 10.62 -3.78 3.23
C ILE B 13 11.79 -2.81 3.35
N GLY B 14 12.18 -2.52 4.60
CA GLY B 14 13.28 -1.62 4.83
C GLY B 14 13.10 -0.28 4.14
N SER B 15 13.99 0.04 3.21
CA SER B 15 13.91 1.30 2.48
C SER B 15 14.54 1.17 1.10
N THR B 16 14.34 0.00 0.47
CA THR B 16 14.89 -0.25 -0.85
C THR B 16 14.03 -1.24 -1.62
N GLY B 17 13.54 -2.26 -0.92
CA GLY B 17 12.70 -3.26 -1.56
C GLY B 17 11.23 -3.08 -1.23
N LEU B 18 10.39 -3.94 -1.80
CA LEU B 18 8.96 -3.86 -1.57
C LEU B 18 8.33 -5.26 -1.54
N VAL B 19 7.38 -5.45 -0.63
CA VAL B 19 6.71 -6.74 -0.49
C VAL B 19 5.29 -6.57 0.03
N VAL B 20 4.32 -7.08 -0.72
CA VAL B 20 2.92 -6.98 -0.33
C VAL B 20 2.43 -8.30 0.28
N TYR B 21 1.45 -8.19 1.18
CA TYR B 21 0.89 -9.36 1.83
C TYR B 21 -0.61 -9.48 1.56
N ASP B 22 -1.06 -10.70 1.32
CA ASP B 22 -2.47 -10.95 1.04
C ASP B 22 -3.22 -11.34 2.32
N TYR B 23 -4.05 -10.44 2.81
CA TYR B 23 -4.81 -10.67 4.03
C TYR B 23 -6.09 -11.47 3.73
N GLN B 24 -5.92 -12.67 3.18
CA GLN B 24 -7.05 -13.52 2.84
C GLN B 24 -6.58 -14.84 2.24
N GLN B 25 -6.07 -14.79 1.02
CA GLN B 25 -5.58 -15.98 0.34
C GLN B 25 -4.25 -16.43 0.93
N LEU B 26 -3.66 -15.59 1.76
CA LEU B 26 -2.38 -15.89 2.38
C LEU B 26 -1.27 -16.02 1.33
N LEU B 27 -0.93 -14.90 0.71
CA LEU B 27 0.11 -14.88 -0.31
C LEU B 27 1.02 -13.66 -0.15
N ILE B 28 2.22 -13.76 -0.69
CA ILE B 28 3.18 -12.65 -0.61
C ILE B 28 3.91 -12.46 -1.93
N ALA B 29 4.19 -11.20 -2.28
CA ALA B 29 4.88 -10.89 -3.52
C ALA B 29 6.29 -10.40 -3.25
N TYR B 30 7.28 -11.11 -3.78
CA TYR B 30 8.67 -10.75 -3.59
C TYR B 30 9.45 -10.86 -4.90
N LYS B 31 10.09 -9.77 -5.30
CA LYS B 31 10.87 -9.74 -6.54
C LYS B 31 11.95 -8.67 -6.46
N PRO B 32 13.07 -8.91 -7.17
CA PRO B 32 14.21 -7.99 -7.20
C PRO B 32 13.88 -6.71 -7.97
N ALA B 33 14.09 -6.72 -9.28
CA ALA B 33 13.82 -5.56 -10.12
C ALA B 33 12.39 -5.60 -10.65
N PRO B 34 11.90 -4.44 -11.10
CA PRO B 34 10.54 -4.31 -11.65
C PRO B 34 10.38 -5.01 -13.00
N GLY B 35 9.44 -5.94 -13.06
CA GLY B 35 9.21 -6.66 -14.30
C GLY B 35 10.13 -7.86 -14.44
N THR B 36 10.57 -8.42 -13.32
CA THR B 36 11.46 -9.56 -13.34
C THR B 36 10.85 -10.74 -12.58
N CYS B 37 11.64 -11.80 -12.39
CA CYS B 37 11.18 -12.98 -11.68
C CYS B 37 10.54 -12.61 -10.35
N CYS B 38 9.52 -13.37 -9.96
CA CYS B 38 8.83 -13.11 -8.70
C CYS B 38 8.75 -14.39 -7.86
N TYR B 39 8.32 -14.23 -6.62
CA TYR B 39 8.21 -15.37 -5.70
C TYR B 39 6.96 -15.25 -4.84
N ILE B 40 6.33 -16.39 -4.55
CA ILE B 40 5.13 -16.42 -3.73
C ILE B 40 5.32 -17.29 -2.49
N MET B 41 4.80 -16.82 -1.36
CA MET B 41 4.91 -17.56 -0.11
C MET B 41 3.59 -17.53 0.66
N LYS B 42 3.46 -18.42 1.64
CA LYS B 42 2.25 -18.49 2.44
C LYS B 42 2.46 -17.81 3.80
N ILE B 43 1.36 -17.35 4.40
CA ILE B 43 1.42 -16.68 5.68
C ILE B 43 0.40 -17.25 6.65
N ALA B 44 0.51 -16.88 7.92
CA ALA B 44 -0.41 -17.36 8.95
C ALA B 44 -1.27 -16.22 9.49
N PRO B 45 -2.58 -16.47 9.60
CA PRO B 45 -3.53 -15.48 10.11
C PRO B 45 -3.35 -15.21 11.61
N GLU B 46 -2.79 -16.19 12.31
CA GLU B 46 -2.57 -16.06 13.75
C GLU B 46 -1.41 -15.10 14.03
N SER B 47 -0.51 -14.97 13.07
CA SER B 47 0.65 -14.09 13.22
C SER B 47 1.26 -13.76 11.85
N ILE B 48 0.63 -12.83 11.14
CA ILE B 48 1.10 -12.42 9.82
C ILE B 48 2.52 -11.86 9.91
N PRO B 49 3.47 -12.57 9.28
CA PRO B 49 4.88 -12.16 9.26
C PRO B 49 5.11 -10.92 8.42
N SER B 50 4.74 -9.76 8.97
CA SER B 50 4.91 -8.50 8.26
C SER B 50 6.36 -8.28 7.85
N LEU B 51 6.63 -7.16 7.21
CA LEU B 51 7.98 -6.83 6.77
C LEU B 51 9.00 -7.13 7.87
N GLU B 52 8.59 -6.94 9.12
CA GLU B 52 9.46 -7.20 10.26
C GLU B 52 10.08 -8.59 10.18
N ALA B 53 9.23 -9.60 10.00
CA ALA B 53 9.69 -10.98 9.91
C ALA B 53 10.27 -11.26 8.52
N LEU B 54 9.66 -10.66 7.50
CA LEU B 54 10.11 -10.85 6.12
C LEU B 54 11.60 -10.55 5.99
N THR B 55 11.99 -9.35 6.40
CA THR B 55 13.39 -8.94 6.33
C THR B 55 14.30 -9.93 7.03
N ARG B 56 13.76 -10.60 8.06
CA ARG B 56 14.53 -11.58 8.82
C ARG B 56 14.95 -12.74 7.93
N LYS B 57 13.99 -13.35 7.25
CA LYS B 57 14.26 -14.47 6.37
C LYS B 57 14.89 -13.99 5.06
N VAL B 58 14.52 -12.78 4.65
CA VAL B 58 15.04 -12.21 3.41
C VAL B 58 16.55 -11.97 3.51
N HIS B 59 17.02 -11.67 4.72
CA HIS B 59 18.43 -11.42 4.95
C HIS B 59 19.27 -12.63 4.55
N ASN B 60 18.70 -13.81 4.70
CA ASN B 60 19.39 -15.05 4.35
C ASN B 60 19.65 -15.13 2.86
N PHE B 61 18.84 -14.41 2.08
CA PHE B 61 18.97 -14.40 0.63
C PHE B 61 19.02 -15.82 0.08
N GLN B 62 17.99 -16.60 0.38
CA GLN B 62 17.91 -17.98 -0.08
C GLN B 62 17.10 -18.07 -1.38
N MET B 63 17.22 -17.04 -2.21
CA MET B 63 16.50 -17.01 -3.48
C MET B 63 17.31 -16.27 -4.55
N GLU B 64 17.30 -14.94 -4.49
CA GLU B 64 18.03 -14.14 -5.45
C GLU B 64 17.78 -14.61 -6.88
N CYS B 65 16.51 -14.69 -7.25
CA CYS B 65 16.13 -15.14 -8.59
C CYS B 65 16.78 -16.48 -8.91
N SER B 66 16.92 -17.33 -7.89
CA SER B 66 17.52 -18.64 -8.07
C SER B 66 17.10 -19.59 -6.95
N LEU B 67 17.80 -20.72 -6.86
CA LEU B 67 17.50 -21.71 -5.82
C LEU B 67 18.73 -22.02 -5.00
N GLN B 68 18.70 -21.62 -3.72
CA GLN B 68 19.82 -21.86 -2.83
C GLN B 68 20.40 -23.25 -3.04
N ALA B 69 19.52 -24.24 -3.21
CA ALA B 69 19.96 -25.61 -3.43
C ALA B 69 19.84 -26.00 -4.90
N LYS B 70 19.89 -27.30 -5.17
CA LYS B 70 19.80 -27.81 -6.53
C LYS B 70 18.38 -27.66 -7.08
N PRO B 71 17.43 -28.37 -6.45
CA PRO B 71 16.02 -28.34 -6.84
C PRO B 71 15.37 -27.00 -6.53
N ALA B 72 14.04 -26.98 -6.55
CA ALA B 72 13.29 -25.77 -6.25
C ALA B 72 12.85 -25.74 -4.79
N VAL B 73 12.54 -26.90 -4.24
CA VAL B 73 12.10 -27.00 -2.85
C VAL B 73 13.07 -27.87 -2.05
N PRO B 74 14.13 -27.23 -1.52
CA PRO B 74 15.14 -27.92 -0.71
C PRO B 74 14.60 -28.36 0.65
N THR B 75 13.50 -27.75 1.07
CA THR B 75 12.88 -28.08 2.35
C THR B 75 11.56 -27.33 2.54
N SER B 76 11.50 -26.11 2.00
CA SER B 76 10.30 -25.29 2.11
C SER B 76 9.06 -26.16 2.29
N LYS B 77 8.58 -26.73 1.18
CA LYS B 77 7.41 -27.58 1.22
C LYS B 77 7.57 -28.77 0.28
N LEU B 78 8.25 -29.80 0.75
CA LEU B 78 8.48 -31.00 -0.06
C LEU B 78 7.16 -31.55 -0.60
N GLY B 79 7.27 -32.50 -1.52
CA GLY B 79 6.08 -33.09 -2.12
C GLY B 79 6.09 -34.61 -2.05
N GLN B 80 6.64 -35.24 -3.09
CA GLN B 80 6.71 -36.68 -3.15
C GLN B 80 8.12 -37.15 -3.53
N ALA B 81 8.45 -37.02 -4.80
CA ALA B 81 9.76 -37.43 -5.29
C ALA B 81 10.72 -36.24 -5.36
N GLU B 82 10.55 -35.42 -6.39
CA GLU B 82 11.40 -34.25 -6.58
C GLU B 82 10.61 -32.96 -6.33
N GLY B 83 11.19 -31.83 -6.71
CA GLY B 83 10.53 -30.56 -6.52
C GLY B 83 10.34 -29.79 -7.80
N ARG B 84 10.28 -28.46 -7.71
CA ARG B 84 10.10 -27.62 -8.88
C ARG B 84 8.72 -27.83 -9.50
N ASP B 85 8.56 -28.95 -10.20
CA ASP B 85 7.30 -29.28 -10.85
C ASP B 85 6.56 -30.37 -10.08
N ALA B 86 6.59 -30.29 -8.75
CA ALA B 86 5.93 -31.27 -7.91
C ALA B 86 6.09 -30.92 -6.43
N GLY B 87 7.22 -30.31 -6.09
CA GLY B 87 7.46 -29.93 -4.71
C GLY B 87 7.19 -28.46 -4.46
N SER B 88 7.68 -27.61 -5.35
CA SER B 88 7.49 -26.17 -5.22
C SER B 88 6.43 -25.66 -6.20
N ALA B 89 5.60 -26.57 -6.68
CA ALA B 89 4.54 -26.22 -7.62
C ALA B 89 3.75 -27.45 -8.03
N PRO B 90 2.75 -27.82 -7.21
CA PRO B 90 1.89 -28.98 -7.48
C PRO B 90 0.96 -28.76 -8.66
N SER B 91 1.50 -28.93 -9.87
CA SER B 91 0.72 -28.75 -11.09
C SER B 91 0.07 -27.35 -11.11
N GLY B 92 -0.90 -27.18 -12.00
CA GLY B 92 -1.58 -25.91 -12.11
C GLY B 92 -2.11 -25.41 -10.78
N GLY B 93 -2.30 -26.35 -9.85
CA GLY B 93 -2.82 -25.98 -8.53
C GLY B 93 -1.88 -25.09 -7.77
N ASP B 94 -0.66 -24.93 -8.28
CA ASP B 94 0.34 -24.09 -7.63
C ASP B 94 -0.22 -22.70 -7.35
N PRO B 95 0.18 -22.12 -6.20
CA PRO B 95 -0.28 -20.79 -5.80
C PRO B 95 0.32 -19.69 -6.66
N ALA B 96 0.32 -19.91 -7.98
CA ALA B 96 0.85 -18.93 -8.90
C ALA B 96 -0.28 -18.16 -9.60
N PHE B 97 -1.46 -18.75 -9.64
CA PHE B 97 -2.61 -18.12 -10.27
C PHE B 97 -3.79 -18.09 -9.30
N LEU B 98 -3.59 -17.48 -8.13
CA LEU B 98 -4.63 -17.36 -7.13
C LEU B 98 -4.68 -15.96 -6.55
N GLY B 99 -4.21 -14.98 -7.33
CA GLY B 99 -4.21 -13.60 -6.88
C GLY B 99 -3.86 -12.63 -7.98
N MET B 100 -4.70 -11.62 -8.17
CA MET B 100 -4.47 -10.62 -9.21
C MET B 100 -3.37 -9.66 -8.79
N ALA B 101 -3.31 -9.35 -7.50
CA ALA B 101 -2.31 -8.43 -6.97
C ALA B 101 -0.91 -8.85 -7.41
N VAL B 102 -0.53 -10.08 -7.08
CA VAL B 102 0.77 -10.61 -7.44
C VAL B 102 1.01 -10.54 -8.95
N SER B 103 -0.06 -10.73 -9.71
CA SER B 103 0.01 -10.70 -11.16
C SER B 103 0.42 -9.31 -11.66
N THR B 104 0.09 -8.29 -10.87
CA THR B 104 0.41 -6.92 -11.22
C THR B 104 1.87 -6.59 -10.89
N LEU B 105 2.26 -6.81 -9.64
CA LEU B 105 3.62 -6.55 -9.20
C LEU B 105 4.61 -7.47 -9.92
N CYS B 106 4.33 -8.77 -9.89
CA CYS B 106 5.19 -9.75 -10.54
C CYS B 106 5.11 -9.63 -12.06
N GLY B 107 3.98 -9.11 -12.55
CA GLY B 107 3.80 -8.95 -13.98
C GLY B 107 3.42 -10.25 -14.66
N GLU B 108 2.51 -10.99 -14.06
CA GLU B 108 2.05 -12.26 -14.62
C GLU B 108 3.25 -13.14 -14.99
N VAL B 109 4.25 -13.18 -14.12
CA VAL B 109 5.44 -13.98 -14.35
C VAL B 109 5.43 -15.24 -13.50
N PRO B 110 6.14 -16.28 -13.97
CA PRO B 110 6.22 -17.56 -13.27
C PRO B 110 7.06 -17.46 -11.99
N LEU B 111 6.43 -17.75 -10.86
CA LEU B 111 7.12 -17.69 -9.57
C LEU B 111 7.20 -19.07 -8.94
N TYR B 112 8.23 -19.28 -8.13
CA TYR B 112 8.42 -20.56 -7.45
C TYR B 112 8.59 -20.37 -5.94
N TYR B 113 8.07 -21.33 -5.18
CA TYR B 113 8.14 -21.27 -3.72
C TYR B 113 9.59 -21.11 -3.27
N ILE B 114 9.79 -20.27 -2.25
CA ILE B 114 11.13 -20.03 -1.71
C ILE B 114 11.28 -20.65 -0.33
N GLY C 1 -16.55 5.39 11.85
CA GLY C 1 -16.42 5.18 10.41
C GLY C 1 -17.47 5.93 9.62
N SER C 2 -17.41 5.81 8.30
CA SER C 2 -18.37 6.49 7.43
C SER C 2 -18.08 6.17 5.97
N GLU C 3 -16.81 6.05 5.63
CA GLU C 3 -16.40 5.74 4.26
C GLU C 3 -17.14 4.51 3.73
N HIS C 4 -17.17 4.36 2.41
CA HIS C 4 -17.85 3.24 1.78
C HIS C 4 -17.49 3.16 0.30
N LEU C 5 -16.23 3.42 -0.02
CA LEU C 5 -15.76 3.38 -1.40
C LEU C 5 -14.25 3.56 -1.47
N VAL C 6 -13.54 3.01 -0.48
CA VAL C 6 -12.09 3.11 -0.44
C VAL C 6 -11.43 1.82 -0.90
N THR C 7 -12.06 1.18 -1.88
CA THR C 7 -11.53 -0.08 -2.43
C THR C 7 -10.48 0.19 -3.50
N THR C 8 -9.22 0.14 -3.11
CA THR C 8 -8.12 0.37 -4.03
C THR C 8 -6.81 -0.17 -3.47
N ALA C 9 -5.83 -0.37 -4.35
CA ALA C 9 -4.52 -0.88 -3.95
C ALA C 9 -3.45 0.19 -4.08
N THR C 10 -2.62 0.33 -3.05
CA THR C 10 -1.55 1.31 -3.06
C THR C 10 -0.23 0.70 -3.51
N PHE C 11 0.49 1.42 -4.36
CA PHE C 11 1.77 0.94 -4.87
C PHE C 11 2.74 2.09 -5.09
N SER C 12 3.98 1.77 -5.42
CA SER C 12 5.00 2.78 -5.66
C SER C 12 5.74 2.53 -6.97
N ILE C 13 6.44 3.53 -7.45
CA ILE C 13 7.19 3.42 -8.69
C ILE C 13 8.69 3.57 -8.45
N GLY C 14 9.47 2.63 -8.98
CA GLY C 14 10.91 2.67 -8.81
C GLY C 14 11.32 2.76 -7.35
N SER C 15 11.97 3.86 -6.99
CA SER C 15 12.42 4.06 -5.62
C SER C 15 12.52 5.55 -5.29
N THR C 16 11.56 6.32 -5.81
CA THR C 16 11.54 7.76 -5.58
C THR C 16 10.11 8.30 -5.62
N GLY C 17 9.33 7.79 -6.57
CA GLY C 17 7.95 8.23 -6.70
C GLY C 17 6.96 7.22 -6.15
N LEU C 18 5.68 7.56 -6.21
CA LEU C 18 4.64 6.67 -5.72
C LEU C 18 3.39 6.76 -6.60
N VAL C 19 2.74 5.62 -6.82
CA VAL C 19 1.53 5.56 -7.63
C VAL C 19 0.63 4.42 -7.19
N VAL C 20 -0.61 4.75 -6.85
CA VAL C 20 -1.59 3.75 -6.42
C VAL C 20 -2.56 3.41 -7.54
N TYR C 21 -3.06 2.18 -7.53
CA TYR C 21 -4.00 1.72 -8.54
C TYR C 21 -5.32 1.31 -7.92
N ASP C 22 -6.42 1.66 -8.58
CA ASP C 22 -7.75 1.32 -8.09
C ASP C 22 -8.26 0.04 -8.74
N TYR C 23 -8.33 -1.03 -7.95
CA TYR C 23 -8.79 -2.32 -8.44
C TYR C 23 -10.32 -2.39 -8.41
N GLN C 24 -10.97 -1.50 -9.15
CA GLN C 24 -12.41 -1.46 -9.21
C GLN C 24 -12.90 -0.36 -10.13
N GLN C 25 -12.76 0.89 -9.68
CA GLN C 25 -13.19 2.04 -10.48
C GLN C 25 -12.22 2.30 -11.63
N LEU C 26 -11.08 1.62 -11.60
CA LEU C 26 -10.07 1.77 -12.63
C LEU C 26 -9.50 3.18 -12.64
N LEU C 27 -8.77 3.54 -11.58
CA LEU C 27 -8.18 4.86 -11.47
C LEU C 27 -6.74 4.76 -10.94
N ILE C 28 -5.95 5.79 -11.21
CA ILE C 28 -4.56 5.83 -10.77
C ILE C 28 -4.19 7.21 -10.25
N ALA C 29 -3.36 7.24 -9.21
CA ALA C 29 -2.93 8.50 -8.61
C ALA C 29 -1.45 8.77 -8.92
N TYR C 30 -1.19 9.89 -9.59
CA TYR C 30 0.18 10.26 -9.95
C TYR C 30 0.42 11.74 -9.68
N LYS C 31 1.42 12.03 -8.86
CA LYS C 31 1.77 13.41 -8.54
C LYS C 31 3.25 13.53 -8.17
N PRO C 32 3.83 14.70 -8.43
CA PRO C 32 5.24 14.97 -8.14
C PRO C 32 5.52 15.07 -6.63
N ALA C 33 5.36 16.26 -6.09
CA ALA C 33 5.58 16.50 -4.67
C ALA C 33 4.30 16.30 -3.87
N PRO C 34 4.43 16.10 -2.55
CA PRO C 34 3.30 15.90 -1.65
C PRO C 34 2.46 17.17 -1.48
N GLY C 35 1.17 17.06 -1.79
CA GLY C 35 0.29 18.21 -1.65
C GLY C 35 0.33 19.12 -2.87
N THR C 36 0.65 18.55 -4.03
CA THR C 36 0.72 19.31 -5.26
C THR C 36 -0.23 18.77 -6.31
N CYS C 37 -0.13 19.29 -7.53
CA CYS C 37 -0.99 18.84 -8.62
C CYS C 37 -0.97 17.32 -8.74
N CYS C 38 -2.10 16.77 -9.15
CA CYS C 38 -2.23 15.32 -9.30
C CYS C 38 -2.78 14.96 -10.68
N TYR C 39 -2.74 13.68 -11.02
CA TYR C 39 -3.23 13.21 -12.30
C TYR C 39 -3.97 11.88 -12.16
N ILE C 40 -5.02 11.70 -12.95
CA ILE C 40 -5.81 10.47 -12.91
C ILE C 40 -5.83 9.79 -14.28
N MET C 41 -5.72 8.46 -14.26
CA MET C 41 -5.73 7.70 -15.50
C MET C 41 -6.59 6.44 -15.35
N LYS C 42 -6.94 5.83 -16.47
CA LYS C 42 -7.76 4.62 -16.47
C LYS C 42 -6.89 3.38 -16.68
N ILE C 43 -7.38 2.24 -16.20
CA ILE C 43 -6.65 0.98 -16.33
C ILE C 43 -7.55 -0.12 -16.87
N ALA C 44 -6.95 -1.24 -17.25
CA ALA C 44 -7.70 -2.37 -17.78
C ALA C 44 -7.63 -3.57 -16.83
N PRO C 45 -8.79 -4.18 -16.57
CA PRO C 45 -8.88 -5.34 -15.69
C PRO C 45 -8.25 -6.59 -16.29
N GLU C 46 -8.17 -6.63 -17.62
CA GLU C 46 -7.58 -7.76 -18.31
C GLU C 46 -6.06 -7.77 -18.15
N SER C 47 -5.49 -6.59 -17.92
CA SER C 47 -4.05 -6.46 -17.76
C SER C 47 -3.70 -5.15 -17.07
N ILE C 48 -3.87 -5.12 -15.74
CA ILE C 48 -3.57 -3.93 -14.96
C ILE C 48 -2.10 -3.52 -15.11
N PRO C 49 -1.87 -2.35 -15.71
CA PRO C 49 -0.53 -1.82 -15.93
C PRO C 49 0.14 -1.39 -14.64
N SER C 50 0.65 -2.37 -13.89
CA SER C 50 1.32 -2.10 -12.63
C SER C 50 2.47 -1.13 -12.81
N LEU C 51 3.15 -0.80 -11.72
CA LEU C 51 4.28 0.11 -11.77
C LEU C 51 5.19 -0.20 -12.96
N GLU C 52 5.30 -1.48 -13.29
CA GLU C 52 6.13 -1.90 -14.41
C GLU C 52 5.80 -1.12 -15.67
N ALA C 53 4.51 -1.09 -16.01
CA ALA C 53 4.05 -0.36 -17.20
C ALA C 53 4.03 1.14 -16.95
N LEU C 54 3.65 1.53 -15.73
CA LEU C 54 3.58 2.93 -15.37
C LEU C 54 4.91 3.64 -15.64
N THR C 55 5.99 3.10 -15.08
CA THR C 55 7.32 3.66 -15.27
C THR C 55 7.66 3.79 -16.75
N ARG C 56 7.11 2.88 -17.56
CA ARG C 56 7.36 2.89 -18.99
C ARG C 56 6.84 4.18 -19.63
N LYS C 57 5.57 4.48 -19.39
CA LYS C 57 4.95 5.68 -19.94
C LYS C 57 5.41 6.92 -19.17
N VAL C 58 5.69 6.75 -17.88
CA VAL C 58 6.14 7.85 -17.04
C VAL C 58 7.50 8.36 -17.48
N HIS C 59 8.32 7.45 -18.02
CA HIS C 59 9.66 7.81 -18.47
C HIS C 59 9.60 8.91 -19.53
N ASN C 60 8.54 8.89 -20.34
CA ASN C 60 8.36 9.88 -21.39
C ASN C 60 8.15 11.28 -20.80
N PHE C 61 7.68 11.31 -19.55
CA PHE C 61 7.44 12.58 -18.87
C PHE C 61 6.55 13.49 -19.72
N GLN C 62 5.36 13.00 -20.06
CA GLN C 62 4.42 13.77 -20.87
C GLN C 62 3.43 14.50 -19.99
N MET C 63 3.88 14.93 -18.81
CA MET C 63 3.02 15.65 -17.88
C MET C 63 3.83 16.69 -17.10
N GLU C 64 4.56 16.23 -16.09
CA GLU C 64 5.36 17.12 -15.26
C GLU C 64 4.56 18.34 -14.83
N CYS C 65 3.40 18.09 -14.22
CA CYS C 65 2.54 19.17 -13.76
C CYS C 65 2.24 20.15 -14.89
N SER C 66 2.13 19.62 -16.11
CA SER C 66 1.84 20.45 -17.27
C SER C 66 1.26 19.62 -18.40
N LEU C 67 1.21 20.19 -19.60
CA LEU C 67 0.67 19.50 -20.77
C LEU C 67 1.68 19.46 -21.90
N GLN C 68 2.18 18.27 -22.21
CA GLN C 68 3.16 18.10 -23.27
C GLN C 68 2.81 18.96 -24.48
N ALA C 69 1.52 19.01 -24.81
CA ALA C 69 1.05 19.81 -25.94
C ALA C 69 0.39 21.10 -25.47
N LYS C 70 -0.33 21.76 -26.37
CA LYS C 70 -1.01 23.00 -26.06
C LYS C 70 -2.19 22.75 -25.13
N PRO C 71 -3.19 22.00 -25.63
CA PRO C 71 -4.39 21.68 -24.86
C PRO C 71 -4.11 20.70 -23.72
N ALA C 72 -5.16 20.11 -23.18
CA ALA C 72 -5.02 19.15 -22.08
C ALA C 72 -4.99 17.72 -22.60
N VAL C 73 -5.76 17.46 -23.66
CA VAL C 73 -5.82 16.13 -24.26
C VAL C 73 -5.34 16.16 -25.70
N PRO C 74 -4.01 16.01 -25.88
CA PRO C 74 -3.40 16.00 -27.21
C PRO C 74 -3.75 14.76 -28.01
N THR C 75 -4.17 13.71 -27.32
CA THR C 75 -4.54 12.46 -27.96
C THR C 75 -5.14 11.48 -26.97
N SER C 76 -4.66 11.53 -25.73
CA SER C 76 -5.14 10.64 -24.68
C SER C 76 -6.57 10.19 -24.97
N LYS C 77 -7.53 11.07 -24.68
CA LYS C 77 -8.93 10.76 -24.91
C LYS C 77 -9.68 11.98 -25.44
N LEU C 78 -9.58 12.21 -26.74
CA LEU C 78 -10.25 13.35 -27.37
C LEU C 78 -11.73 13.37 -27.02
N GLY C 79 -12.39 14.47 -27.35
CA GLY C 79 -13.81 14.59 -27.07
C GLY C 79 -14.61 15.01 -28.30
N GLN C 80 -14.78 16.31 -28.48
CA GLN C 80 -15.53 16.83 -29.62
C GLN C 80 -14.75 17.93 -30.32
N ALA C 81 -14.73 19.12 -29.73
CA ALA C 81 -14.02 20.26 -30.31
C ALA C 81 -12.63 20.39 -29.70
N GLU C 82 -12.56 20.92 -28.49
CA GLU C 82 -11.28 21.11 -27.80
C GLU C 82 -11.14 20.14 -26.63
N GLY C 83 -10.16 20.39 -25.79
CA GLY C 83 -9.94 19.53 -24.64
C GLY C 83 -9.97 20.29 -23.32
N ARG C 84 -9.28 19.78 -22.32
CA ARG C 84 -9.23 20.42 -21.01
C ARG C 84 -10.61 20.37 -20.33
N ASP C 85 -11.52 21.22 -20.81
CA ASP C 85 -12.86 21.27 -20.25
C ASP C 85 -13.87 20.62 -21.20
N ALA C 86 -13.48 19.50 -21.79
CA ALA C 86 -14.35 18.79 -22.72
C ALA C 86 -13.67 17.52 -23.24
N GLY C 87 -12.34 17.57 -23.38
CA GLY C 87 -11.60 16.43 -23.87
C GLY C 87 -10.95 15.64 -22.74
N SER C 88 -10.32 16.36 -21.82
CA SER C 88 -9.64 15.71 -20.70
C SER C 88 -10.44 15.90 -19.41
N ALA C 89 -11.73 16.20 -19.56
CA ALA C 89 -12.60 16.41 -18.40
C ALA C 89 -14.02 16.76 -18.84
N PRO C 90 -14.82 15.73 -19.14
CA PRO C 90 -16.20 15.91 -19.58
C PRO C 90 -17.11 16.42 -18.46
N SER C 91 -17.04 17.72 -18.20
CA SER C 91 -17.84 18.34 -17.15
C SER C 91 -17.61 17.65 -15.81
N GLY C 92 -18.51 17.90 -14.86
CA GLY C 92 -18.38 17.29 -13.55
C GLY C 92 -18.23 15.78 -13.61
N GLY C 93 -18.68 15.20 -14.73
CA GLY C 93 -18.58 13.76 -14.89
C GLY C 93 -17.14 13.27 -14.94
N ASP C 94 -16.21 14.21 -15.04
CA ASP C 94 -14.79 13.87 -15.10
C ASP C 94 -14.41 12.95 -13.93
N PRO C 95 -13.51 11.99 -14.21
CA PRO C 95 -13.05 11.04 -13.21
C PRO C 95 -12.17 11.69 -12.14
N ALA C 96 -12.59 12.86 -11.67
CA ALA C 96 -11.84 13.58 -10.65
C ALA C 96 -12.48 13.40 -9.27
N PHE C 97 -13.78 13.09 -9.26
CA PHE C 97 -14.50 12.89 -8.01
C PHE C 97 -15.19 11.54 -7.99
N LEU C 98 -14.42 10.48 -8.18
CA LEU C 98 -14.96 9.12 -8.20
C LEU C 98 -14.09 8.18 -7.36
N GLY C 99 -13.37 8.76 -6.40
CA GLY C 99 -12.51 7.96 -5.54
C GLY C 99 -11.94 8.75 -4.38
N MET C 100 -12.12 8.23 -3.17
CA MET C 100 -11.63 8.90 -1.97
C MET C 100 -10.12 8.75 -1.85
N ALA C 101 -9.60 7.60 -2.28
CA ALA C 101 -8.17 7.34 -2.21
C ALA C 101 -7.38 8.47 -2.87
N VAL C 102 -7.68 8.74 -4.13
CA VAL C 102 -7.00 9.80 -4.87
C VAL C 102 -7.14 11.15 -4.17
N SER C 103 -8.29 11.36 -3.53
CA SER C 103 -8.56 12.59 -2.82
C SER C 103 -7.59 12.77 -1.65
N THR C 104 -7.10 11.66 -1.11
CA THR C 104 -6.16 11.69 0.00
C THR C 104 -4.75 11.99 -0.48
N LEU C 105 -4.26 11.18 -1.41
CA LEU C 105 -2.92 11.36 -1.96
C LEU C 105 -2.80 12.69 -2.70
N CYS C 106 -3.74 12.94 -3.61
CA CYS C 106 -3.75 14.17 -4.40
C CYS C 106 -4.10 15.37 -3.51
N GLY C 107 -4.84 15.10 -2.44
CA GLY C 107 -5.24 16.16 -1.53
C GLY C 107 -6.42 16.96 -2.05
N GLU C 108 -7.41 16.26 -2.59
CA GLU C 108 -8.60 16.90 -3.12
C GLU C 108 -8.23 18.03 -4.08
N VAL C 109 -7.24 17.77 -4.93
CA VAL C 109 -6.78 18.76 -5.90
C VAL C 109 -7.27 18.42 -7.30
N PRO C 110 -7.40 19.46 -8.15
CA PRO C 110 -7.86 19.30 -9.53
C PRO C 110 -6.83 18.59 -10.40
N LEU C 111 -7.21 17.43 -10.93
CA LEU C 111 -6.32 16.65 -11.78
C LEU C 111 -6.86 16.58 -13.21
N TYR C 112 -5.95 16.43 -14.16
CA TYR C 112 -6.33 16.36 -15.57
C TYR C 112 -5.74 15.12 -16.23
N TYR C 113 -6.50 14.53 -17.15
CA TYR C 113 -6.06 13.32 -17.85
C TYR C 113 -4.69 13.55 -18.51
N ILE C 114 -3.84 12.54 -18.42
CA ILE C 114 -2.51 12.62 -19.01
C ILE C 114 -2.38 11.73 -20.24
#